data_8SWF
#
_entry.id   8SWF
#
_cell.length_a   1.00
_cell.length_b   1.00
_cell.length_c   1.00
_cell.angle_alpha   90.00
_cell.angle_beta   90.00
_cell.angle_gamma   90.00
#
_symmetry.space_group_name_H-M   'P 1'
#
_entity_poly.entity_id   1
_entity_poly.type   'polypeptide(L)'
_entity_poly.pdbx_seq_one_letter_code
;AEYCKMKKDYRKKYRKYVRSRFQCIEDRNARLGESVSLNKRYTRLRLIKEHRSQQEREQELLAIGKTKTCESPVSPIKME
LLFDPDDEHSEPVHTVVFQGAAGIGKTILARKMMLDWASGTLYQDRFDYLFYIHCREVSLVTQRSLGDLIMSCCPDPNPP
IHKIVRKPSRILFLMDGFDELQGAFDEHIGPLCTDWQKAERGDILLSSLIRKKLLPEASLLITTRPVALEKLQHLLDHPR
HVEILGFSEAKRKEYFFKYFSDEAQARAAFSLIQENEVLFTMCFIPLVCWIVCTGLKQQMESGKSLAQTSKTTTAVYVFF
LSSLLQPRGGSQEHGLCAHLWGLCSLAADGIWNQKILFEESDLRNHGLQKADVSAFLRMNLFQKEVDCEKFYSFIHMTFQ
EFFAAMYYLLEEEKEGRTNVPGSRLKLPSRDVTVLLENYGKFEKGYLIFVVRFLFGLVNQERTSYLEKKLSCKISQQIRL
ELLKWIEVKAKAKKLQIQPSQLELFYCLYEMQEEDFVQRAMDYFPKIEINLSTRMDHMVSSFCIENCHRVESLSLGFLHN
MPKEEEEEEKEGRHLDMVQCVLPSSSHAACSHGLVNSHLTSSFCRGLFSVLSTSQSLTELDLSDNSLGDPGMRVLCETLQ
HPGCNIRRLWLGRCGLSHECCFDISLVLSSNQKLVELDLSDNALGDFGIRLLCVGLKHLLCNLKKLWLVSCCLTSACCQD
LASVLSTSHSLTRLYVGENALGDSGVAILCEKAKNPQCNLQKLGLVNSGLTSVCCSALSSVLSTNQNLTHLYLRGNTLGD
KGIKLLCEGLLHPDCKLQVLELDNCNLTSHCCWDLSTLLTSSQSLRKLSLGNNDLGDLGVMMFCEVLKQQSCLLQNLGLS
EMYFNYETKSALETLQEEKPELTVVFEPSW
;
_entity_poly.pdbx_strand_id   A,B,C,D,E,F,G,H
#
# COMPACT_ATOMS: atom_id res chain seq x y z
N CYS A 4 -25.83 -40.23 -61.44
CA CYS A 4 -27.16 -39.66 -61.21
C CYS A 4 -27.07 -38.30 -60.51
N LYS A 5 -26.88 -38.30 -59.18
CA LYS A 5 -26.79 -37.07 -58.39
C LYS A 5 -25.34 -36.57 -58.35
N MET A 6 -25.19 -35.25 -58.31
CA MET A 6 -23.86 -34.65 -58.19
C MET A 6 -23.50 -34.46 -56.74
N LYS A 7 -22.66 -35.34 -56.22
CA LYS A 7 -22.36 -35.30 -54.80
C LYS A 7 -21.22 -34.35 -54.49
N LYS A 8 -21.54 -33.06 -54.51
CA LYS A 8 -20.59 -32.01 -54.17
C LYS A 8 -21.26 -31.00 -53.26
N ASP A 9 -20.48 -30.37 -52.38
CA ASP A 9 -21.05 -29.39 -51.49
C ASP A 9 -21.14 -28.04 -52.20
N TYR A 10 -22.34 -27.69 -52.63
CA TYR A 10 -22.53 -26.53 -53.47
C TYR A 10 -22.12 -25.22 -52.81
N ARG A 11 -22.24 -25.14 -51.49
CA ARG A 11 -21.90 -23.89 -50.83
C ARG A 11 -20.43 -23.53 -51.05
N LYS A 12 -19.60 -24.54 -51.37
CA LYS A 12 -18.19 -24.29 -51.63
C LYS A 12 -18.02 -23.71 -53.01
N LYS A 13 -18.88 -24.13 -53.94
CA LYS A 13 -18.87 -23.64 -55.30
C LYS A 13 -19.41 -22.22 -55.31
N TYR A 14 -20.42 -21.99 -54.48
CA TYR A 14 -21.01 -20.68 -54.33
C TYR A 14 -19.99 -19.72 -53.73
N ARG A 15 -19.31 -20.16 -52.66
CA ARG A 15 -18.29 -19.33 -52.03
C ARG A 15 -17.19 -18.96 -53.03
N LYS A 16 -16.77 -19.92 -53.86
CA LYS A 16 -15.76 -19.63 -54.87
C LYS A 16 -16.29 -18.61 -55.87
N TYR A 17 -17.55 -18.77 -56.28
CA TYR A 17 -18.16 -17.83 -57.20
C TYR A 17 -18.17 -16.43 -56.61
N VAL A 18 -18.55 -16.32 -55.34
CA VAL A 18 -18.56 -15.02 -54.69
C VAL A 18 -17.16 -14.43 -54.61
N ARG A 19 -16.16 -15.23 -54.26
CA ARG A 19 -14.82 -14.70 -54.19
C ARG A 19 -14.38 -14.20 -55.56
N SER A 20 -14.72 -14.96 -56.60
CA SER A 20 -14.37 -14.62 -57.98
C SER A 20 -15.12 -13.39 -58.48
N ARG A 21 -16.40 -13.31 -58.17
CA ARG A 21 -17.26 -12.23 -58.65
C ARG A 21 -17.07 -10.92 -57.91
N PHE A 22 -16.79 -10.99 -56.61
CA PHE A 22 -16.69 -9.79 -55.78
C PHE A 22 -15.26 -9.54 -55.29
N GLN A 23 -14.29 -9.63 -56.19
CA GLN A 23 -12.88 -9.42 -55.82
C GLN A 23 -12.55 -7.96 -55.55
N CYS A 24 -13.19 -7.07 -56.30
CA CYS A 24 -12.90 -5.64 -56.25
C CYS A 24 -14.04 -4.84 -55.62
N ILE A 25 -13.84 -3.53 -55.53
CA ILE A 25 -14.87 -2.64 -55.02
C ILE A 25 -16.03 -2.52 -56.01
N GLU A 26 -15.71 -2.37 -57.30
CA GLU A 26 -16.73 -2.25 -58.33
C GLU A 26 -16.85 -3.49 -59.20
N ASP A 27 -15.71 -4.13 -59.49
CA ASP A 27 -15.65 -5.27 -60.42
C ASP A 27 -16.21 -4.89 -61.79
N ARG A 28 -15.85 -3.69 -62.24
CA ARG A 28 -16.29 -3.18 -63.54
C ARG A 28 -15.12 -2.56 -64.28
N ASN A 29 -15.32 -2.28 -65.56
CA ASN A 29 -14.26 -1.72 -66.38
C ASN A 29 -14.07 -0.23 -66.14
N ALA A 30 -13.14 0.37 -66.88
CA ALA A 30 -12.78 1.78 -66.78
C ALA A 30 -12.14 2.11 -65.43
N ARG A 31 -11.84 1.09 -64.63
CA ARG A 31 -11.18 1.27 -63.36
C ARG A 31 -9.67 1.28 -63.54
N LEU A 32 -9.17 2.36 -64.14
CA LEU A 32 -7.75 2.48 -64.45
C LEU A 32 -7.27 1.29 -65.28
N GLY A 33 -7.98 1.00 -66.36
CA GLY A 33 -7.63 -0.12 -67.22
C GLY A 33 -8.17 -1.44 -66.67
N GLU A 34 -9.27 -1.37 -65.92
CA GLU A 34 -9.88 -2.55 -65.31
C GLU A 34 -8.88 -3.32 -64.45
N SER A 35 -8.18 -2.60 -63.58
CA SER A 35 -7.22 -3.20 -62.67
C SER A 35 -7.93 -3.74 -61.44
N VAL A 36 -7.21 -4.50 -60.64
CA VAL A 36 -7.79 -5.00 -59.40
C VAL A 36 -7.75 -3.89 -58.35
N SER A 37 -8.92 -3.56 -57.80
CA SER A 37 -9.03 -2.45 -56.84
C SER A 37 -8.39 -2.81 -55.52
N LEU A 38 -8.22 -4.10 -55.29
CA LEU A 38 -7.61 -4.62 -54.06
C LEU A 38 -8.43 -4.24 -52.85
N ASN A 39 -9.45 -5.02 -52.55
CA ASN A 39 -10.37 -4.71 -51.44
C ASN A 39 -9.69 -4.72 -50.08
N LYS A 40 -8.43 -5.16 -50.06
CA LYS A 40 -7.64 -5.14 -48.83
C LYS A 40 -7.41 -3.70 -48.35
N ARG A 41 -7.61 -2.74 -49.26
CA ARG A 41 -7.47 -1.32 -48.92
C ARG A 41 -8.60 -0.83 -48.04
N TYR A 42 -9.68 -1.61 -47.97
CA TYR A 42 -10.86 -1.25 -47.21
C TYR A 42 -10.54 -1.06 -45.74
N THR A 43 -11.07 0.02 -45.17
CA THR A 43 -10.88 0.29 -43.76
C THR A 43 -12.10 -0.20 -43.00
N ARG A 44 -11.87 -1.02 -41.99
CA ARG A 44 -12.99 -1.60 -41.26
C ARG A 44 -13.90 -0.53 -40.71
N LEU A 45 -15.19 -0.69 -40.99
CA LEU A 45 -16.19 0.24 -40.52
C LEU A 45 -16.65 -0.12 -39.12
N ARG A 46 -16.64 0.85 -38.23
CA ARG A 46 -17.10 0.64 -36.87
C ARG A 46 -18.61 0.87 -36.78
N LEU A 47 -19.28 0.00 -36.03
CA LEU A 47 -20.73 0.06 -35.91
C LEU A 47 -21.19 0.24 -34.46
N ILE A 48 -22.36 0.86 -34.29
CA ILE A 48 -22.96 1.08 -32.98
C ILE A 48 -24.38 0.50 -32.90
N LYS A 49 -24.65 -0.24 -31.84
CA LYS A 49 -25.99 -0.77 -31.62
C LYS A 49 -26.88 0.32 -31.03
N GLU A 50 -28.09 0.51 -31.61
CA GLU A 50 -29.05 1.55 -31.16
C GLU A 50 -29.22 1.54 -29.64
N SER A 75 -23.04 2.03 -27.58
CA SER A 75 -22.81 0.59 -27.53
C SER A 75 -22.14 0.08 -28.83
N PRO A 76 -20.81 0.31 -29.01
CA PRO A 76 -20.02 -0.14 -30.15
C PRO A 76 -20.06 -1.66 -30.32
N ILE A 77 -20.12 -2.12 -31.57
CA ILE A 77 -20.14 -3.54 -31.87
C ILE A 77 -19.12 -3.91 -32.93
N LYS A 78 -18.83 -5.20 -33.04
CA LYS A 78 -17.92 -5.71 -34.07
C LYS A 78 -18.72 -6.18 -35.28
N MET A 79 -18.02 -6.49 -36.37
CA MET A 79 -18.69 -7.01 -37.55
C MET A 79 -19.29 -8.39 -37.24
N GLU A 80 -18.61 -9.11 -36.36
CA GLU A 80 -19.08 -10.39 -35.87
C GLU A 80 -20.09 -10.18 -34.76
N LEU A 81 -20.88 -11.21 -34.47
CA LEU A 81 -21.89 -11.16 -33.41
C LEU A 81 -23.02 -10.20 -33.76
N LEU A 82 -23.13 -9.87 -35.05
CA LEU A 82 -24.14 -8.95 -35.54
C LEU A 82 -25.55 -9.52 -35.44
N PHE A 83 -25.69 -10.83 -35.61
CA PHE A 83 -27.01 -11.45 -35.57
C PHE A 83 -27.22 -12.24 -34.29
N ASP A 84 -26.23 -12.21 -33.41
CA ASP A 84 -26.33 -12.96 -32.18
C ASP A 84 -27.29 -12.28 -31.20
N PRO A 85 -27.90 -13.05 -30.28
CA PRO A 85 -28.68 -12.60 -29.16
C PRO A 85 -27.86 -11.68 -28.27
N ASP A 86 -28.52 -10.74 -27.61
CA ASP A 86 -27.84 -9.84 -26.71
C ASP A 86 -27.70 -10.48 -25.33
N ASP A 87 -27.39 -9.67 -24.33
CA ASP A 87 -27.07 -10.15 -22.98
C ASP A 87 -28.19 -10.97 -22.32
N GLU A 88 -29.44 -10.76 -22.75
CA GLU A 88 -30.57 -11.44 -22.12
C GLU A 88 -31.47 -12.07 -23.18
N HIS A 89 -32.52 -12.78 -22.75
CA HIS A 89 -33.56 -13.35 -23.62
C HIS A 89 -33.07 -14.54 -24.45
N SER A 90 -31.85 -14.46 -24.96
CA SER A 90 -31.27 -15.47 -25.85
C SER A 90 -32.09 -15.60 -27.12
N GLU A 91 -32.59 -14.46 -27.61
CA GLU A 91 -33.37 -14.41 -28.84
C GLU A 91 -32.50 -14.01 -30.03
N PRO A 92 -32.38 -14.88 -31.05
CA PRO A 92 -31.65 -14.66 -32.29
C PRO A 92 -32.16 -13.43 -33.01
N VAL A 93 -31.26 -12.72 -33.69
CA VAL A 93 -31.64 -11.56 -34.45
C VAL A 93 -31.78 -11.92 -35.92
N HIS A 94 -33.00 -11.87 -36.43
CA HIS A 94 -33.24 -12.26 -37.80
C HIS A 94 -32.87 -11.15 -38.76
N THR A 95 -33.20 -9.91 -38.40
CA THR A 95 -32.94 -8.81 -39.30
C THR A 95 -32.14 -7.71 -38.66
N VAL A 96 -31.14 -7.24 -39.39
CA VAL A 96 -30.28 -6.14 -38.99
C VAL A 96 -30.34 -5.01 -40.01
N VAL A 97 -30.55 -3.79 -39.54
CA VAL A 97 -30.62 -2.65 -40.44
C VAL A 97 -29.47 -1.68 -40.22
N PHE A 98 -28.73 -1.42 -41.30
CA PHE A 98 -27.55 -0.55 -41.27
C PHE A 98 -27.83 0.87 -41.79
N GLN A 99 -27.58 1.86 -40.93
CA GLN A 99 -27.80 3.27 -41.26
C GLN A 99 -26.51 4.10 -41.24
N GLY A 100 -26.47 5.12 -42.11
CA GLY A 100 -25.37 6.08 -42.13
C GLY A 100 -25.65 7.24 -43.07
N ALA A 101 -24.72 8.20 -43.12
CA ALA A 101 -24.89 9.41 -43.93
C ALA A 101 -24.80 9.11 -45.42
N ALA A 102 -25.42 9.95 -46.23
CA ALA A 102 -25.27 9.81 -47.67
C ALA A 102 -23.81 10.05 -48.02
N GLY A 103 -23.26 9.23 -48.93
CA GLY A 103 -21.87 9.39 -49.35
C GLY A 103 -20.91 8.41 -48.67
N ILE A 104 -21.41 7.63 -47.71
CA ILE A 104 -20.55 6.66 -47.01
C ILE A 104 -20.08 5.46 -47.86
N GLY A 105 -20.83 5.07 -48.89
CA GLY A 105 -20.46 3.88 -49.64
C GLY A 105 -21.01 2.62 -48.97
N LYS A 106 -22.29 2.65 -48.65
CA LYS A 106 -22.98 1.55 -47.98
C LYS A 106 -22.86 0.26 -48.80
N THR A 107 -22.73 0.42 -50.12
CA THR A 107 -22.60 -0.70 -51.03
C THR A 107 -21.29 -1.43 -50.80
N ILE A 108 -20.27 -0.70 -50.35
CA ILE A 108 -18.99 -1.33 -50.10
C ILE A 108 -19.13 -2.26 -48.93
N LEU A 109 -19.85 -1.84 -47.90
CA LEU A 109 -20.04 -2.69 -46.74
C LEU A 109 -20.76 -3.98 -47.13
N ALA A 110 -21.85 -3.85 -47.89
CA ALA A 110 -22.62 -5.03 -48.29
C ALA A 110 -21.77 -6.01 -49.09
N ARG A 111 -20.97 -5.47 -50.01
CA ARG A 111 -20.14 -6.29 -50.86
C ARG A 111 -18.94 -6.86 -50.12
N LYS A 112 -18.36 -6.06 -49.22
CA LYS A 112 -17.21 -6.52 -48.48
C LYS A 112 -17.61 -7.66 -47.57
N MET A 113 -18.77 -7.53 -46.92
CA MET A 113 -19.22 -8.56 -46.02
C MET A 113 -19.34 -9.91 -46.68
N MET A 114 -19.93 -9.96 -47.88
CA MET A 114 -20.07 -11.26 -48.51
C MET A 114 -18.73 -11.80 -48.97
N LEU A 115 -17.78 -10.91 -49.26
CA LEU A 115 -16.44 -11.37 -49.62
C LEU A 115 -15.73 -11.93 -48.39
N ASP A 116 -15.82 -11.24 -47.26
CA ASP A 116 -15.17 -11.71 -46.04
C ASP A 116 -15.74 -13.06 -45.66
N TRP A 117 -17.04 -13.24 -45.89
CA TRP A 117 -17.66 -14.52 -45.67
C TRP A 117 -17.15 -15.56 -46.65
N ALA A 118 -17.11 -15.23 -47.93
CA ALA A 118 -16.68 -16.17 -48.96
C ALA A 118 -15.23 -16.60 -48.72
N SER A 119 -14.43 -15.69 -48.17
CA SER A 119 -13.04 -15.94 -47.83
C SER A 119 -12.90 -16.75 -46.54
N GLY A 120 -14.02 -16.99 -45.86
CA GLY A 120 -14.04 -17.78 -44.64
C GLY A 120 -13.65 -17.03 -43.37
N THR A 121 -13.80 -15.70 -43.37
CA THR A 121 -13.42 -14.95 -42.18
C THR A 121 -14.61 -14.36 -41.43
N LEU A 122 -15.73 -14.17 -42.13
CA LEU A 122 -16.88 -13.53 -41.51
C LEU A 122 -18.14 -14.41 -41.50
N TYR A 123 -18.67 -14.66 -40.31
CA TYR A 123 -19.88 -15.49 -40.13
C TYR A 123 -19.68 -16.90 -40.69
N GLN A 124 -18.47 -17.42 -40.59
CA GLN A 124 -18.17 -18.72 -41.16
C GLN A 124 -18.98 -19.85 -40.54
N ASP A 125 -19.28 -19.74 -39.26
CA ASP A 125 -20.03 -20.77 -38.58
C ASP A 125 -21.52 -20.44 -38.43
N ARG A 126 -21.97 -19.39 -39.11
CA ARG A 126 -23.38 -18.99 -38.99
C ARG A 126 -24.16 -19.14 -40.28
N PHE A 127 -23.54 -18.86 -41.41
CA PHE A 127 -24.30 -18.94 -42.66
C PHE A 127 -23.64 -19.83 -43.69
N ASP A 128 -24.46 -20.62 -44.36
CA ASP A 128 -24.01 -21.47 -45.44
C ASP A 128 -24.06 -20.71 -46.76
N TYR A 129 -25.00 -19.78 -46.87
CA TYR A 129 -25.11 -18.94 -48.05
C TYR A 129 -25.38 -17.49 -47.71
N LEU A 130 -24.78 -16.60 -48.50
CA LEU A 130 -25.13 -15.19 -48.47
C LEU A 130 -25.59 -14.76 -49.85
N PHE A 131 -26.82 -14.30 -49.95
CA PHE A 131 -27.36 -13.92 -51.23
C PHE A 131 -27.48 -12.41 -51.35
N TYR A 132 -26.69 -11.86 -52.28
CA TYR A 132 -26.63 -10.42 -52.46
C TYR A 132 -27.72 -9.92 -53.40
N ILE A 133 -28.51 -8.98 -52.90
CA ILE A 133 -29.59 -8.40 -53.67
C ILE A 133 -29.29 -6.94 -53.98
N HIS A 134 -29.15 -6.62 -55.26
CA HIS A 134 -28.83 -5.25 -55.62
C HIS A 134 -30.11 -4.52 -55.94
N CYS A 135 -30.53 -3.65 -55.03
CA CYS A 135 -31.86 -3.03 -55.11
C CYS A 135 -32.02 -2.15 -56.34
N ARG A 136 -30.90 -1.66 -56.86
CA ARG A 136 -30.88 -0.87 -58.07
C ARG A 136 -31.27 -1.69 -59.30
N GLU A 137 -31.08 -3.00 -59.22
CA GLU A 137 -31.36 -3.91 -60.34
C GLU A 137 -32.71 -4.59 -60.16
N VAL A 138 -33.14 -4.73 -58.91
CA VAL A 138 -34.38 -5.41 -58.62
C VAL A 138 -35.59 -4.66 -59.14
N SER A 139 -36.45 -5.38 -59.87
CA SER A 139 -37.68 -4.83 -60.40
C SER A 139 -38.84 -5.07 -59.46
N LEU A 140 -39.49 -3.99 -59.03
CA LEU A 140 -40.62 -4.06 -58.11
C LEU A 140 -41.89 -4.47 -58.85
N VAL A 141 -41.93 -4.15 -60.14
CA VAL A 141 -43.09 -4.46 -60.97
C VAL A 141 -43.06 -5.90 -61.47
N THR A 142 -41.88 -6.38 -61.82
CA THR A 142 -41.75 -7.71 -62.40
C THR A 142 -42.26 -8.80 -61.46
N GLN A 143 -43.02 -9.74 -62.02
CA GLN A 143 -43.53 -10.88 -61.26
C GLN A 143 -42.62 -12.08 -61.42
N ARG A 144 -42.10 -12.59 -60.30
CA ARG A 144 -41.19 -13.71 -60.33
C ARG A 144 -41.23 -14.52 -59.04
N SER A 145 -40.80 -15.77 -59.13
CA SER A 145 -40.62 -16.63 -57.95
C SER A 145 -39.36 -16.15 -57.27
N LEU A 146 -39.00 -16.74 -56.14
CA LEU A 146 -37.78 -16.28 -55.49
C LEU A 146 -36.59 -16.85 -56.24
N GLY A 147 -36.36 -16.31 -57.43
CA GLY A 147 -35.31 -16.75 -58.32
C GLY A 147 -34.04 -15.97 -58.02
N ASP A 148 -34.14 -15.07 -57.04
CA ASP A 148 -33.00 -14.27 -56.62
C ASP A 148 -31.93 -15.20 -56.09
N LEU A 149 -32.37 -16.34 -55.55
CA LEU A 149 -31.49 -17.38 -55.06
C LEU A 149 -30.71 -18.01 -56.21
N ILE A 150 -31.27 -17.96 -57.40
CA ILE A 150 -30.66 -18.54 -58.58
C ILE A 150 -29.81 -17.52 -59.31
N MET A 151 -30.33 -16.31 -59.43
CA MET A 151 -29.63 -15.24 -60.15
C MET A 151 -28.33 -14.85 -59.45
N SER A 152 -28.28 -15.01 -58.14
CA SER A 152 -27.10 -14.68 -57.35
C SER A 152 -26.11 -15.84 -57.29
N CYS A 153 -26.43 -16.95 -57.93
CA CYS A 153 -25.59 -18.13 -57.95
C CYS A 153 -24.63 -18.14 -59.12
N CYS A 154 -23.70 -19.09 -59.06
CA CYS A 154 -22.74 -19.29 -60.12
C CYS A 154 -23.49 -19.51 -61.44
N PRO A 155 -22.81 -19.48 -62.60
CA PRO A 155 -23.37 -19.55 -63.95
C PRO A 155 -24.21 -20.79 -64.20
N ASP A 156 -24.03 -21.83 -63.39
CA ASP A 156 -24.77 -23.06 -63.57
C ASP A 156 -26.26 -22.77 -63.49
N PRO A 157 -27.02 -22.99 -64.57
CA PRO A 157 -28.43 -22.65 -64.71
C PRO A 157 -29.33 -23.48 -63.83
N ASN A 158 -28.80 -24.56 -63.26
CA ASN A 158 -29.60 -25.44 -62.42
C ASN A 158 -28.95 -25.73 -61.07
N PRO A 159 -28.85 -24.73 -60.18
CA PRO A 159 -28.27 -24.84 -58.87
C PRO A 159 -29.20 -25.69 -58.00
N PRO A 160 -28.70 -26.23 -56.90
CA PRO A 160 -29.42 -27.04 -55.95
C PRO A 160 -30.33 -26.19 -55.09
N ILE A 161 -31.34 -25.65 -55.74
CA ILE A 161 -32.29 -24.74 -55.12
C ILE A 161 -33.06 -25.41 -53.99
N HIS A 162 -33.10 -26.74 -54.00
CA HIS A 162 -33.84 -27.49 -53.00
C HIS A 162 -32.97 -28.03 -51.86
N LYS A 163 -31.70 -27.63 -51.81
CA LYS A 163 -30.83 -28.12 -50.76
C LYS A 163 -30.65 -27.07 -49.67
N ILE A 164 -29.42 -26.81 -49.23
CA ILE A 164 -29.19 -25.87 -48.14
C ILE A 164 -29.57 -24.45 -48.59
N VAL A 165 -29.64 -24.26 -49.90
CA VAL A 165 -30.12 -23.02 -50.48
C VAL A 165 -31.59 -22.78 -50.09
N ARG A 166 -32.33 -23.86 -49.84
CA ARG A 166 -33.73 -23.78 -49.46
C ARG A 166 -33.92 -23.74 -47.94
N LYS A 167 -33.07 -24.45 -47.22
CA LYS A 167 -33.21 -24.56 -45.76
C LYS A 167 -32.81 -23.26 -45.05
N PRO A 168 -33.74 -22.61 -44.33
CA PRO A 168 -33.59 -21.33 -43.67
C PRO A 168 -32.76 -21.46 -42.40
N SER A 169 -32.37 -20.31 -41.85
CA SER A 169 -31.62 -20.18 -40.60
C SER A 169 -30.11 -20.23 -40.84
N ARG A 170 -29.73 -20.71 -42.02
CA ARG A 170 -28.34 -20.73 -42.42
C ARG A 170 -28.16 -19.87 -43.67
N ILE A 171 -29.20 -19.10 -43.96
CA ILE A 171 -29.22 -18.22 -45.12
C ILE A 171 -29.39 -16.78 -44.70
N LEU A 172 -28.50 -15.92 -45.18
CA LEU A 172 -28.62 -14.49 -44.94
C LEU A 172 -28.72 -13.74 -46.26
N PHE A 173 -29.74 -12.91 -46.37
CA PHE A 173 -29.93 -12.10 -47.56
C PHE A 173 -29.41 -10.70 -47.31
N LEU A 174 -28.75 -10.13 -48.31
CA LEU A 174 -28.26 -8.76 -48.18
C LEU A 174 -29.01 -7.81 -49.13
N MET A 175 -29.74 -6.86 -48.57
CA MET A 175 -30.50 -5.87 -49.34
C MET A 175 -29.67 -4.61 -49.53
N ASP A 176 -28.96 -4.52 -50.65
CA ASP A 176 -28.05 -3.41 -50.84
C ASP A 176 -28.75 -2.22 -51.48
N GLY A 177 -29.05 -1.21 -50.67
CA GLY A 177 -29.71 -0.01 -51.18
C GLY A 177 -31.22 -0.09 -51.15
N PHE A 178 -31.81 -0.38 -50.00
CA PHE A 178 -33.27 -0.41 -49.92
C PHE A 178 -33.86 0.88 -50.48
N ASP A 179 -33.24 2.01 -50.16
CA ASP A 179 -33.69 3.31 -50.62
C ASP A 179 -33.51 3.50 -52.13
N GLU A 180 -32.75 2.61 -52.75
CA GLU A 180 -32.48 2.70 -54.18
C GLU A 180 -33.41 1.82 -55.00
N LEU A 181 -34.39 1.18 -54.34
CA LEU A 181 -35.37 0.40 -55.08
C LEU A 181 -36.09 1.32 -56.06
N GLN A 182 -36.20 0.92 -57.32
CA GLN A 182 -36.81 1.77 -58.33
C GLN A 182 -38.29 1.51 -58.49
N GLY A 183 -39.10 2.54 -58.27
CA GLY A 183 -40.54 2.44 -58.38
C GLY A 183 -41.21 2.59 -57.02
N ALA A 184 -42.52 2.70 -57.02
CA ALA A 184 -43.26 2.86 -55.79
C ALA A 184 -43.15 1.60 -54.94
N PHE A 185 -43.04 1.78 -53.63
CA PHE A 185 -42.97 0.67 -52.71
C PHE A 185 -43.93 0.90 -51.54
N ASP A 186 -44.80 -0.08 -51.30
CA ASP A 186 -45.80 0.04 -50.25
C ASP A 186 -45.49 -0.85 -49.05
N GLU A 187 -45.39 -0.24 -47.88
CA GLU A 187 -45.16 -1.02 -46.66
C GLU A 187 -46.43 -1.75 -46.24
N HIS A 188 -47.56 -1.35 -46.81
CA HIS A 188 -48.85 -1.98 -46.51
C HIS A 188 -49.26 -2.92 -47.63
N ILE A 189 -48.96 -4.19 -47.47
CA ILE A 189 -49.23 -5.18 -48.50
C ILE A 189 -50.12 -6.31 -48.00
N GLY A 190 -51.22 -6.52 -48.70
CA GLY A 190 -52.18 -7.57 -48.41
C GLY A 190 -51.56 -8.98 -48.35
N PRO A 191 -51.10 -9.52 -49.50
CA PRO A 191 -50.48 -10.82 -49.65
C PRO A 191 -49.13 -10.91 -48.93
N LEU A 192 -48.85 -12.06 -48.35
CA LEU A 192 -47.59 -12.29 -47.65
C LEU A 192 -46.57 -13.00 -48.52
N CYS A 193 -46.96 -13.36 -49.74
CA CYS A 193 -46.09 -14.06 -50.67
C CYS A 193 -45.17 -15.06 -50.00
N THR A 194 -45.75 -16.12 -49.45
CA THR A 194 -44.98 -17.21 -48.90
C THR A 194 -44.77 -18.26 -49.97
N ASP A 195 -43.88 -19.22 -49.72
CA ASP A 195 -43.59 -20.28 -50.69
C ASP A 195 -42.76 -19.75 -51.85
N TRP A 196 -41.44 -19.91 -51.73
CA TRP A 196 -40.48 -19.39 -52.71
C TRP A 196 -40.73 -19.88 -54.14
N GLN A 197 -41.47 -20.98 -54.29
CA GLN A 197 -41.75 -21.53 -55.62
C GLN A 197 -42.88 -20.81 -56.34
N LYS A 198 -43.56 -19.89 -55.67
CA LYS A 198 -44.67 -19.15 -56.27
C LYS A 198 -44.22 -17.77 -56.71
N ALA A 199 -44.62 -17.37 -57.92
CA ALA A 199 -44.22 -16.07 -58.45
C ALA A 199 -45.16 -14.96 -58.01
N GLU A 200 -44.56 -13.84 -57.62
CA GLU A 200 -45.33 -12.67 -57.22
C GLU A 200 -44.53 -11.40 -57.57
N ARG A 201 -45.11 -10.23 -57.34
CA ARG A 201 -44.44 -8.98 -57.68
C ARG A 201 -43.21 -8.77 -56.81
N GLY A 202 -42.18 -8.15 -57.39
CA GLY A 202 -40.93 -7.89 -56.69
C GLY A 202 -41.12 -7.09 -55.40
N ASP A 203 -42.07 -6.15 -55.37
CA ASP A 203 -42.26 -5.36 -54.16
C ASP A 203 -42.82 -6.21 -53.05
N ILE A 204 -43.77 -7.06 -53.39
CA ILE A 204 -44.37 -7.96 -52.43
C ILE A 204 -43.34 -8.98 -51.98
N LEU A 205 -42.55 -9.47 -52.94
CA LEU A 205 -41.54 -10.48 -52.68
C LEU A 205 -40.50 -9.95 -51.70
N LEU A 206 -40.05 -8.71 -51.91
CA LEU A 206 -39.08 -8.10 -51.01
C LEU A 206 -39.68 -7.91 -49.62
N SER A 207 -40.93 -7.46 -49.56
CA SER A 207 -41.57 -7.25 -48.27
C SER A 207 -41.77 -8.58 -47.55
N SER A 208 -42.05 -9.63 -48.30
CA SER A 208 -42.22 -10.95 -47.71
C SER A 208 -40.95 -11.41 -47.02
N LEU A 209 -39.80 -11.16 -47.64
CA LEU A 209 -38.53 -11.49 -47.00
C LEU A 209 -38.31 -10.61 -45.77
N ILE A 210 -38.65 -9.32 -45.90
CA ILE A 210 -38.45 -8.34 -44.83
C ILE A 210 -39.32 -8.67 -43.61
N ARG A 211 -40.56 -9.06 -43.87
CA ARG A 211 -41.52 -9.39 -42.82
C ARG A 211 -41.32 -10.79 -42.26
N LYS A 212 -40.32 -11.51 -42.78
CA LYS A 212 -40.01 -12.88 -42.35
C LYS A 212 -41.16 -13.84 -42.61
N LYS A 213 -41.85 -13.68 -43.74
CA LYS A 213 -42.93 -14.58 -44.10
C LYS A 213 -42.41 -15.60 -45.10
N LEU A 214 -41.48 -15.15 -45.93
CA LEU A 214 -40.86 -15.99 -46.94
C LEU A 214 -39.56 -16.54 -46.39
N LEU A 215 -39.43 -17.86 -46.39
CA LEU A 215 -38.28 -18.53 -45.80
C LEU A 215 -38.09 -18.10 -44.34
N PRO A 216 -39.03 -18.45 -43.44
CA PRO A 216 -39.04 -18.09 -42.05
C PRO A 216 -37.75 -18.53 -41.39
N GLU A 217 -37.29 -17.73 -40.44
CA GLU A 217 -36.04 -17.95 -39.72
C GLU A 217 -34.80 -17.65 -40.54
N ALA A 218 -34.98 -17.23 -41.80
CA ALA A 218 -33.85 -16.79 -42.59
C ALA A 218 -33.41 -15.44 -42.07
N SER A 219 -32.12 -15.14 -42.22
CA SER A 219 -31.61 -13.87 -41.75
C SER A 219 -31.61 -12.86 -42.87
N LEU A 220 -31.68 -11.58 -42.49
CA LEU A 220 -31.71 -10.50 -43.44
C LEU A 220 -30.89 -9.30 -42.98
N LEU A 221 -30.13 -8.72 -43.89
CA LEU A 221 -29.42 -7.50 -43.56
C LEU A 221 -29.79 -6.42 -44.57
N ILE A 222 -30.17 -5.27 -44.07
CA ILE A 222 -30.56 -4.18 -44.95
C ILE A 222 -29.63 -2.97 -44.81
N THR A 223 -29.07 -2.52 -45.92
CA THR A 223 -28.26 -1.30 -45.90
C THR A 223 -29.04 -0.20 -46.57
N THR A 224 -29.20 0.93 -45.87
CA THR A 224 -29.99 2.01 -46.44
C THR A 224 -29.72 3.37 -45.82
N ARG A 225 -29.99 4.41 -46.61
CA ARG A 225 -29.98 5.76 -46.08
C ARG A 225 -31.20 5.93 -45.18
N PRO A 226 -31.12 6.77 -44.15
CA PRO A 226 -32.14 7.00 -43.14
C PRO A 226 -33.45 7.49 -43.74
N VAL A 227 -33.39 8.01 -44.96
CA VAL A 227 -34.54 8.54 -45.65
C VAL A 227 -35.60 7.48 -45.96
N ALA A 228 -35.20 6.22 -45.99
CA ALA A 228 -36.13 5.14 -46.31
C ALA A 228 -36.50 4.31 -45.10
N LEU A 229 -36.13 4.75 -43.91
CA LEU A 229 -36.44 3.97 -42.72
C LEU A 229 -37.93 4.03 -42.39
N GLU A 230 -38.56 5.17 -42.69
CA GLU A 230 -39.97 5.34 -42.36
C GLU A 230 -40.86 4.30 -43.04
N LYS A 231 -40.50 3.93 -44.26
CA LYS A 231 -41.29 2.97 -45.03
C LYS A 231 -40.77 1.55 -44.85
N LEU A 232 -39.74 1.39 -44.02
CA LEU A 232 -39.11 0.10 -43.81
C LEU A 232 -39.44 -0.50 -42.43
N GLN A 233 -39.41 0.34 -41.40
CA GLN A 233 -39.59 -0.15 -40.04
C GLN A 233 -40.94 -0.83 -39.85
N HIS A 234 -41.95 -0.36 -40.58
CA HIS A 234 -43.28 -0.94 -40.51
C HIS A 234 -43.30 -2.42 -40.88
N LEU A 235 -42.31 -2.85 -41.65
CA LEU A 235 -42.22 -4.23 -42.11
C LEU A 235 -41.38 -5.09 -41.17
N LEU A 236 -40.70 -4.46 -40.23
CA LEU A 236 -39.73 -5.17 -39.39
C LEU A 236 -40.22 -5.46 -37.99
N ASP A 237 -40.95 -4.50 -37.41
CA ASP A 237 -41.45 -4.60 -36.02
C ASP A 237 -40.35 -4.59 -34.97
N HIS A 238 -39.50 -5.62 -34.97
CA HIS A 238 -38.43 -5.73 -33.99
C HIS A 238 -37.08 -6.12 -34.59
N PRO A 239 -36.50 -5.28 -35.44
CA PRO A 239 -35.17 -5.41 -36.05
C PRO A 239 -34.08 -5.00 -35.08
N ARG A 240 -32.85 -5.40 -35.37
CA ARG A 240 -31.71 -4.83 -34.66
C ARG A 240 -31.17 -3.67 -35.47
N HIS A 241 -31.33 -2.46 -34.93
CA HIS A 241 -30.93 -1.27 -35.64
C HIS A 241 -29.48 -0.92 -35.34
N VAL A 242 -28.70 -0.76 -36.40
CA VAL A 242 -27.29 -0.46 -36.30
C VAL A 242 -26.92 0.78 -37.09
N GLU A 243 -26.19 1.68 -36.44
CA GLU A 243 -25.74 2.92 -37.06
C GLU A 243 -24.23 2.96 -37.05
N ILE A 244 -23.60 3.76 -37.93
CA ILE A 244 -22.15 3.95 -37.89
C ILE A 244 -21.78 4.71 -36.60
N LEU A 245 -18.49 2.57 -33.55
CA LEU A 245 -17.90 3.90 -33.46
C LEU A 245 -18.17 4.69 -34.76
N GLY A 246 -17.34 5.69 -35.06
CA GLY A 246 -17.50 6.56 -36.23
C GLY A 246 -16.60 6.16 -37.39
N PHE A 247 -16.21 7.16 -38.17
CA PHE A 247 -15.38 6.97 -39.36
C PHE A 247 -13.93 6.80 -38.97
N SER A 248 -13.20 6.02 -39.76
CA SER A 248 -11.75 5.95 -39.66
C SER A 248 -11.19 7.12 -40.45
N GLU A 249 -9.88 7.33 -40.37
CA GLU A 249 -9.28 8.43 -41.11
C GLU A 249 -9.47 8.25 -42.61
N ALA A 250 -9.29 7.02 -43.06
CA ALA A 250 -9.48 6.69 -44.47
C ALA A 250 -10.93 6.82 -44.86
N LYS A 251 -11.83 6.45 -43.95
CA LYS A 251 -13.26 6.51 -44.23
C LYS A 251 -13.70 7.95 -44.44
N ARG A 252 -13.16 8.87 -43.63
CA ARG A 252 -13.50 10.27 -43.82
C ARG A 252 -13.11 10.72 -45.21
N LYS A 253 -11.91 10.35 -45.64
CA LYS A 253 -11.45 10.74 -46.96
C LYS A 253 -12.38 10.21 -48.04
N GLU A 254 -12.77 8.94 -47.92
CA GLU A 254 -13.66 8.36 -48.91
C GLU A 254 -14.99 9.08 -48.93
N TYR A 255 -15.49 9.44 -47.75
CA TYR A 255 -16.76 10.15 -47.66
C TYR A 255 -16.72 11.44 -48.45
N PHE A 256 -15.66 12.23 -48.26
CA PHE A 256 -15.53 13.49 -48.97
C PHE A 256 -15.50 13.29 -50.48
N PHE A 257 -14.77 12.27 -50.91
CA PHE A 257 -14.63 12.02 -52.34
C PHE A 257 -15.90 11.45 -52.96
N LYS A 258 -16.72 10.77 -52.17
CA LYS A 258 -17.97 10.22 -52.69
C LYS A 258 -19.11 11.23 -52.58
N TYR A 259 -19.10 12.04 -51.52
CA TYR A 259 -20.15 13.03 -51.28
C TYR A 259 -20.22 14.02 -52.43
N PHE A 260 -19.05 14.52 -52.82
CA PHE A 260 -18.97 15.49 -53.90
C PHE A 260 -18.89 14.78 -55.25
N SER A 261 -19.93 14.91 -56.06
CA SER A 261 -20.02 14.21 -57.33
C SER A 261 -18.96 14.69 -58.32
N ASP A 262 -18.57 15.95 -58.18
CA ASP A 262 -17.51 16.52 -59.00
C ASP A 262 -16.18 16.33 -58.30
N GLU A 263 -15.31 15.51 -58.89
CA GLU A 263 -14.04 15.20 -58.26
C GLU A 263 -13.20 16.45 -58.04
N ALA A 264 -13.34 17.44 -58.94
CA ALA A 264 -12.58 18.67 -58.79
C ALA A 264 -13.02 19.42 -57.54
N GLN A 265 -14.30 19.36 -57.24
CA GLN A 265 -14.84 20.01 -56.06
C GLN A 265 -14.57 19.17 -54.83
N ALA A 266 -14.54 17.85 -55.02
CA ALA A 266 -14.26 16.95 -53.92
C ALA A 266 -12.87 17.24 -53.39
N ARG A 267 -11.94 17.44 -54.30
CA ARG A 267 -10.56 17.74 -53.93
C ARG A 267 -10.46 19.13 -53.30
N ALA A 268 -11.17 20.11 -53.88
CA ALA A 268 -11.11 21.46 -53.34
C ALA A 268 -11.75 21.52 -51.97
N ALA A 269 -12.87 20.86 -51.78
CA ALA A 269 -13.56 20.83 -50.50
C ALA A 269 -12.70 20.14 -49.47
N PHE A 270 -12.07 19.03 -49.90
CA PHE A 270 -11.20 18.32 -48.99
C PHE A 270 -10.01 19.19 -48.64
N SER A 271 -9.44 19.87 -49.63
CA SER A 271 -8.29 20.72 -49.42
C SER A 271 -8.58 21.80 -48.38
N LEU A 272 -9.78 22.38 -48.45
CA LEU A 272 -10.18 23.42 -47.52
C LEU A 272 -10.15 22.95 -46.08
N ILE A 273 -10.66 21.74 -45.82
CA ILE A 273 -10.62 21.17 -44.48
C ILE A 273 -9.25 20.52 -44.17
N GLN A 274 -8.59 20.01 -45.21
CA GLN A 274 -7.35 19.23 -45.08
C GLN A 274 -6.23 19.92 -44.30
N GLU A 275 -6.15 21.24 -44.39
CA GLU A 275 -5.10 21.96 -43.71
C GLU A 275 -5.27 21.88 -42.19
N ASN A 276 -6.50 21.63 -41.75
CA ASN A 276 -6.87 21.62 -40.34
C ASN A 276 -6.86 20.23 -39.72
N GLU A 277 -6.81 20.19 -38.39
CA GLU A 277 -6.87 18.95 -37.63
C GLU A 277 -8.11 18.87 -36.72
N VAL A 278 -8.59 20.01 -36.27
CA VAL A 278 -9.65 20.08 -35.27
C VAL A 278 -11.00 19.59 -35.78
N LEU A 279 -11.38 20.07 -36.95
CA LEU A 279 -12.67 19.71 -37.53
C LEU A 279 -12.66 18.24 -37.91
N PHE A 280 -11.51 17.77 -38.38
CA PHE A 280 -11.37 16.38 -38.77
C PHE A 280 -11.63 15.44 -37.61
N THR A 281 -11.12 15.80 -36.44
CA THR A 281 -11.33 14.96 -35.28
C THR A 281 -12.81 14.82 -35.00
N MET A 282 -13.55 15.92 -35.04
CA MET A 282 -14.99 15.82 -34.82
C MET A 282 -15.72 15.23 -36.03
N CYS A 283 -15.11 15.29 -37.22
CA CYS A 283 -15.69 14.69 -38.41
C CYS A 283 -15.67 13.17 -38.37
N PHE A 284 -15.10 12.59 -37.31
CA PHE A 284 -15.16 11.16 -37.16
C PHE A 284 -16.62 10.76 -36.94
N ILE A 285 -17.42 11.72 -36.48
CA ILE A 285 -18.85 11.51 -36.34
C ILE A 285 -19.49 11.61 -37.73
N PRO A 286 -20.14 10.57 -38.24
CA PRO A 286 -20.75 10.48 -39.55
C PRO A 286 -21.61 11.71 -39.85
N LEU A 287 -22.32 12.18 -38.83
CA LEU A 287 -23.17 13.34 -38.99
C LEU A 287 -22.36 14.60 -39.25
N VAL A 288 -21.26 14.77 -38.52
CA VAL A 288 -20.45 15.96 -38.67
C VAL A 288 -19.79 15.98 -40.03
N CYS A 289 -19.26 14.85 -40.46
CA CYS A 289 -18.61 14.79 -41.76
C CYS A 289 -19.60 15.25 -42.83
N TRP A 290 -20.84 14.80 -42.71
CA TRP A 290 -21.91 15.25 -43.61
C TRP A 290 -22.11 16.76 -43.50
N ILE A 291 -22.16 17.28 -42.28
CA ILE A 291 -22.39 18.71 -42.08
C ILE A 291 -21.30 19.57 -42.69
N VAL A 292 -20.04 19.19 -42.50
CA VAL A 292 -18.96 20.01 -43.05
C VAL A 292 -18.95 19.90 -44.57
N CYS A 293 -19.24 18.71 -45.08
CA CYS A 293 -19.31 18.54 -46.52
C CYS A 293 -20.43 19.40 -47.10
N THR A 294 -21.54 19.45 -46.38
CA THR A 294 -22.69 20.25 -46.78
C THR A 294 -22.35 21.73 -46.81
N GLY A 295 -21.66 22.21 -45.75
CA GLY A 295 -21.24 23.61 -45.70
C GLY A 295 -20.27 23.94 -46.83
N LEU A 296 -19.33 23.03 -47.08
CA LEU A 296 -18.35 23.21 -48.14
C LEU A 296 -19.03 23.21 -49.50
N LYS A 297 -20.04 22.35 -49.67
CA LYS A 297 -20.81 22.28 -50.89
C LYS A 297 -21.52 23.60 -51.17
N GLN A 298 -22.02 24.25 -50.12
CA GLN A 298 -22.69 25.53 -50.28
C GLN A 298 -21.73 26.60 -50.78
N GLN A 299 -20.46 26.52 -50.36
CA GLN A 299 -19.45 27.46 -50.82
C GLN A 299 -19.19 27.26 -52.30
N MET A 300 -19.24 26.01 -52.75
CA MET A 300 -19.02 25.70 -54.15
C MET A 300 -20.17 26.24 -54.99
N GLU A 301 -21.40 25.96 -54.55
CA GLU A 301 -22.59 26.35 -55.28
C GLU A 301 -22.75 27.87 -55.39
N SER A 302 -22.35 28.57 -54.34
CA SER A 302 -22.49 30.03 -54.30
C SER A 302 -21.46 30.71 -55.20
N GLY A 303 -20.49 29.94 -55.71
CA GLY A 303 -19.45 30.49 -56.57
C GLY A 303 -18.37 31.19 -55.75
N LYS A 304 -18.16 30.72 -54.51
CA LYS A 304 -17.16 31.33 -53.65
C LYS A 304 -15.76 31.03 -54.18
N SER A 305 -14.84 31.96 -53.93
CA SER A 305 -13.45 31.84 -54.35
C SER A 305 -12.70 30.73 -53.63
N LEU A 306 -13.32 30.26 -52.54
CA LEU A 306 -12.76 29.24 -51.67
C LEU A 306 -11.51 29.73 -50.95
N ALA A 307 -11.40 31.05 -50.82
CA ALA A 307 -10.29 31.63 -50.06
C ALA A 307 -10.61 31.53 -48.57
N GLN A 308 -10.60 30.29 -48.08
CA GLN A 308 -10.97 29.98 -46.71
C GLN A 308 -10.07 28.92 -46.11
N THR A 309 -9.77 29.07 -44.83
CA THR A 309 -9.02 28.05 -44.10
C THR A 309 -9.86 27.55 -42.95
N SER A 310 -10.65 26.52 -43.21
CA SER A 310 -11.62 26.00 -42.26
C SER A 310 -10.96 25.33 -41.06
N LYS A 311 -11.50 25.61 -39.86
CA LYS A 311 -11.06 25.02 -38.59
C LYS A 311 -12.13 24.03 -38.12
N THR A 312 -11.70 28.50 -39.70
CA THR A 312 -13.00 29.16 -39.75
C THR A 312 -14.11 28.11 -39.54
N THR A 313 -14.25 27.61 -38.29
CA THR A 313 -15.28 26.65 -37.92
C THR A 313 -16.64 27.30 -38.06
N THR A 314 -16.68 28.57 -37.68
CA THR A 314 -17.90 29.34 -37.75
C THR A 314 -18.42 29.35 -39.17
N ALA A 315 -17.52 29.62 -40.12
CA ALA A 315 -17.94 29.77 -41.50
C ALA A 315 -18.61 28.50 -42.00
N VAL A 316 -18.09 27.36 -41.60
CA VAL A 316 -18.67 26.09 -42.03
C VAL A 316 -20.09 25.95 -41.53
N TYR A 317 -20.32 26.28 -40.26
CA TYR A 317 -21.63 26.17 -39.67
C TYR A 317 -22.61 27.20 -40.22
N VAL A 318 -22.10 28.39 -40.55
CA VAL A 318 -22.94 29.42 -41.16
C VAL A 318 -23.40 28.98 -42.54
N PHE A 319 -22.49 28.42 -43.34
CA PHE A 319 -22.85 27.93 -44.66
C PHE A 319 -23.79 26.75 -44.56
N PHE A 320 -23.59 25.92 -43.54
CA PHE A 320 -24.46 24.80 -43.31
C PHE A 320 -25.89 25.28 -43.03
N LEU A 321 -26.05 26.25 -42.14
CA LEU A 321 -27.40 26.75 -41.87
C LEU A 321 -28.01 27.36 -43.10
N SER A 322 -27.19 28.02 -43.90
CA SER A 322 -27.70 28.61 -45.13
C SER A 322 -28.33 27.54 -46.01
N SER A 323 -27.60 26.45 -46.28
CA SER A 323 -28.12 25.40 -47.14
C SER A 323 -29.16 24.53 -46.43
N LEU A 324 -29.13 24.49 -45.10
CA LEU A 324 -30.08 23.69 -44.33
C LEU A 324 -31.44 24.37 -44.24
N LEU A 325 -31.43 25.68 -43.97
CA LEU A 325 -32.66 26.42 -43.75
C LEU A 325 -33.25 27.05 -45.02
N GLN A 326 -32.41 27.37 -46.00
CA GLN A 326 -32.90 28.05 -47.20
C GLN A 326 -33.99 27.28 -48.01
N PRO A 327 -33.92 25.93 -48.20
CA PRO A 327 -34.90 25.12 -48.94
C PRO A 327 -36.29 25.26 -48.33
N LEU A 336 -37.60 26.25 -38.34
CA LEU A 336 -37.21 26.81 -39.64
C LEU A 336 -36.54 28.18 -39.45
N CYS A 337 -36.50 28.99 -40.52
CA CYS A 337 -35.78 30.28 -40.56
C CYS A 337 -36.18 31.25 -39.46
N ALA A 338 -37.49 31.32 -39.19
CA ALA A 338 -38.02 32.26 -38.21
C ALA A 338 -38.04 31.68 -36.81
N HIS A 339 -37.57 30.44 -36.66
CA HIS A 339 -37.62 29.77 -35.37
C HIS A 339 -36.22 29.57 -34.82
N LEU A 340 -35.24 30.12 -35.54
CA LEU A 340 -33.85 30.03 -35.16
C LEU A 340 -33.60 30.69 -33.82
N TRP A 341 -34.31 31.78 -33.57
CA TRP A 341 -34.19 32.50 -32.31
C TRP A 341 -34.37 31.55 -31.13
N GLY A 342 -35.41 30.73 -31.19
CA GLY A 342 -35.71 29.82 -30.08
C GLY A 342 -34.54 28.87 -29.84
N LEU A 343 -33.93 28.39 -30.93
CA LEU A 343 -32.80 27.48 -30.81
C LEU A 343 -31.57 28.20 -30.25
N CYS A 344 -31.35 29.42 -30.70
CA CYS A 344 -30.20 30.19 -30.24
C CYS A 344 -30.34 30.58 -28.77
N SER A 345 -31.55 30.94 -28.36
CA SER A 345 -31.83 31.28 -26.98
C SER A 345 -31.58 30.07 -26.09
N LEU A 346 -31.99 28.90 -26.58
CA LEU A 346 -31.78 27.66 -25.86
C LEU A 346 -30.29 27.45 -25.62
N ALA A 347 -29.50 27.63 -26.68
CA ALA A 347 -28.06 27.46 -26.60
C ALA A 347 -27.42 28.46 -25.64
N ALA A 348 -27.91 29.71 -25.70
CA ALA A 348 -27.34 30.74 -24.83
C ALA A 348 -27.53 30.36 -23.38
N ASP A 349 -28.68 29.81 -23.04
CA ASP A 349 -28.92 29.32 -21.70
C ASP A 349 -27.99 28.16 -21.39
N GLY A 350 -27.81 27.31 -22.39
CA GLY A 350 -26.94 26.15 -22.27
C GLY A 350 -25.53 26.54 -21.83
N ILE A 351 -24.93 27.50 -22.51
CA ILE A 351 -23.55 27.82 -22.15
C ILE A 351 -23.47 28.54 -20.81
N TRP A 352 -24.39 29.43 -20.52
CA TRP A 352 -24.28 30.24 -19.30
C TRP A 352 -24.49 29.44 -18.03
N ASN A 353 -25.35 28.43 -18.09
CA ASN A 353 -25.62 27.61 -16.92
C ASN A 353 -24.94 26.24 -16.99
N GLN A 354 -23.97 26.08 -17.89
CA GLN A 354 -23.27 24.81 -18.06
C GLN A 354 -24.26 23.67 -18.24
N LYS A 355 -25.24 23.87 -19.10
CA LYS A 355 -26.29 22.90 -19.33
C LYS A 355 -26.23 22.31 -20.73
N ILE A 356 -25.90 21.03 -20.78
CA ILE A 356 -25.80 20.30 -22.04
C ILE A 356 -27.12 19.65 -22.36
N LEU A 357 -27.74 19.10 -21.31
CA LEU A 357 -29.00 18.39 -21.42
C LEU A 357 -30.18 19.28 -21.02
N PHE A 358 -31.08 19.50 -21.97
CA PHE A 358 -32.24 20.38 -21.77
C PHE A 358 -33.50 19.58 -21.49
N GLU A 359 -34.35 20.11 -20.63
CA GLU A 359 -35.65 19.50 -20.38
C GLU A 359 -36.62 19.96 -21.44
N GLU A 360 -37.70 19.21 -21.65
CA GLU A 360 -38.70 19.64 -22.61
C GLU A 360 -39.33 20.96 -22.16
N SER A 361 -39.22 21.24 -20.86
CA SER A 361 -39.72 22.49 -20.31
C SER A 361 -38.84 23.66 -20.70
N ASP A 362 -37.58 23.40 -21.04
CA ASP A 362 -36.68 24.47 -21.45
C ASP A 362 -37.00 24.81 -22.88
N LEU A 363 -37.30 23.78 -23.66
CA LEU A 363 -37.66 23.98 -25.05
C LEU A 363 -38.92 24.83 -25.13
N ARG A 364 -39.86 24.54 -24.24
CA ARG A 364 -41.11 25.29 -24.19
C ARG A 364 -40.89 26.72 -23.68
N ASN A 365 -40.05 26.87 -22.66
CA ASN A 365 -39.81 28.19 -22.11
C ASN A 365 -39.17 29.13 -23.12
N HIS A 366 -38.31 28.60 -23.99
CA HIS A 366 -37.61 29.44 -24.95
C HIS A 366 -38.45 29.69 -26.20
N GLY A 367 -39.66 29.15 -26.24
CA GLY A 367 -40.56 29.35 -27.38
C GLY A 367 -40.26 28.37 -28.50
N LEU A 368 -39.47 27.35 -28.19
CA LEU A 368 -39.07 26.35 -29.16
C LEU A 368 -39.73 25.01 -28.85
N GLN A 369 -40.97 24.83 -29.25
CA GLN A 369 -41.69 23.63 -28.87
C GLN A 369 -42.50 23.00 -29.99
N LYS A 370 -42.72 21.70 -29.85
CA LYS A 370 -43.58 20.94 -30.76
C LYS A 370 -43.13 21.07 -32.21
N ALA A 371 -43.88 21.84 -33.00
CA ALA A 371 -43.61 21.97 -34.42
C ALA A 371 -42.21 22.53 -34.68
N ASP A 372 -41.75 23.43 -33.82
CA ASP A 372 -40.45 24.05 -34.05
C ASP A 372 -39.32 23.09 -33.67
N VAL A 373 -39.57 22.26 -32.67
CA VAL A 373 -38.56 21.29 -32.25
C VAL A 373 -38.43 20.24 -33.31
N SER A 374 -39.56 19.75 -33.81
CA SER A 374 -39.56 18.73 -34.84
C SER A 374 -38.87 19.24 -36.10
N ALA A 375 -39.08 20.50 -36.45
CA ALA A 375 -38.43 21.05 -37.64
C ALA A 375 -36.92 20.97 -37.51
N PHE A 376 -36.39 21.31 -36.33
CA PHE A 376 -34.95 21.27 -36.12
C PHE A 376 -34.41 19.86 -35.91
N LEU A 377 -35.25 18.96 -35.40
CA LEU A 377 -34.84 17.57 -35.26
C LEU A 377 -34.76 16.91 -36.64
N ARG A 378 -35.72 17.25 -37.52
CA ARG A 378 -35.69 16.73 -38.88
C ARG A 378 -34.51 17.31 -39.65
N MET A 379 -34.27 18.60 -39.47
CA MET A 379 -33.11 19.25 -40.06
C MET A 379 -31.92 18.95 -39.18
N ASN A 380 -31.50 17.69 -39.19
CA ASN A 380 -30.54 17.18 -38.22
C ASN A 380 -29.57 18.27 -37.79
N LEU A 381 -29.76 18.73 -36.56
CA LEU A 381 -29.02 19.83 -35.98
C LEU A 381 -29.12 19.72 -34.48
N PHE A 382 -30.18 19.05 -34.06
CA PHE A 382 -30.55 18.91 -32.66
C PHE A 382 -30.98 17.46 -32.41
N GLN A 383 -30.64 16.92 -31.24
CA GLN A 383 -30.91 15.51 -30.92
C GLN A 383 -31.84 15.30 -29.72
N LYS A 384 -32.48 14.12 -29.69
CA LYS A 384 -33.33 13.71 -28.57
C LYS A 384 -32.56 12.93 -27.49
N GLU A 385 -31.27 12.68 -27.72
CA GLU A 385 -30.49 11.81 -26.83
C GLU A 385 -31.23 10.50 -26.57
N VAL A 386 -31.50 9.75 -27.63
CA VAL A 386 -32.28 8.52 -27.53
C VAL A 386 -31.54 7.41 -26.78
N ASP A 387 -30.25 7.62 -26.54
CA ASP A 387 -29.43 6.62 -25.87
C ASP A 387 -29.62 6.66 -24.36
N CYS A 388 -30.76 6.14 -23.91
CA CYS A 388 -31.08 6.02 -22.49
C CYS A 388 -31.12 7.36 -21.76
N GLU A 389 -31.81 8.35 -22.33
CA GLU A 389 -31.88 9.65 -21.68
C GLU A 389 -33.23 10.32 -22.00
N LYS A 390 -33.64 11.24 -21.13
CA LYS A 390 -34.92 11.95 -21.29
C LYS A 390 -34.74 13.44 -21.60
N PHE A 391 -33.53 13.82 -21.98
CA PHE A 391 -33.18 15.22 -22.22
C PHE A 391 -32.75 15.47 -23.65
N TYR A 392 -32.93 16.70 -24.08
CA TYR A 392 -32.56 17.11 -25.43
C TYR A 392 -31.18 17.77 -25.46
N SER A 393 -30.51 17.70 -26.61
CA SER A 393 -29.19 18.30 -26.72
C SER A 393 -28.82 18.64 -28.15
N PHE A 394 -27.70 19.34 -28.32
CA PHE A 394 -27.15 19.66 -29.63
C PHE A 394 -26.29 18.52 -30.13
N ILE A 395 -26.17 18.40 -31.45
CA ILE A 395 -25.38 17.33 -32.06
C ILE A 395 -23.92 17.32 -31.63
N HIS A 396 -23.40 18.46 -31.21
CA HIS A 396 -22.04 18.57 -30.71
C HIS A 396 -21.92 19.83 -29.86
N MET A 397 -21.04 19.78 -28.86
CA MET A 397 -20.86 20.93 -27.98
C MET A 397 -20.48 22.19 -28.75
N THR A 398 -19.77 22.03 -29.86
CA THR A 398 -19.36 23.17 -30.65
C THR A 398 -20.54 23.89 -31.29
N PHE A 399 -21.62 23.16 -31.57
CA PHE A 399 -22.79 23.80 -32.16
C PHE A 399 -23.53 24.58 -31.11
N GLN A 400 -23.63 24.02 -29.91
CA GLN A 400 -24.27 24.75 -28.83
C GLN A 400 -23.59 26.09 -28.64
N GLU A 401 -22.26 26.08 -28.66
CA GLU A 401 -21.48 27.29 -28.50
C GLU A 401 -21.71 28.25 -29.67
N PHE A 402 -21.78 27.68 -30.87
CA PHE A 402 -22.05 28.46 -32.08
C PHE A 402 -23.37 29.19 -32.02
N PHE A 403 -24.43 28.47 -31.66
CA PHE A 403 -25.76 29.07 -31.62
C PHE A 403 -25.86 30.08 -30.50
N ALA A 404 -25.19 29.79 -29.39
CA ALA A 404 -25.18 30.73 -28.29
C ALA A 404 -24.53 32.03 -28.74
N ALA A 405 -23.56 31.93 -29.64
CA ALA A 405 -22.92 33.12 -30.16
C ALA A 405 -23.89 33.88 -31.07
N MET A 406 -24.62 33.15 -31.91
CA MET A 406 -25.58 33.79 -32.80
C MET A 406 -26.63 34.53 -32.02
N TYR A 407 -26.99 33.99 -30.86
CA TYR A 407 -27.96 34.62 -29.98
C TYR A 407 -27.71 36.10 -29.78
N TYR A 408 -26.44 36.49 -29.66
CA TYR A 408 -26.07 37.88 -29.39
C TYR A 408 -26.21 38.76 -30.62
N LEU A 409 -26.26 38.13 -31.79
CA LEU A 409 -26.26 38.83 -33.07
C LEU A 409 -27.61 38.86 -33.77
N LEU A 410 -28.51 37.94 -33.40
CA LEU A 410 -29.79 37.79 -34.08
C LEU A 410 -30.60 39.09 -34.12
N GLU A 411 -31.21 39.38 -35.29
CA GLU A 411 -32.08 40.53 -35.50
C GLU A 411 -33.38 40.38 -34.68
N GLU A 412 -36.01 39.52 -37.69
CA GLU A 412 -36.73 40.70 -37.25
C GLU A 412 -37.12 40.57 -35.76
N GLU A 413 -37.79 41.61 -35.22
CA GLU A 413 -38.27 41.64 -33.84
C GLU A 413 -39.58 40.84 -33.71
N LYS A 414 -39.60 39.91 -32.77
CA LYS A 414 -40.76 39.04 -32.56
C LYS A 414 -41.17 39.04 -31.08
N GLU A 415 -42.47 39.20 -30.84
CA GLU A 415 -43.02 39.23 -29.48
C GLU A 415 -43.23 37.84 -28.90
N GLY A 416 -43.08 36.82 -29.74
CA GLY A 416 -43.31 35.45 -29.34
C GLY A 416 -42.31 34.98 -28.27
N ARG A 417 -41.23 35.74 -28.12
CA ARG A 417 -40.21 35.41 -27.13
C ARG A 417 -40.51 36.02 -25.76
N THR A 418 -41.54 36.88 -25.69
CA THR A 418 -41.93 37.50 -24.43
C THR A 418 -43.32 37.05 -24.00
N ASN A 419 -44.12 36.57 -24.96
CA ASN A 419 -45.48 36.10 -24.68
C ASN A 419 -45.50 34.59 -24.43
N VAL A 420 -44.32 34.00 -24.46
CA VAL A 420 -44.13 32.59 -24.18
C VAL A 420 -44.46 32.34 -22.70
N PRO A 421 -45.13 31.23 -22.36
CA PRO A 421 -45.50 30.84 -21.00
C PRO A 421 -44.34 30.87 -20.00
N GLY A 422 -43.11 30.73 -20.48
CA GLY A 422 -41.94 30.74 -19.60
C GLY A 422 -41.44 32.15 -19.29
N SER A 423 -42.08 33.15 -19.88
CA SER A 423 -41.70 34.55 -19.74
C SER A 423 -41.95 35.02 -18.29
N ARG A 424 -41.07 35.87 -17.73
CA ARG A 424 -39.88 36.43 -18.37
C ARG A 424 -38.75 35.41 -18.44
N LEU A 425 -38.02 35.42 -19.55
CA LEU A 425 -36.96 34.46 -19.78
C LEU A 425 -35.60 34.94 -19.25
N LYS A 426 -34.76 33.97 -18.84
CA LYS A 426 -33.40 34.21 -18.37
C LYS A 426 -32.52 33.01 -18.74
N LEU A 427 -33.31 33.88 -22.16
CA LEU A 427 -32.70 35.12 -22.62
C LEU A 427 -31.71 35.66 -21.57
N PRO A 428 -30.53 34.99 -21.36
CA PRO A 428 -29.53 35.27 -20.33
C PRO A 428 -29.06 36.73 -20.25
N SER A 429 -28.89 37.39 -21.41
CA SER A 429 -28.41 38.76 -21.36
C SER A 429 -28.40 39.48 -22.70
N ARG A 430 -27.74 38.85 -23.68
CA ARG A 430 -27.39 39.48 -24.96
C ARG A 430 -26.36 40.57 -24.74
N ASP A 431 -25.69 40.53 -23.59
CA ASP A 431 -24.68 41.49 -23.23
C ASP A 431 -23.29 40.93 -23.52
N VAL A 432 -22.70 41.43 -24.60
CA VAL A 432 -21.41 40.94 -25.06
C VAL A 432 -20.31 41.26 -24.07
N THR A 433 -20.39 42.44 -23.46
CA THR A 433 -19.38 42.83 -22.49
C THR A 433 -19.31 41.80 -21.39
N VAL A 434 -20.47 41.39 -20.88
CA VAL A 434 -20.53 40.38 -19.84
C VAL A 434 -19.95 39.05 -20.32
N LEU A 435 -20.27 38.67 -21.55
CA LEU A 435 -19.73 37.45 -22.13
C LEU A 435 -18.21 37.48 -22.12
N LEU A 436 -17.65 38.60 -22.55
CA LEU A 436 -16.21 38.77 -22.64
C LEU A 436 -15.56 38.82 -21.25
N GLU A 437 -16.23 39.48 -20.31
CA GLU A 437 -15.70 39.61 -18.94
C GLU A 437 -15.54 38.24 -18.28
N ASN A 438 -16.42 37.31 -18.65
CA ASN A 438 -16.39 35.97 -18.07
C ASN A 438 -15.60 34.99 -18.93
N TYR A 439 -14.80 35.51 -19.86
CA TYR A 439 -13.99 34.64 -20.72
C TYR A 439 -13.10 33.71 -19.91
N GLY A 440 -12.36 34.27 -18.94
CA GLY A 440 -11.45 33.46 -18.14
C GLY A 440 -12.16 32.83 -16.95
N LYS A 441 -13.31 32.18 -17.21
CA LYS A 441 -14.11 31.59 -16.16
C LYS A 441 -14.68 30.23 -16.54
N PHE A 442 -14.12 29.17 -15.97
CA PHE A 442 -14.64 27.83 -16.23
C PHE A 442 -16.03 27.71 -15.61
N GLU A 443 -16.28 28.52 -14.59
CA GLU A 443 -17.55 28.53 -13.87
C GLU A 443 -18.72 28.89 -14.78
N LYS A 444 -18.42 29.55 -15.89
CA LYS A 444 -19.45 29.98 -16.83
C LYS A 444 -19.39 29.15 -18.09
N GLY A 445 -18.65 28.04 -18.05
CA GLY A 445 -18.54 27.16 -19.19
C GLY A 445 -17.48 27.63 -20.17
N TYR A 446 -16.52 28.42 -19.67
CA TYR A 446 -15.41 28.95 -20.46
C TYR A 446 -15.84 30.05 -21.40
N LEU A 447 -16.83 29.78 -22.24
CA LEU A 447 -17.35 30.78 -23.17
C LEU A 447 -16.29 31.18 -24.18
N ILE A 448 -15.22 30.40 -24.25
CA ILE A 448 -14.09 30.71 -25.12
C ILE A 448 -14.47 30.50 -26.57
N PHE A 449 -15.09 29.37 -26.84
CA PHE A 449 -15.50 29.03 -28.18
C PHE A 449 -16.63 29.95 -28.60
N VAL A 450 -17.45 30.36 -27.65
CA VAL A 450 -18.56 31.23 -27.96
C VAL A 450 -18.05 32.56 -28.47
N VAL A 451 -17.02 33.10 -27.80
CA VAL A 451 -16.40 34.32 -28.26
C VAL A 451 -15.75 34.12 -29.63
N ARG A 452 -15.04 33.00 -29.79
CA ARG A 452 -14.43 32.71 -31.08
C ARG A 452 -15.49 32.64 -32.18
N PHE A 453 -16.65 32.07 -31.87
CA PHE A 453 -17.74 31.99 -32.84
C PHE A 453 -18.28 33.38 -33.16
N LEU A 454 -18.37 34.25 -32.16
CA LEU A 454 -18.82 35.62 -32.41
C LEU A 454 -17.86 36.29 -33.37
N PHE A 455 -16.57 36.07 -33.19
CA PHE A 455 -15.61 36.68 -34.08
C PHE A 455 -15.85 36.24 -35.52
N GLY A 456 -16.09 34.95 -35.73
CA GLY A 456 -16.37 34.45 -37.08
C GLY A 456 -17.67 35.03 -37.64
N LEU A 457 -18.72 35.05 -36.82
CA LEU A 457 -20.04 35.50 -37.23
C LEU A 457 -20.05 36.98 -37.58
N VAL A 458 -19.29 37.77 -36.85
CA VAL A 458 -19.23 39.19 -37.08
C VAL A 458 -18.27 39.51 -38.21
N ASN A 459 -18.79 39.50 -39.43
CA ASN A 459 -17.98 39.75 -40.62
C ASN A 459 -18.79 40.58 -41.60
N GLN A 460 -18.17 40.91 -42.72
CA GLN A 460 -18.85 41.68 -43.75
C GLN A 460 -18.75 40.95 -45.08
N GLU A 461 -17.73 40.10 -45.19
CA GLU A 461 -17.46 39.39 -46.43
C GLU A 461 -18.31 38.13 -46.53
N ARG A 462 -19.63 38.31 -46.57
CA ARG A 462 -20.57 37.21 -46.61
C ARG A 462 -21.68 37.44 -47.63
N THR A 463 -22.35 36.36 -48.00
CA THR A 463 -23.41 36.40 -49.01
C THR A 463 -24.80 36.42 -48.37
N SER A 464 -25.82 36.14 -49.16
CA SER A 464 -27.20 36.15 -48.71
C SER A 464 -27.58 34.77 -48.16
N TYR A 465 -28.71 34.25 -48.61
CA TYR A 465 -29.11 32.90 -48.23
C TYR A 465 -29.15 32.70 -46.73
N LEU A 466 -29.81 33.61 -46.02
CA LEU A 466 -30.00 33.53 -44.57
C LEU A 466 -28.71 33.77 -43.76
N GLU A 467 -27.67 34.27 -44.42
CA GLU A 467 -26.48 34.67 -43.67
C GLU A 467 -26.64 36.11 -43.21
N LYS A 468 -27.79 36.69 -43.57
CA LYS A 468 -28.15 38.06 -43.26
C LYS A 468 -29.28 38.15 -42.22
N LYS A 469 -29.48 37.09 -41.46
CA LYS A 469 -30.51 37.09 -40.41
C LYS A 469 -29.98 37.65 -39.10
N LEU A 470 -28.71 38.04 -39.12
CA LEU A 470 -28.09 38.68 -37.97
C LEU A 470 -28.13 40.18 -38.20
N SER A 471 -28.28 40.94 -37.12
CA SER A 471 -28.42 42.39 -37.24
C SER A 471 -27.15 43.07 -37.67
N CYS A 472 -27.28 44.00 -38.61
CA CYS A 472 -26.17 44.79 -39.08
C CYS A 472 -25.70 45.74 -38.00
N LYS A 473 -26.65 46.37 -37.31
CA LYS A 473 -26.31 47.34 -36.29
C LYS A 473 -25.63 46.67 -35.10
N ILE A 474 -26.07 45.45 -34.78
CA ILE A 474 -25.43 44.72 -33.70
C ILE A 474 -24.04 44.28 -34.14
N SER A 475 -23.92 43.78 -35.36
CA SER A 475 -22.64 43.33 -35.87
C SER A 475 -21.62 44.47 -35.84
N GLN A 476 -22.06 45.67 -36.19
CA GLN A 476 -21.16 46.81 -36.18
C GLN A 476 -20.74 47.19 -34.76
N GLN A 477 -21.69 47.21 -33.83
CA GLN A 477 -21.36 47.59 -32.46
C GLN A 477 -20.51 46.53 -31.78
N ILE A 478 -20.83 45.26 -32.04
CA ILE A 478 -20.08 44.18 -31.41
C ILE A 478 -18.67 44.14 -31.97
N ARG A 479 -18.52 44.44 -33.25
CA ARG A 479 -17.20 44.45 -33.85
C ARG A 479 -16.34 45.44 -33.09
N LEU A 480 -16.91 46.60 -32.76
CA LEU A 480 -16.18 47.61 -31.99
C LEU A 480 -15.87 47.12 -30.58
N GLU A 481 -16.82 46.43 -29.95
CA GLU A 481 -16.60 45.95 -28.58
C GLU A 481 -15.52 44.87 -28.55
N LEU A 482 -15.52 44.01 -29.56
CA LEU A 482 -14.53 42.95 -29.65
C LEU A 482 -13.16 43.55 -29.90
N LEU A 483 -13.11 44.61 -30.70
CA LEU A 483 -11.84 45.25 -31.03
C LEU A 483 -11.25 45.88 -29.78
N LYS A 484 -12.09 46.55 -28.99
CA LYS A 484 -11.63 47.16 -27.73
C LYS A 484 -11.16 46.10 -26.75
N TRP A 485 -11.86 44.97 -26.71
CA TRP A 485 -11.49 43.87 -25.85
C TRP A 485 -10.09 43.37 -26.19
N ILE A 486 -9.82 43.20 -27.48
CA ILE A 486 -8.50 42.79 -27.91
C ILE A 486 -7.46 43.83 -27.53
N GLU A 487 -7.76 45.11 -27.75
CA GLU A 487 -6.78 46.14 -27.41
C GLU A 487 -6.33 46.02 -25.97
N VAL A 488 -7.28 45.86 -25.06
CA VAL A 488 -6.95 45.78 -23.65
C VAL A 488 -6.13 44.55 -23.30
N LYS A 489 -6.54 43.39 -23.81
CA LYS A 489 -5.85 42.15 -23.47
C LYS A 489 -4.53 42.01 -24.21
N ALA A 490 -4.46 42.57 -25.41
CA ALA A 490 -3.25 42.54 -26.21
C ALA A 490 -2.15 43.36 -25.55
N LYS A 491 -2.52 44.54 -25.06
CA LYS A 491 -1.61 45.44 -24.38
C LYS A 491 -1.24 44.94 -23.00
N ALA A 492 -2.18 44.26 -22.34
CA ALA A 492 -1.92 43.73 -21.01
C ALA A 492 -1.09 42.46 -21.12
N LYS A 493 0.17 42.64 -21.52
CA LYS A 493 1.05 41.52 -21.75
C LYS A 493 1.62 41.03 -20.43
N LYS A 494 0.86 40.17 -19.76
CA LYS A 494 1.19 39.65 -18.45
C LYS A 494 0.77 38.20 -18.34
N LEU A 495 1.26 37.51 -17.31
CA LEU A 495 0.81 36.15 -17.08
C LEU A 495 -0.59 36.16 -16.47
N GLN A 496 -1.52 35.45 -17.10
CA GLN A 496 -2.90 35.44 -16.66
C GLN A 496 -3.69 34.28 -17.28
N ILE A 497 -4.94 34.12 -16.84
CA ILE A 497 -5.80 33.07 -17.37
C ILE A 497 -6.70 33.59 -18.48
N GLN A 498 -6.59 34.89 -18.74
CA GLN A 498 -7.34 35.56 -19.79
C GLN A 498 -6.57 35.25 -21.08
N PRO A 499 -7.01 35.69 -22.26
CA PRO A 499 -6.44 35.32 -23.53
C PRO A 499 -4.93 35.49 -23.54
N SER A 500 -4.21 34.40 -23.69
CA SER A 500 -2.76 34.42 -23.64
C SER A 500 -2.16 34.70 -25.01
N GLN A 501 -2.44 35.87 -25.55
CA GLN A 501 -1.93 36.32 -26.85
C GLN A 501 -2.43 35.46 -28.01
N LEU A 502 -2.03 34.20 -28.01
CA LEU A 502 -2.43 33.27 -29.06
C LEU A 502 -3.94 33.09 -29.10
N GLU A 503 -4.58 33.11 -27.93
CA GLU A 503 -6.03 32.96 -27.89
C GLU A 503 -6.71 34.13 -28.58
N LEU A 504 -6.12 35.32 -28.50
CA LEU A 504 -6.67 36.46 -29.19
C LEU A 504 -6.50 36.24 -30.68
N PHE A 505 -5.39 35.59 -31.04
CA PHE A 505 -5.13 35.28 -32.44
C PHE A 505 -6.15 34.26 -32.94
N TYR A 506 -6.48 33.28 -32.13
CA TYR A 506 -7.48 32.29 -32.51
C TYR A 506 -8.80 32.98 -32.84
N CYS A 507 -9.17 33.96 -32.02
CA CYS A 507 -10.37 34.72 -32.26
C CYS A 507 -10.30 35.47 -33.58
N LEU A 508 -9.17 36.12 -33.83
CA LEU A 508 -8.97 36.85 -35.08
C LEU A 508 -8.94 35.90 -36.27
N TYR A 509 -8.40 34.71 -36.06
CA TYR A 509 -8.33 33.69 -37.09
C TYR A 509 -9.72 33.36 -37.60
N GLU A 510 -10.67 33.16 -36.69
CA GLU A 510 -12.04 32.88 -37.12
C GLU A 510 -12.63 34.05 -37.90
N MET A 511 -12.35 35.28 -37.45
CA MET A 511 -12.82 36.45 -38.18
C MET A 511 -11.84 36.81 -39.28
N GLN A 512 -11.81 36.05 -40.37
CA GLN A 512 -10.81 36.32 -41.40
C GLN A 512 -11.20 37.51 -42.26
N GLU A 513 -11.16 38.69 -41.64
CA GLU A 513 -11.44 39.95 -42.30
C GLU A 513 -10.23 40.84 -42.15
N GLU A 514 -9.57 41.16 -43.24
CA GLU A 514 -8.34 41.93 -43.16
C GLU A 514 -8.55 43.29 -42.52
N ASP A 515 -9.66 43.93 -42.87
CA ASP A 515 -9.94 45.26 -42.33
C ASP A 515 -10.02 45.27 -40.82
N PHE A 516 -10.53 44.19 -40.23
CA PHE A 516 -10.61 44.10 -38.78
C PHE A 516 -9.33 43.60 -38.17
N VAL A 517 -8.81 42.50 -38.72
CA VAL A 517 -7.66 41.84 -38.14
C VAL A 517 -6.44 42.74 -38.20
N GLN A 518 -6.25 43.42 -39.30
CA GLN A 518 -5.09 44.30 -39.43
C GLN A 518 -5.17 45.44 -38.41
N ARG A 519 -6.37 45.85 -38.04
CA ARG A 519 -6.51 46.87 -37.01
C ARG A 519 -6.31 46.26 -35.62
N ALA A 520 -6.91 45.11 -35.39
CA ALA A 520 -6.82 44.47 -34.09
C ALA A 520 -5.38 44.09 -33.78
N MET A 521 -4.64 43.70 -34.81
CA MET A 521 -3.26 43.29 -34.64
C MET A 521 -2.33 44.45 -34.33
N ASP A 522 -2.80 45.68 -34.45
CA ASP A 522 -1.94 46.82 -34.19
C ASP A 522 -1.85 47.08 -32.69
N TYR A 523 -2.49 46.22 -31.91
CA TYR A 523 -2.43 46.32 -30.46
C TYR A 523 -1.45 45.30 -29.91
N PHE A 524 -0.66 44.70 -30.80
CA PHE A 524 0.32 43.68 -30.40
C PHE A 524 1.75 44.04 -30.83
N PRO A 525 2.36 45.07 -30.25
CA PRO A 525 3.71 45.51 -30.53
C PRO A 525 4.73 44.45 -30.15
N LYS A 526 4.37 43.61 -29.19
CA LYS A 526 5.23 42.52 -28.76
C LYS A 526 4.41 41.27 -28.59
N ILE A 527 4.77 40.23 -29.32
CA ILE A 527 4.00 38.99 -29.29
C ILE A 527 4.78 37.85 -28.68
N GLU A 528 4.30 37.34 -27.56
CA GLU A 528 4.92 36.18 -26.94
C GLU A 528 3.94 35.03 -26.89
N ILE A 529 4.18 34.01 -27.71
CA ILE A 529 3.26 32.90 -27.81
C ILE A 529 3.96 31.55 -27.77
N ASN A 530 3.24 30.54 -27.31
CA ASN A 530 3.74 29.17 -27.33
C ASN A 530 3.00 28.39 -28.41
N LEU A 531 3.70 27.47 -29.06
CA LEU A 531 3.09 26.71 -30.15
C LEU A 531 3.15 25.21 -29.87
N SER A 532 1.98 24.58 -29.80
CA SER A 532 1.91 23.15 -29.47
C SER A 532 1.41 22.31 -30.64
N THR A 533 0.60 22.91 -31.51
CA THR A 533 0.01 22.16 -32.61
C THR A 533 -0.02 22.90 -33.93
N ARG A 534 -0.57 22.23 -34.95
CA ARG A 534 -0.63 22.78 -36.30
C ARG A 534 -1.46 24.04 -36.37
N MET A 535 -2.58 24.06 -35.65
CA MET A 535 -3.45 25.23 -35.68
C MET A 535 -2.79 26.42 -35.03
N ASP A 536 -1.95 26.17 -34.03
CA ASP A 536 -1.26 27.26 -33.37
C ASP A 536 -0.40 27.98 -34.40
N HIS A 537 0.18 27.21 -35.30
CA HIS A 537 1.01 27.78 -36.35
C HIS A 537 0.15 28.48 -37.42
N MET A 538 -0.95 27.86 -37.80
CA MET A 538 -1.83 28.45 -38.81
C MET A 538 -2.42 29.76 -38.31
N VAL A 539 -2.79 29.78 -37.04
CA VAL A 539 -3.36 30.94 -36.39
C VAL A 539 -2.33 32.05 -36.22
N SER A 540 -1.15 31.68 -35.75
CA SER A 540 -0.09 32.65 -35.55
C SER A 540 0.34 33.22 -36.89
N SER A 541 0.46 32.35 -37.88
CA SER A 541 0.87 32.77 -39.21
C SER A 541 -0.09 33.81 -39.77
N PHE A 542 -1.37 33.52 -39.72
CA PHE A 542 -2.39 34.44 -40.20
C PHE A 542 -2.33 35.80 -39.51
N CYS A 543 -2.31 35.77 -38.19
CA CYS A 543 -2.35 37.01 -37.43
C CYS A 543 -1.08 37.82 -37.58
N ILE A 544 0.07 37.16 -37.55
CA ILE A 544 1.33 37.88 -37.68
C ILE A 544 1.46 38.47 -39.07
N GLU A 545 1.07 37.72 -40.10
CA GLU A 545 1.14 38.21 -41.46
C GLU A 545 0.35 39.51 -41.62
N ASN A 546 -0.78 39.60 -40.94
CA ASN A 546 -1.64 40.78 -41.03
C ASN A 546 -1.34 41.81 -39.95
N CYS A 547 -0.25 41.64 -39.23
CA CYS A 547 0.14 42.60 -38.21
C CYS A 547 1.19 43.55 -38.77
N HIS A 548 0.86 44.84 -38.79
CA HIS A 548 1.77 45.81 -39.35
C HIS A 548 2.51 46.59 -38.27
N ARG A 549 2.31 46.20 -37.02
CA ARG A 549 2.93 46.90 -35.91
C ARG A 549 3.58 46.00 -34.89
N VAL A 550 4.02 44.81 -35.29
CA VAL A 550 4.74 43.94 -34.36
C VAL A 550 6.21 44.20 -34.48
N GLU A 551 6.85 44.56 -33.38
CA GLU A 551 8.25 44.89 -33.38
C GLU A 551 9.09 43.76 -32.81
N SER A 552 8.52 43.02 -31.87
CA SER A 552 9.22 41.92 -31.24
C SER A 552 8.36 40.67 -31.14
N LEU A 553 8.94 39.53 -31.47
CA LEU A 553 8.23 38.26 -31.44
C LEU A 553 9.02 37.18 -30.72
N SER A 554 8.36 36.43 -29.86
CA SER A 554 8.95 35.29 -29.19
C SER A 554 8.13 34.03 -29.43
N LEU A 555 8.77 33.01 -30.00
CA LEU A 555 8.06 31.78 -30.32
C LEU A 555 8.48 30.60 -29.46
N GLY A 556 7.62 30.24 -28.52
CA GLY A 556 7.89 29.16 -27.60
C GLY A 556 7.47 27.82 -28.18
N PHE A 557 8.24 27.31 -29.14
CA PHE A 557 7.88 26.03 -29.72
C PHE A 557 7.91 24.96 -28.63
N LEU A 558 6.87 24.15 -28.57
CA LEU A 558 6.79 23.10 -27.55
C LEU A 558 6.98 21.72 -28.16
N HIS A 559 6.08 20.79 -27.82
CA HIS A 559 6.24 19.40 -28.23
C HIS A 559 5.82 19.17 -29.68
N ASN A 560 6.59 19.72 -30.61
CA ASN A 560 6.33 19.63 -32.05
C ASN A 560 7.12 18.49 -32.68
N LEU A 599 11.13 20.21 -32.43
CA LEU A 599 10.52 20.69 -33.66
C LEU A 599 11.10 19.97 -34.87
N THR A 600 12.42 20.13 -35.08
CA THR A 600 13.23 19.49 -36.12
C THR A 600 12.48 19.08 -37.39
N SER A 601 11.72 20.02 -37.96
CA SER A 601 10.90 19.73 -39.12
C SER A 601 10.46 20.97 -39.88
N SER A 602 9.88 20.74 -41.05
CA SER A 602 9.30 21.79 -41.90
C SER A 602 7.91 22.18 -41.44
N PHE A 603 7.48 21.54 -40.36
CA PHE A 603 6.16 21.74 -39.75
C PHE A 603 5.84 23.23 -39.59
N CYS A 604 6.83 24.00 -39.15
CA CYS A 604 6.65 25.42 -38.88
C CYS A 604 7.06 26.31 -40.05
N ARG A 605 7.39 25.72 -41.19
CA ARG A 605 7.87 26.49 -42.32
C ARG A 605 6.92 27.62 -42.68
N GLY A 606 5.62 27.35 -42.56
CA GLY A 606 4.60 28.33 -42.91
C GLY A 606 4.60 29.53 -42.00
N LEU A 607 5.23 29.41 -40.83
CA LEU A 607 5.30 30.53 -39.91
C LEU A 607 6.55 31.35 -40.17
N PHE A 608 7.67 30.68 -40.37
CA PHE A 608 8.93 31.38 -40.58
C PHE A 608 8.91 32.14 -41.90
N SER A 609 8.19 31.62 -42.88
CA SER A 609 8.08 32.27 -44.18
C SER A 609 7.28 33.56 -44.09
N VAL A 610 6.56 33.74 -42.99
CA VAL A 610 5.77 34.94 -42.75
C VAL A 610 6.60 35.98 -42.04
N LEU A 611 7.42 35.54 -41.10
CA LEU A 611 8.22 36.45 -40.33
C LEU A 611 9.17 37.20 -41.24
N SER A 612 9.67 36.50 -42.25
CA SER A 612 10.61 37.06 -43.19
C SER A 612 9.98 38.07 -44.14
N THR A 613 8.66 38.20 -44.11
CA THR A 613 8.00 39.16 -44.98
C THR A 613 7.44 40.34 -44.19
N SER A 614 7.63 40.32 -42.87
CA SER A 614 7.12 41.40 -42.04
C SER A 614 8.00 42.61 -42.19
N GLN A 615 7.38 43.78 -42.28
CA GLN A 615 8.15 45.00 -42.42
C GLN A 615 8.30 45.73 -41.11
N SER A 616 7.71 45.16 -40.05
CA SER A 616 7.79 45.78 -38.74
C SER A 616 8.56 44.92 -37.75
N LEU A 617 8.58 43.61 -37.96
CA LEU A 617 9.25 42.75 -37.01
C LEU A 617 10.74 42.97 -37.07
N THR A 618 11.33 43.34 -35.94
CA THR A 618 12.74 43.62 -35.89
C THR A 618 13.48 42.68 -34.97
N GLU A 619 12.86 42.29 -33.86
CA GLU A 619 13.50 41.41 -32.91
C GLU A 619 12.79 40.07 -32.79
N LEU A 620 13.51 38.99 -33.04
CA LEU A 620 12.93 37.65 -32.98
C LEU A 620 13.65 36.77 -31.96
N ASP A 621 12.92 36.27 -30.98
CA ASP A 621 13.51 35.45 -29.92
C ASP A 621 13.04 34.02 -29.97
N LEU A 622 13.94 33.12 -30.33
CA LEU A 622 13.60 31.70 -30.44
C LEU A 622 14.38 30.87 -29.44
N SER A 623 14.71 31.48 -28.30
CA SER A 623 15.50 30.81 -27.28
C SER A 623 14.71 29.75 -26.50
N ASP A 624 15.44 28.84 -25.89
CA ASP A 624 14.92 27.86 -24.96
C ASP A 624 13.76 27.02 -25.50
N ASN A 625 13.89 26.56 -26.74
CA ASN A 625 12.91 25.65 -27.33
C ASN A 625 13.62 24.70 -28.25
N SER A 626 12.96 23.63 -28.69
CA SER A 626 13.64 22.61 -29.47
C SER A 626 13.78 22.97 -30.95
N LEU A 627 14.45 24.08 -31.23
CA LEU A 627 14.73 24.50 -32.59
C LEU A 627 16.03 23.89 -33.03
N GLY A 628 16.04 22.57 -33.14
CA GLY A 628 17.27 21.85 -33.46
C GLY A 628 17.72 22.17 -34.87
N ASP A 629 18.89 21.67 -35.26
CA ASP A 629 19.49 22.00 -36.55
C ASP A 629 18.54 21.89 -37.75
N PRO A 630 17.70 20.84 -37.86
CA PRO A 630 16.74 20.64 -38.94
C PRO A 630 15.66 21.72 -38.95
N GLY A 631 15.48 22.40 -37.83
CA GLY A 631 14.49 23.46 -37.72
C GLY A 631 15.13 24.79 -38.06
N MET A 632 16.37 24.95 -37.63
CA MET A 632 17.12 26.17 -37.89
C MET A 632 17.36 26.32 -39.37
N ARG A 633 17.52 25.20 -40.07
CA ARG A 633 17.71 25.24 -41.51
C ARG A 633 16.54 25.95 -42.18
N VAL A 634 15.33 25.66 -41.71
CA VAL A 634 14.14 26.23 -42.30
C VAL A 634 14.11 27.72 -42.08
N LEU A 635 14.41 28.13 -40.85
CA LEU A 635 14.44 29.53 -40.52
C LEU A 635 15.48 30.26 -41.34
N CYS A 636 16.66 29.67 -41.46
CA CYS A 636 17.74 30.30 -42.20
C CYS A 636 17.40 30.48 -43.67
N GLU A 637 16.59 29.59 -44.22
CA GLU A 637 16.15 29.77 -45.60
C GLU A 637 15.28 31.00 -45.74
N THR A 638 14.45 31.27 -44.71
CA THR A 638 13.54 32.40 -44.75
C THR A 638 14.21 33.71 -44.33
N LEU A 639 15.28 33.63 -43.54
CA LEU A 639 15.99 34.83 -43.10
C LEU A 639 16.82 35.45 -44.22
N GLN A 640 16.87 34.78 -45.36
CA GLN A 640 17.60 35.29 -46.50
C GLN A 640 16.71 36.14 -47.41
N HIS A 641 15.44 36.24 -47.05
CA HIS A 641 14.50 37.03 -47.84
C HIS A 641 14.95 38.50 -47.82
N PRO A 642 14.97 39.18 -48.98
CA PRO A 642 15.30 40.58 -49.16
C PRO A 642 14.54 41.53 -48.22
N GLY A 643 13.33 41.15 -47.84
CA GLY A 643 12.50 41.99 -47.00
C GLY A 643 12.43 41.51 -45.55
N CYS A 644 13.38 40.69 -45.13
CA CYS A 644 13.36 40.10 -43.79
C CYS A 644 13.22 41.13 -42.67
N ASN A 645 14.11 42.12 -42.65
CA ASN A 645 14.09 43.21 -41.66
C ASN A 645 14.29 42.80 -40.21
N ILE A 646 14.67 41.56 -39.95
CA ILE A 646 14.97 41.19 -38.58
C ILE A 646 16.37 41.62 -38.26
N ARG A 647 16.51 42.41 -37.19
CA ARG A 647 17.80 42.97 -36.83
C ARG A 647 18.40 42.26 -35.62
N ARG A 648 17.56 41.73 -34.75
CA ARG A 648 18.06 41.02 -33.58
C ARG A 648 17.47 39.62 -33.55
N LEU A 649 18.34 38.62 -33.51
CA LEU A 649 17.91 37.23 -33.48
C LEU A 649 18.52 36.49 -32.30
N TRP A 650 17.67 35.98 -31.42
CA TRP A 650 18.14 35.28 -30.25
C TRP A 650 17.96 33.78 -30.40
N LEU A 651 19.06 33.04 -30.27
CA LEU A 651 19.03 31.58 -30.39
C LEU A 651 19.77 30.95 -29.23
N GLY A 652 19.22 31.06 -28.02
CA GLY A 652 19.89 30.58 -26.82
C GLY A 652 19.86 29.06 -26.76
N ARG A 653 19.26 28.49 -25.72
CA ARG A 653 19.26 27.03 -25.58
C ARG A 653 18.34 26.39 -26.61
N CYS A 654 18.75 26.43 -27.86
CA CYS A 654 17.96 25.92 -28.96
C CYS A 654 18.34 24.49 -29.36
N GLY A 655 19.40 23.98 -28.76
CA GLY A 655 19.85 22.64 -29.08
C GLY A 655 20.53 22.58 -30.43
N LEU A 656 21.16 23.69 -30.82
CA LEU A 656 21.83 23.76 -32.12
C LEU A 656 23.22 23.18 -32.02
N SER A 657 23.70 22.64 -33.12
CA SER A 657 25.06 22.15 -33.19
C SER A 657 25.77 22.75 -34.39
N HIS A 658 26.93 22.22 -34.70
CA HIS A 658 27.76 22.76 -35.77
C HIS A 658 27.04 22.84 -37.10
N GLU A 659 26.05 21.98 -37.30
CA GLU A 659 25.38 21.91 -38.58
C GLU A 659 24.65 23.21 -38.91
N CYS A 660 24.14 23.87 -37.88
CA CYS A 660 23.34 25.06 -38.12
C CYS A 660 24.19 26.23 -38.56
N CYS A 661 25.49 26.17 -38.28
CA CYS A 661 26.36 27.29 -38.57
C CYS A 661 26.57 27.44 -40.06
N PHE A 662 26.31 26.37 -40.80
CA PHE A 662 26.40 26.45 -42.23
C PHE A 662 25.31 27.36 -42.75
N ASP A 663 24.12 27.21 -42.18
CA ASP A 663 22.98 27.97 -42.64
C ASP A 663 22.99 29.37 -42.07
N ILE A 664 23.53 29.52 -40.87
CA ILE A 664 23.68 30.84 -40.27
C ILE A 664 24.65 31.66 -41.09
N SER A 665 25.72 31.03 -41.55
CA SER A 665 26.69 31.70 -42.40
C SER A 665 26.02 32.21 -43.66
N LEU A 666 25.18 31.38 -44.27
CA LEU A 666 24.48 31.77 -45.48
C LEU A 666 23.59 32.97 -45.22
N VAL A 667 22.97 33.02 -44.04
CA VAL A 667 22.15 34.18 -43.68
C VAL A 667 23.02 35.42 -43.52
N LEU A 668 24.13 35.29 -42.80
CA LEU A 668 24.99 36.44 -42.56
C LEU A 668 25.55 37.02 -43.85
N SER A 669 25.80 36.15 -44.82
CA SER A 669 26.36 36.58 -46.09
C SER A 669 25.38 37.28 -47.03
N SER A 670 24.09 37.26 -46.70
CA SER A 670 23.10 37.88 -47.60
C SER A 670 22.17 38.85 -46.86
N ASN A 671 21.93 38.59 -45.58
CA ASN A 671 21.05 39.42 -44.78
C ASN A 671 21.82 40.59 -44.21
N GLN A 672 21.56 41.78 -44.75
CA GLN A 672 22.32 42.97 -44.40
C GLN A 672 21.66 43.75 -43.27
N LYS A 673 20.59 43.20 -42.70
CA LYS A 673 19.87 43.88 -41.64
C LYS A 673 20.25 43.35 -40.27
N LEU A 674 20.51 42.05 -40.18
CA LEU A 674 20.82 41.44 -38.91
C LEU A 674 22.04 42.08 -38.26
N VAL A 675 21.89 42.54 -37.02
CA VAL A 675 22.99 43.14 -36.28
C VAL A 675 23.34 42.35 -35.03
N GLU A 676 22.35 41.72 -34.39
CA GLU A 676 22.64 40.96 -33.19
C GLU A 676 22.26 39.51 -33.33
N LEU A 677 23.23 38.64 -33.09
CA LEU A 677 22.99 37.21 -33.18
C LEU A 677 23.47 36.50 -31.92
N ASP A 678 22.54 35.97 -31.15
CA ASP A 678 22.90 35.28 -29.92
C ASP A 678 22.88 33.78 -30.08
N LEU A 679 24.05 33.16 -30.11
CA LEU A 679 24.18 31.74 -30.31
C LEU A 679 24.63 31.03 -29.05
N SER A 680 24.43 31.67 -27.91
CA SER A 680 24.90 31.12 -26.65
C SER A 680 24.14 29.89 -26.22
N ASP A 681 24.74 29.13 -25.32
CA ASP A 681 24.15 27.93 -24.75
C ASP A 681 23.72 26.90 -25.78
N ASN A 682 24.57 26.68 -26.78
CA ASN A 682 24.35 25.65 -27.78
C ASN A 682 25.54 24.70 -27.78
N ALA A 683 25.73 23.94 -28.86
CA ALA A 683 26.84 23.03 -28.96
C ALA A 683 27.65 23.34 -30.21
N LEU A 684 27.75 24.62 -30.52
CA LEU A 684 28.44 25.06 -31.72
C LEU A 684 29.93 25.02 -31.48
N GLY A 685 30.49 23.82 -31.50
CA GLY A 685 31.88 23.63 -31.15
C GLY A 685 32.79 24.29 -32.17
N ASP A 686 34.08 24.06 -32.03
CA ASP A 686 35.08 24.73 -32.85
C ASP A 686 34.77 24.64 -34.33
N PHE A 687 34.27 23.51 -34.79
CA PHE A 687 33.94 23.39 -36.19
C PHE A 687 32.79 24.31 -36.55
N GLY A 688 31.81 24.41 -35.65
CA GLY A 688 30.65 25.24 -35.92
C GLY A 688 31.11 26.67 -36.14
N ILE A 689 32.07 27.10 -35.32
CA ILE A 689 32.62 28.43 -35.45
C ILE A 689 33.38 28.59 -36.74
N ARG A 690 34.16 27.58 -37.11
CA ARG A 690 34.88 27.62 -38.36
C ARG A 690 33.94 27.90 -39.52
N LEU A 691 32.76 27.27 -39.49
CA LEU A 691 31.75 27.52 -40.52
C LEU A 691 31.11 28.89 -40.36
N LEU A 692 30.82 29.27 -39.12
CA LEU A 692 30.15 30.53 -38.85
C LEU A 692 30.99 31.69 -39.36
N CYS A 693 32.30 31.59 -39.16
CA CYS A 693 33.24 32.64 -39.52
C CYS A 693 33.27 32.88 -41.02
N VAL A 694 32.73 31.97 -41.79
CA VAL A 694 32.67 32.15 -43.22
C VAL A 694 31.75 33.31 -43.55
N GLY A 695 30.65 33.41 -42.81
CA GLY A 695 29.70 34.48 -43.01
C GLY A 695 30.19 35.76 -42.35
N LEU A 696 30.81 35.62 -41.18
CA LEU A 696 31.24 36.78 -40.41
C LEU A 696 32.32 37.56 -41.15
N LYS A 697 33.14 36.86 -41.91
CA LYS A 697 34.21 37.50 -42.69
C LYS A 697 33.72 37.99 -44.05
N HIS A 698 32.46 37.73 -44.37
CA HIS A 698 31.93 38.05 -45.67
C HIS A 698 31.52 39.51 -45.79
N LEU A 699 31.76 40.10 -46.96
CA LEU A 699 31.31 41.45 -47.21
C LEU A 699 29.80 41.47 -47.15
N LEU A 700 29.25 42.61 -46.75
CA LEU A 700 27.80 42.78 -46.58
C LEU A 700 27.29 42.11 -45.30
N CYS A 701 28.21 41.55 -44.50
CA CYS A 701 27.80 41.06 -43.20
C CYS A 701 27.92 42.18 -42.19
N ASN A 702 26.79 42.65 -41.70
CA ASN A 702 26.77 43.84 -40.85
C ASN A 702 26.54 43.49 -39.39
N LEU A 703 26.82 42.25 -39.02
CA LEU A 703 26.62 41.82 -37.64
C LEU A 703 27.46 42.67 -36.70
N LYS A 704 26.85 43.17 -35.63
CA LYS A 704 27.53 44.00 -34.65
C LYS A 704 27.74 43.28 -33.34
N LYS A 705 26.75 42.49 -32.92
CA LYS A 705 26.83 41.79 -31.66
C LYS A 705 26.74 40.29 -31.86
N LEU A 706 27.72 39.57 -31.34
CA LEU A 706 27.74 38.13 -31.47
C LEU A 706 27.99 37.46 -30.12
N TRP A 707 27.08 36.59 -29.72
CA TRP A 707 27.24 35.89 -28.46
C TRP A 707 27.56 34.42 -28.69
N LEU A 708 28.75 34.01 -28.27
CA LEU A 708 29.20 32.64 -28.41
C LEU A 708 29.45 32.04 -27.05
N VAL A 709 28.72 32.53 -26.06
CA VAL A 709 28.86 32.11 -24.69
C VAL A 709 28.38 30.68 -24.50
N SER A 710 29.17 29.88 -23.77
CA SER A 710 28.82 28.49 -23.51
C SER A 710 28.56 27.70 -24.79
N CYS A 711 29.47 27.77 -25.75
CA CYS A 711 29.30 27.06 -27.01
C CYS A 711 30.29 25.92 -27.19
N CYS A 712 30.80 25.40 -26.08
CA CYS A 712 31.71 24.28 -26.14
C CYS A 712 32.91 24.57 -27.04
N LEU A 713 33.49 25.75 -26.89
CA LEU A 713 34.62 26.13 -27.72
C LEU A 713 35.94 25.91 -27.02
N THR A 714 36.99 25.67 -27.81
CA THR A 714 38.35 25.61 -27.28
C THR A 714 39.22 26.59 -28.04
N SER A 715 40.48 26.68 -27.65
CA SER A 715 41.39 27.63 -28.25
C SER A 715 41.54 27.42 -29.75
N ALA A 716 41.19 26.23 -30.22
CA ALA A 716 41.30 25.90 -31.63
C ALA A 716 40.46 26.83 -32.51
N CYS A 717 39.35 27.34 -31.98
CA CYS A 717 38.45 28.17 -32.76
C CYS A 717 38.90 29.62 -32.79
N CYS A 718 39.85 29.98 -31.92
CA CYS A 718 40.25 31.37 -31.81
C CYS A 718 40.98 31.81 -33.05
N GLN A 719 41.49 30.84 -33.78
CA GLN A 719 42.21 31.13 -35.01
C GLN A 719 41.27 31.73 -36.04
N ASP A 720 40.00 31.31 -36.01
CA ASP A 720 39.04 31.81 -36.97
C ASP A 720 38.36 33.06 -36.46
N LEU A 721 38.10 33.13 -35.16
CA LEU A 721 37.48 34.31 -34.58
C LEU A 721 38.42 35.50 -34.67
N ALA A 722 39.72 35.23 -34.53
CA ALA A 722 40.71 36.28 -34.61
C ALA A 722 40.68 36.92 -35.99
N SER A 723 40.45 36.12 -37.02
CA SER A 723 40.39 36.62 -38.39
C SER A 723 39.16 37.48 -38.57
N VAL A 724 38.06 37.09 -37.93
CA VAL A 724 36.84 37.88 -38.00
C VAL A 724 37.07 39.25 -37.38
N LEU A 725 37.71 39.28 -36.22
CA LEU A 725 37.97 40.55 -35.57
C LEU A 725 38.83 41.45 -36.43
N SER A 726 39.83 40.86 -37.09
CA SER A 726 40.72 41.62 -37.95
C SER A 726 40.01 42.23 -39.16
N THR A 727 39.20 41.42 -39.84
CA THR A 727 38.59 41.84 -41.10
C THR A 727 37.23 42.51 -40.97
N SER A 728 36.42 42.12 -39.99
CA SER A 728 35.05 42.60 -39.91
C SER A 728 34.99 44.10 -39.69
N HIS A 729 34.14 44.76 -40.47
CA HIS A 729 33.94 46.19 -40.38
C HIS A 729 32.85 46.55 -39.38
N SER A 730 32.09 45.56 -38.95
CA SER A 730 30.92 45.84 -38.12
C SER A 730 30.91 45.17 -36.77
N LEU A 731 31.68 44.11 -36.58
CA LEU A 731 31.58 43.38 -35.32
C LEU A 731 32.28 44.15 -34.20
N THR A 732 31.51 44.56 -33.20
CA THR A 732 32.06 45.33 -32.09
C THR A 732 31.89 44.61 -30.76
N ARG A 733 30.90 43.76 -30.68
CA ARG A 733 30.58 43.06 -29.43
C ARG A 733 30.79 41.57 -29.52
N LEU A 734 31.89 41.07 -28.98
CA LEU A 734 32.17 39.65 -29.05
C LEU A 734 32.18 39.01 -27.67
N TYR A 735 31.19 38.19 -27.39
CA TYR A 735 31.10 37.54 -26.09
C TYR A 735 31.41 36.06 -26.21
N VAL A 736 32.55 35.63 -25.68
CA VAL A 736 33.00 34.25 -25.84
C VAL A 736 33.32 33.57 -24.53
N GLY A 737 32.73 34.04 -23.45
CA GLY A 737 33.01 33.46 -22.14
C GLY A 737 32.31 32.12 -21.97
N GLU A 738 32.52 31.50 -20.82
CA GLU A 738 31.98 30.18 -20.54
C GLU A 738 32.43 29.15 -21.58
N ASN A 739 33.68 29.25 -21.98
CA ASN A 739 34.28 28.33 -22.96
C ASN A 739 35.66 27.93 -22.48
N ALA A 740 36.35 27.10 -23.24
CA ALA A 740 37.69 26.66 -22.86
C ALA A 740 38.74 27.45 -23.61
N LEU A 741 38.47 28.73 -23.82
CA LEU A 741 39.42 29.58 -24.53
C LEU A 741 40.46 30.06 -23.57
N GLY A 742 41.36 29.15 -23.19
CA GLY A 742 42.34 29.45 -22.15
C GLY A 742 43.38 30.44 -22.65
N ASP A 743 44.50 30.51 -21.98
CA ASP A 743 45.49 31.52 -22.31
C ASP A 743 46.00 31.40 -23.74
N SER A 744 46.01 30.17 -24.26
CA SER A 744 46.44 29.95 -25.64
C SER A 744 45.40 30.42 -26.64
N GLY A 745 44.16 30.60 -26.17
CA GLY A 745 43.06 31.06 -27.01
C GLY A 745 43.05 32.57 -27.06
N VAL A 746 43.18 33.18 -25.89
CA VAL A 746 43.18 34.63 -25.80
C VAL A 746 44.37 35.22 -26.53
N ALA A 747 45.53 34.59 -26.40
CA ALA A 747 46.71 35.07 -27.10
C ALA A 747 46.45 35.16 -28.60
N ILE A 748 45.68 34.21 -29.14
CA ILE A 748 45.36 34.21 -30.56
C ILE A 748 44.44 35.37 -30.89
N LEU A 749 43.39 35.55 -30.10
CA LEU A 749 42.46 36.63 -30.35
C LEU A 749 43.15 37.97 -30.21
N CYS A 750 44.03 38.08 -29.22
CA CYS A 750 44.75 39.33 -28.95
C CYS A 750 45.66 39.70 -30.09
N GLU A 751 46.23 38.70 -30.75
CA GLU A 751 47.12 38.95 -31.87
C GLU A 751 46.44 39.82 -32.93
N LYS A 752 45.13 39.69 -33.06
CA LYS A 752 44.40 40.47 -34.05
C LYS A 752 43.62 41.61 -33.39
N ALA A 753 43.16 41.39 -32.16
CA ALA A 753 42.38 42.40 -31.45
C ALA A 753 43.24 43.59 -31.10
N LYS A 754 44.55 43.39 -31.02
CA LYS A 754 45.47 44.47 -30.72
C LYS A 754 45.63 45.41 -31.91
N ASN A 755 45.18 44.99 -33.08
CA ASN A 755 45.30 45.81 -34.27
C ASN A 755 44.47 47.07 -34.08
N PRO A 756 45.05 48.27 -34.21
CA PRO A 756 44.43 49.55 -33.96
C PRO A 756 43.25 49.82 -34.88
N GLN A 757 43.15 49.03 -35.95
CA GLN A 757 42.06 49.20 -36.91
C GLN A 757 40.91 48.24 -36.63
N CYS A 758 41.06 47.43 -35.58
CA CYS A 758 40.02 46.48 -35.21
C CYS A 758 38.84 47.22 -34.60
N ASN A 759 37.63 46.77 -34.91
CA ASN A 759 36.42 47.45 -34.47
C ASN A 759 35.85 46.90 -33.16
N LEU A 760 36.59 46.02 -32.53
CA LEU A 760 36.13 45.42 -31.28
C LEU A 760 35.97 46.46 -30.18
N GLN A 761 34.80 46.49 -29.56
CA GLN A 761 34.51 47.43 -28.48
C GLN A 761 34.27 46.74 -27.15
N LYS A 762 33.60 45.59 -27.19
CA LYS A 762 33.34 44.84 -25.97
C LYS A 762 33.85 43.43 -26.10
N LEU A 763 34.71 43.01 -25.19
CA LEU A 763 35.27 41.67 -25.25
C LEU A 763 34.90 40.83 -24.02
N GLY A 764 33.99 39.88 -24.23
CA GLY A 764 33.42 39.09 -23.14
C GLY A 764 34.20 37.82 -22.80
N LEU A 765 35.48 37.97 -22.49
CA LEU A 765 36.29 36.82 -22.09
C LEU A 765 36.08 36.50 -20.64
N VAL A 766 34.87 36.03 -20.32
CA VAL A 766 34.47 35.87 -18.94
C VAL A 766 35.00 34.57 -18.35
N ASN A 767 34.18 33.55 -18.29
CA ASN A 767 34.63 32.30 -17.68
C ASN A 767 35.40 31.45 -18.66
N SER A 768 36.55 31.97 -19.09
CA SER A 768 37.38 31.30 -20.08
C SER A 768 38.53 30.51 -19.46
N GLY A 769 38.62 30.55 -18.14
CA GLY A 769 39.68 29.83 -17.45
C GLY A 769 41.04 30.46 -17.69
N LEU A 770 41.07 31.78 -17.77
CA LEU A 770 42.32 32.48 -18.07
C LEU A 770 43.18 32.61 -16.84
N THR A 771 44.48 32.67 -17.08
CA THR A 771 45.45 32.88 -16.02
C THR A 771 46.27 34.12 -16.37
N SER A 772 47.20 34.47 -15.48
CA SER A 772 48.04 35.64 -15.69
C SER A 772 48.86 35.52 -16.96
N VAL A 773 48.97 34.31 -17.49
CA VAL A 773 49.75 34.04 -18.68
C VAL A 773 49.29 34.88 -19.87
N CYS A 774 47.99 35.08 -20.00
CA CYS A 774 47.47 35.82 -21.16
C CYS A 774 47.22 37.28 -20.85
N CYS A 775 47.52 37.72 -19.63
CA CYS A 775 47.23 39.11 -19.31
C CYS A 775 48.18 40.05 -20.01
N SER A 776 49.35 39.55 -20.38
CA SER A 776 50.28 40.36 -21.15
C SER A 776 49.74 40.55 -22.56
N ALA A 777 48.94 39.59 -23.02
CA ALA A 777 48.32 39.68 -24.34
C ALA A 777 47.17 40.67 -24.28
N LEU A 778 46.40 40.60 -23.19
CA LEU A 778 45.29 41.52 -23.00
C LEU A 778 45.83 42.93 -22.82
N SER A 779 46.97 43.04 -22.14
CA SER A 779 47.61 44.33 -21.94
C SER A 779 47.97 44.96 -23.28
N SER A 780 48.54 44.15 -24.16
CA SER A 780 48.90 44.63 -25.49
C SER A 780 47.68 45.18 -26.22
N VAL A 781 46.57 44.46 -26.12
CA VAL A 781 45.35 44.90 -26.78
C VAL A 781 44.87 46.23 -26.20
N LEU A 782 44.86 46.33 -24.89
CA LEU A 782 44.40 47.54 -24.22
C LEU A 782 45.26 48.75 -24.60
N SER A 783 46.56 48.55 -24.72
CA SER A 783 47.48 49.62 -25.07
C SER A 783 47.32 50.12 -26.50
N THR A 784 46.99 49.22 -27.42
CA THR A 784 46.97 49.58 -28.83
C THR A 784 45.57 49.80 -29.41
N ASN A 785 44.62 48.96 -29.02
CA ASN A 785 43.28 49.05 -29.58
C ASN A 785 42.46 50.10 -28.84
N GLN A 786 42.32 51.27 -29.46
CA GLN A 786 41.67 52.41 -28.82
C GLN A 786 40.16 52.32 -28.93
N ASN A 787 39.68 51.27 -29.58
CA ASN A 787 38.25 51.10 -29.74
C ASN A 787 37.68 50.18 -28.68
N LEU A 788 38.53 49.60 -27.84
CA LEU A 788 38.06 48.66 -26.84
C LEU A 788 37.65 49.40 -25.59
N THR A 789 36.36 49.34 -25.26
CA THR A 789 35.84 50.11 -24.15
C THR A 789 35.36 49.26 -22.98
N HIS A 790 35.05 47.99 -23.23
CA HIS A 790 34.58 47.12 -22.17
C HIS A 790 35.27 45.76 -22.21
N LEU A 791 35.83 45.35 -21.08
CA LEU A 791 36.50 44.06 -20.98
C LEU A 791 36.02 43.30 -19.76
N TYR A 792 35.49 42.10 -19.98
CA TYR A 792 34.89 41.34 -18.88
C TYR A 792 35.67 40.07 -18.57
N LEU A 793 36.39 40.05 -17.45
CA LEU A 793 37.26 38.93 -17.14
C LEU A 793 36.85 38.08 -15.94
N ARG A 794 35.63 38.24 -15.46
CA ARG A 794 35.22 37.50 -14.27
C ARG A 794 35.10 36.02 -14.51
N GLY A 795 35.44 35.22 -13.51
CA GLY A 795 35.35 33.77 -13.61
C GLY A 795 36.73 33.17 -13.91
N ASN A 796 37.67 34.04 -14.26
CA ASN A 796 39.03 33.63 -14.54
C ASN A 796 39.81 33.50 -13.25
N THR A 797 41.07 33.12 -13.34
CA THR A 797 41.91 33.05 -12.15
C THR A 797 43.21 33.78 -12.43
N LEU A 798 43.16 35.10 -12.39
CA LEU A 798 44.25 35.92 -12.85
C LEU A 798 45.20 36.24 -11.72
N GLY A 799 44.64 36.42 -10.52
CA GLY A 799 45.44 36.70 -9.34
C GLY A 799 46.07 38.08 -9.43
N ASP A 800 47.06 38.33 -8.58
CA ASP A 800 47.72 39.61 -8.55
C ASP A 800 48.66 39.76 -9.72
N LYS A 801 49.21 38.65 -10.19
CA LYS A 801 50.12 38.70 -11.32
C LYS A 801 49.38 39.19 -12.56
N GLY A 802 48.17 38.70 -12.75
CA GLY A 802 47.36 39.12 -13.88
C GLY A 802 47.04 40.60 -13.80
N ILE A 803 46.69 41.07 -12.62
CA ILE A 803 46.37 42.48 -12.45
C ILE A 803 47.56 43.35 -12.78
N LYS A 804 48.75 42.96 -12.33
CA LYS A 804 49.93 43.75 -12.61
C LYS A 804 50.15 43.87 -14.11
N LEU A 805 50.01 42.76 -14.82
CA LEU A 805 50.19 42.76 -16.26
C LEU A 805 49.13 43.58 -16.96
N LEU A 806 47.88 43.49 -16.51
CA LEU A 806 46.82 44.27 -17.12
C LEU A 806 47.06 45.75 -16.89
N CYS A 807 47.54 46.10 -15.71
CA CYS A 807 47.80 47.50 -15.37
C CYS A 807 48.84 48.11 -16.29
N GLU A 808 49.81 47.31 -16.74
CA GLU A 808 50.80 47.85 -17.66
C GLU A 808 50.11 48.41 -18.89
N GLY A 809 49.04 47.75 -19.33
CA GLY A 809 48.26 48.19 -20.48
C GLY A 809 47.24 49.27 -20.10
N LEU A 810 46.55 49.06 -19.00
CA LEU A 810 45.49 49.98 -18.59
C LEU A 810 46.03 51.36 -18.27
N LEU A 811 47.27 51.41 -17.78
CA LEU A 811 47.91 52.66 -17.41
C LEU A 811 48.52 53.36 -18.62
N HIS A 812 48.45 52.72 -19.78
CA HIS A 812 49.00 53.28 -21.00
C HIS A 812 48.17 54.51 -21.40
N PRO A 813 48.81 55.62 -21.83
CA PRO A 813 48.17 56.87 -22.20
C PRO A 813 47.17 56.74 -23.35
N ASP A 814 47.30 55.70 -24.17
CA ASP A 814 46.38 55.52 -25.28
C ASP A 814 45.31 54.47 -25.00
N CYS A 815 45.24 53.99 -23.76
CA CYS A 815 44.21 53.02 -23.42
C CYS A 815 42.88 53.74 -23.23
N LYS A 816 41.83 53.24 -23.87
CA LYS A 816 40.52 53.88 -23.79
C LYS A 816 39.49 53.03 -23.06
N LEU A 817 39.95 51.99 -22.36
CA LEU A 817 39.01 51.10 -21.69
C LEU A 817 38.19 51.89 -20.66
N GLN A 818 36.88 51.70 -20.69
CA GLN A 818 36.00 52.39 -19.75
C GLN A 818 35.53 51.46 -18.65
N VAL A 819 35.17 50.24 -19.02
CA VAL A 819 34.67 49.31 -18.04
C VAL A 819 35.50 48.05 -17.94
N LEU A 820 36.04 47.81 -16.76
CA LEU A 820 36.79 46.60 -16.51
C LEU A 820 36.11 45.77 -15.43
N GLU A 821 35.69 44.57 -15.78
CA GLU A 821 35.03 43.72 -14.80
C GLU A 821 35.97 42.65 -14.26
N LEU A 822 36.17 42.66 -12.95
CA LEU A 822 37.07 41.73 -12.29
C LEU A 822 36.41 41.17 -11.04
N ASP A 823 35.43 40.31 -11.22
CA ASP A 823 34.71 39.78 -10.09
C ASP A 823 35.45 38.58 -9.53
N ASN A 824 34.96 37.39 -9.76
CA ASN A 824 35.68 36.23 -9.29
C ASN A 824 36.87 35.97 -10.20
N CYS A 825 37.95 36.70 -9.95
CA CYS A 825 39.19 36.57 -10.72
C CYS A 825 40.30 36.02 -9.85
N ASN A 826 39.91 35.45 -8.70
CA ASN A 826 40.84 34.90 -7.73
C ASN A 826 41.87 35.93 -7.28
N LEU A 827 41.41 37.14 -6.98
CA LEU A 827 42.29 38.20 -6.55
C LEU A 827 42.50 38.19 -5.04
N THR A 828 43.65 38.71 -4.63
CA THR A 828 44.01 38.86 -3.23
C THR A 828 44.37 40.31 -2.96
N SER A 829 44.56 40.65 -1.69
CA SER A 829 44.87 42.03 -1.29
C SER A 829 46.20 42.52 -1.85
N HIS A 830 47.03 41.61 -2.33
CA HIS A 830 48.34 41.95 -2.86
C HIS A 830 48.24 42.71 -4.18
N CYS A 831 47.06 42.72 -4.78
CA CYS A 831 46.88 43.43 -6.05
C CYS A 831 46.35 44.85 -5.84
N CYS A 832 46.07 45.20 -4.60
CA CYS A 832 45.47 46.50 -4.32
C CYS A 832 46.38 47.66 -4.66
N TRP A 833 47.68 47.47 -4.52
CA TRP A 833 48.61 48.55 -4.83
C TRP A 833 48.49 48.94 -6.29
N ASP A 834 48.34 47.95 -7.16
CA ASP A 834 48.28 48.20 -8.59
C ASP A 834 46.90 48.69 -8.99
N LEU A 835 45.87 48.18 -8.33
CA LEU A 835 44.52 48.67 -8.59
C LEU A 835 44.41 50.11 -8.10
N SER A 836 45.07 50.41 -6.98
CA SER A 836 45.02 51.77 -6.44
C SER A 836 45.67 52.73 -7.41
N THR A 837 46.77 52.31 -8.02
CA THR A 837 47.43 53.11 -9.03
C THR A 837 46.50 53.30 -10.23
N LEU A 838 45.86 52.22 -10.65
CA LEU A 838 44.94 52.26 -11.79
C LEU A 838 43.84 53.30 -11.60
N LEU A 839 43.28 53.35 -10.40
CA LEU A 839 42.15 54.23 -10.12
C LEU A 839 42.46 55.71 -10.30
N THR A 840 43.70 56.14 -10.06
CA THR A 840 44.00 57.56 -10.22
C THR A 840 44.88 57.86 -11.42
N SER A 841 45.58 56.86 -11.93
CA SER A 841 46.46 57.09 -13.07
C SER A 841 45.74 57.01 -14.40
N SER A 842 44.77 56.09 -14.53
CA SER A 842 44.04 55.97 -15.78
C SER A 842 43.07 57.11 -15.93
N GLN A 843 43.03 57.70 -17.11
CA GLN A 843 42.11 58.80 -17.37
C GLN A 843 40.88 58.32 -18.13
N SER A 844 40.90 57.06 -18.53
CA SER A 844 39.84 56.51 -19.38
C SER A 844 38.89 55.63 -18.60
N LEU A 845 39.37 54.99 -17.55
CA LEU A 845 38.55 54.05 -16.80
C LEU A 845 37.40 54.78 -16.13
N ARG A 846 36.21 54.21 -16.21
CA ARG A 846 35.04 54.79 -15.57
C ARG A 846 34.47 53.85 -14.55
N LYS A 847 34.53 52.56 -14.83
CA LYS A 847 33.95 51.54 -13.96
C LYS A 847 34.98 50.47 -13.66
N LEU A 848 34.93 49.92 -12.45
CA LEU A 848 35.83 48.84 -12.10
C LEU A 848 35.11 47.86 -11.20
N SER A 849 34.58 46.80 -11.78
CA SER A 849 33.72 45.91 -11.01
C SER A 849 34.52 44.86 -10.26
N LEU A 850 35.23 45.28 -9.23
CA LEU A 850 35.91 44.33 -8.36
C LEU A 850 34.80 43.58 -7.66
N GLY A 851 34.91 42.28 -7.54
CA GLY A 851 33.79 41.53 -6.97
C GLY A 851 34.18 40.43 -6.01
N ASN A 852 33.64 39.25 -6.26
CA ASN A 852 33.77 38.13 -5.35
C ASN A 852 35.19 37.58 -5.26
N ASN A 853 36.03 38.29 -4.53
CA ASN A 853 37.41 37.88 -4.31
C ASN A 853 37.89 38.35 -2.93
N ASP A 854 39.10 37.95 -2.55
CA ASP A 854 39.62 38.28 -1.23
C ASP A 854 40.50 39.52 -1.23
N LEU A 855 39.89 40.66 -1.48
CA LEU A 855 40.67 41.88 -1.63
C LEU A 855 41.07 42.47 -0.28
N GLY A 856 40.40 42.07 0.79
CA GLY A 856 40.76 42.50 2.14
C GLY A 856 40.20 43.87 2.51
N ASP A 857 40.24 44.16 3.80
CA ASP A 857 39.81 45.44 4.36
C ASP A 857 40.86 46.49 4.14
N LEU A 858 42.09 46.17 4.51
CA LEU A 858 43.21 47.11 4.38
C LEU A 858 43.43 47.41 2.92
N GLY A 859 43.17 46.43 2.07
CA GLY A 859 43.29 46.59 0.64
C GLY A 859 42.34 47.66 0.13
N VAL A 860 41.06 47.49 0.41
CA VAL A 860 40.04 48.44 -0.05
C VAL A 860 40.24 49.84 0.49
N MET A 861 40.71 49.95 1.72
CA MET A 861 40.94 51.27 2.29
C MET A 861 41.89 52.10 1.42
N MET A 862 42.74 51.42 0.64
CA MET A 862 43.67 52.12 -0.23
C MET A 862 42.90 52.83 -1.33
N PHE A 863 41.78 52.24 -1.74
CA PHE A 863 40.97 52.80 -2.80
C PHE A 863 40.33 54.07 -2.30
N CYS A 864 39.82 54.02 -1.08
CA CYS A 864 39.19 55.20 -0.52
C CYS A 864 40.14 56.39 -0.55
N GLU A 865 41.38 56.18 -0.11
CA GLU A 865 42.34 57.26 -0.04
C GLU A 865 42.67 57.83 -1.42
N VAL A 866 42.83 56.97 -2.41
CA VAL A 866 43.19 57.43 -3.74
C VAL A 866 42.01 57.99 -4.53
N LEU A 867 40.83 57.39 -4.39
CA LEU A 867 39.67 57.83 -5.15
C LEU A 867 39.33 59.28 -4.84
N LYS A 868 39.50 59.66 -3.58
CA LYS A 868 39.25 61.04 -3.19
C LYS A 868 40.13 62.04 -3.93
N GLN A 869 41.26 61.56 -4.47
CA GLN A 869 42.20 62.44 -5.17
C GLN A 869 41.83 62.58 -6.64
N GLN A 870 40.64 63.13 -6.88
CA GLN A 870 40.14 63.42 -8.22
C GLN A 870 40.16 62.22 -9.17
N SER A 871 39.75 61.04 -8.71
CA SER A 871 39.66 59.90 -9.61
C SER A 871 38.49 60.09 -10.57
N CYS A 872 38.66 59.61 -11.79
CA CYS A 872 37.61 59.70 -12.80
C CYS A 872 36.73 58.45 -12.82
N LEU A 873 36.82 57.65 -11.78
CA LEU A 873 35.99 56.46 -11.72
C LEU A 873 34.59 56.87 -11.31
N LEU A 874 33.82 57.34 -12.27
CA LEU A 874 32.48 57.86 -12.01
C LEU A 874 31.47 56.76 -11.78
N GLN A 875 31.80 55.57 -12.24
CA GLN A 875 30.89 54.45 -12.18
C GLN A 875 31.23 53.54 -11.02
N ASN A 876 30.50 52.45 -10.91
CA ASN A 876 30.60 51.58 -9.76
C ASN A 876 32.01 51.09 -9.49
N LEU A 877 32.34 51.03 -8.20
CA LEU A 877 33.62 50.51 -7.72
C LEU A 877 33.54 49.01 -7.47
N GLY A 878 32.32 48.49 -7.46
CA GLY A 878 32.10 47.08 -7.19
C GLY A 878 32.28 46.74 -5.72
N LEU A 879 33.10 45.73 -5.45
CA LEU A 879 33.31 45.21 -4.11
C LEU A 879 32.05 44.50 -3.61
N SER A 880 31.25 43.98 -4.54
CA SER A 880 30.07 43.20 -4.16
C SER A 880 30.51 41.84 -3.69
N GLU A 881 29.68 41.18 -2.88
CA GLU A 881 30.00 39.84 -2.37
C GLU A 881 31.30 39.81 -1.59
N MET A 882 31.85 40.99 -1.33
CA MET A 882 33.09 41.12 -0.60
C MET A 882 32.76 41.70 0.76
N TYR A 883 33.08 40.97 1.81
CA TYR A 883 32.66 41.39 3.13
C TYR A 883 33.78 42.05 3.90
N PHE A 884 33.46 43.17 4.54
CA PHE A 884 34.46 43.95 5.25
C PHE A 884 34.07 44.16 6.70
N ASN A 885 34.95 44.83 7.42
CA ASN A 885 34.67 45.22 8.79
C ASN A 885 33.93 46.55 8.83
N TYR A 886 33.60 47.01 10.02
CA TYR A 886 32.88 48.26 10.18
C TYR A 886 33.64 49.46 9.62
N GLU A 887 34.91 49.56 9.95
CA GLU A 887 35.69 50.73 9.58
C GLU A 887 35.76 50.91 8.07
N THR A 888 35.91 49.80 7.36
CA THR A 888 35.97 49.85 5.90
C THR A 888 34.63 50.28 5.34
N LYS A 889 33.55 49.71 5.86
CA LYS A 889 32.22 50.08 5.38
C LYS A 889 31.96 51.54 5.66
N SER A 890 32.38 52.01 6.83
CA SER A 890 32.19 53.41 7.20
C SER A 890 32.94 54.32 6.25
N ALA A 891 34.17 53.96 5.93
CA ALA A 891 34.98 54.75 5.01
C ALA A 891 34.34 54.79 3.64
N LEU A 892 33.81 53.66 3.17
CA LEU A 892 33.18 53.61 1.86
C LEU A 892 31.90 54.44 1.84
N GLU A 893 31.11 54.37 2.91
CA GLU A 893 29.90 55.16 2.98
C GLU A 893 30.25 56.64 2.99
N THR A 894 31.31 56.99 3.73
CA THR A 894 31.77 58.35 3.80
C THR A 894 32.23 58.81 2.42
N LEU A 895 32.95 57.95 1.74
CA LEU A 895 33.46 58.23 0.40
C LEU A 895 32.32 58.59 -0.54
N GLN A 896 31.25 57.81 -0.51
CA GLN A 896 30.10 58.06 -1.37
C GLN A 896 29.44 59.40 -1.06
N GLU A 897 29.45 59.80 0.21
CA GLU A 897 28.88 61.08 0.60
C GLU A 897 29.77 62.25 0.18
N GLU A 898 31.08 62.09 0.37
CA GLU A 898 32.04 63.14 0.06
C GLU A 898 32.31 63.27 -1.44
N LYS A 899 32.20 62.16 -2.15
CA LYS A 899 32.44 62.12 -3.58
C LYS A 899 31.23 61.57 -4.33
N PRO A 900 30.13 62.35 -4.42
CA PRO A 900 28.82 61.95 -4.89
C PRO A 900 28.81 61.53 -6.35
N GLU A 901 29.85 61.94 -7.09
CA GLU A 901 29.94 61.55 -8.50
C GLU A 901 30.34 60.08 -8.63
N LEU A 902 30.79 59.49 -7.54
CA LEU A 902 31.17 58.08 -7.54
C LEU A 902 29.92 57.27 -7.39
N THR A 903 29.28 57.02 -8.52
CA THR A 903 27.93 56.45 -8.58
C THR A 903 27.60 55.64 -7.33
N VAL A 904 28.15 54.45 -7.23
CA VAL A 904 27.91 53.59 -6.08
C VAL A 904 29.12 52.69 -5.86
N VAL A 905 29.46 52.44 -4.62
CA VAL A 905 30.44 51.39 -4.40
C VAL A 905 29.74 50.04 -4.50
N PHE A 906 28.74 49.85 -3.65
CA PHE A 906 27.85 48.68 -3.63
C PHE A 906 28.42 47.50 -2.85
N GLU A 907 28.43 47.64 -1.52
CA GLU A 907 28.84 46.58 -0.63
C GLU A 907 27.68 45.59 -0.49
N PRO A 908 27.94 44.32 -0.16
CA PRO A 908 26.94 43.27 0.03
C PRO A 908 26.00 43.46 1.23
N SER A 909 26.41 44.27 2.22
CA SER A 909 25.65 44.48 3.45
C SER A 909 26.20 45.68 4.23
N CYS B 4 -16.43 58.00 48.90
CA CYS B 4 -17.46 58.55 48.01
C CYS B 4 -18.07 57.43 47.14
N LYS B 5 -17.37 57.01 46.08
CA LYS B 5 -17.84 55.95 45.18
C LYS B 5 -17.41 54.57 45.66
N MET B 6 -18.23 53.57 45.37
CA MET B 6 -17.91 52.20 45.68
C MET B 6 -17.06 51.59 44.57
N LYS B 7 -15.75 51.63 44.74
CA LYS B 7 -14.89 51.13 43.68
C LYS B 7 -14.70 49.64 43.83
N LYS B 8 -15.73 48.91 43.45
CA LYS B 8 -15.75 47.45 43.53
C LYS B 8 -16.26 46.86 42.23
N ASP B 9 -15.78 45.68 41.88
CA ASP B 9 -16.21 45.05 40.66
C ASP B 9 -17.56 44.40 40.87
N TYR B 10 -18.61 45.19 40.78
CA TYR B 10 -19.96 44.72 41.07
C TYR B 10 -20.31 43.46 40.32
N ARG B 11 -19.82 43.34 39.08
CA ARG B 11 -20.15 42.17 38.28
C ARG B 11 -19.72 40.89 38.99
N LYS B 12 -18.71 41.00 39.86
CA LYS B 12 -18.24 39.85 40.61
C LYS B 12 -19.17 39.60 41.79
N LYS B 13 -19.71 40.67 42.36
CA LYS B 13 -20.66 40.53 43.45
C LYS B 13 -21.93 39.87 42.92
N TYR B 14 -22.31 40.26 41.70
CA TYR B 14 -23.47 39.71 41.04
C TYR B 14 -23.26 38.21 40.81
N ARG B 15 -22.09 37.85 40.29
CA ARG B 15 -21.78 36.44 40.07
C ARG B 15 -21.87 35.64 41.36
N LYS B 16 -21.36 36.20 42.46
CA LYS B 16 -21.46 35.52 43.74
C LYS B 16 -22.91 35.35 44.16
N TYR B 17 -23.70 36.40 43.98
CA TYR B 17 -25.12 36.34 44.31
C TYR B 17 -25.81 35.24 43.52
N VAL B 18 -25.50 35.13 42.24
CA VAL B 18 -26.09 34.09 41.42
C VAL B 18 -25.66 32.71 41.90
N ARG B 19 -24.37 32.54 42.21
CA ARG B 19 -23.93 31.24 42.69
C ARG B 19 -24.65 30.87 43.98
N SER B 20 -24.81 31.86 44.86
CA SER B 20 -25.48 31.67 46.14
C SER B 20 -26.98 31.39 45.99
N ARG B 21 -27.62 32.14 45.11
CA ARG B 21 -29.06 32.04 44.92
C ARG B 21 -29.50 30.83 44.11
N PHE B 22 -28.69 30.42 43.14
CA PHE B 22 -29.05 29.32 42.24
C PHE B 22 -28.18 28.08 42.44
N GLN B 23 -27.97 27.67 43.69
CA GLN B 23 -27.13 26.51 43.99
C GLN B 23 -27.79 25.19 43.61
N CYS B 24 -29.11 25.12 43.78
CA CYS B 24 -29.86 23.89 43.59
C CYS B 24 -30.77 23.96 42.37
N ILE B 25 -31.54 22.88 42.15
CA ILE B 25 -32.48 22.80 41.06
C ILE B 25 -33.66 23.73 41.28
N GLU B 26 -34.19 23.73 42.51
CA GLU B 26 -35.33 24.56 42.86
C GLU B 26 -34.97 25.68 43.84
N ASP B 27 -34.04 25.40 44.75
CA ASP B 27 -33.67 26.33 45.82
C ASP B 27 -34.88 26.74 46.66
N ARG B 28 -35.70 25.75 46.98
CA ARG B 28 -36.88 25.94 47.79
C ARG B 28 -36.97 24.87 48.87
N ASN B 29 -37.83 25.09 49.86
CA ASN B 29 -37.98 24.14 50.94
C ASN B 29 -38.78 22.93 50.49
N ALA B 30 -39.00 22.00 51.43
CA ALA B 30 -39.69 20.74 51.18
C ALA B 30 -38.91 19.82 50.25
N ARG B 31 -37.66 20.19 49.96
CA ARG B 31 -36.79 19.34 49.15
C ARG B 31 -36.09 18.33 50.04
N LEU B 32 -36.85 17.36 50.52
CA LEU B 32 -36.31 16.33 51.41
C LEU B 32 -35.62 16.99 52.61
N GLY B 33 -36.32 17.92 53.26
CA GLY B 33 -35.74 18.63 54.40
C GLY B 33 -34.88 19.81 53.95
N GLU B 34 -35.20 20.37 52.78
CA GLU B 34 -34.46 21.49 52.21
C GLU B 34 -32.97 21.17 52.08
N SER B 35 -32.67 20.01 51.51
CA SER B 35 -31.30 19.60 51.28
C SER B 35 -30.79 20.19 49.98
N VAL B 36 -29.50 20.07 49.75
CA VAL B 36 -28.93 20.56 48.50
C VAL B 36 -29.20 19.54 47.41
N SER B 37 -29.85 19.97 46.33
CA SER B 37 -30.24 19.08 45.25
C SER B 37 -29.04 18.62 44.44
N LEU B 38 -27.95 19.37 44.56
CA LEU B 38 -26.69 19.08 43.87
C LEU B 38 -26.85 19.15 42.36
N ASN B 39 -26.67 20.35 41.81
CA ASN B 39 -26.85 20.56 40.37
C ASN B 39 -25.81 19.81 39.54
N LYS B 40 -24.81 19.25 40.21
CA LYS B 40 -23.79 18.45 39.53
C LYS B 40 -24.39 17.19 38.92
N ARG B 41 -25.61 16.83 39.36
CA ARG B 41 -26.30 15.66 38.84
C ARG B 41 -26.90 15.93 37.45
N TYR B 42 -26.90 17.20 37.05
CA TYR B 42 -27.46 17.61 35.78
C TYR B 42 -26.74 16.97 34.62
N THR B 43 -27.50 16.45 33.67
CA THR B 43 -26.93 15.86 32.48
C THR B 43 -26.93 16.88 31.36
N ARG B 44 -25.76 17.12 30.77
CA ARG B 44 -25.66 18.17 29.77
C ARG B 44 -26.65 17.94 28.65
N LEU B 45 -27.41 18.98 28.34
CA LEU B 45 -28.40 18.91 27.29
C LEU B 45 -27.77 19.22 25.94
N ARG B 46 -28.02 18.35 24.97
CA ARG B 46 -27.50 18.53 23.63
C ARG B 46 -28.50 19.31 22.78
N LEU B 47 -27.98 20.24 21.98
CA LEU B 47 -28.85 21.06 21.13
C LEU B 47 -28.51 20.93 19.65
N ILE B 48 -29.51 21.20 18.81
CA ILE B 48 -29.36 21.16 17.36
C ILE B 48 -29.77 22.50 16.75
N LYS B 49 -28.95 23.02 15.84
CA LYS B 49 -29.29 24.27 15.16
C LYS B 49 -30.34 23.99 14.09
N GLU B 50 -31.44 24.77 14.08
CA GLU B 50 -32.53 24.59 13.11
C GLU B 50 -32.04 24.70 11.67
N SER B 75 -27.49 19.45 12.64
CA SER B 75 -26.42 20.37 12.93
C SER B 75 -26.23 20.55 14.44
N PRO B 76 -25.67 19.56 15.19
CA PRO B 76 -25.48 19.57 16.63
C PRO B 76 -24.61 20.76 17.07
N ILE B 77 -24.95 21.36 18.22
CA ILE B 77 -24.18 22.48 18.72
C ILE B 77 -23.81 22.25 20.19
N LYS B 78 -22.88 23.07 20.67
CA LYS B 78 -22.47 23.03 22.07
C LYS B 78 -23.17 24.12 22.86
N MET B 79 -23.06 24.07 24.18
CA MET B 79 -23.62 25.14 25.02
C MET B 79 -22.88 26.43 24.77
N GLU B 80 -21.58 26.30 24.46
CA GLU B 80 -20.75 27.43 24.08
C GLU B 80 -20.95 27.72 22.60
N LEU B 81 -20.58 28.93 22.19
CA LEU B 81 -20.70 29.35 20.79
C LEU B 81 -22.15 29.50 20.37
N LEU B 82 -23.05 29.61 21.36
CA LEU B 82 -24.47 29.73 21.12
C LEU B 82 -24.83 31.06 20.46
N PHE B 83 -24.12 32.13 20.82
CA PHE B 83 -24.44 33.44 20.30
C PHE B 83 -23.42 33.90 19.27
N ASP B 84 -22.47 33.03 18.96
CA ASP B 84 -21.43 33.37 18.00
C ASP B 84 -21.99 33.35 16.57
N PRO B 85 -21.39 34.11 15.66
CA PRO B 85 -21.62 34.09 14.23
C PRO B 85 -21.35 32.71 13.67
N ASP B 86 -22.06 32.35 12.60
CA ASP B 86 -21.85 31.05 11.97
C ASP B 86 -20.69 31.14 10.97
N ASP B 87 -20.59 30.16 10.09
CA ASP B 87 -19.45 30.02 9.19
C ASP B 87 -19.23 31.22 8.25
N GLU B 88 -20.28 32.00 8.00
CA GLU B 88 -20.18 33.12 7.07
C GLU B 88 -20.77 34.39 7.69
N HIS B 89 -20.69 35.51 6.96
CA HIS B 89 -21.31 36.79 7.34
C HIS B 89 -20.62 37.48 8.51
N SER B 90 -20.22 36.71 9.51
CA SER B 90 -19.62 37.20 10.75
C SER B 90 -20.59 38.11 11.49
N GLU B 91 -21.87 37.75 11.45
CA GLU B 91 -22.92 38.49 12.13
C GLU B 91 -23.23 37.89 13.50
N PRO B 92 -23.07 38.65 14.58
CA PRO B 92 -23.37 38.26 15.95
C PRO B 92 -24.82 37.85 16.09
N VAL B 93 -25.09 36.88 16.94
CA VAL B 93 -26.45 36.45 17.18
C VAL B 93 -26.97 37.06 18.47
N HIS B 94 -27.90 38.00 18.33
CA HIS B 94 -28.40 38.69 19.49
C HIS B 94 -29.41 37.86 20.25
N THR B 95 -30.30 37.19 19.52
CA THR B 95 -31.34 36.43 20.18
C THR B 95 -31.34 34.98 19.74
N VAL B 96 -31.42 34.11 20.72
CA VAL B 96 -31.48 32.68 20.53
C VAL B 96 -32.72 32.11 21.19
N VAL B 97 -33.42 31.21 20.50
CA VAL B 97 -34.63 30.61 21.07
C VAL B 97 -34.51 29.10 21.20
N PHE B 98 -34.79 28.61 22.39
CA PHE B 98 -34.69 27.19 22.72
C PHE B 98 -36.04 26.47 22.73
N GLN B 99 -36.14 25.42 21.92
CA GLN B 99 -37.34 24.60 21.81
C GLN B 99 -37.13 23.16 22.30
N GLY B 100 -38.19 22.58 22.88
CA GLY B 100 -38.16 21.18 23.29
C GLY B 100 -39.55 20.72 23.74
N ALA B 101 -39.68 19.42 24.01
CA ALA B 101 -40.96 18.81 24.37
C ALA B 101 -41.44 19.26 25.75
N ALA B 102 -42.74 19.21 25.97
CA ALA B 102 -43.25 19.47 27.31
C ALA B 102 -42.74 18.39 28.25
N GLY B 103 -42.34 18.78 29.46
CA GLY B 103 -41.86 17.82 30.46
C GLY B 103 -40.32 17.74 30.54
N ILE B 104 -39.62 18.44 29.64
CA ILE B 104 -38.16 18.41 29.64
C ILE B 104 -37.48 19.11 30.83
N GLY B 105 -38.14 20.10 31.44
CA GLY B 105 -37.50 20.85 32.51
C GLY B 105 -36.67 21.98 31.94
N LYS B 106 -37.28 22.75 31.04
CA LYS B 106 -36.61 23.87 30.38
C LYS B 106 -36.11 24.89 31.39
N THR B 107 -36.78 24.94 32.54
CA THR B 107 -36.39 25.85 33.62
C THR B 107 -35.04 25.45 34.20
N ILE B 108 -34.74 24.16 34.17
CA ILE B 108 -33.47 23.70 34.69
C ILE B 108 -32.37 24.23 33.80
N LEU B 109 -32.58 24.19 32.50
CA LEU B 109 -31.58 24.71 31.58
C LEU B 109 -31.35 26.20 31.83
N ALA B 110 -32.44 26.97 31.97
CA ALA B 110 -32.30 28.41 32.18
C ALA B 110 -31.51 28.71 33.44
N ARG B 111 -31.79 27.97 34.49
CA ARG B 111 -31.13 28.17 35.77
C ARG B 111 -29.71 27.62 35.77
N LYS B 112 -29.51 26.48 35.11
CA LYS B 112 -28.18 25.90 35.08
C LYS B 112 -27.24 26.80 34.30
N MET B 113 -27.71 27.36 33.19
CA MET B 113 -26.87 28.22 32.37
C MET B 113 -26.32 29.39 33.16
N MET B 114 -27.18 30.06 33.93
CA MET B 114 -26.67 31.21 34.66
C MET B 114 -25.74 30.79 35.78
N LEU B 115 -25.93 29.57 36.30
CA LEU B 115 -25.01 29.07 37.31
C LEU B 115 -23.65 28.75 36.71
N ASP B 116 -23.65 28.08 35.55
CA ASP B 116 -22.38 27.74 34.90
C ASP B 116 -21.62 29.01 34.57
N TRP B 117 -22.35 30.04 34.20
CA TRP B 117 -21.74 31.34 33.97
C TRP B 117 -21.19 31.93 35.26
N ALA B 118 -22.00 31.93 36.31
CA ALA B 118 -21.59 32.51 37.58
C ALA B 118 -20.37 31.78 38.15
N SER B 119 -20.26 30.48 37.87
CA SER B 119 -19.14 29.66 38.28
C SER B 119 -17.91 29.89 37.40
N GLY B 120 -18.08 30.67 36.35
CA GLY B 120 -16.99 31.02 35.44
C GLY B 120 -16.67 29.97 34.39
N THR B 121 -17.64 29.12 34.04
CA THR B 121 -17.37 28.08 33.05
C THR B 121 -18.10 28.32 31.73
N LEU B 122 -19.20 29.08 31.77
CA LEU B 122 -20.00 29.29 30.57
C LEU B 122 -20.12 30.76 30.17
N TYR B 123 -19.69 31.06 28.94
CA TYR B 123 -19.75 32.42 28.40
C TYR B 123 -18.96 33.40 29.26
N GLN B 124 -17.85 32.94 29.83
CA GLN B 124 -17.04 33.75 30.73
C GLN B 124 -16.47 34.99 30.04
N ASP B 125 -16.13 34.86 28.77
CA ASP B 125 -15.54 35.96 28.04
C ASP B 125 -16.55 36.71 27.17
N ARG B 126 -17.84 36.40 27.32
CA ARG B 126 -18.84 37.04 26.49
C ARG B 126 -19.80 37.93 27.26
N PHE B 127 -20.17 37.55 28.48
CA PHE B 127 -21.13 38.36 29.21
C PHE B 127 -20.64 38.75 30.59
N ASP B 128 -20.90 40.00 30.95
CA ASP B 128 -20.58 40.50 32.27
C ASP B 128 -21.73 40.28 33.22
N TYR B 129 -22.95 40.27 32.67
CA TYR B 129 -24.14 40.00 33.47
C TYR B 129 -25.11 39.08 32.76
N LEU B 130 -25.72 38.20 33.53
CA LEU B 130 -26.86 37.42 33.06
C LEU B 130 -28.05 37.70 33.94
N PHE B 131 -29.11 38.23 33.35
CA PHE B 131 -30.29 38.58 34.13
C PHE B 131 -31.42 37.61 33.87
N TYR B 132 -31.77 36.87 34.91
CA TYR B 132 -32.79 35.84 34.81
C TYR B 132 -34.19 36.41 35.01
N ILE B 133 -35.04 36.19 34.04
CA ILE B 133 -36.41 36.65 34.08
C ILE B 133 -37.37 35.47 34.19
N HIS B 134 -38.11 35.39 35.28
CA HIS B 134 -39.02 34.28 35.46
C HIS B 134 -40.39 34.70 34.97
N CYS B 135 -40.81 34.13 33.85
CA CYS B 135 -42.02 34.56 33.15
C CYS B 135 -43.28 34.24 33.94
N ARG B 136 -43.15 33.41 34.95
CA ARG B 136 -44.27 33.04 35.81
C ARG B 136 -44.46 34.06 36.92
N GLU B 137 -43.48 34.96 37.07
CA GLU B 137 -43.53 36.00 38.09
C GLU B 137 -43.80 37.35 37.47
N VAL B 138 -43.37 37.53 36.23
CA VAL B 138 -43.52 38.80 35.54
C VAL B 138 -44.98 39.08 35.19
N SER B 139 -45.45 40.25 35.58
CA SER B 139 -46.81 40.68 35.28
C SER B 139 -46.83 41.49 33.99
N LEU B 140 -47.70 41.11 33.07
CA LEU B 140 -47.80 41.80 31.79
C LEU B 140 -48.58 43.10 31.93
N VAL B 141 -49.36 43.19 33.00
CA VAL B 141 -50.20 44.35 33.27
C VAL B 141 -49.42 45.44 34.01
N THR B 142 -48.55 45.03 34.93
CA THR B 142 -47.83 45.97 35.77
C THR B 142 -47.08 47.02 34.96
N GLN B 143 -47.18 48.26 35.43
CA GLN B 143 -46.51 49.41 34.83
C GLN B 143 -45.20 49.69 35.57
N ARG B 144 -44.08 49.45 34.91
CA ARG B 144 -42.78 49.60 35.55
C ARG B 144 -41.64 49.82 34.56
N SER B 145 -40.54 50.35 35.06
CA SER B 145 -39.32 50.53 34.29
C SER B 145 -38.61 49.19 34.16
N LEU B 146 -37.49 49.14 33.46
CA LEU B 146 -36.79 47.87 33.34
C LEU B 146 -36.08 47.58 34.64
N GLY B 147 -36.87 47.19 35.63
CA GLY B 147 -36.40 46.96 36.99
C GLY B 147 -35.92 45.55 37.16
N ASP B 148 -35.91 44.78 36.08
CA ASP B 148 -35.46 43.39 36.13
C ASP B 148 -33.98 43.38 36.39
N LEU B 149 -33.31 44.44 35.94
CA LEU B 149 -31.89 44.62 36.16
C LEU B 149 -31.59 44.82 37.63
N ILE B 150 -32.59 45.24 38.39
CA ILE B 150 -32.45 45.50 39.81
C ILE B 150 -32.97 44.33 40.63
N MET B 151 -34.13 43.82 40.25
CA MET B 151 -34.80 42.75 40.99
C MET B 151 -34.00 41.46 40.99
N SER B 152 -33.22 41.23 39.93
CA SER B 152 -32.41 40.02 39.82
C SER B 152 -31.01 40.20 40.44
N CYS B 153 -30.75 41.37 41.00
CA CYS B 153 -29.47 41.66 41.63
C CYS B 153 -29.43 41.32 43.10
N CYS B 154 -28.23 41.36 43.66
CA CYS B 154 -28.02 41.08 45.07
C CYS B 154 -28.89 42.03 45.90
N PRO B 155 -29.02 41.81 47.21
CA PRO B 155 -29.90 42.53 48.14
C PRO B 155 -29.69 44.05 48.16
N ASP B 156 -28.53 44.50 47.70
CA ASP B 156 -28.24 45.91 47.69
C ASP B 156 -29.34 46.66 46.91
N PRO B 157 -30.12 47.53 47.56
CA PRO B 157 -31.27 48.24 47.03
C PRO B 157 -30.87 49.27 45.98
N ASN B 158 -29.58 49.59 45.92
CA ASN B 158 -29.10 50.60 45.00
C ASN B 158 -27.88 50.13 44.20
N PRO B 159 -28.04 49.16 43.29
CA PRO B 159 -27.01 48.57 42.48
C PRO B 159 -26.55 49.60 41.46
N PRO B 160 -25.37 49.41 40.86
CA PRO B 160 -24.78 50.25 39.85
C PRO B 160 -25.48 50.05 38.52
N ILE B 161 -26.74 50.45 38.51
CA ILE B 161 -27.62 50.31 37.37
C ILE B 161 -27.12 51.07 36.15
N HIS B 162 -26.28 52.08 36.39
CA HIS B 162 -25.78 52.91 35.31
C HIS B 162 -24.38 52.51 34.85
N LYS B 163 -23.87 51.38 35.33
CA LYS B 163 -22.53 50.95 34.91
C LYS B 163 -22.63 49.86 33.85
N ILE B 164 -21.87 48.76 33.99
CA ILE B 164 -21.88 47.73 32.96
C ILE B 164 -23.25 47.06 32.90
N VAL B 165 -24.02 47.22 33.97
CA VAL B 165 -25.40 46.75 34.01
C VAL B 165 -26.23 47.46 32.94
N ARG B 166 -25.84 48.67 32.57
CA ARG B 166 -26.52 49.44 31.54
C ARG B 166 -25.93 49.22 30.15
N LYS B 167 -24.61 49.05 30.07
CA LYS B 167 -23.94 48.93 28.78
C LYS B 167 -24.24 47.58 28.10
N PRO B 168 -24.87 47.61 26.92
CA PRO B 168 -25.31 46.45 26.16
C PRO B 168 -24.16 45.74 25.50
N SER B 169 -24.44 44.53 25.00
CA SER B 169 -23.50 43.67 24.26
C SER B 169 -22.73 42.76 25.20
N ARG B 170 -22.71 43.13 26.48
CA ARG B 170 -22.11 42.30 27.52
C ARG B 170 -23.19 41.83 28.48
N ILE B 171 -24.44 42.01 28.08
CA ILE B 171 -25.59 41.63 28.88
C ILE B 171 -26.45 40.63 28.14
N LEU B 172 -26.74 39.52 28.79
CA LEU B 172 -27.65 38.53 28.23
C LEU B 172 -28.84 38.32 29.17
N PHE B 173 -30.03 38.44 28.61
CA PHE B 173 -31.24 38.23 29.39
C PHE B 173 -31.77 36.83 29.15
N LEU B 174 -32.26 36.19 30.21
CA LEU B 174 -32.84 34.85 30.06
C LEU B 174 -34.34 34.89 30.33
N MET B 175 -35.13 34.50 29.32
CA MET B 175 -36.59 34.45 29.47
C MET B 175 -37.04 33.04 29.77
N ASP B 176 -37.29 32.76 31.04
CA ASP B 176 -37.62 31.40 31.44
C ASP B 176 -39.13 31.15 31.40
N GLY B 177 -39.59 30.47 30.34
CA GLY B 177 -41.01 30.18 30.21
C GLY B 177 -41.79 31.26 29.48
N PHE B 178 -41.37 31.64 28.29
CA PHE B 178 -42.12 32.64 27.53
C PHE B 178 -43.59 32.23 27.45
N ASP B 179 -43.84 30.94 27.23
CA ASP B 179 -45.19 30.40 27.13
C ASP B 179 -45.96 30.48 28.44
N GLU B 180 -45.26 30.74 29.54
CA GLU B 180 -45.88 30.81 30.85
C GLU B 180 -46.19 32.24 31.29
N LEU B 181 -45.97 33.21 30.40
CA LEU B 181 -46.32 34.59 30.74
C LEU B 181 -47.81 34.64 31.06
N GLN B 182 -48.15 35.25 32.19
CA GLN B 182 -49.55 35.30 32.63
C GLN B 182 -50.27 36.53 32.13
N GLY B 183 -51.39 36.30 31.44
CA GLY B 183 -52.18 37.38 30.88
C GLY B 183 -52.06 37.41 29.36
N ALA B 184 -52.90 38.20 28.72
CA ALA B 184 -52.88 38.30 27.27
C ALA B 184 -51.57 38.93 26.81
N PHE B 185 -51.03 38.42 25.71
CA PHE B 185 -49.79 38.96 25.17
C PHE B 185 -49.96 39.19 23.67
N ASP B 186 -49.70 40.42 23.24
CA ASP B 186 -49.86 40.79 21.83
C ASP B 186 -48.51 40.97 21.14
N GLU B 187 -48.29 40.22 20.06
CA GLU B 187 -47.05 40.37 19.29
C GLU B 187 -47.09 41.67 18.48
N HIS B 188 -48.27 42.26 18.34
CA HIS B 188 -48.42 43.50 17.60
C HIS B 188 -48.55 44.68 18.56
N ILE B 189 -47.44 45.36 18.79
CA ILE B 189 -47.41 46.45 19.75
C ILE B 189 -46.91 47.75 19.13
N GLY B 190 -47.73 48.79 19.28
CA GLY B 190 -47.44 50.13 18.78
C GLY B 190 -46.11 50.70 19.30
N PRO B 191 -46.01 51.01 20.61
CA PRO B 191 -44.84 51.56 21.27
C PRO B 191 -43.69 50.57 21.30
N LEU B 192 -42.47 51.10 21.16
CA LEU B 192 -41.26 50.26 21.17
C LEU B 192 -40.61 50.25 22.55
N CYS B 193 -41.15 51.03 23.48
CA CYS B 193 -40.62 51.11 24.84
C CYS B 193 -39.10 51.06 24.91
N THR B 194 -38.47 52.11 24.43
CA THR B 194 -37.02 52.25 24.54
C THR B 194 -36.72 53.07 25.79
N ASP B 195 -35.46 53.10 26.21
CA ASP B 195 -35.06 53.85 27.41
C ASP B 195 -35.50 53.13 28.67
N TRP B 196 -34.60 52.32 29.22
CA TRP B 196 -34.86 51.47 30.39
C TRP B 196 -35.34 52.26 31.61
N GLN B 197 -35.08 53.56 31.66
CA GLN B 197 -35.48 54.36 32.81
C GLN B 197 -36.94 54.81 32.75
N LYS B 198 -37.63 54.52 31.64
CA LYS B 198 -39.02 54.89 31.49
C LYS B 198 -39.94 53.71 31.79
N ALA B 199 -40.97 53.94 32.60
CA ALA B 199 -41.90 52.86 32.95
C ALA B 199 -42.86 52.57 31.81
N GLU B 200 -43.20 51.30 31.66
CA GLU B 200 -44.17 50.86 30.67
C GLU B 200 -44.82 49.55 31.14
N ARG B 201 -45.79 49.05 30.38
CA ARG B 201 -46.44 47.79 30.73
C ARG B 201 -45.50 46.62 30.50
N GLY B 202 -45.63 45.58 31.32
CA GLY B 202 -44.80 44.39 31.24
C GLY B 202 -44.81 43.73 29.86
N ASP B 203 -45.94 43.71 29.18
CA ASP B 203 -46.00 43.06 27.88
C ASP B 203 -45.21 43.83 26.85
N ILE B 204 -45.36 45.13 26.87
CA ILE B 204 -44.64 46.00 25.96
C ILE B 204 -43.16 45.95 26.28
N LEU B 205 -42.84 45.97 27.57
CA LEU B 205 -41.47 45.96 28.03
C LEU B 205 -40.75 44.69 27.59
N LEU B 206 -41.42 43.54 27.74
CA LEU B 206 -40.82 42.27 27.31
C LEU B 206 -40.65 42.23 25.81
N SER B 207 -41.64 42.73 25.07
CA SER B 207 -41.55 42.74 23.62
C SER B 207 -40.44 43.66 23.14
N SER B 208 -40.23 44.76 23.86
CA SER B 208 -39.17 45.68 23.52
C SER B 208 -37.80 45.01 23.63
N LEU B 209 -37.61 44.20 24.66
CA LEU B 209 -36.36 43.45 24.78
C LEU B 209 -36.26 42.43 23.65
N ILE B 210 -37.37 41.76 23.35
CA ILE B 210 -37.41 40.72 22.31
C ILE B 210 -37.12 41.28 20.93
N ARG B 211 -37.69 42.44 20.64
CA ARG B 211 -37.54 43.11 19.35
C ARG B 211 -36.21 43.87 19.25
N LYS B 212 -35.41 43.82 20.31
CA LYS B 212 -34.12 44.50 20.36
C LYS B 212 -34.24 46.00 20.23
N LYS B 213 -35.27 46.58 20.85
CA LYS B 213 -35.44 48.02 20.84
C LYS B 213 -34.93 48.60 22.15
N LEU B 214 -35.10 47.83 23.21
CA LEU B 214 -34.64 48.22 24.52
C LEU B 214 -33.27 47.62 24.77
N LEU B 215 -32.32 48.48 25.11
CA LEU B 215 -30.93 48.08 25.26
C LEU B 215 -30.42 47.37 24.00
N PRO B 216 -30.31 48.07 22.88
CA PRO B 216 -29.88 47.57 21.60
C PRO B 216 -28.54 46.88 21.73
N GLU B 217 -28.35 45.82 20.97
CA GLU B 217 -27.14 45.00 20.97
C GLU B 217 -27.02 44.12 22.21
N ALA B 218 -28.00 44.18 23.11
CA ALA B 218 -28.02 43.26 24.23
C ALA B 218 -28.42 41.89 23.71
N SER B 219 -27.98 40.84 24.40
CA SER B 219 -28.31 39.49 23.97
C SER B 219 -29.52 38.98 24.73
N LEU B 220 -30.22 38.03 24.12
CA LEU B 220 -31.41 37.46 24.70
C LEU B 220 -31.53 35.97 24.40
N LEU B 221 -31.86 35.18 25.41
CA LEU B 221 -32.10 33.76 25.22
C LEU B 221 -33.45 33.37 25.79
N ILE B 222 -34.29 32.81 24.93
CA ILE B 222 -35.66 32.46 25.32
C ILE B 222 -35.87 30.97 25.37
N THR B 223 -36.35 30.46 26.50
CA THR B 223 -36.70 29.06 26.61
C THR B 223 -38.22 28.93 26.63
N THR B 224 -38.75 28.13 25.71
CA THR B 224 -40.20 28.02 25.61
C THR B 224 -40.69 26.75 24.93
N ARG B 225 -41.91 26.37 25.25
CA ARG B 225 -42.59 25.29 24.55
C ARG B 225 -43.02 25.76 23.16
N PRO B 226 -43.12 24.85 22.18
CA PRO B 226 -43.50 25.10 20.80
C PRO B 226 -44.81 25.88 20.67
N VAL B 227 -45.66 25.74 21.67
CA VAL B 227 -46.98 26.35 21.68
C VAL B 227 -46.96 27.88 21.63
N ALA B 228 -45.84 28.49 22.05
CA ALA B 228 -45.77 29.94 22.06
C ALA B 228 -44.83 30.48 21.00
N LEU B 229 -44.41 29.64 20.05
CA LEU B 229 -43.50 30.12 19.04
C LEU B 229 -44.23 30.98 18.01
N GLU B 230 -45.50 30.67 17.76
CA GLU B 230 -46.26 31.40 16.77
C GLU B 230 -46.40 32.88 17.13
N LYS B 231 -46.51 33.17 18.42
CA LYS B 231 -46.68 34.54 18.89
C LYS B 231 -45.34 35.17 19.27
N LEU B 232 -44.26 34.42 19.07
CA LEU B 232 -42.93 34.89 19.44
C LEU B 232 -42.09 35.26 18.22
N GLN B 233 -42.16 34.45 17.18
CA GLN B 233 -41.30 34.65 16.01
C GLN B 233 -41.56 36.01 15.35
N HIS B 234 -42.79 36.48 15.44
CA HIS B 234 -43.16 37.78 14.86
C HIS B 234 -42.34 38.93 15.46
N LEU B 235 -41.82 38.73 16.67
CA LEU B 235 -41.07 39.75 17.37
C LEU B 235 -39.57 39.63 17.13
N LEU B 236 -39.16 38.52 16.50
CA LEU B 236 -37.74 38.22 16.37
C LEU B 236 -37.18 38.49 14.98
N ASP B 237 -37.97 38.18 13.95
CA ASP B 237 -37.56 38.32 12.55
C ASP B 237 -36.44 37.37 12.14
N HIS B 238 -35.25 37.54 12.73
CA HIS B 238 -34.12 36.70 12.40
C HIS B 238 -33.33 36.20 13.61
N PRO B 239 -33.95 35.37 14.48
CA PRO B 239 -33.36 34.72 15.63
C PRO B 239 -32.56 33.50 15.21
N ARG B 240 -31.70 33.03 16.10
CA ARG B 240 -31.10 31.71 15.93
C ARG B 240 -31.89 30.70 16.72
N HIS B 241 -32.57 29.81 16.02
CA HIS B 241 -33.42 28.84 16.68
C HIS B 241 -32.69 27.55 16.93
N VAL B 242 -32.78 27.03 18.15
CA VAL B 242 -32.16 25.77 18.51
C VAL B 242 -33.19 24.87 19.19
N GLU B 243 -33.04 23.57 19.00
CA GLU B 243 -33.95 22.61 19.59
C GLU B 243 -33.16 21.42 20.11
N ILE B 244 -33.74 20.64 21.03
CA ILE B 244 -33.05 19.47 21.58
C ILE B 244 -32.84 18.43 20.47
N LEU B 245 -28.28 17.21 19.84
CA LEU B 245 -28.70 15.82 19.78
C LEU B 245 -29.99 15.62 20.60
N GLY B 246 -30.27 14.37 21.02
CA GLY B 246 -31.50 14.02 21.73
C GLY B 246 -31.32 13.98 23.25
N PHE B 247 -32.16 13.19 23.91
CA PHE B 247 -32.16 13.05 25.36
C PHE B 247 -31.10 12.07 25.82
N SER B 248 -30.45 12.38 26.92
CA SER B 248 -29.53 11.44 27.55
C SER B 248 -30.34 10.42 28.34
N GLU B 249 -29.67 9.38 28.83
CA GLU B 249 -30.36 8.34 29.58
C GLU B 249 -31.02 8.92 30.84
N ALA B 250 -30.28 9.81 31.51
CA ALA B 250 -30.79 10.46 32.71
C ALA B 250 -31.91 11.43 32.36
N LYS B 251 -31.76 12.10 31.20
CA LYS B 251 -32.76 13.06 30.78
C LYS B 251 -34.09 12.39 30.53
N ARG B 252 -34.07 11.19 29.93
CA ARG B 252 -35.31 10.48 29.68
C ARG B 252 -36.00 10.15 30.99
N LYS B 253 -35.25 9.63 31.96
CA LYS B 253 -35.85 9.28 33.24
C LYS B 253 -36.50 10.51 33.87
N GLU B 254 -35.81 11.64 33.81
CA GLU B 254 -36.36 12.88 34.34
C GLU B 254 -37.58 13.32 33.55
N TYR B 255 -37.55 13.14 32.23
CA TYR B 255 -38.66 13.51 31.38
C TYR B 255 -39.93 12.77 31.79
N PHE B 256 -39.82 11.46 31.98
CA PHE B 256 -40.97 10.66 32.36
C PHE B 256 -41.53 11.12 33.70
N PHE B 257 -40.64 11.44 34.63
CA PHE B 257 -41.06 11.85 35.96
C PHE B 257 -41.69 13.23 35.96
N LYS B 258 -41.30 14.09 35.04
CA LYS B 258 -41.91 15.41 34.97
C LYS B 258 -43.15 15.43 34.08
N TYR B 259 -43.17 14.60 33.05
CA TYR B 259 -44.30 14.53 32.13
C TYR B 259 -45.56 14.09 32.85
N PHE B 260 -45.42 13.03 33.64
CA PHE B 260 -46.53 12.50 34.41
C PHE B 260 -46.65 13.23 35.75
N SER B 261 -47.74 13.97 35.93
CA SER B 261 -47.94 14.77 37.14
C SER B 261 -48.11 13.90 38.38
N ASP B 262 -48.65 12.71 38.18
CA ASP B 262 -48.80 11.76 39.27
C ASP B 262 -47.56 10.88 39.35
N GLU B 263 -46.79 11.02 40.41
CA GLU B 263 -45.54 10.28 40.53
C GLU B 263 -45.77 8.78 40.51
N ALA B 264 -46.92 8.33 41.04
CA ALA B 264 -47.22 6.90 41.05
C ALA B 264 -47.36 6.39 39.63
N GLN B 265 -47.94 7.21 38.76
CA GLN B 265 -48.13 6.82 37.37
C GLN B 265 -46.84 7.04 36.61
N ALA B 266 -46.06 8.03 37.02
CA ALA B 266 -44.79 8.29 36.38
C ALA B 266 -43.89 7.08 36.52
N ARG B 267 -43.90 6.49 37.70
CA ARG B 267 -43.10 5.29 37.95
C ARG B 267 -43.65 4.10 37.20
N ALA B 268 -44.98 3.95 37.18
CA ALA B 268 -45.59 2.83 36.47
C ALA B 268 -45.34 2.93 34.97
N ALA B 269 -45.46 4.15 34.44
CA ALA B 269 -45.23 4.38 33.01
C ALA B 269 -43.77 4.14 32.69
N PHE B 270 -42.90 4.55 33.60
CA PHE B 270 -41.48 4.36 33.41
C PHE B 270 -41.14 2.88 33.48
N SER B 271 -41.78 2.17 34.40
CA SER B 271 -41.57 0.73 34.53
C SER B 271 -41.97 -0.01 33.25
N LEU B 272 -43.11 0.40 32.67
CA LEU B 272 -43.60 -0.24 31.45
C LEU B 272 -42.57 -0.15 30.33
N ILE B 273 -41.95 1.02 30.17
CA ILE B 273 -40.85 1.14 29.21
C ILE B 273 -39.54 0.55 29.72
N GLN B 274 -39.29 0.65 31.02
CA GLN B 274 -38.00 0.27 31.59
C GLN B 274 -37.58 -1.15 31.28
N GLU B 275 -38.53 -2.06 31.20
CA GLU B 275 -38.18 -3.45 30.89
C GLU B 275 -37.60 -3.57 29.49
N ASN B 276 -38.00 -2.67 28.60
CA ASN B 276 -37.62 -2.72 27.19
C ASN B 276 -36.39 -1.88 26.88
N GLU B 277 -35.55 -2.37 25.96
CA GLU B 277 -34.37 -1.61 25.56
C GLU B 277 -34.54 -0.91 24.20
N VAL B 278 -35.40 -1.47 23.36
CA VAL B 278 -35.59 -0.95 22.00
C VAL B 278 -36.33 0.37 22.01
N LEU B 279 -37.39 0.45 22.81
CA LEU B 279 -38.19 1.66 22.85
C LEU B 279 -37.35 2.81 23.38
N PHE B 280 -36.48 2.53 24.35
CA PHE B 280 -35.61 3.57 24.88
C PHE B 280 -34.69 4.13 23.81
N THR B 281 -34.12 3.26 22.98
CA THR B 281 -33.21 3.72 21.95
C THR B 281 -33.90 4.75 21.04
N MET B 282 -35.12 4.48 20.62
CA MET B 282 -35.83 5.47 19.81
C MET B 282 -36.25 6.70 20.64
N CYS B 283 -36.45 6.52 21.95
CA CYS B 283 -36.85 7.62 22.83
C CYS B 283 -35.73 8.64 23.07
N PHE B 284 -34.58 8.44 22.42
CA PHE B 284 -33.56 9.46 22.44
C PHE B 284 -34.08 10.70 21.73
N ILE B 285 -34.95 10.49 20.75
CA ILE B 285 -35.56 11.60 20.04
C ILE B 285 -36.64 12.21 20.96
N PRO B 286 -36.52 13.50 21.30
CA PRO B 286 -37.41 14.21 22.21
C PRO B 286 -38.88 14.02 21.85
N LEU B 287 -39.16 13.98 20.56
CA LEU B 287 -40.51 13.77 20.09
C LEU B 287 -41.00 12.38 20.44
N VAL B 288 -40.15 11.38 20.25
CA VAL B 288 -40.55 10.01 20.49
C VAL B 288 -40.78 9.80 21.98
N CYS B 289 -39.90 10.34 22.80
CA CYS B 289 -40.07 10.19 24.24
C CYS B 289 -41.41 10.79 24.65
N TRP B 290 -41.77 11.94 24.08
CA TRP B 290 -43.07 12.54 24.30
C TRP B 290 -44.18 11.59 23.85
N ILE B 291 -44.02 10.99 22.66
CA ILE B 291 -45.01 10.08 22.12
C ILE B 291 -45.25 8.87 23.00
N VAL B 292 -44.17 8.24 23.48
CA VAL B 292 -44.38 7.05 24.30
C VAL B 292 -45.01 7.43 25.62
N CYS B 293 -44.62 8.58 26.16
CA CYS B 293 -45.21 9.06 27.40
C CYS B 293 -46.69 9.33 27.19
N THR B 294 -47.01 9.90 26.03
CA THR B 294 -48.38 10.22 25.66
C THR B 294 -49.21 8.94 25.52
N GLY B 295 -48.65 7.94 24.85
CA GLY B 295 -49.34 6.66 24.68
C GLY B 295 -49.55 5.98 26.02
N LEU B 296 -48.52 5.99 26.87
CA LEU B 296 -48.62 5.39 28.19
C LEU B 296 -49.65 6.14 29.03
N LYS B 297 -49.69 7.46 28.90
CA LYS B 297 -50.65 8.27 29.61
C LYS B 297 -52.08 7.89 29.23
N GLN B 298 -52.31 7.62 27.95
CA GLN B 298 -53.64 7.21 27.50
C GLN B 298 -54.02 5.88 28.13
N GLN B 299 -53.06 4.96 28.22
CA GLN B 299 -53.30 3.67 28.85
C GLN B 299 -53.73 3.85 30.31
N MET B 300 -53.10 4.82 30.99
CA MET B 300 -53.43 5.10 32.38
C MET B 300 -54.83 5.68 32.51
N GLU B 301 -55.15 6.65 31.65
CA GLU B 301 -56.46 7.32 31.70
C GLU B 301 -57.60 6.35 31.41
N SER B 302 -57.34 5.39 30.54
CA SER B 302 -58.33 4.39 30.17
C SER B 302 -58.65 3.43 31.31
N GLY B 303 -57.83 3.47 32.37
CA GLY B 303 -58.03 2.60 33.52
C GLY B 303 -57.56 1.18 33.27
N LYS B 304 -56.54 1.04 32.44
CA LYS B 304 -56.02 -0.29 32.11
C LYS B 304 -55.19 -0.85 33.25
N SER B 305 -55.11 -2.18 33.31
CA SER B 305 -54.35 -2.90 34.34
C SER B 305 -52.85 -2.72 34.17
N LEU B 306 -52.44 -2.22 33.01
CA LEU B 306 -51.04 -2.01 32.66
C LEU B 306 -50.30 -3.34 32.51
N ALA B 307 -51.04 -4.40 32.20
CA ALA B 307 -50.42 -5.68 31.92
C ALA B 307 -49.88 -5.68 30.50
N GLN B 308 -48.84 -4.88 30.30
CA GLN B 308 -48.25 -4.64 28.98
C GLN B 308 -46.74 -4.50 29.08
N THR B 309 -46.05 -4.99 28.07
CA THR B 309 -44.60 -4.84 27.99
C THR B 309 -44.25 -4.10 26.71
N SER B 310 -44.18 -2.77 26.81
CA SER B 310 -44.03 -1.87 25.67
C SER B 310 -42.68 -2.00 24.96
N LYS B 311 -42.69 -1.81 23.64
CA LYS B 311 -41.49 -1.82 22.79
C LYS B 311 -41.53 -0.66 21.80
N THR B 312 -44.25 -4.40 22.91
CA THR B 312 -45.47 -4.02 22.21
C THR B 312 -45.36 -2.58 21.72
N THR B 313 -44.60 -2.38 20.62
CA THR B 313 -44.43 -1.08 19.98
C THR B 313 -45.75 -0.63 19.43
N THR B 314 -46.50 -1.59 18.90
CA THR B 314 -47.80 -1.32 18.36
C THR B 314 -48.71 -0.70 19.40
N ALA B 315 -48.75 -1.30 20.59
CA ALA B 315 -49.65 -0.84 21.63
C ALA B 315 -49.38 0.62 21.95
N VAL B 316 -48.11 1.01 21.97
CA VAL B 316 -47.76 2.39 22.25
C VAL B 316 -48.27 3.33 21.18
N TYR B 317 -48.03 2.96 19.92
CA TYR B 317 -48.44 3.81 18.80
C TYR B 317 -49.96 3.87 18.67
N VAL B 318 -50.64 2.77 18.97
CA VAL B 318 -52.10 2.74 18.92
C VAL B 318 -52.69 3.65 19.99
N PHE B 319 -52.16 3.57 21.22
CA PHE B 319 -52.62 4.44 22.28
C PHE B 319 -52.34 5.90 21.95
N PHE B 320 -51.19 6.15 21.33
CA PHE B 320 -50.83 7.49 20.94
C PHE B 320 -51.85 8.06 19.95
N LEU B 321 -52.17 7.31 18.91
CA LEU B 321 -53.15 7.81 17.94
C LEU B 321 -54.50 8.00 18.59
N SER B 322 -54.85 7.11 19.51
CA SER B 322 -56.12 7.25 20.20
C SER B 322 -56.20 8.62 20.88
N SER B 323 -55.17 8.97 21.66
CA SER B 323 -55.17 10.25 22.36
C SER B 323 -54.87 11.43 21.44
N LEU B 324 -54.19 11.18 20.31
CA LEU B 324 -53.86 12.24 19.36
C LEU B 324 -55.06 12.64 18.52
N LEU B 325 -55.81 11.65 18.05
CA LEU B 325 -56.92 11.89 17.14
C LEU B 325 -58.26 12.09 17.82
N GLN B 326 -58.46 11.47 18.99
CA GLN B 326 -59.75 11.55 19.67
C GLN B 326 -60.26 12.98 20.01
N PRO B 327 -59.40 13.94 20.49
CA PRO B 327 -59.76 15.32 20.83
C PRO B 327 -60.38 16.04 19.63
N LEU B 336 -57.13 14.19 10.24
CA LEU B 336 -57.89 13.80 11.43
C LEU B 336 -58.34 12.33 11.32
N CYS B 337 -59.37 11.94 12.11
CA CYS B 337 -59.82 10.55 12.23
C CYS B 337 -60.21 9.90 10.90
N ALA B 338 -60.87 10.67 10.05
CA ALA B 338 -61.36 10.15 8.77
C ALA B 338 -60.33 10.28 7.67
N HIS B 339 -59.16 10.83 7.99
CA HIS B 339 -58.14 11.07 6.99
C HIS B 339 -56.94 10.16 7.22
N LEU B 340 -57.10 9.23 8.15
CA LEU B 340 -56.05 8.27 8.49
C LEU B 340 -55.74 7.39 7.30
N TRP B 341 -56.75 7.06 6.52
CA TRP B 341 -56.57 6.24 5.34
C TRP B 341 -55.49 6.81 4.44
N GLY B 342 -55.57 8.11 4.17
CA GLY B 342 -54.61 8.74 3.27
C GLY B 342 -53.19 8.58 3.80
N LEU B 343 -53.02 8.72 5.11
CA LEU B 343 -51.71 8.58 5.73
C LEU B 343 -51.22 7.14 5.66
N CYS B 344 -52.14 6.20 5.90
CA CYS B 344 -51.78 4.79 5.86
C CYS B 344 -51.42 4.34 4.46
N SER B 345 -52.16 4.83 3.47
CA SER B 345 -51.89 4.51 2.08
C SER B 345 -50.52 5.03 1.69
N LEU B 346 -50.20 6.24 2.16
CA LEU B 346 -48.90 6.83 1.91
C LEU B 346 -47.81 5.92 2.44
N ALA B 347 -47.98 5.46 3.69
CA ALA B 347 -47.02 4.58 4.32
C ALA B 347 -46.89 3.26 3.56
N ALA B 348 -48.02 2.72 3.10
CA ALA B 348 -48.00 1.46 2.39
C ALA B 348 -47.12 1.58 1.15
N ASP B 349 -47.21 2.71 0.46
CA ASP B 349 -46.33 2.97 -0.68
C ASP B 349 -44.91 3.05 -0.19
N GLY B 350 -44.73 3.73 0.94
CA GLY B 350 -43.43 3.89 1.55
C GLY B 350 -42.69 2.58 1.72
N ILE B 351 -43.34 1.60 2.35
CA ILE B 351 -42.63 0.37 2.61
C ILE B 351 -42.41 -0.45 1.34
N TRP B 352 -43.41 -0.50 0.46
CA TRP B 352 -43.30 -1.39 -0.69
C TRP B 352 -42.30 -0.93 -1.73
N ASN B 353 -42.12 0.38 -1.86
CA ASN B 353 -41.17 0.89 -2.83
C ASN B 353 -39.91 1.44 -2.20
N GLN B 354 -39.65 1.07 -0.94
CA GLN B 354 -38.48 1.55 -0.21
C GLN B 354 -38.37 3.06 -0.29
N LYS B 355 -39.49 3.73 -0.02
CA LYS B 355 -39.55 5.18 -0.10
C LYS B 355 -39.73 5.80 1.27
N ILE B 356 -38.71 6.53 1.70
CA ILE B 356 -38.73 7.23 2.97
C ILE B 356 -39.21 8.66 2.75
N LEU B 357 -38.71 9.24 1.67
CA LEU B 357 -39.01 10.61 1.30
C LEU B 357 -40.10 10.68 0.23
N PHE B 358 -41.21 11.32 0.57
CA PHE B 358 -42.37 11.42 -0.32
C PHE B 358 -42.43 12.78 -1.01
N GLU B 359 -42.85 12.79 -2.27
CA GLU B 359 -43.05 14.04 -2.98
C GLU B 359 -44.42 14.60 -2.61
N GLU B 360 -44.61 15.90 -2.78
CA GLU B 360 -45.91 16.49 -2.52
C GLU B 360 -46.94 15.91 -3.48
N SER B 361 -46.48 15.38 -4.60
CA SER B 361 -47.34 14.73 -5.58
C SER B 361 -47.83 13.38 -5.08
N ASP B 362 -47.09 12.77 -4.15
CA ASP B 362 -47.52 11.49 -3.61
C ASP B 362 -48.60 11.76 -2.58
N LEU B 363 -48.43 12.85 -1.85
CA LEU B 363 -49.42 13.24 -0.86
C LEU B 363 -50.75 13.51 -1.55
N ARG B 364 -50.69 14.18 -2.70
CA ARG B 364 -51.92 14.43 -3.46
C ARG B 364 -52.51 13.16 -4.03
N ASN B 365 -51.65 12.28 -4.56
CA ASN B 365 -52.15 11.06 -5.17
C ASN B 365 -52.85 10.14 -4.18
N HIS B 366 -52.39 10.13 -2.93
CA HIS B 366 -52.98 9.25 -1.94
C HIS B 366 -54.22 9.85 -1.28
N GLY B 367 -54.60 11.05 -1.71
CA GLY B 367 -55.77 11.72 -1.14
C GLY B 367 -55.45 12.39 0.18
N LEU B 368 -54.17 12.69 0.38
CA LEU B 368 -53.69 13.31 1.60
C LEU B 368 -53.05 14.64 1.30
N GLN B 369 -53.84 15.68 1.09
CA GLN B 369 -53.26 16.95 0.67
C GLN B 369 -53.85 18.16 1.38
N LYS B 370 -53.05 19.22 1.42
CA LYS B 370 -53.48 20.50 1.95
C LYS B 370 -53.99 20.39 3.39
N ALA B 371 -55.30 20.50 3.57
CA ALA B 371 -55.89 20.50 4.89
C ALA B 371 -55.58 19.22 5.64
N ASP B 372 -55.52 18.09 4.94
CA ASP B 372 -55.29 16.82 5.61
C ASP B 372 -53.84 16.69 6.02
N VAL B 373 -52.94 17.25 5.22
CA VAL B 373 -51.52 17.19 5.52
C VAL B 373 -51.24 18.07 6.72
N SER B 374 -51.80 19.27 6.69
CA SER B 374 -51.61 20.21 7.78
C SER B 374 -52.14 19.64 9.08
N ALA B 375 -53.27 18.94 9.03
CA ALA B 375 -53.82 18.35 10.25
C ALA B 375 -52.83 17.37 10.87
N PHE B 376 -52.20 16.54 10.04
CA PHE B 376 -51.25 15.56 10.54
C PHE B 376 -49.90 16.18 10.89
N LEU B 377 -49.54 17.27 10.24
CA LEU B 377 -48.30 17.96 10.60
C LEU B 377 -48.47 18.66 11.94
N ARG B 378 -49.64 19.25 12.18
CA ARG B 378 -49.92 19.88 13.47
C ARG B 378 -49.99 18.84 14.57
N MET B 379 -50.63 17.71 14.27
CA MET B 379 -50.67 16.60 15.20
C MET B 379 -49.36 15.83 15.06
N ASN B 380 -48.28 16.45 15.52
CA ASN B 380 -46.93 15.97 15.24
C ASN B 380 -46.90 14.46 15.09
N LEU B 381 -46.78 14.01 13.84
CA LEU B 381 -46.83 12.61 13.47
C LEU B 381 -46.08 12.45 12.16
N PHE B 382 -46.03 13.56 11.44
CA PHE B 382 -45.50 13.62 10.10
C PHE B 382 -44.64 14.89 9.95
N GLN B 383 -43.54 14.80 9.21
CA GLN B 383 -42.60 15.92 9.07
C GLN B 383 -42.44 16.44 7.64
N LYS B 384 -42.00 17.71 7.54
CA LYS B 384 -41.70 18.34 6.26
C LYS B 384 -40.24 18.17 5.86
N GLU B 385 -39.43 17.53 6.72
CA GLU B 385 -37.99 17.44 6.51
C GLU B 385 -37.41 18.82 6.20
N VAL B 386 -37.57 19.75 7.14
CA VAL B 386 -37.15 21.14 6.94
C VAL B 386 -35.63 21.27 6.87
N ASP B 387 -34.91 20.21 7.23
CA ASP B 387 -33.46 20.25 7.23
C ASP B 387 -32.89 20.05 5.83
N CYS B 388 -32.98 21.10 5.02
CA CYS B 388 -32.43 21.12 3.67
C CYS B 388 -32.99 20.04 2.76
N GLU B 389 -34.32 19.90 2.73
CA GLU B 389 -34.93 18.90 1.87
C GLU B 389 -36.30 19.37 1.39
N LYS B 390 -36.76 18.82 0.28
CA LYS B 390 -38.05 19.18 -0.32
C LYS B 390 -39.08 18.07 -0.27
N PHE B 391 -38.81 17.05 0.54
CA PHE B 391 -39.64 15.86 0.64
C PHE B 391 -40.25 15.68 2.01
N TYR B 392 -41.38 14.99 2.06
CA TYR B 392 -42.08 14.74 3.30
C TYR B 392 -41.74 13.35 3.85
N SER B 393 -41.85 13.19 5.16
CA SER B 393 -41.55 11.89 5.77
C SER B 393 -42.24 11.68 7.10
N PHE B 394 -42.16 10.46 7.61
CA PHE B 394 -42.68 10.13 8.93
C PHE B 394 -41.65 10.45 10.00
N ILE B 395 -42.13 10.73 11.21
CA ILE B 395 -41.25 11.08 12.33
C ILE B 395 -40.27 9.96 12.70
N HIS B 396 -40.57 8.73 12.32
CA HIS B 396 -39.69 7.60 12.58
C HIS B 396 -40.00 6.46 11.62
N MET B 397 -38.98 5.68 11.28
CA MET B 397 -39.18 4.54 10.38
C MET B 397 -40.21 3.57 10.93
N THR B 398 -40.27 3.44 12.25
CA THR B 398 -41.22 2.51 12.85
C THR B 398 -42.66 2.99 12.69
N PHE B 399 -42.85 4.30 12.53
CA PHE B 399 -44.20 4.79 12.29
C PHE B 399 -44.62 4.48 10.88
N GLN B 400 -43.72 4.71 9.93
CA GLN B 400 -44.06 4.39 8.55
C GLN B 400 -44.50 2.94 8.44
N GLU B 401 -43.75 2.05 9.10
CA GLU B 401 -44.07 0.63 9.09
C GLU B 401 -45.41 0.37 9.78
N PHE B 402 -45.63 1.05 10.89
CA PHE B 402 -46.87 0.96 11.65
C PHE B 402 -48.10 1.36 10.84
N PHE B 403 -48.03 2.49 10.16
CA PHE B 403 -49.16 2.96 9.37
C PHE B 403 -49.40 2.03 8.21
N ALA B 404 -48.32 1.56 7.61
CA ALA B 404 -48.40 0.65 6.49
C ALA B 404 -49.05 -0.66 6.93
N ALA B 405 -48.88 -1.03 8.20
CA ALA B 405 -49.58 -2.21 8.70
C ALA B 405 -51.09 -1.93 8.79
N MET B 406 -51.45 -0.80 9.39
CA MET B 406 -52.87 -0.46 9.55
C MET B 406 -53.55 -0.43 8.20
N TYR B 407 -52.82 -0.01 7.18
CA TYR B 407 -53.36 0.04 5.83
C TYR B 407 -54.12 -1.23 5.45
N TYR B 408 -53.59 -2.39 5.87
CA TYR B 408 -54.19 -3.68 5.53
C TYR B 408 -55.45 -3.96 6.35
N LEU B 409 -55.58 -3.25 7.47
CA LEU B 409 -56.64 -3.49 8.44
C LEU B 409 -57.77 -2.44 8.39
N LEU B 410 -57.48 -1.26 7.84
CA LEU B 410 -58.43 -0.16 7.85
C LEU B 410 -59.79 -0.53 7.25
N GLU B 411 -60.87 -0.07 7.93
CA GLU B 411 -62.25 -0.27 7.48
C GLU B 411 -62.54 0.55 6.22
N GLU B 412 -64.86 3.54 7.77
CA GLU B 412 -65.86 3.09 6.81
C GLU B 412 -65.31 3.15 5.38
N GLU B 413 -66.13 2.76 4.39
CA GLU B 413 -65.78 2.80 2.97
C GLU B 413 -65.94 4.20 2.41
N LYS B 414 -64.88 4.70 1.77
CA LYS B 414 -64.87 6.05 1.21
C LYS B 414 -64.42 6.04 -0.24
N GLU B 415 -65.15 6.75 -1.10
CA GLU B 415 -64.85 6.81 -2.53
C GLU B 415 -63.76 7.85 -2.84
N GLY B 416 -63.39 8.64 -1.84
CA GLY B 416 -62.41 9.70 -2.03
C GLY B 416 -61.03 9.15 -2.37
N ARG B 417 -60.83 7.85 -2.15
CA ARG B 417 -59.56 7.20 -2.46
C ARG B 417 -59.52 6.70 -3.90
N THR B 418 -60.64 6.76 -4.61
CA THR B 418 -60.70 6.33 -6.00
C THR B 418 -60.99 7.51 -6.94
N ASN B 419 -61.58 8.57 -6.38
CA ASN B 419 -61.91 9.76 -7.16
C ASN B 419 -60.79 10.80 -7.09
N VAL B 420 -59.73 10.44 -6.39
CA VAL B 420 -58.54 11.26 -6.26
C VAL B 420 -57.87 11.36 -7.64
N PRO B 421 -57.36 12.54 -8.03
CA PRO B 421 -56.67 12.80 -9.28
C PRO B 421 -55.57 11.79 -9.62
N GLY B 422 -54.99 11.16 -8.61
CA GLY B 422 -53.91 10.21 -8.83
C GLY B 422 -54.43 8.80 -9.15
N SER B 423 -55.75 8.64 -9.14
CA SER B 423 -56.39 7.34 -9.37
C SER B 423 -56.19 6.88 -10.81
N ARG B 424 -55.99 5.57 -11.06
CA ARG B 424 -55.97 4.51 -10.05
C ARG B 424 -54.67 4.48 -9.27
N LEU B 425 -54.77 4.21 -7.98
CA LEU B 425 -53.61 4.22 -7.09
C LEU B 425 -52.92 2.87 -7.01
N LYS B 426 -51.60 2.90 -6.78
CA LYS B 426 -50.75 1.72 -6.59
C LYS B 426 -49.62 2.06 -5.63
N LEU B 427 -52.21 2.64 -3.25
CA LEU B 427 -52.92 1.45 -2.81
C LEU B 427 -52.24 0.17 -3.35
N PRO B 428 -51.01 -0.19 -2.86
CA PRO B 428 -50.15 -1.27 -3.32
C PRO B 428 -50.84 -2.64 -3.48
N SER B 429 -51.70 -3.00 -2.51
CA SER B 429 -52.34 -4.31 -2.62
C SER B 429 -53.44 -4.55 -1.60
N ARG B 430 -53.11 -4.34 -0.32
CA ARG B 430 -53.93 -4.76 0.82
C ARG B 430 -53.96 -6.28 0.91
N ASP B 431 -53.01 -6.92 0.25
CA ASP B 431 -52.90 -8.36 0.23
C ASP B 431 -51.85 -8.83 1.23
N VAL B 432 -52.31 -9.33 2.36
CA VAL B 432 -51.44 -9.75 3.45
C VAL B 432 -50.61 -10.95 3.04
N THR B 433 -51.20 -11.87 2.29
CA THR B 433 -50.45 -13.03 1.84
C THR B 433 -49.20 -12.59 1.11
N VAL B 434 -49.35 -11.61 0.21
CA VAL B 434 -48.22 -11.08 -0.53
C VAL B 434 -47.21 -10.43 0.41
N LEU B 435 -47.71 -9.67 1.39
CA LEU B 435 -46.83 -9.04 2.37
C LEU B 435 -45.98 -10.08 3.08
N LEU B 436 -46.61 -11.18 3.49
CA LEU B 436 -45.93 -12.25 4.21
C LEU B 436 -44.96 -13.01 3.30
N GLU B 437 -45.34 -13.22 2.05
CA GLU B 437 -44.50 -13.92 1.09
C GLU B 437 -43.18 -13.19 0.86
N ASN B 438 -43.23 -11.86 0.96
CA ASN B 438 -42.06 -11.03 0.74
C ASN B 438 -41.34 -10.69 2.04
N TYR B 439 -41.64 -11.42 3.11
CA TYR B 439 -41.01 -11.18 4.40
C TYR B 439 -39.49 -11.27 4.30
N GLY B 440 -38.98 -12.35 3.70
CA GLY B 440 -37.54 -12.54 3.58
C GLY B 440 -36.98 -11.82 2.36
N LYS B 441 -37.33 -10.55 2.19
CA LYS B 441 -36.91 -9.78 1.02
C LYS B 441 -36.51 -8.35 1.37
N PHE B 442 -35.22 -8.07 1.34
CA PHE B 442 -34.75 -6.71 1.61
C PHE B 442 -35.17 -5.81 0.47
N GLU B 443 -35.39 -6.42 -0.71
CA GLU B 443 -35.79 -5.72 -1.92
C GLU B 443 -37.13 -5.02 -1.75
N LYS B 444 -37.92 -5.48 -0.78
CA LYS B 444 -39.24 -4.92 -0.55
C LYS B 444 -39.24 -4.12 0.75
N GLY B 445 -38.06 -3.81 1.26
CA GLY B 445 -37.95 -3.03 2.49
C GLY B 445 -38.11 -3.90 3.72
N TYR B 446 -37.83 -5.19 3.58
CA TYR B 446 -37.90 -6.17 4.66
C TYR B 446 -39.33 -6.50 5.06
N LEU B 447 -40.11 -5.48 5.37
CA LEU B 447 -41.51 -5.67 5.74
C LEU B 447 -41.63 -6.48 7.04
N ILE B 448 -40.51 -6.63 7.74
CA ILE B 448 -40.48 -7.43 8.95
C ILE B 448 -41.22 -6.74 10.05
N PHE B 449 -40.94 -5.45 10.22
CA PHE B 449 -41.59 -4.67 11.24
C PHE B 449 -43.05 -4.49 10.92
N VAL B 450 -43.35 -4.41 9.62
CA VAL B 450 -44.73 -4.22 9.20
C VAL B 450 -45.56 -5.42 9.63
N VAL B 451 -45.02 -6.62 9.42
CA VAL B 451 -45.69 -7.83 9.87
C VAL B 451 -45.81 -7.84 11.39
N ARG B 452 -44.73 -7.48 12.08
CA ARG B 452 -44.78 -7.42 13.55
C ARG B 452 -45.86 -6.45 14.00
N PHE B 453 -46.01 -5.33 13.31
CA PHE B 453 -47.05 -4.37 13.65
C PHE B 453 -48.42 -4.95 13.40
N LEU B 454 -48.58 -5.70 12.29
CA LEU B 454 -49.87 -6.33 12.04
C LEU B 454 -50.22 -7.28 13.17
N PHE B 455 -49.23 -8.00 13.67
CA PHE B 455 -49.53 -8.91 14.76
C PHE B 455 -50.05 -8.15 15.98
N GLY B 456 -49.43 -7.03 16.30
CA GLY B 456 -49.89 -6.22 17.43
C GLY B 456 -51.29 -5.65 17.19
N LEU B 457 -51.52 -5.14 15.99
CA LEU B 457 -52.78 -4.49 15.63
C LEU B 457 -53.94 -5.46 15.62
N VAL B 458 -53.68 -6.67 15.18
CA VAL B 458 -54.72 -7.68 15.12
C VAL B 458 -54.92 -8.32 16.47
N ASN B 459 -55.77 -7.71 17.28
CA ASN B 459 -56.03 -8.20 18.63
C ASN B 459 -57.51 -8.06 18.93
N GLN B 460 -57.92 -8.48 20.11
CA GLN B 460 -59.30 -8.37 20.53
C GLN B 460 -59.39 -7.63 21.85
N GLU B 461 -58.29 -7.65 22.59
CA GLU B 461 -58.25 -7.05 23.92
C GLU B 461 -57.95 -5.56 23.81
N ARG B 462 -58.86 -4.83 23.19
CA ARG B 462 -58.70 -3.40 22.98
C ARG B 462 -59.98 -2.63 23.28
N THR B 463 -59.83 -1.33 23.49
CA THR B 463 -60.94 -0.45 23.87
C THR B 463 -61.42 0.37 22.68
N SER B 464 -62.18 1.42 22.97
CA SER B 464 -62.73 2.29 21.94
C SER B 464 -61.75 3.39 21.59
N TYR B 465 -62.22 4.63 21.57
CA TYR B 465 -61.33 5.77 21.35
C TYR B 465 -60.50 5.62 20.09
N LEU B 466 -61.16 5.28 18.99
CA LEU B 466 -60.53 5.16 17.68
C LEU B 466 -59.58 3.96 17.55
N GLU B 467 -59.65 3.02 18.49
CA GLU B 467 -58.90 1.78 18.34
C GLU B 467 -59.75 0.78 17.57
N LYS B 468 -60.95 1.22 17.21
CA LYS B 468 -61.94 0.42 16.49
C LYS B 468 -62.17 0.92 15.06
N LYS B 469 -61.20 1.66 14.52
CA LYS B 469 -61.30 2.14 13.14
C LYS B 469 -60.78 1.12 12.15
N LEU B 470 -60.31 -0.01 12.67
CA LEU B 470 -59.84 -1.11 11.85
C LEU B 470 -60.98 -2.11 11.74
N SER B 471 -61.08 -2.77 10.59
CA SER B 471 -62.19 -3.69 10.34
C SER B 471 -62.12 -4.95 11.17
N CYS B 472 -63.27 -5.31 11.74
CA CYS B 472 -63.38 -6.53 12.53
C CYS B 472 -63.25 -7.74 11.63
N LYS B 473 -63.91 -7.70 10.48
CA LYS B 473 -63.89 -8.82 9.56
C LYS B 473 -62.50 -9.02 8.99
N ILE B 474 -61.78 -7.94 8.73
CA ILE B 474 -60.43 -8.08 8.24
C ILE B 474 -59.53 -8.60 9.34
N SER B 475 -59.70 -8.09 10.56
CA SER B 475 -58.89 -8.54 11.69
C SER B 475 -59.06 -10.04 11.90
N GLN B 476 -60.29 -10.53 11.77
CA GLN B 476 -60.53 -11.96 11.93
C GLN B 476 -59.90 -12.78 10.81
N GLN B 477 -60.02 -12.30 9.57
CA GLN B 477 -59.47 -13.03 8.44
C GLN B 477 -57.94 -13.00 8.44
N ILE B 478 -57.38 -11.86 8.79
CA ILE B 478 -55.94 -11.72 8.80
C ILE B 478 -55.35 -12.55 9.93
N ARG B 479 -56.06 -12.61 11.06
CA ARG B 479 -55.59 -13.40 12.18
C ARG B 479 -55.40 -14.83 11.75
N LEU B 480 -56.36 -15.35 10.97
CA LEU B 480 -56.26 -16.71 10.47
C LEU B 480 -55.08 -16.88 9.52
N GLU B 481 -54.87 -15.90 8.64
CA GLU B 481 -53.76 -15.98 7.70
C GLU B 481 -52.41 -15.93 8.42
N LEU B 482 -52.32 -15.08 9.44
CA LEU B 482 -51.08 -14.95 10.20
C LEU B 482 -50.81 -16.24 10.96
N LEU B 483 -51.86 -16.86 11.46
CA LEU B 483 -51.73 -18.10 12.22
C LEU B 483 -51.21 -19.20 11.32
N LYS B 484 -51.76 -19.29 10.10
CA LYS B 484 -51.33 -20.28 9.13
C LYS B 484 -49.89 -20.04 8.70
N TRP B 485 -49.52 -18.78 8.56
CA TRP B 485 -48.17 -18.41 8.20
C TRP B 485 -47.18 -18.92 9.24
N ILE B 486 -47.51 -18.73 10.52
CA ILE B 486 -46.68 -19.26 11.58
C ILE B 486 -46.62 -20.77 11.52
N GLU B 487 -47.75 -21.44 11.32
CA GLU B 487 -47.73 -22.89 11.28
C GLU B 487 -46.73 -23.40 10.26
N VAL B 488 -46.73 -22.80 9.07
CA VAL B 488 -45.83 -23.24 8.01
C VAL B 488 -44.38 -22.98 8.34
N LYS B 489 -44.06 -21.79 8.81
CA LYS B 489 -42.67 -21.43 9.07
C LYS B 489 -42.15 -22.08 10.36
N ALA B 490 -43.05 -22.29 11.32
CA ALA B 490 -42.68 -22.92 12.58
C ALA B 490 -42.29 -24.37 12.34
N LYS B 491 -43.09 -25.04 11.50
CA LYS B 491 -42.85 -26.44 11.13
C LYS B 491 -41.58 -26.57 10.31
N ALA B 492 -41.34 -25.62 9.42
CA ALA B 492 -40.17 -25.65 8.57
C ALA B 492 -38.93 -25.24 9.35
N LYS B 493 -38.53 -26.08 10.28
CA LYS B 493 -37.39 -25.79 11.14
C LYS B 493 -36.12 -26.12 10.39
N LYS B 494 -35.66 -25.16 9.60
CA LYS B 494 -34.51 -25.30 8.73
C LYS B 494 -33.72 -24.01 8.67
N LEU B 495 -32.51 -24.07 8.14
CA LEU B 495 -31.74 -22.85 7.95
C LEU B 495 -32.29 -22.07 6.76
N GLN B 496 -32.63 -20.80 6.99
CA GLN B 496 -33.24 -19.97 5.96
C GLN B 496 -33.20 -18.50 6.34
N ILE B 497 -33.62 -17.65 5.40
CA ILE B 497 -33.67 -16.20 5.64
C ILE B 497 -35.06 -15.75 6.08
N GLN B 498 -35.98 -16.71 6.09
CA GLN B 498 -37.35 -16.48 6.52
C GLN B 498 -37.31 -16.52 8.05
N PRO B 499 -38.41 -16.30 8.78
CA PRO B 499 -38.42 -16.15 10.21
C PRO B 499 -37.68 -17.30 10.88
N SER B 500 -36.59 -16.97 11.57
CA SER B 500 -35.75 -17.97 12.21
C SER B 500 -36.24 -18.31 13.61
N GLN B 501 -37.45 -18.85 13.70
CA GLN B 501 -38.06 -19.27 14.96
C GLN B 501 -38.32 -18.08 15.90
N LEU B 502 -37.24 -17.45 16.36
CA LEU B 502 -37.33 -16.31 17.26
C LEU B 502 -38.09 -15.16 16.62
N GLU B 503 -37.91 -14.97 15.31
CA GLU B 503 -38.62 -13.89 14.65
C GLU B 503 -40.13 -14.12 14.67
N LEU B 504 -40.54 -15.38 14.64
CA LEU B 504 -41.96 -15.68 14.75
C LEU B 504 -42.40 -15.33 16.15
N PHE B 505 -41.51 -15.55 17.12
CA PHE B 505 -41.81 -15.21 18.50
C PHE B 505 -41.93 -13.70 18.67
N TYR B 506 -41.06 -12.95 17.99
CA TYR B 506 -41.16 -11.48 18.04
C TYR B 506 -42.53 -11.02 17.58
N CYS B 507 -43.02 -11.65 16.51
CA CYS B 507 -44.35 -11.33 16.00
C CYS B 507 -45.42 -11.64 17.04
N LEU B 508 -45.32 -12.80 17.65
CA LEU B 508 -46.27 -13.21 18.68
C LEU B 508 -46.17 -12.31 19.90
N TYR B 509 -44.96 -11.86 20.21
CA TYR B 509 -44.73 -10.96 21.33
C TYR B 509 -45.55 -9.70 21.18
N GLU B 510 -45.55 -9.11 19.98
CA GLU B 510 -46.36 -7.91 19.76
C GLU B 510 -47.84 -8.21 19.95
N MET B 511 -48.29 -9.36 19.47
CA MET B 511 -49.68 -9.76 19.67
C MET B 511 -49.86 -10.44 21.00
N GLN B 512 -49.84 -9.69 22.09
CA GLN B 512 -49.93 -10.33 23.40
C GLN B 512 -51.35 -10.76 23.73
N GLU B 513 -51.83 -11.75 22.98
CA GLU B 513 -53.15 -12.33 23.15
C GLU B 513 -52.99 -13.81 23.40
N GLU B 514 -53.35 -14.27 24.57
CA GLU B 514 -53.12 -15.66 24.92
C GLU B 514 -53.87 -16.61 23.99
N ASP B 515 -55.09 -16.26 23.64
CA ASP B 515 -55.90 -17.12 22.78
C ASP B 515 -55.24 -17.38 21.43
N PHE B 516 -54.52 -16.39 20.91
CA PHE B 516 -53.83 -16.56 19.64
C PHE B 516 -52.48 -17.18 19.83
N VAL B 517 -51.71 -16.63 20.76
CA VAL B 517 -50.32 -17.06 20.94
C VAL B 517 -50.25 -18.49 21.38
N GLN B 518 -51.13 -18.89 22.28
CA GLN B 518 -51.12 -20.28 22.75
C GLN B 518 -51.44 -21.24 21.62
N ARG B 519 -52.24 -20.80 20.65
CA ARG B 519 -52.52 -21.66 19.49
C ARG B 519 -51.35 -21.62 18.51
N ALA B 520 -50.81 -20.44 18.27
CA ALA B 520 -49.70 -20.29 17.34
C ALA B 520 -48.49 -21.06 17.83
N MET B 521 -48.30 -21.08 19.13
CA MET B 521 -47.16 -21.75 19.72
C MET B 521 -47.26 -23.26 19.69
N ASP B 522 -48.41 -23.79 19.30
CA ASP B 522 -48.56 -25.24 19.25
C ASP B 522 -48.00 -25.78 17.95
N TYR B 523 -47.42 -24.90 17.15
CA TYR B 523 -46.78 -25.31 15.91
C TYR B 523 -45.28 -25.34 16.07
N PHE B 524 -44.82 -25.27 17.33
CA PHE B 524 -43.40 -25.29 17.63
C PHE B 524 -43.01 -26.41 18.59
N PRO B 525 -43.08 -27.68 18.16
CA PRO B 525 -42.73 -28.85 18.94
C PRO B 525 -41.26 -28.86 19.31
N LYS B 526 -40.45 -28.19 18.50
CA LYS B 526 -39.03 -28.08 18.75
C LYS B 526 -38.59 -26.66 18.47
N ILE B 527 -37.98 -26.02 19.46
CA ILE B 527 -37.58 -24.63 19.32
C ILE B 527 -36.07 -24.48 19.33
N GLU B 528 -35.51 -23.98 18.24
CA GLU B 528 -34.08 -23.73 18.15
C GLU B 528 -33.83 -22.24 17.95
N ILE B 529 -33.42 -21.55 19.00
CA ILE B 529 -33.26 -20.10 18.92
C ILE B 529 -31.93 -19.63 19.48
N ASN B 530 -31.44 -18.51 18.96
CA ASN B 530 -30.24 -17.87 19.48
C ASN B 530 -30.63 -16.61 20.22
N LEU B 531 -29.92 -16.29 21.28
CA LEU B 531 -30.25 -15.12 22.09
C LEU B 531 -29.08 -14.15 22.17
N SER B 532 -29.28 -12.92 21.69
CA SER B 532 -28.21 -11.93 21.67
C SER B 532 -28.47 -10.76 22.60
N THR B 533 -29.74 -10.48 22.85
CA THR B 533 -30.09 -9.32 23.68
C THR B 533 -31.23 -9.58 24.66
N ARG B 534 -31.56 -8.54 25.42
CA ARG B 534 -32.59 -8.65 26.46
C ARG B 534 -33.95 -8.95 25.87
N MET B 535 -34.24 -8.36 24.71
CA MET B 535 -35.53 -8.58 24.07
C MET B 535 -35.65 -10.00 23.56
N ASP B 536 -34.54 -10.61 23.20
CA ASP B 536 -34.59 -11.98 22.73
C ASP B 536 -35.08 -12.86 23.86
N HIS B 537 -34.66 -12.52 25.07
CA HIS B 537 -35.06 -13.26 26.26
C HIS B 537 -36.51 -12.97 26.62
N MET B 538 -36.91 -11.70 26.54
CA MET B 538 -38.29 -11.32 26.87
C MET B 538 -39.28 -11.95 25.91
N VAL B 539 -38.90 -11.95 24.64
CA VAL B 539 -39.70 -12.53 23.58
C VAL B 539 -39.79 -14.05 23.69
N SER B 540 -38.63 -14.68 23.92
CA SER B 540 -38.59 -16.12 24.06
C SER B 540 -39.36 -16.55 25.31
N SER B 541 -39.18 -15.81 26.39
CA SER B 541 -39.84 -16.11 27.64
C SER B 541 -41.35 -16.10 27.46
N PHE B 542 -41.86 -15.04 26.87
CA PHE B 542 -43.29 -14.91 26.63
C PHE B 542 -43.85 -16.05 25.79
N CYS B 543 -43.20 -16.32 24.66
CA CYS B 543 -43.71 -17.33 23.75
C CYS B 543 -43.60 -18.73 24.32
N ILE B 544 -42.49 -19.04 24.97
CA ILE B 544 -42.30 -20.37 25.53
C ILE B 544 -43.27 -20.60 26.68
N GLU B 545 -43.47 -19.60 27.53
CA GLU B 545 -44.40 -19.73 28.64
C GLU B 545 -45.80 -20.09 28.15
N ASN B 546 -46.19 -19.53 27.01
CA ASN B 546 -47.52 -19.78 26.46
C ASN B 546 -47.54 -20.93 25.46
N CYS B 547 -46.45 -21.69 25.38
CA CYS B 547 -46.40 -22.84 24.50
C CYS B 547 -46.70 -24.10 25.27
N HIS B 548 -47.75 -24.80 24.87
CA HIS B 548 -48.15 -26.00 25.59
C HIS B 548 -47.75 -27.27 24.85
N ARG B 549 -47.00 -27.10 23.76
CA ARG B 549 -46.60 -28.25 22.97
C ARG B 549 -45.13 -28.24 22.57
N VAL B 550 -44.27 -27.61 23.35
CA VAL B 550 -42.85 -27.66 23.04
C VAL B 550 -42.22 -28.81 23.79
N GLU B 551 -41.60 -29.72 23.05
CA GLU B 551 -41.01 -30.90 23.66
C GLU B 551 -39.51 -30.74 23.79
N SER B 552 -38.90 -30.03 22.86
CA SER B 552 -37.46 -29.83 22.87
C SER B 552 -37.08 -28.39 22.62
N LEU B 553 -36.14 -27.88 23.41
CA LEU B 553 -35.69 -26.51 23.28
C LEU B 553 -34.17 -26.42 23.27
N SER B 554 -33.63 -25.62 22.35
CA SER B 554 -32.21 -25.35 22.29
C SER B 554 -31.94 -23.85 22.37
N LEU B 555 -31.16 -23.44 23.36
CA LEU B 555 -30.90 -22.01 23.55
C LEU B 555 -29.46 -21.63 23.25
N GLY B 556 -29.27 -21.01 22.09
CA GLY B 556 -27.95 -20.60 21.64
C GLY B 556 -27.57 -19.25 22.20
N PHE B 557 -27.24 -19.20 23.48
CA PHE B 557 -26.84 -17.94 24.09
C PHE B 557 -25.61 -17.42 23.37
N LEU B 558 -25.63 -16.14 22.98
CA LEU B 558 -24.50 -15.55 22.28
C LEU B 558 -23.74 -14.57 23.16
N HIS B 559 -23.46 -13.38 22.63
CA HIS B 559 -22.63 -12.40 23.35
C HIS B 559 -23.41 -11.66 24.43
N ASN B 560 -23.77 -12.39 25.49
CA ASN B 560 -24.54 -11.85 26.61
C ASN B 560 -23.62 -11.44 27.77
N LEU B 599 -22.33 -15.43 29.09
CA LEU B 599 -23.58 -15.08 29.78
C LEU B 599 -23.32 -14.73 31.24
N THR B 600 -22.79 -15.70 32.00
CA THR B 600 -22.39 -15.59 33.41
C THR B 600 -23.15 -14.54 34.22
N SER B 601 -24.47 -14.59 34.18
CA SER B 601 -25.28 -13.59 34.85
C SER B 601 -26.73 -14.02 35.05
N SER B 602 -27.46 -13.24 35.84
CA SER B 602 -28.88 -13.44 36.11
C SER B 602 -29.73 -12.89 34.96
N PHE B 603 -29.05 -12.35 33.96
CA PHE B 603 -29.67 -11.76 32.78
C PHE B 603 -30.75 -12.68 32.20
N CYS B 604 -30.43 -13.97 32.13
CA CYS B 604 -31.32 -14.97 31.55
C CYS B 604 -32.30 -15.58 32.54
N ARG B 605 -32.25 -15.15 33.80
CA ARG B 605 -33.06 -15.77 34.83
C ARG B 605 -34.54 -15.81 34.45
N GLY B 606 -35.01 -14.76 33.78
CA GLY B 606 -36.42 -14.66 33.41
C GLY B 606 -36.81 -15.73 32.40
N LEU B 607 -35.84 -16.32 31.72
CA LEU B 607 -36.13 -17.37 30.75
C LEU B 607 -36.08 -18.73 31.41
N PHE B 608 -35.09 -18.96 32.25
CA PHE B 608 -34.93 -20.26 32.88
C PHE B 608 -36.07 -20.53 33.85
N SER B 609 -36.60 -19.47 34.47
CA SER B 609 -37.71 -19.60 35.40
C SER B 609 -38.99 -20.01 34.68
N VAL B 610 -39.00 -19.88 33.36
CA VAL B 610 -40.15 -20.25 32.54
C VAL B 610 -40.03 -21.69 32.11
N LEU B 611 -38.82 -22.11 31.78
CA LEU B 611 -38.61 -23.47 31.31
C LEU B 611 -39.00 -24.45 32.39
N SER B 612 -38.72 -24.08 33.63
CA SER B 612 -39.01 -24.93 34.78
C SER B 612 -40.50 -25.03 35.09
N THR B 613 -41.32 -24.24 34.40
CA THR B 613 -42.75 -24.31 34.65
C THR B 613 -43.49 -24.94 33.48
N SER B 614 -42.75 -25.33 32.44
CA SER B 614 -43.37 -25.92 31.27
C SER B 614 -43.77 -27.34 31.58
N GLN B 615 -44.94 -27.74 31.12
CA GLN B 615 -45.39 -29.09 31.36
C GLN B 615 -45.17 -29.98 30.16
N SER B 616 -44.64 -29.40 29.08
CA SER B 616 -44.39 -30.16 27.88
C SER B 616 -42.91 -30.27 27.55
N LEU B 617 -42.11 -29.31 28.02
CA LEU B 617 -40.70 -29.33 27.69
C LEU B 617 -40.02 -30.47 28.38
N THR B 618 -39.41 -31.35 27.61
CA THR B 618 -38.77 -32.52 28.17
C THR B 618 -37.27 -32.53 27.90
N GLU B 619 -36.86 -32.02 26.75
CA GLU B 619 -35.45 -31.99 26.38
C GLU B 619 -34.92 -30.57 26.25
N LEU B 620 -33.90 -30.25 27.02
CA LEU B 620 -33.29 -28.92 26.97
C LEU B 620 -31.83 -29.00 26.60
N ASP B 621 -31.45 -28.30 25.53
CA ASP B 621 -30.08 -28.33 25.05
C ASP B 621 -29.39 -26.99 25.16
N LEU B 622 -28.44 -26.89 26.07
CA LEU B 622 -27.73 -25.65 26.30
C LEU B 622 -26.26 -25.78 25.95
N SER B 623 -25.96 -26.69 25.03
CA SER B 623 -24.59 -26.97 24.64
C SER B 623 -23.94 -25.86 23.83
N ASP B 624 -22.61 -25.84 23.87
CA ASP B 624 -21.79 -25.00 23.02
C ASP B 624 -22.14 -23.52 23.05
N ASN B 625 -22.35 -22.99 24.25
CA ASN B 625 -22.57 -21.56 24.45
C ASN B 625 -21.97 -21.16 25.78
N SER B 626 -21.84 -19.86 26.03
CA SER B 626 -21.13 -19.41 27.23
C SER B 626 -21.98 -19.46 28.50
N LEU B 627 -22.48 -20.64 28.83
CA LEU B 627 -23.23 -20.85 30.06
C LEU B 627 -22.29 -21.20 31.18
N GLY B 628 -21.44 -20.25 31.53
CA GLY B 628 -20.40 -20.49 32.53
C GLY B 628 -21.02 -20.73 33.90
N ASP B 629 -20.19 -21.09 34.87
CA ASP B 629 -20.67 -21.47 36.19
C ASP B 629 -21.72 -20.53 36.81
N PRO B 630 -21.55 -19.18 36.73
CA PRO B 630 -22.46 -18.19 37.26
C PRO B 630 -23.82 -18.24 36.56
N GLY B 631 -23.85 -18.82 35.36
CA GLY B 631 -25.08 -18.94 34.59
C GLY B 631 -25.76 -20.26 34.92
N MET B 632 -24.96 -21.29 35.09
CA MET B 632 -25.45 -22.61 35.42
C MET B 632 -26.12 -22.59 36.78
N ARG B 633 -25.61 -21.75 37.67
CA ARG B 633 -26.20 -21.62 38.99
C ARG B 633 -27.66 -21.20 38.89
N VAL B 634 -27.94 -20.27 37.98
CA VAL B 634 -29.28 -19.76 37.81
C VAL B 634 -30.19 -20.86 37.31
N LEU B 635 -29.72 -21.60 36.33
CA LEU B 635 -30.48 -22.70 35.77
C LEU B 635 -30.77 -23.74 36.83
N CYS B 636 -29.75 -24.08 37.60
CA CYS B 636 -29.91 -25.10 38.62
C CYS B 636 -30.90 -24.71 39.68
N GLU B 637 -31.03 -23.41 39.96
CA GLU B 637 -32.05 -22.98 40.90
C GLU B 637 -33.45 -23.24 40.35
N THR B 638 -33.61 -23.08 39.03
CA THR B 638 -34.92 -23.27 38.41
C THR B 638 -35.21 -24.74 38.11
N LEU B 639 -34.18 -25.56 37.94
CA LEU B 639 -34.37 -26.97 37.65
C LEU B 639 -34.83 -27.75 38.87
N GLN B 640 -34.89 -27.08 40.01
CA GLN B 640 -35.34 -27.71 41.25
C GLN B 640 -36.84 -27.53 41.44
N HIS B 641 -37.48 -26.82 40.51
CA HIS B 641 -38.92 -26.59 40.60
C HIS B 641 -39.65 -27.94 40.51
N PRO B 642 -40.63 -28.21 41.38
CA PRO B 642 -41.47 -29.39 41.42
C PRO B 642 -42.10 -29.75 40.08
N GLY B 643 -42.37 -28.74 39.25
CA GLY B 643 -43.03 -28.94 37.98
C GLY B 643 -42.08 -28.84 36.78
N CYS B 644 -40.78 -28.98 37.03
CA CYS B 644 -39.78 -28.81 35.99
C CYS B 644 -40.03 -29.68 34.76
N ASN B 645 -40.16 -30.99 34.95
CA ASN B 645 -40.46 -31.95 33.88
C ASN B 645 -39.39 -32.09 32.80
N ILE B 646 -38.21 -31.50 33.01
CA ILE B 646 -37.15 -31.71 32.04
C ILE B 646 -36.48 -33.04 32.33
N ARG B 647 -36.45 -33.91 31.34
CA ARG B 647 -35.91 -35.24 31.52
C ARG B 647 -34.53 -35.37 30.92
N ARG B 648 -34.25 -34.61 29.88
CA ARG B 648 -32.96 -34.67 29.23
C ARG B 648 -32.32 -33.30 29.16
N LEU B 649 -31.11 -33.19 29.70
CA LEU B 649 -30.40 -31.92 29.72
C LEU B 649 -28.99 -32.05 29.13
N TRP B 650 -28.74 -31.30 28.06
CA TRP B 650 -27.43 -31.34 27.43
C TRP B 650 -26.61 -30.12 27.82
N LEU B 651 -25.40 -30.36 28.31
CA LEU B 651 -24.49 -29.29 28.67
C LEU B 651 -23.10 -29.54 28.12
N GLY B 652 -22.95 -29.44 26.81
CA GLY B 652 -21.69 -29.75 26.14
C GLY B 652 -20.64 -28.69 26.43
N ARG B 653 -20.12 -28.03 25.39
CA ARG B 653 -19.05 -27.07 25.64
C ARG B 653 -19.60 -25.78 26.23
N CYS B 654 -20.07 -25.88 27.48
CA CYS B 654 -20.70 -24.76 28.17
C CYS B 654 -19.70 -23.91 28.94
N GLY B 655 -18.47 -24.39 29.03
CA GLY B 655 -17.45 -23.66 29.76
C GLY B 655 -17.65 -23.80 31.26
N LEU B 656 -18.21 -24.93 31.67
CA LEU B 656 -18.46 -25.18 33.08
C LEU B 656 -17.22 -25.72 33.76
N SER B 657 -17.10 -25.44 35.04
CA SER B 657 -16.02 -26.00 35.82
C SER B 657 -16.57 -26.66 37.06
N HIS B 658 -15.68 -27.06 37.95
CA HIS B 658 -16.06 -27.81 39.13
C HIS B 658 -17.13 -27.11 39.95
N GLU B 659 -17.18 -25.78 39.89
CA GLU B 659 -18.11 -25.05 40.71
C GLU B 659 -19.55 -25.41 40.41
N CYS B 660 -19.85 -25.71 39.15
CA CYS B 660 -21.22 -25.96 38.76
C CYS B 660 -21.72 -27.29 39.29
N CYS B 661 -20.80 -28.19 39.65
CA CYS B 661 -21.22 -29.51 40.08
C CYS B 661 -21.90 -29.45 41.42
N PHE B 662 -21.66 -28.38 42.16
CA PHE B 662 -22.34 -28.21 43.43
C PHE B 662 -23.82 -28.02 43.17
N ASP B 663 -24.13 -27.22 42.15
CA ASP B 663 -25.51 -26.90 41.86
C ASP B 663 -26.18 -28.03 41.10
N ILE B 664 -25.41 -28.72 40.28
CA ILE B 664 -25.94 -29.88 39.56
C ILE B 664 -26.32 -30.95 40.56
N SER B 665 -25.49 -31.14 41.59
CA SER B 665 -25.79 -32.08 42.64
C SER B 665 -27.10 -31.75 43.32
N LEU B 666 -27.31 -30.47 43.62
CA LEU B 666 -28.54 -30.04 44.26
C LEU B 666 -29.74 -30.35 43.38
N VAL B 667 -29.58 -30.21 42.06
CA VAL B 667 -30.66 -30.55 41.14
C VAL B 667 -30.92 -32.04 41.15
N LEU B 668 -29.86 -32.84 41.08
CA LEU B 668 -30.01 -34.29 41.04
C LEU B 668 -30.69 -34.83 42.29
N SER B 669 -30.42 -34.20 43.43
CA SER B 669 -30.97 -34.62 44.70
C SER B 669 -32.44 -34.27 44.92
N SER B 670 -33.02 -33.45 44.04
CA SER B 670 -34.42 -33.06 44.23
C SER B 670 -35.27 -33.26 42.98
N ASN B 671 -34.65 -33.16 41.81
CA ASN B 671 -35.34 -33.30 40.54
C ASN B 671 -35.42 -34.77 40.15
N GLN B 672 -36.60 -35.34 40.28
CA GLN B 672 -36.81 -36.76 40.07
C GLN B 672 -37.19 -37.08 38.63
N LYS B 673 -37.19 -36.06 37.78
CA LYS B 673 -37.57 -36.22 36.39
C LYS B 673 -36.35 -36.30 35.48
N LEU B 674 -35.26 -35.67 35.90
CA LEU B 674 -34.07 -35.66 35.08
C LEU B 674 -33.49 -37.06 35.00
N VAL B 675 -33.35 -37.58 33.78
CA VAL B 675 -32.80 -38.92 33.58
C VAL B 675 -31.56 -38.93 32.69
N GLU B 676 -31.37 -37.90 31.88
CA GLU B 676 -30.17 -37.85 31.04
C GLU B 676 -29.42 -36.55 31.21
N LEU B 677 -28.16 -36.64 31.56
CA LEU B 677 -27.35 -35.44 31.78
C LEU B 677 -26.01 -35.53 31.06
N ASP B 678 -25.79 -34.64 30.11
CA ASP B 678 -24.54 -34.63 29.37
C ASP B 678 -23.63 -33.51 29.80
N LEU B 679 -22.58 -33.84 30.53
CA LEU B 679 -21.65 -32.85 31.07
C LEU B 679 -20.31 -32.90 30.34
N SER B 680 -20.31 -33.46 29.14
CA SER B 680 -19.07 -33.62 28.40
C SER B 680 -18.49 -32.31 27.93
N ASP B 681 -17.22 -32.34 27.59
CA ASP B 681 -16.48 -31.20 27.05
C ASP B 681 -16.52 -29.97 27.94
N ASN B 682 -16.34 -30.18 29.24
CA ASN B 682 -16.25 -29.10 30.21
C ASN B 682 -14.92 -29.22 30.96
N ALA B 683 -14.82 -28.59 32.12
CA ALA B 683 -13.60 -28.68 32.91
C ALA B 683 -13.93 -29.20 34.30
N LEU B 684 -14.88 -30.12 34.35
CA LEU B 684 -15.35 -30.67 35.62
C LEU B 684 -14.35 -31.68 36.11
N GLY B 685 -13.22 -31.21 36.62
CA GLY B 685 -12.13 -32.08 37.00
C GLY B 685 -12.53 -32.94 38.18
N ASP B 686 -11.56 -33.67 38.72
CA ASP B 686 -11.82 -34.65 39.76
C ASP B 686 -12.63 -34.09 40.91
N PHE B 687 -12.36 -32.84 41.28
CA PHE B 687 -13.13 -32.25 42.36
C PHE B 687 -14.58 -32.08 41.95
N GLY B 688 -14.79 -31.68 40.69
CA GLY B 688 -16.14 -31.45 40.22
C GLY B 688 -16.94 -32.72 40.34
N ILE B 689 -16.30 -33.84 40.01
CA ILE B 689 -16.94 -35.14 40.10
C ILE B 689 -17.22 -35.49 41.55
N ARG B 690 -16.25 -35.22 42.42
CA ARG B 690 -16.44 -35.49 43.84
C ARG B 690 -17.72 -34.83 44.34
N LEU B 691 -17.96 -33.60 43.89
CA LEU B 691 -19.18 -32.89 44.25
C LEU B 691 -20.40 -33.46 43.53
N LEU B 692 -20.25 -33.78 42.26
CA LEU B 692 -21.36 -34.30 41.47
C LEU B 692 -21.89 -35.58 42.07
N CYS B 693 -20.97 -36.43 42.53
CA CYS B 693 -21.30 -37.74 43.06
C CYS B 693 -22.16 -37.64 44.30
N VAL B 694 -22.22 -36.47 44.91
CA VAL B 694 -23.03 -36.27 46.08
C VAL B 694 -24.50 -36.41 45.70
N GLY B 695 -24.84 -35.90 44.52
CA GLY B 695 -26.20 -35.97 44.03
C GLY B 695 -26.48 -37.34 43.44
N LEU B 696 -25.49 -37.89 42.76
CA LEU B 696 -25.65 -39.17 42.07
C LEU B 696 -25.91 -40.30 43.05
N LYS B 697 -25.32 -40.20 44.25
CA LYS B 697 -25.50 -41.22 45.28
C LYS B 697 -26.75 -40.97 46.11
N HIS B 698 -27.44 -39.87 45.86
CA HIS B 698 -28.58 -39.48 46.68
C HIS B 698 -29.85 -40.22 46.30
N LEU B 699 -30.64 -40.56 47.30
CA LEU B 699 -31.93 -41.18 47.03
C LEU B 699 -32.79 -40.19 46.28
N LEU B 700 -33.68 -40.70 45.43
CA LEU B 700 -34.54 -39.88 44.58
C LEU B 700 -33.77 -39.32 43.38
N CYS B 701 -32.50 -39.69 43.23
CA CYS B 701 -31.79 -39.32 42.02
C CYS B 701 -31.99 -40.42 41.00
N ASN B 702 -32.74 -40.10 39.94
CA ASN B 702 -33.14 -41.10 38.97
C ASN B 702 -32.33 -41.01 37.68
N LEU B 703 -31.18 -40.38 37.74
CA LEU B 703 -30.38 -40.20 36.54
C LEU B 703 -30.02 -41.56 35.96
N LYS B 704 -30.23 -41.71 34.64
CA LYS B 704 -29.96 -42.96 33.96
C LYS B 704 -28.72 -42.86 33.07
N LYS B 705 -28.56 -41.72 32.41
CA LYS B 705 -27.44 -41.56 31.50
C LYS B 705 -26.59 -40.37 31.89
N LEU B 706 -25.30 -40.60 32.04
CA LEU B 706 -24.38 -39.54 32.40
C LEU B 706 -23.16 -39.53 31.51
N TRP B 707 -22.90 -38.39 30.87
CA TRP B 707 -21.72 -38.26 30.04
C TRP B 707 -20.70 -37.37 30.71
N LEU B 708 -19.53 -37.93 30.99
CA LEU B 708 -18.43 -37.20 31.61
C LEU B 708 -17.24 -37.20 30.68
N VAL B 709 -17.54 -37.27 29.39
CA VAL B 709 -16.53 -37.34 28.36
C VAL B 709 -15.75 -36.04 28.26
N SER B 710 -14.43 -36.14 28.15
CA SER B 710 -13.56 -34.97 28.03
C SER B 710 -13.78 -33.97 29.16
N CYS B 711 -13.74 -34.45 30.41
CA CYS B 711 -13.95 -33.58 31.56
C CYS B 711 -12.70 -33.41 32.40
N CYS B 712 -11.54 -33.61 31.79
CA CYS B 712 -10.29 -33.41 32.50
C CYS B 712 -10.23 -34.25 33.77
N LEU B 713 -10.63 -35.51 33.67
CA LEU B 713 -10.62 -36.38 34.85
C LEU B 713 -9.39 -37.25 34.90
N THR B 714 -9.01 -37.62 36.12
CA THR B 714 -7.94 -38.60 36.31
C THR B 714 -8.45 -39.74 37.16
N SER B 715 -7.60 -40.72 37.41
CA SER B 715 -8.00 -41.90 38.16
C SER B 715 -8.48 -41.54 39.56
N ALA B 716 -8.10 -40.37 40.04
CA ALA B 716 -8.48 -39.92 41.38
C ALA B 716 -9.99 -39.86 41.55
N CYS B 717 -10.71 -39.57 40.48
CA CYS B 717 -12.16 -39.41 40.57
C CYS B 717 -12.89 -40.74 40.51
N CYS B 718 -12.18 -41.79 40.13
CA CYS B 718 -12.85 -43.08 39.95
C CYS B 718 -13.29 -43.64 41.27
N GLN B 719 -12.68 -43.15 42.33
CA GLN B 719 -13.04 -43.60 43.66
C GLN B 719 -14.47 -43.18 43.99
N ASP B 720 -14.89 -42.03 43.46
CA ASP B 720 -16.24 -41.55 43.74
C ASP B 720 -17.24 -42.08 42.73
N LEU B 721 -16.81 -42.22 41.48
CA LEU B 721 -17.69 -42.76 40.45
C LEU B 721 -18.00 -44.22 40.73
N ALA B 722 -17.01 -44.93 41.27
CA ALA B 722 -17.18 -46.33 41.59
C ALA B 722 -18.27 -46.49 42.64
N SER B 723 -18.34 -45.56 43.58
CA SER B 723 -19.35 -45.60 44.63
C SER B 723 -20.72 -45.35 44.04
N VAL B 724 -20.79 -44.47 43.05
CA VAL B 724 -22.06 -44.19 42.38
C VAL B 724 -22.56 -45.45 41.69
N LEU B 725 -21.67 -46.13 40.98
CA LEU B 725 -22.07 -47.34 40.29
C LEU B 725 -22.58 -48.39 41.25
N SER B 726 -21.92 -48.51 42.40
CA SER B 726 -22.32 -49.48 43.41
C SER B 726 -23.69 -49.19 44.00
N THR B 727 -23.93 -47.94 44.37
CA THR B 727 -25.15 -47.59 45.09
C THR B 727 -26.33 -47.16 44.20
N SER B 728 -26.07 -46.53 43.07
CA SER B 728 -27.15 -45.98 42.25
C SER B 728 -28.09 -47.05 41.74
N HIS B 729 -29.39 -46.79 41.88
CA HIS B 729 -30.42 -47.69 41.42
C HIS B 729 -30.83 -47.42 39.99
N SER B 730 -30.38 -46.28 39.46
CA SER B 730 -30.85 -45.86 38.15
C SER B 730 -29.77 -45.64 37.10
N LEU B 731 -28.52 -45.45 37.51
CA LEU B 731 -27.50 -45.13 36.52
C LEU B 731 -27.09 -46.35 35.73
N THR B 732 -27.35 -46.34 34.42
CA THR B 732 -27.04 -47.47 33.57
C THR B 732 -26.03 -47.11 32.50
N ARG B 733 -25.99 -45.85 32.12
CA ARG B 733 -25.12 -45.38 31.05
C ARG B 733 -24.03 -44.45 31.54
N LEU B 734 -22.81 -44.94 31.67
CA LEU B 734 -21.72 -44.10 32.15
C LEU B 734 -20.65 -43.93 31.09
N TYR B 735 -20.54 -42.73 30.54
CA TYR B 735 -19.55 -42.48 29.51
C TYR B 735 -18.43 -41.59 30.05
N VAL B 736 -17.24 -42.16 30.21
CA VAL B 736 -16.13 -41.45 30.84
C VAL B 736 -14.87 -41.44 29.99
N GLY B 737 -15.02 -41.60 28.69
CA GLY B 737 -13.86 -41.62 27.81
C GLY B 737 -13.29 -40.23 27.61
N GLU B 738 -12.21 -40.16 26.85
CA GLU B 738 -11.49 -38.91 26.61
C GLU B 738 -11.04 -38.27 27.92
N ASN B 739 -10.57 -39.10 28.84
CA ASN B 739 -10.07 -38.66 30.14
C ASN B 739 -8.79 -39.40 30.45
N ALA B 740 -8.19 -39.12 31.61
CA ALA B 740 -6.95 -39.79 31.99
C ALA B 740 -7.24 -40.92 32.97
N LEU B 741 -8.34 -41.60 32.76
CA LEU B 741 -8.71 -42.69 33.64
C LEU B 741 -7.98 -43.94 33.21
N GLY B 742 -6.69 -43.97 33.48
CA GLY B 742 -5.83 -45.05 32.99
C GLY B 742 -6.14 -46.34 33.70
N ASP B 743 -5.21 -47.30 33.64
CA ASP B 743 -5.49 -48.61 34.20
C ASP B 743 -5.79 -48.57 35.68
N SER B 744 -5.21 -47.59 36.38
CA SER B 744 -5.45 -47.46 37.81
C SER B 744 -6.83 -46.88 38.08
N GLY B 745 -7.44 -46.28 37.07
CA GLY B 745 -8.78 -45.70 37.19
C GLY B 745 -9.83 -46.77 36.92
N VAL B 746 -9.62 -47.52 35.85
CA VAL B 746 -10.53 -48.58 35.49
C VAL B 746 -10.60 -49.64 36.55
N ALA B 747 -9.45 -50.00 37.12
CA ALA B 747 -9.41 -51.00 38.17
C ALA B 747 -10.32 -50.58 39.33
N ILE B 748 -10.38 -49.29 39.62
CA ILE B 748 -11.23 -48.80 40.69
C ILE B 748 -12.69 -48.93 40.32
N LEU B 749 -13.04 -48.51 39.10
CA LEU B 749 -14.42 -48.61 38.67
C LEU B 749 -14.87 -50.06 38.60
N CYS B 750 -13.97 -50.92 38.14
CA CYS B 750 -14.26 -52.35 37.99
C CYS B 750 -14.52 -53.00 39.33
N GLU B 751 -13.83 -52.54 40.37
CA GLU B 751 -14.02 -53.11 41.69
C GLU B 751 -15.47 -53.05 42.12
N LYS B 752 -16.21 -52.04 41.65
CA LYS B 752 -17.62 -51.92 42.00
C LYS B 752 -18.51 -52.33 40.84
N ALA B 753 -18.06 -52.12 39.61
CA ALA B 753 -18.85 -52.44 38.44
C ALA B 753 -19.01 -53.95 38.30
N LYS B 754 -18.08 -54.70 38.88
CA LYS B 754 -18.13 -56.15 38.84
C LYS B 754 -19.22 -56.69 39.75
N ASN B 755 -19.74 -55.86 40.63
CA ASN B 755 -20.78 -56.30 41.54
C ASN B 755 -22.02 -56.66 40.74
N PRO B 756 -22.55 -57.87 40.88
CA PRO B 756 -23.66 -58.43 40.12
C PRO B 756 -24.95 -57.65 40.32
N GLN B 757 -24.99 -56.80 41.35
CA GLN B 757 -26.16 -55.99 41.62
C GLN B 757 -26.04 -54.59 41.04
N CYS B 758 -24.94 -54.31 40.37
CA CYS B 758 -24.71 -53.02 39.75
C CYS B 758 -25.60 -52.87 38.53
N ASN B 759 -26.14 -51.67 38.32
CA ASN B 759 -27.09 -51.43 37.24
C ASN B 759 -26.43 -50.93 35.96
N LEU B 760 -25.11 -50.91 35.93
CA LEU B 760 -24.40 -50.43 34.76
C LEU B 760 -24.67 -51.29 33.54
N GLN B 761 -25.08 -50.64 32.45
CA GLN B 761 -25.37 -51.33 31.19
C GLN B 761 -24.41 -50.95 30.08
N LYS B 762 -24.05 -49.67 30.02
CA LYS B 762 -23.13 -49.22 29.00
C LYS B 762 -21.94 -48.51 29.63
N LEU B 763 -20.74 -48.97 29.32
CA LEU B 763 -19.56 -48.38 29.90
C LEU B 763 -18.63 -47.77 28.84
N GLY B 764 -18.59 -46.45 28.79
CA GLY B 764 -17.88 -45.72 27.75
C GLY B 764 -16.42 -45.41 28.06
N LEU B 765 -15.65 -46.44 28.37
CA LEU B 765 -14.23 -46.25 28.64
C LEU B 765 -13.45 -46.17 27.35
N VAL B 766 -13.68 -45.08 26.61
CA VAL B 766 -13.15 -44.98 25.26
C VAL B 766 -11.71 -44.52 25.26
N ASN B 767 -11.47 -43.25 25.02
CA ASN B 767 -10.08 -42.80 24.96
C ASN B 767 -9.52 -42.51 26.34
N SER B 768 -9.41 -43.56 27.14
CA SER B 768 -8.95 -43.44 28.51
C SER B 768 -7.48 -43.78 28.67
N GLY B 769 -6.83 -44.13 27.58
CA GLY B 769 -5.41 -44.47 27.62
C GLY B 769 -5.17 -45.78 28.33
N LEU B 770 -6.07 -46.73 28.14
CA LEU B 770 -5.97 -48.01 28.84
C LEU B 770 -4.98 -48.93 28.17
N THR B 771 -4.39 -49.79 28.96
CA THR B 771 -3.48 -50.81 28.48
C THR B 771 -4.00 -52.16 28.90
N SER B 772 -3.29 -53.21 28.51
CA SER B 772 -3.70 -54.57 28.84
C SER B 772 -3.74 -54.79 30.34
N VAL B 773 -3.11 -53.90 31.09
CA VAL B 773 -3.03 -53.99 32.54
C VAL B 773 -4.42 -54.04 33.18
N CYS B 774 -5.37 -53.28 32.65
CA CYS B 774 -6.69 -53.23 33.25
C CYS B 774 -7.68 -54.16 32.58
N CYS B 775 -7.24 -54.92 31.59
CA CYS B 775 -8.18 -55.78 30.90
C CYS B 775 -8.59 -56.95 31.75
N SER B 776 -7.76 -57.31 32.72
CA SER B 776 -8.14 -58.36 33.65
C SER B 776 -9.23 -57.85 34.58
N ALA B 777 -9.26 -56.53 34.79
CA ALA B 777 -10.29 -55.91 35.61
C ALA B 777 -11.59 -55.85 34.83
N LEU B 778 -11.48 -55.52 33.55
CA LEU B 778 -12.64 -55.47 32.68
C LEU B 778 -13.20 -56.86 32.50
N SER B 779 -12.30 -57.85 32.43
CA SER B 779 -12.71 -59.23 32.30
C SER B 779 -13.54 -59.65 33.49
N SER B 780 -13.09 -59.29 34.68
CA SER B 780 -13.83 -59.62 35.90
C SER B 780 -15.23 -59.04 35.85
N VAL B 781 -15.34 -57.80 35.39
CA VAL B 781 -16.65 -57.15 35.29
C VAL B 781 -17.55 -57.90 34.31
N LEU B 782 -17.00 -58.23 33.15
CA LEU B 782 -17.78 -58.92 32.13
C LEU B 782 -18.27 -60.28 32.60
N SER B 783 -17.44 -60.99 33.36
CA SER B 783 -17.79 -62.30 33.88
C SER B 783 -18.90 -62.26 34.93
N THR B 784 -18.91 -61.21 35.75
CA THR B 784 -19.83 -61.18 36.89
C THR B 784 -21.04 -60.27 36.69
N ASN B 785 -20.85 -59.12 36.08
CA ASN B 785 -21.94 -58.17 35.91
C ASN B 785 -22.77 -58.51 34.69
N GLN B 786 -23.91 -59.13 34.92
CA GLN B 786 -24.76 -59.64 33.84
C GLN B 786 -25.62 -58.53 33.25
N ASN B 787 -25.49 -57.33 33.79
CA ASN B 787 -26.28 -56.21 33.30
C ASN B 787 -25.48 -55.40 32.30
N LEU B 788 -24.21 -55.72 32.09
CA LEU B 788 -23.38 -54.93 31.19
C LEU B 788 -23.54 -55.43 29.78
N THR B 789 -24.09 -54.58 28.91
CA THR B 789 -24.39 -54.99 27.55
C THR B 789 -23.55 -54.30 26.50
N HIS B 790 -22.99 -53.14 26.82
CA HIS B 790 -22.17 -52.42 25.85
C HIS B 790 -20.89 -51.91 26.49
N LEU B 791 -19.76 -52.22 25.85
CA LEU B 791 -18.46 -51.77 26.34
C LEU B 791 -17.66 -51.15 25.21
N TYR B 792 -17.25 -49.90 25.38
CA TYR B 792 -16.58 -49.17 24.32
C TYR B 792 -15.14 -48.85 24.67
N LEU B 793 -14.19 -49.53 24.04
CA LEU B 793 -12.78 -49.39 24.41
C LEU B 793 -11.89 -48.74 23.34
N ARG B 794 -12.48 -48.12 22.34
CA ARG B 794 -11.65 -47.57 21.27
C ARG B 794 -10.83 -46.38 21.73
N GLY B 795 -9.63 -46.24 21.18
CA GLY B 795 -8.75 -45.13 21.52
C GLY B 795 -7.70 -45.57 22.52
N ASN B 796 -7.90 -46.75 23.09
CA ASN B 796 -6.98 -47.33 24.06
C ASN B 796 -5.84 -48.01 23.33
N THR B 797 -4.90 -48.57 24.07
CA THR B 797 -3.82 -49.32 23.45
C THR B 797 -3.69 -50.66 24.15
N LEU B 798 -4.60 -51.56 23.83
CA LEU B 798 -4.74 -52.80 24.58
C LEU B 798 -3.87 -53.89 23.97
N GLY B 799 -3.75 -53.89 22.66
CA GLY B 799 -2.93 -54.86 21.96
C GLY B 799 -3.54 -56.24 22.05
N ASP B 800 -2.75 -57.25 21.72
CA ASP B 800 -3.22 -58.62 21.75
C ASP B 800 -3.32 -59.12 23.17
N LYS B 801 -2.48 -58.60 24.06
CA LYS B 801 -2.52 -59.03 25.45
C LYS B 801 -3.84 -58.65 26.06
N GLY B 802 -4.31 -57.43 25.77
CA GLY B 802 -5.57 -56.97 26.28
C GLY B 802 -6.72 -57.82 25.77
N ILE B 803 -6.69 -58.17 24.48
CA ILE B 803 -7.75 -58.98 23.92
C ILE B 803 -7.79 -60.34 24.58
N LYS B 804 -6.63 -60.95 24.82
CA LYS B 804 -6.61 -62.25 25.46
C LYS B 804 -7.27 -62.18 26.83
N LEU B 805 -6.94 -61.15 27.59
CA LEU B 805 -7.51 -60.98 28.91
C LEU B 805 -9.01 -60.71 28.87
N LEU B 806 -9.45 -59.90 27.91
CA LEU B 806 -10.87 -59.63 27.78
C LEU B 806 -11.62 -60.88 27.40
N CYS B 807 -11.02 -61.70 26.54
CA CYS B 807 -11.66 -62.93 26.09
C CYS B 807 -11.90 -63.88 27.25
N GLU B 808 -11.02 -63.88 28.25
CA GLU B 808 -11.24 -64.75 29.39
C GLU B 808 -12.60 -64.44 30.03
N GLY B 809 -12.97 -63.15 30.03
CA GLY B 809 -14.24 -62.73 30.58
C GLY B 809 -15.38 -62.88 29.57
N LEU B 810 -15.13 -62.49 28.33
CA LEU B 810 -16.16 -62.50 27.29
C LEU B 810 -16.63 -63.93 27.00
N LEU B 811 -15.72 -64.88 27.16
CA LEU B 811 -16.03 -66.28 26.88
C LEU B 811 -16.71 -66.95 28.07
N HIS B 812 -16.87 -66.22 29.17
CA HIS B 812 -17.50 -66.74 30.36
C HIS B 812 -18.99 -66.99 30.07
N PRO B 813 -19.56 -68.12 30.52
CA PRO B 813 -20.93 -68.51 30.30
C PRO B 813 -21.97 -67.52 30.84
N ASP B 814 -21.57 -66.70 31.81
CA ASP B 814 -22.50 -65.73 32.37
C ASP B 814 -22.29 -64.32 31.82
N CYS B 815 -21.43 -64.19 30.82
CA CYS B 815 -21.21 -62.87 30.23
C CYS B 815 -22.37 -62.52 29.31
N LYS B 816 -22.93 -61.34 29.47
CA LYS B 816 -24.08 -60.92 28.67
C LYS B 816 -23.77 -59.77 27.73
N LEU B 817 -22.48 -59.47 27.54
CA LEU B 817 -22.11 -58.35 26.71
C LEU B 817 -22.64 -58.55 25.29
N GLN B 818 -23.29 -57.51 24.75
CA GLN B 818 -23.84 -57.58 23.41
C GLN B 818 -22.96 -56.85 22.43
N VAL B 819 -22.48 -55.67 22.81
CA VAL B 819 -21.68 -54.87 21.91
C VAL B 819 -20.31 -54.56 22.47
N LEU B 820 -19.29 -54.97 21.74
CA LEU B 820 -17.93 -54.67 22.12
C LEU B 820 -17.26 -53.84 21.04
N GLU B 821 -16.85 -52.63 21.39
CA GLU B 821 -16.20 -51.77 20.40
C GLU B 821 -14.69 -51.75 20.59
N LEU B 822 -13.98 -52.16 19.56
CA LEU B 822 -12.52 -52.24 19.59
C LEU B 822 -11.93 -51.65 18.31
N ASP B 823 -12.00 -50.33 18.19
CA ASP B 823 -11.53 -49.70 16.99
C ASP B 823 -10.03 -49.44 17.10
N ASN B 824 -9.62 -48.22 17.29
CA ASN B 824 -8.21 -47.97 17.45
C ASN B 824 -7.77 -48.40 18.84
N CYS B 825 -7.52 -49.69 18.99
CA CYS B 825 -7.09 -50.28 20.24
C CYS B 825 -5.67 -50.81 20.12
N ASN B 826 -4.98 -50.37 19.08
CA ASN B 826 -3.62 -50.80 18.78
C ASN B 826 -3.51 -52.31 18.66
N LEU B 827 -4.45 -52.92 17.95
CA LEU B 827 -4.44 -54.37 17.78
C LEU B 827 -3.62 -54.79 16.58
N THR B 828 -3.11 -56.02 16.66
CA THR B 828 -2.36 -56.64 15.58
C THR B 828 -2.99 -57.98 15.22
N SER B 829 -2.52 -58.59 14.15
CA SER B 829 -3.06 -59.86 13.67
C SER B 829 -2.90 -61.00 14.68
N HIS B 830 -2.04 -60.80 15.66
CA HIS B 830 -1.77 -61.82 16.67
C HIS B 830 -2.95 -62.05 17.60
N CYS B 831 -3.93 -61.14 17.57
CA CYS B 831 -5.10 -61.27 18.43
C CYS B 831 -6.26 -61.97 17.73
N CYS B 832 -6.09 -62.29 16.46
CA CYS B 832 -7.17 -62.86 15.67
C CYS B 832 -7.58 -64.23 16.15
N TRP B 833 -6.65 -65.01 16.68
CA TRP B 833 -6.98 -66.33 17.16
C TRP B 833 -8.00 -66.25 18.30
N ASP B 834 -7.80 -65.27 19.17
CA ASP B 834 -8.67 -65.11 20.33
C ASP B 834 -9.98 -64.46 19.94
N LEU B 835 -9.93 -63.53 18.98
CA LEU B 835 -11.15 -62.93 18.50
C LEU B 835 -11.96 -63.96 17.75
N SER B 836 -11.30 -64.86 17.03
CA SER B 836 -12.00 -65.90 16.30
C SER B 836 -12.73 -66.82 17.27
N THR B 837 -12.07 -67.15 18.37
CA THR B 837 -12.69 -67.96 19.40
C THR B 837 -13.89 -67.22 19.97
N LEU B 838 -13.71 -65.93 20.24
CA LEU B 838 -14.78 -65.10 20.78
C LEU B 838 -16.02 -65.16 19.90
N LEU B 839 -15.84 -65.03 18.60
CA LEU B 839 -16.96 -64.97 17.66
C LEU B 839 -17.84 -66.21 17.69
N THR B 840 -17.27 -67.39 17.85
CA THR B 840 -18.11 -68.58 17.86
C THR B 840 -18.37 -69.16 19.25
N SER B 841 -17.55 -68.80 20.23
CA SER B 841 -17.76 -69.33 21.56
C SER B 841 -18.72 -68.50 22.41
N SER B 842 -18.74 -67.18 22.18
CA SER B 842 -19.62 -66.31 22.96
C SER B 842 -21.03 -66.38 22.41
N GLN B 843 -21.98 -66.68 23.29
CA GLN B 843 -23.37 -66.83 22.88
C GLN B 843 -24.14 -65.52 23.05
N SER B 844 -23.47 -64.53 23.62
CA SER B 844 -24.12 -63.26 23.92
C SER B 844 -23.74 -62.16 22.95
N LEU B 845 -22.50 -62.18 22.49
CA LEU B 845 -22.01 -61.08 21.67
C LEU B 845 -22.81 -60.97 20.38
N ARG B 846 -23.26 -59.76 20.08
CA ARG B 846 -24.03 -59.51 18.88
C ARG B 846 -23.26 -58.65 17.90
N LYS B 847 -22.48 -57.73 18.43
CA LYS B 847 -21.69 -56.79 17.63
C LYS B 847 -20.24 -56.79 18.05
N LEU B 848 -19.34 -56.60 17.11
CA LEU B 848 -17.93 -56.50 17.43
C LEU B 848 -17.27 -55.51 16.51
N SER B 849 -17.11 -54.28 16.97
CA SER B 849 -16.65 -53.23 16.08
C SER B 849 -15.14 -53.15 16.01
N LEU B 850 -14.53 -54.14 15.39
CA LEU B 850 -13.10 -54.07 15.14
C LEU B 850 -12.92 -52.93 14.17
N GLY B 851 -11.90 -52.10 14.36
CA GLY B 851 -11.80 -50.94 13.49
C GLY B 851 -10.38 -50.59 13.08
N ASN B 852 -10.02 -49.34 13.27
CA ASN B 852 -8.75 -48.84 12.79
C ASN B 852 -7.55 -49.45 13.51
N ASN B 853 -7.15 -50.63 13.08
CA ASN B 853 -6.00 -51.32 13.64
C ASN B 853 -5.37 -52.22 12.58
N ASP B 854 -4.24 -52.85 12.91
CA ASP B 854 -3.53 -53.69 11.94
C ASP B 854 -3.88 -55.16 12.10
N LEU B 855 -5.11 -55.52 11.78
CA LEU B 855 -5.56 -56.88 12.02
C LEU B 855 -5.09 -57.84 10.94
N GLY B 856 -4.73 -57.31 9.78
CA GLY B 856 -4.18 -58.12 8.72
C GLY B 856 -5.23 -58.79 7.85
N ASP B 857 -4.79 -59.31 6.71
CA ASP B 857 -5.65 -60.02 5.79
C ASP B 857 -5.87 -61.45 6.26
N LEU B 858 -4.77 -62.12 6.57
CA LEU B 858 -4.82 -63.50 7.01
C LEU B 858 -5.57 -63.59 8.32
N GLY B 859 -5.45 -62.54 9.12
CA GLY B 859 -6.16 -62.47 10.39
C GLY B 859 -7.67 -62.48 10.17
N VAL B 860 -8.16 -61.56 9.36
CA VAL B 860 -9.59 -61.46 9.09
C VAL B 860 -10.16 -62.70 8.43
N MET B 861 -9.39 -63.34 7.57
CA MET B 861 -9.88 -64.55 6.93
C MET B 861 -10.29 -65.60 7.95
N MET B 862 -9.72 -65.54 9.15
CA MET B 862 -10.06 -66.48 10.20
C MET B 862 -11.49 -66.24 10.65
N PHE B 863 -11.93 -65.00 10.58
CA PHE B 863 -13.27 -64.65 11.02
C PHE B 863 -14.26 -65.22 10.03
N CYS B 864 -13.95 -65.09 8.75
CA CYS B 864 -14.84 -65.61 7.73
C CYS B 864 -15.11 -67.09 7.96
N GLU B 865 -14.04 -67.86 8.20
CA GLU B 865 -14.19 -69.29 8.38
C GLU B 865 -15.02 -69.66 9.60
N VAL B 866 -14.82 -68.94 10.71
CA VAL B 866 -15.55 -69.27 11.92
C VAL B 866 -16.96 -68.70 11.96
N LEU B 867 -17.16 -67.51 11.40
CA LEU B 867 -18.48 -66.89 11.43
C LEU B 867 -19.52 -67.74 10.71
N LYS B 868 -19.09 -68.37 9.63
CA LYS B 868 -19.98 -69.26 8.87
C LYS B 868 -20.50 -70.42 9.73
N GLN B 869 -19.78 -70.76 10.80
CA GLN B 869 -20.16 -71.87 11.65
C GLN B 869 -21.15 -71.44 12.72
N GLN B 870 -22.31 -70.97 12.28
CA GLN B 870 -23.40 -70.55 13.16
C GLN B 870 -22.99 -69.58 14.25
N SER B 871 -22.19 -68.57 13.93
CA SER B 871 -21.85 -67.57 14.94
C SER B 871 -23.07 -66.73 15.30
N CYS B 872 -23.16 -66.34 16.58
CA CYS B 872 -24.26 -65.50 17.05
C CYS B 872 -24.11 -64.06 16.62
N LEU B 873 -22.96 -63.70 16.08
CA LEU B 873 -22.74 -62.33 15.67
C LEU B 873 -23.72 -62.00 14.55
N LEU B 874 -24.56 -60.99 14.76
CA LEU B 874 -25.53 -60.62 13.73
C LEU B 874 -25.40 -59.17 13.35
N GLN B 875 -24.58 -58.46 14.11
CA GLN B 875 -24.40 -57.04 13.92
C GLN B 875 -23.04 -56.81 13.29
N ASN B 876 -22.70 -55.55 13.08
CA ASN B 876 -21.49 -55.19 12.39
C ASN B 876 -20.25 -55.93 12.91
N LEU B 877 -19.45 -56.42 11.98
CA LEU B 877 -18.17 -57.07 12.28
C LEU B 877 -17.08 -56.02 12.33
N GLY B 878 -17.40 -54.81 11.90
CA GLY B 878 -16.44 -53.73 11.86
C GLY B 878 -15.45 -53.88 10.72
N LEU B 879 -14.17 -53.77 11.05
CA LEU B 879 -13.10 -53.80 10.06
C LEU B 879 -13.15 -52.55 9.19
N SER B 880 -13.74 -51.49 9.72
CA SER B 880 -13.77 -50.21 9.03
C SER B 880 -12.39 -49.59 9.07
N GLU B 881 -12.11 -48.71 8.11
CA GLU B 881 -10.81 -48.02 8.05
C GLU B 881 -9.64 -49.00 8.03
N MET B 882 -9.93 -50.28 7.82
CA MET B 882 -8.94 -51.33 7.76
C MET B 882 -8.87 -51.82 6.33
N TYR B 883 -7.70 -51.72 5.71
CA TYR B 883 -7.61 -52.04 4.30
C TYR B 883 -7.05 -53.44 4.06
N PHE B 884 -7.66 -54.14 3.12
CA PHE B 884 -7.29 -55.52 2.82
C PHE B 884 -6.98 -55.71 1.35
N ASN B 885 -6.59 -56.91 0.99
CA ASN B 885 -6.38 -57.28 -0.39
C ASN B 885 -7.69 -57.73 -1.03
N TYR B 886 -7.63 -58.08 -2.30
CA TYR B 886 -8.81 -58.53 -3.03
C TYR B 886 -9.44 -59.77 -2.43
N GLU B 887 -8.62 -60.78 -2.14
CA GLU B 887 -9.14 -62.07 -1.69
C GLU B 887 -9.92 -61.93 -0.40
N THR B 888 -9.43 -61.10 0.51
CA THR B 888 -10.10 -60.89 1.78
C THR B 888 -11.42 -60.18 1.56
N LYS B 889 -11.42 -59.15 0.72
CA LYS B 889 -12.65 -58.43 0.43
C LYS B 889 -13.66 -59.35 -0.21
N SER B 890 -13.19 -60.21 -1.12
CA SER B 890 -14.06 -61.14 -1.81
C SER B 890 -14.69 -62.11 -0.83
N ALA B 891 -13.89 -62.62 0.09
CA ALA B 891 -14.38 -63.54 1.11
C ALA B 891 -15.41 -62.87 2.00
N LEU B 892 -15.16 -61.62 2.36
CA LEU B 892 -16.09 -60.89 3.21
C LEU B 892 -17.40 -60.61 2.49
N GLU B 893 -17.31 -60.24 1.21
CA GLU B 893 -18.53 -60.02 0.44
C GLU B 893 -19.31 -61.31 0.30
N THR B 894 -18.59 -62.41 0.09
CA THR B 894 -19.21 -63.72 -0.03
C THR B 894 -19.89 -64.07 1.28
N LEU B 895 -19.20 -63.81 2.40
CA LEU B 895 -19.73 -64.09 3.73
C LEU B 895 -21.06 -63.40 3.93
N GLN B 896 -21.14 -62.13 3.54
CA GLN B 896 -22.38 -61.37 3.70
C GLN B 896 -23.51 -61.97 2.87
N GLU B 897 -23.18 -62.53 1.70
CA GLU B 897 -24.19 -63.16 0.86
C GLU B 897 -24.64 -64.51 1.41
N GLU B 898 -23.68 -65.30 1.90
CA GLU B 898 -23.96 -66.63 2.41
C GLU B 898 -24.59 -66.60 3.80
N LYS B 899 -24.25 -65.57 4.58
CA LYS B 899 -24.77 -65.41 5.93
C LYS B 899 -25.48 -64.06 6.07
N PRO B 900 -26.67 -63.90 5.46
CA PRO B 900 -27.39 -62.66 5.26
C PRO B 900 -27.83 -62.01 6.57
N GLU B 901 -27.84 -62.79 7.65
CA GLU B 901 -28.21 -62.26 8.95
C GLU B 901 -27.07 -61.44 9.54
N LEU B 902 -25.89 -61.54 8.94
CA LEU B 902 -24.74 -60.79 9.42
C LEU B 902 -24.82 -59.40 8.88
N THR B 903 -25.52 -58.54 9.60
CA THR B 903 -25.88 -57.21 9.12
C THR B 903 -24.91 -56.69 8.09
N VAL B 904 -23.66 -56.51 8.48
CA VAL B 904 -22.69 -55.98 7.55
C VAL B 904 -21.30 -56.17 8.11
N VAL B 905 -20.32 -56.33 7.24
CA VAL B 905 -18.97 -56.26 7.74
C VAL B 905 -18.58 -54.79 7.80
N PHE B 906 -18.68 -54.13 6.65
CA PHE B 906 -18.43 -52.70 6.47
C PHE B 906 -16.96 -52.36 6.28
N GLU B 907 -16.42 -52.73 5.13
CA GLU B 907 -15.05 -52.42 4.73
C GLU B 907 -15.01 -50.95 4.28
N PRO B 908 -13.86 -50.27 4.35
CA PRO B 908 -13.66 -48.90 3.90
C PRO B 908 -13.76 -48.67 2.39
N SER B 909 -13.63 -49.74 1.58
CA SER B 909 -13.65 -49.64 0.12
C SER B 909 -13.75 -51.04 -0.52
N LYS C 7 -28.62 64.30 -45.47
CA LYS C 7 -28.49 65.29 -44.39
C LYS C 7 -28.39 64.57 -43.05
N LYS C 8 -28.10 65.33 -41.98
CA LYS C 8 -27.95 64.82 -40.63
C LYS C 8 -28.96 65.46 -39.69
N ASP C 9 -29.28 64.76 -38.61
CA ASP C 9 -30.17 65.28 -37.58
C ASP C 9 -29.47 66.34 -36.75
N TYR C 10 -30.26 67.19 -36.10
CA TYR C 10 -29.74 68.27 -35.28
C TYR C 10 -29.87 67.95 -33.79
N ARG C 11 -30.80 67.07 -33.44
CA ARG C 11 -31.04 66.78 -32.03
C ARG C 11 -29.74 66.37 -31.32
N LYS C 12 -28.93 65.58 -32.02
CA LYS C 12 -27.66 65.11 -31.47
C LYS C 12 -26.66 66.25 -31.34
N LYS C 13 -26.68 67.18 -32.28
CA LYS C 13 -25.77 68.32 -32.32
C LYS C 13 -26.08 69.27 -31.17
N TYR C 14 -27.38 69.49 -30.93
CA TYR C 14 -27.80 70.33 -29.83
C TYR C 14 -27.41 69.72 -28.50
N ARG C 15 -27.64 68.41 -28.33
CA ARG C 15 -27.27 67.74 -27.10
C ARG C 15 -25.78 67.87 -26.84
N LYS C 16 -24.96 67.73 -27.88
CA LYS C 16 -23.52 67.88 -27.73
C LYS C 16 -23.17 69.27 -27.23
N TYR C 17 -23.81 70.29 -27.83
CA TYR C 17 -23.63 71.67 -27.43
C TYR C 17 -23.98 71.86 -25.96
N VAL C 18 -25.12 71.33 -25.55
CA VAL C 18 -25.56 71.45 -24.17
C VAL C 18 -24.59 70.74 -23.24
N ARG C 19 -24.13 69.54 -23.60
CA ARG C 19 -23.19 68.84 -22.73
C ARG C 19 -21.94 69.67 -22.52
N SER C 20 -21.43 70.28 -23.59
CA SER C 20 -20.22 71.08 -23.53
C SER C 20 -20.38 72.35 -22.68
N ARG C 21 -21.48 73.07 -22.89
CA ARG C 21 -21.68 74.35 -22.22
C ARG C 21 -22.21 74.22 -20.80
N PHE C 22 -22.97 73.16 -20.54
CA PHE C 22 -23.56 72.99 -19.21
C PHE C 22 -22.75 72.00 -18.37
N GLN C 23 -21.56 71.67 -18.85
CA GLN C 23 -20.64 70.77 -18.14
C GLN C 23 -20.18 71.39 -16.83
N CYS C 24 -20.02 72.72 -16.82
CA CYS C 24 -19.55 73.43 -15.64
C CYS C 24 -20.70 74.15 -14.94
N ILE C 25 -20.53 74.40 -13.64
CA ILE C 25 -21.57 75.04 -12.85
C ILE C 25 -21.88 76.46 -13.31
N GLU C 26 -20.83 77.25 -13.54
CA GLU C 26 -20.99 78.64 -13.95
C GLU C 26 -20.71 78.90 -15.42
N ASP C 27 -19.82 78.10 -16.02
CA ASP C 27 -19.36 78.35 -17.39
C ASP C 27 -18.77 79.75 -17.51
N ARG C 28 -17.95 80.12 -16.54
CA ARG C 28 -17.30 81.43 -16.50
C ARG C 28 -15.83 81.32 -16.13
N ASN C 29 -15.09 82.39 -16.35
CA ASN C 29 -13.68 82.46 -16.00
C ASN C 29 -13.47 82.87 -14.54
N ALA C 30 -12.19 83.01 -14.18
CA ALA C 30 -11.77 83.38 -12.82
C ALA C 30 -12.13 82.31 -11.78
N ARG C 31 -12.45 81.11 -12.25
CA ARG C 31 -12.77 80.00 -11.37
C ARG C 31 -11.52 79.28 -10.89
N LEU C 32 -10.78 79.94 -10.00
CA LEU C 32 -9.54 79.39 -9.44
C LEU C 32 -8.57 78.93 -10.52
N GLY C 33 -8.20 79.86 -11.41
CA GLY C 33 -7.30 79.52 -12.51
C GLY C 33 -8.06 78.93 -13.69
N GLU C 34 -9.36 79.25 -13.77
CA GLU C 34 -10.24 78.76 -14.82
C GLU C 34 -10.25 77.24 -14.89
N SER C 35 -10.41 76.61 -13.74
CA SER C 35 -10.47 75.16 -13.64
C SER C 35 -11.88 74.66 -13.92
N VAL C 36 -12.01 73.35 -14.09
CA VAL C 36 -13.32 72.75 -14.29
C VAL C 36 -14.04 72.67 -12.95
N SER C 37 -15.30 73.14 -12.92
CA SER C 37 -16.06 73.20 -11.68
C SER C 37 -16.41 71.81 -11.14
N LEU C 38 -16.46 70.83 -12.05
CA LEU C 38 -16.71 69.44 -11.70
C LEU C 38 -18.08 69.22 -11.07
N ASN C 39 -19.09 69.00 -11.91
CA ASN C 39 -20.47 68.81 -11.44
C ASN C 39 -20.64 67.52 -10.66
N LYS C 40 -19.61 66.69 -10.61
CA LYS C 40 -19.67 65.46 -9.83
C LYS C 40 -19.80 65.79 -8.33
N ARG C 41 -19.49 67.02 -7.96
CA ARG C 41 -19.61 67.48 -6.58
C ARG C 41 -21.04 67.85 -6.24
N TYR C 42 -21.90 67.95 -7.26
CA TYR C 42 -23.27 68.37 -7.08
C TYR C 42 -24.05 67.36 -6.25
N THR C 43 -24.77 67.86 -5.27
CA THR C 43 -25.61 67.00 -4.44
C THR C 43 -27.04 67.06 -4.92
N ARG C 44 -27.61 65.90 -5.23
CA ARG C 44 -28.96 65.87 -5.78
C ARG C 44 -29.96 66.52 -4.85
N LEU C 45 -30.75 67.42 -5.41
CA LEU C 45 -31.78 68.12 -4.66
C LEU C 45 -32.99 67.23 -4.45
N ARG C 46 -33.45 67.16 -3.22
CA ARG C 46 -34.63 66.37 -2.89
C ARG C 46 -35.87 67.25 -2.98
N LEU C 47 -36.95 66.71 -3.54
CA LEU C 47 -38.16 67.48 -3.78
C LEU C 47 -39.42 66.84 -3.20
N ILE C 48 -40.38 67.68 -2.81
CA ILE C 48 -41.70 67.22 -2.37
C ILE C 48 -42.81 67.82 -3.25
N LYS C 49 -43.73 66.98 -3.70
CA LYS C 49 -44.87 67.48 -4.48
C LYS C 49 -45.89 68.15 -3.56
N GLU C 50 -46.32 69.38 -3.93
CA GLU C 50 -47.30 70.14 -3.15
C GLU C 50 -48.72 69.78 -3.61
N SER C 75 -44.72 63.50 -0.12
CA SER C 75 -44.58 63.11 -1.52
C SER C 75 -43.13 63.39 -2.03
N PRO C 76 -42.11 62.60 -1.60
CA PRO C 76 -40.71 62.76 -1.92
C PRO C 76 -40.37 62.30 -3.33
N ILE C 77 -40.84 63.09 -4.30
CA ILE C 77 -40.66 62.80 -5.72
C ILE C 77 -39.20 62.92 -6.16
N LYS C 78 -38.90 62.34 -7.32
CA LYS C 78 -37.57 62.38 -7.92
C LYS C 78 -37.58 63.33 -9.12
N MET C 79 -36.41 63.48 -9.75
CA MET C 79 -36.29 64.34 -10.92
C MET C 79 -37.01 63.75 -12.13
N GLU C 80 -37.10 62.42 -12.18
CA GLU C 80 -37.80 61.74 -13.25
C GLU C 80 -39.29 61.67 -12.90
N LEU C 81 -40.15 61.57 -13.91
CA LEU C 81 -41.60 61.50 -13.73
C LEU C 81 -42.13 62.85 -13.27
N LEU C 82 -41.34 63.89 -13.52
CA LEU C 82 -41.68 65.25 -13.14
C LEU C 82 -42.81 65.83 -14.00
N PHE C 83 -42.85 65.45 -15.28
CA PHE C 83 -43.87 65.95 -16.18
C PHE C 83 -44.92 64.88 -16.50
N ASP C 84 -44.73 63.68 -15.96
CA ASP C 84 -45.62 62.56 -16.22
C ASP C 84 -46.97 62.74 -15.52
N PRO C 85 -48.04 62.12 -16.04
CA PRO C 85 -49.32 61.90 -15.40
C PRO C 85 -49.11 61.10 -14.12
N ASP C 86 -49.97 61.32 -13.13
CA ASP C 86 -49.84 60.59 -11.88
C ASP C 86 -50.80 59.40 -11.80
N ASP C 87 -51.30 59.13 -10.60
CA ASP C 87 -52.10 57.94 -10.33
C ASP C 87 -53.40 57.85 -11.12
N GLU C 88 -53.97 59.00 -11.51
CA GLU C 88 -55.26 58.97 -12.21
C GLU C 88 -55.35 60.06 -13.28
N HIS C 89 -56.46 60.07 -14.02
CA HIS C 89 -56.76 61.05 -15.06
C HIS C 89 -55.88 60.92 -16.30
N SER C 90 -54.65 60.43 -16.13
CA SER C 90 -53.70 60.28 -17.23
C SER C 90 -53.47 61.60 -17.95
N GLU C 91 -53.37 62.68 -17.17
CA GLU C 91 -53.15 64.02 -17.72
C GLU C 91 -51.69 64.47 -17.48
N PRO C 92 -50.91 64.69 -18.55
CA PRO C 92 -49.55 65.17 -18.54
C PRO C 92 -49.44 66.56 -17.92
N VAL C 93 -48.30 66.85 -17.33
CA VAL C 93 -48.05 68.16 -16.76
C VAL C 93 -47.22 69.01 -17.69
N HIS C 94 -47.76 70.16 -18.10
CA HIS C 94 -47.04 71.02 -19.01
C HIS C 94 -46.03 71.89 -18.28
N THR C 95 -46.42 72.42 -17.12
CA THR C 95 -45.55 73.32 -16.39
C THR C 95 -45.30 72.87 -14.96
N VAL C 96 -44.04 72.92 -14.57
CA VAL C 96 -43.59 72.57 -13.22
C VAL C 96 -42.86 73.75 -12.58
N VAL C 97 -43.28 74.13 -11.38
CA VAL C 97 -42.69 75.26 -10.68
C VAL C 97 -41.95 74.85 -9.41
N PHE C 98 -40.69 75.27 -9.31
CA PHE C 98 -39.81 74.94 -8.19
C PHE C 98 -39.70 76.07 -7.16
N GLN C 99 -40.14 75.77 -5.94
CA GLN C 99 -40.11 76.71 -4.82
C GLN C 99 -39.06 76.33 -3.78
N GLY C 100 -38.58 77.33 -3.04
CA GLY C 100 -37.62 77.11 -1.97
C GLY C 100 -37.00 78.42 -1.50
N ALA C 101 -36.26 78.35 -0.39
CA ALA C 101 -35.63 79.53 0.21
C ALA C 101 -34.57 80.13 -0.72
N ALA C 102 -34.34 81.43 -0.57
CA ALA C 102 -33.29 82.10 -1.31
C ALA C 102 -31.93 81.66 -0.78
N GLY C 103 -30.94 81.55 -1.66
CA GLY C 103 -29.58 81.16 -1.25
C GLY C 103 -29.32 79.66 -1.43
N ILE C 104 -30.14 78.98 -2.22
CA ILE C 104 -29.98 77.55 -2.43
C ILE C 104 -29.11 77.22 -3.64
N GLY C 105 -29.32 77.95 -4.73
CA GLY C 105 -28.63 77.64 -5.98
C GLY C 105 -29.53 76.87 -6.94
N LYS C 106 -30.80 77.30 -7.03
CA LYS C 106 -31.76 76.68 -7.95
C LYS C 106 -31.32 76.87 -9.41
N THR C 107 -30.46 77.87 -9.63
CA THR C 107 -29.87 78.12 -10.93
C THR C 107 -28.93 76.97 -11.32
N ILE C 108 -28.32 76.34 -10.31
CA ILE C 108 -27.41 75.24 -10.57
C ILE C 108 -28.24 74.05 -11.01
N LEU C 109 -29.36 73.84 -10.32
CA LEU C 109 -30.28 72.76 -10.65
C LEU C 109 -30.71 72.84 -12.11
N ALA C 110 -31.12 74.02 -12.55
CA ALA C 110 -31.60 74.18 -13.93
C ALA C 110 -30.51 73.82 -14.93
N ARG C 111 -29.29 74.26 -14.66
CA ARG C 111 -28.18 73.98 -15.56
C ARG C 111 -27.79 72.50 -15.52
N LYS C 112 -27.84 71.90 -14.32
CA LYS C 112 -27.52 70.50 -14.16
C LYS C 112 -28.53 69.63 -14.90
N MET C 113 -29.81 69.97 -14.80
CA MET C 113 -30.84 69.18 -15.46
C MET C 113 -30.58 69.08 -16.95
N MET C 114 -30.18 70.18 -17.57
CA MET C 114 -29.90 70.15 -18.99
C MET C 114 -28.69 69.28 -19.31
N LEU C 115 -27.71 69.26 -18.41
CA LEU C 115 -26.54 68.42 -18.61
C LEU C 115 -26.94 66.94 -18.53
N ASP C 116 -27.73 66.60 -17.53
CA ASP C 116 -28.16 65.21 -17.33
C ASP C 116 -29.03 64.74 -18.49
N TRP C 117 -29.84 65.64 -19.02
CA TRP C 117 -30.62 65.33 -20.21
C TRP C 117 -29.73 65.14 -21.43
N ALA C 118 -28.81 66.07 -21.66
CA ALA C 118 -27.95 66.01 -22.83
C ALA C 118 -27.08 64.75 -22.80
N SER C 119 -26.75 64.28 -21.59
CA SER C 119 -25.98 63.06 -21.38
C SER C 119 -26.85 61.81 -21.55
N GLY C 120 -28.15 61.99 -21.71
CA GLY C 120 -29.08 60.89 -21.91
C GLY C 120 -29.53 60.18 -20.64
N THR C 121 -29.48 60.85 -19.49
CA THR C 121 -29.90 60.20 -18.25
C THR C 121 -31.21 60.76 -17.70
N LEU C 122 -31.53 62.00 -18.03
CA LEU C 122 -32.74 62.64 -17.51
C LEU C 122 -33.69 63.10 -18.62
N TYR C 123 -34.90 62.54 -18.63
CA TYR C 123 -35.92 62.84 -19.65
C TYR C 123 -35.42 62.51 -21.05
N GLN C 124 -34.56 61.49 -21.16
CA GLN C 124 -33.92 61.14 -22.41
C GLN C 124 -34.90 60.61 -23.46
N ASP C 125 -36.07 60.17 -23.03
CA ASP C 125 -37.09 59.67 -23.93
C ASP C 125 -38.34 60.54 -23.90
N ARG C 126 -38.23 61.71 -23.28
CA ARG C 126 -39.39 62.60 -23.15
C ARG C 126 -39.25 63.89 -23.95
N PHE C 127 -38.05 64.44 -24.02
CA PHE C 127 -37.86 65.67 -24.75
C PHE C 127 -36.76 65.55 -25.80
N ASP C 128 -37.00 66.13 -26.96
CA ASP C 128 -36.01 66.18 -28.03
C ASP C 128 -35.08 67.37 -27.84
N TYR C 129 -35.61 68.46 -27.28
CA TYR C 129 -34.80 69.64 -26.98
C TYR C 129 -35.16 70.26 -25.64
N LEU C 130 -34.14 70.76 -24.94
CA LEU C 130 -34.32 71.59 -23.76
C LEU C 130 -33.75 72.97 -24.01
N PHE C 131 -34.51 74.01 -23.75
CA PHE C 131 -34.03 75.36 -24.05
C PHE C 131 -33.84 76.20 -22.80
N TYR C 132 -32.63 76.72 -22.62
CA TYR C 132 -32.30 77.50 -21.43
C TYR C 132 -32.70 78.96 -21.55
N ILE C 133 -33.47 79.43 -20.58
CA ILE C 133 -33.87 80.83 -20.51
C ILE C 133 -33.22 81.46 -19.27
N HIS C 134 -32.21 82.29 -19.49
CA HIS C 134 -31.51 82.90 -18.37
C HIS C 134 -32.16 84.25 -18.08
N CYS C 135 -32.97 84.31 -17.03
CA CYS C 135 -33.80 85.48 -16.79
C CYS C 135 -33.00 86.73 -16.52
N ARG C 136 -31.75 86.58 -16.12
CA ARG C 136 -30.86 87.71 -15.87
C ARG C 136 -30.43 88.37 -17.17
N GLU C 137 -30.58 87.64 -18.27
CA GLU C 137 -30.21 88.14 -19.60
C GLU C 137 -31.45 88.57 -20.37
N VAL C 138 -32.59 87.97 -20.04
CA VAL C 138 -33.84 88.27 -20.72
C VAL C 138 -34.32 89.68 -20.43
N SER C 139 -34.58 90.44 -21.49
CA SER C 139 -35.12 91.78 -21.39
C SER C 139 -36.59 91.77 -21.76
N LEU C 140 -37.42 92.25 -20.85
CA LEU C 140 -38.86 92.20 -21.03
C LEU C 140 -39.39 93.41 -21.80
N VAL C 141 -38.53 94.38 -22.06
CA VAL C 141 -38.97 95.63 -22.67
C VAL C 141 -38.57 95.78 -24.13
N THR C 142 -38.01 94.73 -24.72
CA THR C 142 -37.64 94.78 -26.13
C THR C 142 -38.59 93.94 -26.96
N GLN C 143 -38.59 94.18 -28.27
CA GLN C 143 -39.45 93.42 -29.18
C GLN C 143 -38.67 92.42 -30.02
N ARG C 144 -39.06 91.15 -29.93
CA ARG C 144 -38.40 90.10 -30.69
C ARG C 144 -39.30 88.91 -30.94
N SER C 145 -38.97 88.15 -31.98
CA SER C 145 -39.62 86.87 -32.25
C SER C 145 -39.05 85.86 -31.28
N LEU C 146 -39.55 84.65 -31.26
CA LEU C 146 -39.01 83.69 -30.31
C LEU C 146 -37.68 83.16 -30.81
N GLY C 147 -36.67 84.02 -30.75
CA GLY C 147 -35.33 83.71 -31.22
C GLY C 147 -34.51 83.07 -30.12
N ASP C 148 -35.14 82.90 -28.96
CA ASP C 148 -34.50 82.30 -27.81
C ASP C 148 -34.15 80.85 -28.15
N LEU C 149 -34.94 80.27 -29.06
CA LEU C 149 -34.72 78.92 -29.57
C LEU C 149 -33.44 78.85 -30.39
N ILE C 150 -32.99 79.98 -30.91
CA ILE C 150 -31.79 80.05 -31.73
C ILE C 150 -30.60 80.48 -30.88
N MET C 151 -30.81 81.49 -30.04
CA MET C 151 -29.76 82.05 -29.19
C MET C 151 -29.26 81.05 -28.16
N SER C 152 -30.13 80.14 -27.74
CA SER C 152 -29.79 79.10 -26.77
C SER C 152 -29.11 77.90 -27.41
N CYS C 153 -28.93 77.93 -28.74
CA CYS C 153 -28.34 76.81 -29.47
C CYS C 153 -26.92 77.10 -29.94
N CYS C 154 -26.43 76.24 -30.83
CA CYS C 154 -25.07 76.29 -31.34
C CYS C 154 -24.79 77.64 -32.02
N PRO C 155 -23.52 78.04 -32.13
CA PRO C 155 -23.03 79.20 -32.87
C PRO C 155 -23.52 79.20 -34.32
N ASP C 156 -23.86 78.02 -34.84
CA ASP C 156 -24.35 77.88 -36.20
C ASP C 156 -25.63 78.69 -36.37
N PRO C 157 -25.61 79.72 -37.23
CA PRO C 157 -26.66 80.72 -37.40
C PRO C 157 -27.94 80.18 -38.03
N ASN C 158 -27.91 78.96 -38.55
CA ASN C 158 -29.10 78.43 -39.23
C ASN C 158 -29.52 77.04 -38.76
N PRO C 159 -29.99 76.90 -37.52
CA PRO C 159 -30.54 75.68 -36.95
C PRO C 159 -31.90 75.41 -37.58
N PRO C 160 -32.41 74.18 -37.50
CA PRO C 160 -33.69 73.75 -38.01
C PRO C 160 -34.81 74.24 -37.11
N ILE C 161 -34.97 75.56 -37.08
CA ILE C 161 -35.94 76.24 -36.22
C ILE C 161 -37.38 75.87 -36.53
N HIS C 162 -37.64 75.42 -37.75
CA HIS C 162 -38.98 75.08 -38.18
C HIS C 162 -39.29 73.58 -38.03
N LYS C 163 -38.37 72.82 -37.45
CA LYS C 163 -38.55 71.38 -37.33
C LYS C 163 -38.88 70.95 -35.90
N ILE C 164 -38.18 69.92 -35.40
CA ILE C 164 -38.47 69.36 -34.08
C ILE C 164 -38.17 70.37 -32.97
N VAL C 165 -37.38 71.37 -33.31
CA VAL C 165 -37.06 72.48 -32.42
C VAL C 165 -38.35 73.24 -32.07
N ARG C 166 -39.22 73.37 -33.06
CA ARG C 166 -40.49 74.05 -32.94
C ARG C 166 -41.59 73.14 -32.40
N LYS C 167 -41.56 71.88 -32.82
CA LYS C 167 -42.60 70.93 -32.49
C LYS C 167 -42.84 70.86 -30.97
N PRO C 168 -44.07 71.17 -30.51
CA PRO C 168 -44.49 71.19 -29.12
C PRO C 168 -44.68 69.77 -28.60
N SER C 169 -44.64 69.64 -27.27
CA SER C 169 -44.88 68.39 -26.53
C SER C 169 -43.60 67.56 -26.41
N ARG C 170 -42.61 67.88 -27.24
CA ARG C 170 -41.30 67.22 -27.20
C ARG C 170 -40.22 68.22 -26.85
N ILE C 171 -40.64 69.43 -26.49
CA ILE C 171 -39.69 70.46 -26.11
C ILE C 171 -40.02 71.01 -24.74
N LEU C 172 -38.98 71.26 -23.96
CA LEU C 172 -39.13 71.83 -22.63
C LEU C 172 -38.25 73.06 -22.47
N PHE C 173 -38.86 74.14 -22.02
CA PHE C 173 -38.12 75.36 -21.75
C PHE C 173 -37.79 75.41 -20.27
N LEU C 174 -36.62 75.92 -19.93
CA LEU C 174 -36.24 76.07 -18.53
C LEU C 174 -36.03 77.52 -18.17
N MET C 175 -36.96 78.05 -17.37
CA MET C 175 -36.94 79.46 -16.99
C MET C 175 -36.25 79.65 -15.65
N ASP C 176 -35.02 80.10 -15.72
CA ASP C 176 -34.15 80.19 -14.56
C ASP C 176 -34.17 81.58 -13.92
N GLY C 177 -34.95 81.71 -12.83
CA GLY C 177 -35.05 82.99 -12.13
C GLY C 177 -36.20 83.85 -12.61
N PHE C 178 -37.43 83.37 -12.52
CA PHE C 178 -38.57 84.18 -12.97
C PHE C 178 -38.53 85.56 -12.30
N ASP C 179 -38.24 85.56 -11.01
CA ASP C 179 -38.19 86.78 -10.22
C ASP C 179 -37.01 87.69 -10.59
N GLU C 180 -36.08 87.16 -11.38
CA GLU C 180 -34.88 87.89 -11.76
C GLU C 180 -35.00 88.53 -13.15
N LEU C 181 -36.16 88.39 -13.79
CA LEU C 181 -36.38 88.97 -15.11
C LEU C 181 -36.18 90.48 -15.09
N GLN C 182 -35.48 91.01 -16.08
CA GLN C 182 -35.18 92.43 -16.10
C GLN C 182 -36.24 93.25 -16.83
N GLY C 183 -36.74 94.28 -16.16
CA GLY C 183 -37.79 95.13 -16.72
C GLY C 183 -39.11 94.85 -16.01
N ALA C 184 -40.08 95.74 -16.21
CA ALA C 184 -41.38 95.56 -15.59
C ALA C 184 -42.08 94.36 -16.22
N PHE C 185 -42.83 93.61 -15.41
CA PHE C 185 -43.58 92.48 -15.94
C PHE C 185 -45.04 92.55 -15.53
N ASP C 186 -45.92 92.45 -16.52
CA ASP C 186 -47.35 92.45 -16.30
C ASP C 186 -47.94 91.07 -16.59
N GLU C 187 -48.47 90.43 -15.56
CA GLU C 187 -49.03 89.08 -15.70
C GLU C 187 -50.34 89.12 -16.48
N HIS C 188 -50.90 90.32 -16.61
CA HIS C 188 -52.13 90.52 -17.37
C HIS C 188 -51.81 91.30 -18.64
N ILE C 189 -52.02 90.65 -19.77
CA ILE C 189 -51.64 91.19 -21.07
C ILE C 189 -52.83 91.28 -22.02
N GLY C 190 -52.71 92.08 -23.07
CA GLY C 190 -53.75 92.23 -24.08
C GLY C 190 -53.76 91.08 -25.07
N PRO C 191 -52.83 91.08 -26.04
CA PRO C 191 -52.62 90.06 -27.05
C PRO C 191 -52.05 88.81 -26.40
N LEU C 192 -52.35 87.64 -26.95
CA LEU C 192 -51.82 86.40 -26.39
C LEU C 192 -50.50 86.01 -27.02
N CYS C 193 -50.04 86.82 -27.97
CA CYS C 193 -48.77 86.58 -28.66
C CYS C 193 -48.54 85.13 -29.01
N THR C 194 -49.35 84.62 -29.92
CA THR C 194 -49.19 83.30 -30.47
C THR C 194 -48.35 83.40 -31.73
N ASP C 195 -47.93 82.27 -32.29
CA ASP C 195 -47.11 82.27 -33.49
C ASP C 195 -45.70 82.81 -33.22
N TRP C 196 -44.81 81.89 -32.85
CA TRP C 196 -43.43 82.18 -32.47
C TRP C 196 -42.66 82.99 -33.52
N GLN C 197 -43.11 82.94 -34.76
CA GLN C 197 -42.43 83.64 -35.85
C GLN C 197 -42.64 85.16 -35.81
N LYS C 198 -43.63 85.61 -35.05
CA LYS C 198 -43.93 87.05 -34.98
C LYS C 198 -43.22 87.68 -33.79
N ALA C 199 -42.76 88.91 -33.95
CA ALA C 199 -42.06 89.60 -32.88
C ALA C 199 -43.00 90.43 -32.03
N GLU C 200 -42.80 90.33 -30.71
CA GLU C 200 -43.60 91.10 -29.75
C GLU C 200 -42.72 91.44 -28.55
N ARG C 201 -43.27 92.21 -27.61
CA ARG C 201 -42.52 92.59 -26.42
C ARG C 201 -42.13 91.37 -25.59
N GLY C 202 -40.95 91.43 -24.97
CA GLY C 202 -40.43 90.33 -24.14
C GLY C 202 -41.36 89.96 -22.99
N ASP C 203 -42.05 90.94 -22.41
CA ASP C 203 -42.97 90.68 -21.31
C ASP C 203 -44.16 89.85 -21.76
N ILE C 204 -44.73 90.23 -22.89
CA ILE C 204 -45.84 89.52 -23.48
C ILE C 204 -45.43 88.16 -24.00
N LEU C 205 -44.28 88.11 -24.67
CA LEU C 205 -43.76 86.87 -25.25
C LEU C 205 -43.50 85.83 -24.15
N LEU C 206 -42.89 86.28 -23.04
CA LEU C 206 -42.62 85.38 -21.93
C LEU C 206 -43.91 84.91 -21.27
N SER C 207 -44.86 85.83 -21.07
CA SER C 207 -46.15 85.47 -20.49
C SER C 207 -46.88 84.45 -21.36
N SER C 208 -46.83 84.66 -22.69
CA SER C 208 -47.47 83.76 -23.64
C SER C 208 -46.90 82.35 -23.53
N LEU C 209 -45.59 82.23 -23.31
CA LEU C 209 -44.99 80.91 -23.15
C LEU C 209 -45.52 80.24 -21.89
N ILE C 210 -45.58 81.00 -20.80
CA ILE C 210 -46.03 80.46 -19.51
C ILE C 210 -47.50 80.01 -19.59
N ARG C 211 -48.32 80.83 -20.25
CA ARG C 211 -49.75 80.56 -20.39
C ARG C 211 -50.08 79.46 -21.41
N LYS C 212 -49.05 78.90 -22.06
CA LYS C 212 -49.23 77.86 -23.07
C LYS C 212 -49.98 78.37 -24.30
N LYS C 213 -49.78 79.63 -24.67
CA LYS C 213 -50.39 80.16 -25.89
C LYS C 213 -49.35 80.14 -26.99
N LEU C 214 -48.10 80.36 -26.58
CA LEU C 214 -46.97 80.31 -27.48
C LEU C 214 -46.46 78.88 -27.54
N LEU C 215 -46.39 78.32 -28.74
CA LEU C 215 -46.04 76.93 -28.90
C LEU C 215 -46.88 76.04 -27.97
N PRO C 216 -48.18 75.89 -28.23
CA PRO C 216 -49.14 75.21 -27.38
C PRO C 216 -48.69 73.77 -27.18
N GLU C 217 -48.94 73.27 -25.97
CA GLU C 217 -48.55 71.92 -25.54
C GLU C 217 -47.03 71.79 -25.27
N ALA C 218 -46.29 72.89 -25.40
CA ALA C 218 -44.88 72.88 -25.03
C ALA C 218 -44.76 72.83 -23.52
N SER C 219 -43.68 72.25 -23.01
CA SER C 219 -43.49 72.17 -21.57
C SER C 219 -42.62 73.32 -21.06
N LEU C 220 -42.77 73.65 -19.79
CA LEU C 220 -41.97 74.71 -19.17
C LEU C 220 -41.64 74.41 -17.71
N LEU C 221 -40.37 74.54 -17.36
CA LEU C 221 -39.94 74.38 -15.98
C LEU C 221 -39.53 75.75 -15.43
N ILE C 222 -40.09 76.14 -14.29
CA ILE C 222 -39.78 77.44 -13.72
C ILE C 222 -39.16 77.35 -12.34
N THR C 223 -38.01 77.99 -12.17
CA THR C 223 -37.39 78.09 -10.85
C THR C 223 -37.49 79.53 -10.40
N THR C 224 -38.00 79.75 -9.18
CA THR C 224 -38.17 81.13 -8.72
C THR C 224 -38.34 81.27 -7.21
N ARG C 225 -38.02 82.46 -6.72
CA ARG C 225 -38.26 82.80 -5.33
C ARG C 225 -39.76 83.02 -5.09
N PRO C 226 -40.33 82.53 -3.98
CA PRO C 226 -41.73 82.63 -3.59
C PRO C 226 -42.30 84.03 -3.68
N VAL C 227 -41.43 85.04 -3.55
CA VAL C 227 -41.86 86.42 -3.58
C VAL C 227 -42.50 86.81 -4.91
N ALA C 228 -42.15 86.09 -5.98
CA ALA C 228 -42.71 86.38 -7.29
C ALA C 228 -43.77 85.36 -7.69
N LEU C 229 -44.06 84.40 -6.82
CA LEU C 229 -45.01 83.36 -7.17
C LEU C 229 -46.39 83.95 -7.37
N GLU C 230 -46.72 84.96 -6.58
CA GLU C 230 -48.04 85.59 -6.66
C GLU C 230 -48.29 86.25 -8.02
N LYS C 231 -47.22 86.56 -8.75
CA LYS C 231 -47.33 87.18 -10.06
C LYS C 231 -47.15 86.16 -11.16
N LEU C 232 -46.95 84.91 -10.77
CA LEU C 232 -46.75 83.81 -11.71
C LEU C 232 -47.99 82.92 -11.77
N GLN C 233 -48.66 82.76 -10.64
CA GLN C 233 -49.80 81.84 -10.53
C GLN C 233 -50.90 82.14 -11.54
N HIS C 234 -51.04 83.41 -11.91
CA HIS C 234 -52.11 83.85 -12.81
C HIS C 234 -51.85 83.43 -14.23
N LEU C 235 -50.62 83.02 -14.50
CA LEU C 235 -50.21 82.61 -15.83
C LEU C 235 -50.29 81.10 -15.97
N LEU C 236 -50.54 80.41 -14.87
CA LEU C 236 -50.45 78.96 -14.87
C LEU C 236 -51.79 78.25 -14.72
N ASP C 237 -52.64 78.75 -13.80
CA ASP C 237 -53.94 78.15 -13.49
C ASP C 237 -53.84 76.76 -12.84
N HIS C 238 -53.29 75.80 -13.58
CA HIS C 238 -53.16 74.44 -13.05
C HIS C 238 -51.77 73.81 -13.28
N PRO C 239 -50.71 74.38 -12.70
CA PRO C 239 -49.33 73.90 -12.74
C PRO C 239 -49.09 72.81 -11.72
N ARG C 240 -47.95 72.14 -11.85
CA ARG C 240 -47.48 71.27 -10.79
C ARG C 240 -46.55 72.03 -9.87
N HIS C 241 -46.91 72.13 -8.60
CA HIS C 241 -46.07 72.87 -7.66
C HIS C 241 -45.16 71.92 -6.91
N VAL C 242 -43.87 72.22 -6.97
CA VAL C 242 -42.85 71.41 -6.33
C VAL C 242 -42.03 72.26 -5.36
N GLU C 243 -41.90 71.78 -4.14
CA GLU C 243 -41.13 72.51 -3.13
C GLU C 243 -40.04 71.62 -2.58
N ILE C 244 -38.85 72.19 -2.32
CA ILE C 244 -37.72 71.45 -1.78
C ILE C 244 -38.06 70.84 -0.41
N LEU C 245 -37.83 65.39 -0.42
CA LEU C 245 -37.50 65.75 0.96
C LEU C 245 -36.83 67.14 1.00
N GLY C 246 -35.95 67.38 1.99
CA GLY C 246 -35.28 68.67 2.18
C GLY C 246 -33.80 68.61 1.81
N PHE C 247 -32.99 69.35 2.56
CA PHE C 247 -31.56 69.48 2.28
C PHE C 247 -30.75 68.33 2.83
N SER C 248 -29.69 67.97 2.11
CA SER C 248 -28.69 67.02 2.57
C SER C 248 -27.57 67.79 3.26
N GLU C 249 -26.64 67.09 3.89
CA GLU C 249 -25.56 67.76 4.61
C GLU C 249 -24.80 68.72 3.70
N ALA C 250 -24.57 68.29 2.47
CA ALA C 250 -23.85 69.09 1.49
C ALA C 250 -24.65 70.31 1.08
N LYS C 251 -25.97 70.18 1.01
CA LYS C 251 -26.82 71.27 0.58
C LYS C 251 -26.92 72.32 1.66
N ARG C 252 -26.97 71.90 2.92
CA ARG C 252 -27.04 72.86 4.00
C ARG C 252 -25.75 73.69 4.02
N LYS C 253 -24.61 73.04 3.88
CA LYS C 253 -23.33 73.74 3.85
C LYS C 253 -23.31 74.78 2.73
N GLU C 254 -23.77 74.37 1.55
CA GLU C 254 -23.84 75.28 0.41
C GLU C 254 -24.79 76.43 0.69
N TYR C 255 -25.90 76.15 1.36
CA TYR C 255 -26.88 77.19 1.68
C TYR C 255 -26.25 78.26 2.54
N PHE C 256 -25.52 77.85 3.58
CA PHE C 256 -24.87 78.82 4.46
C PHE C 256 -23.89 79.69 3.68
N PHE C 257 -23.17 79.06 2.77
CA PHE C 257 -22.17 79.78 1.97
C PHE C 257 -22.79 80.74 0.95
N LYS C 258 -23.98 80.40 0.45
CA LYS C 258 -24.63 81.28 -0.52
C LYS C 258 -25.54 82.32 0.14
N TYR C 259 -26.11 81.98 1.29
CA TYR C 259 -27.01 82.87 2.03
C TYR C 259 -26.29 84.15 2.43
N PHE C 260 -25.11 84.00 3.01
CA PHE C 260 -24.31 85.14 3.45
C PHE C 260 -23.47 85.69 2.30
N SER C 261 -23.67 86.96 1.97
CA SER C 261 -22.98 87.57 0.83
C SER C 261 -21.48 87.75 1.06
N ASP C 262 -21.08 87.92 2.31
CA ASP C 262 -19.66 88.03 2.64
C ASP C 262 -19.10 86.68 3.02
N GLU C 263 -18.21 86.15 2.20
CA GLU C 263 -17.64 84.83 2.44
C GLU C 263 -17.08 84.72 3.84
N ALA C 264 -16.50 85.81 4.35
CA ALA C 264 -15.91 85.78 5.69
C ALA C 264 -16.98 85.49 6.74
N GLN C 265 -18.18 86.04 6.54
CA GLN C 265 -19.26 85.88 7.49
C GLN C 265 -19.96 84.57 7.26
N ALA C 266 -19.97 84.14 6.00
CA ALA C 266 -20.59 82.89 5.63
C ALA C 266 -19.89 81.74 6.33
N ARG C 267 -18.57 81.81 6.35
CA ARG C 267 -17.77 80.79 7.00
C ARG C 267 -17.88 80.89 8.51
N ALA C 268 -17.88 82.13 9.04
CA ALA C 268 -18.01 82.29 10.47
C ALA C 268 -19.36 81.75 10.94
N ALA C 269 -20.42 82.09 10.21
CA ALA C 269 -21.76 81.66 10.57
C ALA C 269 -21.88 80.15 10.51
N PHE C 270 -21.25 79.55 9.51
CA PHE C 270 -21.29 78.11 9.38
C PHE C 270 -20.53 77.43 10.52
N SER C 271 -19.34 77.95 10.84
CA SER C 271 -18.52 77.39 11.91
C SER C 271 -19.23 77.45 13.26
N LEU C 272 -19.99 78.51 13.49
CA LEU C 272 -20.71 78.67 14.75
C LEU C 272 -21.77 77.57 14.92
N ILE C 273 -22.51 77.25 13.86
CA ILE C 273 -23.48 76.17 13.91
C ILE C 273 -22.83 74.78 13.80
N GLN C 274 -21.73 74.69 13.04
CA GLN C 274 -21.05 73.43 12.74
C GLN C 274 -20.70 72.62 13.99
N GLU C 275 -20.42 73.28 15.09
CA GLU C 275 -20.08 72.58 16.32
C GLU C 275 -21.18 71.59 16.74
N ASN C 276 -22.45 71.93 16.46
CA ASN C 276 -23.57 71.11 16.91
C ASN C 276 -23.99 70.07 15.86
N GLU C 277 -25.01 69.26 16.21
CA GLU C 277 -25.56 68.24 15.33
C GLU C 277 -27.09 68.30 15.32
N VAL C 278 -27.66 68.72 16.44
CA VAL C 278 -29.11 68.65 16.63
C VAL C 278 -29.84 69.66 15.75
N LEU C 279 -29.32 70.88 15.71
CA LEU C 279 -29.96 71.93 14.93
C LEU C 279 -29.91 71.58 13.45
N PHE C 280 -28.80 70.98 13.01
CA PHE C 280 -28.67 70.61 11.61
C PHE C 280 -29.74 69.61 11.19
N THR C 281 -30.00 68.64 12.05
CA THR C 281 -31.01 67.63 11.74
C THR C 281 -32.34 68.28 11.37
N MET C 282 -32.80 69.23 12.18
CA MET C 282 -34.05 69.92 11.87
C MET C 282 -33.90 70.90 10.71
N CYS C 283 -32.67 71.35 10.45
CA CYS C 283 -32.41 72.27 9.33
C CYS C 283 -32.57 71.62 7.97
N PHE C 284 -32.91 70.33 7.92
CA PHE C 284 -33.15 69.70 6.63
C PHE C 284 -34.30 70.43 5.95
N ILE C 285 -35.16 71.05 6.74
CA ILE C 285 -36.26 71.83 6.22
C ILE C 285 -35.71 73.17 5.75
N PRO C 286 -35.82 73.52 4.46
CA PRO C 286 -35.30 74.73 3.87
C PRO C 286 -35.66 75.95 4.68
N LEU C 287 -36.86 75.96 5.25
CA LEU C 287 -37.28 77.07 6.07
C LEU C 287 -36.41 77.21 7.30
N VAL C 288 -36.08 76.08 7.92
CA VAL C 288 -35.32 76.10 9.15
C VAL C 288 -33.88 76.51 8.88
N CYS C 289 -33.31 75.96 7.81
CA CYS C 289 -31.96 76.35 7.44
C CYS C 289 -31.91 77.87 7.24
N TRP C 290 -32.94 78.41 6.59
CA TRP C 290 -33.09 79.85 6.43
C TRP C 290 -33.22 80.54 7.79
N ILE C 291 -34.03 79.98 8.69
CA ILE C 291 -34.22 80.56 10.03
C ILE C 291 -32.92 80.64 10.82
N VAL C 292 -32.12 79.57 10.81
CA VAL C 292 -30.89 79.59 11.58
C VAL C 292 -29.87 80.54 10.93
N CYS C 293 -29.86 80.59 9.61
CA CYS C 293 -28.97 81.53 8.92
C CYS C 293 -29.35 82.95 9.27
N THR C 294 -30.66 83.20 9.32
CA THR C 294 -31.20 84.51 9.65
C THR C 294 -30.86 84.91 11.09
N GLY C 295 -30.98 83.96 12.03
CA GLY C 295 -30.62 84.23 13.42
C GLY C 295 -29.13 84.57 13.55
N LEU C 296 -28.29 83.81 12.85
CA LEU C 296 -26.85 84.06 12.85
C LEU C 296 -26.54 85.40 12.21
N LYS C 297 -27.27 85.72 11.14
CA LYS C 297 -27.10 87.00 10.45
C LYS C 297 -27.40 88.18 11.37
N GLN C 298 -28.42 88.05 12.21
CA GLN C 298 -28.75 89.14 13.11
C GLN C 298 -27.62 89.41 14.10
N GLN C 299 -27.02 88.35 14.63
CA GLN C 299 -25.90 88.52 15.56
C GLN C 299 -24.69 89.09 14.84
N MET C 300 -24.46 88.63 13.61
CA MET C 300 -23.36 89.09 12.79
C MET C 300 -23.51 90.57 12.43
N GLU C 301 -24.67 90.92 11.87
CA GLU C 301 -24.94 92.28 11.44
C GLU C 301 -24.89 93.25 12.62
N SER C 302 -25.33 92.81 13.78
CA SER C 302 -25.36 93.63 14.99
C SER C 302 -23.97 93.90 15.55
N GLY C 303 -22.95 93.24 15.00
CA GLY C 303 -21.58 93.43 15.45
C GLY C 303 -21.25 92.64 16.71
N LYS C 304 -21.93 91.52 16.90
CA LYS C 304 -21.67 90.68 18.06
C LYS C 304 -20.33 89.99 17.89
N SER C 305 -19.68 89.67 19.01
CA SER C 305 -18.38 88.99 19.01
C SER C 305 -18.46 87.58 18.43
N LEU C 306 -19.69 87.07 18.33
CA LEU C 306 -19.98 85.73 17.84
C LEU C 306 -19.46 84.66 18.78
N ALA C 307 -19.24 85.02 20.04
CA ALA C 307 -18.82 84.06 21.04
C ALA C 307 -20.03 83.25 21.50
N GLN C 308 -20.52 82.39 20.61
CA GLN C 308 -21.73 81.61 20.87
C GLN C 308 -21.56 80.17 20.42
N THR C 309 -22.32 79.30 21.08
CA THR C 309 -22.41 77.88 20.74
C THR C 309 -23.87 77.52 20.56
N SER C 310 -24.34 77.55 19.30
CA SER C 310 -25.76 77.41 18.96
C SER C 310 -26.28 75.98 19.02
N LYS C 311 -27.62 75.84 18.96
CA LYS C 311 -28.35 74.58 18.99
C LYS C 311 -29.79 74.81 18.50
N THR C 312 -27.19 76.62 22.05
CA THR C 312 -28.25 77.37 22.70
C THR C 312 -29.38 77.59 21.70
N THR C 313 -30.44 76.76 21.83
CA THR C 313 -31.60 76.77 20.92
C THR C 313 -32.40 78.04 21.10
N THR C 314 -32.53 78.46 22.35
CA THR C 314 -33.31 79.66 22.64
C THR C 314 -32.75 80.86 21.90
N ALA C 315 -31.44 81.05 22.00
CA ALA C 315 -30.78 82.21 21.42
C ALA C 315 -30.99 82.26 19.91
N VAL C 316 -30.92 81.11 19.25
CA VAL C 316 -31.10 81.11 17.81
C VAL C 316 -32.48 81.63 17.45
N TYR C 317 -33.49 81.17 18.17
CA TYR C 317 -34.86 81.55 17.88
C TYR C 317 -35.16 83.00 18.30
N VAL C 318 -34.58 83.45 19.41
CA VAL C 318 -34.77 84.81 19.87
C VAL C 318 -34.16 85.82 18.89
N PHE C 319 -32.93 85.56 18.44
CA PHE C 319 -32.28 86.44 17.49
C PHE C 319 -33.01 86.41 16.16
N PHE C 320 -33.50 85.24 15.78
CA PHE C 320 -34.28 85.12 14.57
C PHE C 320 -35.53 85.99 14.63
N LEU C 321 -36.30 85.90 15.72
CA LEU C 321 -37.50 86.70 15.80
C LEU C 321 -37.17 88.18 15.76
N SER C 322 -36.06 88.56 16.36
CA SER C 322 -35.67 89.96 16.31
C SER C 322 -35.62 90.47 14.88
N SER C 323 -34.90 89.75 14.01
CA SER C 323 -34.77 90.17 12.61
C SER C 323 -36.03 89.91 11.79
N LEU C 324 -36.87 88.97 12.23
CA LEU C 324 -38.11 88.67 11.54
C LEU C 324 -39.18 89.71 11.83
N LEU C 325 -39.29 90.09 13.11
CA LEU C 325 -40.35 90.95 13.59
C LEU C 325 -40.01 92.44 13.52
N GLN C 326 -38.72 92.78 13.63
CA GLN C 326 -38.32 94.19 13.65
C GLN C 326 -38.70 95.01 12.39
N PRO C 327 -38.61 94.48 11.13
CA PRO C 327 -38.98 95.15 9.89
C PRO C 327 -40.45 95.56 9.89
N LEU C 336 -47.53 90.71 13.85
CA LEU C 336 -46.29 91.43 14.11
C LEU C 336 -45.86 91.24 15.58
N CYS C 337 -44.85 91.99 16.04
CA CYS C 337 -44.25 91.80 17.36
C CYS C 337 -45.22 92.06 18.51
N ALA C 338 -46.19 92.94 18.29
CA ALA C 338 -47.16 93.28 19.31
C ALA C 338 -48.19 92.17 19.47
N HIS C 339 -48.13 91.20 18.55
CA HIS C 339 -49.08 90.10 18.54
C HIS C 339 -48.40 88.80 18.94
N LEU C 340 -47.15 88.92 19.43
CA LEU C 340 -46.39 87.77 19.86
C LEU C 340 -47.06 87.08 21.04
N TRP C 341 -47.67 87.86 21.92
CA TRP C 341 -48.38 87.30 23.07
C TRP C 341 -49.35 86.24 22.60
N GLY C 342 -50.13 86.55 21.57
CA GLY C 342 -51.13 85.63 21.05
C GLY C 342 -50.49 84.33 20.59
N LEU C 343 -49.41 84.44 19.83
CA LEU C 343 -48.72 83.25 19.33
C LEU C 343 -48.16 82.42 20.48
N CYS C 344 -47.64 83.10 21.49
CA CYS C 344 -47.08 82.44 22.67
C CYS C 344 -48.17 81.75 23.48
N SER C 345 -49.32 82.40 23.62
CA SER C 345 -50.45 81.83 24.35
C SER C 345 -50.97 80.60 23.63
N LEU C 346 -50.97 80.65 22.31
CA LEU C 346 -51.40 79.52 21.50
C LEU C 346 -50.51 78.33 21.78
N ALA C 347 -49.20 78.56 21.75
CA ALA C 347 -48.22 77.52 22.01
C ALA C 347 -48.36 76.98 23.43
N ALA C 348 -48.61 77.87 24.39
CA ALA C 348 -48.73 77.46 25.78
C ALA C 348 -49.86 76.47 25.95
N ASP C 349 -50.98 76.70 25.25
CA ASP C 349 -52.09 75.76 25.24
C ASP C 349 -51.64 74.46 24.60
N GLY C 350 -50.86 74.60 23.52
CA GLY C 350 -50.34 73.47 22.79
C GLY C 350 -49.55 72.53 23.69
N ILE C 351 -48.60 73.06 24.45
CA ILE C 351 -47.79 72.15 25.25
C ILE C 351 -48.58 71.59 26.44
N TRP C 352 -49.43 72.39 27.05
CA TRP C 352 -50.10 71.95 28.26
C TRP C 352 -51.05 70.79 28.01
N ASN C 353 -51.79 70.88 26.91
CA ASN C 353 -52.79 69.87 26.59
C ASN C 353 -52.32 68.90 25.50
N GLN C 354 -51.01 68.85 25.25
CA GLN C 354 -50.45 67.98 24.24
C GLN C 354 -51.14 68.13 22.89
N LYS C 355 -51.30 69.38 22.45
CA LYS C 355 -51.97 69.67 21.19
C LYS C 355 -51.03 70.27 20.17
N ILE C 356 -50.86 69.57 19.06
CA ILE C 356 -50.00 70.01 17.98
C ILE C 356 -50.79 70.77 16.94
N LEU C 357 -51.98 70.26 16.64
CA LEU C 357 -52.86 70.82 15.64
C LEU C 357 -53.95 71.67 16.28
N PHE C 358 -53.97 72.95 15.92
CA PHE C 358 -54.90 73.91 16.50
C PHE C 358 -56.09 74.14 15.57
N GLU C 359 -57.27 74.31 16.15
CA GLU C 359 -58.45 74.64 15.36
C GLU C 359 -58.49 76.14 15.10
N GLU C 360 -59.19 76.54 14.06
CA GLU C 360 -59.32 77.97 13.78
C GLU C 360 -60.02 78.67 14.93
N SER C 361 -60.80 77.91 15.70
CA SER C 361 -61.50 78.43 16.87
C SER C 361 -60.53 78.71 18.01
N ASP C 362 -59.39 78.02 18.03
CA ASP C 362 -58.40 78.25 19.08
C ASP C 362 -57.68 79.54 18.79
N LEU C 363 -57.41 79.77 17.51
CA LEU C 363 -56.75 80.99 17.11
C LEU C 363 -57.62 82.20 17.47
N ARG C 364 -58.92 82.07 17.23
CA ARG C 364 -59.84 83.15 17.59
C ARG C 364 -59.94 83.32 19.09
N ASN C 365 -60.00 82.22 19.83
CA ASN C 365 -60.15 82.32 21.27
C ASN C 365 -58.94 82.96 21.94
N HIS C 366 -57.76 82.77 21.38
CA HIS C 366 -56.56 83.33 22.00
C HIS C 366 -56.33 84.79 21.60
N GLY C 367 -57.21 85.32 20.75
CA GLY C 367 -57.07 86.70 20.29
C GLY C 367 -56.02 86.79 19.20
N LEU C 368 -55.79 85.68 18.50
CA LEU C 368 -54.80 85.61 17.44
C LEU C 368 -55.47 85.17 16.15
N GLN C 369 -56.15 86.09 15.49
CA GLN C 369 -56.95 85.73 14.32
C GLN C 369 -56.82 86.71 13.17
N LYS C 370 -57.12 86.20 11.97
CA LYS C 370 -57.19 87.03 10.78
C LYS C 370 -55.89 87.78 10.53
N ALA C 371 -55.89 89.09 10.74
CA ALA C 371 -54.73 89.92 10.46
C ALA C 371 -53.50 89.46 11.24
N ASP C 372 -53.71 88.98 12.46
CA ASP C 372 -52.56 88.61 13.28
C ASP C 372 -51.98 87.29 12.82
N VAL C 373 -52.83 86.40 12.34
CA VAL C 373 -52.38 85.11 11.88
C VAL C 373 -51.69 85.28 10.55
N SER C 374 -52.30 86.06 9.66
CA SER C 374 -51.73 86.32 8.35
C SER C 374 -50.34 86.93 8.48
N ALA C 375 -50.16 87.82 9.46
CA ALA C 375 -48.85 88.41 9.67
C ALA C 375 -47.82 87.33 9.99
N PHE C 376 -48.20 86.35 10.83
CA PHE C 376 -47.29 85.28 11.19
C PHE C 376 -47.17 84.22 10.09
N LEU C 377 -48.19 84.10 9.25
CA LEU C 377 -48.09 83.17 8.13
C LEU C 377 -47.17 83.74 7.05
N ARG C 378 -47.25 85.07 6.82
CA ARG C 378 -46.36 85.72 5.86
C ARG C 378 -44.92 85.69 6.39
N MET C 379 -44.77 85.97 7.68
CA MET C 379 -43.47 85.85 8.33
C MET C 379 -43.26 84.40 8.66
N ASN C 380 -43.06 83.59 7.61
CA ASN C 380 -43.11 82.14 7.73
C ASN C 380 -42.52 81.67 9.06
N LEU C 381 -43.42 81.21 9.92
CA LEU C 381 -43.11 80.82 11.29
C LEU C 381 -44.21 79.89 11.76
N PHE C 382 -45.35 80.07 11.14
CA PHE C 382 -46.59 79.37 11.49
C PHE C 382 -47.19 78.77 10.21
N GLN C 383 -47.68 77.53 10.29
CA GLN C 383 -48.19 76.83 9.11
C GLN C 383 -49.70 76.58 9.12
N LYS C 384 -50.26 76.38 7.93
CA LYS C 384 -51.67 76.02 7.76
C LYS C 384 -51.85 74.53 7.48
N GLU C 385 -50.76 73.77 7.62
CA GLU C 385 -50.78 72.34 7.32
C GLU C 385 -51.48 72.05 6.00
N VAL C 386 -51.00 72.69 4.94
CA VAL C 386 -51.64 72.61 3.63
C VAL C 386 -51.60 71.19 3.04
N ASP C 387 -50.76 70.33 3.62
CA ASP C 387 -50.63 68.97 3.12
C ASP C 387 -51.75 68.07 3.63
N CYS C 388 -52.94 68.24 3.04
CA CYS C 388 -54.12 67.44 3.36
C CYS C 388 -54.59 67.53 4.81
N GLU C 389 -54.72 68.74 5.33
CA GLU C 389 -55.19 68.92 6.70
C GLU C 389 -55.92 70.25 6.86
N LYS C 390 -56.77 70.35 7.87
CA LYS C 390 -57.55 71.57 8.11
C LYS C 390 -57.16 72.30 9.41
N PHE C 391 -56.00 71.97 9.96
CA PHE C 391 -55.53 72.53 11.22
C PHE C 391 -54.32 73.43 11.08
N TYR C 392 -54.13 74.30 12.07
CA TYR C 392 -52.99 75.19 12.11
C TYR C 392 -51.91 74.64 13.04
N SER C 393 -50.65 74.94 12.73
CA SER C 393 -49.56 74.43 13.56
C SER C 393 -48.28 75.25 13.44
N PHE C 394 -47.31 74.93 14.28
CA PHE C 394 -45.99 75.55 14.24
C PHE C 394 -45.08 74.80 13.27
N ILE C 395 -44.10 75.50 12.71
CA ILE C 395 -43.17 74.88 11.75
C ILE C 395 -42.36 73.72 12.33
N HIS C 396 -42.23 73.67 13.64
CA HIS C 396 -41.54 72.57 14.32
C HIS C 396 -41.96 72.52 15.78
N MET C 397 -41.99 71.33 16.35
CA MET C 397 -42.33 71.18 17.76
C MET C 397 -41.43 71.99 18.67
N THR C 398 -40.16 72.14 18.29
CA THR C 398 -39.22 72.89 19.11
C THR C 398 -39.60 74.37 19.16
N PHE C 399 -40.23 74.89 18.10
CA PHE C 399 -40.63 76.28 18.11
C PHE C 399 -41.85 76.43 18.99
N GLN C 400 -42.78 75.49 18.90
CA GLN C 400 -43.96 75.56 19.75
C GLN C 400 -43.54 75.63 21.21
N GLU C 401 -42.60 74.78 21.60
CA GLU C 401 -42.13 74.75 22.97
C GLU C 401 -41.46 76.08 23.33
N PHE C 402 -40.71 76.63 22.40
CA PHE C 402 -40.05 77.92 22.55
C PHE C 402 -41.06 79.03 22.84
N PHE C 403 -42.10 79.11 22.01
CA PHE C 403 -43.11 80.14 22.16
C PHE C 403 -43.89 79.95 23.46
N ALA C 404 -44.14 78.69 23.80
CA ALA C 404 -44.82 78.37 25.02
C ALA C 404 -44.00 78.79 26.23
N ALA C 405 -42.67 78.65 26.12
CA ALA C 405 -41.80 79.08 27.20
C ALA C 405 -41.82 80.60 27.34
N MET C 406 -41.82 81.31 26.21
CA MET C 406 -41.86 82.77 26.28
C MET C 406 -43.14 83.24 26.94
N TYR C 407 -44.22 82.48 26.76
CA TYR C 407 -45.52 82.79 27.38
C TYR C 407 -45.38 83.11 28.87
N TYR C 408 -44.51 82.38 29.57
CA TYR C 408 -44.34 82.54 31.01
C TYR C 408 -43.58 83.82 31.33
N LEU C 409 -42.82 84.31 30.35
CA LEU C 409 -41.92 85.43 30.54
C LEU C 409 -42.28 86.66 29.71
N LEU C 410 -43.53 86.78 29.30
CA LEU C 410 -43.94 87.94 28.50
C LEU C 410 -44.18 89.16 29.38
N GLU C 411 -43.89 90.37 28.85
CA GLU C 411 -44.15 91.61 29.56
C GLU C 411 -45.61 92.03 29.36
N GLU C 412 -45.85 94.61 27.15
CA GLU C 412 -46.68 95.40 28.04
C GLU C 412 -48.06 94.72 28.24
N GLU C 413 -48.93 95.35 29.04
CA GLU C 413 -50.27 94.85 29.33
C GLU C 413 -51.26 95.23 28.24
N LYS C 414 -52.01 94.24 27.76
CA LYS C 414 -53.01 94.46 26.72
C LYS C 414 -54.31 93.76 27.08
N GLU C 415 -55.43 94.45 26.89
CA GLU C 415 -56.76 93.92 27.21
C GLU C 415 -57.33 93.03 26.10
N GLY C 416 -56.65 92.99 24.96
CA GLY C 416 -57.14 92.23 23.80
C GLY C 416 -57.22 90.73 24.09
N ARG C 417 -56.51 90.28 25.11
CA ARG C 417 -56.50 88.87 25.48
C ARG C 417 -57.56 88.52 26.52
N THR C 418 -58.27 89.53 27.04
CA THR C 418 -59.30 89.26 28.04
C THR C 418 -60.69 89.62 27.50
N ASN C 419 -60.72 90.51 26.50
CA ASN C 419 -61.99 90.93 25.90
C ASN C 419 -62.32 90.09 24.67
N VAL C 420 -61.47 89.12 24.38
CA VAL C 420 -61.66 88.20 23.29
C VAL C 420 -62.88 87.32 23.60
N PRO C 421 -63.73 87.02 22.62
CA PRO C 421 -64.93 86.19 22.74
C PRO C 421 -64.69 84.84 23.45
N GLY C 422 -63.47 84.34 23.39
CA GLY C 422 -63.15 83.06 24.01
C GLY C 422 -62.86 83.18 25.51
N SER C 423 -62.85 84.41 26.01
CA SER C 423 -62.52 84.71 27.41
C SER C 423 -63.62 84.17 28.35
N ARG C 424 -63.26 83.65 29.53
CA ARG C 424 -61.90 83.55 30.04
C ARG C 424 -61.11 82.43 29.38
N LEU C 425 -59.82 82.70 29.13
CA LEU C 425 -58.97 81.76 28.44
C LEU C 425 -58.25 80.80 29.38
N LYS C 426 -57.96 79.59 28.86
CA LYS C 426 -57.22 78.55 29.58
C LYS C 426 -56.34 77.79 28.59
N LEU C 427 -54.79 80.73 27.86
CA LEU C 427 -53.91 81.24 28.91
C LEU C 427 -53.81 80.24 30.09
N PRO C 428 -53.13 79.07 29.91
CA PRO C 428 -53.00 77.97 30.87
C PRO C 428 -52.66 78.40 32.30
N SER C 429 -51.60 79.19 32.48
CA SER C 429 -51.23 79.57 33.84
C SER C 429 -50.17 80.67 33.91
N ARG C 430 -49.09 80.49 33.15
CA ARG C 430 -47.86 81.29 33.29
C ARG C 430 -47.19 80.99 34.63
N ASP C 431 -47.56 79.84 35.19
CA ASP C 431 -47.05 79.39 36.49
C ASP C 431 -45.86 78.47 36.31
N VAL C 432 -44.68 79.00 36.57
CA VAL C 432 -43.42 78.28 36.37
C VAL C 432 -43.30 77.11 37.34
N THR C 433 -43.73 77.30 38.57
CA THR C 433 -43.63 76.25 39.58
C THR C 433 -44.37 75.01 39.10
N VAL C 434 -45.58 75.20 38.58
CA VAL C 434 -46.37 74.09 38.07
C VAL C 434 -45.68 73.42 36.89
N LEU C 435 -45.10 74.23 36.00
CA LEU C 435 -44.38 73.69 34.86
C LEU C 435 -43.26 72.77 35.33
N LEU C 436 -42.48 73.23 36.31
CA LEU C 436 -41.35 72.48 36.85
C LEU C 436 -41.80 71.21 37.57
N GLU C 437 -42.90 71.30 38.32
CA GLU C 437 -43.43 70.16 39.05
C GLU C 437 -43.82 69.03 38.11
N ASN C 438 -44.26 69.38 36.92
CA ASN C 438 -44.71 68.40 35.93
C ASN C 438 -43.59 67.99 34.97
N TYR C 439 -42.35 68.36 35.29
CA TYR C 439 -41.21 68.01 34.44
C TYR C 439 -41.10 66.50 34.23
N GLY C 440 -41.12 65.75 35.33
CA GLY C 440 -40.97 64.30 35.24
C GLY C 440 -42.30 63.61 34.95
N LYS C 441 -43.01 64.09 33.94
CA LYS C 441 -44.33 63.55 33.60
C LYS C 441 -44.62 63.58 32.11
N PHE C 442 -44.75 62.40 31.51
CA PHE C 442 -45.06 62.30 30.09
C PHE C 442 -46.50 62.76 29.85
N GLU C 443 -47.29 62.70 30.91
CA GLU C 443 -48.72 63.04 30.87
C GLU C 443 -48.96 64.47 30.39
N LYS C 444 -47.97 65.34 30.58
CA LYS C 444 -48.11 66.73 30.16
C LYS C 444 -47.24 67.02 28.96
N GLY C 445 -46.74 65.96 28.31
CA GLY C 445 -45.88 66.12 27.16
C GLY C 445 -44.44 66.39 27.56
N TYR C 446 -44.06 65.93 28.76
CA TYR C 446 -42.71 66.07 29.31
C TYR C 446 -42.39 67.50 29.74
N LEU C 447 -42.61 68.47 28.86
CA LEU C 447 -42.36 69.87 29.18
C LEU C 447 -40.89 70.12 29.45
N ILE C 448 -40.05 69.17 29.05
CA ILE C 448 -38.62 69.24 29.29
C ILE C 448 -37.99 70.37 28.49
N PHE C 449 -38.34 70.45 27.22
CA PHE C 449 -37.77 71.46 26.37
C PHE C 449 -38.30 72.83 26.75
N VAL C 450 -39.52 72.88 27.23
CA VAL C 450 -40.11 74.15 27.63
C VAL C 450 -39.34 74.72 28.81
N VAL C 451 -39.01 73.87 29.78
CA VAL C 451 -38.19 74.28 30.91
C VAL C 451 -36.81 74.71 30.43
N ARG C 452 -36.22 73.93 29.53
CA ARG C 452 -34.91 74.28 28.96
C ARG C 452 -34.97 75.63 28.26
N PHE C 453 -36.06 75.90 27.55
CA PHE C 453 -36.22 77.18 26.88
C PHE C 453 -36.32 78.31 27.89
N LEU C 454 -37.04 78.09 28.98
CA LEU C 454 -37.12 79.14 30.00
C LEU C 454 -35.74 79.45 30.53
N PHE C 455 -34.92 78.42 30.71
CA PHE C 455 -33.58 78.67 31.18
C PHE C 455 -32.81 79.54 30.19
N GLY C 456 -32.92 79.24 28.91
CA GLY C 456 -32.25 80.03 27.89
C GLY C 456 -32.76 81.46 27.81
N LEU C 457 -34.08 81.64 27.94
CA LEU C 457 -34.72 82.94 27.84
C LEU C 457 -34.34 83.86 29.00
N VAL C 458 -34.20 83.28 30.17
CA VAL C 458 -33.86 84.04 31.37
C VAL C 458 -32.36 84.32 31.43
N ASN C 459 -31.94 85.39 30.77
CA ASN C 459 -30.53 85.77 30.71
C ASN C 459 -30.41 87.29 30.78
N GLN C 460 -29.18 87.79 30.79
CA GLN C 460 -28.95 89.23 30.82
C GLN C 460 -28.24 89.70 29.56
N GLU C 461 -27.48 88.82 28.94
CA GLU C 461 -26.64 89.20 27.81
C GLU C 461 -27.41 89.17 26.50
N ARG C 462 -28.35 90.11 26.36
CA ARG C 462 -29.19 90.22 25.18
C ARG C 462 -29.29 91.67 24.71
N THR C 463 -29.62 91.85 23.44
CA THR C 463 -29.68 93.18 22.82
C THR C 463 -31.11 93.70 22.72
N SER C 464 -31.29 94.75 21.92
CA SER C 464 -32.60 95.38 21.72
C SER C 464 -33.37 94.70 20.61
N TYR C 465 -33.90 95.48 19.69
CA TYR C 465 -34.56 94.91 18.51
C TYR C 465 -35.65 93.90 18.89
N LEU C 466 -36.53 94.29 19.80
CA LEU C 466 -37.65 93.48 20.26
C LEU C 466 -37.27 92.30 21.15
N GLU C 467 -35.99 92.16 21.51
CA GLU C 467 -35.60 91.09 22.41
C GLU C 467 -35.90 91.52 23.84
N LYS C 468 -36.37 92.76 23.97
CA LYS C 468 -36.74 93.37 25.24
C LYS C 468 -38.26 93.39 25.43
N LYS C 469 -38.98 92.64 24.60
CA LYS C 469 -40.45 92.53 24.74
C LYS C 469 -40.80 91.49 25.80
N LEU C 470 -39.78 90.85 26.33
CA LEU C 470 -39.93 89.89 27.41
C LEU C 470 -39.82 90.64 28.73
N SER C 471 -40.39 90.06 29.77
CA SER C 471 -40.45 90.69 31.07
C SER C 471 -39.09 90.78 31.75
N CYS C 472 -38.99 91.69 32.73
CA CYS C 472 -37.76 91.89 33.47
C CYS C 472 -37.90 91.47 34.93
N LYS C 473 -38.91 91.99 35.63
CA LYS C 473 -39.10 91.64 37.03
C LYS C 473 -39.43 90.17 37.16
N ILE C 474 -40.29 89.69 36.28
CA ILE C 474 -40.69 88.29 36.24
C ILE C 474 -39.49 87.42 35.89
N SER C 475 -38.65 87.90 34.99
CA SER C 475 -37.44 87.19 34.58
C SER C 475 -36.52 86.97 35.79
N GLN C 476 -36.42 87.99 36.64
CA GLN C 476 -35.61 87.85 37.85
C GLN C 476 -36.23 86.85 38.83
N GLN C 477 -37.56 86.85 38.91
CA GLN C 477 -38.27 85.94 39.81
C GLN C 477 -38.10 84.49 39.38
N ILE C 478 -38.20 84.24 38.07
CA ILE C 478 -38.01 82.90 37.56
C ILE C 478 -36.56 82.44 37.73
N ARG C 479 -35.60 83.33 37.53
CA ARG C 479 -34.21 82.95 37.69
C ARG C 479 -34.00 82.36 39.07
N LEU C 480 -34.57 82.99 40.09
CA LEU C 480 -34.45 82.48 41.45
C LEU C 480 -35.16 81.14 41.63
N GLU C 481 -36.34 81.00 41.04
CA GLU C 481 -37.09 79.75 41.17
C GLU C 481 -36.38 78.59 40.49
N LEU C 482 -35.76 78.87 39.34
CA LEU C 482 -35.03 77.85 38.61
C LEU C 482 -33.80 77.41 39.39
N LEU C 483 -33.18 78.36 40.08
CA LEU C 483 -32.00 78.05 40.88
C LEU C 483 -32.36 77.08 42.00
N LYS C 484 -33.48 77.36 42.68
CA LYS C 484 -33.95 76.52 43.77
C LYS C 484 -34.34 75.13 43.26
N TRP C 485 -34.93 75.08 42.07
CA TRP C 485 -35.31 73.82 41.46
C TRP C 485 -34.08 72.94 41.23
N ILE C 486 -33.02 73.54 40.70
CA ILE C 486 -31.77 72.81 40.52
C ILE C 486 -31.21 72.34 41.84
N GLU C 487 -31.20 73.22 42.85
CA GLU C 487 -30.64 72.82 44.13
C GLU C 487 -31.28 71.54 44.66
N VAL C 488 -32.61 71.48 44.60
CA VAL C 488 -33.32 70.34 45.13
C VAL C 488 -33.05 69.07 44.34
N LYS C 489 -33.11 69.17 43.02
CA LYS C 489 -32.92 68.01 42.17
C LYS C 489 -31.46 67.56 42.16
N ALA C 490 -30.54 68.53 42.25
CA ALA C 490 -29.12 68.23 42.26
C ALA C 490 -28.75 67.42 43.50
N LYS C 491 -29.31 67.84 44.65
CA LYS C 491 -29.08 67.16 45.92
C LYS C 491 -29.78 65.81 45.99
N ALA C 492 -30.97 65.72 45.38
CA ALA C 492 -31.73 64.47 45.38
C ALA C 492 -31.15 63.51 44.35
N LYS C 493 -29.93 63.06 44.62
CA LYS C 493 -29.21 62.21 43.68
C LYS C 493 -29.59 60.75 43.85
N LYS C 494 -30.66 60.36 43.15
CA LYS C 494 -31.20 59.01 43.24
C LYS C 494 -31.73 58.57 41.88
N LEU C 495 -32.04 57.29 41.73
CA LEU C 495 -32.65 56.81 40.49
C LEU C 495 -34.11 57.23 40.44
N GLN C 496 -34.46 57.97 39.39
CA GLN C 496 -35.80 58.53 39.24
C GLN C 496 -36.01 59.07 37.84
N ILE C 497 -37.22 59.54 37.54
CA ILE C 497 -37.52 60.12 36.23
C ILE C 497 -37.47 61.64 36.27
N GLN C 498 -36.93 62.16 37.36
CA GLN C 498 -36.67 63.59 37.52
C GLN C 498 -35.27 63.81 36.95
N PRO C 499 -34.84 65.05 36.68
CA PRO C 499 -33.61 65.36 35.99
C PRO C 499 -32.43 64.57 36.54
N SER C 500 -31.90 63.67 35.74
CA SER C 500 -30.79 62.81 36.19
C SER C 500 -29.44 63.47 36.01
N GLN C 501 -29.20 64.52 36.81
CA GLN C 501 -27.93 65.26 36.82
C GLN C 501 -27.64 65.97 35.49
N LEU C 502 -27.43 65.18 34.45
CA LEU C 502 -27.10 65.72 33.13
C LEU C 502 -28.25 66.59 32.62
N GLU C 503 -29.47 66.21 32.94
CA GLU C 503 -30.63 66.98 32.53
C GLU C 503 -30.61 68.37 33.15
N LEU C 504 -30.10 68.47 34.38
CA LEU C 504 -29.99 69.77 35.00
C LEU C 504 -28.92 70.56 34.28
N PHE C 505 -27.89 69.86 33.81
CA PHE C 505 -26.82 70.48 33.06
C PHE C 505 -27.35 71.00 31.73
N TYR C 506 -28.22 70.24 31.07
CA TYR C 506 -28.83 70.69 29.83
C TYR C 506 -29.57 72.01 30.04
N CYS C 507 -30.29 72.11 31.14
CA CYS C 507 -31.01 73.33 31.47
C CYS C 507 -30.04 74.50 31.64
N LEU C 508 -28.95 74.26 32.37
CA LEU C 508 -27.93 75.28 32.57
C LEU C 508 -27.23 75.63 31.26
N TYR C 509 -27.05 74.62 30.41
CA TYR C 509 -26.41 74.85 29.12
C TYR C 509 -27.16 75.92 28.32
N GLU C 510 -28.49 75.82 28.27
CA GLU C 510 -29.26 76.85 27.57
C GLU C 510 -29.10 78.21 28.23
N MET C 511 -29.10 78.23 29.56
CA MET C 511 -28.89 79.47 30.29
C MET C 511 -27.42 79.80 30.38
N GLN C 512 -26.83 80.26 29.29
CA GLN C 512 -25.40 80.50 29.27
C GLN C 512 -25.05 81.81 29.96
N GLU C 513 -25.23 81.82 31.27
CA GLU C 513 -24.89 82.95 32.11
C GLU C 513 -24.01 82.45 33.23
N GLU C 514 -22.71 82.72 33.13
CA GLU C 514 -21.76 82.18 34.07
C GLU C 514 -22.09 82.57 35.50
N ASP C 515 -22.60 83.78 35.69
CA ASP C 515 -22.97 84.25 37.03
C ASP C 515 -24.04 83.35 37.67
N PHE C 516 -24.89 82.73 36.85
CA PHE C 516 -25.92 81.84 37.35
C PHE C 516 -25.43 80.40 37.39
N VAL C 517 -24.80 79.98 36.31
CA VAL C 517 -24.40 78.59 36.15
C VAL C 517 -23.38 78.19 37.20
N GLN C 518 -22.42 79.06 37.46
CA GLN C 518 -21.39 78.76 38.45
C GLN C 518 -21.99 78.73 39.84
N ARG C 519 -23.15 79.35 40.01
CA ARG C 519 -23.83 79.35 41.29
C ARG C 519 -24.66 78.09 41.43
N ALA C 520 -25.42 77.76 40.40
CA ALA C 520 -26.26 76.57 40.40
C ALA C 520 -25.41 75.31 40.52
N MET C 521 -24.24 75.33 39.88
CA MET C 521 -23.34 74.20 39.89
C MET C 521 -22.71 73.91 41.24
N ASP C 522 -22.89 74.83 42.19
CA ASP C 522 -22.32 74.61 43.51
C ASP C 522 -23.18 73.68 44.34
N TYR C 523 -24.27 73.20 43.75
CA TYR C 523 -25.15 72.26 44.41
C TYR C 523 -24.85 70.84 43.94
N PHE C 524 -23.73 70.66 43.24
CA PHE C 524 -23.34 69.36 42.74
C PHE C 524 -21.98 68.90 43.23
N PRO C 525 -21.82 68.57 44.52
CA PRO C 525 -20.60 68.13 45.15
C PRO C 525 -20.14 66.79 44.58
N LYS C 526 -21.09 66.04 44.05
CA LYS C 526 -20.83 64.75 43.43
C LYS C 526 -21.61 64.66 42.15
N ILE C 527 -20.91 64.50 41.03
CA ILE C 527 -21.55 64.45 39.73
C ILE C 527 -21.42 63.09 39.10
N GLU C 528 -22.54 62.50 38.71
CA GLU C 528 -22.52 61.22 38.02
C GLU C 528 -23.42 61.26 36.81
N ILE C 529 -22.82 61.24 35.65
CA ILE C 529 -23.55 61.40 34.40
C ILE C 529 -23.18 60.35 33.36
N ASN C 530 -24.08 60.14 32.42
CA ASN C 530 -23.90 59.17 31.34
C ASN C 530 -24.03 59.84 29.99
N LEU C 531 -22.95 59.83 29.22
CA LEU C 531 -22.88 60.55 27.96
C LEU C 531 -23.12 59.64 26.76
N SER C 532 -24.13 59.95 25.97
CA SER C 532 -24.49 59.14 24.81
C SER C 532 -24.01 59.76 23.50
N THR C 533 -24.00 61.08 23.46
CA THR C 533 -23.67 61.78 22.22
C THR C 533 -22.81 63.04 22.38
N ARG C 534 -22.53 63.69 21.27
CA ARG C 534 -21.67 64.87 21.25
C ARG C 534 -22.25 65.97 22.11
N MET C 535 -23.58 66.09 22.06
CA MET C 535 -24.27 67.13 22.79
C MET C 535 -24.19 66.93 24.30
N ASP C 536 -23.97 65.69 24.73
CA ASP C 536 -23.89 65.41 26.14
C ASP C 536 -22.54 65.88 26.65
N HIS C 537 -21.55 65.77 25.78
CA HIS C 537 -20.20 66.22 26.10
C HIS C 537 -20.17 67.75 26.10
N MET C 538 -20.89 68.36 25.16
CA MET C 538 -20.96 69.82 25.10
C MET C 538 -21.61 70.38 26.36
N VAL C 539 -22.71 69.75 26.78
CA VAL C 539 -23.43 70.15 27.98
C VAL C 539 -22.62 69.90 29.24
N SER C 540 -22.00 68.72 29.31
CA SER C 540 -21.23 68.36 30.50
C SER C 540 -20.02 69.24 30.62
N SER C 541 -19.33 69.49 29.51
CA SER C 541 -18.15 70.31 29.51
C SER C 541 -18.44 71.69 30.05
N PHE C 542 -19.50 72.31 29.52
CA PHE C 542 -19.87 73.63 29.96
C PHE C 542 -20.17 73.70 31.44
N CYS C 543 -21.01 72.79 31.93
CA CYS C 543 -21.42 72.83 33.32
C CYS C 543 -20.31 72.46 34.28
N ILE C 544 -19.52 71.46 33.94
CA ILE C 544 -18.44 71.04 34.82
C ILE C 544 -17.38 72.12 34.91
N GLU C 545 -17.05 72.75 33.79
CA GLU C 545 -16.07 73.83 33.82
C GLU C 545 -16.56 74.93 34.76
N ASN C 546 -17.85 75.26 34.66
CA ASN C 546 -18.44 76.28 35.50
C ASN C 546 -18.95 75.70 36.81
N CYS C 547 -18.05 75.09 37.57
CA CYS C 547 -18.36 74.47 38.85
C CYS C 547 -17.15 74.50 39.77
N HIS C 548 -17.31 75.09 40.95
CA HIS C 548 -16.19 75.21 41.86
C HIS C 548 -16.37 74.42 43.15
N ARG C 549 -17.39 73.57 43.21
CA ARG C 549 -17.65 72.81 44.42
C ARG C 549 -17.83 71.32 44.19
N VAL C 550 -17.34 70.81 43.07
CA VAL C 550 -17.46 69.38 42.82
C VAL C 550 -16.22 68.66 43.30
N GLU C 551 -16.41 67.68 44.17
CA GLU C 551 -15.29 66.94 44.73
C GLU C 551 -15.08 65.65 43.94
N SER C 552 -16.17 65.07 43.46
CA SER C 552 -16.09 63.81 42.74
C SER C 552 -16.96 63.78 41.50
N LEU C 553 -16.38 63.25 40.42
CA LEU C 553 -17.07 63.13 39.14
C LEU C 553 -16.96 61.73 38.57
N SER C 554 -18.07 61.20 38.11
CA SER C 554 -18.12 59.90 37.44
C SER C 554 -18.66 60.04 36.03
N LEU C 555 -17.88 59.61 35.05
CA LEU C 555 -18.31 59.73 33.66
C LEU C 555 -18.62 58.38 33.04
N GLY C 556 -19.91 58.10 32.92
CA GLY C 556 -20.39 56.85 32.37
C GLY C 556 -20.48 56.94 30.86
N PHE C 557 -19.34 56.96 30.19
CA PHE C 557 -19.36 57.02 28.74
C PHE C 557 -20.14 55.84 28.21
N LEU C 558 -21.07 56.09 27.30
CA LEU C 558 -21.90 55.03 26.72
C LEU C 558 -21.38 54.64 25.34
N HIS C 559 -22.30 54.38 24.41
CA HIS C 559 -21.91 53.90 23.09
C HIS C 559 -21.44 55.04 22.19
N ASN C 560 -20.22 55.52 22.45
CA ASN C 560 -19.59 56.63 21.71
C ASN C 560 -18.71 56.10 20.59
N LEU C 599 -15.53 54.03 23.04
CA LEU C 599 -15.22 55.44 22.88
C LEU C 599 -13.99 55.61 21.97
N THR C 600 -12.85 55.04 22.39
CA THR C 600 -11.57 54.99 21.67
C THR C 600 -11.33 56.11 20.66
N SER C 601 -11.50 57.36 21.10
CA SER C 601 -11.37 58.49 20.19
C SER C 601 -11.15 59.81 20.93
N SER C 602 -10.84 60.85 20.16
CA SER C 602 -10.67 62.22 20.65
C SER C 602 -12.01 62.90 20.87
N PHE C 603 -13.07 62.18 20.57
CA PHE C 603 -14.45 62.65 20.68
C PHE C 603 -14.69 63.34 22.03
N CYS C 604 -14.18 62.72 23.10
CA CYS C 604 -14.36 63.21 24.45
C CYS C 604 -13.29 64.19 24.92
N ARG C 605 -12.33 64.49 24.06
CA ARG C 605 -11.21 65.33 24.43
C ARG C 605 -11.65 66.65 25.05
N GLY C 606 -12.73 67.21 24.52
CA GLY C 606 -13.24 68.49 24.98
C GLY C 606 -13.73 68.45 26.41
N LEU C 607 -13.99 67.25 26.92
CA LEU C 607 -14.43 67.11 28.30
C LEU C 607 -13.25 66.88 29.22
N PHE C 608 -12.33 66.03 28.81
CA PHE C 608 -11.19 65.72 29.66
C PHE C 608 -10.33 66.97 29.88
N SER C 609 -10.30 67.85 28.89
CA SER C 609 -9.53 69.09 28.99
C SER C 609 -10.15 70.04 30.02
N VAL C 610 -11.39 69.78 30.41
CA VAL C 610 -12.08 70.58 31.43
C VAL C 610 -11.81 70.03 32.80
N LEU C 611 -11.86 68.72 32.92
CA LEU C 611 -11.64 68.08 34.19
C LEU C 611 -10.26 68.44 34.74
N SER C 612 -9.30 68.52 33.85
CA SER C 612 -7.92 68.81 34.21
C SER C 612 -7.71 70.27 34.63
N THR C 613 -8.73 71.10 34.48
CA THR C 613 -8.59 72.49 34.88
C THR C 613 -9.40 72.81 36.12
N SER C 614 -10.09 71.80 36.67
CA SER C 614 -10.89 72.01 37.86
C SER C 614 -10.00 72.16 39.07
N GLN C 615 -10.33 73.11 39.94
CA GLN C 615 -9.54 73.31 41.13
C GLN C 615 -10.18 72.67 42.35
N SER C 616 -11.34 72.06 42.16
CA SER C 616 -12.03 71.41 43.28
C SER C 616 -12.15 69.90 43.09
N LEU C 617 -12.08 69.45 41.83
CA LEU C 617 -12.26 68.02 41.58
C LEU C 617 -11.09 67.24 42.16
N THR C 618 -11.40 66.23 42.96
CA THR C 618 -10.38 65.41 43.57
C THR C 618 -10.45 63.97 43.08
N GLU C 619 -11.67 63.46 42.92
CA GLU C 619 -11.89 62.08 42.53
C GLU C 619 -12.53 61.95 41.17
N LEU C 620 -11.88 61.22 40.28
CA LEU C 620 -12.43 60.99 38.95
C LEU C 620 -12.65 59.50 38.70
N ASP C 621 -13.91 59.12 38.50
CA ASP C 621 -14.26 57.72 38.28
C ASP C 621 -14.61 57.44 36.84
N LEU C 622 -13.72 56.75 36.15
CA LEU C 622 -13.93 56.42 34.74
C LEU C 622 -14.04 54.92 34.54
N SER C 623 -14.41 54.21 35.59
CA SER C 623 -14.52 52.76 35.53
C SER C 623 -15.75 52.29 34.78
N ASP C 624 -15.76 51.02 34.43
CA ASP C 624 -16.92 50.38 33.83
C ASP C 624 -17.47 51.07 32.59
N ASN C 625 -16.60 51.33 31.63
CA ASN C 625 -17.02 51.90 30.35
C ASN C 625 -15.97 51.59 29.29
N SER C 626 -16.27 51.89 28.03
CA SER C 626 -15.34 51.56 26.96
C SER C 626 -14.28 52.63 26.73
N LEU C 627 -13.51 52.93 27.78
CA LEU C 627 -12.42 53.89 27.68
C LEU C 627 -11.16 53.16 27.27
N GLY C 628 -11.19 52.59 26.08
CA GLY C 628 -10.10 51.76 25.61
C GLY C 628 -8.84 52.57 25.48
N ASP C 629 -7.72 51.89 25.21
CA ASP C 629 -6.42 52.55 25.19
C ASP C 629 -6.39 53.91 24.47
N PRO C 630 -6.95 54.06 23.26
CA PRO C 630 -6.96 55.29 22.48
C PRO C 630 -7.67 56.43 23.20
N GLY C 631 -8.53 56.08 24.15
CA GLY C 631 -9.26 57.09 24.92
C GLY C 631 -8.47 57.45 26.16
N MET C 632 -7.69 56.48 26.65
CA MET C 632 -6.87 56.69 27.82
C MET C 632 -5.72 57.61 27.49
N ARG C 633 -5.25 57.55 26.25
CA ARG C 633 -4.18 58.43 25.82
C ARG C 633 -4.61 59.88 25.91
N VAL C 634 -5.86 60.15 25.51
CA VAL C 634 -6.37 61.50 25.51
C VAL C 634 -6.42 62.01 26.94
N LEU C 635 -6.92 61.17 27.83
CA LEU C 635 -7.00 61.52 29.23
C LEU C 635 -5.61 61.74 29.82
N CYS C 636 -4.67 60.86 29.48
CA CYS C 636 -3.32 60.99 30.02
C CYS C 636 -2.67 62.29 29.61
N GLU C 637 -3.00 62.80 28.44
CA GLU C 637 -2.48 64.08 28.01
C GLU C 637 -3.02 65.21 28.90
N THR C 638 -4.28 65.07 29.32
CA THR C 638 -4.91 66.09 30.14
C THR C 638 -4.56 65.93 31.63
N LEU C 639 -4.21 64.72 32.05
CA LEU C 639 -3.85 64.48 33.45
C LEU C 639 -2.46 65.02 33.77
N GLN C 640 -1.76 65.49 32.75
CA GLN C 640 -0.43 66.06 32.94
C GLN C 640 -0.51 67.56 33.13
N HIS C 641 -1.71 68.12 33.09
CA HIS C 641 -1.90 69.55 33.25
C HIS C 641 -1.43 69.96 34.65
N PRO C 642 -0.64 71.05 34.78
CA PRO C 642 -0.16 71.61 36.04
C PRO C 642 -1.26 71.88 37.06
N GLY C 643 -2.47 72.16 36.59
CA GLY C 643 -3.60 72.48 37.45
C GLY C 643 -4.59 71.33 37.59
N CYS C 644 -4.17 70.11 37.24
CA CYS C 644 -5.07 68.95 37.23
C CYS C 644 -5.79 68.75 38.56
N ASN C 645 -5.02 68.60 39.64
CA ASN C 645 -5.56 68.43 41.00
C ASN C 645 -6.37 67.17 41.25
N ILE C 646 -6.37 66.24 40.30
CA ILE C 646 -7.06 64.98 40.55
C ILE C 646 -6.17 64.07 41.36
N ARG C 647 -6.68 63.60 42.50
CA ARG C 647 -5.89 62.77 43.39
C ARG C 647 -6.28 61.31 43.27
N ARG C 648 -7.55 61.04 42.96
CA ARG C 648 -8.01 59.67 42.89
C ARG C 648 -8.56 59.35 41.51
N LEU C 649 -7.92 58.42 40.80
CA LEU C 649 -8.34 58.10 39.44
C LEU C 649 -8.74 56.63 39.34
N TRP C 650 -10.03 56.37 39.26
CA TRP C 650 -10.51 54.99 39.32
C TRP C 650 -10.67 54.35 37.95
N LEU C 651 -9.57 53.98 37.31
CA LEU C 651 -9.63 53.39 35.98
C LEU C 651 -9.87 51.88 36.04
N GLY C 652 -11.05 51.50 36.51
CA GLY C 652 -11.36 50.09 36.69
C GLY C 652 -11.56 49.38 35.36
N ARG C 653 -12.71 48.76 35.17
CA ARG C 653 -12.93 48.02 33.93
C ARG C 653 -13.12 48.99 32.77
N CYS C 654 -12.02 49.55 32.32
CA CYS C 654 -12.00 50.52 31.24
C CYS C 654 -11.62 49.86 29.92
N GLY C 655 -11.31 48.57 29.98
CA GLY C 655 -10.94 47.82 28.79
C GLY C 655 -9.55 48.20 28.32
N LEU C 656 -8.68 48.53 29.27
CA LEU C 656 -7.33 48.96 28.97
C LEU C 656 -6.39 47.79 28.81
N SER C 657 -5.37 47.97 28.00
CA SER C 657 -4.33 46.98 27.84
C SER C 657 -2.97 47.61 28.05
N HIS C 658 -1.92 46.88 27.71
CA HIS C 658 -0.57 47.33 27.98
C HIS C 658 -0.24 48.66 27.33
N GLU C 659 -0.91 48.97 26.24
CA GLU C 659 -0.59 50.19 25.50
C GLU C 659 -0.84 51.43 26.32
N CYS C 660 -1.79 51.38 27.23
CA CYS C 660 -2.11 52.55 28.02
C CYS C 660 -1.11 52.77 29.15
N CYS C 661 -0.34 51.74 29.48
CA CYS C 661 0.55 51.85 30.63
C CYS C 661 1.66 52.84 30.35
N PHE C 662 2.04 52.95 29.09
CA PHE C 662 3.04 53.93 28.72
C PHE C 662 2.52 55.32 29.01
N ASP C 663 1.30 55.59 28.59
CA ASP C 663 0.70 56.89 28.78
C ASP C 663 0.42 57.16 30.26
N ILE C 664 0.05 56.12 31.00
CA ILE C 664 -0.17 56.27 32.43
C ILE C 664 1.15 56.59 33.13
N SER C 665 2.21 55.91 32.74
CA SER C 665 3.53 56.14 33.31
C SER C 665 3.93 57.60 33.16
N LEU C 666 3.62 58.17 31.99
CA LEU C 666 3.92 59.57 31.74
C LEU C 666 3.15 60.48 32.70
N VAL C 667 1.94 60.07 33.06
CA VAL C 667 1.18 60.83 34.05
C VAL C 667 1.83 60.72 35.41
N LEU C 668 2.21 59.50 35.80
CA LEU C 668 2.78 59.28 37.13
C LEU C 668 4.07 60.04 37.35
N SER C 669 4.90 60.16 36.33
CA SER C 669 6.19 60.84 36.43
C SER C 669 6.07 62.37 36.38
N SER C 670 4.87 62.87 36.10
CA SER C 670 4.66 64.31 35.93
C SER C 670 3.65 64.88 36.92
N ASN C 671 2.53 64.19 37.05
CA ASN C 671 1.44 64.61 37.91
C ASN C 671 1.74 64.25 39.37
N GLN C 672 2.02 65.28 40.16
CA GLN C 672 2.40 65.11 41.56
C GLN C 672 1.19 65.11 42.49
N LYS C 673 0.00 65.20 41.90
CA LYS C 673 -1.23 65.26 42.68
C LYS C 673 -1.90 63.91 42.76
N LEU C 674 -1.67 63.05 41.78
CA LEU C 674 -2.30 61.75 41.77
C LEU C 674 -1.80 60.90 42.93
N VAL C 675 -2.72 60.41 43.74
CA VAL C 675 -2.42 59.62 44.92
C VAL C 675 -2.92 58.19 44.79
N GLU C 676 -4.15 58.03 44.31
CA GLU C 676 -4.77 56.71 44.26
C GLU C 676 -5.10 56.32 42.83
N LEU C 677 -4.54 55.20 42.38
CA LEU C 677 -4.78 54.74 41.02
C LEU C 677 -5.24 53.30 40.99
N ASP C 678 -6.41 53.06 40.42
CA ASP C 678 -6.93 51.71 40.35
C ASP C 678 -7.00 51.21 38.92
N LEU C 679 -6.13 50.26 38.60
CA LEU C 679 -6.03 49.72 37.26
C LEU C 679 -6.55 48.30 37.20
N SER C 680 -7.37 47.93 38.17
CA SER C 680 -7.89 46.58 38.26
C SER C 680 -8.89 46.25 37.17
N ASP C 681 -9.10 44.95 36.97
CA ASP C 681 -10.06 44.43 36.01
C ASP C 681 -9.79 44.95 34.60
N ASN C 682 -8.52 44.93 34.20
CA ASN C 682 -8.09 45.30 32.86
C ASN C 682 -7.25 44.16 32.28
N ALA C 683 -6.46 44.44 31.26
CA ALA C 683 -5.59 43.43 30.67
C ALA C 683 -4.15 43.92 30.66
N LEU C 684 -3.78 44.65 31.69
CA LEU C 684 -2.45 45.22 31.77
C LEU C 684 -1.47 44.15 32.19
N GLY C 685 -1.12 43.27 31.24
CA GLY C 685 -0.31 42.11 31.56
C GLY C 685 1.08 42.52 31.98
N ASP C 686 1.95 41.53 32.17
CA ASP C 686 3.29 41.76 32.69
C ASP C 686 4.00 42.89 31.98
N PHE C 687 3.83 42.98 30.67
CA PHE C 687 4.49 44.04 29.94
C PHE C 687 3.95 45.40 30.37
N GLY C 688 2.66 45.46 30.61
CA GLY C 688 2.05 46.73 30.99
C GLY C 688 2.67 47.20 32.30
N ILE C 689 2.94 46.26 33.18
CA ILE C 689 3.56 46.56 34.46
C ILE C 689 4.98 47.06 34.26
N ARG C 690 5.73 46.43 33.37
CA ARG C 690 7.09 46.87 33.10
C ARG C 690 7.08 48.34 32.70
N LEU C 691 6.10 48.72 31.88
CA LEU C 691 5.96 50.11 31.47
C LEU C 691 5.45 50.98 32.60
N LEU C 692 4.49 50.49 33.35
CA LEU C 692 3.89 51.26 34.43
C LEU C 692 4.92 51.61 35.48
N CYS C 693 5.80 50.65 35.78
CA CYS C 693 6.80 50.81 36.81
C CYS C 693 7.80 51.89 36.48
N VAL C 694 7.83 52.32 35.23
CA VAL C 694 8.72 53.40 34.85
C VAL C 694 8.31 54.66 35.58
N GLY C 695 7.00 54.87 35.70
CA GLY C 695 6.49 56.04 36.38
C GLY C 695 6.51 55.83 37.89
N LEU C 696 6.25 54.61 38.32
CA LEU C 696 6.16 54.32 39.75
C LEU C 696 7.51 54.50 40.44
N LYS C 697 8.58 54.18 39.71
CA LYS C 697 9.93 54.32 40.25
C LYS C 697 10.49 55.73 40.04
N HIS C 698 9.71 56.58 39.41
CA HIS C 698 10.17 57.91 39.04
C HIS C 698 10.08 58.88 40.20
N LEU C 699 11.02 59.81 40.26
CA LEU C 699 10.97 60.86 41.26
C LEU C 699 9.76 61.72 41.00
N LEU C 700 9.21 62.29 42.07
CA LEU C 700 8.00 63.11 42.01
C LEU C 700 6.75 62.28 41.78
N CYS C 701 6.88 60.97 41.77
CA CYS C 701 5.69 60.13 41.71
C CYS C 701 5.19 59.89 43.11
N ASN C 702 4.06 60.50 43.45
CA ASN C 702 3.56 60.49 44.81
C ASN C 702 2.44 59.49 45.00
N LEU C 703 2.29 58.56 44.08
CA LEU C 703 1.23 57.58 44.16
C LEU C 703 1.34 56.80 45.47
N LYS C 704 0.23 56.68 46.19
CA LYS C 704 0.22 55.95 47.44
C LYS C 704 -0.53 54.64 47.34
N LYS C 705 -1.60 54.62 46.57
CA LYS C 705 -2.42 53.43 46.49
C LYS C 705 -2.53 52.94 45.06
N LEU C 706 -2.16 51.70 44.83
CA LEU C 706 -2.21 51.13 43.49
C LEU C 706 -2.91 49.79 43.47
N TRP C 707 -3.95 49.68 42.66
CA TRP C 707 -4.64 48.40 42.50
C TRP C 707 -4.35 47.80 41.14
N LEU C 708 -3.81 46.60 41.15
CA LEU C 708 -3.50 45.86 39.93
C LEU C 708 -4.21 44.53 39.95
N VAL C 709 -5.37 44.52 40.61
CA VAL C 709 -6.15 43.30 40.78
C VAL C 709 -6.74 42.80 39.48
N SER C 710 -6.55 41.53 39.21
CA SER C 710 -7.04 40.90 37.99
C SER C 710 -6.57 41.63 36.75
N CYS C 711 -5.26 41.70 36.56
CA CYS C 711 -4.69 42.37 35.40
C CYS C 711 -3.90 41.39 34.54
N CYS C 712 -4.26 40.13 34.61
CA CYS C 712 -3.58 39.11 33.83
C CYS C 712 -2.09 39.12 34.09
N LEU C 713 -1.70 39.25 35.35
CA LEU C 713 -0.29 39.28 35.69
C LEU C 713 0.22 37.91 36.09
N THR C 714 1.50 37.69 35.87
CA THR C 714 2.15 36.48 36.36
C THR C 714 3.33 36.86 37.23
N SER C 715 4.04 35.86 37.75
CA SER C 715 5.18 36.08 38.61
C SER C 715 6.27 36.88 37.92
N ALA C 716 6.24 36.89 36.59
CA ALA C 716 7.23 37.60 35.80
C ALA C 716 7.24 39.09 36.11
N CYS C 717 6.09 39.65 36.47
CA CYS C 717 5.99 41.08 36.71
C CYS C 717 6.46 41.45 38.11
N CYS C 718 6.65 40.46 38.97
CA CYS C 718 6.99 40.74 40.35
C CYS C 718 8.36 41.34 40.46
N GLN C 719 9.20 41.07 39.47
CA GLN C 719 10.54 41.62 39.47
C GLN C 719 10.50 43.14 39.40
N ASP C 720 9.48 43.68 38.72
CA ASP C 720 9.38 45.12 38.57
C ASP C 720 8.60 45.73 39.72
N LEU C 721 7.57 45.02 40.18
CA LEU C 721 6.77 45.52 41.29
C LEU C 721 7.60 45.55 42.55
N ALA C 722 8.48 44.56 42.70
CA ALA C 722 9.35 44.49 43.86
C ALA C 722 10.28 45.69 43.90
N SER C 723 10.74 46.13 42.73
CA SER C 723 11.64 47.27 42.64
C SER C 723 10.91 48.54 43.03
N VAL C 724 9.64 48.63 42.66
CA VAL C 724 8.84 49.78 43.03
C VAL C 724 8.69 49.85 44.54
N LEU C 725 8.40 48.70 45.16
CA LEU C 725 8.24 48.67 46.60
C LEU C 725 9.52 49.10 47.31
N SER C 726 10.65 48.67 46.78
CA SER C 726 11.94 49.02 47.36
C SER C 726 12.26 50.51 47.25
N THR C 727 12.07 51.08 46.06
CA THR C 727 12.48 52.46 45.81
C THR C 727 11.41 53.52 46.11
N SER C 728 10.14 53.21 45.93
CA SER C 728 9.11 54.22 46.06
C SER C 728 9.03 54.78 47.47
N HIS C 729 8.97 56.10 47.55
CA HIS C 729 8.86 56.81 48.82
C HIS C 729 7.42 56.96 49.26
N SER C 730 6.50 56.68 48.36
CA SER C 730 5.09 56.95 48.63
C SER C 730 4.16 55.75 48.52
N LEU C 731 4.56 54.70 47.84
CA LEU C 731 3.62 53.61 47.63
C LEU C 731 3.46 52.78 48.90
N THR C 732 2.26 52.79 49.47
CA THR C 732 2.01 52.08 50.71
C THR C 732 0.95 51.01 50.54
N ARG C 733 0.09 51.18 49.55
CA ARG C 733 -1.02 50.26 49.33
C ARG C 733 -0.91 49.52 48.01
N LEU C 734 -0.48 48.27 48.03
CA LEU C 734 -0.33 47.52 46.79
C LEU C 734 -1.25 46.31 46.73
N TYR C 735 -2.22 46.34 45.83
CA TYR C 735 -3.16 45.24 45.70
C TYR C 735 -2.95 44.51 44.38
N VAL C 736 -2.49 43.26 44.45
CA VAL C 736 -2.16 42.53 43.24
C VAL C 736 -2.80 41.15 43.19
N GLY C 737 -3.92 40.96 43.87
CA GLY C 737 -4.56 39.67 43.92
C GLY C 737 -5.32 39.36 42.65
N GLU C 738 -5.95 38.18 42.60
CA GLU C 738 -6.68 37.72 41.44
C GLU C 738 -5.78 37.70 40.22
N ASN C 739 -4.58 37.17 40.41
CA ASN C 739 -3.56 37.10 39.36
C ASN C 739 -2.82 35.77 39.46
N ALA C 740 -1.84 35.57 38.58
CA ALA C 740 -1.07 34.33 38.59
C ALA C 740 0.25 34.53 39.33
N LEU C 741 0.24 35.45 40.28
CA LEU C 741 1.42 35.73 41.09
C LEU C 741 1.56 34.69 42.17
N GLY C 742 1.91 33.48 41.76
CA GLY C 742 1.92 32.36 42.67
C GLY C 742 3.08 32.47 43.65
N ASP C 743 3.35 31.39 44.37
CA ASP C 743 4.36 31.39 45.40
C ASP C 743 5.69 31.97 44.92
N SER C 744 6.07 31.63 43.70
CA SER C 744 7.33 32.10 43.11
C SER C 744 7.31 33.60 42.83
N GLY C 745 6.12 34.18 42.74
CA GLY C 745 5.96 35.61 42.51
C GLY C 745 6.06 36.37 43.82
N VAL C 746 5.38 35.85 44.83
CA VAL C 746 5.39 36.47 46.13
C VAL C 746 6.78 36.48 46.72
N ALA C 747 7.52 35.40 46.51
CA ALA C 747 8.88 35.34 47.00
C ALA C 747 9.69 36.52 46.49
N ILE C 748 9.45 36.93 45.25
CA ILE C 748 10.15 38.06 44.66
C ILE C 748 9.73 39.36 45.33
N LEU C 749 8.42 39.53 45.51
CA LEU C 749 7.91 40.75 46.14
C LEU C 749 8.41 40.83 47.58
N CYS C 750 8.47 39.69 48.25
CA CYS C 750 8.90 39.62 49.64
C CYS C 750 10.37 39.96 49.79
N GLU C 751 11.18 39.56 48.82
CA GLU C 751 12.61 39.84 48.89
C GLU C 751 12.87 41.33 49.06
N LYS C 752 12.02 42.16 48.47
CA LYS C 752 12.19 43.60 48.64
C LYS C 752 11.26 44.16 49.72
N ALA C 753 10.07 43.57 49.87
CA ALA C 753 9.10 44.03 50.85
C ALA C 753 9.58 43.77 52.27
N LYS C 754 10.48 42.80 52.42
CA LYS C 754 11.03 42.47 53.72
C LYS C 754 11.99 43.54 54.21
N ASN C 755 12.41 44.42 53.32
CA ASN C 755 13.33 45.48 53.69
C ASN C 755 12.63 46.44 54.66
N PRO C 756 13.19 46.67 55.84
CA PRO C 756 12.60 47.45 56.93
C PRO C 756 12.38 48.90 56.53
N GLN C 757 12.99 49.34 55.44
CA GLN C 757 12.84 50.71 54.96
C GLN C 757 11.75 50.83 53.91
N CYS C 758 11.11 49.71 53.58
CA CYS C 758 10.03 49.69 52.60
C CYS C 758 8.79 50.34 53.20
N ASN C 759 8.07 51.11 52.38
CA ASN C 759 6.93 51.87 52.87
C ASN C 759 5.60 51.13 52.74
N LEU C 760 5.66 49.86 52.34
CA LEU C 760 4.46 49.08 52.15
C LEU C 760 3.68 48.92 53.45
N GLN C 761 2.40 49.27 53.40
CA GLN C 761 1.51 49.16 54.56
C GLN C 761 0.41 48.14 54.36
N LYS C 762 -0.12 48.05 53.16
CA LYS C 762 -1.17 47.08 52.87
C LYS C 762 -0.79 46.24 51.67
N LEU C 763 -0.79 44.93 51.83
CA LEU C 763 -0.43 44.05 50.74
C LEU C 763 -1.58 43.13 50.35
N GLY C 764 -2.19 43.42 49.20
CA GLY C 764 -3.39 42.73 48.76
C GLY C 764 -3.12 41.48 47.92
N LEU C 765 -2.34 40.55 48.47
CA LEU C 765 -2.08 39.30 47.77
C LEU C 765 -3.23 38.34 47.98
N VAL C 766 -4.37 38.68 47.39
CA VAL C 766 -5.60 37.95 47.69
C VAL C 766 -5.62 36.66 46.89
N ASN C 767 -6.36 36.62 45.80
CA ASN C 767 -6.42 35.38 45.06
C ASN C 767 -5.24 35.28 44.12
N SER C 768 -4.06 35.10 44.71
CA SER C 768 -2.82 35.07 43.95
C SER C 768 -2.39 33.64 43.64
N GLY C 769 -3.17 32.67 44.11
CA GLY C 769 -2.85 31.28 43.86
C GLY C 769 -1.63 30.83 44.68
N LEU C 770 -1.54 31.32 45.91
CA LEU C 770 -0.40 31.02 46.75
C LEU C 770 -0.59 29.73 47.50
N THR C 771 0.52 29.09 47.82
CA THR C 771 0.55 27.89 48.63
C THR C 771 1.42 28.16 49.84
N SER C 772 1.54 27.17 50.72
CA SER C 772 2.35 27.32 51.92
C SER C 772 3.81 27.56 51.58
N VAL C 773 4.19 27.31 50.34
CA VAL C 773 5.56 27.46 49.88
C VAL C 773 6.08 28.88 50.10
N CYS C 774 5.23 29.88 49.90
CA CYS C 774 5.69 31.26 50.04
C CYS C 774 5.34 31.88 51.38
N CYS C 775 4.79 31.09 52.29
CA CYS C 775 4.42 31.67 53.57
C CYS C 775 5.65 31.97 54.41
N SER C 776 6.75 31.28 54.13
CA SER C 776 7.99 31.59 54.83
C SER C 776 8.51 32.94 54.36
N ALA C 777 8.18 33.29 53.12
CA ALA C 777 8.58 34.58 52.57
C ALA C 777 7.70 35.68 53.15
N LEU C 778 6.41 35.39 53.27
CA LEU C 778 5.47 36.33 53.87
C LEU C 778 5.80 36.51 55.33
N SER C 779 6.22 35.43 55.97
CA SER C 779 6.62 35.46 57.37
C SER C 779 7.80 36.39 57.56
N SER C 780 8.78 36.27 56.67
CA SER C 780 9.97 37.12 56.73
C SER C 780 9.57 38.59 56.62
N VAL C 781 8.64 38.89 55.71
CA VAL C 781 8.20 40.27 55.54
C VAL C 781 7.49 40.76 56.79
N LEU C 782 6.59 39.94 57.33
CA LEU C 782 5.84 40.32 58.52
C LEU C 782 6.76 40.59 59.70
N SER C 783 7.78 39.75 59.84
CA SER C 783 8.75 39.88 60.92
C SER C 783 9.62 41.13 60.81
N THR C 784 10.14 41.39 59.61
CA THR C 784 11.09 42.48 59.42
C THR C 784 10.46 43.83 59.08
N ASN C 785 9.44 43.83 58.23
CA ASN C 785 8.85 45.08 57.78
C ASN C 785 7.81 45.57 58.78
N GLN C 786 8.21 46.55 59.59
CA GLN C 786 7.39 47.04 60.68
C GLN C 786 6.31 47.99 60.18
N ASN C 787 6.32 48.27 58.89
CA ASN C 787 5.34 49.18 58.32
C ASN C 787 4.15 48.44 57.75
N LEU C 788 4.20 47.11 57.71
CA LEU C 788 3.11 46.36 57.11
C LEU C 788 2.03 46.12 58.13
N THR C 789 0.85 46.70 57.89
CA THR C 789 -0.23 46.63 58.86
C THR C 789 -1.42 45.80 58.39
N HIS C 790 -1.56 45.62 57.07
CA HIS C 790 -2.67 44.84 56.55
C HIS C 790 -2.20 43.85 55.49
N LEU C 791 -2.58 42.58 55.66
CA LEU C 791 -2.24 41.54 54.71
C LEU C 791 -3.46 40.71 54.36
N TYR C 792 -3.80 40.66 53.08
CA TYR C 792 -5.01 39.98 52.66
C TYR C 792 -4.70 38.74 51.83
N LEU C 793 -4.90 37.56 52.40
CA LEU C 793 -4.51 36.32 51.72
C LEU C 793 -5.66 35.42 51.30
N ARG C 794 -6.89 35.92 51.32
CA ARG C 794 -8.02 35.06 51.00
C ARG C 794 -7.99 34.56 49.57
N GLY C 795 -8.36 33.30 49.39
CA GLY C 795 -8.37 32.70 48.06
C GLY C 795 -7.12 31.85 47.84
N ASN C 796 -6.15 32.02 48.73
CA ASN C 796 -4.89 31.28 48.64
C ASN C 796 -4.95 29.98 49.42
N THR C 797 -4.80 28.88 48.73
CA THR C 797 -4.87 27.58 49.38
C THR C 797 -3.60 27.33 50.16
N LEU C 798 -3.47 28.02 51.30
CA LEU C 798 -2.26 27.99 52.10
C LEU C 798 -2.29 26.78 53.01
N GLY C 799 -3.48 26.43 53.45
CA GLY C 799 -3.67 25.28 54.31
C GLY C 799 -3.09 25.52 55.69
N ASP C 800 -2.94 24.44 56.43
CA ASP C 800 -2.47 24.53 57.79
C ASP C 800 -0.98 24.80 57.83
N LYS C 801 -0.26 24.29 56.84
CA LYS C 801 1.18 24.50 56.79
C LYS C 801 1.48 25.97 56.62
N GLY C 802 0.69 26.64 55.78
CA GLY C 802 0.87 28.06 55.57
C GLY C 802 0.66 28.84 56.84
N ILE C 803 -0.38 28.49 57.60
CA ILE C 803 -0.66 29.21 58.84
C ILE C 803 0.50 29.05 59.81
N LYS C 804 1.03 27.84 59.91
CA LYS C 804 2.16 27.62 60.81
C LYS C 804 3.33 28.51 60.45
N LEU C 805 3.63 28.57 59.15
CA LEU C 805 4.73 29.40 58.68
C LEU C 805 4.48 30.88 58.89
N LEU C 806 3.26 31.33 58.66
CA LEU C 806 2.95 32.74 58.86
C LEU C 806 3.10 33.10 60.34
N CYS C 807 2.70 32.18 61.22
CA CYS C 807 2.76 32.42 62.64
C CYS C 807 4.20 32.67 63.12
N GLU C 808 5.16 32.05 62.47
CA GLU C 808 6.55 32.28 62.84
C GLU C 808 6.87 33.77 62.73
N GLY C 809 6.27 34.45 61.75
CA GLY C 809 6.48 35.88 61.57
C GLY C 809 5.53 36.69 62.44
N LEU C 810 4.25 36.30 62.43
CA LEU C 810 3.22 37.05 63.11
C LEU C 810 3.46 37.13 64.61
N LEU C 811 4.04 36.08 65.18
CA LEU C 811 4.30 36.02 66.60
C LEU C 811 5.63 36.65 66.97
N HIS C 812 6.36 37.13 65.98
CA HIS C 812 7.63 37.79 66.19
C HIS C 812 7.37 39.15 66.84
N PRO C 813 8.17 39.56 67.84
CA PRO C 813 8.02 40.80 68.57
C PRO C 813 8.10 42.06 67.70
N ASP C 814 8.71 41.96 66.52
CA ASP C 814 8.80 43.14 65.65
C ASP C 814 7.70 43.17 64.59
N CYS C 815 6.78 42.22 64.63
CA CYS C 815 5.70 42.25 63.66
C CYS C 815 4.63 43.22 64.09
N LYS C 816 4.21 44.10 63.18
CA LYS C 816 3.22 45.12 63.49
C LYS C 816 1.91 44.91 62.77
N LEU C 817 1.73 43.74 62.17
CA LEU C 817 0.52 43.49 61.39
C LEU C 817 -0.70 43.65 62.26
N GLN C 818 -1.69 44.41 61.77
CA GLN C 818 -2.91 44.64 62.51
C GLN C 818 -4.06 43.83 61.94
N VAL C 819 -4.13 43.77 60.61
CA VAL C 819 -5.23 43.07 59.98
C VAL C 819 -4.77 41.93 59.10
N LEU C 820 -5.23 40.73 59.41
CA LEU C 820 -4.92 39.56 58.60
C LEU C 820 -6.21 38.93 58.09
N GLU C 821 -6.34 38.81 56.78
CA GLU C 821 -7.54 38.20 56.22
C GLU C 821 -7.26 36.79 55.70
N LEU C 822 -8.02 35.82 56.21
CA LEU C 822 -7.86 34.42 55.86
C LEU C 822 -9.21 33.74 55.62
N ASP C 823 -9.82 34.05 54.50
CA ASP C 823 -11.14 33.52 54.19
C ASP C 823 -11.02 32.16 53.51
N ASN C 824 -11.24 32.10 52.21
CA ASN C 824 -11.11 30.84 51.50
C ASN C 824 -9.65 30.47 51.30
N CYS C 825 -8.98 30.12 52.39
CA CYS C 825 -7.57 29.78 52.37
C CYS C 825 -7.32 28.27 52.50
N ASN C 826 -8.40 27.51 52.37
CA ASN C 826 -8.35 26.05 52.48
C ASN C 826 -7.77 25.58 53.81
N LEU C 827 -8.19 26.21 54.89
CA LEU C 827 -7.72 25.85 56.22
C LEU C 827 -8.60 24.78 56.82
N THR C 828 -8.06 24.00 57.75
CA THR C 828 -8.90 23.08 58.49
C THR C 828 -8.63 23.15 59.98
N SER C 829 -9.28 22.29 60.74
CA SER C 829 -9.28 22.38 62.20
C SER C 829 -7.91 22.16 62.83
N HIS C 830 -7.00 21.57 62.09
CA HIS C 830 -5.67 21.27 62.61
C HIS C 830 -4.84 22.54 62.79
N CYS C 831 -5.27 23.64 62.19
CA CYS C 831 -4.52 24.89 62.30
C CYS C 831 -5.04 25.75 63.44
N CYS C 832 -6.06 25.26 64.15
CA CYS C 832 -6.68 26.06 65.19
C CYS C 832 -5.73 26.33 66.34
N TRP C 833 -4.78 25.44 66.59
CA TRP C 833 -3.82 25.68 67.65
C TRP C 833 -2.93 26.86 67.33
N ASP C 834 -2.63 27.02 66.05
CA ASP C 834 -1.75 28.10 65.63
C ASP C 834 -2.51 29.39 65.51
N LEU C 835 -3.76 29.31 65.07
CA LEU C 835 -4.59 30.50 65.02
C LEU C 835 -4.87 30.96 66.43
N SER C 836 -5.12 30.00 67.32
CA SER C 836 -5.38 30.29 68.72
C SER C 836 -4.19 31.00 69.34
N THR C 837 -2.99 30.54 69.01
CA THR C 837 -1.80 31.17 69.50
C THR C 837 -1.78 32.64 69.08
N LEU C 838 -2.12 32.91 67.82
CA LEU C 838 -2.14 34.30 67.34
C LEU C 838 -3.15 35.13 68.12
N LEU C 839 -4.28 34.53 68.47
CA LEU C 839 -5.36 35.28 69.10
C LEU C 839 -4.91 35.89 70.43
N THR C 840 -4.04 35.20 71.16
CA THR C 840 -3.60 35.74 72.45
C THR C 840 -2.13 36.18 72.50
N SER C 841 -1.29 35.63 71.62
CA SER C 841 0.14 35.90 71.68
C SER C 841 0.59 37.06 70.80
N SER C 842 -0.16 37.36 69.74
CA SER C 842 0.23 38.47 68.87
C SER C 842 -0.36 39.75 69.41
N GLN C 843 0.51 40.65 69.87
CA GLN C 843 0.04 41.85 70.55
C GLN C 843 -0.24 42.98 69.57
N SER C 844 0.12 42.76 68.31
CA SER C 844 -0.06 43.77 67.27
C SER C 844 -1.37 43.56 66.51
N LEU C 845 -1.82 42.31 66.45
CA LEU C 845 -2.98 41.96 65.65
C LEU C 845 -4.25 42.53 66.27
N ARG C 846 -5.11 43.10 65.44
CA ARG C 846 -6.36 43.67 65.91
C ARG C 846 -7.56 43.00 65.26
N LYS C 847 -7.38 42.55 64.03
CA LYS C 847 -8.43 41.93 63.24
C LYS C 847 -7.96 40.62 62.65
N LEU C 848 -8.84 39.64 62.56
CA LEU C 848 -8.49 38.38 61.93
C LEU C 848 -9.69 37.81 61.22
N SER C 849 -9.76 38.05 59.92
CA SER C 849 -10.94 37.71 59.16
C SER C 849 -10.93 36.28 58.68
N LEU C 850 -11.13 35.35 59.59
CA LEU C 850 -11.27 33.95 59.21
C LEU C 850 -12.56 33.86 58.43
N GLY C 851 -12.63 33.04 57.40
CA GLY C 851 -13.86 33.01 56.62
C GLY C 851 -14.25 31.65 56.08
N ASN C 852 -14.54 31.62 54.78
CA ASN C 852 -15.11 30.46 54.12
C ASN C 852 -14.14 29.30 53.98
N ASN C 853 -13.86 28.66 55.11
CA ASN C 853 -13.01 27.48 55.15
C ASN C 853 -13.56 26.51 56.19
N ASP C 854 -13.28 25.22 56.02
CA ASP C 854 -13.83 24.23 56.93
C ASP C 854 -12.98 24.12 58.18
N LEU C 855 -13.02 25.16 58.99
CA LEU C 855 -12.19 25.27 60.17
C LEU C 855 -12.65 24.35 61.29
N GLY C 856 -13.94 24.11 61.39
CA GLY C 856 -14.47 23.27 62.46
C GLY C 856 -15.06 24.11 63.57
N ASP C 857 -16.18 23.66 64.11
CA ASP C 857 -16.87 24.41 65.16
C ASP C 857 -16.20 24.21 66.51
N LEU C 858 -15.63 23.03 66.72
CA LEU C 858 -14.90 22.77 67.96
C LEU C 858 -13.69 23.69 68.04
N GLY C 859 -13.04 23.91 66.91
CA GLY C 859 -11.87 24.79 66.84
C GLY C 859 -12.26 26.19 67.26
N VAL C 860 -13.36 26.67 66.72
CA VAL C 860 -13.86 28.00 67.06
C VAL C 860 -14.17 28.13 68.54
N MET C 861 -14.75 27.11 69.15
CA MET C 861 -15.02 27.19 70.58
C MET C 861 -13.73 27.41 71.38
N MET C 862 -12.63 26.82 70.91
CA MET C 862 -11.34 27.05 71.56
C MET C 862 -10.95 28.52 71.46
N PHE C 863 -11.26 29.14 70.32
CA PHE C 863 -10.93 30.54 70.12
C PHE C 863 -11.63 31.38 71.18
N CYS C 864 -12.89 31.06 71.44
CA CYS C 864 -13.64 31.80 72.44
C CYS C 864 -12.92 31.76 73.79
N GLU C 865 -12.52 30.56 74.20
CA GLU C 865 -11.88 30.39 75.50
C GLU C 865 -10.58 31.17 75.63
N VAL C 866 -9.79 31.21 74.56
CA VAL C 866 -8.51 31.92 74.63
C VAL C 866 -8.67 33.43 74.46
N LEU C 867 -9.65 33.87 73.66
CA LEU C 867 -9.85 35.30 73.46
C LEU C 867 -10.20 35.99 74.77
N LYS C 868 -10.92 35.29 75.63
CA LYS C 868 -11.28 35.82 76.93
C LYS C 868 -10.06 36.12 77.79
N GLN C 869 -8.92 35.52 77.46
CA GLN C 869 -7.70 35.70 78.23
C GLN C 869 -6.94 36.96 77.82
N GLN C 870 -7.58 38.11 78.01
CA GLN C 870 -7.02 39.42 77.71
C GLN C 870 -6.50 39.57 76.27
N SER C 871 -7.21 39.04 75.30
CA SER C 871 -6.82 39.22 73.90
C SER C 871 -7.02 40.66 73.45
N CYS C 872 -6.11 41.14 72.60
CA CYS C 872 -6.18 42.48 72.03
C CYS C 872 -6.87 42.47 70.67
N LEU C 873 -7.33 41.31 70.26
CA LEU C 873 -7.95 41.15 68.96
C LEU C 873 -9.40 41.60 69.03
N LEU C 874 -9.60 42.91 68.98
CA LEU C 874 -10.91 43.49 69.27
C LEU C 874 -11.73 43.81 68.02
N GLN C 875 -11.21 43.50 66.85
CA GLN C 875 -11.94 43.76 65.63
C GLN C 875 -12.65 42.52 65.13
N ASN C 876 -13.36 42.66 64.03
CA ASN C 876 -14.15 41.57 63.47
C ASN C 876 -13.33 40.28 63.38
N LEU C 877 -13.90 39.20 63.90
CA LEU C 877 -13.22 37.90 63.92
C LEU C 877 -13.54 37.05 62.69
N GLY C 878 -14.31 37.61 61.78
CA GLY C 878 -14.70 36.89 60.58
C GLY C 878 -15.61 35.71 60.90
N LEU C 879 -15.19 34.51 60.51
CA LEU C 879 -15.97 33.30 60.71
C LEU C 879 -17.28 33.38 59.93
N SER C 880 -17.30 34.20 58.89
CA SER C 880 -18.46 34.32 58.03
C SER C 880 -18.54 33.12 57.11
N GLU C 881 -19.74 32.82 56.64
CA GLU C 881 -19.97 31.69 55.73
C GLU C 881 -19.47 30.37 56.33
N MET C 882 -19.19 30.40 57.62
CA MET C 882 -18.73 29.23 58.36
C MET C 882 -19.84 28.81 59.32
N TYR C 883 -20.35 27.60 59.13
CA TYR C 883 -21.50 27.17 59.92
C TYR C 883 -21.09 26.30 61.10
N PHE C 884 -21.82 26.46 62.19
CA PHE C 884 -21.47 25.79 63.43
C PHE C 884 -22.66 25.09 64.07
N ASN C 885 -22.38 24.14 64.97
CA ASN C 885 -23.46 23.52 65.72
C ASN C 885 -23.98 24.47 66.81
N TYR C 886 -24.95 24.01 67.59
CA TYR C 886 -25.57 24.84 68.60
C TYR C 886 -24.62 25.32 69.68
N GLU C 887 -23.85 24.40 70.26
CA GLU C 887 -22.99 24.74 71.37
C GLU C 887 -21.97 25.79 70.98
N THR C 888 -21.47 25.69 69.75
CA THR C 888 -20.50 26.64 69.25
C THR C 888 -21.13 28.01 69.05
N LYS C 889 -22.31 28.05 68.45
CA LYS C 889 -22.97 29.33 68.24
C LYS C 889 -23.25 30.00 69.58
N SER C 890 -23.64 29.20 70.57
CA SER C 890 -23.90 29.71 71.90
C SER C 890 -22.62 30.31 72.49
N ALA C 891 -21.50 29.59 72.33
CA ALA C 891 -20.22 30.06 72.83
C ALA C 891 -19.84 31.39 72.20
N LEU C 892 -20.09 31.53 70.89
CA LEU C 892 -19.76 32.78 70.20
C LEU C 892 -20.62 33.93 70.67
N GLU C 893 -21.91 33.69 70.87
CA GLU C 893 -22.79 34.73 71.37
C GLU C 893 -22.36 35.12 72.77
N THR C 894 -21.97 34.13 73.56
CA THR C 894 -21.50 34.36 74.91
C THR C 894 -20.26 35.23 74.90
N LEU C 895 -19.33 34.93 74.00
CA LEU C 895 -18.09 35.68 73.89
C LEU C 895 -18.36 37.16 73.69
N GLN C 896 -19.30 37.50 72.81
CA GLN C 896 -19.61 38.90 72.57
C GLN C 896 -20.15 39.59 73.83
N GLU C 897 -20.91 38.86 74.64
CA GLU C 897 -21.46 39.40 75.87
C GLU C 897 -20.43 39.50 76.99
N GLU C 898 -19.57 38.48 77.10
CA GLU C 898 -18.57 38.43 78.16
C GLU C 898 -17.35 39.30 77.85
N LYS C 899 -17.08 39.51 76.56
CA LYS C 899 -15.96 40.33 76.13
C LYS C 899 -16.46 41.50 75.27
N PRO C 900 -17.15 42.49 75.86
CA PRO C 900 -17.86 43.57 75.20
C PRO C 900 -16.94 44.49 74.42
N GLU C 901 -15.64 44.43 74.73
CA GLU C 901 -14.66 45.23 74.01
C GLU C 901 -14.42 44.68 72.61
N LEU C 902 -14.93 43.47 72.35
CA LEU C 902 -14.82 42.86 71.03
C LEU C 902 -15.88 43.43 70.11
N THR C 903 -15.45 43.96 68.98
CA THR C 903 -16.35 44.64 68.06
C THR C 903 -17.45 43.72 67.57
N VAL C 904 -17.08 42.56 67.00
CA VAL C 904 -18.09 41.67 66.47
C VAL C 904 -17.52 40.30 66.09
N VAL C 905 -18.30 39.24 66.30
CA VAL C 905 -17.94 37.93 65.78
C VAL C 905 -18.38 37.82 64.33
N PHE C 906 -19.63 38.19 64.06
CA PHE C 906 -20.21 38.22 62.72
C PHE C 906 -20.49 36.83 62.14
N GLU C 907 -21.27 36.05 62.88
CA GLU C 907 -21.71 34.74 62.43
C GLU C 907 -22.67 34.89 61.24
N PRO C 908 -22.72 33.90 60.33
CA PRO C 908 -23.62 33.84 59.18
C PRO C 908 -25.11 33.63 59.53
N SER C 909 -25.41 33.17 60.76
CA SER C 909 -26.79 32.88 61.21
C SER C 909 -26.84 32.71 62.73
N CYS D 4 -4.30 -20.71 74.86
CA CYS D 4 -3.08 -21.51 74.73
C CYS D 4 -2.17 -20.97 73.62
N LYS D 5 -2.51 -21.26 72.35
CA LYS D 5 -1.74 -20.79 71.20
C LYS D 5 -2.21 -19.42 70.73
N MET D 6 -1.28 -18.63 70.20
CA MET D 6 -1.62 -17.33 69.64
C MET D 6 -1.99 -17.46 68.17
N LYS D 7 -3.27 -17.51 67.89
CA LYS D 7 -3.69 -17.72 66.52
C LYS D 7 -3.74 -16.41 65.75
N LYS D 8 -2.56 -15.93 65.38
CA LYS D 8 -2.40 -14.70 64.62
C LYS D 8 -1.38 -14.92 63.54
N ASP D 9 -1.52 -14.21 62.43
CA ASP D 9 -0.55 -14.38 61.35
C ASP D 9 0.67 -13.49 61.57
N TYR D 10 1.76 -14.11 61.97
CA TYR D 10 2.96 -13.38 62.35
C TYR D 10 3.60 -12.65 61.18
N ARG D 11 3.37 -13.12 59.95
CA ARG D 11 4.02 -12.46 58.85
C ARG D 11 3.42 -11.08 58.66
N LYS D 12 2.18 -10.90 59.14
CA LYS D 12 1.53 -9.59 59.06
C LYS D 12 2.12 -8.67 60.11
N LYS D 13 2.35 -9.20 61.31
CA LYS D 13 2.99 -8.42 62.36
C LYS D 13 4.40 -8.05 61.93
N TYR D 14 5.08 -9.00 61.29
CA TYR D 14 6.43 -8.78 60.81
C TYR D 14 6.44 -7.68 59.77
N ARG D 15 5.53 -7.75 58.80
CA ARG D 15 5.44 -6.71 57.77
C ARG D 15 5.21 -5.34 58.39
N LYS D 16 4.34 -5.27 59.40
CA LYS D 16 4.10 -4.00 60.06
C LYS D 16 5.34 -3.50 60.76
N TYR D 17 6.05 -4.41 61.44
CA TYR D 17 7.29 -4.04 62.10
C TYR D 17 8.29 -3.49 61.10
N VAL D 18 8.40 -4.17 59.96
CA VAL D 18 9.31 -3.72 58.92
C VAL D 18 8.91 -2.36 58.37
N ARG D 19 7.61 -2.15 58.12
CA ARG D 19 7.19 -0.85 57.61
C ARG D 19 7.54 0.24 58.61
N SER D 20 7.38 -0.05 59.90
CA SER D 20 7.70 0.89 60.96
C SER D 20 9.20 1.10 61.10
N ARG D 21 9.97 0.02 61.05
CA ARG D 21 11.42 0.07 61.23
C ARG D 21 12.16 0.70 60.06
N PHE D 22 11.67 0.48 58.85
CA PHE D 22 12.34 0.94 57.63
C PHE D 22 11.56 2.03 56.89
N GLN D 23 11.03 3.01 57.62
CA GLN D 23 10.25 4.09 57.00
C GLN D 23 11.12 5.05 56.19
N CYS D 24 12.32 5.29 56.68
CA CYS D 24 13.23 6.27 56.10
C CYS D 24 14.45 5.63 55.45
N ILE D 25 15.33 6.47 54.90
CA ILE D 25 16.56 5.99 54.30
C ILE D 25 17.54 5.51 55.37
N GLU D 26 17.67 6.29 56.45
CA GLU D 26 18.57 5.92 57.53
C GLU D 26 17.83 5.45 58.78
N ASP D 27 16.68 6.07 59.07
CA ASP D 27 15.93 5.80 60.29
C ASP D 27 16.80 6.05 61.54
N ARG D 28 17.56 7.14 61.49
CA ARG D 28 18.43 7.54 62.59
C ARG D 28 18.28 9.03 62.86
N ASN D 29 18.84 9.48 63.97
CA ASN D 29 18.74 10.87 64.36
C ASN D 29 19.74 11.75 63.59
N ALA D 30 19.72 13.04 63.92
CA ALA D 30 20.57 14.06 63.27
C ALA D 30 20.19 14.28 61.81
N ARG D 31 19.08 13.67 61.38
CA ARG D 31 18.60 13.84 60.02
C ARG D 31 17.71 15.06 59.93
N LEU D 32 18.32 16.23 60.04
CA LEU D 32 17.58 17.49 60.04
C LEU D 32 16.51 17.51 61.13
N GLY D 33 16.91 17.16 62.35
CA GLY D 33 15.97 17.10 63.47
C GLY D 33 15.21 15.78 63.50
N GLU D 34 15.83 14.73 62.97
CA GLU D 34 15.21 13.40 62.89
C GLU D 34 13.85 13.45 62.20
N SER D 35 13.83 14.08 61.02
CA SER D 35 12.61 14.16 60.23
C SER D 35 12.45 12.91 59.40
N VAL D 36 11.29 12.75 58.78
CA VAL D 36 11.08 11.62 57.91
C VAL D 36 11.74 11.89 56.56
N SER D 37 12.63 10.99 56.14
CA SER D 37 13.40 11.18 54.92
C SER D 37 12.52 11.03 53.68
N LEU D 38 11.37 10.41 53.87
CA LEU D 38 10.40 10.20 52.81
C LEU D 38 10.98 9.36 51.69
N ASN D 39 10.96 8.05 51.86
CA ASN D 39 11.57 7.12 50.90
C ASN D 39 10.91 7.18 49.52
N LYS D 40 9.79 7.89 49.44
CA LYS D 40 9.11 8.08 48.17
C LYS D 40 9.97 8.88 47.19
N ARG D 41 10.99 9.56 47.72
CA ARG D 41 11.92 10.34 46.90
C ARG D 41 12.86 9.43 46.11
N TYR D 42 12.91 8.16 46.49
CA TYR D 42 13.79 7.20 45.86
C TYR D 42 13.50 7.04 44.38
N THR D 43 14.54 7.03 43.57
CA THR D 43 14.40 6.84 42.15
C THR D 43 14.66 5.38 41.82
N ARG D 44 13.70 4.75 41.14
CA ARG D 44 13.82 3.31 40.89
C ARG D 44 15.12 3.00 40.18
N LEU D 45 15.85 2.04 40.73
CA LEU D 45 17.11 1.62 40.15
C LEU D 45 16.87 0.56 39.09
N ARG D 46 17.39 0.82 37.90
CA ARG D 46 17.26 -0.11 36.79
C ARG D 46 18.37 -1.15 36.86
N LEU D 47 18.03 -2.40 36.59
CA LEU D 47 18.99 -3.49 36.69
C LEU D 47 19.18 -4.23 35.37
N ILE D 48 20.35 -4.86 35.21
CA ILE D 48 20.68 -5.65 34.02
C ILE D 48 21.11 -7.07 34.39
N LYS D 49 20.56 -8.06 33.69
CA LYS D 49 20.97 -9.45 33.92
C LYS D 49 22.29 -9.70 33.19
N GLU D 50 23.29 -10.26 33.89
CA GLU D 50 24.62 -10.53 33.32
C GLU D 50 24.52 -11.46 32.12
N SER D 75 20.65 -7.09 28.74
CA SER D 75 19.38 -7.71 29.10
C SER D 75 18.76 -7.04 30.35
N PRO D 76 18.18 -5.81 30.23
CA PRO D 76 17.53 -5.05 31.29
C PRO D 76 16.39 -5.82 31.96
N ILE D 77 16.29 -5.72 33.27
CA ILE D 77 15.26 -6.41 34.04
C ILE D 77 14.52 -5.45 34.98
N LYS D 78 13.36 -5.87 35.46
CA LYS D 78 12.58 -5.12 36.41
C LYS D 78 12.91 -5.59 37.82
N MET D 79 12.43 -4.84 38.83
CA MET D 79 12.64 -5.24 40.21
C MET D 79 11.91 -6.56 40.49
N GLU D 80 10.78 -6.74 39.82
CA GLU D 80 10.03 -7.98 39.89
C GLU D 80 10.62 -9.02 38.97
N LEU D 81 10.28 -10.28 39.20
CA LEU D 81 10.77 -11.40 38.37
C LEU D 81 12.26 -11.61 38.57
N LEU D 82 12.80 -11.08 39.66
CA LEU D 82 14.21 -11.16 39.97
C LEU D 82 14.65 -12.59 40.30
N PHE D 83 13.78 -13.36 40.94
CA PHE D 83 14.10 -14.71 41.35
C PHE D 83 13.41 -15.75 40.47
N ASP D 84 12.68 -15.28 39.47
CA ASP D 84 11.96 -16.18 38.60
C ASP D 84 12.91 -16.89 37.64
N PRO D 85 12.55 -18.08 37.16
CA PRO D 85 13.21 -18.82 36.10
C PRO D 85 13.24 -17.99 34.82
N ASP D 86 14.26 -18.20 34.01
CA ASP D 86 14.37 -17.48 32.75
C ASP D 86 13.57 -18.19 31.66
N ASP D 87 13.84 -17.86 30.41
CA ASP D 87 13.05 -18.34 29.28
C ASP D 87 13.01 -19.86 29.12
N GLU D 88 14.01 -20.55 29.67
CA GLU D 88 14.08 -22.01 29.51
C GLU D 88 14.34 -22.68 30.85
N HIS D 89 14.39 -24.02 30.87
CA HIS D 89 14.74 -24.83 32.05
C HIS D 89 13.67 -24.83 33.14
N SER D 90 13.05 -23.68 33.38
CA SER D 90 12.08 -23.48 34.44
C SER D 90 12.70 -23.75 35.80
N GLU D 91 13.96 -23.35 35.96
CA GLU D 91 14.68 -23.51 37.21
C GLU D 91 14.62 -22.23 38.05
N PRO D 92 14.08 -22.29 39.26
CA PRO D 92 13.98 -21.19 40.22
C PRO D 92 15.36 -20.64 40.54
N VAL D 93 15.44 -19.34 40.78
CA VAL D 93 16.69 -18.71 41.15
C VAL D 93 16.75 -18.50 42.65
N HIS D 94 17.64 -19.23 43.30
CA HIS D 94 17.73 -19.14 44.75
C HIS D 94 18.51 -17.93 45.18
N THR D 95 19.60 -17.65 44.48
CA THR D 95 20.44 -16.53 44.90
C THR D 95 20.68 -15.54 43.78
N VAL D 96 20.53 -14.26 44.13
CA VAL D 96 20.77 -13.14 43.24
C VAL D 96 21.83 -12.22 43.81
N VAL D 97 22.82 -11.87 43.00
CA VAL D 97 23.88 -10.97 43.48
C VAL D 97 23.87 -9.64 42.74
N PHE D 98 23.82 -8.57 43.50
CA PHE D 98 23.74 -7.21 42.98
C PHE D 98 25.09 -6.49 42.98
N GLN D 99 25.51 -6.07 41.79
CA GLN D 99 26.79 -5.37 41.59
C GLN D 99 26.60 -3.93 41.12
N GLY D 100 27.46 -3.03 41.60
CA GLY D 100 27.46 -1.64 41.15
C GLY D 100 28.68 -0.89 41.66
N ALA D 101 28.84 0.35 41.21
CA ALA D 101 29.99 1.18 41.56
C ALA D 101 30.00 1.58 43.02
N ALA D 102 31.17 1.85 43.56
CA ALA D 102 31.24 2.39 44.92
C ALA D 102 30.57 3.74 44.93
N GLY D 103 29.78 4.03 45.97
CA GLY D 103 29.12 5.33 46.08
C GLY D 103 27.66 5.31 45.65
N ILE D 104 27.19 4.19 45.10
CA ILE D 104 25.80 4.09 44.64
C ILE D 104 24.74 4.07 45.74
N GLY D 105 25.08 3.63 46.95
CA GLY D 105 24.08 3.51 48.00
C GLY D 105 23.36 2.17 47.90
N LYS D 106 24.13 1.11 47.81
CA LYS D 106 23.61 -0.25 47.69
C LYS D 106 22.70 -0.60 48.87
N THR D 107 22.95 0.05 50.01
CA THR D 107 22.16 -0.16 51.21
C THR D 107 20.74 0.36 51.00
N ILE D 108 20.59 1.38 50.17
CA ILE D 108 19.27 1.92 49.91
C ILE D 108 18.46 0.89 49.17
N LEU D 109 19.08 0.24 48.19
CA LEU D 109 18.36 -0.78 47.44
C LEU D 109 17.90 -1.89 48.36
N ALA D 110 18.80 -2.39 49.20
CA ALA D 110 18.46 -3.50 50.09
C ALA D 110 17.32 -3.12 51.03
N ARG D 111 17.37 -1.92 51.56
CA ARG D 111 16.36 -1.45 52.50
C ARG D 111 15.05 -1.12 51.79
N LYS D 112 15.14 -0.51 50.61
CA LYS D 112 13.94 -0.13 49.89
C LYS D 112 13.18 -1.37 49.46
N MET D 113 13.89 -2.39 49.00
CA MET D 113 13.23 -3.62 48.59
C MET D 113 12.42 -4.17 49.74
N MET D 114 13.01 -4.18 50.93
CA MET D 114 12.31 -4.67 52.09
C MET D 114 11.07 -3.84 52.40
N LEU D 115 11.15 -2.54 52.21
CA LEU D 115 9.99 -1.71 52.47
C LEU D 115 8.91 -1.92 51.41
N ASP D 116 9.30 -2.00 50.14
CA ASP D 116 8.32 -2.21 49.07
C ASP D 116 7.60 -3.54 49.30
N TRP D 117 8.33 -4.51 49.80
CA TRP D 117 7.73 -5.78 50.16
C TRP D 117 6.78 -5.64 51.34
N ALA D 118 7.24 -4.97 52.40
CA ALA D 118 6.42 -4.81 53.60
C ALA D 118 5.14 -4.05 53.29
N SER D 119 5.22 -3.14 52.31
CA SER D 119 4.08 -2.35 51.86
C SER D 119 3.16 -3.16 50.94
N GLY D 120 3.58 -4.36 50.59
CA GLY D 120 2.80 -5.26 49.76
C GLY D 120 2.89 -4.98 48.26
N THR D 121 3.97 -4.34 47.81
CA THR D 121 4.07 -4.03 46.38
C THR D 121 5.14 -4.87 45.69
N LEU D 122 6.11 -5.37 46.44
CA LEU D 122 7.21 -6.12 45.84
C LEU D 122 7.31 -7.55 46.35
N TYR D 123 7.24 -8.51 45.44
CA TYR D 123 7.33 -9.94 45.79
C TYR D 123 6.24 -10.37 46.76
N GLN D 124 5.06 -9.76 46.65
CA GLN D 124 3.98 -10.05 47.57
C GLN D 124 3.53 -11.51 47.50
N ASP D 125 3.60 -12.11 46.33
CA ASP D 125 3.17 -13.48 46.16
C ASP D 125 4.33 -14.47 46.14
N ARG D 126 5.54 -14.02 46.48
CA ARG D 126 6.69 -14.90 46.45
C ARG D 126 7.29 -15.14 47.84
N PHE D 127 7.31 -14.12 48.69
CA PHE D 127 7.93 -14.32 49.99
C PHE D 127 7.01 -13.94 51.14
N ASP D 128 7.02 -14.79 52.17
CA ASP D 128 6.26 -14.52 53.37
C ASP D 128 7.08 -13.71 54.35
N TYR D 129 8.40 -13.88 54.30
CA TYR D 129 9.31 -13.11 55.13
C TYR D 129 10.53 -12.64 54.37
N LEU D 130 10.98 -11.45 54.72
CA LEU D 130 12.28 -10.94 54.29
C LEU D 130 13.10 -10.64 55.52
N PHE D 131 14.31 -11.20 55.59
CA PHE D 131 15.15 -10.96 56.75
C PHE D 131 16.37 -10.15 56.36
N TYR D 132 16.47 -8.96 56.92
CA TYR D 132 17.55 -8.04 56.58
C TYR D 132 18.77 -8.27 57.45
N ILE D 133 19.89 -8.55 56.79
CA ILE D 133 21.14 -8.80 57.47
C ILE D 133 22.13 -7.67 57.21
N HIS D 134 22.49 -6.95 58.26
CA HIS D 134 23.39 -5.82 58.08
C HIS D 134 24.81 -6.29 58.36
N CYS D 135 25.61 -6.39 57.29
CA CYS D 135 26.93 -7.01 57.37
C CYS D 135 27.91 -6.22 58.23
N ARG D 136 27.57 -4.98 58.52
CA ARG D 136 28.39 -4.13 59.38
C ARG D 136 28.11 -4.39 60.85
N GLU D 137 27.04 -5.12 61.13
CA GLU D 137 26.64 -5.47 62.49
C GLU D 137 26.96 -6.92 62.78
N VAL D 138 26.93 -7.75 61.72
CA VAL D 138 27.17 -9.17 61.88
C VAL D 138 28.61 -9.48 62.30
N SER D 139 28.74 -10.26 63.35
CA SER D 139 30.04 -10.69 63.85
C SER D 139 30.41 -12.06 63.28
N LEU D 140 31.56 -12.10 62.61
CA LEU D 140 32.05 -13.32 61.98
C LEU D 140 32.66 -14.27 63.02
N VAL D 141 33.18 -13.70 64.10
CA VAL D 141 33.81 -14.46 65.16
C VAL D 141 32.77 -15.08 66.09
N THR D 142 31.72 -14.32 66.38
CA THR D 142 30.71 -14.75 67.34
C THR D 142 30.04 -16.05 66.93
N GLN D 143 29.88 -16.96 67.91
CA GLN D 143 29.20 -18.22 67.69
C GLN D 143 27.74 -18.12 68.10
N ARG D 144 26.84 -18.39 67.16
CA ARG D 144 25.42 -18.30 67.42
C ARG D 144 24.60 -19.21 66.51
N SER D 145 23.39 -19.54 66.95
CA SER D 145 22.43 -20.26 66.13
C SER D 145 21.89 -19.28 65.12
N LEU D 146 21.03 -19.71 64.21
CA LEU D 146 20.52 -18.75 63.25
C LEU D 146 19.45 -17.90 63.92
N GLY D 147 19.92 -17.03 64.82
CA GLY D 147 19.07 -16.16 65.61
C GLY D 147 18.81 -14.87 64.86
N ASP D 148 19.40 -14.77 63.67
CA ASP D 148 19.22 -13.62 62.82
C ASP D 148 17.76 -13.49 62.46
N LEU D 149 17.09 -14.64 62.42
CA LEU D 149 15.65 -14.73 62.17
C LEU D 149 14.86 -14.11 63.32
N ILE D 150 15.46 -14.07 64.50
CA ILE D 150 14.82 -13.55 65.69
C ILE D 150 15.18 -12.08 65.88
N MET D 151 16.45 -11.76 65.69
CA MET D 151 16.94 -10.40 65.88
C MET D 151 16.32 -9.42 64.89
N SER D 152 15.95 -9.91 63.71
CA SER D 152 15.34 -9.07 62.69
C SER D 152 13.82 -8.97 62.86
N CYS D 153 13.27 -9.64 63.86
CA CYS D 153 11.84 -9.62 64.12
C CYS D 153 11.41 -8.51 65.07
N CYS D 154 10.11 -8.34 65.19
CA CYS D 154 9.53 -7.35 66.07
C CYS D 154 10.01 -7.63 67.49
N PRO D 155 9.75 -6.72 68.46
CA PRO D 155 10.23 -6.75 69.84
C PRO D 155 9.87 -8.02 70.59
N ASP D 156 8.87 -8.75 70.11
CA ASP D 156 8.46 -9.97 70.77
C ASP D 156 9.65 -10.91 70.89
N PRO D 157 10.12 -11.22 72.10
CA PRO D 157 11.31 -12.00 72.40
C PRO D 157 11.15 -13.47 72.04
N ASN D 158 9.92 -13.89 71.77
CA ASN D 158 9.65 -15.28 71.45
C ASN D 158 8.78 -15.43 70.21
N PRO D 159 9.30 -15.09 69.02
CA PRO D 159 8.62 -15.13 67.75
C PRO D 159 8.41 -16.60 67.38
N PRO D 160 7.49 -16.88 66.46
CA PRO D 160 7.15 -18.19 65.96
C PRO D 160 8.23 -18.69 65.02
N ILE D 161 9.39 -18.95 65.60
CA ILE D 161 10.56 -19.39 64.87
C ILE D 161 10.35 -20.73 64.18
N HIS D 162 9.34 -21.47 64.63
CA HIS D 162 9.06 -22.79 64.08
C HIS D 162 7.91 -22.80 63.07
N LYS D 163 7.42 -21.63 62.68
CA LYS D 163 6.33 -21.58 61.72
C LYS D 163 6.84 -21.24 60.33
N ILE D 164 6.19 -20.28 59.65
CA ILE D 164 6.60 -19.97 58.28
C ILE D 164 7.99 -19.35 58.28
N VAL D 165 8.40 -18.84 59.43
CA VAL D 165 9.75 -18.33 59.62
C VAL D 165 10.78 -19.45 59.42
N ARG D 166 10.37 -20.69 59.68
CA ARG D 166 11.24 -21.85 59.53
C ARG D 166 11.13 -22.48 58.14
N LYS D 167 9.93 -22.47 57.57
CA LYS D 167 9.69 -23.13 56.29
C LYS D 167 10.32 -22.35 55.11
N PRO D 168 11.27 -22.96 54.40
CA PRO D 168 12.04 -22.37 53.31
C PRO D 168 11.22 -22.25 52.04
N SER D 169 11.75 -21.50 51.08
CA SER D 169 11.19 -21.27 49.74
C SER D 169 10.25 -20.07 49.74
N ARG D 170 9.84 -19.64 50.93
CA ARG D 170 9.02 -18.45 51.09
C ARG D 170 9.77 -17.43 51.92
N ILE D 171 11.06 -17.67 52.08
CA ILE D 171 11.94 -16.81 52.85
C ILE D 171 13.07 -16.28 51.99
N LEU D 172 13.25 -14.97 52.00
CA LEU D 172 14.38 -14.37 51.30
C LEU D 172 15.24 -13.57 52.28
N PHE D 173 16.52 -13.89 52.29
CA PHE D 173 17.47 -13.19 53.15
C PHE D 173 18.18 -12.11 52.35
N LEU D 174 18.39 -10.95 52.98
CA LEU D 174 19.11 -9.87 52.31
C LEU D 174 20.44 -9.59 52.99
N MET D 175 21.53 -9.82 52.25
CA MET D 175 22.88 -9.59 52.77
C MET D 175 23.36 -8.20 52.36
N ASP D 176 23.21 -7.24 53.24
CA ASP D 176 23.52 -5.87 52.89
C ASP D 176 24.97 -5.52 53.19
N GLY D 177 25.80 -5.48 52.14
CA GLY D 177 27.21 -5.16 52.30
C GLY D 177 28.09 -6.37 52.57
N PHE D 178 28.01 -7.38 51.71
CA PHE D 178 28.88 -8.55 51.88
C PHE D 178 30.34 -8.13 52.05
N ASP D 179 30.77 -7.15 51.25
CA ASP D 179 32.13 -6.65 51.29
C ASP D 179 32.44 -5.90 52.58
N GLU D 180 31.41 -5.55 53.33
CA GLU D 180 31.55 -4.81 54.57
C GLU D 180 31.60 -5.71 55.80
N LEU D 181 31.58 -7.02 55.59
CA LEU D 181 31.71 -7.93 56.73
C LEU D 181 33.04 -7.67 57.42
N GLN D 182 33.01 -7.51 58.73
CA GLN D 182 34.21 -7.18 59.48
C GLN D 182 34.94 -8.41 59.98
N GLY D 183 36.19 -8.55 59.57
CA GLY D 183 37.01 -9.69 59.96
C GLY D 183 37.32 -10.60 58.79
N ALA D 184 38.21 -11.56 59.00
CA ALA D 184 38.59 -12.47 57.94
C ALA D 184 37.40 -13.35 57.55
N PHE D 185 37.27 -13.63 56.27
CA PHE D 185 36.20 -14.47 55.78
C PHE D 185 36.74 -15.48 54.77
N ASP D 186 36.47 -16.76 54.99
CA ASP D 186 36.96 -17.82 54.13
C ASP D 186 35.88 -18.37 53.20
N GLU D 187 36.15 -18.38 51.91
CA GLU D 187 35.21 -18.96 50.94
C GLU D 187 35.29 -20.50 50.94
N HIS D 188 36.31 -21.03 51.61
CA HIS D 188 36.49 -22.47 51.70
C HIS D 188 36.36 -22.93 53.15
N ILE D 189 35.18 -23.42 53.50
CA ILE D 189 34.88 -23.81 54.86
C ILE D 189 34.50 -25.28 54.98
N GLY D 190 35.19 -25.98 55.87
CA GLY D 190 34.95 -27.39 56.15
C GLY D 190 33.49 -27.72 56.51
N PRO D 191 32.99 -27.25 57.66
CA PRO D 191 31.63 -27.43 58.14
C PRO D 191 30.61 -26.70 57.27
N LEU D 192 29.45 -27.32 57.09
CA LEU D 192 28.39 -26.73 56.29
C LEU D 192 27.34 -26.03 57.17
N CYS D 193 27.52 -26.10 58.48
CA CYS D 193 26.59 -25.51 59.43
C CYS D 193 25.14 -25.59 58.99
N THR D 194 24.60 -26.80 58.95
CA THR D 194 23.20 -27.01 58.68
C THR D 194 22.44 -27.07 60.00
N ASP D 195 21.11 -27.00 59.93
CA ASP D 195 20.28 -27.02 61.13
C ASP D 195 20.36 -25.69 61.89
N TRP D 196 19.41 -24.81 61.62
CA TRP D 196 19.35 -23.47 62.18
C TRP D 196 19.39 -23.45 63.71
N GLN D 197 19.05 -24.55 64.36
CA GLN D 197 19.01 -24.61 65.82
C GLN D 197 20.40 -24.84 66.44
N LYS D 198 21.40 -25.08 65.61
CA LYS D 198 22.75 -25.32 66.10
C LYS D 198 23.60 -24.08 65.96
N ALA D 199 24.37 -23.76 67.01
CA ALA D 199 25.18 -22.55 66.99
C ALA D 199 26.54 -22.80 66.37
N GLU D 200 26.96 -21.87 65.51
CA GLU D 200 28.27 -21.94 64.88
C GLU D 200 28.79 -20.53 64.64
N ARG D 201 30.01 -20.40 64.13
CA ARG D 201 30.61 -19.09 63.90
C ARG D 201 29.86 -18.33 62.82
N GLY D 202 29.77 -17.01 62.98
CA GLY D 202 29.08 -16.14 62.02
C GLY D 202 29.59 -16.29 60.60
N ASP D 203 30.89 -16.50 60.42
CA ASP D 203 31.41 -16.63 59.06
C ASP D 203 30.94 -17.92 58.41
N ILE D 204 30.94 -18.99 59.18
CA ILE D 204 30.47 -20.27 58.70
C ILE D 204 28.98 -20.20 58.44
N LEU D 205 28.27 -19.54 59.36
CA LEU D 205 26.82 -19.42 59.29
C LEU D 205 26.41 -18.66 58.03
N LEU D 206 27.11 -17.57 57.73
CA LEU D 206 26.82 -16.80 56.52
C LEU D 206 27.10 -17.63 55.28
N SER D 207 28.22 -18.36 55.27
CA SER D 207 28.56 -19.18 54.12
C SER D 207 27.56 -20.31 53.93
N SER D 208 27.04 -20.83 55.03
CA SER D 208 26.05 -21.90 54.97
C SER D 208 24.78 -21.40 54.27
N LEU D 209 24.36 -20.18 54.58
CA LEU D 209 23.21 -19.61 53.88
C LEU D 209 23.54 -19.38 52.41
N ILE D 210 24.74 -18.88 52.14
CA ILE D 210 25.17 -18.57 50.77
C ILE D 210 25.26 -19.82 49.91
N ARG D 211 25.79 -20.88 50.48
CA ARG D 211 25.97 -22.16 49.79
C ARG D 211 24.67 -22.97 49.72
N LYS D 212 23.59 -22.43 50.29
CA LYS D 212 22.29 -23.10 50.31
C LYS D 212 22.31 -24.41 51.07
N LYS D 213 23.06 -24.46 52.17
CA LYS D 213 23.11 -25.65 52.99
C LYS D 213 22.17 -25.47 54.18
N LEU D 214 22.07 -24.24 54.62
CA LEU D 214 21.20 -23.89 55.73
C LEU D 214 19.87 -23.38 55.20
N LEU D 215 18.79 -24.01 55.64
CA LEU D 215 17.46 -23.71 55.13
C LEU D 215 17.42 -23.82 53.61
N PRO D 216 17.62 -25.03 53.06
CA PRO D 216 17.61 -25.36 51.65
C PRO D 216 16.39 -24.81 50.97
N GLU D 217 16.55 -24.35 49.74
CA GLU D 217 15.50 -23.76 48.93
C GLU D 217 15.10 -22.36 49.39
N ALA D 218 15.74 -21.84 50.43
CA ALA D 218 15.50 -20.45 50.83
C ALA D 218 16.15 -19.54 49.80
N SER D 219 15.59 -18.35 49.63
CA SER D 219 16.17 -17.43 48.67
C SER D 219 17.14 -16.48 49.36
N LEU D 220 18.07 -15.98 48.59
CA LEU D 220 19.10 -15.09 49.10
C LEU D 220 19.43 -13.97 48.12
N LEU D 221 19.56 -12.76 48.63
CA LEU D 221 20.00 -11.66 47.79
C LEU D 221 21.22 -11.00 48.42
N ILE D 222 22.26 -10.83 47.62
CA ILE D 222 23.48 -10.23 48.13
C ILE D 222 23.81 -8.92 47.43
N THR D 223 24.00 -7.86 48.21
CA THR D 223 24.42 -6.59 47.63
C THR D 223 25.87 -6.36 48.00
N THR D 224 26.71 -6.09 47.00
CA THR D 224 28.12 -5.91 47.29
C THR D 224 28.89 -5.17 46.21
N ARG D 225 30.00 -4.56 46.61
CA ARG D 225 30.92 -3.97 45.66
C ARG D 225 31.71 -5.09 44.96
N PRO D 226 32.16 -4.87 43.72
CA PRO D 226 32.92 -5.79 42.89
C PRO D 226 34.13 -6.39 43.60
N VAL D 227 34.65 -5.65 44.58
CA VAL D 227 35.84 -6.04 45.31
C VAL D 227 35.69 -7.35 46.09
N ALA D 228 34.46 -7.73 46.42
CA ALA D 228 34.24 -8.94 47.19
C ALA D 228 33.61 -10.05 46.36
N LEU D 229 33.56 -9.89 45.05
CA LEU D 229 32.96 -10.93 44.23
C LEU D 229 33.92 -12.11 44.07
N GLU D 230 35.21 -11.82 44.12
CA GLU D 230 36.21 -12.86 43.97
C GLU D 230 36.12 -13.90 45.07
N LYS D 231 35.76 -13.47 46.28
CA LYS D 231 35.67 -14.37 47.42
C LYS D 231 34.23 -14.82 47.68
N LEU D 232 33.31 -14.43 46.80
CA LEU D 232 31.90 -14.76 46.96
C LEU D 232 31.43 -15.82 45.97
N GLN D 233 31.90 -15.73 44.73
CA GLN D 233 31.42 -16.62 43.68
C GLN D 233 31.68 -18.09 43.98
N HIS D 234 32.74 -18.37 44.74
CA HIS D 234 33.11 -19.74 45.07
C HIS D 234 32.09 -20.40 45.99
N LEU D 235 31.23 -19.59 46.60
CA LEU D 235 30.21 -20.09 47.50
C LEU D 235 28.88 -20.26 46.77
N LEU D 236 28.80 -19.74 45.55
CA LEU D 236 27.52 -19.67 44.85
C LEU D 236 27.39 -20.69 43.73
N ASP D 237 28.47 -20.90 42.98
CA ASP D 237 28.50 -21.81 41.83
C ASP D 237 27.61 -21.34 40.67
N HIS D 238 26.30 -21.29 40.89
CA HIS D 238 25.38 -20.87 39.82
C HIS D 238 24.33 -19.86 40.28
N PRO D 239 24.73 -18.65 40.69
CA PRO D 239 23.89 -17.53 41.07
C PRO D 239 23.37 -16.80 39.84
N ARG D 240 22.33 -16.00 40.03
CA ARG D 240 21.92 -15.07 38.99
C ARG D 240 22.57 -13.72 39.25
N HIS D 241 23.54 -13.37 38.43
CA HIS D 241 24.27 -12.14 38.65
C HIS D 241 23.57 -10.97 38.00
N VAL D 242 23.39 -9.91 38.78
CA VAL D 242 22.72 -8.70 38.33
C VAL D 242 23.57 -7.48 38.61
N GLU D 243 23.67 -6.60 37.63
CA GLU D 243 24.44 -5.38 37.76
C GLU D 243 23.60 -4.20 37.31
N ILE D 244 23.94 -2.98 37.74
CA ILE D 244 23.19 -1.78 37.33
C ILE D 244 23.39 -1.54 35.82
N LEU D 245 19.35 -1.18 33.27
CA LEU D 245 19.92 0.00 32.64
C LEU D 245 20.88 0.71 33.62
N GLY D 246 21.16 2.00 33.37
CA GLY D 246 22.12 2.79 34.15
C GLY D 246 21.47 3.65 35.23
N PHE D 247 22.15 4.74 35.58
CA PHE D 247 21.71 5.64 36.64
C PHE D 247 20.66 6.61 36.14
N SER D 248 19.67 6.91 36.97
CA SER D 248 18.71 7.95 36.67
C SER D 248 19.35 9.30 36.96
N GLU D 249 18.67 10.38 36.58
CA GLU D 249 19.23 11.71 36.80
C GLU D 249 19.42 11.98 38.28
N ALA D 250 18.44 11.59 39.09
CA ALA D 250 18.51 11.75 40.53
C ALA D 250 19.56 10.82 41.10
N LYS D 251 19.69 9.63 40.53
CA LYS D 251 20.66 8.66 41.03
C LYS D 251 22.08 9.16 40.83
N ARG D 252 22.34 9.81 39.69
CA ARG D 252 23.67 10.35 39.47
C ARG D 252 23.99 11.40 40.53
N LYS D 253 23.03 12.27 40.81
CA LYS D 253 23.28 13.29 41.81
C LYS D 253 23.62 12.66 43.15
N GLU D 254 22.87 11.64 43.53
CA GLU D 254 23.14 10.95 44.78
C GLU D 254 24.52 10.31 44.76
N TYR D 255 24.89 9.73 43.63
CA TYR D 255 26.19 9.11 43.48
C TYR D 255 27.29 10.11 43.79
N PHE D 256 27.21 11.29 43.18
CA PHE D 256 28.21 12.32 43.41
C PHE D 256 28.25 12.74 44.86
N PHE D 257 27.10 12.90 45.49
CA PHE D 257 27.04 13.33 46.87
C PHE D 257 27.52 12.25 47.85
N LYS D 258 27.39 10.98 47.46
CA LYS D 258 27.87 9.91 48.32
C LYS D 258 29.34 9.57 48.05
N TYR D 259 29.75 9.68 46.79
CA TYR D 259 31.11 9.39 46.39
C TYR D 259 32.10 10.31 47.10
N PHE D 260 31.79 11.61 47.10
CA PHE D 260 32.65 12.59 47.74
C PHE D 260 32.28 12.72 49.21
N SER D 261 33.15 12.21 50.09
CA SER D 261 32.86 12.17 51.52
C SER D 261 32.76 13.56 52.13
N ASP D 262 33.46 14.52 51.54
CA ASP D 262 33.38 15.91 51.98
C ASP D 262 32.27 16.61 51.22
N GLU D 263 31.21 16.96 51.92
CA GLU D 263 30.06 17.59 51.27
C GLU D 263 30.46 18.85 50.51
N ALA D 264 31.48 19.56 51.01
CA ALA D 264 31.95 20.76 50.34
C ALA D 264 32.54 20.41 48.98
N GLN D 265 33.17 19.24 48.91
CA GLN D 265 33.80 18.79 47.67
C GLN D 265 32.82 17.97 46.86
N ALA D 266 31.69 17.65 47.45
CA ALA D 266 30.63 16.98 46.73
C ALA D 266 29.86 18.02 45.92
N ARG D 267 29.66 19.19 46.53
CA ARG D 267 29.02 20.31 45.85
C ARG D 267 29.97 20.83 44.78
N ALA D 268 31.26 20.92 45.14
CA ALA D 268 32.28 21.23 44.16
C ALA D 268 32.46 19.96 43.36
N ALA D 269 33.25 19.97 42.30
CA ALA D 269 33.41 18.77 41.46
C ALA D 269 32.12 18.50 40.69
N PHE D 270 31.05 18.17 41.41
CA PHE D 270 29.74 18.07 40.80
C PHE D 270 29.42 19.36 40.06
N SER D 271 29.72 20.51 40.69
CA SER D 271 29.45 21.79 40.08
C SER D 271 30.25 22.02 38.81
N LEU D 272 31.30 21.21 38.59
CA LEU D 272 32.11 21.38 37.39
C LEU D 272 31.46 20.64 36.23
N ILE D 273 30.92 19.46 36.51
CA ILE D 273 30.16 18.71 35.51
C ILE D 273 28.78 19.31 35.34
N GLN D 274 28.23 19.88 36.41
CA GLN D 274 26.87 20.39 36.44
C GLN D 274 26.56 21.35 35.31
N GLU D 275 27.54 22.15 34.88
CA GLU D 275 27.31 23.12 33.82
C GLU D 275 27.08 22.46 32.47
N ASN D 276 27.56 21.23 32.35
CA ASN D 276 27.56 20.47 31.11
C ASN D 276 26.38 19.52 30.96
N GLU D 277 26.12 19.11 29.72
CA GLU D 277 25.06 18.15 29.43
C GLU D 277 25.60 16.84 28.79
N VAL D 278 26.72 16.94 28.08
CA VAL D 278 27.24 15.82 27.32
C VAL D 278 27.80 14.70 28.19
N LEU D 279 28.60 15.07 29.19
CA LEU D 279 29.22 14.08 30.05
C LEU D 279 28.15 13.37 30.85
N PHE D 280 27.12 14.10 31.24
CA PHE D 280 26.03 13.51 32.01
C PHE D 280 25.33 12.42 31.22
N THR D 281 25.12 12.65 29.93
CA THR D 281 24.47 11.65 29.10
C THR D 281 25.26 10.33 29.16
N MET D 282 26.57 10.40 29.04
CA MET D 282 27.36 9.18 29.15
C MET D 282 27.52 8.71 30.60
N CYS D 283 27.37 9.61 31.57
CA CYS D 283 27.44 9.23 32.99
C CYS D 283 26.23 8.41 33.45
N PHE D 284 25.30 8.11 32.52
CA PHE D 284 24.24 7.19 32.86
C PHE D 284 24.85 5.82 33.12
N ILE D 285 25.99 5.56 32.49
CA ILE D 285 26.71 4.32 32.71
C ILE D 285 27.40 4.42 34.08
N PRO D 286 27.10 3.50 35.02
CA PRO D 286 27.63 3.48 36.37
C PRO D 286 29.14 3.61 36.39
N LEU D 287 29.79 2.97 35.43
CA LEU D 287 31.24 3.02 35.33
C LEU D 287 31.73 4.43 35.01
N VAL D 288 31.06 5.09 34.09
CA VAL D 288 31.46 6.42 33.68
C VAL D 288 31.28 7.40 34.81
N CYS D 289 30.15 7.32 35.49
CA CYS D 289 29.90 8.22 36.60
C CYS D 289 31.04 8.08 37.63
N TRP D 290 31.44 6.85 37.90
CA TRP D 290 32.58 6.61 38.78
C TRP D 290 33.85 7.25 38.23
N ILE D 291 34.10 7.09 36.92
CA ILE D 291 35.29 7.65 36.30
C ILE D 291 35.35 9.16 36.38
N VAL D 292 34.25 9.83 36.09
CA VAL D 292 34.28 11.28 36.11
C VAL D 292 34.45 11.76 37.55
N CYS D 293 33.81 11.06 38.48
CA CYS D 293 33.97 11.41 39.88
C CYS D 293 35.42 11.24 40.30
N THR D 294 36.05 10.17 39.81
CA THR D 294 37.44 9.87 40.11
C THR D 294 38.37 10.95 39.54
N GLY D 295 38.13 11.35 38.30
CA GLY D 295 38.94 12.39 37.67
C GLY D 295 38.78 13.72 38.43
N LEU D 296 37.55 14.03 38.82
CA LEU D 296 37.27 15.26 39.55
C LEU D 296 37.92 15.20 40.94
N LYS D 297 37.91 14.02 41.55
CA LYS D 297 38.53 13.82 42.85
C LYS D 297 40.03 14.10 42.77
N GLN D 298 40.66 13.70 41.67
CA GLN D 298 42.08 13.95 41.48
C GLN D 298 42.39 15.44 41.40
N GLN D 299 41.50 16.21 40.78
CA GLN D 299 41.69 17.65 40.70
C GLN D 299 41.65 18.24 42.10
N MET D 300 40.72 17.74 42.90
CA MET D 300 40.56 18.19 44.27
C MET D 300 41.78 17.83 45.12
N GLU D 301 42.22 16.58 45.05
CA GLU D 301 43.35 16.11 45.87
C GLU D 301 44.64 16.83 45.54
N SER D 302 44.84 17.16 44.25
CA SER D 302 46.06 17.82 43.81
C SER D 302 46.11 19.28 44.25
N GLY D 303 44.99 19.79 44.78
CA GLY D 303 44.91 21.17 45.22
C GLY D 303 44.66 22.11 44.04
N LYS D 304 43.98 21.61 43.01
CA LYS D 304 43.69 22.42 41.84
C LYS D 304 42.62 23.44 42.18
N SER D 305 42.65 24.56 41.47
CA SER D 305 41.67 25.64 41.65
C SER D 305 40.27 25.23 41.23
N LEU D 306 40.18 24.11 40.52
CA LEU D 306 38.93 23.59 39.99
C LEU D 306 38.35 24.52 38.94
N ALA D 307 39.21 25.33 38.33
CA ALA D 307 38.80 26.18 37.23
C ALA D 307 38.72 25.38 35.94
N GLN D 308 37.74 24.49 35.88
CA GLN D 308 37.53 23.59 34.75
C GLN D 308 36.06 23.53 34.38
N THR D 309 35.79 23.31 33.11
CA THR D 309 34.43 23.14 32.64
C THR D 309 34.33 21.88 31.80
N SER D 310 34.14 20.74 32.47
CA SER D 310 34.15 19.43 31.84
C SER D 310 33.02 19.23 30.84
N LYS D 311 33.34 18.58 29.71
CA LYS D 311 32.37 18.22 28.67
C LYS D 311 32.14 16.71 28.70
N THR D 312 35.62 20.13 28.76
CA THR D 312 36.96 19.56 28.87
C THR D 312 36.85 18.07 29.24
N THR D 313 36.38 17.25 28.29
CA THR D 313 36.27 15.80 28.46
C THR D 313 37.66 15.21 28.61
N THR D 314 38.59 15.78 27.85
CA THR D 314 39.96 15.34 27.89
C THR D 314 40.49 15.46 29.30
N ALA D 315 40.26 16.61 29.93
CA ALA D 315 40.81 16.86 31.25
C ALA D 315 40.35 15.79 32.22
N VAL D 316 39.09 15.40 32.13
CA VAL D 316 38.55 14.39 33.01
C VAL D 316 39.27 13.06 32.83
N TYR D 317 39.48 12.67 31.59
CA TYR D 317 40.12 11.39 31.30
C TYR D 317 41.60 11.41 31.66
N VAL D 318 42.25 12.55 31.48
CA VAL D 318 43.66 12.69 31.85
C VAL D 318 43.84 12.57 33.36
N PHE D 319 42.99 13.25 34.12
CA PHE D 319 43.05 13.19 35.57
C PHE D 319 42.71 11.79 36.05
N PHE D 320 41.77 11.14 35.37
CA PHE D 320 41.41 9.77 35.71
C PHE D 320 42.62 8.85 35.55
N LEU D 321 43.30 8.91 34.41
CA LEU D 321 44.46 8.04 34.23
C LEU D 321 45.54 8.36 35.23
N SER D 322 45.68 9.63 35.57
CA SER D 322 46.67 10.00 36.57
C SER D 322 46.42 9.25 37.87
N SER D 323 45.18 9.30 38.36
CA SER D 323 44.85 8.63 39.63
C SER D 323 44.72 7.11 39.46
N LEU D 324 44.42 6.65 38.25
CA LEU D 324 44.28 5.22 37.98
C LEU D 324 45.63 4.52 37.89
N LEU D 325 46.57 5.14 37.19
CA LEU D 325 47.87 4.54 36.92
C LEU D 325 48.93 4.87 37.98
N GLN D 326 48.84 6.03 38.61
CA GLN D 326 49.87 6.44 39.58
C GLN D 326 50.11 5.49 40.77
N PRO D 327 49.08 4.86 41.41
CA PRO D 327 49.19 3.93 42.53
C PRO D 327 50.06 2.73 42.17
N LEU D 336 49.94 -1.13 32.82
CA LEU D 336 50.34 -0.09 33.78
C LEU D 336 50.92 1.12 33.03
N CYS D 337 51.69 1.97 33.74
CA CYS D 337 52.21 3.24 33.24
C CYS D 337 53.03 3.11 31.95
N ALA D 338 53.85 2.08 31.88
CA ALA D 338 54.74 1.87 30.74
C ALA D 338 54.08 1.07 29.63
N HIS D 339 52.83 0.68 29.83
CA HIS D 339 52.14 -0.17 28.88
C HIS D 339 51.02 0.60 28.20
N LEU D 340 50.96 1.90 28.47
CA LEU D 340 49.97 2.79 27.91
C LEU D 340 50.10 2.85 26.39
N TRP D 341 51.33 2.79 25.92
CA TRP D 341 51.59 2.83 24.49
C TRP D 341 50.79 1.76 23.77
N GLY D 342 50.82 0.54 24.29
CA GLY D 342 50.12 -0.57 23.65
C GLY D 342 48.64 -0.27 23.54
N LEU D 343 48.06 0.27 24.60
CA LEU D 343 46.63 0.61 24.61
C LEU D 343 46.32 1.74 23.63
N CYS D 344 47.20 2.73 23.58
CA CYS D 344 47.01 3.87 22.68
C CYS D 344 47.14 3.45 21.22
N SER D 345 48.10 2.57 20.93
CA SER D 345 48.28 2.07 19.58
C SER D 345 47.05 1.29 19.15
N LEU D 346 46.50 0.50 20.07
CA LEU D 346 45.29 -0.25 19.80
C LEU D 346 44.18 0.69 19.39
N ALA D 347 43.99 1.75 20.18
CA ALA D 347 42.96 2.74 19.91
C ALA D 347 43.17 3.44 18.58
N ALA D 348 44.43 3.78 18.27
CA ALA D 348 44.72 4.48 17.03
C ALA D 348 44.28 3.64 15.84
N ASP D 349 44.51 2.34 15.92
CA ASP D 349 44.05 1.43 14.88
C ASP D 349 42.54 1.42 14.85
N GLY D 350 41.93 1.42 16.04
CA GLY D 350 40.50 1.42 16.18
C GLY D 350 39.85 2.57 15.42
N ILE D 351 40.34 3.78 15.62
CA ILE D 351 39.68 4.91 14.96
C ILE D 351 39.93 4.92 13.45
N TRP D 352 41.14 4.58 13.03
CA TRP D 352 41.47 4.70 11.61
C TRP D 352 40.78 3.66 10.73
N ASN D 353 40.53 2.47 11.29
CA ASN D 353 39.86 1.43 10.53
C ASN D 353 38.42 1.21 10.96
N GLN D 354 37.85 2.19 11.66
CA GLN D 354 36.47 2.09 12.14
C GLN D 354 36.23 0.78 12.87
N LYS D 355 37.15 0.44 13.77
CA LYS D 355 37.08 -0.81 14.49
C LYS D 355 36.86 -0.60 15.99
N ILE D 356 35.70 -1.02 16.45
CA ILE D 356 35.33 -0.91 17.85
C ILE D 356 35.70 -2.20 18.56
N LEU D 357 35.47 -3.31 17.89
CA LEU D 357 35.72 -4.64 18.42
C LEU D 357 37.05 -5.19 17.94
N PHE D 358 37.95 -5.43 18.87
CA PHE D 358 39.31 -5.91 18.57
C PHE D 358 39.45 -7.40 18.79
N GLU D 359 40.23 -8.06 17.94
CA GLU D 359 40.53 -9.47 18.14
C GLU D 359 41.66 -9.61 19.14
N GLU D 360 41.76 -10.77 19.76
CA GLU D 360 42.87 -11.01 20.69
C GLU D 360 44.20 -10.95 19.93
N SER D 361 44.13 -11.14 18.61
CA SER D 361 45.30 -11.05 17.76
C SER D 361 45.73 -9.60 17.57
N ASP D 362 44.82 -8.65 17.77
CA ASP D 362 45.17 -7.25 17.64
C ASP D 362 45.88 -6.83 18.91
N LEU D 363 45.40 -7.37 20.03
CA LEU D 363 46.03 -7.07 21.30
C LEU D 363 47.47 -7.54 21.28
N ARG D 364 47.70 -8.74 20.73
CA ARG D 364 49.06 -9.25 20.63
C ARG D 364 49.90 -8.44 19.65
N ASN D 365 49.32 -8.08 18.52
CA ASN D 365 50.08 -7.35 17.50
C ASN D 365 50.54 -5.99 18.00
N HIS D 366 49.75 -5.33 18.84
CA HIS D 366 50.12 -4.01 19.32
C HIS D 366 51.03 -4.05 20.54
N GLY D 367 51.41 -5.26 20.94
CA GLY D 367 52.30 -5.42 22.09
C GLY D 367 51.55 -5.27 23.40
N LEU D 368 50.25 -5.51 23.35
CA LEU D 368 49.38 -5.40 24.51
C LEU D 368 48.73 -6.72 24.81
N GLN D 369 49.45 -7.63 25.45
CA GLN D 369 48.90 -8.97 25.63
C GLN D 369 49.12 -9.54 27.02
N LYS D 370 48.25 -10.48 27.39
CA LYS D 370 48.39 -11.23 28.63
C LYS D 370 48.45 -10.32 29.84
N ALA D 371 49.63 -10.19 30.44
CA ALA D 371 49.80 -9.41 31.65
C ALA D 371 49.39 -7.96 31.47
N ASP D 372 49.64 -7.40 30.28
CA ASP D 372 49.33 -6.00 30.07
C ASP D 372 47.84 -5.80 29.87
N VAL D 373 47.19 -6.79 29.27
CA VAL D 373 45.76 -6.70 29.05
C VAL D 373 45.05 -6.82 30.37
N SER D 374 45.47 -7.78 31.18
CA SER D 374 44.88 -7.99 32.49
C SER D 374 45.04 -6.76 33.36
N ALA D 375 46.19 -6.11 33.28
CA ALA D 375 46.40 -4.91 34.08
C ALA D 375 45.37 -3.84 33.74
N PHE D 376 45.11 -3.64 32.45
CA PHE D 376 44.14 -2.63 32.02
C PHE D 376 42.69 -3.08 32.23
N LEU D 377 42.45 -4.39 32.20
CA LEU D 377 41.11 -4.88 32.48
C LEU D 377 40.78 -4.71 33.96
N ARG D 378 41.79 -4.96 34.82
CA ARG D 378 41.61 -4.77 36.26
C ARG D 378 41.43 -3.29 36.57
N MET D 379 42.23 -2.45 35.92
CA MET D 379 42.10 -1.02 36.06
C MET D 379 40.97 -0.57 35.14
N ASN D 380 39.75 -0.94 35.50
CA ASN D 380 38.60 -0.82 34.62
C ASN D 380 38.75 0.36 33.68
N LEU D 381 39.03 0.05 32.43
CA LEU D 381 39.32 1.03 31.39
C LEU D 381 39.03 0.39 30.05
N PHE D 382 39.10 -0.93 30.07
CA PHE D 382 39.00 -1.76 28.89
C PHE D 382 38.11 -2.98 29.21
N GLN D 383 37.29 -3.41 28.25
CA GLN D 383 36.33 -4.50 28.47
C GLN D 383 36.55 -5.73 27.58
N LYS D 384 36.05 -6.88 28.06
CA LYS D 384 36.08 -8.13 27.30
C LYS D 384 34.82 -8.34 26.46
N GLU D 385 33.87 -7.42 26.55
CA GLU D 385 32.57 -7.59 25.91
C GLU D 385 31.98 -8.96 26.23
N VAL D 386 31.76 -9.20 27.52
CA VAL D 386 31.28 -10.50 27.99
C VAL D 386 29.84 -10.79 27.56
N ASP D 387 29.16 -9.78 27.04
CA ASP D 387 27.77 -9.94 26.61
C ASP D 387 27.68 -10.60 25.24
N CYS D 388 27.91 -11.90 25.22
CA CYS D 388 27.80 -12.72 24.01
C CYS D 388 28.71 -12.27 22.88
N GLU D 389 29.98 -12.04 23.17
CA GLU D 389 30.91 -11.61 22.14
C GLU D 389 32.32 -12.14 22.42
N LYS D 390 33.13 -12.23 21.38
CA LYS D 390 34.50 -12.76 21.50
C LYS D 390 35.57 -11.70 21.23
N PHE D 391 35.16 -10.44 21.23
CA PHE D 391 36.03 -9.32 20.91
C PHE D 391 36.21 -8.36 22.07
N TYR D 392 37.34 -7.67 22.08
CA TYR D 392 37.66 -6.72 23.13
C TYR D 392 37.30 -5.30 22.71
N SER D 393 37.03 -4.44 23.69
CA SER D 393 36.68 -3.05 23.37
C SER D 393 36.95 -2.09 24.52
N PHE D 394 36.83 -0.80 24.22
CA PHE D 394 36.96 0.23 25.24
C PHE D 394 35.63 0.45 25.95
N ILE D 395 35.69 0.94 27.19
CA ILE D 395 34.50 1.15 27.99
C ILE D 395 33.50 2.15 27.38
N HIS D 396 34.01 3.05 26.55
CA HIS D 396 33.17 4.01 25.84
C HIS D 396 33.90 4.53 24.61
N MET D 397 33.15 4.89 23.57
CA MET D 397 33.75 5.39 22.35
C MET D 397 34.64 6.58 22.59
N THR D 398 34.29 7.42 23.57
CA THR D 398 35.09 8.60 23.85
C THR D 398 36.48 8.23 24.39
N PHE D 399 36.62 7.08 25.03
CA PHE D 399 37.93 6.67 25.49
C PHE D 399 38.77 6.19 24.34
N GLN D 400 38.17 5.41 23.46
CA GLN D 400 38.92 4.93 22.32
C GLN D 400 39.50 6.11 21.57
N GLU D 401 38.68 7.14 21.37
CA GLU D 401 39.12 8.33 20.67
C GLU D 401 40.20 9.07 21.45
N PHE D 402 40.03 9.14 22.77
CA PHE D 402 41.00 9.77 23.66
C PHE D 402 42.36 9.11 23.60
N PHE D 403 42.39 7.79 23.68
CA PHE D 403 43.64 7.05 23.65
C PHE D 403 44.30 7.18 22.29
N ALA D 404 43.49 7.15 21.24
CA ALA D 404 44.01 7.31 19.90
C ALA D 404 44.63 8.69 19.77
N ALA D 405 44.09 9.68 20.47
CA ALA D 405 44.67 11.01 20.46
C ALA D 405 46.03 11.02 21.18
N MET D 406 46.10 10.36 22.35
CA MET D 406 47.38 10.34 23.05
C MET D 406 48.43 9.63 22.21
N TYR D 407 48.01 8.67 21.41
CA TYR D 407 48.92 7.95 20.53
C TYR D 407 49.86 8.90 19.80
N TYR D 408 49.36 10.04 19.35
CA TYR D 408 50.14 10.98 18.56
C TYR D 408 51.12 11.77 19.41
N LEU D 409 50.86 11.79 20.72
CA LEU D 409 51.62 12.61 21.65
C LEU D 409 52.61 11.82 22.51
N LEU D 410 52.39 10.52 22.65
CA LEU D 410 53.20 9.68 23.55
C LEU D 410 54.70 9.79 23.28
N GLU D 411 55.48 9.87 24.37
CA GLU D 411 56.95 9.92 24.32
C GLU D 411 57.51 8.58 23.85
N GLU D 412 58.98 7.11 27.38
CA GLU D 412 60.26 7.05 26.68
C GLU D 412 60.15 6.18 25.42
N GLU D 413 61.27 6.06 24.68
CA GLU D 413 61.36 5.23 23.48
C GLU D 413 61.55 3.77 23.85
N LYS D 414 60.69 2.91 23.30
CA LYS D 414 60.73 1.48 23.59
C LYS D 414 60.74 0.66 22.31
N GLU D 415 61.63 -0.33 22.24
CA GLU D 415 61.76 -1.19 21.06
C GLU D 415 60.73 -2.32 21.04
N GLY D 416 60.01 -2.48 22.14
CA GLY D 416 59.03 -3.55 22.28
C GLY D 416 57.87 -3.40 21.29
N ARG D 417 57.74 -2.22 20.71
CA ARG D 417 56.68 -1.96 19.74
C ARG D 417 57.12 -2.33 18.32
N THR D 418 58.40 -2.65 18.13
CA THR D 418 58.89 -3.04 16.81
C THR D 418 59.35 -4.51 16.80
N ASN D 419 59.65 -5.05 17.99
CA ASN D 419 60.08 -6.44 18.13
C ASN D 419 58.90 -7.37 18.41
N VAL D 420 57.72 -6.77 18.45
CA VAL D 420 56.48 -7.50 18.65
C VAL D 420 56.23 -8.40 17.42
N PRO D 421 55.76 -9.63 17.60
CA PRO D 421 55.45 -10.59 16.54
C PRO D 421 54.59 -10.03 15.42
N GLY D 422 53.79 -9.00 15.70
CA GLY D 422 52.91 -8.41 14.69
C GLY D 422 53.64 -7.36 13.84
N SER D 423 54.90 -7.10 14.15
CA SER D 423 55.69 -6.09 13.45
C SER D 423 55.97 -6.51 12.01
N ARG D 424 55.97 -5.56 11.06
CA ARG D 424 55.76 -4.13 11.26
C ARG D 424 54.29 -3.81 11.48
N LEU D 425 54.03 -2.86 12.38
CA LEU D 425 52.67 -2.49 12.74
C LEU D 425 52.11 -1.39 11.86
N LYS D 426 50.78 -1.41 11.68
CA LYS D 426 50.03 -0.40 10.92
C LYS D 426 48.63 -0.25 11.53
N LEU D 427 50.32 0.77 14.46
CA LEU D 427 50.98 2.07 14.38
C LEU D 427 50.60 2.78 13.06
N PRO D 428 49.32 3.23 12.89
CA PRO D 428 48.75 3.82 11.67
C PRO D 428 49.57 4.93 11.03
N SER D 429 50.14 5.83 11.83
CA SER D 429 50.89 6.93 11.24
C SER D 429 51.66 7.78 12.25
N ARG D 430 50.94 8.26 13.26
CA ARG D 430 51.42 9.29 14.19
C ARG D 430 51.58 10.62 13.46
N ASP D 431 50.94 10.72 12.29
CA ASP D 431 50.97 11.91 11.48
C ASP D 431 49.72 12.74 11.70
N VAL D 432 49.86 13.82 12.46
CA VAL D 432 48.74 14.68 12.82
C VAL D 432 48.17 15.38 11.60
N THR D 433 49.05 15.79 10.69
CA THR D 433 48.58 16.46 9.49
C THR D 433 47.57 15.57 8.78
N VAL D 434 47.91 14.29 8.65
CA VAL D 434 47.00 13.34 8.03
C VAL D 434 45.71 13.21 8.81
N LEU D 435 45.81 13.15 10.14
CA LEU D 435 44.64 13.08 10.99
C LEU D 435 43.69 14.24 10.70
N LEU D 436 44.27 15.44 10.64
CA LEU D 436 43.50 16.66 10.40
C LEU D 436 42.91 16.71 9.00
N GLU D 437 43.69 16.25 8.01
CA GLU D 437 43.22 16.24 6.62
C GLU D 437 41.99 15.37 6.45
N ASN D 438 41.89 14.32 7.25
CA ASN D 438 40.77 13.38 7.16
C ASN D 438 39.65 13.73 8.13
N TYR D 439 39.69 14.93 8.70
CA TYR D 439 38.67 15.38 9.64
C TYR D 439 37.26 15.29 9.05
N GLY D 440 37.07 15.85 7.87
CA GLY D 440 35.74 15.87 7.25
C GLY D 440 35.46 14.58 6.48
N LYS D 441 35.69 13.44 7.13
CA LYS D 441 35.49 12.15 6.47
C LYS D 441 34.94 11.08 7.40
N PHE D 442 33.69 10.69 7.18
CA PHE D 442 33.09 9.64 7.99
C PHE D 442 33.78 8.31 7.68
N GLU D 443 34.38 8.23 6.49
CA GLU D 443 35.06 7.03 6.03
C GLU D 443 36.23 6.64 6.93
N LYS D 444 36.74 7.62 7.67
CA LYS D 444 37.87 7.39 8.56
C LYS D 444 37.42 7.41 10.01
N GLY D 445 36.11 7.35 10.22
CA GLY D 445 35.57 7.33 11.58
C GLY D 445 35.42 8.74 12.13
N TYR D 446 35.33 9.74 11.24
CA TYR D 446 35.17 11.14 11.60
C TYR D 446 36.44 11.74 12.17
N LEU D 447 36.99 11.12 13.22
CA LEU D 447 38.23 11.59 13.82
C LEU D 447 38.04 12.97 14.44
N ILE D 448 36.79 13.38 14.58
CA ILE D 448 36.47 14.70 15.09
C ILE D 448 36.78 14.79 16.56
N PHE D 449 36.35 13.78 17.30
CA PHE D 449 36.58 13.73 18.72
C PHE D 449 38.05 13.54 19.00
N VAL D 450 38.72 12.81 18.12
CA VAL D 450 40.14 12.54 18.31
C VAL D 450 40.91 13.84 18.23
N VAL D 451 40.56 14.69 17.27
CA VAL D 451 41.19 15.99 17.16
C VAL D 451 40.85 16.84 18.38
N ARG D 452 39.59 16.82 18.80
CA ARG D 452 39.19 17.57 19.99
C ARG D 452 39.99 17.11 21.21
N PHE D 453 40.23 15.80 21.31
CA PHE D 453 41.02 15.27 22.42
C PHE D 453 42.47 15.74 22.32
N LEU D 454 43.01 15.80 21.10
CA LEU D 454 44.37 16.29 20.94
C LEU D 454 44.45 17.73 21.43
N PHE D 455 43.43 18.51 21.13
CA PHE D 455 43.46 19.90 21.58
C PHE D 455 43.52 19.96 23.11
N GLY D 456 42.72 19.14 23.78
CA GLY D 456 42.74 19.13 25.24
C GLY D 456 44.09 18.66 25.79
N LEU D 457 44.63 17.59 25.19
CA LEU D 457 45.88 16.97 25.63
C LEU D 457 47.07 17.90 25.45
N VAL D 458 47.06 18.66 24.36
CA VAL D 458 48.16 19.57 24.09
C VAL D 458 48.00 20.86 24.86
N ASN D 459 48.52 20.86 26.08
CA ASN D 459 48.40 22.01 26.96
C ASN D 459 49.70 22.20 27.72
N GLN D 460 49.77 23.23 28.55
CA GLN D 460 50.93 23.49 29.36
C GLN D 460 50.54 23.60 30.82
N GLU D 461 49.27 23.93 31.05
CA GLU D 461 48.77 24.16 32.40
C GLU D 461 48.36 22.83 33.05
N ARG D 462 49.34 21.96 33.23
CA ARG D 462 49.10 20.64 33.79
C ARG D 462 50.15 20.27 34.83
N THR D 463 49.81 19.30 35.67
CA THR D 463 50.67 18.85 36.77
C THR D 463 51.43 17.58 36.40
N SER D 464 51.99 16.93 37.41
CA SER D 464 52.77 15.72 37.22
C SER D 464 51.86 14.49 37.25
N TYR D 465 52.23 13.50 38.04
CA TYR D 465 51.38 12.33 38.22
C TYR D 465 50.99 11.68 36.89
N LEU D 466 51.98 11.43 36.04
CA LEU D 466 51.79 10.75 34.77
C LEU D 466 51.05 11.58 33.72
N GLU D 467 50.89 12.88 33.97
CA GLU D 467 50.34 13.77 32.95
C GLU D 467 51.47 14.26 32.06
N LYS D 468 52.69 13.83 32.38
CA LYS D 468 53.91 14.20 31.69
C LYS D 468 54.50 13.04 30.91
N LYS D 469 53.68 12.04 30.58
CA LYS D 469 54.15 10.89 29.79
C LYS D 469 54.03 11.16 28.31
N LEU D 470 53.53 12.35 27.97
CA LEU D 470 53.43 12.79 26.59
C LEU D 470 54.63 13.66 26.29
N SER D 471 55.14 13.58 25.07
CA SER D 471 56.34 14.32 24.71
C SER D 471 56.15 15.81 24.66
N CYS D 472 57.10 16.54 25.24
CA CYS D 472 57.08 17.99 25.22
C CYS D 472 57.33 18.50 23.83
N LYS D 473 58.30 17.90 23.15
CA LYS D 473 58.67 18.34 21.80
C LYS D 473 57.53 18.09 20.83
N ILE D 474 56.82 16.96 21.01
CA ILE D 474 55.68 16.68 20.16
C ILE D 474 54.55 17.65 20.47
N SER D 475 54.31 17.90 21.75
CA SER D 475 53.25 18.80 22.15
C SER D 475 53.47 20.19 21.56
N GLN D 476 54.72 20.64 21.55
CA GLN D 476 55.03 21.94 20.97
C GLN D 476 54.84 21.95 19.46
N GLN D 477 55.29 20.90 18.78
CA GLN D 477 55.16 20.84 17.32
C GLN D 477 53.71 20.67 16.89
N ILE D 478 52.97 19.86 17.62
CA ILE D 478 51.58 19.63 17.27
C ILE D 478 50.75 20.88 17.54
N ARG D 479 51.10 21.61 18.60
CA ARG D 479 50.40 22.83 18.91
C ARG D 479 50.48 23.78 17.73
N LEU D 480 51.67 23.88 17.12
CA LEU D 480 51.84 24.73 15.96
C LEU D 480 51.02 24.24 14.77
N GLU D 481 50.99 22.93 14.56
CA GLU D 481 50.23 22.37 13.45
C GLU D 481 48.73 22.59 13.64
N LEU D 482 48.26 22.43 14.86
CA LEU D 482 46.84 22.63 15.16
C LEU D 482 46.47 24.09 14.97
N LEU D 483 47.38 24.98 15.34
CA LEU D 483 47.13 26.41 15.22
C LEU D 483 47.01 26.79 13.75
N LYS D 484 47.91 26.26 12.92
CA LYS D 484 47.89 26.52 11.48
C LYS D 484 46.62 25.94 10.85
N TRP D 485 46.20 24.78 11.32
CA TRP D 485 44.97 24.16 10.83
C TRP D 485 43.79 25.06 11.08
N ILE D 486 43.70 25.61 12.29
CA ILE D 486 42.64 26.55 12.60
C ILE D 486 42.72 27.78 11.71
N GLU D 487 43.91 28.33 11.52
CA GLU D 487 44.03 29.52 10.71
C GLU D 487 43.40 29.31 9.33
N VAL D 488 43.72 28.19 8.71
CA VAL D 488 43.22 27.91 7.38
C VAL D 488 41.70 27.74 7.34
N LYS D 489 41.16 26.96 8.27
CA LYS D 489 39.74 26.70 8.26
C LYS D 489 38.92 27.87 8.80
N ALA D 490 39.52 28.64 9.70
CA ALA D 490 38.87 29.81 10.25
C ALA D 490 38.68 30.88 9.19
N LYS D 491 39.74 31.08 8.38
CA LYS D 491 39.72 32.06 7.29
C LYS D 491 38.85 31.58 6.15
N ALA D 492 38.81 30.27 5.91
CA ALA D 492 37.99 29.72 4.85
C ALA D 492 36.53 29.68 5.29
N LYS D 493 35.94 30.86 5.44
CA LYS D 493 34.58 30.97 5.91
C LYS D 493 33.62 30.72 4.77
N LYS D 494 33.32 29.46 4.54
CA LYS D 494 32.49 29.01 3.44
C LYS D 494 31.64 27.83 3.87
N LEU D 495 30.65 27.48 3.06
CA LEU D 495 29.86 26.29 3.35
C LEU D 495 30.66 25.05 3.00
N GLN D 496 30.80 24.15 3.97
CA GLN D 496 31.61 22.95 3.79
C GLN D 496 31.32 21.92 4.88
N ILE D 497 31.92 20.73 4.73
CA ILE D 497 31.77 19.66 5.72
C ILE D 497 32.92 19.64 6.71
N GLN D 498 33.87 20.53 6.48
CA GLN D 498 35.02 20.69 7.35
C GLN D 498 34.53 21.54 8.52
N PRO D 499 35.36 21.85 9.53
CA PRO D 499 34.93 22.51 10.75
C PRO D 499 34.12 23.76 10.43
N SER D 500 32.86 23.75 10.83
CA SER D 500 31.96 24.86 10.54
C SER D 500 32.02 25.94 11.60
N GLN D 501 33.19 26.56 11.75
CA GLN D 501 33.43 27.64 12.71
C GLN D 501 33.28 27.18 14.16
N LEU D 502 32.08 26.79 14.54
CA LEU D 502 31.79 26.33 15.89
C LEU D 502 32.61 25.10 16.24
N GLU D 503 32.82 24.22 15.26
CA GLU D 503 33.60 23.02 15.53
C GLU D 503 35.05 23.37 15.87
N LEU D 504 35.55 24.45 15.29
CA LEU D 504 36.90 24.89 15.63
C LEU D 504 36.87 25.41 17.05
N PHE D 505 35.74 26.03 17.43
CA PHE D 505 35.58 26.52 18.78
C PHE D 505 35.52 25.37 19.77
N TYR D 506 34.83 24.29 19.40
CA TYR D 506 34.79 23.12 20.27
C TYR D 506 36.18 22.60 20.55
N CYS D 507 37.02 22.59 19.53
CA CYS D 507 38.40 22.17 19.69
C CYS D 507 39.14 23.09 20.65
N LEU D 508 38.97 24.40 20.47
CA LEU D 508 39.60 25.38 21.34
C LEU D 508 39.07 25.27 22.76
N TYR D 509 37.79 24.97 22.88
CA TYR D 509 37.15 24.81 24.18
C TYR D 509 37.86 23.73 25.00
N GLU D 510 38.13 22.59 24.37
CA GLU D 510 38.84 21.53 25.09
C GLU D 510 40.24 22.00 25.52
N MET D 511 40.92 22.73 24.65
CA MET D 511 42.22 23.28 24.99
C MET D 511 42.06 24.60 25.73
N GLN D 512 41.65 24.56 26.99
CA GLN D 512 41.41 25.81 27.70
C GLN D 512 42.70 26.47 28.14
N GLU D 513 43.46 26.95 27.16
CA GLU D 513 44.72 27.65 27.38
C GLU D 513 44.63 29.00 26.72
N GLU D 514 44.65 30.06 27.50
CA GLU D 514 44.45 31.39 26.95
C GLU D 514 45.53 31.75 25.93
N ASP D 515 46.76 31.38 26.22
CA ASP D 515 47.87 31.71 25.32
C ASP D 515 47.66 31.14 23.92
N PHE D 516 47.06 29.96 23.83
CA PHE D 516 46.79 29.35 22.54
C PHE D 516 45.51 29.85 21.94
N VAL D 517 44.44 29.83 22.73
CA VAL D 517 43.12 30.16 22.23
C VAL D 517 43.04 31.60 21.77
N GLN D 518 43.64 32.51 22.54
CA GLN D 518 43.62 33.90 22.16
C GLN D 518 44.36 34.13 20.84
N ARG D 519 45.36 33.30 20.55
CA ARG D 519 46.04 33.42 19.27
C ARG D 519 45.23 32.76 18.17
N ALA D 520 44.69 31.59 18.44
CA ALA D 520 43.91 30.86 17.46
C ALA D 520 42.67 31.65 17.06
N MET D 521 42.09 32.36 18.02
CA MET D 521 40.89 33.12 17.77
C MET D 521 41.14 34.38 16.93
N ASP D 522 42.39 34.72 16.70
CA ASP D 522 42.69 35.91 15.91
C ASP D 522 42.56 35.61 14.42
N TYR D 523 42.18 34.37 14.10
CA TYR D 523 41.97 33.98 12.72
C TYR D 523 40.48 33.98 12.40
N PHE D 524 39.68 34.55 13.30
CA PHE D 524 38.25 34.61 13.10
C PHE D 524 37.70 36.04 13.14
N PRO D 525 38.00 36.87 12.13
CA PRO D 525 37.54 38.25 12.02
C PRO D 525 36.03 38.31 11.87
N LYS D 526 35.45 37.24 11.34
CA LYS D 526 34.01 37.15 11.19
C LYS D 526 33.55 35.77 11.60
N ILE D 527 32.63 35.72 12.54
CA ILE D 527 32.16 34.44 13.06
C ILE D 527 30.71 34.18 12.71
N GLU D 528 30.47 33.13 11.95
CA GLU D 528 29.11 32.73 11.60
C GLU D 528 28.81 31.36 12.16
N ILE D 529 28.03 31.32 13.24
CA ILE D 529 27.76 30.05 13.91
C ILE D 529 26.29 29.84 14.20
N ASN D 530 25.88 28.58 14.27
CA ASN D 530 24.53 28.21 14.67
C ASN D 530 24.57 27.60 16.06
N LEU D 531 23.55 27.85 16.85
CA LEU D 531 23.53 27.33 18.22
C LEU D 531 22.31 26.45 18.46
N SER D 532 22.54 25.19 18.81
CA SER D 532 21.45 24.25 19.02
C SER D 532 21.32 23.79 20.47
N THR D 533 22.43 23.81 21.20
CA THR D 533 22.41 23.32 22.57
C THR D 533 23.22 24.16 23.55
N ARG D 534 23.22 23.73 24.80
CA ARG D 534 23.90 24.45 25.87
C ARG D 534 25.40 24.52 25.66
N MET D 535 25.98 23.43 25.16
CA MET D 535 27.42 23.41 24.92
C MET D 535 27.80 24.35 23.78
N ASP D 536 26.90 24.55 22.84
CA ASP D 536 27.20 25.44 21.73
C ASP D 536 27.39 26.83 22.30
N HIS D 537 26.61 27.17 23.31
CA HIS D 537 26.70 28.46 23.96
C HIS D 537 27.93 28.55 24.85
N MET D 538 28.23 27.48 25.58
CA MET D 538 29.40 27.48 26.46
C MET D 538 30.68 27.58 25.65
N VAL D 539 30.71 26.87 24.53
CA VAL D 539 31.84 26.87 23.63
C VAL D 539 32.00 28.19 22.92
N SER D 540 30.90 28.73 22.40
CA SER D 540 30.95 30.00 21.72
C SER D 540 31.34 31.11 22.68
N SER D 541 30.78 31.05 23.89
CA SER D 541 31.06 32.05 24.90
C SER D 541 32.55 32.09 25.22
N PHE D 542 33.13 30.93 25.47
CA PHE D 542 34.53 30.82 25.78
C PHE D 542 35.41 31.38 24.67
N CYS D 543 35.16 30.92 23.44
CA CYS D 543 36.00 31.31 22.33
C CYS D 543 35.86 32.79 21.98
N ILE D 544 34.64 33.29 21.99
CA ILE D 544 34.40 34.69 21.67
C ILE D 544 35.02 35.59 22.72
N GLU D 545 34.85 35.23 23.99
CA GLU D 545 35.42 36.02 25.08
C GLU D 545 36.92 36.20 24.91
N ASN D 546 37.58 35.14 24.43
CA ASN D 546 39.03 35.17 24.26
C ASN D 546 39.46 35.59 22.86
N CYS D 547 38.51 36.08 22.07
CA CYS D 547 38.83 36.56 20.73
C CYS D 547 38.99 38.06 20.74
N HIS D 548 40.17 38.54 20.37
CA HIS D 548 40.43 39.96 20.42
C HIS D 548 40.40 40.58 19.03
N ARG D 549 40.01 39.78 18.04
CA ARG D 549 39.98 40.26 16.67
C ARG D 549 38.70 39.91 15.91
N VAL D 550 37.59 39.72 16.62
CA VAL D 550 36.33 39.47 15.91
C VAL D 550 35.62 40.78 15.71
N GLU D 551 35.32 41.08 14.44
CA GLU D 551 34.69 42.34 14.10
C GLU D 551 33.21 42.15 13.83
N SER D 552 32.84 40.99 13.30
CA SER D 552 31.45 40.71 12.99
C SER D 552 31.04 39.32 13.46
N LEU D 553 29.87 39.25 14.06
CA LEU D 553 29.33 37.99 14.58
C LEU D 553 27.89 37.77 14.17
N SER D 554 27.59 36.56 13.73
CA SER D 554 26.22 36.17 13.41
C SER D 554 25.82 34.93 14.20
N LEU D 555 24.74 35.05 14.97
CA LEU D 555 24.30 33.95 15.81
C LEU D 555 23.00 33.32 15.35
N GLY D 556 23.11 32.15 14.73
CA GLY D 556 21.95 31.45 14.21
C GLY D 556 21.29 30.59 15.27
N PHE D 557 20.60 31.23 16.20
CA PHE D 557 19.94 30.46 17.24
C PHE D 557 18.93 29.51 16.59
N LEU D 558 18.96 28.25 16.99
CA LEU D 558 18.04 27.26 16.41
C LEU D 558 16.97 26.84 17.42
N HIS D 559 16.76 25.55 17.57
CA HIS D 559 15.67 25.04 18.40
C HIS D 559 16.01 25.09 19.88
N ASN D 560 16.09 26.31 20.44
CA ASN D 560 16.43 26.55 21.84
C ASN D 560 15.17 26.73 22.67
N LEU D 599 13.92 30.68 21.20
CA LEU D 599 14.88 30.89 22.27
C LEU D 599 14.17 31.35 23.55
N THR D 600 13.52 32.53 23.47
CA THR D 600 12.70 33.16 24.51
C THR D 600 13.09 32.79 25.95
N SER D 601 14.36 32.92 26.28
CA SER D 601 14.85 32.52 27.60
C SER D 601 16.20 33.12 27.94
N SER D 602 16.59 32.96 29.20
CA SER D 602 17.89 33.39 29.72
C SER D 602 18.98 32.38 29.38
N PHE D 603 18.58 31.33 28.69
CA PHE D 603 19.47 30.25 28.28
C PHE D 603 20.75 30.78 27.65
N CYS D 604 20.62 31.80 26.80
CA CYS D 604 21.74 32.38 26.08
C CYS D 604 22.41 33.54 26.80
N ARG D 605 21.94 33.86 28.01
CA ARG D 605 22.44 35.03 28.72
C ARG D 605 23.96 35.02 28.84
N GLY D 606 24.53 33.83 29.03
CA GLY D 606 25.96 33.68 29.20
C GLY D 606 26.74 34.05 27.94
N LEU D 607 26.06 34.08 26.79
CA LEU D 607 26.72 34.44 25.55
C LEU D 607 26.61 35.94 25.31
N PHE D 608 25.43 36.49 25.55
CA PHE D 608 25.20 37.90 25.29
C PHE D 608 26.02 38.77 26.25
N SER D 609 26.24 38.25 27.46
CA SER D 609 27.02 38.98 28.46
C SER D 609 28.49 39.05 28.06
N VAL D 610 28.89 38.22 27.09
CA VAL D 610 30.26 38.20 26.59
C VAL D 610 30.40 39.16 25.43
N LEU D 611 29.40 39.20 24.57
CA LEU D 611 29.44 40.06 23.41
C LEU D 611 29.59 41.50 23.83
N SER D 612 28.91 41.84 24.93
CA SER D 612 28.93 43.19 25.45
C SER D 612 30.25 43.59 26.08
N THR D 613 31.16 42.64 26.23
CA THR D 613 32.45 42.97 26.82
C THR D 613 33.56 42.93 25.78
N SER D 614 33.21 42.61 24.53
CA SER D 614 34.21 42.53 23.48
C SER D 614 34.62 43.92 23.05
N GLN D 615 35.91 44.11 22.84
CA GLN D 615 36.37 45.41 22.43
C GLN D 615 36.62 45.48 20.94
N SER D 616 36.38 44.37 20.26
CA SER D 616 36.57 44.32 18.81
C SER D 616 35.26 44.09 18.07
N LEU D 617 34.29 43.47 18.72
CA LEU D 617 33.04 43.16 18.02
C LEU D 617 32.29 44.44 17.74
N THR D 618 32.01 44.69 16.47
CA THR D 618 31.33 45.92 16.09
C THR D 618 29.99 45.64 15.43
N GLU D 619 29.90 44.56 14.66
CA GLU D 619 28.66 44.23 13.98
C GLU D 619 28.07 42.92 14.48
N LEU D 620 26.84 42.96 14.95
CA LEU D 620 26.17 41.78 15.46
C LEU D 620 24.88 41.51 14.71
N ASP D 621 24.79 40.33 14.08
CA ASP D 621 23.62 39.97 13.29
C ASP D 621 22.84 38.83 13.90
N LEU D 622 21.64 39.14 14.37
CA LEU D 622 20.79 38.15 15.02
C LEU D 622 19.51 37.93 14.22
N SER D 623 19.57 38.15 12.93
CA SER D 623 18.40 38.03 12.06
C SER D 623 17.96 36.60 11.84
N ASP D 624 16.70 36.44 11.46
CA ASP D 624 16.13 35.17 11.03
C ASP D 624 16.30 34.02 12.02
N ASN D 625 16.08 34.29 13.28
CA ASN D 625 16.09 33.25 14.30
C ASN D 625 15.07 33.59 15.37
N SER D 626 14.76 32.65 16.25
CA SER D 626 13.69 32.88 17.22
C SER D 626 14.12 33.69 18.44
N LEU D 627 14.60 34.91 18.20
CA LEU D 627 14.99 35.82 19.26
C LEU D 627 13.77 36.63 19.67
N GLY D 628 12.78 35.96 20.22
CA GLY D 628 11.53 36.60 20.55
C GLY D 628 11.72 37.61 21.68
N ASP D 629 10.68 38.36 21.99
CA ASP D 629 10.78 39.44 22.98
C ASP D 629 11.49 39.07 24.29
N PRO D 630 11.23 37.89 24.90
CA PRO D 630 11.86 37.42 26.12
C PRO D 630 13.35 37.19 25.95
N GLY D 631 13.79 37.04 24.71
CA GLY D 631 15.20 36.84 24.41
C GLY D 631 15.88 38.17 24.16
N MET D 632 15.15 39.06 23.49
CA MET D 632 15.66 40.37 23.18
C MET D 632 15.89 41.16 24.46
N ARG D 633 15.05 40.91 25.47
CA ARG D 633 15.21 41.56 26.75
C ARG D 633 16.59 41.28 27.33
N VAL D 634 17.04 40.04 27.20
CA VAL D 634 18.31 39.63 27.75
C VAL D 634 19.44 40.36 27.03
N LEU D 635 19.35 40.40 25.71
CA LEU D 635 20.34 41.09 24.92
C LEU D 635 20.38 42.56 25.26
N CYS D 636 19.21 43.18 25.38
CA CYS D 636 19.15 44.60 25.67
C CYS D 636 19.74 44.94 27.02
N GLU D 637 19.66 44.02 27.97
CA GLU D 637 20.31 44.26 29.26
C GLU D 637 21.83 44.31 29.10
N THR D 638 22.36 43.48 28.21
CA THR D 638 23.81 43.41 28.01
C THR D 638 24.31 44.50 27.06
N LEU D 639 23.45 45.00 26.18
CA LEU D 639 23.85 46.04 25.23
C LEU D 639 24.01 47.39 25.92
N GLN D 640 23.64 47.47 27.19
CA GLN D 640 23.77 48.69 27.95
C GLN D 640 25.12 48.79 28.63
N HIS D 641 25.93 47.75 28.49
CA HIS D 641 27.26 47.74 29.11
C HIS D 641 28.10 48.88 28.53
N PRO D 642 28.80 49.66 29.36
CA PRO D 642 29.69 50.74 28.99
C PRO D 642 30.72 50.37 27.93
N GLY D 643 31.13 49.11 27.90
CA GLY D 643 32.14 48.64 26.97
C GLY D 643 31.58 47.83 25.81
N CYS D 644 30.27 47.97 25.55
CA CYS D 644 29.61 47.18 24.52
C CYS D 644 30.29 47.25 23.15
N ASN D 645 30.49 48.45 22.64
CA ASN D 645 31.17 48.71 21.35
C ASN D 645 30.48 48.14 20.12
N ILE D 646 29.26 47.65 20.24
CA ILE D 646 28.54 47.20 19.05
C ILE D 646 27.96 48.40 18.36
N ARG D 647 28.28 48.55 17.08
CA ARG D 647 27.84 49.72 16.33
C ARG D 647 26.72 49.37 15.35
N ARG D 648 26.70 48.14 14.85
CA ARG D 648 25.66 47.73 13.91
C ARG D 648 24.92 46.52 14.43
N LEU D 649 23.65 46.68 14.75
CA LEU D 649 22.85 45.59 15.28
C LEU D 649 21.71 45.24 14.34
N TRP D 650 21.74 44.03 13.80
CA TRP D 650 20.74 43.61 12.84
C TRP D 650 19.74 42.65 13.45
N LEU D 651 18.47 43.03 13.46
CA LEU D 651 17.42 42.23 14.04
C LEU D 651 16.26 42.05 13.07
N GLY D 652 16.48 41.27 12.01
CA GLY D 652 15.48 41.10 10.96
C GLY D 652 14.32 40.25 11.45
N ARG D 653 14.07 39.12 10.78
CA ARG D 653 12.94 38.29 11.17
C ARG D 653 13.19 37.58 12.48
N CYS D 654 13.20 38.35 13.56
CA CYS D 654 13.49 37.84 14.90
C CYS D 654 12.23 37.47 15.67
N GLY D 655 11.07 37.80 15.11
CA GLY D 655 9.81 37.50 15.78
C GLY D 655 9.57 38.45 16.94
N LEU D 656 10.07 39.68 16.82
CA LEU D 656 9.92 40.66 17.87
C LEU D 656 8.60 41.38 17.75
N SER D 657 8.07 41.83 18.87
CA SER D 657 6.87 42.63 18.87
C SER D 657 7.07 43.90 19.66
N HIS D 658 6.00 44.60 19.93
CA HIS D 658 6.06 45.89 20.59
C HIS D 658 6.80 45.85 21.92
N GLU D 659 6.79 44.70 22.57
CA GLU D 659 7.38 44.59 23.88
C GLU D 659 8.87 44.85 23.86
N CYS D 660 9.52 44.47 22.78
CA CYS D 660 10.97 44.60 22.72
C CYS D 660 11.41 46.04 22.58
N CYS D 661 10.50 46.90 22.12
CA CYS D 661 10.86 48.28 21.86
C CYS D 661 11.10 49.02 23.15
N PHE D 662 10.57 48.50 24.23
CA PHE D 662 10.82 49.11 25.52
C PHE D 662 12.28 48.95 25.88
N ASP D 663 12.81 47.77 25.61
CA ASP D 663 14.17 47.45 25.97
C ASP D 663 15.14 48.05 24.97
N ILE D 664 14.72 48.12 23.71
CA ILE D 664 15.53 48.75 22.68
C ILE D 664 15.70 50.23 22.99
N SER D 665 14.61 50.85 23.45
CA SER D 665 14.66 52.25 23.84
C SER D 665 15.69 52.46 24.95
N LEU D 666 15.68 51.57 25.94
CA LEU D 666 16.62 51.66 27.04
C LEU D 666 18.05 51.56 26.54
N VAL D 667 18.27 50.71 25.54
CA VAL D 667 19.60 50.60 24.95
C VAL D 667 19.99 51.88 24.22
N LEU D 668 19.07 52.41 23.42
CA LEU D 668 19.36 53.62 22.66
C LEU D 668 19.68 54.80 23.56
N SER D 669 19.03 54.85 24.72
CA SER D 669 19.21 55.95 25.64
C SER D 669 20.51 55.90 26.45
N SER D 670 21.26 54.80 26.37
CA SER D 670 22.49 54.69 27.14
C SER D 670 23.69 54.27 26.29
N ASN D 671 23.43 53.51 25.24
CA ASN D 671 24.48 53.01 24.36
C ASN D 671 24.80 54.05 23.30
N GLN D 672 25.95 54.68 23.44
CA GLN D 672 26.33 55.79 22.58
C GLN D 672 27.16 55.34 21.39
N LYS D 673 27.30 54.03 21.22
CA LYS D 673 28.10 53.49 20.13
C LYS D 673 27.22 53.02 18.98
N LEU D 674 26.05 52.50 19.30
CA LEU D 674 25.17 51.95 18.28
C LEU D 674 24.80 53.02 17.25
N VAL D 675 25.03 52.71 15.96
CA VAL D 675 24.69 53.61 14.88
C VAL D 675 23.64 53.03 13.95
N GLU D 676 23.67 51.72 13.74
CA GLU D 676 22.70 51.10 12.85
C GLU D 676 21.86 50.07 13.56
N LEU D 677 20.55 50.24 13.46
CA LEU D 677 19.63 49.30 14.07
C LEU D 677 18.59 48.83 13.05
N ASP D 678 18.64 47.56 12.68
CA ASP D 678 17.70 47.04 11.71
C ASP D 678 16.58 46.25 12.38
N LEU D 679 15.39 46.82 12.42
CA LEU D 679 14.24 46.22 13.08
C LEU D 679 13.22 45.73 12.07
N SER D 680 13.64 45.55 10.83
CA SER D 680 12.71 45.19 9.78
C SER D 680 12.17 43.77 9.95
N ASP D 681 11.05 43.51 9.27
CA ASP D 681 10.41 42.21 9.25
C ASP D 681 10.07 41.67 10.64
N ASN D 682 9.54 42.53 11.48
CA ASN D 682 9.06 42.16 12.81
C ASN D 682 7.59 42.55 12.93
N ALA D 683 7.09 42.64 14.15
CA ALA D 683 5.70 43.03 14.37
C ALA D 683 5.65 44.24 15.27
N LEU D 684 6.62 45.13 15.11
CA LEU D 684 6.72 46.30 15.94
C LEU D 684 5.72 47.33 15.49
N GLY D 685 4.46 47.11 15.83
CA GLY D 685 3.40 47.95 15.32
C GLY D 685 3.50 49.36 15.89
N ASP D 686 2.48 50.16 15.62
CA ASP D 686 2.50 51.57 15.98
C ASP D 686 2.87 51.80 17.43
N PHE D 687 2.40 50.95 18.32
CA PHE D 687 2.75 51.12 19.71
C PHE D 687 4.23 50.86 19.92
N GLY D 688 4.77 49.85 19.25
CA GLY D 688 6.17 49.52 19.40
C GLY D 688 7.01 50.73 19.04
N ILE D 689 6.60 51.43 17.99
CA ILE D 689 7.30 52.62 17.55
C ILE D 689 7.16 53.73 18.58
N ARG D 690 5.97 53.89 19.12
CA ARG D 690 5.74 54.90 20.14
C ARG D 690 6.74 54.72 21.29
N LEU D 691 7.02 53.46 21.65
CA LEU D 691 8.00 53.18 22.69
C LEU D 691 9.42 53.39 22.18
N LEU D 692 9.68 52.94 20.96
CA LEU D 692 11.02 53.04 20.39
C LEU D 692 11.46 54.50 20.32
N CYS D 693 10.53 55.37 19.96
CA CYS D 693 10.81 56.79 19.77
C CYS D 693 11.24 57.45 21.06
N VAL D 694 10.99 56.81 22.19
CA VAL D 694 11.41 57.36 23.46
C VAL D 694 12.92 57.40 23.51
N GLY D 695 13.56 56.35 22.98
CA GLY D 695 15.01 56.28 22.96
C GLY D 695 15.57 57.13 21.82
N LEU D 696 14.88 57.12 20.69
CA LEU D 696 15.36 57.84 19.51
C LEU D 696 15.41 59.33 19.75
N LYS D 697 14.49 59.85 20.55
CA LYS D 697 14.45 61.27 20.86
C LYS D 697 15.36 61.63 22.03
N HIS D 698 16.00 60.64 22.63
CA HIS D 698 16.80 60.86 23.81
C HIS D 698 18.19 61.39 23.50
N LEU D 699 18.67 62.29 24.32
CA LEU D 699 20.03 62.78 24.16
C LEU D 699 20.99 61.61 24.36
N LEU D 700 22.13 61.68 23.71
CA LEU D 700 23.13 60.61 23.72
C LEU D 700 22.72 59.43 22.86
N CYS D 701 21.60 59.53 22.15
CA CYS D 701 21.25 58.51 21.19
C CYS D 701 21.87 58.88 19.85
N ASN D 702 22.85 58.11 19.42
CA ASN D 702 23.62 58.44 18.24
C ASN D 702 23.26 57.56 17.05
N LEU D 703 22.06 57.01 17.07
CA LEU D 703 21.64 56.14 15.99
C LEU D 703 21.59 56.92 14.68
N LYS D 704 22.16 56.35 13.62
CA LYS D 704 22.21 56.99 12.32
C LYS D 704 21.30 56.29 11.32
N LYS D 705 21.25 54.98 11.37
CA LYS D 705 20.44 54.21 10.44
C LYS D 705 19.38 53.41 11.17
N LEU D 706 18.14 53.60 10.77
CA LEU D 706 17.05 52.87 11.38
C LEU D 706 16.16 52.22 10.33
N TRP D 707 16.02 50.91 10.40
CA TRP D 707 15.18 50.21 9.44
C TRP D 707 13.89 49.73 10.08
N LEU D 708 12.78 50.27 9.63
CA LEU D 708 11.47 49.89 10.16
C LEU D 708 10.62 49.28 9.06
N VAL D 709 11.29 48.66 8.10
CA VAL D 709 10.64 48.06 6.96
C VAL D 709 9.82 46.84 7.35
N SER D 710 8.60 46.75 6.83
CA SER D 710 7.70 45.63 7.12
C SER D 710 7.49 45.43 8.61
N CYS D 711 7.14 46.50 9.32
CA CYS D 711 6.91 46.42 10.76
C CYS D 711 5.46 46.61 11.15
N CYS D 712 4.56 46.33 10.22
CA CYS D 712 3.14 46.44 10.52
C CYS D 712 2.78 47.82 11.05
N LEU D 713 3.30 48.86 10.40
CA LEU D 713 3.03 50.22 10.86
C LEU D 713 1.93 50.86 10.05
N THR D 714 1.26 51.82 10.67
CA THR D 714 0.27 52.64 9.97
C THR D 714 0.62 54.10 10.15
N SER D 715 -0.20 54.98 9.58
CA SER D 715 0.05 56.41 9.67
C SER D 715 0.04 56.90 11.10
N ALA D 716 -0.58 56.13 11.99
CA ALA D 716 -0.68 56.51 13.39
C ALA D 716 0.69 56.68 14.03
N CYS D 717 1.68 55.92 13.58
CA CYS D 717 3.01 55.98 14.16
C CYS D 717 3.83 57.15 13.65
N CYS D 718 3.37 57.77 12.57
CA CYS D 718 4.15 58.81 11.93
C CYS D 718 4.24 60.03 12.80
N GLN D 719 3.30 60.16 13.73
CA GLN D 719 3.30 61.29 14.63
C GLN D 719 4.53 61.25 15.53
N ASP D 720 4.98 60.04 15.86
CA ASP D 720 6.13 59.90 16.74
C ASP D 720 7.43 59.89 15.94
N LEU D 721 7.41 59.28 14.75
CA LEU D 721 8.60 59.26 13.91
C LEU D 721 8.93 60.65 13.44
N ALA D 722 7.90 61.45 13.18
CA ALA D 722 8.10 62.82 12.74
C ALA D 722 8.84 63.62 13.79
N SER D 723 8.55 63.34 15.06
CA SER D 723 9.20 64.04 16.16
C SER D 723 10.66 63.64 16.24
N VAL D 724 10.93 62.37 15.96
CA VAL D 724 12.30 61.89 15.96
C VAL D 724 13.10 62.59 14.88
N LEU D 725 12.53 62.71 13.69
CA LEU D 725 13.22 63.37 12.60
C LEU D 725 13.52 64.83 12.95
N SER D 726 12.57 65.49 13.60
CA SER D 726 12.72 66.88 13.97
C SER D 726 13.83 67.08 15.01
N THR D 727 13.84 66.26 16.05
CA THR D 727 14.75 66.46 17.17
C THR D 727 16.10 65.74 17.05
N SER D 728 16.13 64.56 16.42
CA SER D 728 17.34 63.77 16.41
C SER D 728 18.49 64.46 15.70
N HIS D 729 19.66 64.44 16.35
CA HIS D 729 20.86 65.04 15.81
C HIS D 729 21.64 64.07 14.94
N SER D 730 21.28 62.79 15.00
CA SER D 730 22.09 61.78 14.35
C SER D 730 21.34 60.93 13.32
N LEU D 731 20.02 60.88 13.38
CA LEU D 731 19.31 59.97 12.48
C LEU D 731 19.28 60.54 11.07
N THR D 732 19.90 59.84 10.13
CA THR D 732 19.95 60.30 8.75
C THR D 732 19.29 59.33 7.80
N ARG D 733 19.23 58.06 8.18
CA ARG D 733 18.70 57.02 7.32
C ARG D 733 17.43 56.40 7.89
N LEU D 734 16.28 56.77 7.35
CA LEU D 734 15.03 56.22 7.86
C LEU D 734 14.30 55.42 6.81
N TYR D 735 14.22 54.11 7.01
CA TYR D 735 13.55 53.25 6.04
C TYR D 735 12.24 52.72 6.61
N VAL D 736 11.12 53.17 6.07
CA VAL D 736 9.81 52.80 6.61
C VAL D 736 8.87 52.21 5.58
N GLY D 737 9.43 51.66 4.51
CA GLY D 737 8.60 51.09 3.45
C GLY D 737 8.01 49.76 3.87
N GLU D 738 7.20 49.19 2.99
CA GLU D 738 6.50 47.94 3.26
C GLU D 738 5.62 48.07 4.50
N ASN D 739 4.95 49.21 4.63
CA ASN D 739 4.06 49.50 5.73
C ASN D 739 2.83 50.21 5.22
N ALA D 740 1.91 50.55 6.11
CA ALA D 740 0.66 51.21 5.71
C ALA D 740 0.75 52.72 5.94
N LEU D 741 1.94 53.26 5.74
CA LEU D 741 2.16 54.69 5.90
C LEU D 741 1.68 55.40 4.66
N GLY D 742 0.36 55.47 4.50
CA GLY D 742 -0.22 56.00 3.28
C GLY D 742 -0.02 57.50 3.20
N ASP D 743 -0.79 58.18 2.36
CA ASP D 743 -0.58 59.59 2.15
C ASP D 743 -0.74 60.40 3.42
N SER D 744 -1.58 59.92 4.34
CA SER D 744 -1.79 60.60 5.61
C SER D 744 -0.61 60.41 6.54
N GLY D 745 0.22 59.39 6.27
CA GLY D 745 1.39 59.11 7.09
C GLY D 745 2.55 59.96 6.62
N VAL D 746 2.75 59.99 5.32
CA VAL D 746 3.82 60.77 4.73
C VAL D 746 3.65 62.24 5.00
N ALA D 747 2.41 62.74 4.90
CA ALA D 747 2.16 64.14 5.19
C ALA D 747 2.63 64.50 6.58
N ILE D 748 2.49 63.58 7.53
CA ILE D 748 2.92 63.84 8.90
C ILE D 748 4.43 63.89 8.97
N LEU D 749 5.10 62.91 8.35
CA LEU D 749 6.55 62.90 8.38
C LEU D 749 7.12 64.13 7.68
N CYS D 750 6.49 64.51 6.57
CA CYS D 750 6.93 65.64 5.77
C CYS D 750 6.84 66.93 6.55
N GLU D 751 5.84 67.05 7.41
CA GLU D 751 5.66 68.24 8.20
C GLU D 751 6.92 68.57 8.99
N LYS D 752 7.67 67.53 9.39
CA LYS D 752 8.89 67.75 10.15
C LYS D 752 10.13 67.54 9.29
N ALA D 753 10.04 66.65 8.30
CA ALA D 753 11.17 66.36 7.44
C ALA D 753 11.50 67.56 6.56
N LYS D 754 10.51 68.42 6.32
CA LYS D 754 10.70 69.61 5.53
C LYS D 754 11.52 70.65 6.28
N ASN D 755 11.68 70.47 7.58
CA ASN D 755 12.43 71.43 8.36
C ASN D 755 13.89 71.42 7.90
N PRO D 756 14.45 72.56 7.52
CA PRO D 756 15.78 72.71 6.95
C PRO D 756 16.87 72.28 7.91
N GLN D 757 16.53 72.13 9.19
CA GLN D 757 17.50 71.71 10.19
C GLN D 757 17.43 70.21 10.46
N CYS D 758 16.55 69.53 9.75
CA CYS D 758 16.39 68.08 9.91
C CYS D 758 17.61 67.38 9.29
N ASN D 759 18.06 66.31 9.94
CA ASN D 759 19.27 65.62 9.49
C ASN D 759 18.98 64.45 8.57
N LEU D 760 17.73 64.30 8.16
CA LEU D 760 17.36 63.19 7.30
C LEU D 760 18.06 63.27 5.95
N GLN D 761 18.71 62.17 5.56
CA GLN D 761 19.44 62.09 4.29
C GLN D 761 18.82 61.08 3.34
N LYS D 762 18.37 59.96 3.88
CA LYS D 762 17.76 58.93 3.05
C LYS D 762 16.37 58.59 3.57
N LEU D 763 15.37 58.70 2.72
CA LEU D 763 14.01 58.42 3.13
C LEU D 763 13.40 57.25 2.35
N GLY D 764 13.27 56.11 3.02
CA GLY D 764 12.84 54.86 2.39
C GLY D 764 11.34 54.65 2.37
N LEU D 765 10.60 55.59 1.81
CA LEU D 765 9.15 55.44 1.71
C LEU D 765 8.79 54.60 0.51
N VAL D 766 9.13 53.33 0.58
CA VAL D 766 9.05 52.46 -0.59
C VAL D 766 7.63 51.94 -0.76
N ASN D 767 7.35 50.73 -0.33
CA ASN D 767 6.02 50.18 -0.56
C ASN D 767 5.06 50.64 0.52
N SER D 768 4.80 51.94 0.54
CA SER D 768 3.95 52.54 1.55
C SER D 768 2.52 52.77 1.07
N GLY D 769 2.26 52.41 -0.19
CA GLY D 769 0.93 52.59 -0.76
C GLY D 769 0.60 54.06 -0.97
N LEU D 770 1.60 54.83 -1.36
CA LEU D 770 1.41 56.27 -1.55
C LEU D 770 0.76 56.59 -2.86
N THR D 771 0.04 57.69 -2.88
CA THR D 771 -0.60 58.19 -4.09
C THR D 771 -0.11 59.60 -4.35
N SER D 772 -0.57 60.20 -5.43
CA SER D 772 -0.17 61.56 -5.78
C SER D 772 -0.56 62.55 -4.70
N VAL D 773 -1.45 62.15 -3.82
CA VAL D 773 -1.94 63.01 -2.76
C VAL D 773 -0.82 63.52 -1.86
N CYS D 774 0.18 62.69 -1.59
CA CYS D 774 1.26 63.09 -0.70
C CYS D 774 2.47 63.60 -1.44
N CYS D 775 2.42 63.66 -2.76
CA CYS D 775 3.59 64.09 -3.49
C CYS D 775 3.84 65.57 -3.33
N SER D 776 2.79 66.32 -3.01
CA SER D 776 2.97 67.73 -2.74
C SER D 776 3.68 67.91 -1.41
N ALA D 777 3.52 66.93 -0.51
CA ALA D 777 4.20 66.96 0.77
C ALA D 777 5.66 66.60 0.58
N LEU D 778 5.91 65.61 -0.27
CA LEU D 778 7.27 65.20 -0.58
C LEU D 778 7.98 66.32 -1.32
N SER D 779 7.25 67.03 -2.17
CA SER D 779 7.79 68.16 -2.90
C SER D 779 8.27 69.23 -1.94
N SER D 780 7.45 69.53 -0.94
CA SER D 780 7.82 70.53 0.06
C SER D 780 9.11 70.14 0.75
N VAL D 781 9.24 68.86 1.10
CA VAL D 781 10.45 68.40 1.76
C VAL D 781 11.66 68.56 0.85
N LEU D 782 11.53 68.16 -0.40
CA LEU D 782 12.63 68.26 -1.35
C LEU D 782 13.08 69.69 -1.57
N SER D 783 12.13 70.62 -1.60
CA SER D 783 12.42 72.03 -1.80
C SER D 783 13.16 72.67 -0.62
N THR D 784 12.83 72.25 0.60
CA THR D 784 13.37 72.90 1.78
C THR D 784 14.50 72.15 2.47
N ASN D 785 14.39 70.83 2.55
CA ASN D 785 15.39 70.05 3.27
C ASN D 785 16.57 69.75 2.37
N GLN D 786 17.66 70.50 2.56
CA GLN D 786 18.82 70.41 1.70
C GLN D 786 19.71 69.24 2.08
N ASN D 787 19.33 68.52 3.12
CA ASN D 787 20.11 67.40 3.57
C ASN D 787 19.59 66.08 2.99
N LEU D 788 18.47 66.13 2.27
CA LEU D 788 17.88 64.91 1.75
C LEU D 788 18.49 64.57 0.41
N THR D 789 19.19 63.45 0.34
CA THR D 789 19.92 63.10 -0.86
C THR D 789 19.36 61.87 -1.56
N HIS D 790 18.64 61.02 -0.84
CA HIS D 790 18.09 59.82 -1.44
C HIS D 790 16.63 59.61 -1.06
N LEU D 791 15.77 59.42 -2.06
CA LEU D 791 14.35 59.21 -1.83
C LEU D 791 13.88 58.00 -2.62
N TYR D 792 13.33 57.01 -1.92
CA TYR D 792 12.94 55.76 -2.57
C TYR D 792 11.43 55.56 -2.55
N LEU D 793 10.78 55.70 -3.70
CA LEU D 793 9.32 55.65 -3.75
C LEU D 793 8.74 54.45 -4.50
N ARG D 794 9.54 53.44 -4.78
CA ARG D 794 9.03 52.33 -5.57
C ARG D 794 8.00 51.50 -4.81
N GLY D 795 7.01 50.98 -5.53
CA GLY D 795 5.98 50.15 -4.92
C GLY D 795 4.72 50.97 -4.68
N ASN D 796 4.85 52.29 -4.81
CA ASN D 796 3.74 53.20 -4.64
C ASN D 796 2.94 53.28 -5.93
N THR D 797 1.88 54.06 -5.93
CA THR D 797 1.09 54.26 -7.14
C THR D 797 0.87 55.74 -7.35
N LEU D 798 1.92 56.41 -7.82
CA LEU D 798 1.94 57.86 -7.87
C LEU D 798 1.40 58.36 -9.19
N GLY D 799 1.68 57.63 -10.25
CA GLY D 799 1.21 58.00 -11.58
C GLY D 799 1.88 59.26 -12.07
N ASP D 800 1.31 59.84 -13.11
CA ASP D 800 1.87 61.06 -13.68
C ASP D 800 1.59 62.25 -12.81
N LYS D 801 0.47 62.22 -12.09
CA LYS D 801 0.13 63.33 -11.22
C LYS D 801 1.17 63.46 -10.12
N GLY D 802 1.59 62.33 -9.57
CA GLY D 802 2.60 62.34 -8.53
C GLY D 802 3.92 62.88 -9.05
N ILE D 803 4.30 62.47 -10.26
CA ILE D 803 5.55 62.94 -10.83
C ILE D 803 5.52 64.44 -11.02
N LYS D 804 4.40 64.96 -11.52
CA LYS D 804 4.31 66.40 -11.72
C LYS D 804 4.51 67.15 -10.42
N LEU D 805 3.87 66.67 -9.36
CA LEU D 805 3.99 67.30 -8.06
C LEU D 805 5.40 67.19 -7.50
N LEU D 806 6.03 66.03 -7.67
CA LEU D 806 7.41 65.88 -7.19
C LEU D 806 8.34 66.81 -7.94
N CYS D 807 8.11 66.95 -9.24
CA CYS D 807 8.97 67.80 -10.07
C CYS D 807 8.93 69.24 -9.60
N GLU D 808 7.80 69.69 -9.07
CA GLU D 808 7.75 71.06 -8.56
C GLU D 808 8.82 71.27 -7.49
N GLY D 809 9.10 70.23 -6.71
CA GLY D 809 10.12 70.30 -5.68
C GLY D 809 11.51 69.97 -6.23
N LEU D 810 11.58 68.94 -7.06
CA LEU D 810 12.86 68.48 -7.59
C LEU D 810 13.53 69.54 -8.45
N LEU D 811 12.71 70.35 -9.12
CA LEU D 811 13.20 71.40 -10.00
C LEU D 811 13.55 72.66 -9.22
N HIS D 812 13.32 72.66 -7.92
CA HIS D 812 13.62 73.80 -7.08
C HIS D 812 15.13 73.98 -6.98
N PRO D 813 15.65 75.21 -7.07
CA PRO D 813 17.06 75.55 -7.05
C PRO D 813 17.79 75.10 -5.77
N ASP D 814 17.05 74.91 -4.68
CA ASP D 814 17.68 74.48 -3.44
C ASP D 814 17.49 72.99 -3.17
N CYS D 815 16.97 72.26 -4.13
CA CYS D 815 16.80 70.82 -3.95
C CYS D 815 18.14 70.14 -4.15
N LYS D 816 18.52 69.28 -3.20
CA LYS D 816 19.81 68.60 -3.28
C LYS D 816 19.68 67.10 -3.49
N LEU D 817 18.48 66.64 -3.85
CA LEU D 817 18.27 65.20 -4.02
C LEU D 817 19.20 64.67 -5.10
N GLN D 818 19.89 63.58 -4.78
CA GLN D 818 20.81 62.96 -5.73
C GLN D 818 20.19 61.72 -6.36
N VAL D 819 19.56 60.90 -5.52
CA VAL D 819 19.00 59.65 -6.03
C VAL D 819 17.50 59.58 -5.83
N LEU D 820 16.79 59.44 -6.92
CA LEU D 820 15.35 59.28 -6.86
C LEU D 820 14.96 57.94 -7.46
N GLU D 821 14.37 57.08 -6.66
CA GLU D 821 13.97 55.77 -7.16
C GLU D 821 12.49 55.72 -7.45
N LEU D 822 12.15 55.42 -8.70
CA LEU D 822 10.76 55.37 -9.15
C LEU D 822 10.53 54.14 -10.00
N ASP D 823 10.52 52.98 -9.38
CA ASP D 823 10.37 51.75 -10.12
C ASP D 823 8.90 51.47 -10.34
N ASN D 824 8.33 50.51 -9.64
CA ASN D 824 6.92 50.27 -9.81
C ASN D 824 6.13 51.34 -9.09
N CYS D 825 5.97 52.49 -9.74
CA CYS D 825 5.24 53.62 -9.20
C CYS D 825 3.97 53.86 -10.01
N ASN D 826 3.59 52.87 -10.81
CA ASN D 826 2.42 52.94 -11.67
C ASN D 826 2.50 54.13 -12.61
N LEU D 827 3.66 54.34 -13.23
CA LEU D 827 3.84 55.45 -14.14
C LEU D 827 3.46 55.09 -15.57
N THR D 828 3.06 56.11 -16.32
CA THR D 828 2.72 55.98 -17.73
C THR D 828 3.54 56.97 -18.54
N SER D 829 3.47 56.86 -19.86
CA SER D 829 4.24 57.72 -20.75
C SER D 829 3.88 59.19 -20.62
N HIS D 830 2.75 59.48 -20.00
CA HIS D 830 2.28 60.85 -19.84
C HIS D 830 3.16 61.64 -18.87
N CYS D 831 4.00 60.95 -18.11
CA CYS D 831 4.86 61.64 -17.15
C CYS D 831 6.24 61.94 -17.73
N CYS D 832 6.48 61.50 -18.97
CA CYS D 832 7.80 61.67 -19.57
C CYS D 832 8.17 63.12 -19.81
N TRP D 833 7.19 63.96 -20.09
CA TRP D 833 7.48 65.35 -20.33
C TRP D 833 8.11 65.98 -19.10
N ASP D 834 7.60 65.62 -17.93
CA ASP D 834 8.06 66.20 -16.69
C ASP D 834 9.37 65.55 -16.25
N LEU D 835 9.51 64.24 -16.49
CA LEU D 835 10.77 63.59 -16.17
C LEU D 835 11.86 64.11 -17.09
N SER D 836 11.50 64.36 -18.35
CA SER D 836 12.45 64.89 -19.31
C SER D 836 12.96 66.24 -18.86
N THR D 837 12.05 67.08 -18.38
CA THR D 837 12.43 68.38 -17.84
C THR D 837 13.35 68.19 -16.65
N LEU D 838 13.00 67.27 -15.76
CA LEU D 838 13.79 66.98 -14.57
C LEU D 838 15.23 66.65 -14.90
N LEU D 839 15.42 65.84 -15.94
CA LEU D 839 16.74 65.36 -16.31
C LEU D 839 17.72 66.47 -16.68
N THR D 840 17.25 67.55 -17.28
CA THR D 840 18.18 68.61 -17.66
C THR D 840 18.07 69.86 -16.80
N SER D 841 16.94 70.03 -16.11
CA SER D 841 16.75 71.21 -15.28
C SER D 841 17.37 71.07 -13.90
N SER D 842 17.30 69.87 -13.30
CA SER D 842 17.87 69.68 -11.98
C SER D 842 19.37 69.60 -12.06
N GLN D 843 20.05 70.31 -11.17
CA GLN D 843 21.50 70.30 -11.14
C GLN D 843 22.03 69.35 -10.08
N SER D 844 21.11 68.82 -9.28
CA SER D 844 21.50 67.99 -8.15
C SER D 844 21.29 66.52 -8.39
N LEU D 845 20.34 66.18 -9.25
CA LEU D 845 19.99 64.79 -9.48
C LEU D 845 21.17 64.07 -10.13
N ARG D 846 21.46 62.87 -9.66
CA ARG D 846 22.53 62.08 -10.23
C ARG D 846 22.01 60.75 -10.75
N LYS D 847 21.02 60.20 -10.07
CA LYS D 847 20.46 58.89 -10.42
C LYS D 847 18.95 58.95 -10.44
N LEU D 848 18.35 58.35 -11.45
CA LEU D 848 16.91 58.32 -11.55
C LEU D 848 16.47 56.93 -11.92
N SER D 849 16.10 56.13 -10.94
CA SER D 849 15.85 54.72 -11.20
C SER D 849 14.43 54.48 -11.66
N LEU D 850 14.13 54.89 -12.89
CA LEU D 850 12.83 54.57 -13.46
C LEU D 850 12.84 53.07 -13.65
N GLY D 851 11.74 52.40 -13.36
CA GLY D 851 11.78 50.95 -13.43
C GLY D 851 10.54 50.32 -14.02
N ASN D 852 10.01 49.35 -13.29
CA ASN D 852 8.92 48.53 -13.79
C ASN D 852 7.60 49.29 -13.91
N ASN D 853 7.48 50.05 -14.99
CA ASN D 853 6.28 50.81 -15.27
C ASN D 853 6.09 50.94 -16.79
N ASP D 854 4.97 51.53 -17.21
CA ASP D 854 4.68 51.64 -18.65
C ASP D 854 5.08 53.00 -19.20
N LEU D 855 6.38 53.25 -19.27
CA LEU D 855 6.85 54.56 -19.68
C LEU D 855 6.80 54.74 -21.19
N GLY D 856 6.78 53.65 -21.93
CA GLY D 856 6.64 53.69 -23.38
C GLY D 856 7.97 53.89 -24.11
N ASP D 857 7.94 53.66 -25.42
CA ASP D 857 9.08 53.84 -26.29
C ASP D 857 9.28 55.30 -26.63
N LEU D 858 8.20 55.94 -27.06
CA LEU D 858 8.24 57.33 -27.44
C LEU D 858 8.60 58.18 -26.24
N GLY D 859 8.13 57.74 -25.07
CA GLY D 859 8.42 58.41 -23.82
C GLY D 859 9.92 58.44 -23.56
N VAL D 860 10.55 57.26 -23.56
CA VAL D 860 11.97 57.16 -23.30
C VAL D 860 12.82 57.92 -24.32
N MET D 861 12.40 57.93 -25.57
CA MET D 861 13.17 58.64 -26.58
C MET D 861 13.33 60.11 -26.20
N MET D 862 12.42 60.65 -25.41
CA MET D 862 12.51 62.04 -24.99
C MET D 862 13.71 62.22 -24.09
N PHE D 863 14.05 61.19 -23.33
CA PHE D 863 15.17 61.25 -22.41
C PHE D 863 16.45 61.28 -23.20
N CYS D 864 16.52 60.43 -24.22
CA CYS D 864 17.73 60.37 -25.03
C CYS D 864 18.07 61.75 -25.57
N GLU D 865 17.07 62.43 -26.12
CA GLU D 865 17.29 63.72 -26.74
C GLU D 865 17.77 64.78 -25.74
N VAL D 866 17.20 64.77 -24.54
CA VAL D 866 17.57 65.78 -23.55
C VAL D 866 18.82 65.43 -22.77
N LEU D 867 19.05 64.15 -22.50
CA LEU D 867 20.23 63.75 -21.73
C LEU D 867 21.51 64.17 -22.43
N LYS D 868 21.50 64.09 -23.76
CA LYS D 868 22.64 64.51 -24.56
C LYS D 868 22.97 65.99 -24.35
N GLN D 869 22.00 66.77 -23.90
CA GLN D 869 22.21 68.20 -23.70
C GLN D 869 22.80 68.49 -22.33
N GLN D 870 23.99 67.97 -22.09
CA GLN D 870 24.74 68.18 -20.86
C GLN D 870 23.96 67.87 -19.58
N SER D 871 23.22 66.77 -19.55
CA SER D 871 22.55 66.39 -18.32
C SER D 871 23.57 65.93 -17.30
N CYS D 872 23.36 66.29 -16.05
CA CYS D 872 24.27 65.85 -14.98
C CYS D 872 23.98 64.45 -14.48
N LEU D 873 22.89 63.84 -14.95
CA LEU D 873 22.56 62.51 -14.50
C LEU D 873 23.75 61.59 -14.81
N LEU D 874 24.70 61.47 -13.90
CA LEU D 874 25.89 60.64 -14.12
C LEU D 874 25.64 59.20 -13.82
N GLN D 875 24.58 58.93 -13.09
CA GLN D 875 24.29 57.60 -12.61
C GLN D 875 23.19 56.96 -13.43
N ASN D 876 22.80 55.78 -13.02
CA ASN D 876 21.86 54.97 -13.76
C ASN D 876 20.60 55.72 -14.15
N LEU D 877 20.15 55.48 -15.38
CA LEU D 877 18.89 56.03 -15.87
C LEU D 877 17.74 55.08 -15.55
N GLY D 878 18.07 53.81 -15.38
CA GLY D 878 17.05 52.82 -15.06
C GLY D 878 16.41 52.25 -16.32
N LEU D 879 15.09 52.21 -16.32
CA LEU D 879 14.32 51.60 -17.39
C LEU D 879 14.50 50.09 -17.37
N SER D 880 14.80 49.54 -16.19
CA SER D 880 14.90 48.11 -16.02
C SER D 880 13.51 47.51 -16.03
N GLU D 881 13.41 46.23 -16.36
CA GLU D 881 12.11 45.54 -16.40
C GLU D 881 11.14 46.19 -17.36
N MET D 882 11.62 47.17 -18.12
CA MET D 882 10.81 47.91 -19.06
C MET D 882 11.24 47.53 -20.46
N TYR D 883 10.32 47.02 -21.25
CA TYR D 883 10.69 46.52 -22.57
C TYR D 883 10.35 47.52 -23.66
N PHE D 884 11.25 47.62 -24.64
CA PHE D 884 11.10 48.58 -25.72
C PHE D 884 11.27 47.92 -27.07
N ASN D 885 11.11 48.71 -28.12
CA ASN D 885 11.36 48.26 -29.48
C ASN D 885 12.84 48.41 -29.82
N TYR D 886 13.19 48.02 -31.04
CA TYR D 886 14.58 48.10 -31.49
C TYR D 886 15.11 49.53 -31.49
N GLU D 887 14.34 50.45 -32.06
CA GLU D 887 14.82 51.81 -32.23
C GLU D 887 15.16 52.46 -30.90
N THR D 888 14.34 52.21 -29.89
CA THR D 888 14.57 52.78 -28.57
C THR D 888 15.83 52.19 -27.96
N LYS D 889 15.98 50.86 -28.07
CA LYS D 889 17.17 50.21 -27.53
C LYS D 889 18.41 50.72 -28.24
N SER D 890 18.31 50.90 -29.55
CA SER D 890 19.43 51.39 -30.34
C SER D 890 19.83 52.78 -29.89
N ALA D 891 18.84 53.64 -29.69
CA ALA D 891 19.09 54.99 -29.24
C ALA D 891 19.75 55.01 -27.88
N LEU D 892 19.29 54.14 -26.97
CA LEU D 892 19.86 54.08 -25.63
C LEU D 892 21.28 53.57 -25.67
N GLU D 893 21.56 52.57 -26.51
CA GLU D 893 22.91 52.07 -26.64
C GLU D 893 23.82 53.14 -27.23
N THR D 894 23.29 53.88 -28.19
CA THR D 894 24.03 54.96 -28.81
C THR D 894 24.32 56.03 -27.78
N LEU D 895 23.33 56.35 -26.97
CA LEU D 895 23.46 57.35 -25.93
C LEU D 895 24.61 57.01 -24.98
N GLN D 896 24.68 55.74 -24.58
CA GLN D 896 25.74 55.30 -23.68
C GLN D 896 27.12 55.44 -24.32
N GLU D 897 27.20 55.22 -25.64
CA GLU D 897 28.47 55.36 -26.35
C GLU D 897 28.87 56.84 -26.51
N GLU D 898 27.89 57.68 -26.83
CA GLU D 898 28.14 59.10 -27.06
C GLU D 898 28.33 59.87 -25.76
N LYS D 899 27.69 59.41 -24.69
CA LYS D 899 27.75 60.06 -23.40
C LYS D 899 28.25 59.09 -22.33
N PRO D 900 29.54 58.73 -22.34
CA PRO D 900 30.17 57.67 -21.58
C PRO D 900 30.12 57.91 -20.08
N GLU D 901 29.89 59.16 -19.67
CA GLU D 901 29.79 59.48 -18.26
C GLU D 901 28.46 59.02 -17.69
N LEU D 902 27.53 58.66 -18.57
CA LEU D 902 26.23 58.18 -18.15
C LEU D 902 26.36 56.72 -17.78
N THR D 903 26.66 56.47 -16.52
CA THR D 903 27.02 55.15 -16.05
C THR D 903 26.38 54.06 -16.87
N VAL D 904 25.06 53.99 -16.85
CA VAL D 904 24.37 52.97 -17.60
C VAL D 904 22.89 53.29 -17.67
N VAL D 905 22.24 52.88 -18.72
CA VAL D 905 20.80 52.96 -18.69
C VAL D 905 20.29 51.73 -17.95
N PHE D 906 20.64 50.57 -18.49
CA PHE D 906 20.35 49.25 -17.93
C PHE D 906 18.97 48.75 -18.32
N GLU D 907 18.85 48.35 -19.59
CA GLU D 907 17.64 47.73 -20.13
C GLU D 907 17.60 46.26 -19.70
N PRO D 908 16.42 45.63 -19.64
CA PRO D 908 16.23 44.21 -19.33
C PRO D 908 16.74 43.23 -20.39
N SER D 909 16.94 43.70 -21.64
CA SER D 909 17.36 42.84 -22.76
C SER D 909 17.75 43.71 -23.96
N LYS E 7 -80.90 -17.56 12.98
CA LYS E 7 -81.00 -18.55 11.90
C LYS E 7 -79.82 -18.37 10.94
N LYS E 8 -79.67 -19.32 10.00
CA LYS E 8 -78.61 -19.33 9.00
C LYS E 8 -79.18 -19.29 7.60
N ASP E 9 -78.39 -18.80 6.65
CA ASP E 9 -78.77 -18.76 5.25
C ASP E 9 -78.71 -20.16 4.65
N TYR E 10 -79.44 -20.36 3.56
CA TYR E 10 -79.47 -21.65 2.87
C TYR E 10 -78.64 -21.63 1.59
N ARG E 11 -78.41 -20.45 1.03
CA ARG E 11 -77.70 -20.37 -0.24
C ARG E 11 -76.36 -21.09 -0.16
N LYS E 12 -75.67 -20.93 0.98
CA LYS E 12 -74.38 -21.57 1.20
C LYS E 12 -74.51 -23.08 1.33
N LYS E 13 -75.59 -23.53 1.95
CA LYS E 13 -75.84 -24.95 2.18
C LYS E 13 -76.13 -25.64 0.86
N TYR E 14 -76.91 -24.98 0.01
CA TYR E 14 -77.22 -25.53 -1.30
C TYR E 14 -75.95 -25.63 -2.15
N ARG E 15 -75.13 -24.57 -2.14
CA ARG E 15 -73.89 -24.60 -2.90
C ARG E 15 -72.99 -25.75 -2.45
N LYS E 16 -72.92 -25.98 -1.14
CA LYS E 16 -72.12 -27.09 -0.61
C LYS E 16 -72.62 -28.42 -1.15
N TYR E 17 -73.95 -28.58 -1.14
CA TYR E 17 -74.59 -29.78 -1.68
C TYR E 17 -74.23 -29.99 -3.15
N VAL E 18 -74.33 -28.92 -3.93
CA VAL E 18 -74.01 -28.98 -5.35
C VAL E 18 -72.54 -29.33 -5.55
N ARG E 19 -71.65 -28.70 -4.78
CA ARG E 19 -70.23 -29.01 -4.93
C ARG E 19 -69.98 -30.49 -4.70
N SER E 20 -70.59 -31.05 -3.66
CA SER E 20 -70.40 -32.45 -3.31
C SER E 20 -70.96 -33.41 -4.38
N ARG E 21 -72.18 -33.14 -4.85
CA ARG E 21 -72.83 -34.05 -5.79
C ARG E 21 -72.38 -33.89 -7.23
N PHE E 22 -71.98 -32.68 -7.60
CA PHE E 22 -71.58 -32.44 -8.99
C PHE E 22 -70.06 -32.47 -9.13
N GLN E 23 -69.38 -32.95 -8.08
CA GLN E 23 -67.92 -33.07 -8.09
C GLN E 23 -67.46 -34.10 -9.11
N CYS E 24 -68.26 -35.15 -9.29
CA CYS E 24 -67.93 -36.22 -10.22
C CYS E 24 -68.72 -36.09 -11.52
N ILE E 25 -68.19 -36.64 -12.60
CA ILE E 25 -68.83 -36.53 -13.91
C ILE E 25 -70.20 -37.22 -13.97
N GLU E 26 -70.29 -38.43 -13.45
CA GLU E 26 -71.53 -39.19 -13.49
C GLU E 26 -72.23 -39.30 -12.14
N ASP E 27 -71.45 -39.24 -11.06
CA ASP E 27 -71.99 -39.46 -9.71
C ASP E 27 -72.68 -40.83 -9.61
N ARG E 28 -72.03 -41.85 -10.16
CA ARG E 28 -72.55 -43.21 -10.15
C ARG E 28 -71.46 -44.20 -9.74
N ASN E 29 -71.88 -45.41 -9.38
CA ASN E 29 -70.93 -46.45 -8.98
C ASN E 29 -70.36 -47.22 -10.17
N ALA E 30 -69.53 -48.22 -9.86
CA ALA E 30 -68.86 -49.09 -10.84
C ALA E 30 -67.87 -48.34 -11.72
N ARG E 31 -67.48 -47.15 -11.31
CA ARG E 31 -66.51 -46.36 -12.07
C ARG E 31 -65.08 -46.74 -11.74
N LEU E 32 -64.66 -47.90 -12.24
CA LEU E 32 -63.30 -48.40 -12.03
C LEU E 32 -62.93 -48.45 -10.55
N GLY E 33 -63.73 -49.14 -9.75
CA GLY E 33 -63.48 -49.23 -8.32
C GLY E 33 -64.03 -48.02 -7.58
N GLU E 34 -64.98 -47.34 -8.21
CA GLU E 34 -65.61 -46.14 -7.66
C GLU E 34 -64.58 -45.07 -7.31
N SER E 35 -63.69 -44.80 -8.26
CA SER E 35 -62.66 -43.79 -8.08
C SER E 35 -63.23 -42.40 -8.36
N VAL E 36 -62.46 -41.36 -8.03
CA VAL E 36 -62.89 -40.00 -8.30
C VAL E 36 -62.69 -39.71 -9.79
N SER E 37 -63.73 -39.18 -10.45
CA SER E 37 -63.68 -38.96 -11.89
C SER E 37 -62.75 -37.80 -12.26
N LEU E 38 -62.50 -36.93 -11.29
CA LEU E 38 -61.56 -35.82 -11.45
C LEU E 38 -61.94 -34.89 -12.59
N ASN E 39 -62.85 -33.95 -12.32
CA ASN E 39 -63.32 -33.01 -13.34
C ASN E 39 -62.23 -32.08 -13.86
N LYS E 40 -61.05 -32.13 -13.25
CA LYS E 40 -59.93 -31.35 -13.73
C LYS E 40 -59.52 -31.80 -15.13
N ARG E 41 -59.94 -33.02 -15.51
CA ARG E 41 -59.66 -33.55 -16.84
C ARG E 41 -60.55 -32.92 -17.90
N TYR E 42 -61.61 -32.24 -17.45
CA TYR E 42 -62.59 -31.66 -18.37
C TYR E 42 -61.97 -30.58 -19.23
N THR E 43 -62.24 -30.66 -20.53
CA THR E 43 -61.77 -29.66 -21.46
C THR E 43 -62.88 -28.66 -21.75
N ARG E 44 -62.59 -27.38 -21.55
CA ARG E 44 -63.61 -26.36 -21.71
C ARG E 44 -64.20 -26.36 -23.11
N LEU E 45 -65.51 -26.39 -23.18
CA LEU E 45 -66.23 -26.36 -24.45
C LEU E 45 -66.24 -24.95 -25.02
N ARG E 46 -65.88 -24.83 -26.29
CA ARG E 46 -65.89 -23.54 -26.95
C ARG E 46 -67.21 -23.32 -27.69
N LEU E 47 -67.73 -22.09 -27.62
CA LEU E 47 -69.03 -21.77 -28.19
C LEU E 47 -68.99 -20.52 -29.08
N ILE E 48 -69.89 -20.48 -30.06
CA ILE E 48 -70.11 -19.31 -30.92
C ILE E 48 -71.57 -18.86 -30.83
N LYS E 49 -71.81 -17.55 -30.70
CA LYS E 49 -73.18 -17.05 -30.65
C LYS E 49 -73.84 -17.22 -32.02
N GLU E 50 -75.10 -17.69 -32.05
CA GLU E 50 -75.86 -17.88 -33.27
C GLU E 50 -76.38 -16.54 -33.80
N SER E 75 -68.68 -15.22 -33.98
CA SER E 75 -68.82 -14.50 -32.73
C SER E 75 -68.60 -15.43 -31.51
N PRO E 76 -67.33 -15.81 -31.20
CA PRO E 76 -66.93 -16.65 -30.07
C PRO E 76 -67.39 -16.06 -28.75
N ILE E 77 -67.83 -16.91 -27.83
CA ILE E 77 -68.29 -16.46 -26.52
C ILE E 77 -67.63 -17.25 -25.40
N LYS E 78 -67.70 -16.71 -24.19
CA LYS E 78 -67.21 -17.38 -22.99
C LYS E 78 -68.41 -17.87 -22.18
N MET E 79 -68.14 -18.72 -21.19
CA MET E 79 -69.22 -19.22 -20.34
C MET E 79 -69.80 -18.09 -19.50
N GLU E 80 -68.99 -17.08 -19.20
CA GLU E 80 -69.47 -15.90 -18.51
C GLU E 80 -70.12 -14.94 -19.48
N LEU E 81 -70.97 -14.06 -18.97
CA LEU E 81 -71.67 -13.07 -19.78
C LEU E 81 -72.67 -13.74 -20.70
N LEU E 82 -73.02 -14.98 -20.36
CA LEU E 82 -73.93 -15.79 -21.15
C LEU E 82 -75.37 -15.27 -21.08
N PHE E 83 -75.76 -14.74 -19.93
CA PHE E 83 -77.12 -14.24 -19.75
C PHE E 83 -77.16 -12.71 -19.74
N ASP E 84 -76.00 -12.10 -19.88
CA ASP E 84 -75.90 -10.64 -19.86
C ASP E 84 -76.47 -10.02 -21.13
N PRO E 85 -76.91 -8.75 -21.06
CA PRO E 85 -77.19 -7.88 -22.19
C PRO E 85 -75.93 -7.70 -23.02
N ASP E 86 -76.09 -7.49 -24.31
CA ASP E 86 -74.94 -7.30 -25.18
C ASP E 86 -74.65 -5.82 -25.45
N ASP E 87 -74.17 -5.51 -26.64
CA ASP E 87 -73.67 -4.18 -26.98
C ASP E 87 -74.74 -3.08 -26.89
N GLU E 88 -76.02 -3.45 -27.06
CA GLU E 88 -77.05 -2.41 -27.06
C GLU E 88 -78.35 -2.92 -26.44
N HIS E 89 -79.34 -2.03 -26.32
CA HIS E 89 -80.68 -2.32 -25.81
C HIS E 89 -80.72 -2.58 -24.30
N SER E 90 -79.62 -3.06 -23.73
CA SER E 90 -79.54 -3.38 -22.31
C SER E 90 -80.65 -4.34 -21.89
N GLU E 91 -80.87 -5.37 -22.72
CA GLU E 91 -81.88 -6.39 -22.45
C GLU E 91 -81.24 -7.73 -22.03
N PRO E 92 -81.41 -8.15 -20.78
CA PRO E 92 -80.95 -9.41 -20.21
C PRO E 92 -81.55 -10.60 -20.94
N VAL E 93 -80.83 -11.70 -20.95
CA VAL E 93 -81.29 -12.93 -21.57
C VAL E 93 -81.80 -13.91 -20.54
N HIS E 94 -83.07 -14.30 -20.65
CA HIS E 94 -83.65 -15.22 -19.71
C HIS E 94 -83.31 -16.67 -20.04
N THR E 95 -83.36 -17.01 -21.33
CA THR E 95 -83.13 -18.39 -21.73
C THR E 95 -82.03 -18.50 -22.77
N VAL E 96 -81.15 -19.47 -22.53
CA VAL E 96 -80.03 -19.78 -23.43
C VAL E 96 -80.08 -21.25 -23.86
N VAL E 97 -80.00 -21.50 -25.16
CA VAL E 97 -80.08 -22.86 -25.68
C VAL E 97 -78.77 -23.29 -26.36
N PHE E 98 -78.27 -24.46 -25.97
CA PHE E 98 -77.02 -25.02 -26.47
C PHE E 98 -77.22 -26.07 -27.56
N GLN E 99 -76.70 -25.78 -28.75
CA GLN E 99 -76.80 -26.66 -29.90
C GLN E 99 -75.47 -27.30 -30.27
N GLY E 100 -75.53 -28.47 -30.91
CA GLY E 100 -74.34 -29.17 -31.40
C GLY E 100 -74.64 -30.60 -31.80
N ALA E 101 -73.64 -31.29 -32.34
CA ALA E 101 -73.79 -32.68 -32.79
C ALA E 101 -74.06 -33.62 -31.61
N ALA E 102 -74.74 -34.73 -31.89
CA ALA E 102 -74.97 -35.75 -30.88
C ALA E 102 -73.68 -36.51 -30.60
N GLY E 103 -73.48 -36.91 -29.34
CA GLY E 103 -72.29 -37.66 -28.96
C GLY E 103 -71.19 -36.76 -28.37
N ILE E 104 -71.54 -35.56 -27.96
CA ILE E 104 -70.56 -34.63 -27.40
C ILE E 104 -70.41 -34.75 -25.89
N GLY E 105 -71.54 -34.90 -25.20
CA GLY E 105 -71.52 -34.92 -23.75
C GLY E 105 -71.94 -33.58 -23.16
N LYS E 106 -72.99 -33.00 -23.72
CA LYS E 106 -73.53 -31.73 -23.22
C LYS E 106 -74.08 -31.89 -21.80
N THR E 107 -74.35 -33.13 -21.42
CA THR E 107 -74.79 -33.46 -20.07
C THR E 107 -73.65 -33.20 -19.07
N ILE E 108 -72.41 -33.37 -19.53
CA ILE E 108 -71.27 -33.14 -18.68
C ILE E 108 -71.13 -31.66 -18.45
N LEU E 109 -71.32 -30.89 -19.53
CA LEU E 109 -71.25 -29.44 -19.46
C LEU E 109 -72.23 -28.90 -18.42
N ALA E 110 -73.48 -29.36 -18.48
CA ALA E 110 -74.50 -28.87 -17.55
C ALA E 110 -74.11 -29.14 -16.10
N ARG E 111 -73.59 -30.33 -15.85
CA ARG E 111 -73.18 -30.70 -14.50
C ARG E 111 -71.95 -29.91 -14.06
N LYS E 112 -71.02 -29.71 -14.99
CA LYS E 112 -69.80 -28.95 -14.72
C LYS E 112 -70.13 -27.51 -14.38
N MET E 113 -71.06 -26.91 -15.13
CA MET E 113 -71.42 -25.53 -14.88
C MET E 113 -71.91 -25.33 -13.45
N MET E 114 -72.71 -26.27 -12.96
CA MET E 114 -73.20 -26.15 -11.60
C MET E 114 -72.07 -26.29 -10.58
N LEU E 115 -71.09 -27.13 -10.89
CA LEU E 115 -69.94 -27.27 -10.00
C LEU E 115 -69.13 -25.98 -9.96
N ASP E 116 -68.88 -25.40 -11.14
CA ASP E 116 -68.09 -24.17 -11.21
C ASP E 116 -68.81 -23.02 -10.51
N TRP E 117 -70.12 -23.01 -10.61
CA TRP E 117 -70.93 -22.03 -9.87
C TRP E 117 -70.85 -22.26 -8.37
N ALA E 118 -71.05 -23.50 -7.95
CA ALA E 118 -71.06 -23.83 -6.53
C ALA E 118 -69.70 -23.54 -5.90
N SER E 119 -68.64 -23.67 -6.70
CA SER E 119 -67.27 -23.38 -6.27
C SER E 119 -66.98 -21.88 -6.26
N GLY E 120 -67.92 -21.09 -6.78
CA GLY E 120 -67.81 -19.64 -6.81
C GLY E 120 -66.99 -19.09 -7.97
N THR E 121 -66.86 -19.82 -9.07
CA THR E 121 -66.09 -19.32 -10.19
C THR E 121 -66.98 -18.92 -11.37
N LEU E 122 -68.18 -19.50 -11.46
CA LEU E 122 -69.07 -19.22 -12.60
C LEU E 122 -70.42 -18.63 -12.17
N TYR E 123 -70.72 -17.43 -12.65
CA TYR E 123 -71.98 -16.72 -12.36
C TYR E 123 -72.17 -16.46 -10.86
N GLN E 124 -71.08 -16.23 -10.14
CA GLN E 124 -71.14 -16.04 -8.70
C GLN E 124 -71.96 -14.82 -8.29
N ASP E 125 -71.92 -13.76 -9.09
CA ASP E 125 -72.64 -12.55 -8.75
C ASP E 125 -73.96 -12.42 -9.52
N ARG E 126 -74.38 -13.50 -10.18
CA ARG E 126 -75.60 -13.45 -10.98
C ARG E 126 -76.71 -14.36 -10.46
N PHE E 127 -76.36 -15.54 -9.95
CA PHE E 127 -77.40 -16.44 -9.48
C PHE E 127 -77.17 -16.88 -8.05
N ASP E 128 -78.26 -16.90 -7.27
CA ASP E 128 -78.23 -17.39 -5.90
C ASP E 128 -78.41 -18.90 -5.86
N TYR E 129 -79.19 -19.43 -6.82
CA TYR E 129 -79.37 -20.87 -6.93
C TYR E 129 -79.36 -21.34 -8.37
N LEU E 130 -78.80 -22.53 -8.59
CA LEU E 130 -78.91 -23.23 -9.86
C LEU E 130 -79.63 -24.55 -9.62
N PHE E 131 -80.66 -24.83 -10.42
CA PHE E 131 -81.43 -26.05 -10.19
C PHE E 131 -81.31 -27.03 -11.35
N TYR E 132 -80.89 -28.25 -11.04
CA TYR E 132 -80.66 -29.26 -12.07
C TYR E 132 -81.93 -30.01 -12.45
N ILE E 133 -82.24 -30.02 -13.74
CA ILE E 133 -83.38 -30.77 -14.26
C ILE E 133 -82.86 -31.90 -15.14
N HIS E 134 -82.94 -33.13 -14.66
CA HIS E 134 -82.42 -34.25 -15.42
C HIS E 134 -83.56 -34.82 -16.26
N CYS E 135 -83.57 -34.54 -17.55
CA CYS E 135 -84.72 -34.85 -18.38
C CYS E 135 -84.98 -36.34 -18.50
N ARG E 136 -83.96 -37.16 -18.21
CA ARG E 136 -84.11 -38.61 -18.26
C ARG E 136 -84.92 -39.11 -17.07
N GLU E 137 -85.02 -38.28 -16.02
CA GLU E 137 -85.77 -38.62 -14.82
C GLU E 137 -87.13 -37.95 -14.81
N VAL E 138 -87.23 -36.82 -15.50
CA VAL E 138 -88.47 -36.06 -15.55
C VAL E 138 -89.55 -36.79 -16.32
N SER E 139 -90.70 -36.94 -15.68
CA SER E 139 -91.86 -37.56 -16.30
C SER E 139 -92.87 -36.49 -16.66
N LEU E 140 -93.25 -36.45 -17.93
CA LEU E 140 -94.13 -35.42 -18.44
C LEU E 140 -95.60 -35.77 -18.27
N VAL E 141 -95.88 -36.99 -17.84
CA VAL E 141 -97.26 -37.45 -17.77
C VAL E 141 -97.81 -37.55 -16.35
N THR E 142 -97.06 -37.06 -15.38
CA THR E 142 -97.54 -37.06 -14.00
C THR E 142 -97.90 -35.66 -13.55
N GLN E 143 -98.67 -35.56 -12.46
CA GLN E 143 -99.08 -34.27 -11.93
C GLN E 143 -98.35 -33.92 -10.65
N ARG E 144 -97.69 -32.76 -10.65
CA ARG E 144 -96.95 -32.31 -9.48
C ARG E 144 -96.80 -30.80 -9.45
N SER E 145 -96.57 -30.26 -8.25
CA SER E 145 -96.22 -28.86 -8.07
C SER E 145 -94.75 -28.72 -8.44
N LEU E 146 -94.22 -27.50 -8.45
CA LEU E 146 -92.82 -27.38 -8.81
C LEU E 146 -91.94 -27.79 -7.65
N GLY E 147 -91.91 -29.10 -7.40
CA GLY E 147 -91.16 -29.69 -6.30
C GLY E 147 -89.74 -29.99 -6.74
N ASP E 148 -89.45 -29.69 -8.00
CA ASP E 148 -88.13 -29.92 -8.57
C ASP E 148 -87.12 -29.06 -7.83
N LEU E 149 -87.61 -27.94 -7.29
CA LEU E 149 -86.82 -27.02 -6.49
C LEU E 149 -86.42 -27.66 -5.16
N ILE E 150 -87.17 -28.67 -4.73
CA ILE E 150 -86.91 -29.35 -3.47
C ILE E 150 -86.12 -30.64 -3.73
N MET E 151 -86.53 -31.38 -4.76
CA MET E 151 -85.91 -32.66 -5.10
C MET E 151 -84.46 -32.48 -5.56
N SER E 152 -84.16 -31.33 -6.16
CA SER E 152 -82.81 -31.02 -6.62
C SER E 152 -81.90 -30.50 -5.50
N CYS E 153 -82.45 -30.37 -4.29
CA CYS E 153 -81.71 -29.84 -3.15
C CYS E 153 -81.29 -30.90 -2.15
N CYS E 154 -80.84 -30.44 -0.98
CA CYS E 154 -80.34 -31.29 0.08
C CYS E 154 -81.39 -32.30 0.52
N PRO E 155 -80.97 -33.43 1.13
CA PRO E 155 -81.83 -34.43 1.77
C PRO E 155 -82.79 -33.82 2.78
N ASP E 156 -82.44 -32.66 3.30
CA ASP E 156 -83.26 -31.95 4.27
C ASP E 156 -84.62 -31.63 3.65
N PRO E 157 -85.72 -32.20 4.18
CA PRO E 157 -87.06 -32.18 3.63
C PRO E 157 -87.72 -30.81 3.67
N ASN E 158 -87.13 -29.85 4.39
CA ASN E 158 -87.78 -28.54 4.53
C ASN E 158 -86.86 -27.35 4.22
N PRO E 159 -86.45 -27.18 2.96
CA PRO E 159 -85.67 -26.06 2.46
C PRO E 159 -86.58 -24.82 2.42
N PRO E 160 -86.02 -23.62 2.37
CA PRO E 160 -86.70 -22.35 2.28
C PRO E 160 -87.25 -22.13 0.89
N ILE E 161 -88.21 -22.96 0.52
CA ILE E 161 -88.81 -22.97 -0.80
C ILE E 161 -89.54 -21.67 -1.14
N HIS E 162 -89.95 -20.94 -0.11
CA HIS E 162 -90.70 -19.70 -0.32
C HIS E 162 -89.80 -18.46 -0.30
N LYS E 163 -88.48 -18.66 -0.20
CA LYS E 163 -87.56 -17.54 -0.11
C LYS E 163 -86.79 -17.30 -1.41
N ILE E 164 -85.46 -17.13 -1.31
CA ILE E 164 -84.64 -16.80 -2.48
C ILE E 164 -84.63 -17.96 -3.48
N VAL E 165 -85.00 -19.14 -3.00
CA VAL E 165 -85.14 -20.32 -3.84
C VAL E 165 -86.21 -20.07 -4.90
N ARG E 166 -87.28 -19.39 -4.48
CA ARG E 166 -88.40 -19.05 -5.33
C ARG E 166 -88.16 -17.77 -6.12
N LYS E 167 -87.50 -16.81 -5.49
CA LYS E 167 -87.31 -15.49 -6.08
C LYS E 167 -86.70 -15.58 -7.48
N PRO E 168 -87.40 -15.07 -8.52
CA PRO E 168 -87.00 -15.08 -9.91
C PRO E 168 -85.91 -14.04 -10.17
N SER E 169 -85.17 -14.25 -11.28
CA SER E 169 -84.13 -13.33 -11.76
C SER E 169 -82.78 -13.63 -11.12
N ARG E 170 -82.82 -14.31 -9.98
CA ARG E 170 -81.61 -14.72 -9.29
C ARG E 170 -81.48 -16.24 -9.28
N ILE E 171 -82.37 -16.89 -10.00
CA ILE E 171 -82.34 -18.34 -10.10
C ILE E 171 -82.26 -18.78 -11.55
N LEU E 172 -81.47 -19.81 -11.78
CA LEU E 172 -81.33 -20.39 -13.11
C LEU E 172 -81.57 -21.90 -13.08
N PHE E 173 -82.44 -22.35 -13.96
CA PHE E 173 -82.71 -23.76 -14.09
C PHE E 173 -81.87 -24.32 -15.22
N LEU E 174 -81.38 -25.54 -15.07
CA LEU E 174 -80.61 -26.18 -16.13
C LEU E 174 -81.31 -27.42 -16.64
N MET E 175 -81.82 -27.35 -17.86
CA MET E 175 -82.58 -28.44 -18.47
C MET E 175 -81.67 -29.32 -19.32
N ASP E 176 -81.30 -30.45 -18.76
CA ASP E 176 -80.32 -31.34 -19.37
C ASP E 176 -80.97 -32.44 -20.21
N GLY E 177 -80.96 -32.26 -21.53
CA GLY E 177 -81.54 -33.24 -22.43
C GLY E 177 -83.03 -33.00 -22.72
N PHE E 178 -83.38 -31.81 -23.19
CA PHE E 178 -84.78 -31.53 -23.53
C PHE E 178 -85.37 -32.65 -24.40
N ASP E 179 -84.60 -33.10 -25.39
CA ASP E 179 -85.03 -34.14 -26.32
C ASP E 179 -85.16 -35.51 -25.66
N GLU E 180 -84.62 -35.64 -24.45
CA GLU E 180 -84.62 -36.90 -23.71
C GLU E 180 -85.78 -37.00 -22.70
N LEU E 181 -86.63 -35.97 -22.66
CA LEU E 181 -87.76 -35.98 -21.74
C LEU E 181 -88.65 -37.18 -21.98
N GLN E 182 -89.07 -37.84 -20.91
CA GLN E 182 -89.88 -39.05 -21.02
C GLN E 182 -91.38 -38.74 -21.03
N GLY E 183 -92.07 -39.26 -22.04
CA GLY E 183 -93.50 -39.03 -22.20
C GLY E 183 -93.75 -38.08 -23.36
N ALA E 184 -94.99 -37.99 -23.80
CA ALA E 184 -95.33 -37.09 -24.90
C ALA E 184 -95.19 -35.65 -24.45
N PHE E 185 -94.71 -34.79 -25.35
CA PHE E 185 -94.59 -33.37 -25.04
C PHE E 185 -95.28 -32.52 -26.09
N ASP E 186 -96.19 -31.66 -25.63
CA ASP E 186 -96.92 -30.76 -26.51
C ASP E 186 -96.46 -29.32 -26.28
N GLU E 187 -95.86 -28.72 -27.31
CA GLU E 187 -95.37 -27.34 -27.21
C GLU E 187 -96.54 -26.36 -27.21
N HIS E 188 -97.73 -26.84 -27.56
CA HIS E 188 -98.93 -26.03 -27.55
C HIS E 188 -99.88 -26.55 -26.48
N ILE E 189 -100.06 -25.76 -25.44
CA ILE E 189 -100.83 -26.15 -24.26
C ILE E 189 -101.99 -25.19 -24.01
N GLY E 190 -102.94 -25.62 -23.19
CA GLY E 190 -104.10 -24.82 -22.83
C GLY E 190 -103.78 -23.79 -21.73
N PRO E 191 -103.68 -24.23 -20.47
CA PRO E 191 -103.35 -23.44 -19.30
C PRO E 191 -101.88 -23.05 -19.35
N LEU E 192 -101.53 -21.91 -18.77
CA LEU E 192 -100.14 -21.48 -18.75
C LEU E 192 -99.42 -21.97 -17.49
N CYS E 193 -100.14 -22.67 -16.63
CA CYS E 193 -99.58 -23.22 -15.40
C CYS E 193 -98.64 -22.27 -14.68
N THR E 194 -99.21 -21.19 -14.17
CA THR E 194 -98.48 -20.23 -13.35
C THR E 194 -98.67 -20.63 -11.90
N ASP E 195 -97.93 -20.00 -10.99
CA ASP E 195 -98.04 -20.31 -9.56
C ASP E 195 -97.45 -21.69 -9.26
N TRP E 196 -96.15 -21.70 -8.97
CA TRP E 196 -95.37 -22.91 -8.72
C TRP E 196 -95.95 -23.80 -7.62
N GLN E 197 -96.77 -23.23 -6.74
CA GLN E 197 -97.35 -23.97 -5.63
C GLN E 197 -98.47 -24.92 -6.07
N LYS E 198 -99.00 -24.72 -7.27
CA LYS E 198 -100.10 -25.56 -7.75
C LYS E 198 -99.56 -26.71 -8.58
N ALA E 199 -100.20 -27.87 -8.47
CA ALA E 199 -99.75 -29.05 -9.20
C ALA E 199 -100.44 -29.18 -10.54
N GLU E 200 -99.65 -29.51 -11.56
CA GLU E 200 -100.17 -29.71 -12.91
C GLU E 200 -99.34 -30.78 -13.61
N ARG E 201 -99.73 -31.15 -14.82
CA ARG E 201 -99.00 -32.16 -15.58
C ARG E 201 -97.58 -31.72 -15.87
N GLY E 202 -96.64 -32.68 -15.87
CA GLY E 202 -95.23 -32.41 -16.11
C GLY E 202 -94.96 -31.75 -17.47
N ASP E 203 -95.74 -32.10 -18.48
CA ASP E 203 -95.58 -31.50 -19.81
C ASP E 203 -95.91 -30.02 -19.81
N ILE E 204 -97.02 -29.69 -19.18
CA ILE E 204 -97.47 -28.31 -19.04
C ILE E 204 -96.54 -27.52 -18.12
N LEU E 205 -96.17 -28.13 -17.00
CA LEU E 205 -95.32 -27.48 -16.01
C LEU E 205 -93.96 -27.14 -16.63
N LEU E 206 -93.37 -28.08 -17.37
CA LEU E 206 -92.09 -27.85 -18.02
C LEU E 206 -92.21 -26.77 -19.10
N SER E 207 -93.28 -26.83 -19.90
CA SER E 207 -93.50 -25.82 -20.93
C SER E 207 -93.64 -24.44 -20.32
N SER E 208 -94.37 -24.35 -19.21
CA SER E 208 -94.58 -23.08 -18.51
C SER E 208 -93.26 -22.48 -18.06
N LEU E 209 -92.31 -23.31 -17.62
CA LEU E 209 -91.00 -22.81 -17.23
C LEU E 209 -90.27 -22.22 -18.43
N ILE E 210 -90.32 -22.95 -19.55
CA ILE E 210 -89.62 -22.51 -20.76
C ILE E 210 -90.19 -21.20 -21.28
N ARG E 211 -91.52 -21.08 -21.24
CA ARG E 211 -92.22 -19.90 -21.73
C ARG E 211 -92.17 -18.70 -20.80
N LYS E 212 -91.50 -18.85 -19.66
CA LYS E 212 -91.38 -17.80 -18.65
C LYS E 212 -92.72 -17.41 -18.04
N LYS E 213 -93.63 -18.38 -17.88
CA LYS E 213 -94.91 -18.10 -17.23
C LYS E 213 -94.82 -18.59 -15.79
N LEU E 214 -94.07 -19.66 -15.62
CA LEU E 214 -93.79 -20.20 -14.29
C LEU E 214 -92.59 -19.50 -13.73
N LEU E 215 -92.73 -18.92 -12.55
CA LEU E 215 -91.68 -18.11 -11.95
C LEU E 215 -91.13 -17.06 -12.93
N PRO E 216 -91.93 -16.05 -13.31
CA PRO E 216 -91.63 -15.04 -14.32
C PRO E 216 -90.28 -14.39 -13.99
N GLU E 217 -89.52 -14.14 -15.07
CA GLU E 217 -88.16 -13.56 -14.99
C GLU E 217 -87.09 -14.54 -14.48
N ALA E 218 -87.48 -15.79 -14.22
CA ALA E 218 -86.51 -16.84 -13.90
C ALA E 218 -85.72 -17.17 -15.14
N SER E 219 -84.46 -17.59 -14.97
CA SER E 219 -83.63 -17.95 -16.11
C SER E 219 -83.66 -19.45 -16.36
N LEU E 220 -83.37 -19.84 -17.61
CA LEU E 220 -83.33 -21.25 -17.99
C LEU E 220 -82.25 -21.54 -19.02
N LEU E 221 -81.44 -22.55 -18.76
CA LEU E 221 -80.43 -23.01 -19.70
C LEU E 221 -80.85 -24.36 -20.26
N ILE E 222 -80.89 -24.48 -21.58
CA ILE E 222 -81.32 -25.73 -22.18
C ILE E 222 -80.24 -26.36 -23.06
N THR E 223 -79.91 -27.62 -22.79
CA THR E 223 -78.99 -28.35 -23.66
C THR E 223 -79.80 -29.42 -24.38
N THR E 224 -79.68 -29.48 -25.70
CA THR E 224 -80.48 -30.45 -26.46
C THR E 224 -79.98 -30.74 -27.86
N ARG E 225 -80.36 -31.90 -28.37
CA ARG E 225 -80.11 -32.28 -29.75
C ARG E 225 -81.01 -31.46 -30.67
N PRO E 226 -80.49 -30.97 -31.81
CA PRO E 226 -81.13 -30.06 -32.75
C PRO E 226 -82.43 -30.62 -33.31
N VAL E 227 -82.57 -31.94 -33.24
CA VAL E 227 -83.76 -32.60 -33.76
C VAL E 227 -85.02 -32.19 -32.99
N ALA E 228 -84.84 -31.74 -31.75
CA ALA E 228 -85.96 -31.34 -30.92
C ALA E 228 -86.09 -29.82 -30.85
N LEU E 229 -85.19 -29.10 -31.53
CA LEU E 229 -85.23 -27.64 -31.43
C LEU E 229 -86.51 -27.10 -32.03
N GLU E 230 -87.00 -27.75 -33.08
CA GLU E 230 -88.20 -27.31 -33.76
C GLU E 230 -89.43 -27.36 -32.86
N LYS E 231 -89.37 -28.17 -31.80
CA LYS E 231 -90.48 -28.30 -30.86
C LYS E 231 -90.23 -27.46 -29.60
N LEU E 232 -89.10 -26.78 -29.59
CA LEU E 232 -88.71 -25.95 -28.47
C LEU E 232 -88.86 -24.47 -28.80
N GLN E 233 -88.59 -24.12 -30.06
CA GLN E 233 -88.58 -22.72 -30.50
C GLN E 233 -89.89 -21.99 -30.21
N HIS E 234 -90.99 -22.73 -30.21
CA HIS E 234 -92.32 -22.15 -30.04
C HIS E 234 -92.56 -21.75 -28.60
N LEU E 235 -91.69 -22.21 -27.72
CA LEU E 235 -91.79 -21.92 -26.31
C LEU E 235 -90.85 -20.80 -25.92
N LEU E 236 -90.02 -20.37 -26.86
CA LEU E 236 -88.97 -19.42 -26.54
C LEU E 236 -89.22 -18.02 -27.08
N ASP E 237 -89.66 -17.95 -28.34
CA ASP E 237 -89.92 -16.69 -29.05
C ASP E 237 -88.64 -15.88 -29.30
N HIS E 238 -87.98 -15.44 -28.24
CA HIS E 238 -86.76 -14.65 -28.36
C HIS E 238 -85.63 -15.11 -27.42
N PRO E 239 -85.12 -16.33 -27.60
CA PRO E 239 -84.03 -16.94 -26.86
C PRO E 239 -82.67 -16.48 -27.35
N ARG E 240 -81.65 -16.76 -26.56
CA ARG E 240 -80.28 -16.67 -27.05
C ARG E 240 -79.81 -18.07 -27.43
N HIS E 241 -79.33 -18.21 -28.65
CA HIS E 241 -78.86 -19.51 -29.10
C HIS E 241 -77.34 -19.50 -29.25
N VAL E 242 -76.71 -20.56 -28.75
CA VAL E 242 -75.28 -20.72 -28.88
C VAL E 242 -74.98 -22.09 -29.48
N GLU E 243 -73.98 -22.16 -30.33
CA GLU E 243 -73.60 -23.42 -30.96
C GLU E 243 -72.11 -23.68 -30.77
N ILE E 244 -71.75 -24.95 -30.59
CA ILE E 244 -70.36 -25.35 -30.39
C ILE E 244 -69.53 -25.03 -31.64
N LEU E 245 -65.82 -21.15 -30.24
CA LEU E 245 -65.26 -21.85 -31.39
C LEU E 245 -65.80 -23.30 -31.45
N GLY E 246 -64.98 -24.25 -31.93
CA GLY E 246 -65.37 -25.66 -32.06
C GLY E 246 -64.67 -26.55 -31.03
N PHE E 247 -64.36 -27.77 -31.44
CA PHE E 247 -63.77 -28.76 -30.55
C PHE E 247 -62.26 -28.58 -30.40
N SER E 248 -61.77 -28.88 -29.21
CA SER E 248 -60.33 -28.95 -28.95
C SER E 248 -59.88 -30.39 -29.18
N GLU E 249 -58.57 -30.63 -29.15
CA GLU E 249 -58.04 -31.97 -29.42
C GLU E 249 -58.69 -33.00 -28.49
N ALA E 250 -58.86 -32.63 -27.23
CA ALA E 250 -59.46 -33.51 -26.24
C ALA E 250 -60.93 -33.75 -26.54
N LYS E 251 -61.62 -32.74 -27.04
CA LYS E 251 -63.05 -32.85 -27.28
C LYS E 251 -63.32 -33.70 -28.50
N ARG E 252 -62.45 -33.59 -29.51
CA ARG E 252 -62.63 -34.41 -30.69
C ARG E 252 -62.48 -35.87 -30.32
N LYS E 253 -61.47 -36.19 -29.50
CA LYS E 253 -61.27 -37.56 -29.07
C LYS E 253 -62.48 -38.07 -28.30
N GLU E 254 -63.00 -37.27 -27.37
CA GLU E 254 -64.16 -37.70 -26.62
C GLU E 254 -65.33 -37.97 -27.55
N TYR E 255 -65.50 -37.11 -28.55
CA TYR E 255 -66.60 -37.28 -29.48
C TYR E 255 -66.52 -38.64 -30.16
N PHE E 256 -65.35 -39.02 -30.64
CA PHE E 256 -65.20 -40.31 -31.29
C PHE E 256 -65.57 -41.44 -30.33
N PHE E 257 -65.15 -41.30 -29.08
CA PHE E 257 -65.42 -42.34 -28.09
C PHE E 257 -66.89 -42.40 -27.66
N LYS E 258 -67.58 -41.26 -27.68
CA LYS E 258 -68.99 -41.24 -27.29
C LYS E 258 -69.92 -41.52 -28.49
N TYR E 259 -69.47 -41.15 -29.69
CA TYR E 259 -70.25 -41.35 -30.91
C TYR E 259 -70.49 -42.84 -31.15
N PHE E 260 -69.42 -43.62 -31.08
CA PHE E 260 -69.50 -45.06 -31.29
C PHE E 260 -69.92 -45.77 -30.01
N SER E 261 -71.05 -46.46 -30.06
CA SER E 261 -71.62 -47.12 -28.88
C SER E 261 -70.77 -48.31 -28.41
N ASP E 262 -70.07 -48.95 -29.34
CA ASP E 262 -69.20 -50.06 -28.98
C ASP E 262 -67.78 -49.57 -28.81
N GLU E 263 -67.28 -49.65 -27.58
CA GLU E 263 -65.93 -49.17 -27.29
C GLU E 263 -64.91 -49.75 -28.25
N ALA E 264 -65.10 -51.01 -28.66
CA ALA E 264 -64.17 -51.63 -29.58
C ALA E 264 -64.15 -50.90 -30.92
N GLN E 265 -65.32 -50.42 -31.35
CA GLN E 265 -65.42 -49.72 -32.62
C GLN E 265 -64.98 -48.28 -32.44
N ALA E 266 -65.21 -47.75 -31.25
CA ALA E 266 -64.82 -46.39 -30.94
C ALA E 266 -63.32 -46.24 -31.01
N ARG E 267 -62.62 -47.22 -30.45
CA ARG E 267 -61.17 -47.20 -30.45
C ARG E 267 -60.63 -47.45 -31.84
N ALA E 268 -61.23 -48.38 -32.57
CA ALA E 268 -60.77 -48.66 -33.92
C ALA E 268 -60.98 -47.44 -34.81
N ALA E 269 -62.15 -46.81 -34.71
CA ALA E 269 -62.46 -45.66 -35.54
C ALA E 269 -61.52 -44.50 -35.21
N PHE E 270 -61.22 -44.31 -33.93
CA PHE E 270 -60.33 -43.24 -33.54
C PHE E 270 -58.91 -43.50 -34.05
N SER E 271 -58.43 -44.74 -33.92
CA SER E 271 -57.09 -45.10 -34.37
C SER E 271 -56.92 -44.91 -35.87
N LEU E 272 -57.98 -45.16 -36.63
CA LEU E 272 -57.94 -44.99 -38.08
C LEU E 272 -57.71 -43.53 -38.46
N ILE E 273 -58.41 -42.62 -37.78
CA ILE E 273 -58.20 -41.19 -38.02
C ILE E 273 -56.95 -40.63 -37.34
N GLN E 274 -56.60 -41.18 -36.17
CA GLN E 274 -55.50 -40.70 -35.34
C GLN E 274 -54.18 -40.55 -36.09
N GLU E 275 -53.95 -41.41 -37.07
CA GLU E 275 -52.72 -41.34 -37.84
C GLU E 275 -52.58 -40.00 -38.58
N ASN E 276 -53.70 -39.36 -38.89
CA ASN E 276 -53.69 -38.13 -39.67
C ASN E 276 -53.62 -36.86 -38.79
N GLU E 277 -53.59 -35.71 -39.44
CA GLU E 277 -53.55 -34.41 -38.77
C GLU E 277 -54.47 -33.41 -39.46
N VAL E 278 -54.60 -33.55 -40.79
CA VAL E 278 -55.32 -32.58 -41.60
C VAL E 278 -56.81 -32.67 -41.39
N LEU E 279 -57.32 -33.90 -41.37
CA LEU E 279 -58.74 -34.11 -41.18
C LEU E 279 -59.14 -33.60 -39.81
N PHE E 280 -58.29 -33.82 -38.80
CA PHE E 280 -58.58 -33.35 -37.46
C PHE E 280 -58.73 -31.84 -37.41
N THR E 281 -57.83 -31.14 -38.09
CA THR E 281 -57.87 -29.69 -38.08
C THR E 281 -59.24 -29.18 -38.52
N MET E 282 -59.77 -29.72 -39.62
CA MET E 282 -61.09 -29.30 -40.07
C MET E 282 -62.22 -29.88 -39.20
N CYS E 283 -61.94 -30.98 -38.50
CA CYS E 283 -62.92 -31.59 -37.60
C CYS E 283 -63.20 -30.75 -36.36
N PHE E 284 -62.54 -29.59 -36.23
CA PHE E 284 -62.84 -28.72 -35.11
C PHE E 284 -64.31 -28.32 -35.19
N ILE E 285 -64.85 -28.35 -36.40
CA ILE E 285 -66.26 -28.06 -36.62
C ILE E 285 -67.06 -29.31 -36.25
N PRO E 286 -67.96 -29.24 -35.26
CA PRO E 286 -68.75 -30.34 -34.75
C PRO E 286 -69.40 -31.13 -35.87
N LEU E 287 -69.82 -30.43 -36.92
CA LEU E 287 -70.41 -31.09 -38.06
C LEU E 287 -69.43 -32.02 -38.73
N VAL E 288 -68.19 -31.56 -38.90
CA VAL E 288 -67.20 -32.35 -39.61
C VAL E 288 -66.77 -33.54 -38.78
N CYS E 289 -66.58 -33.33 -37.48
CA CYS E 289 -66.23 -34.43 -36.60
C CYS E 289 -67.32 -35.51 -36.70
N TRP E 290 -68.59 -35.07 -36.72
CA TRP E 290 -69.73 -35.96 -36.91
C TRP E 290 -69.65 -36.65 -38.28
N ILE E 291 -69.32 -35.88 -39.32
CA ILE E 291 -69.19 -36.45 -40.67
C ILE E 291 -68.13 -37.54 -40.76
N VAL E 292 -66.95 -37.30 -40.18
CA VAL E 292 -65.90 -38.30 -40.28
C VAL E 292 -66.25 -39.53 -39.43
N CYS E 293 -66.89 -39.31 -38.29
CA CYS E 293 -67.31 -40.43 -37.46
C CYS E 293 -68.32 -41.27 -38.21
N THR E 294 -69.23 -40.59 -38.91
CA THR E 294 -70.27 -41.23 -39.70
C THR E 294 -69.67 -42.02 -40.86
N GLY E 295 -68.67 -41.44 -41.54
CA GLY E 295 -68.00 -42.13 -42.64
C GLY E 295 -67.30 -43.39 -42.15
N LEU E 296 -66.59 -43.28 -41.01
CA LEU E 296 -65.92 -44.44 -40.42
C LEU E 296 -66.94 -45.48 -39.98
N LYS E 297 -68.06 -45.02 -39.44
CA LYS E 297 -69.13 -45.91 -39.00
C LYS E 297 -69.70 -46.72 -40.15
N GLN E 298 -69.81 -46.11 -41.33
CA GLN E 298 -70.34 -46.84 -42.48
C GLN E 298 -69.43 -48.00 -42.85
N GLN E 299 -68.12 -47.76 -42.81
CA GLN E 299 -67.15 -48.81 -43.10
C GLN E 299 -67.15 -49.87 -42.00
N MET E 300 -67.33 -49.40 -40.76
CA MET E 300 -67.36 -50.27 -39.59
C MET E 300 -68.55 -51.24 -39.65
N GLU E 301 -69.74 -50.68 -39.84
CA GLU E 301 -70.97 -51.48 -39.87
C GLU E 301 -71.03 -52.38 -41.09
N SER E 302 -70.41 -51.94 -42.19
CA SER E 302 -70.39 -52.71 -43.43
C SER E 302 -69.50 -53.94 -43.30
N GLY E 303 -68.73 -54.02 -42.22
CA GLY E 303 -67.83 -55.17 -42.01
C GLY E 303 -66.54 -55.05 -42.80
N LYS E 304 -66.13 -53.82 -43.09
CA LYS E 304 -64.90 -53.61 -43.83
C LYS E 304 -63.71 -53.98 -42.96
N SER E 305 -62.62 -54.39 -43.59
CA SER E 305 -61.40 -54.77 -42.89
C SER E 305 -60.75 -53.59 -42.17
N LEU E 306 -61.18 -52.39 -42.52
CA LEU E 306 -60.66 -51.15 -41.99
C LEU E 306 -59.21 -50.92 -42.40
N ALA E 307 -58.80 -51.57 -43.47
CA ALA E 307 -57.45 -51.37 -44.00
C ALA E 307 -57.40 -50.07 -44.80
N GLN E 308 -57.51 -48.96 -44.08
CA GLN E 308 -57.58 -47.63 -44.68
C GLN E 308 -56.73 -46.63 -43.90
N THR E 309 -56.28 -45.58 -44.57
CA THR E 309 -55.63 -44.46 -43.91
C THR E 309 -56.38 -43.20 -44.28
N SER E 310 -57.22 -42.72 -43.37
CA SER E 310 -58.15 -41.62 -43.64
C SER E 310 -57.45 -40.26 -43.70
N LYS E 311 -58.15 -39.24 -44.24
CA LYS E 311 -57.69 -37.87 -44.38
C LYS E 311 -58.87 -36.97 -44.75
N THR E 312 -56.63 -40.75 -47.39
CA THR E 312 -57.68 -40.89 -48.39
C THR E 312 -58.89 -40.03 -48.00
N THR E 313 -58.82 -38.72 -48.30
CA THR E 313 -59.89 -37.77 -48.02
C THR E 313 -61.13 -38.11 -48.82
N THR E 314 -60.91 -38.53 -50.07
CA THR E 314 -62.02 -38.88 -50.94
C THR E 314 -62.85 -39.97 -50.30
N ALA E 315 -62.19 -41.03 -49.83
CA ALA E 315 -62.89 -42.17 -49.27
C ALA E 315 -63.76 -41.77 -48.09
N VAL E 316 -63.25 -40.88 -47.25
CA VAL E 316 -64.03 -40.45 -46.09
C VAL E 316 -65.32 -39.80 -46.52
N TYR E 317 -65.23 -38.91 -47.51
CA TYR E 317 -66.40 -38.18 -47.98
C TYR E 317 -67.37 -39.10 -48.73
N VAL E 318 -66.83 -40.03 -49.52
CA VAL E 318 -67.67 -40.97 -50.27
C VAL E 318 -68.44 -41.90 -49.33
N PHE E 319 -67.75 -42.45 -48.34
CA PHE E 319 -68.41 -43.33 -47.38
C PHE E 319 -69.45 -42.57 -46.58
N PHE E 320 -69.14 -41.34 -46.22
CA PHE E 320 -70.10 -40.51 -45.52
C PHE E 320 -71.38 -40.31 -46.33
N LEU E 321 -71.24 -39.93 -47.59
CA LEU E 321 -72.44 -39.70 -48.39
C LEU E 321 -73.25 -40.97 -48.52
N SER E 322 -72.58 -42.11 -48.62
CA SER E 322 -73.30 -43.37 -48.69
C SER E 322 -74.28 -43.50 -47.54
N SER E 323 -73.81 -43.30 -46.31
CA SER E 323 -74.68 -43.43 -45.14
C SER E 323 -75.60 -42.23 -44.95
N LEU E 324 -75.24 -41.07 -45.50
CA LEU E 324 -76.08 -39.88 -45.40
C LEU E 324 -77.27 -39.97 -46.33
N LEU E 325 -77.02 -40.39 -47.57
CA LEU E 325 -78.01 -40.38 -48.63
C LEU E 325 -78.84 -41.65 -48.70
N GLN E 326 -78.26 -42.79 -48.35
CA GLN E 326 -78.97 -44.07 -48.45
C GLN E 326 -80.30 -44.17 -47.67
N PRO E 327 -80.45 -43.64 -46.42
CA PRO E 327 -81.66 -43.65 -45.60
C PRO E 327 -82.81 -42.93 -46.32
N LEU E 336 -81.71 -35.32 -52.52
CA LEU E 336 -81.51 -36.73 -52.23
C LEU E 336 -80.53 -37.37 -53.22
N CYS E 337 -80.48 -38.70 -53.28
CA CYS E 337 -79.49 -39.48 -54.03
C CYS E 337 -79.39 -39.07 -55.51
N ALA E 338 -80.55 -38.91 -56.13
CA ALA E 338 -80.62 -38.62 -57.57
C ALA E 338 -80.43 -37.13 -57.85
N HIS E 339 -80.25 -36.35 -56.80
CA HIS E 339 -80.11 -34.91 -56.95
C HIS E 339 -78.66 -34.51 -56.66
N LEU E 340 -77.80 -35.53 -56.50
CA LEU E 340 -76.39 -35.31 -56.27
C LEU E 340 -75.76 -34.60 -57.46
N TRP E 341 -76.22 -34.92 -58.66
CA TRP E 341 -75.71 -34.28 -59.86
C TRP E 341 -75.77 -32.76 -59.72
N GLY E 342 -76.91 -32.26 -59.27
CA GLY E 342 -77.10 -30.82 -59.14
C GLY E 342 -76.10 -30.21 -58.18
N LEU E 343 -75.88 -30.89 -57.05
CA LEU E 343 -74.93 -30.41 -56.05
C LEU E 343 -73.51 -30.43 -56.61
N CYS E 344 -73.18 -31.48 -57.36
CA CYS E 344 -71.87 -31.61 -57.98
C CYS E 344 -71.64 -30.54 -59.04
N SER E 345 -72.67 -30.27 -59.84
CA SER E 345 -72.59 -29.25 -60.88
C SER E 345 -72.42 -27.87 -60.26
N LEU E 346 -73.07 -27.65 -59.11
CA LEU E 346 -72.94 -26.39 -58.41
C LEU E 346 -71.48 -26.21 -58.01
N ALA E 347 -70.91 -27.25 -57.41
CA ALA E 347 -69.53 -27.23 -57.00
C ALA E 347 -68.57 -27.04 -58.16
N ALA E 348 -68.90 -27.70 -59.29
CA ALA E 348 -68.05 -27.61 -60.47
C ALA E 348 -67.93 -26.16 -60.94
N ASP E 349 -69.04 -25.42 -60.88
CA ASP E 349 -69.02 -24.01 -61.21
C ASP E 349 -68.18 -23.29 -60.17
N GLY E 350 -68.34 -23.72 -58.92
CA GLY E 350 -67.60 -23.16 -57.81
C GLY E 350 -66.11 -23.18 -58.05
N ILE E 351 -65.57 -24.34 -58.39
CA ILE E 351 -64.12 -24.41 -58.54
C ILE E 351 -63.65 -23.69 -59.80
N TRP E 352 -64.39 -23.82 -60.90
CA TRP E 352 -63.91 -23.29 -62.15
C TRP E 352 -63.82 -21.76 -62.16
N ASN E 353 -64.82 -21.11 -61.58
CA ASN E 353 -64.88 -19.66 -61.58
C ASN E 353 -64.51 -19.05 -60.23
N GLN E 354 -63.85 -19.84 -59.37
CA GLN E 354 -63.46 -19.36 -58.04
C GLN E 354 -64.64 -18.79 -57.26
N LYS E 355 -65.74 -19.52 -57.24
CA LYS E 355 -66.94 -19.07 -56.54
C LYS E 355 -67.21 -19.92 -55.30
N ILE E 356 -67.16 -19.28 -54.14
CA ILE E 356 -67.42 -19.95 -52.88
C ILE E 356 -68.87 -19.73 -52.47
N LEU E 357 -69.33 -18.50 -52.65
CA LEU E 357 -70.67 -18.09 -52.29
C LEU E 357 -71.58 -18.09 -53.52
N PHE E 358 -72.65 -18.87 -53.46
CA PHE E 358 -73.57 -19.00 -54.58
C PHE E 358 -74.84 -18.21 -54.36
N GLU E 359 -75.37 -17.63 -55.42
CA GLU E 359 -76.64 -16.93 -55.33
C GLU E 359 -77.77 -17.92 -55.46
N GLU E 360 -78.96 -17.57 -54.99
CA GLU E 360 -80.10 -18.45 -55.12
C GLU E 360 -80.41 -18.69 -56.60
N SER E 361 -79.98 -17.76 -57.45
CA SER E 361 -80.16 -17.88 -58.88
C SER E 361 -79.24 -18.94 -59.49
N ASP E 362 -78.14 -19.23 -58.81
CA ASP E 362 -77.21 -20.24 -59.31
C ASP E 362 -77.78 -21.61 -58.97
N LEU E 363 -78.39 -21.70 -57.80
CA LEU E 363 -79.01 -22.95 -57.39
C LEU E 363 -80.12 -23.30 -58.35
N ARG E 364 -80.92 -22.30 -58.73
CA ARG E 364 -81.99 -22.53 -59.68
C ARG E 364 -81.47 -22.90 -61.06
N ASN E 365 -80.42 -22.20 -61.51
CA ASN E 365 -79.89 -22.45 -62.85
C ASN E 365 -79.33 -23.86 -62.98
N HIS E 366 -78.76 -24.41 -61.91
CA HIS E 366 -78.17 -25.74 -61.99
C HIS E 366 -79.20 -26.84 -61.82
N GLY E 367 -80.46 -26.47 -61.61
CA GLY E 367 -81.51 -27.46 -61.41
C GLY E 367 -81.48 -28.01 -59.99
N LEU E 368 -80.95 -27.22 -59.06
CA LEU E 368 -80.83 -27.62 -57.67
C LEU E 368 -81.54 -26.61 -56.79
N GLN E 369 -82.86 -26.70 -56.72
CA GLN E 369 -83.62 -25.66 -56.03
C GLN E 369 -84.74 -26.21 -55.18
N LYS E 370 -85.15 -25.42 -54.20
CA LYS E 370 -86.30 -25.73 -53.37
C LYS E 370 -86.17 -27.07 -52.68
N ALA E 371 -86.94 -28.05 -53.13
CA ALA E 371 -86.96 -29.37 -52.49
C ALA E 371 -85.58 -30.02 -52.48
N ASP E 372 -84.79 -29.80 -53.52
CA ASP E 372 -83.49 -30.45 -53.61
C ASP E 372 -82.51 -29.78 -52.67
N VAL E 373 -82.63 -28.47 -52.52
CA VAL E 373 -81.73 -27.75 -51.64
C VAL E 373 -82.07 -28.07 -50.21
N SER E 374 -83.37 -28.05 -49.89
CA SER E 374 -83.83 -28.37 -48.55
C SER E 374 -83.39 -29.77 -48.14
N ALA E 375 -83.42 -30.71 -49.08
CA ALA E 375 -82.99 -32.06 -48.77
C ALA E 375 -81.52 -32.06 -48.35
N PHE E 376 -80.69 -31.30 -49.06
CA PHE E 376 -79.27 -31.24 -48.73
C PHE E 376 -78.98 -30.36 -47.51
N LEU E 377 -79.87 -29.40 -47.23
CA LEU E 377 -79.70 -28.58 -46.03
C LEU E 377 -80.08 -29.40 -44.79
N ARG E 378 -81.12 -30.22 -44.90
CA ARG E 378 -81.51 -31.10 -43.79
C ARG E 378 -80.43 -32.14 -43.56
N MET E 379 -79.95 -32.73 -44.66
CA MET E 379 -78.84 -33.66 -44.59
C MET E 379 -77.57 -32.84 -44.51
N ASN E 380 -77.37 -32.18 -43.38
CA ASN E 380 -76.35 -31.14 -43.26
C ASN E 380 -75.11 -31.51 -44.06
N LEU E 381 -74.94 -30.80 -45.17
CA LEU E 381 -73.89 -31.02 -46.15
C LEU E 381 -73.69 -29.73 -46.91
N PHE E 382 -74.69 -28.87 -46.80
CA PHE E 382 -74.76 -27.61 -47.50
C PHE E 382 -75.28 -26.55 -46.54
N GLN E 383 -74.75 -25.32 -46.62
CA GLN E 383 -75.12 -24.27 -45.67
C GLN E 383 -75.77 -23.05 -46.31
N LYS E 384 -76.52 -22.31 -45.50
CA LYS E 384 -77.17 -21.06 -45.95
C LYS E 384 -76.39 -19.83 -45.51
N GLU E 385 -75.18 -20.02 -44.99
CA GLU E 385 -74.37 -18.91 -44.48
C GLU E 385 -75.19 -17.97 -43.61
N VAL E 386 -75.83 -18.54 -42.59
CA VAL E 386 -76.75 -17.77 -41.75
C VAL E 386 -76.04 -16.68 -40.95
N ASP E 387 -74.72 -16.75 -40.90
CA ASP E 387 -73.94 -15.77 -40.14
C ASP E 387 -73.76 -14.47 -40.92
N CYS E 388 -74.83 -13.69 -40.98
CA CYS E 388 -74.84 -12.37 -41.63
C CYS E 388 -74.49 -12.40 -43.12
N GLU E 389 -75.14 -13.28 -43.87
CA GLU E 389 -74.88 -13.36 -45.30
C GLU E 389 -76.13 -13.86 -46.05
N LYS E 390 -76.21 -13.55 -47.34
CA LYS E 390 -77.37 -13.93 -48.16
C LYS E 390 -77.03 -14.98 -49.23
N PHE E 391 -75.90 -15.65 -49.09
CA PHE E 391 -75.42 -16.61 -50.07
C PHE E 391 -75.40 -18.04 -49.56
N TYR E 392 -75.42 -18.99 -50.49
CA TYR E 392 -75.35 -20.40 -50.16
C TYR E 392 -73.94 -20.93 -50.36
N SER E 393 -73.56 -21.94 -49.57
CA SER E 393 -72.20 -22.47 -49.67
C SER E 393 -72.07 -23.90 -49.15
N PHE E 394 -70.91 -24.49 -49.38
CA PHE E 394 -70.59 -25.81 -48.86
C PHE E 394 -70.02 -25.71 -47.45
N ILE E 395 -70.16 -26.79 -46.68
CA ILE E 395 -69.71 -26.84 -45.29
C ILE E 395 -68.20 -26.66 -45.14
N HIS E 396 -67.45 -27.00 -46.18
CA HIS E 396 -66.02 -26.84 -46.18
C HIS E 396 -65.49 -26.80 -47.62
N MET E 397 -64.41 -26.07 -47.84
CA MET E 397 -63.81 -25.96 -49.16
C MET E 397 -63.41 -27.31 -49.74
N THR E 398 -63.02 -28.25 -48.87
CA THR E 398 -62.63 -29.57 -49.35
C THR E 398 -63.82 -30.35 -49.87
N PHE E 399 -65.01 -30.06 -49.35
CA PHE E 399 -66.20 -30.74 -49.84
C PHE E 399 -66.58 -30.16 -51.18
N GLN E 400 -66.52 -28.84 -51.32
CA GLN E 400 -66.84 -28.24 -52.60
C GLN E 400 -65.97 -28.84 -53.69
N GLU E 401 -64.67 -28.93 -53.44
CA GLU E 401 -63.78 -29.49 -54.44
C GLU E 401 -64.07 -30.96 -54.69
N PHE E 402 -64.41 -31.68 -53.64
CA PHE E 402 -64.80 -33.08 -53.75
C PHE E 402 -66.00 -33.27 -54.66
N PHE E 403 -67.04 -32.47 -54.44
CA PHE E 403 -68.26 -32.55 -55.26
C PHE E 403 -67.96 -32.18 -56.70
N ALA E 404 -67.11 -31.17 -56.86
CA ALA E 404 -66.72 -30.73 -58.19
C ALA E 404 -65.96 -31.84 -58.89
N ALA E 405 -65.16 -32.59 -58.15
CA ALA E 405 -64.43 -33.70 -58.71
C ALA E 405 -65.40 -34.80 -59.16
N MET E 406 -66.41 -35.08 -58.34
CA MET E 406 -67.39 -36.11 -58.71
C MET E 406 -68.14 -35.72 -59.97
N TYR E 407 -68.36 -34.43 -60.15
CA TYR E 407 -69.02 -33.90 -61.35
C TYR E 407 -68.46 -34.52 -62.64
N TYR E 408 -67.16 -34.72 -62.69
CA TYR E 408 -66.50 -35.24 -63.90
C TYR E 408 -66.76 -36.73 -64.06
N LEU E 409 -67.11 -37.39 -62.96
CA LEU E 409 -67.26 -38.83 -62.92
C LEU E 409 -68.68 -39.30 -62.60
N LEU E 410 -69.68 -38.47 -62.85
CA LEU E 410 -71.06 -38.86 -62.57
C LEU E 410 -71.60 -39.74 -63.70
N GLU E 411 -72.49 -40.69 -63.35
CA GLU E 411 -73.15 -41.55 -64.34
C GLU E 411 -74.37 -40.83 -64.91
N GLU E 412 -77.26 -42.13 -63.64
CA GLU E 412 -77.86 -42.29 -64.96
C GLU E 412 -78.10 -40.92 -65.61
N GLU E 413 -78.64 -40.92 -66.85
CA GLU E 413 -78.93 -39.70 -67.60
C GLU E 413 -80.26 -39.09 -67.20
N LYS E 414 -80.24 -37.78 -66.91
CA LYS E 414 -81.44 -37.05 -66.53
C LYS E 414 -81.54 -35.74 -67.30
N GLU E 415 -82.74 -35.44 -67.80
CA GLU E 415 -83.00 -34.23 -68.58
C GLU E 415 -83.23 -32.99 -67.71
N GLY E 416 -83.35 -33.19 -66.41
CA GLY E 416 -83.65 -32.09 -65.50
C GLY E 416 -82.56 -31.02 -65.50
N ARG E 417 -81.36 -31.39 -65.95
CA ARG E 417 -80.24 -30.47 -65.99
C ARG E 417 -80.13 -29.71 -67.32
N THR E 418 -80.98 -30.07 -68.30
CA THR E 418 -80.93 -29.39 -69.58
C THR E 418 -82.22 -28.61 -69.85
N ASN E 419 -83.29 -29.00 -69.18
CA ASN E 419 -84.58 -28.34 -69.34
C ASN E 419 -84.79 -27.27 -68.28
N VAL E 420 -83.78 -27.09 -67.44
CA VAL E 420 -83.77 -26.07 -66.41
C VAL E 420 -83.76 -24.69 -67.09
N PRO E 421 -84.50 -23.70 -66.58
CA PRO E 421 -84.58 -22.33 -67.10
C PRO E 421 -83.22 -21.67 -67.32
N GLY E 422 -82.20 -22.12 -66.60
CA GLY E 422 -80.86 -21.53 -66.75
C GLY E 422 -80.08 -22.12 -67.92
N SER E 423 -80.66 -23.12 -68.58
CA SER E 423 -80.03 -23.82 -69.69
C SER E 423 -79.87 -22.90 -70.91
N ARG E 424 -78.76 -23.00 -71.67
CA ARG E 424 -77.67 -23.95 -71.47
C ARG E 424 -76.76 -23.56 -70.32
N LEU E 425 -76.31 -24.54 -69.57
CA LEU E 425 -75.51 -24.32 -68.39
C LEU E 425 -74.00 -24.31 -68.70
N LYS E 426 -73.25 -23.52 -67.90
CA LYS E 426 -71.79 -23.42 -67.98
C LYS E 426 -71.22 -23.21 -66.58
N LEU E 427 -72.77 -26.31 -65.79
CA LEU E 427 -72.10 -27.47 -66.36
C LEU E 427 -70.81 -27.04 -67.11
N PRO E 428 -69.74 -26.61 -66.41
CA PRO E 428 -68.49 -26.06 -66.95
C PRO E 428 -67.84 -26.87 -68.06
N SER E 429 -67.80 -28.20 -67.92
CA SER E 429 -67.13 -29.01 -68.94
C SER E 429 -67.27 -30.52 -68.75
N ARG E 430 -66.84 -31.00 -67.58
CA ARG E 430 -66.64 -32.42 -67.29
C ARG E 430 -65.44 -32.92 -68.10
N ASP E 431 -64.60 -31.98 -68.52
CA ASP E 431 -63.41 -32.27 -69.30
C ASP E 431 -62.17 -32.38 -68.41
N VAL E 432 -61.74 -33.60 -68.17
CA VAL E 432 -60.63 -33.89 -67.26
C VAL E 432 -59.31 -33.36 -67.79
N THR E 433 -59.10 -33.46 -69.10
CA THR E 433 -57.87 -32.99 -69.70
C THR E 433 -57.68 -31.52 -69.40
N VAL E 434 -58.74 -30.75 -69.58
CA VAL E 434 -58.69 -29.31 -69.31
C VAL E 434 -58.38 -29.05 -67.83
N LEU E 435 -59.03 -29.81 -66.96
CA LEU E 435 -58.79 -29.68 -65.53
C LEU E 435 -57.30 -29.87 -65.21
N LEU E 436 -56.71 -30.92 -65.78
CA LEU E 436 -55.31 -31.24 -65.54
C LEU E 436 -54.37 -30.19 -66.14
N GLU E 437 -54.71 -29.67 -67.32
CA GLU E 437 -53.90 -28.65 -67.98
C GLU E 437 -53.80 -27.39 -67.12
N ASN E 438 -54.85 -27.10 -66.37
CA ASN E 438 -54.91 -25.91 -65.54
C ASN E 438 -54.45 -26.20 -64.10
N TYR E 439 -53.85 -27.36 -63.87
CA TYR E 439 -53.37 -27.72 -62.54
C TYR E 439 -52.37 -26.70 -62.00
N GLY E 440 -51.36 -26.37 -62.79
CA GLY E 440 -50.32 -25.44 -62.35
C GLY E 440 -50.74 -23.99 -62.57
N LYS E 441 -51.94 -23.64 -62.11
CA LYS E 441 -52.48 -22.29 -62.31
C LYS E 441 -53.36 -21.83 -61.15
N PHE E 442 -52.93 -20.78 -60.48
CA PHE E 442 -53.71 -20.21 -59.37
C PHE E 442 -54.95 -19.54 -59.93
N GLU E 443 -54.90 -19.18 -61.21
CA GLU E 443 -55.97 -18.46 -61.89
C GLU E 443 -57.29 -19.23 -61.88
N LYS E 444 -57.22 -20.54 -61.74
CA LYS E 444 -58.42 -21.36 -61.71
C LYS E 444 -58.65 -21.92 -60.33
N GLY E 445 -57.95 -21.35 -59.34
CA GLY E 445 -58.08 -21.80 -57.97
C GLY E 445 -57.24 -23.03 -57.69
N TYR E 446 -56.15 -23.20 -58.46
CA TYR E 446 -55.22 -24.31 -58.32
C TYR E 446 -55.79 -25.64 -58.80
N LEU E 447 -56.99 -25.98 -58.36
CA LEU E 447 -57.64 -27.22 -58.79
C LEU E 447 -56.82 -28.44 -58.35
N ILE E 448 -55.94 -28.24 -57.38
CA ILE E 448 -55.07 -29.31 -56.93
C ILE E 448 -55.84 -30.37 -56.19
N PHE E 449 -56.72 -29.94 -55.29
CA PHE E 449 -57.49 -30.89 -54.52
C PHE E 449 -58.51 -31.57 -55.42
N VAL E 450 -59.00 -30.86 -56.42
CA VAL E 450 -60.00 -31.44 -57.31
C VAL E 450 -59.38 -32.60 -58.07
N VAL E 451 -58.16 -32.40 -58.58
CA VAL E 451 -57.46 -33.47 -59.27
C VAL E 451 -57.16 -34.61 -58.30
N ARG E 452 -56.72 -34.28 -57.09
CA ARG E 452 -56.45 -35.31 -56.08
C ARG E 452 -57.74 -36.08 -55.74
N PHE E 453 -58.87 -35.38 -55.71
CA PHE E 453 -60.14 -36.03 -55.44
C PHE E 453 -60.52 -36.97 -56.57
N LEU E 454 -60.27 -36.56 -57.82
CA LEU E 454 -60.55 -37.45 -58.94
C LEU E 454 -59.72 -38.71 -58.82
N PHE E 455 -58.46 -38.56 -58.41
CA PHE E 455 -57.62 -39.73 -58.24
C PHE E 455 -58.22 -40.70 -57.24
N GLY E 456 -58.71 -40.18 -56.12
CA GLY E 456 -59.32 -41.01 -55.10
C GLY E 456 -60.60 -41.68 -55.59
N LEU E 457 -61.42 -40.92 -56.33
CA LEU E 457 -62.70 -41.38 -56.86
C LEU E 457 -62.55 -42.47 -57.91
N VAL E 458 -61.50 -42.37 -58.70
CA VAL E 458 -61.27 -43.35 -59.74
C VAL E 458 -60.62 -44.59 -59.14
N ASN E 459 -61.48 -45.50 -58.67
CA ASN E 459 -61.04 -46.65 -57.90
C ASN E 459 -61.86 -47.90 -58.22
N GLN E 460 -61.50 -49.01 -57.59
CA GLN E 460 -62.22 -50.27 -57.79
C GLN E 460 -62.70 -50.87 -56.48
N GLU E 461 -61.91 -50.71 -55.41
CA GLU E 461 -62.21 -51.37 -54.14
C GLU E 461 -63.24 -50.61 -53.30
N ARG E 462 -64.47 -50.57 -53.78
CA ARG E 462 -65.57 -49.89 -53.10
C ARG E 462 -66.83 -50.75 -53.08
N THR E 463 -67.74 -50.40 -52.17
CA THR E 463 -68.99 -51.14 -51.95
C THR E 463 -70.17 -50.50 -52.68
N SER E 464 -71.37 -50.94 -52.34
CA SER E 464 -72.60 -50.45 -52.95
C SER E 464 -73.11 -49.20 -52.23
N TYR E 465 -74.38 -49.20 -51.87
CA TYR E 465 -74.91 -48.10 -51.07
C TYR E 465 -74.65 -46.74 -51.69
N LEU E 466 -75.02 -46.61 -52.96
CA LEU E 466 -74.89 -45.35 -53.71
C LEU E 466 -73.46 -44.98 -54.11
N GLU E 467 -72.49 -45.81 -53.77
CA GLU E 467 -71.12 -45.52 -54.16
C GLU E 467 -70.92 -45.94 -55.62
N LYS E 468 -71.98 -46.52 -56.18
CA LYS E 468 -72.03 -46.96 -57.56
C LYS E 468 -72.82 -45.98 -58.44
N LYS E 469 -73.12 -44.79 -57.90
CA LYS E 469 -73.84 -43.76 -58.67
C LYS E 469 -72.87 -42.98 -59.55
N LEU E 470 -71.59 -43.31 -59.42
CA LEU E 470 -70.54 -42.73 -60.23
C LEU E 470 -70.37 -43.59 -61.47
N SER E 471 -69.82 -43.00 -62.51
CA SER E 471 -69.66 -43.66 -63.79
C SER E 471 -68.63 -44.77 -63.76
N CYS E 472 -68.73 -45.68 -64.73
CA CYS E 472 -67.79 -46.80 -64.84
C CYS E 472 -66.92 -46.70 -66.09
N LYS E 473 -67.55 -46.51 -67.25
CA LYS E 473 -66.77 -46.40 -68.49
C LYS E 473 -65.91 -45.15 -68.46
N ILE E 474 -66.50 -44.05 -68.00
CA ILE E 474 -65.79 -42.79 -67.87
C ILE E 474 -64.68 -42.93 -66.82
N SER E 475 -64.96 -43.65 -65.74
CA SER E 475 -63.98 -43.87 -64.69
C SER E 475 -62.75 -44.59 -65.25
N GLN E 476 -62.97 -45.56 -66.12
CA GLN E 476 -61.86 -46.25 -66.75
C GLN E 476 -61.07 -45.33 -67.67
N GLN E 477 -61.77 -44.44 -68.39
CA GLN E 477 -61.13 -43.51 -69.31
C GLN E 477 -60.25 -42.52 -68.57
N ILE E 478 -60.77 -41.96 -67.47
CA ILE E 478 -59.99 -41.05 -66.65
C ILE E 478 -58.79 -41.73 -66.01
N ARG E 479 -58.95 -42.98 -65.60
CA ARG E 479 -57.82 -43.67 -64.99
C ARG E 479 -56.62 -43.65 -65.92
N LEU E 480 -56.87 -43.94 -67.20
CA LEU E 480 -55.79 -43.91 -68.18
C LEU E 480 -55.25 -42.50 -68.40
N GLU E 481 -56.13 -41.51 -68.46
CA GLU E 481 -55.68 -40.14 -68.68
C GLU E 481 -54.82 -39.64 -67.52
N LEU E 482 -55.18 -40.04 -66.30
CA LEU E 482 -54.43 -39.65 -65.12
C LEU E 482 -53.06 -40.31 -65.13
N LEU E 483 -53.00 -41.54 -65.62
CA LEU E 483 -51.75 -42.27 -65.70
C LEU E 483 -50.79 -41.56 -66.65
N LYS E 484 -51.32 -41.15 -67.81
CA LYS E 484 -50.52 -40.43 -68.80
C LYS E 484 -50.05 -39.09 -68.26
N TRP E 485 -50.90 -38.42 -67.50
CA TRP E 485 -50.56 -37.15 -66.88
C TRP E 485 -49.36 -37.32 -65.96
N ILE E 486 -49.40 -38.36 -65.12
CA ILE E 486 -48.28 -38.64 -64.24
C ILE E 486 -47.03 -38.97 -65.03
N GLU E 487 -47.15 -39.79 -66.07
CA GLU E 487 -45.97 -40.14 -66.86
C GLU E 487 -45.24 -38.90 -67.36
N VAL E 488 -45.98 -37.96 -67.91
CA VAL E 488 -45.37 -36.77 -68.48
C VAL E 488 -44.73 -35.89 -67.42
N LYS E 489 -45.44 -35.66 -66.33
CA LYS E 489 -44.94 -34.79 -65.28
C LYS E 489 -43.81 -35.46 -64.50
N ALA E 490 -43.88 -36.77 -64.35
CA ALA E 490 -42.86 -37.52 -63.63
C ALA E 490 -41.53 -37.46 -64.38
N LYS E 491 -41.60 -37.62 -65.71
CA LYS E 491 -40.44 -37.55 -66.57
C LYS E 491 -39.89 -36.13 -66.70
N ALA E 492 -40.79 -35.15 -66.71
CA ALA E 492 -40.39 -33.76 -66.82
C ALA E 492 -39.88 -33.25 -65.48
N LYS E 493 -38.76 -33.81 -65.04
CA LYS E 493 -38.21 -33.50 -63.73
C LYS E 493 -37.37 -32.23 -63.78
N LYS E 494 -38.05 -31.10 -63.63
CA LYS E 494 -37.43 -29.79 -63.71
C LYS E 494 -38.05 -28.84 -62.69
N LEU E 495 -37.42 -27.69 -62.47
CA LEU E 495 -38.01 -26.70 -61.57
C LEU E 495 -39.16 -25.99 -62.29
N GLN E 496 -40.33 -26.06 -61.69
CA GLN E 496 -41.54 -25.51 -62.29
C GLN E 496 -42.68 -25.43 -61.28
N ILE E 497 -43.83 -24.90 -61.70
CA ILE E 497 -44.98 -24.80 -60.79
C ILE E 497 -45.98 -25.92 -61.05
N GLN E 498 -45.56 -26.89 -61.84
CA GLN E 498 -46.33 -28.09 -62.11
C GLN E 498 -45.95 -29.06 -60.98
N PRO E 499 -46.56 -30.24 -60.86
CA PRO E 499 -46.35 -31.16 -59.76
C PRO E 499 -44.87 -31.43 -59.54
N SER E 500 -44.37 -31.03 -58.37
CA SER E 500 -42.96 -31.22 -58.04
C SER E 500 -42.69 -32.60 -57.45
N GLN E 501 -42.92 -33.63 -58.26
CA GLN E 501 -42.71 -35.04 -57.87
C GLN E 501 -43.65 -35.48 -56.75
N LEU E 502 -43.46 -34.91 -55.57
CA LEU E 502 -44.25 -35.25 -54.41
C LEU E 502 -45.73 -34.97 -54.65
N GLU E 503 -46.03 -33.94 -55.44
CA GLU E 503 -47.41 -33.61 -55.77
C GLU E 503 -48.07 -34.74 -56.56
N LEU E 504 -47.28 -35.48 -57.33
CA LEU E 504 -47.83 -36.60 -58.07
C LEU E 504 -48.08 -37.73 -57.09
N PHE E 505 -47.24 -37.80 -56.06
CA PHE E 505 -47.40 -38.80 -55.03
C PHE E 505 -48.66 -38.55 -54.22
N TYR E 506 -48.96 -37.27 -53.93
CA TYR E 506 -50.18 -36.95 -53.21
C TYR E 506 -51.39 -37.47 -53.98
N CYS E 507 -51.36 -37.29 -55.30
CA CYS E 507 -52.42 -37.78 -56.16
C CYS E 507 -52.56 -39.30 -56.07
N LEU E 508 -51.42 -40.00 -56.14
CA LEU E 508 -51.42 -41.45 -56.06
C LEU E 508 -51.86 -41.92 -54.68
N TYR E 509 -51.51 -41.18 -53.65
CA TYR E 509 -51.89 -41.52 -52.29
C TYR E 509 -53.40 -41.62 -52.16
N GLU E 510 -54.13 -40.63 -52.71
CA GLU E 510 -55.59 -40.67 -52.70
C GLU E 510 -56.10 -41.86 -53.50
N MET E 511 -55.49 -42.13 -54.65
CA MET E 511 -55.87 -43.29 -55.43
C MET E 511 -55.20 -44.53 -54.88
N GLN E 512 -55.69 -45.00 -53.74
CA GLN E 512 -55.03 -46.12 -53.07
C GLN E 512 -55.38 -47.44 -53.74
N GLU E 513 -54.88 -47.60 -54.95
CA GLU E 513 -55.09 -48.77 -55.79
C GLU E 513 -53.73 -49.27 -56.25
N GLU E 514 -53.20 -50.30 -55.60
CA GLU E 514 -51.84 -50.73 -55.88
C GLU E 514 -51.62 -51.08 -57.34
N ASP E 515 -52.64 -51.64 -57.98
CA ASP E 515 -52.51 -52.01 -59.39
C ASP E 515 -52.22 -50.79 -60.26
N PHE E 516 -52.71 -49.63 -59.85
CA PHE E 516 -52.46 -48.39 -60.59
C PHE E 516 -51.20 -47.71 -60.10
N VAL E 517 -51.04 -47.62 -58.79
CA VAL E 517 -49.95 -46.87 -58.20
C VAL E 517 -48.61 -47.49 -58.55
N GLN E 518 -48.54 -48.81 -58.50
CA GLN E 518 -47.31 -49.51 -58.82
C GLN E 518 -46.98 -49.36 -60.29
N ARG E 519 -47.97 -49.03 -61.10
CA ARG E 519 -47.75 -48.82 -62.53
C ARG E 519 -47.31 -47.39 -62.78
N ALA E 520 -48.01 -46.44 -62.17
CA ALA E 520 -47.69 -45.03 -62.33
C ALA E 520 -46.31 -44.72 -61.80
N MET E 521 -45.94 -45.39 -60.71
CA MET E 521 -44.65 -45.18 -60.08
C MET E 521 -43.47 -45.67 -60.91
N ASP E 522 -43.75 -46.38 -62.00
CA ASP E 522 -42.66 -46.87 -62.85
C ASP E 522 -42.15 -45.78 -63.77
N TYR E 523 -42.73 -44.59 -63.65
CA TYR E 523 -42.28 -43.44 -64.43
C TYR E 523 -41.38 -42.55 -63.58
N PHE E 524 -40.95 -43.06 -62.43
CA PHE E 524 -40.08 -42.29 -61.54
C PHE E 524 -38.76 -42.99 -61.24
N PRO E 525 -37.84 -43.11 -62.21
CA PRO E 525 -36.55 -43.74 -62.09
C PRO E 525 -35.65 -42.98 -61.13
N LYS E 526 -35.95 -41.69 -60.97
CA LYS E 526 -35.22 -40.82 -60.07
C LYS E 526 -36.21 -39.97 -59.30
N ILE E 527 -36.20 -40.09 -57.98
CA ILE E 527 -37.15 -39.36 -57.15
C ILE E 527 -36.44 -38.34 -56.29
N GLU E 528 -36.87 -37.09 -56.38
CA GLU E 528 -36.32 -36.05 -55.52
C GLU E 528 -37.45 -35.25 -54.91
N ILE E 529 -37.63 -35.42 -53.61
CA ILE E 529 -38.75 -34.80 -52.90
C ILE E 529 -38.32 -34.08 -51.63
N ASN E 530 -39.16 -33.14 -51.20
CA ASN E 530 -38.90 -32.36 -49.99
C ASN E 530 -40.06 -32.48 -49.02
N LEU E 531 -39.80 -33.06 -47.86
CA LEU E 531 -40.82 -33.38 -46.88
C LEU E 531 -40.90 -32.33 -45.78
N SER E 532 -42.07 -31.69 -45.65
CA SER E 532 -42.25 -30.64 -44.65
C SER E 532 -42.95 -31.13 -43.40
N THR E 533 -43.85 -32.10 -43.58
CA THR E 533 -44.63 -32.59 -42.45
C THR E 533 -44.90 -34.09 -42.47
N ARG E 534 -45.68 -34.53 -41.49
CA ARG E 534 -45.99 -35.94 -41.30
C ARG E 534 -46.71 -36.51 -42.50
N MET E 535 -47.59 -35.70 -43.08
CA MET E 535 -48.41 -36.13 -44.20
C MET E 535 -47.56 -36.38 -45.42
N ASP E 536 -46.41 -35.75 -45.48
CA ASP E 536 -45.55 -35.84 -46.63
C ASP E 536 -44.81 -37.16 -46.56
N HIS E 537 -44.51 -37.58 -45.34
CA HIS E 537 -43.85 -38.86 -45.13
C HIS E 537 -44.82 -39.99 -45.41
N MET E 538 -46.09 -39.79 -45.05
CA MET E 538 -47.13 -40.78 -45.31
C MET E 538 -47.32 -40.97 -46.82
N VAL E 539 -47.36 -39.86 -47.55
CA VAL E 539 -47.51 -39.89 -48.99
C VAL E 539 -46.28 -40.46 -49.68
N SER E 540 -45.10 -40.00 -49.26
CA SER E 540 -43.85 -40.49 -49.82
C SER E 540 -43.69 -41.97 -49.57
N SER E 541 -43.94 -42.39 -48.34
CA SER E 541 -43.82 -43.79 -47.95
C SER E 541 -44.66 -44.68 -48.84
N PHE E 542 -45.93 -44.33 -48.99
CA PHE E 542 -46.84 -45.12 -49.79
C PHE E 542 -46.36 -45.27 -51.23
N CYS E 543 -46.02 -44.16 -51.86
CA CYS E 543 -45.65 -44.18 -53.26
C CYS E 543 -44.31 -44.86 -53.51
N ILE E 544 -43.34 -44.62 -52.64
CA ILE E 544 -42.04 -45.24 -52.81
C ILE E 544 -42.11 -46.74 -52.61
N GLU E 545 -42.88 -47.18 -51.61
CA GLU E 545 -43.04 -48.61 -51.40
C GLU E 545 -43.63 -49.26 -52.64
N ASN E 546 -44.63 -48.61 -53.23
CA ASN E 546 -45.26 -49.11 -54.44
C ASN E 546 -44.55 -48.60 -55.69
N CYS E 547 -43.26 -48.94 -55.79
CA CYS E 547 -42.43 -48.53 -56.92
C CYS E 547 -41.30 -49.53 -57.11
N HIS E 548 -41.21 -50.11 -58.31
CA HIS E 548 -40.19 -51.11 -58.57
C HIS E 548 -39.20 -50.68 -59.64
N ARG E 549 -39.21 -49.40 -60.00
CA ARG E 549 -38.31 -48.91 -61.03
C ARG E 549 -37.51 -47.69 -60.63
N VAL E 550 -37.43 -47.41 -59.33
CA VAL E 550 -36.65 -46.26 -58.87
C VAL E 550 -35.24 -46.69 -58.56
N GLU E 551 -34.28 -46.04 -59.22
CA GLU E 551 -32.88 -46.36 -59.01
C GLU E 551 -32.27 -45.43 -57.98
N SER E 552 -32.73 -44.18 -57.96
CA SER E 552 -32.18 -43.20 -57.04
C SER E 552 -33.25 -42.35 -56.38
N LEU E 553 -33.06 -42.13 -55.08
CA LEU E 553 -33.96 -41.32 -54.27
C LEU E 553 -33.21 -40.27 -53.47
N SER E 554 -33.73 -39.05 -53.48
CA SER E 554 -33.19 -37.97 -52.68
C SER E 554 -34.26 -37.42 -51.75
N LEU E 555 -33.97 -37.45 -50.44
CA LEU E 555 -34.95 -36.97 -49.46
C LEU E 555 -34.52 -35.68 -48.81
N GLY E 556 -35.14 -34.60 -49.26
CA GLY E 556 -34.84 -33.27 -48.75
C GLY E 556 -35.66 -32.97 -47.52
N PHE E 557 -35.33 -33.61 -46.41
CA PHE E 557 -36.07 -33.37 -45.18
C PHE E 557 -35.97 -31.88 -44.87
N LEU E 558 -37.09 -31.26 -44.54
CA LEU E 558 -37.11 -29.84 -44.23
C LEU E 558 -37.17 -29.63 -42.71
N HIS E 559 -37.97 -28.64 -42.28
CA HIS E 559 -38.03 -28.32 -40.85
C HIS E 559 -38.94 -29.28 -40.10
N ASN E 560 -38.43 -30.49 -39.84
CA ASN E 560 -39.17 -31.55 -39.14
C ASN E 560 -38.81 -31.56 -37.66
N LEU E 599 -34.46 -32.67 -37.89
CA LEU E 599 -35.30 -33.87 -37.88
C LEU E 599 -35.14 -34.63 -36.56
N THR E 600 -33.90 -35.07 -36.28
CA THR E 600 -33.46 -35.74 -35.05
C THR E 600 -34.55 -36.52 -34.29
N SER E 601 -35.27 -37.37 -35.00
CA SER E 601 -36.38 -38.10 -34.38
C SER E 601 -36.80 -39.33 -35.17
N SER E 602 -37.70 -40.11 -34.56
CA SER E 602 -38.29 -41.30 -35.18
C SER E 602 -39.43 -40.93 -36.12
N PHE E 603 -39.68 -39.64 -36.21
CA PHE E 603 -40.73 -39.06 -37.04
C PHE E 603 -40.72 -39.65 -38.46
N CYS E 604 -39.54 -39.80 -39.02
CA CYS E 604 -39.35 -40.29 -40.38
C CYS E 604 -39.16 -41.79 -40.47
N ARG E 605 -39.21 -42.48 -39.34
CA ARG E 605 -38.94 -43.91 -39.30
C ARG E 605 -39.79 -44.69 -40.31
N GLY E 606 -41.04 -44.27 -40.48
CA GLY E 606 -41.97 -44.93 -41.36
C GLY E 606 -41.55 -44.85 -42.83
N LEU E 607 -40.66 -43.92 -43.14
CA LEU E 607 -40.18 -43.78 -44.51
C LEU E 607 -38.92 -44.61 -44.71
N PHE E 608 -38.01 -44.53 -43.75
CA PHE E 608 -36.75 -45.25 -43.88
C PHE E 608 -36.99 -46.77 -43.92
N SER E 609 -38.03 -47.23 -43.22
CA SER E 609 -38.39 -48.64 -43.20
C SER E 609 -38.88 -49.11 -44.56
N VAL E 610 -39.25 -48.17 -45.44
CA VAL E 610 -39.69 -48.49 -46.78
C VAL E 610 -38.53 -48.55 -47.73
N LEU E 611 -37.63 -47.60 -47.60
CA LEU E 611 -36.48 -47.53 -48.47
C LEU E 611 -35.67 -48.81 -48.38
N SER E 612 -35.59 -49.35 -47.17
CA SER E 612 -34.83 -50.56 -46.90
C SER E 612 -35.49 -51.82 -47.45
N THR E 613 -36.70 -51.70 -47.96
CA THR E 613 -37.37 -52.87 -48.51
C THR E 613 -37.47 -52.79 -50.03
N SER E 614 -36.93 -51.72 -50.62
CA SER E 614 -36.98 -51.58 -52.07
C SER E 614 -35.99 -52.52 -52.72
N GLN E 615 -36.40 -53.14 -53.81
CA GLN E 615 -35.52 -54.06 -54.50
C GLN E 615 -34.88 -53.42 -55.72
N SER E 616 -35.23 -52.16 -55.99
CA SER E 616 -34.67 -51.46 -57.14
C SER E 616 -33.83 -50.26 -56.72
N LEU E 617 -34.08 -49.72 -55.53
CA LEU E 617 -33.34 -48.54 -55.10
C LEU E 617 -31.88 -48.88 -54.89
N THR E 618 -31.00 -48.11 -55.53
CA THR E 618 -29.57 -48.34 -55.42
C THR E 618 -28.89 -47.16 -54.74
N GLU E 619 -29.32 -45.95 -55.07
CA GLU E 619 -28.69 -44.74 -54.57
C GLU E 619 -29.62 -43.95 -53.67
N LEU E 620 -29.18 -43.67 -52.46
CA LEU E 620 -29.96 -42.87 -51.53
C LEU E 620 -29.20 -41.62 -51.11
N ASP E 621 -29.75 -40.46 -51.45
CA ASP E 621 -29.11 -39.19 -51.14
C ASP E 621 -29.80 -38.46 -50.00
N LEU E 622 -29.14 -38.41 -48.86
CA LEU E 622 -29.70 -37.76 -47.67
C LEU E 622 -28.85 -36.58 -47.24
N SER E 623 -28.10 -36.02 -48.18
CA SER E 623 -27.21 -34.90 -47.87
C SER E 623 -27.97 -33.60 -47.72
N ASP E 624 -27.30 -32.60 -47.15
CA ASP E 624 -27.81 -31.25 -47.07
C ASP E 624 -29.18 -31.12 -46.41
N ASN E 625 -29.30 -31.75 -45.24
CA ASN E 625 -30.52 -31.63 -44.43
C ASN E 625 -30.19 -31.91 -42.97
N SER E 626 -31.13 -31.64 -42.08
CA SER E 626 -30.87 -31.82 -40.65
C SER E 626 -31.07 -33.27 -40.18
N LEU E 627 -30.35 -34.20 -40.79
CA LEU E 627 -30.42 -35.60 -40.40
C LEU E 627 -29.38 -35.83 -39.32
N GLY E 628 -29.59 -35.18 -38.18
CA GLY E 628 -28.61 -35.22 -37.11
C GLY E 628 -28.49 -36.64 -36.55
N ASP E 629 -27.54 -36.84 -35.67
CA ASP E 629 -27.24 -38.17 -35.17
C ASP E 629 -28.47 -39.02 -34.81
N PRO E 630 -29.47 -38.50 -34.07
CA PRO E 630 -30.66 -39.22 -33.64
C PRO E 630 -31.50 -39.69 -34.82
N GLY E 631 -31.32 -39.06 -35.98
CA GLY E 631 -32.05 -39.44 -37.18
C GLY E 631 -31.26 -40.49 -37.94
N MET E 632 -29.94 -40.41 -37.82
CA MET E 632 -29.06 -41.34 -38.49
C MET E 632 -29.18 -42.71 -37.84
N ARG E 633 -29.44 -42.73 -36.55
CA ARG E 633 -29.62 -43.98 -35.84
C ARG E 633 -30.80 -44.75 -36.41
N VAL E 634 -31.88 -44.02 -36.70
CA VAL E 634 -33.09 -44.64 -37.22
C VAL E 634 -32.79 -45.26 -38.57
N LEU E 635 -32.09 -44.50 -39.40
CA LEU E 635 -31.72 -44.98 -40.71
C LEU E 635 -30.80 -46.18 -40.62
N CYS E 636 -29.83 -46.13 -39.72
CA CYS E 636 -28.88 -47.22 -39.58
C CYS E 636 -29.58 -48.51 -39.18
N GLU E 637 -30.66 -48.41 -38.41
CA GLU E 637 -31.43 -49.60 -38.07
C GLU E 637 -32.07 -50.21 -39.30
N THR E 638 -32.51 -49.36 -40.24
CA THR E 638 -33.17 -49.83 -41.44
C THR E 638 -32.17 -50.24 -42.52
N LEU E 639 -30.97 -49.69 -42.49
CA LEU E 639 -29.94 -50.04 -43.47
C LEU E 639 -29.36 -51.42 -43.21
N GLN E 640 -29.74 -52.03 -42.11
CA GLN E 640 -29.28 -53.36 -41.76
C GLN E 640 -30.24 -54.43 -42.26
N HIS E 641 -31.32 -54.00 -42.89
CA HIS E 641 -32.32 -54.94 -43.40
C HIS E 641 -31.67 -55.83 -44.48
N PRO E 642 -31.88 -57.15 -44.44
CA PRO E 642 -31.41 -58.13 -45.40
C PRO E 642 -31.73 -57.78 -46.85
N GLY E 643 -32.84 -57.08 -47.06
CA GLY E 643 -33.28 -56.72 -48.41
C GLY E 643 -33.02 -55.26 -48.76
N CYS E 644 -32.13 -54.60 -48.01
CA CYS E 644 -31.86 -53.17 -48.19
C CYS E 644 -31.52 -52.81 -49.63
N ASN E 645 -30.48 -53.43 -50.18
CA ASN E 645 -30.04 -53.22 -51.56
C ASN E 645 -29.53 -51.82 -51.90
N ILE E 646 -29.35 -50.97 -50.90
CA ILE E 646 -28.79 -49.65 -51.19
C ILE E 646 -27.29 -49.77 -51.29
N ARG E 647 -26.75 -49.30 -52.41
CA ARG E 647 -25.32 -49.42 -52.65
C ARG E 647 -24.61 -48.10 -52.44
N ARG E 648 -25.29 -47.00 -52.73
CA ARG E 648 -24.67 -45.69 -52.63
C ARG E 648 -25.41 -44.81 -51.64
N LEU E 649 -24.77 -44.52 -50.52
CA LEU E 649 -25.43 -43.74 -49.48
C LEU E 649 -24.72 -42.40 -49.26
N TRP E 650 -25.30 -41.33 -49.75
CA TRP E 650 -24.63 -40.03 -49.75
C TRP E 650 -24.94 -39.20 -48.52
N LEU E 651 -24.37 -39.57 -47.38
CA LEU E 651 -24.63 -38.84 -46.14
C LEU E 651 -23.72 -37.62 -46.02
N GLY E 652 -23.89 -36.68 -46.93
CA GLY E 652 -23.03 -35.49 -46.94
C GLY E 652 -23.37 -34.59 -45.78
N ARG E 653 -23.39 -33.29 -46.02
CA ARG E 653 -23.66 -32.41 -44.90
C ARG E 653 -25.00 -32.75 -44.27
N CYS E 654 -24.96 -33.53 -43.20
CA CYS E 654 -26.14 -33.97 -42.49
C CYS E 654 -26.12 -33.51 -41.04
N GLY E 655 -25.06 -32.83 -40.65
CA GLY E 655 -24.92 -32.37 -39.28
C GLY E 655 -24.61 -33.52 -38.35
N LEU E 656 -23.91 -34.53 -38.87
CA LEU E 656 -23.58 -35.71 -38.09
C LEU E 656 -22.34 -35.50 -37.28
N SER E 657 -22.25 -36.18 -36.15
CA SER E 657 -21.05 -36.15 -35.33
C SER E 657 -20.61 -37.56 -35.02
N HIS E 658 -19.67 -37.69 -34.09
CA HIS E 658 -19.06 -38.97 -33.78
C HIS E 658 -20.09 -40.01 -33.34
N GLU E 659 -21.20 -39.56 -32.78
CA GLU E 659 -22.17 -40.49 -32.24
C GLU E 659 -22.78 -41.37 -33.31
N CYS E 660 -22.85 -40.87 -34.54
CA CYS E 660 -23.46 -41.65 -35.59
C CYS E 660 -22.51 -42.69 -36.15
N CYS E 661 -21.21 -42.55 -35.87
CA CYS E 661 -20.23 -43.44 -36.46
C CYS E 661 -20.40 -44.84 -35.91
N PHE E 662 -20.83 -44.93 -34.66
CA PHE E 662 -21.09 -46.22 -34.07
C PHE E 662 -22.18 -46.93 -34.85
N ASP E 663 -23.27 -46.22 -35.10
CA ASP E 663 -24.40 -46.78 -35.82
C ASP E 663 -24.05 -47.07 -37.27
N ILE E 664 -23.21 -46.23 -37.87
CA ILE E 664 -22.77 -46.48 -39.24
C ILE E 664 -21.91 -47.72 -39.30
N SER E 665 -21.01 -47.88 -38.32
CA SER E 665 -20.16 -49.05 -38.24
C SER E 665 -20.98 -50.32 -38.22
N LEU E 666 -22.08 -50.29 -37.48
CA LEU E 666 -22.98 -51.45 -37.40
C LEU E 666 -23.58 -51.76 -38.76
N VAL E 667 -23.82 -50.72 -39.55
CA VAL E 667 -24.32 -50.95 -40.91
C VAL E 667 -23.23 -51.58 -41.76
N LEU E 668 -22.02 -51.06 -41.67
CA LEU E 668 -20.92 -51.54 -42.50
C LEU E 668 -20.58 -53.00 -42.25
N SER E 669 -20.67 -53.44 -41.00
CA SER E 669 -20.34 -54.81 -40.63
C SER E 669 -21.46 -55.81 -40.94
N SER E 670 -22.62 -55.31 -41.36
CA SER E 670 -23.78 -56.16 -41.59
C SER E 670 -24.28 -56.08 -43.03
N ASN E 671 -24.41 -54.86 -43.54
CA ASN E 671 -24.90 -54.60 -44.88
C ASN E 671 -23.82 -54.84 -45.92
N GLN E 672 -23.97 -55.91 -46.67
CA GLN E 672 -22.98 -56.33 -47.66
C GLN E 672 -23.24 -55.70 -49.03
N LYS E 673 -24.25 -54.86 -49.10
CA LYS E 673 -24.65 -54.23 -50.35
C LYS E 673 -24.09 -52.83 -50.47
N LEU E 674 -23.84 -52.18 -49.35
CA LEU E 674 -23.33 -50.83 -49.38
C LEU E 674 -21.93 -50.80 -49.98
N VAL E 675 -21.76 -49.99 -51.01
CA VAL E 675 -20.50 -49.86 -51.73
C VAL E 675 -19.88 -48.48 -51.57
N GLU E 676 -20.70 -47.44 -51.68
CA GLU E 676 -20.19 -46.09 -51.67
C GLU E 676 -20.79 -45.30 -50.51
N LEU E 677 -19.93 -44.78 -49.64
CA LEU E 677 -20.38 -44.04 -48.48
C LEU E 677 -19.69 -42.69 -48.39
N ASP E 678 -20.47 -41.62 -48.39
CA ASP E 678 -19.89 -40.29 -48.31
C ASP E 678 -20.28 -39.60 -47.01
N LEU E 679 -19.30 -39.45 -46.12
CA LEU E 679 -19.52 -38.88 -44.81
C LEU E 679 -18.91 -37.49 -44.70
N SER E 680 -18.66 -36.87 -45.86
CA SER E 680 -18.00 -35.58 -45.89
C SER E 680 -18.84 -34.45 -45.33
N ASP E 681 -18.16 -33.38 -44.98
CA ASP E 681 -18.76 -32.16 -44.49
C ASP E 681 -19.62 -32.36 -43.25
N ASN E 682 -19.15 -33.21 -42.35
CA ASN E 682 -19.79 -33.45 -41.07
C ASN E 682 -18.79 -33.11 -39.97
N ALA E 683 -19.01 -33.61 -38.77
CA ALA E 683 -18.09 -33.35 -37.66
C ALA E 683 -17.60 -34.66 -37.09
N LEU E 684 -17.39 -35.64 -37.95
CA LEU E 684 -16.96 -36.95 -37.52
C LEU E 684 -15.49 -36.91 -37.22
N GLY E 685 -15.14 -36.36 -36.07
CA GLY E 685 -13.74 -36.13 -35.73
C GLY E 685 -13.01 -37.44 -35.52
N ASP E 686 -11.77 -37.34 -35.08
CA ASP E 686 -10.91 -38.51 -34.95
C ASP E 686 -11.59 -39.65 -34.22
N PHE E 687 -12.36 -39.33 -33.20
CA PHE E 687 -13.04 -40.38 -32.47
C PHE E 687 -14.06 -41.07 -33.36
N GLY E 688 -14.74 -40.29 -34.18
CA GLY E 688 -15.76 -40.87 -35.06
C GLY E 688 -15.11 -41.88 -35.98
N ILE E 689 -13.90 -41.57 -36.43
CA ILE E 689 -13.16 -42.46 -37.30
C ILE E 689 -12.77 -43.73 -36.57
N ARG E 690 -12.32 -43.60 -35.33
CA ARG E 690 -11.97 -44.78 -34.55
C ARG E 690 -13.16 -45.75 -34.50
N LEU E 691 -14.36 -45.19 -34.32
CA LEU E 691 -15.57 -46.00 -34.30
C LEU E 691 -15.92 -46.51 -35.69
N LEU E 692 -15.78 -45.66 -36.70
CA LEU E 692 -16.15 -46.02 -38.06
C LEU E 692 -15.30 -47.18 -38.55
N CYS E 693 -14.02 -47.14 -38.21
CA CYS E 693 -13.06 -48.13 -38.67
C CYS E 693 -13.36 -49.51 -38.12
N VAL E 694 -14.22 -49.59 -37.12
CA VAL E 694 -14.61 -50.88 -36.59
C VAL E 694 -15.36 -51.64 -37.66
N GLY E 695 -16.19 -50.95 -38.42
CA GLY E 695 -16.96 -51.57 -39.48
C GLY E 695 -16.10 -51.74 -40.73
N LEU E 696 -15.22 -50.78 -40.98
CA LEU E 696 -14.40 -50.80 -42.19
C LEU E 696 -13.43 -51.97 -42.19
N LYS E 697 -12.94 -52.32 -41.01
CA LYS E 697 -12.00 -53.43 -40.85
C LYS E 697 -12.73 -54.77 -40.71
N HIS E 698 -14.06 -54.73 -40.69
CA HIS E 698 -14.86 -55.91 -40.42
C HIS E 698 -15.01 -56.78 -41.66
N LEU E 699 -15.06 -58.08 -41.45
CA LEU E 699 -15.33 -58.99 -42.54
C LEU E 699 -16.73 -58.74 -43.06
N LEU E 700 -16.93 -59.00 -44.35
CA LEU E 700 -18.21 -58.77 -45.02
C LEU E 700 -18.49 -57.28 -45.25
N CYS E 701 -17.52 -56.42 -44.92
CA CYS E 701 -17.66 -55.02 -45.26
C CYS E 701 -17.14 -54.80 -46.65
N ASN E 702 -18.04 -54.54 -47.59
CA ASN E 702 -17.68 -54.48 -49.00
C ASN E 702 -17.57 -53.05 -49.50
N LEU E 703 -17.46 -52.11 -48.58
CA LEU E 703 -17.38 -50.71 -48.96
C LEU E 703 -16.19 -50.49 -49.87
N LYS E 704 -16.40 -49.80 -50.99
CA LYS E 704 -15.32 -49.53 -51.93
C LYS E 704 -14.92 -48.07 -51.93
N LYS E 705 -15.89 -47.17 -51.75
CA LYS E 705 -15.60 -45.75 -51.83
C LYS E 705 -16.01 -45.05 -50.55
N LEU E 706 -15.05 -44.36 -49.94
CA LEU E 706 -15.32 -43.66 -48.70
C LEU E 706 -14.83 -42.22 -48.74
N TRP E 707 -15.74 -41.29 -48.48
CA TRP E 707 -15.36 -39.88 -48.42
C TRP E 707 -15.41 -39.38 -46.99
N LEU E 708 -14.29 -38.90 -46.50
CA LEU E 708 -14.19 -38.33 -45.16
C LEU E 708 -13.69 -36.90 -45.25
N VAL E 709 -14.04 -36.26 -46.35
CA VAL E 709 -13.60 -34.90 -46.63
C VAL E 709 -14.20 -33.89 -45.67
N SER E 710 -13.36 -33.02 -45.15
CA SER E 710 -13.80 -31.98 -44.22
C SER E 710 -14.60 -32.55 -43.06
N CYS E 711 -13.99 -33.46 -42.31
CA CYS E 711 -14.65 -34.07 -41.16
C CYS E 711 -13.93 -33.75 -39.87
N CYS E 712 -13.25 -32.63 -39.84
CA CYS E 712 -12.55 -32.21 -38.64
C CYS E 712 -11.58 -33.27 -38.15
N LEU E 713 -10.85 -33.88 -39.09
CA LEU E 713 -9.91 -34.93 -38.74
C LEU E 713 -8.51 -34.37 -38.56
N THR E 714 -7.72 -35.05 -37.73
CA THR E 714 -6.31 -34.71 -37.60
C THR E 714 -5.48 -35.95 -37.88
N SER E 715 -4.16 -35.81 -37.78
CA SER E 715 -3.25 -36.91 -38.05
C SER E 715 -3.48 -38.07 -37.09
N ALA E 716 -4.13 -37.79 -35.97
CA ALA E 716 -4.41 -38.81 -34.97
C ALA E 716 -5.27 -39.94 -35.52
N CYS E 717 -6.13 -39.62 -36.49
CA CYS E 717 -7.03 -40.63 -37.04
C CYS E 717 -6.37 -41.50 -38.08
N CYS E 718 -5.19 -41.09 -38.54
CA CYS E 718 -4.53 -41.79 -39.63
C CYS E 718 -4.09 -43.17 -39.19
N GLN E 719 -3.91 -43.34 -37.89
CA GLN E 719 -3.49 -44.62 -37.38
C GLN E 719 -4.57 -45.67 -37.64
N ASP E 720 -5.83 -45.24 -37.64
CA ASP E 720 -6.93 -46.16 -37.84
C ASP E 720 -7.25 -46.31 -39.32
N LEU E 721 -7.15 -45.21 -40.06
CA LEU E 721 -7.43 -45.24 -41.48
C LEU E 721 -6.39 -46.08 -42.18
N ALA E 722 -5.15 -45.99 -41.71
CA ALA E 722 -4.05 -46.75 -42.29
C ALA E 722 -4.31 -48.24 -42.12
N SER E 723 -4.89 -48.63 -40.99
CA SER E 723 -5.18 -50.02 -40.71
C SER E 723 -6.27 -50.53 -41.65
N VAL E 724 -7.23 -49.66 -41.94
CA VAL E 724 -8.29 -50.02 -42.86
C VAL E 724 -7.72 -50.26 -44.25
N LEU E 725 -6.82 -49.38 -44.69
CA LEU E 725 -6.22 -49.53 -46.00
C LEU E 725 -5.44 -50.85 -46.10
N SER E 726 -4.75 -51.19 -45.02
CA SER E 726 -3.97 -52.43 -44.98
C SER E 726 -4.84 -53.67 -45.04
N THR E 727 -5.90 -53.72 -44.23
CA THR E 727 -6.70 -54.93 -44.09
C THR E 727 -7.88 -55.03 -45.06
N SER E 728 -8.48 -53.92 -45.44
CA SER E 728 -9.70 -53.97 -46.23
C SER E 728 -9.47 -54.60 -47.60
N HIS E 729 -10.35 -55.52 -47.95
CA HIS E 729 -10.29 -56.21 -49.24
C HIS E 729 -11.01 -55.44 -50.32
N SER E 730 -11.78 -54.42 -49.92
CA SER E 730 -12.64 -53.75 -50.87
C SER E 730 -12.42 -52.24 -50.98
N LEU E 731 -11.80 -51.62 -49.99
CA LEU E 731 -11.71 -50.15 -50.04
C LEU E 731 -10.65 -49.72 -51.04
N THR E 732 -11.09 -49.04 -52.10
CA THR E 732 -10.18 -48.60 -53.15
C THR E 732 -10.15 -47.09 -53.26
N ARG E 733 -11.22 -46.44 -52.85
CA ARG E 733 -11.33 -44.99 -52.99
C ARG E 733 -11.39 -44.28 -51.65
N LEU E 734 -10.28 -43.68 -51.23
CA LEU E 734 -10.28 -43.00 -49.93
C LEU E 734 -10.04 -41.51 -50.09
N TYR E 735 -11.04 -40.70 -49.76
CA TYR E 735 -10.89 -39.25 -49.87
C TYR E 735 -10.89 -38.60 -48.50
N VAL E 736 -9.76 -38.05 -48.09
CA VAL E 736 -9.63 -37.49 -46.74
C VAL E 736 -9.09 -36.07 -46.72
N GLY E 737 -9.30 -35.33 -47.79
CA GLY E 737 -8.76 -33.98 -47.88
C GLY E 737 -9.60 -32.99 -47.08
N GLU E 738 -9.19 -31.74 -47.11
CA GLU E 738 -9.84 -30.67 -46.36
C GLU E 738 -9.87 -31.02 -44.87
N ASN E 739 -8.75 -31.49 -44.37
CA ASN E 739 -8.61 -31.91 -42.98
C ASN E 739 -7.24 -31.48 -42.45
N ALA E 740 -6.95 -31.81 -41.20
CA ALA E 740 -5.67 -31.46 -40.60
C ALA E 740 -4.71 -32.64 -40.66
N LEU E 741 -4.87 -33.48 -41.67
CA LEU E 741 -4.02 -34.64 -41.86
C LEU E 741 -2.73 -34.20 -42.52
N GLY E 742 -1.91 -33.48 -41.77
CA GLY E 742 -0.71 -32.88 -42.32
C GLY E 742 0.33 -33.93 -42.65
N ASP E 743 1.54 -33.48 -42.91
CA ASP E 743 2.61 -34.38 -43.33
C ASP E 743 2.75 -35.59 -42.42
N SER E 744 2.65 -35.36 -41.12
CA SER E 744 2.76 -36.42 -40.12
C SER E 744 1.62 -37.42 -40.19
N GLY E 745 0.50 -37.01 -40.79
CA GLY E 745 -0.66 -37.88 -40.94
C GLY E 745 -0.50 -38.74 -42.18
N VAL E 746 -0.08 -38.12 -43.26
CA VAL E 746 0.13 -38.83 -44.50
C VAL E 746 1.18 -39.89 -44.35
N ALA E 747 2.24 -39.57 -43.63
CA ALA E 747 3.30 -40.55 -43.40
C ALA E 747 2.73 -41.84 -42.80
N ILE E 748 1.73 -41.71 -41.94
CA ILE E 748 1.10 -42.87 -41.33
C ILE E 748 0.30 -43.64 -42.36
N LEU E 749 -0.50 -42.92 -43.16
CA LEU E 749 -1.30 -43.58 -44.18
C LEU E 749 -0.40 -44.27 -45.20
N CYS E 750 0.72 -43.62 -45.52
CA CYS E 750 1.67 -44.13 -46.50
C CYS E 750 2.35 -45.39 -46.00
N GLU E 751 2.62 -45.46 -44.71
CA GLU E 751 3.29 -46.63 -44.16
C GLU E 751 2.53 -47.91 -44.49
N LYS E 752 1.20 -47.81 -44.55
CA LYS E 752 0.41 -48.98 -44.90
C LYS E 752 0.01 -48.97 -46.38
N ALA E 753 -0.20 -47.79 -46.94
CA ALA E 753 -0.63 -47.67 -48.33
C ALA E 753 0.49 -48.07 -49.28
N LYS E 754 1.73 -48.02 -48.79
CA LYS E 754 2.89 -48.40 -49.59
C LYS E 754 2.94 -49.92 -49.78
N ASN E 755 2.17 -50.65 -48.99
CA ASN E 755 2.17 -52.10 -49.09
C ASN E 755 1.58 -52.49 -50.44
N PRO E 756 2.28 -53.28 -51.25
CA PRO E 756 1.93 -53.65 -52.61
C PRO E 756 0.64 -54.47 -52.67
N GLN E 757 0.19 -54.96 -51.52
CA GLN E 757 -1.03 -55.75 -51.45
C GLN E 757 -2.24 -54.89 -51.08
N CYS E 758 -2.01 -53.59 -50.88
CA CYS E 758 -3.08 -52.66 -50.54
C CYS E 758 -3.95 -52.42 -51.75
N ASN E 759 -5.25 -52.31 -51.55
CA ASN E 759 -6.20 -52.18 -52.65
C ASN E 759 -6.52 -50.74 -53.01
N LEU E 760 -5.83 -49.80 -52.38
CA LEU E 760 -6.07 -48.39 -52.63
C LEU E 760 -5.81 -48.01 -54.08
N GLN E 761 -6.80 -47.39 -54.72
CA GLN E 761 -6.70 -46.95 -56.10
C GLN E 761 -6.73 -45.44 -56.24
N LYS E 762 -7.56 -44.78 -55.43
CA LYS E 762 -7.63 -43.33 -55.48
C LYS E 762 -7.41 -42.74 -54.11
N LEU E 763 -6.45 -41.84 -53.99
CA LEU E 763 -6.17 -41.23 -52.70
C LEU E 763 -6.39 -39.73 -52.72
N GLY E 764 -7.46 -39.29 -52.06
CA GLY E 764 -7.90 -37.91 -52.10
C GLY E 764 -7.30 -37.04 -51.02
N LEU E 765 -5.98 -37.00 -50.93
CA LEU E 765 -5.30 -36.15 -49.97
C LEU E 765 -5.23 -34.74 -50.49
N VAL E 766 -6.38 -34.09 -50.59
CA VAL E 766 -6.47 -32.81 -51.26
C VAL E 766 -5.98 -31.71 -50.34
N ASN E 767 -6.88 -30.97 -49.73
CA ASN E 767 -6.43 -29.89 -48.87
C ASN E 767 -6.12 -30.44 -47.50
N SER E 768 -5.05 -31.22 -47.42
CA SER E 768 -4.67 -31.87 -46.19
C SER E 768 -3.61 -31.09 -45.42
N GLY E 769 -3.19 -29.97 -45.99
CA GLY E 769 -2.17 -29.14 -45.34
C GLY E 769 -0.80 -29.80 -45.39
N LEU E 770 -0.51 -30.45 -46.52
CA LEU E 770 0.75 -31.16 -46.65
C LEU E 770 1.85 -30.26 -47.14
N THR E 771 3.07 -30.62 -46.77
CA THR E 771 4.27 -29.95 -47.21
C THR E 771 5.16 -30.96 -47.90
N SER E 772 6.30 -30.51 -48.40
CA SER E 772 7.24 -31.41 -49.09
C SER E 772 7.75 -32.51 -48.17
N VAL E 773 7.55 -32.33 -46.87
CA VAL E 773 8.02 -33.27 -45.87
C VAL E 773 7.47 -34.67 -46.09
N CYS E 774 6.22 -34.78 -46.51
CA CYS E 774 5.61 -36.10 -46.68
C CYS E 774 5.63 -36.56 -48.12
N CYS E 775 6.26 -35.82 -49.01
CA CYS E 775 6.27 -36.24 -50.40
C CYS E 775 7.17 -37.44 -50.61
N SER E 776 8.13 -37.64 -49.73
CA SER E 776 8.96 -38.83 -49.81
C SER E 776 8.13 -40.05 -49.43
N ALA E 777 7.13 -39.85 -48.58
CA ALA E 777 6.23 -40.91 -48.17
C ALA E 777 5.27 -41.21 -49.30
N LEU E 778 4.78 -40.17 -49.95
CA LEU E 778 3.89 -40.33 -51.09
C LEU E 778 4.64 -40.98 -52.24
N SER E 779 5.91 -40.61 -52.38
CA SER E 779 6.77 -41.17 -53.41
C SER E 779 6.92 -42.67 -53.21
N SER E 780 7.15 -43.07 -51.96
CA SER E 780 7.27 -44.48 -51.63
C SER E 780 6.01 -45.24 -52.01
N VAL E 781 4.85 -44.66 -51.71
CA VAL E 781 3.60 -45.30 -52.06
C VAL E 781 3.44 -45.42 -53.56
N LEU E 782 3.73 -44.34 -54.28
CA LEU E 782 3.59 -44.34 -55.72
C LEU E 782 4.50 -45.39 -56.37
N SER E 783 5.70 -45.51 -55.85
CA SER E 783 6.67 -46.46 -56.35
C SER E 783 6.28 -47.92 -56.09
N THR E 784 5.85 -48.22 -54.87
CA THR E 784 5.58 -49.60 -54.47
C THR E 784 4.15 -50.07 -54.74
N ASN E 785 3.17 -49.21 -54.50
CA ASN E 785 1.77 -49.62 -54.64
C ASN E 785 1.32 -49.47 -56.08
N GLN E 786 1.26 -50.60 -56.78
CA GLN E 786 0.96 -50.61 -58.20
C GLN E 786 -0.52 -50.47 -58.46
N ASN E 787 -1.31 -50.41 -57.40
CA ASN E 787 -2.75 -50.29 -57.55
C ASN E 787 -3.21 -48.85 -57.47
N LEU E 788 -2.30 -47.92 -57.15
CA LEU E 788 -2.70 -46.53 -56.98
C LEU E 788 -2.69 -45.84 -58.32
N THR E 789 -3.86 -45.42 -58.78
CA THR E 789 -3.99 -44.84 -60.10
C THR E 789 -4.34 -43.35 -60.08
N HIS E 790 -4.90 -42.87 -58.99
CA HIS E 790 -5.27 -41.46 -58.90
C HIS E 790 -4.82 -40.85 -57.58
N LEU E 791 -4.11 -39.73 -57.65
CA LEU E 791 -3.65 -39.04 -56.45
C LEU E 791 -3.96 -37.54 -56.56
N TYR E 792 -4.72 -37.03 -55.61
CA TYR E 792 -5.16 -35.64 -55.68
C TYR E 792 -4.54 -34.80 -54.57
N LEU E 793 -3.60 -33.93 -54.92
CA LEU E 793 -2.86 -33.18 -53.90
C LEU E 793 -3.11 -31.68 -53.91
N ARG E 794 -4.15 -31.22 -54.59
CA ARG E 794 -4.36 -29.79 -54.68
C ARG E 794 -4.68 -29.16 -53.34
N GLY E 795 -4.13 -27.98 -53.10
CA GLY E 795 -4.34 -27.26 -51.85
C GLY E 795 -3.16 -27.46 -50.90
N ASN E 796 -2.30 -28.41 -51.23
CA ASN E 796 -1.13 -28.71 -50.44
C ASN E 796 0.08 -27.90 -50.87
N THR E 797 0.59 -27.07 -49.98
CA THR E 797 1.73 -26.24 -50.32
C THR E 797 3.00 -27.07 -50.35
N LEU E 798 3.12 -27.87 -51.40
CA LEU E 798 4.22 -28.81 -51.52
C LEU E 798 5.44 -28.12 -52.09
N GLY E 799 5.18 -27.15 -52.95
CA GLY E 799 6.26 -26.38 -53.54
C GLY E 799 7.07 -27.21 -54.51
N ASP E 800 8.23 -26.70 -54.86
CA ASP E 800 9.08 -27.35 -55.84
C ASP E 800 9.76 -28.55 -55.23
N LYS E 801 10.06 -28.48 -53.94
CA LYS E 801 10.72 -29.58 -53.26
C LYS E 801 9.82 -30.80 -53.27
N GLY E 802 8.53 -30.57 -53.06
CA GLY E 802 7.58 -31.66 -53.07
C GLY E 802 7.52 -32.33 -54.43
N ILE E 803 7.51 -31.53 -55.49
CA ILE E 803 7.47 -32.09 -56.84
C ILE E 803 8.68 -32.95 -57.10
N LYS E 804 9.86 -32.48 -56.69
CA LYS E 804 11.07 -33.25 -56.90
C LYS E 804 10.96 -34.60 -56.22
N LEU E 805 10.48 -34.60 -54.97
CA LEU E 805 10.35 -35.84 -54.22
C LEU E 805 9.30 -36.76 -54.82
N LEU E 806 8.19 -36.20 -55.28
CA LEU E 806 7.16 -37.04 -55.88
C LEU E 806 7.67 -37.68 -57.16
N CYS E 807 8.46 -36.92 -57.93
CA CYS E 807 9.01 -37.42 -59.18
C CYS E 807 9.89 -38.63 -58.98
N GLU E 808 10.57 -38.70 -57.84
CA GLU E 808 11.41 -39.87 -57.58
C GLU E 808 10.55 -41.14 -57.62
N GLY E 809 9.29 -41.04 -57.17
CA GLY E 809 8.37 -42.16 -57.20
C GLY E 809 7.67 -42.26 -58.55
N LEU E 810 7.19 -41.14 -59.06
CA LEU E 810 6.41 -41.11 -60.30
C LEU E 810 7.21 -41.62 -61.48
N LEU E 811 8.51 -41.38 -61.47
CA LEU E 811 9.38 -41.78 -62.57
C LEU E 811 9.87 -43.22 -62.40
N HIS E 812 9.49 -43.85 -61.30
CA HIS E 812 9.87 -45.22 -61.03
C HIS E 812 9.12 -46.15 -61.98
N PRO E 813 9.76 -47.18 -62.54
CA PRO E 813 9.19 -48.13 -63.48
C PRO E 813 7.98 -48.90 -62.94
N ASP E 814 7.86 -49.01 -61.62
CA ASP E 814 6.72 -49.73 -61.05
C ASP E 814 5.57 -48.83 -60.66
N CYS E 815 5.68 -47.53 -60.94
CA CYS E 815 4.61 -46.62 -60.60
C CYS E 815 3.52 -46.68 -61.67
N LYS E 816 2.28 -46.86 -61.25
CA LYS E 816 1.17 -47.00 -62.19
C LYS E 816 0.22 -45.82 -62.15
N LEU E 817 0.62 -44.74 -61.47
CA LEU E 817 -0.27 -43.60 -61.31
C LEU E 817 -0.69 -43.07 -62.68
N GLN E 818 -1.99 -42.85 -62.85
CA GLN E 818 -2.51 -42.35 -64.11
C GLN E 818 -2.89 -40.89 -63.99
N VAL E 819 -3.51 -40.52 -62.87
CA VAL E 819 -3.96 -39.16 -62.71
C VAL E 819 -3.34 -38.48 -61.51
N LEU E 820 -2.67 -37.38 -61.75
CA LEU E 820 -2.09 -36.59 -60.67
C LEU E 820 -2.62 -35.17 -60.71
N GLU E 821 -3.21 -34.73 -59.61
CA GLU E 821 -3.75 -33.37 -59.56
C GLU E 821 -2.89 -32.45 -58.71
N LEU E 822 -2.42 -31.36 -59.31
CA LEU E 822 -1.55 -30.40 -58.65
C LEU E 822 -1.98 -28.97 -58.95
N ASP E 823 -3.07 -28.55 -58.33
CA ASP E 823 -3.61 -27.22 -58.57
C ASP E 823 -2.96 -26.18 -57.66
N ASN E 824 -3.65 -25.76 -56.61
CA ASN E 824 -3.05 -24.79 -55.70
C ASN E 824 -2.05 -25.46 -54.78
N CYS E 825 -0.92 -25.87 -55.35
CA CYS E 825 0.12 -26.57 -54.61
C CYS E 825 1.32 -25.69 -54.32
N ASN E 826 1.18 -24.39 -54.57
CA ASN E 826 2.24 -23.42 -54.34
C ASN E 826 3.51 -23.72 -55.12
N LEU E 827 3.34 -24.11 -56.38
CA LEU E 827 4.48 -24.44 -57.23
C LEU E 827 4.97 -23.21 -57.96
N THR E 828 6.24 -23.22 -58.35
CA THR E 828 6.73 -22.15 -59.21
C THR E 828 7.56 -22.70 -60.36
N SER E 829 8.16 -21.80 -61.13
CA SER E 829 8.81 -22.16 -62.38
C SER E 829 10.01 -23.09 -62.22
N HIS E 830 10.57 -23.14 -61.03
CA HIS E 830 11.75 -23.94 -60.78
C HIS E 830 11.44 -25.44 -60.79
N CYS E 831 10.16 -25.79 -60.73
CA CYS E 831 9.78 -27.20 -60.73
C CYS E 831 9.46 -27.67 -62.14
N CYS E 832 9.54 -26.77 -63.11
CA CYS E 832 9.15 -27.11 -64.46
C CYS E 832 10.06 -28.15 -65.09
N TRP E 833 11.32 -28.21 -64.65
CA TRP E 833 12.22 -29.23 -65.18
C TRP E 833 11.81 -30.61 -64.73
N ASP E 834 11.26 -30.68 -63.51
CA ASP E 834 10.88 -31.96 -62.96
C ASP E 834 9.52 -32.37 -63.50
N LEU E 835 8.65 -31.39 -63.69
CA LEU E 835 7.36 -31.68 -64.30
C LEU E 835 7.59 -32.06 -65.75
N SER E 836 8.50 -31.36 -66.43
CA SER E 836 8.82 -31.66 -67.81
C SER E 836 9.31 -33.09 -67.92
N THR E 837 10.18 -33.49 -67.00
CA THR E 837 10.66 -34.86 -66.99
C THR E 837 9.48 -35.80 -66.84
N LEU E 838 8.58 -35.48 -65.91
CA LEU E 838 7.40 -36.29 -65.67
C LEU E 838 6.53 -36.42 -66.91
N LEU E 839 6.39 -35.34 -67.67
CA LEU E 839 5.51 -35.31 -68.83
C LEU E 839 5.92 -36.33 -69.89
N THR E 840 7.23 -36.54 -70.07
CA THR E 840 7.67 -37.49 -71.10
C THR E 840 8.26 -38.79 -70.56
N SER E 841 8.73 -38.79 -69.32
CA SER E 841 9.39 -39.97 -68.80
C SER E 841 8.45 -40.96 -68.13
N SER E 842 7.34 -40.49 -67.57
CA SER E 842 6.41 -41.41 -66.92
C SER E 842 5.47 -42.00 -67.95
N GLN E 843 5.55 -43.32 -68.12
CA GLN E 843 4.78 -44.00 -69.15
C GLN E 843 3.41 -44.38 -68.64
N SER E 844 3.19 -44.21 -67.34
CA SER E 844 1.93 -44.58 -66.72
C SER E 844 0.98 -43.40 -66.64
N LEU E 845 1.54 -42.19 -66.52
CA LEU E 845 0.72 -41.01 -66.32
C LEU E 845 -0.10 -40.69 -67.57
N ARG E 846 -1.37 -40.36 -67.37
CA ARG E 846 -2.25 -40.02 -68.48
C ARG E 846 -2.79 -38.61 -68.34
N LYS E 847 -2.97 -38.17 -67.09
CA LYS E 847 -3.52 -36.86 -66.80
C LYS E 847 -2.65 -36.13 -65.80
N LEU E 848 -2.54 -34.82 -65.93
CA LEU E 848 -1.78 -34.03 -64.97
C LEU E 848 -2.42 -32.67 -64.81
N SER E 849 -3.20 -32.52 -63.76
CA SER E 849 -4.01 -31.34 -63.58
C SER E 849 -3.26 -30.22 -62.88
N LEU E 850 -2.31 -29.62 -63.58
CA LEU E 850 -1.62 -28.45 -63.03
C LEU E 850 -2.66 -27.36 -62.95
N GLY E 851 -2.62 -26.53 -61.93
CA GLY E 851 -3.69 -25.52 -61.83
C GLY E 851 -3.25 -24.18 -61.27
N ASN E 852 -4.02 -23.71 -60.30
CA ASN E 852 -3.88 -22.36 -59.76
C ASN E 852 -2.61 -22.15 -58.96
N ASN E 853 -1.49 -22.11 -59.66
CA ASN E 853 -0.20 -21.83 -59.06
C ASN E 853 0.64 -20.99 -60.02
N ASP E 854 1.58 -20.22 -59.49
CA ASP E 854 2.36 -19.32 -60.34
C ASP E 854 3.51 -20.06 -60.99
N LEU E 855 3.17 -20.95 -61.90
CA LEU E 855 4.15 -21.83 -62.53
C LEU E 855 5.06 -21.08 -63.50
N GLY E 856 4.52 -20.07 -64.18
CA GLY E 856 5.30 -19.32 -65.16
C GLY E 856 4.90 -19.75 -66.57
N ASP E 857 4.76 -18.77 -67.46
CA ASP E 857 4.34 -19.06 -68.82
C ASP E 857 5.48 -19.64 -69.65
N LEU E 858 6.70 -19.24 -69.35
CA LEU E 858 7.87 -19.79 -70.02
C LEU E 858 7.99 -21.28 -69.72
N GLY E 859 7.69 -21.65 -68.48
CA GLY E 859 7.75 -23.05 -68.06
C GLY E 859 6.77 -23.88 -68.88
N VAL E 860 5.56 -23.36 -69.06
CA VAL E 860 4.55 -24.03 -69.84
C VAL E 860 4.97 -24.21 -71.30
N MET E 861 5.64 -23.22 -71.88
CA MET E 861 6.10 -23.37 -73.26
C MET E 861 7.05 -24.55 -73.38
N MET E 862 7.87 -24.77 -72.34
CA MET E 862 8.75 -25.93 -72.33
C MET E 862 7.94 -27.21 -72.35
N PHE E 863 6.82 -27.22 -71.63
CA PHE E 863 5.97 -28.40 -71.58
C PHE E 863 5.51 -28.75 -72.98
N CYS E 864 5.11 -27.73 -73.73
CA CYS E 864 4.64 -27.95 -75.09
C CYS E 864 5.72 -28.67 -75.91
N GLU E 865 6.94 -28.16 -75.84
CA GLU E 865 8.02 -28.73 -76.64
C GLU E 865 8.30 -30.19 -76.30
N VAL E 866 8.23 -30.54 -75.02
CA VAL E 866 8.51 -31.90 -74.61
C VAL E 866 7.32 -32.84 -74.83
N LEU E 867 6.10 -32.34 -74.68
CA LEU E 867 4.93 -33.19 -74.88
C LEU E 867 4.87 -33.71 -76.31
N LYS E 868 5.33 -32.90 -77.24
CA LYS E 868 5.36 -33.29 -78.64
C LYS E 868 6.28 -34.50 -78.87
N GLN E 869 7.19 -34.77 -77.93
CA GLN E 869 8.14 -35.87 -78.06
C GLN E 869 7.52 -37.19 -77.60
N GLN E 870 6.47 -37.61 -78.28
CA GLN E 870 5.77 -38.86 -78.02
C GLN E 870 5.32 -39.04 -76.56
N SER E 871 4.81 -37.99 -75.93
CA SER E 871 4.28 -38.11 -74.58
C SER E 871 2.97 -38.90 -74.59
N CYS E 872 2.77 -39.69 -73.54
CA CYS E 872 1.56 -40.49 -73.36
C CYS E 872 0.52 -39.74 -72.52
N LEU E 873 0.85 -38.52 -72.14
CA LEU E 873 -0.03 -37.72 -71.30
C LEU E 873 -1.10 -37.09 -72.16
N LEU E 874 -2.13 -37.88 -72.46
CA LEU E 874 -3.13 -37.48 -73.44
C LEU E 874 -4.39 -36.89 -72.83
N GLN E 875 -4.45 -36.79 -71.52
CA GLN E 875 -5.62 -36.24 -70.86
C GLN E 875 -5.42 -34.79 -70.52
N ASN E 876 -6.43 -34.19 -69.93
CA ASN E 876 -6.42 -32.77 -69.59
C ASN E 876 -5.12 -32.39 -68.88
N LEU E 877 -4.47 -31.33 -69.38
CA LEU E 877 -3.20 -30.87 -68.82
C LEU E 877 -3.39 -29.82 -67.74
N GLY E 878 -4.63 -29.50 -67.43
CA GLY E 878 -4.93 -28.50 -66.42
C GLY E 878 -4.51 -27.11 -66.89
N LEU E 879 -3.65 -26.47 -66.11
CA LEU E 879 -3.18 -25.13 -66.40
C LEU E 879 -4.35 -24.15 -66.37
N SER E 880 -5.40 -24.50 -65.63
CA SER E 880 -6.55 -23.64 -65.48
C SER E 880 -6.22 -22.54 -64.48
N GLU E 881 -6.92 -21.42 -64.57
CA GLU E 881 -6.73 -20.29 -63.66
C GLU E 881 -5.27 -19.80 -63.68
N MET E 882 -4.52 -20.27 -64.67
CA MET E 882 -3.14 -19.89 -64.86
C MET E 882 -3.04 -19.03 -66.11
N TYR E 883 -2.59 -17.78 -65.95
CA TYR E 883 -2.61 -16.87 -67.08
C TYR E 883 -1.25 -16.75 -67.74
N PHE E 884 -1.26 -16.60 -69.05
CA PHE E 884 -0.03 -16.60 -69.83
C PHE E 884 0.05 -15.44 -70.79
N ASN E 885 1.27 -15.11 -71.23
CA ASN E 885 1.42 -14.10 -72.26
C ASN E 885 1.01 -14.66 -73.62
N TYR E 886 1.09 -13.82 -74.66
CA TYR E 886 0.66 -14.21 -75.99
C TYR E 886 1.40 -15.41 -76.56
N GLU E 887 2.72 -15.38 -76.51
CA GLU E 887 3.52 -16.42 -77.13
C GLU E 887 3.21 -17.78 -76.53
N THR E 888 3.00 -17.80 -75.22
CA THR E 888 2.69 -19.04 -74.52
C THR E 888 1.31 -19.55 -74.92
N LYS E 889 0.32 -18.66 -74.97
CA LYS E 889 -1.01 -19.10 -75.37
C LYS E 889 -0.99 -19.65 -76.78
N SER E 890 -0.22 -19.01 -77.65
CA SER E 890 -0.09 -19.47 -79.02
C SER E 890 0.52 -20.87 -79.05
N ALA E 891 1.56 -21.08 -78.24
CA ALA E 891 2.22 -22.37 -78.16
C ALA E 891 1.25 -23.46 -77.71
N LEU E 892 0.39 -23.13 -76.73
CA LEU E 892 -0.59 -24.10 -76.23
C LEU E 892 -1.63 -24.43 -77.29
N GLU E 893 -2.11 -23.43 -78.01
CA GLU E 893 -3.08 -23.68 -79.07
C GLU E 893 -2.44 -24.54 -80.15
N THR E 894 -1.17 -24.25 -80.44
CA THR E 894 -0.41 -25.00 -81.43
C THR E 894 -0.29 -26.46 -81.00
N LEU E 895 0.02 -26.68 -79.73
CA LEU E 895 0.16 -28.03 -79.20
C LEU E 895 -1.07 -28.87 -79.47
N GLN E 896 -2.25 -28.31 -79.24
CA GLN E 896 -3.49 -29.05 -79.46
C GLN E 896 -3.65 -29.43 -80.93
N GLU E 897 -3.21 -28.55 -81.83
CA GLU E 897 -3.33 -28.81 -83.26
C GLU E 897 -2.27 -29.81 -83.76
N GLU E 898 -1.04 -29.68 -83.24
CA GLU E 898 0.06 -30.53 -83.67
C GLU E 898 0.03 -31.90 -83.00
N LYS E 899 -0.56 -31.97 -81.81
CA LYS E 899 -0.68 -33.22 -81.08
C LYS E 899 -2.14 -33.55 -80.80
N PRO E 900 -2.93 -33.91 -81.84
CA PRO E 900 -4.38 -34.07 -81.82
C PRO E 900 -4.83 -35.19 -80.90
N GLU E 901 -3.91 -36.07 -80.53
CA GLU E 901 -4.24 -37.15 -79.62
C GLU E 901 -4.39 -36.63 -78.19
N LEU E 902 -4.00 -35.37 -77.97
CA LEU E 902 -4.14 -34.74 -76.67
C LEU E 902 -5.56 -34.25 -76.48
N THR E 903 -6.20 -34.68 -75.40
CA THR E 903 -7.59 -34.37 -75.17
C THR E 903 -7.85 -32.88 -75.07
N VAL E 904 -7.13 -32.19 -74.20
CA VAL E 904 -7.36 -30.76 -74.02
C VAL E 904 -6.30 -30.10 -73.16
N VAL E 905 -5.94 -28.86 -73.48
CA VAL E 905 -5.11 -28.06 -72.60
C VAL E 905 -5.94 -27.44 -71.49
N PHE E 906 -7.06 -26.82 -71.88
CA PHE E 906 -8.03 -26.21 -70.97
C PHE E 906 -7.53 -24.91 -70.34
N GLU E 907 -7.12 -23.99 -71.20
CA GLU E 907 -6.70 -22.65 -70.81
C GLU E 907 -7.89 -21.87 -70.24
N PRO E 908 -7.67 -20.94 -69.30
CA PRO E 908 -8.67 -20.05 -68.72
C PRO E 908 -9.24 -18.98 -69.69
N SER E 909 -8.53 -18.70 -70.80
CA SER E 909 -8.92 -17.68 -71.77
C SER E 909 -8.12 -17.81 -73.06
N LYS F 7 34.93 -75.78 7.67
CA LYS F 7 34.41 -76.02 9.01
C LYS F 7 33.96 -74.70 9.64
N LYS F 8 33.30 -74.79 10.80
CA LYS F 8 32.80 -73.64 11.55
C LYS F 8 33.42 -73.57 12.94
N ASP F 9 33.46 -72.38 13.50
CA ASP F 9 33.96 -72.16 14.85
C ASP F 9 32.95 -72.68 15.88
N TYR F 10 33.43 -72.97 17.07
CA TYR F 10 32.60 -73.47 18.16
C TYR F 10 32.30 -72.39 19.20
N ARG F 11 33.15 -71.37 19.27
CA ARG F 11 32.99 -70.35 20.29
C ARG F 11 31.59 -69.75 20.24
N LYS F 12 31.08 -69.53 19.02
CA LYS F 12 29.76 -68.97 18.82
C LYS F 12 28.66 -69.94 19.24
N LYS F 13 28.90 -71.23 19.01
CA LYS F 13 27.93 -72.27 19.33
C LYS F 13 27.81 -72.44 20.84
N TYR F 14 28.94 -72.37 21.53
CA TYR F 14 28.92 -72.45 22.98
C TYR F 14 28.20 -71.25 23.58
N ARG F 15 28.50 -70.06 23.07
CA ARG F 15 27.83 -68.86 23.57
C ARG F 15 26.31 -68.96 23.40
N LYS F 16 25.87 -69.48 22.24
CA LYS F 16 24.44 -69.67 22.01
C LYS F 16 23.84 -70.60 23.05
N TYR F 17 24.53 -71.70 23.32
CA TYR F 17 24.12 -72.67 24.34
C TYR F 17 23.99 -72.01 25.70
N VAL F 18 25.00 -71.23 26.08
CA VAL F 18 24.97 -70.53 27.35
C VAL F 18 23.83 -69.54 27.40
N ARG F 19 23.61 -68.78 26.33
CA ARG F 19 22.52 -67.82 26.34
C ARG F 19 21.19 -68.52 26.59
N SER F 20 20.98 -69.65 25.93
CA SER F 20 19.74 -70.41 26.07
C SER F 20 19.54 -70.98 27.47
N ARG F 21 20.58 -71.60 28.02
CA ARG F 21 20.45 -72.29 29.31
C ARG F 21 20.56 -71.35 30.50
N PHE F 22 21.26 -70.24 30.35
CA PHE F 22 21.44 -69.30 31.45
C PHE F 22 20.48 -68.11 31.34
N GLN F 23 19.52 -68.21 30.42
CA GLN F 23 18.52 -67.16 30.23
C GLN F 23 17.61 -67.05 31.44
N CYS F 24 17.33 -68.18 32.09
CA CYS F 24 16.47 -68.19 33.26
C CYS F 24 17.29 -68.30 34.54
N ILE F 25 16.75 -67.80 35.64
CA ILE F 25 17.49 -67.80 36.89
C ILE F 25 17.80 -69.20 37.40
N GLU F 26 16.81 -70.09 37.40
CA GLU F 26 17.00 -71.44 37.94
C GLU F 26 17.12 -72.51 36.85
N ASP F 27 16.48 -72.28 35.70
CA ASP F 27 16.41 -73.30 34.65
C ASP F 27 15.79 -74.60 35.16
N ARG F 28 14.71 -74.47 35.91
CA ARG F 28 13.99 -75.61 36.48
C ARG F 28 12.49 -75.47 36.26
N ASN F 29 11.76 -76.57 36.41
CA ASN F 29 10.32 -76.55 36.22
C ASN F 29 9.56 -76.13 37.48
N ALA F 30 8.23 -76.13 37.38
CA ALA F 30 7.31 -75.77 38.45
C ALA F 30 7.42 -74.29 38.86
N ARG F 31 8.04 -73.49 38.01
CA ARG F 31 8.17 -72.06 38.28
C ARG F 31 6.95 -71.27 37.85
N LEU F 32 5.88 -71.40 38.61
CA LEU F 32 4.62 -70.70 38.34
C LEU F 32 4.12 -70.93 36.92
N GLY F 33 3.95 -72.20 36.56
CA GLY F 33 3.50 -72.55 35.21
C GLY F 33 4.65 -72.56 34.22
N GLU F 34 5.87 -72.73 34.76
CA GLU F 34 7.09 -72.74 33.96
C GLU F 34 7.21 -71.50 33.09
N SER F 35 7.03 -70.33 33.72
CA SER F 35 7.13 -69.06 33.04
C SER F 35 8.59 -68.62 32.93
N VAL F 36 8.85 -67.59 32.14
CA VAL F 36 10.20 -67.06 32.02
C VAL F 36 10.53 -66.26 33.28
N SER F 37 11.69 -66.53 33.88
CA SER F 37 12.06 -65.88 35.14
C SER F 37 12.38 -64.40 34.95
N LEU F 38 12.77 -64.03 33.74
CA LEU F 38 13.02 -62.65 33.36
C LEU F 38 14.16 -62.02 34.16
N ASN F 39 15.39 -62.17 33.69
CA ASN F 39 16.55 -61.67 34.41
C ASN F 39 16.62 -60.15 34.44
N LYS F 40 15.70 -59.49 33.73
CA LYS F 40 15.63 -58.04 33.74
C LYS F 40 15.26 -57.53 35.13
N ARG F 41 14.71 -58.43 35.97
CA ARG F 41 14.35 -58.07 37.33
C ARG F 41 15.56 -58.08 38.26
N TYR F 42 16.67 -58.61 37.76
CA TYR F 42 17.88 -58.76 38.56
C TYR F 42 18.51 -57.41 38.87
N THR F 43 18.88 -57.21 40.12
CA THR F 43 19.56 -55.99 40.51
C THR F 43 21.05 -56.29 40.65
N ARG F 44 21.87 -55.45 40.03
CA ARG F 44 23.31 -55.70 40.04
C ARG F 44 23.84 -55.68 41.46
N LEU F 45 24.64 -56.69 41.78
CA LEU F 45 25.26 -56.78 43.10
C LEU F 45 26.54 -55.95 43.10
N ARG F 46 26.64 -55.03 44.05
CA ARG F 46 27.78 -54.13 44.11
C ARG F 46 28.91 -54.76 44.90
N LEU F 47 30.13 -54.65 44.38
CA LEU F 47 31.30 -55.28 44.98
C LEU F 47 32.39 -54.27 45.34
N ILE F 48 33.17 -54.58 46.39
CA ILE F 48 34.32 -53.78 46.82
C ILE F 48 35.61 -54.62 46.83
N LYS F 49 36.70 -54.05 46.33
CA LYS F 49 37.98 -54.75 46.35
C LYS F 49 38.58 -54.69 47.77
N GLU F 50 38.96 -55.86 48.31
CA GLU F 50 39.57 -55.96 49.64
C GLU F 50 41.08 -55.75 49.54
N SER F 75 37.00 -49.30 48.18
CA SER F 75 37.35 -49.34 46.77
C SER F 75 36.30 -50.14 45.94
N PRO F 76 35.10 -49.56 45.67
CA PRO F 76 34.03 -50.12 44.87
C PRO F 76 34.50 -50.49 43.46
N ILE F 77 34.03 -51.61 42.95
CA ILE F 77 34.40 -52.07 41.62
C ILE F 77 33.18 -52.45 40.78
N LYS F 78 33.40 -52.56 39.48
CA LYS F 78 32.38 -53.02 38.54
C LYS F 78 32.67 -54.46 38.16
N MET F 79 31.75 -55.06 37.41
CA MET F 79 31.94 -56.44 36.99
C MET F 79 33.07 -56.55 35.96
N GLU F 80 33.29 -55.47 35.21
CA GLU F 80 34.39 -55.40 34.27
C GLU F 80 35.67 -55.04 34.97
N LEU F 81 36.80 -55.38 34.34
CA LEU F 81 38.13 -55.08 34.87
C LEU F 81 38.40 -55.90 36.14
N LEU F 82 37.65 -56.99 36.29
CA LEU F 82 37.77 -57.87 37.44
C LEU F 82 39.06 -58.67 37.44
N PHE F 83 39.52 -59.06 36.25
CA PHE F 83 40.72 -59.88 36.13
C PHE F 83 41.89 -59.07 35.61
N ASP F 84 41.64 -57.81 35.30
CA ASP F 84 42.67 -56.94 34.75
C ASP F 84 43.70 -56.56 35.81
N PRO F 85 44.93 -56.22 35.39
CA PRO F 85 45.96 -55.56 36.17
C PRO F 85 45.44 -54.22 36.67
N ASP F 86 45.92 -53.77 37.82
CA ASP F 86 45.49 -52.49 38.35
C ASP F 86 46.49 -51.38 38.08
N ASP F 87 46.63 -50.46 39.01
CA ASP F 87 47.42 -49.25 38.82
C ASP F 87 48.91 -49.51 38.56
N GLU F 88 49.43 -50.64 39.04
CA GLU F 88 50.86 -50.89 38.87
C GLU F 88 51.16 -52.38 38.65
N HIS F 89 52.44 -52.70 38.41
CA HIS F 89 52.93 -54.06 38.22
C HIS F 89 52.51 -54.71 36.91
N SER F 90 51.35 -54.30 36.39
CA SER F 90 50.80 -54.85 35.15
C SER F 90 50.67 -56.37 35.23
N GLU F 91 50.22 -56.86 36.38
CA GLU F 91 50.03 -58.29 36.61
C GLU F 91 48.55 -58.65 36.64
N PRO F 92 48.08 -59.46 35.67
CA PRO F 92 46.73 -59.98 35.55
C PRO F 92 46.35 -60.84 36.74
N VAL F 93 45.07 -60.89 37.05
CA VAL F 93 44.58 -61.72 38.14
C VAL F 93 43.95 -62.99 37.61
N HIS F 94 44.51 -64.13 37.98
CA HIS F 94 44.00 -65.41 37.51
C HIS F 94 42.78 -65.84 38.30
N THR F 95 42.82 -65.67 39.62
CA THR F 95 41.72 -66.14 40.45
C THR F 95 41.12 -65.02 41.29
N VAL F 96 39.80 -64.95 41.25
CA VAL F 96 39.04 -63.95 41.97
C VAL F 96 38.00 -64.62 42.86
N VAL F 97 37.88 -64.18 44.12
CA VAL F 97 36.93 -64.79 45.04
C VAL F 97 35.91 -63.78 45.59
N PHE F 98 34.63 -64.13 45.50
CA PHE F 98 33.53 -63.29 45.98
C PHE F 98 33.03 -63.74 47.35
N GLN F 99 33.15 -62.84 48.33
CA GLN F 99 32.75 -63.08 49.72
C GLN F 99 31.48 -62.30 50.09
N GLY F 100 30.76 -62.80 51.10
CA GLY F 100 29.57 -62.11 51.59
C GLY F 100 28.72 -62.98 52.51
N ALA F 101 27.67 -62.38 53.08
CA ALA F 101 26.77 -63.09 54.00
C ALA F 101 25.96 -64.16 53.27
N ALA F 102 25.50 -65.15 54.01
CA ALA F 102 24.61 -66.17 53.46
C ALA F 102 23.24 -65.56 53.23
N GLY F 103 22.50 -66.10 52.24
CA GLY F 103 21.14 -65.62 51.96
C GLY F 103 21.12 -64.51 50.91
N ILE F 104 22.18 -64.40 50.11
CA ILE F 104 22.26 -63.33 49.11
C ILE F 104 21.80 -63.78 47.72
N GLY F 105 22.22 -64.97 47.32
CA GLY F 105 21.95 -65.45 45.97
C GLY F 105 23.13 -65.24 45.04
N LYS F 106 24.33 -65.52 45.54
CA LYS F 106 25.56 -65.41 44.75
C LYS F 106 25.54 -66.40 43.58
N THR F 107 24.72 -67.44 43.71
CA THR F 107 24.53 -68.41 42.65
C THR F 107 23.83 -67.76 41.46
N ILE F 108 22.97 -66.78 41.73
CA ILE F 108 22.28 -66.10 40.65
C ILE F 108 23.28 -65.29 39.87
N LEU F 109 24.17 -64.61 40.60
CA LEU F 109 25.22 -63.82 39.95
C LEU F 109 26.11 -64.70 39.10
N ALA F 110 26.48 -65.88 39.60
CA ALA F 110 27.35 -66.78 38.84
C ALA F 110 26.72 -67.10 37.49
N ARG F 111 25.42 -67.36 37.48
CA ARG F 111 24.72 -67.67 36.25
C ARG F 111 24.45 -66.42 35.40
N LYS F 112 24.18 -65.30 36.05
CA LYS F 112 23.94 -64.05 35.33
C LYS F 112 25.20 -63.61 34.59
N MET F 113 26.36 -63.77 35.22
CA MET F 113 27.62 -63.39 34.61
C MET F 113 27.83 -64.14 33.30
N MET F 114 27.55 -65.44 33.29
CA MET F 114 27.71 -66.20 32.06
C MET F 114 26.73 -65.76 31.00
N LEU F 115 25.52 -65.39 31.40
CA LEU F 115 24.55 -64.90 30.43
C LEU F 115 25.01 -63.58 29.81
N ASP F 116 25.50 -62.65 30.65
CA ASP F 116 25.95 -61.36 30.16
C ASP F 116 27.16 -61.52 29.24
N TRP F 117 28.01 -62.49 29.54
CA TRP F 117 29.12 -62.81 28.66
C TRP F 117 28.65 -63.39 27.34
N ALA F 118 27.74 -64.37 27.41
CA ALA F 118 27.26 -65.04 26.21
C ALA F 118 26.52 -64.06 25.30
N SER F 119 25.90 -63.05 25.91
CA SER F 119 25.20 -61.99 25.18
C SER F 119 26.16 -60.95 24.62
N GLY F 120 27.43 -61.07 24.97
CA GLY F 120 28.47 -60.17 24.48
C GLY F 120 28.60 -58.84 25.21
N THR F 121 28.15 -58.78 26.47
CA THR F 121 28.25 -57.53 27.21
C THR F 121 29.31 -57.57 28.31
N LEU F 122 29.62 -58.78 28.80
CA LEU F 122 30.58 -58.90 29.90
C LEU F 122 31.79 -59.78 29.53
N TYR F 123 32.98 -59.19 29.63
CA TYR F 123 34.26 -59.87 29.31
C TYR F 123 34.32 -60.37 27.87
N GLN F 124 33.69 -59.64 26.95
CA GLN F 124 33.62 -60.08 25.56
C GLN F 124 34.99 -60.17 24.88
N ASP F 125 35.91 -59.29 25.26
CA ASP F 125 37.23 -59.28 24.66
C ASP F 125 38.28 -59.97 25.53
N ARG F 126 37.82 -60.64 26.59
CA ARG F 126 38.77 -61.27 27.51
C ARG F 126 38.68 -62.79 27.52
N PHE F 127 37.47 -63.35 27.39
CA PHE F 127 37.37 -64.80 27.44
C PHE F 127 36.66 -65.37 26.22
N ASP F 128 37.19 -66.47 25.69
CA ASP F 128 36.57 -67.18 24.58
C ASP F 128 35.52 -68.16 25.10
N TYR F 129 35.77 -68.71 26.29
CA TYR F 129 34.81 -69.61 26.93
C TYR F 129 34.69 -69.37 28.42
N LEU F 130 33.47 -69.52 28.93
CA LEU F 130 33.21 -69.55 30.37
C LEU F 130 32.63 -70.91 30.75
N PHE F 131 33.19 -71.57 31.74
CA PHE F 131 32.71 -72.90 32.10
C PHE F 131 32.09 -72.94 33.49
N TYR F 132 30.84 -73.40 33.54
CA TYR F 132 30.10 -73.44 34.81
C TYR F 132 30.38 -74.68 35.62
N ILE F 133 30.78 -74.49 36.87
CA ILE F 133 31.01 -75.58 37.81
C ILE F 133 29.96 -75.52 38.92
N HIS F 134 29.01 -76.44 38.89
CA HIS F 134 27.95 -76.41 39.90
C HIS F 134 28.36 -77.30 41.05
N CYS F 135 28.79 -76.69 42.15
CA CYS F 135 29.41 -77.45 43.22
C CYS F 135 28.46 -78.44 43.87
N ARG F 136 27.16 -78.22 43.72
CA ARG F 136 26.16 -79.12 44.27
C ARG F 136 26.07 -80.41 43.47
N GLU F 137 26.60 -80.39 42.25
CA GLU F 137 26.60 -81.55 41.36
C GLU F 137 27.97 -82.22 41.35
N VAL F 138 29.01 -81.43 41.62
CA VAL F 138 30.36 -81.95 41.61
C VAL F 138 30.60 -82.91 42.76
N SER F 139 31.08 -84.10 42.42
CA SER F 139 31.43 -85.12 43.39
C SER F 139 32.95 -85.17 43.54
N LEU F 140 33.42 -85.00 44.76
CA LEU F 140 34.85 -84.93 45.03
C LEU F 140 35.47 -86.30 45.24
N VAL F 141 34.64 -87.33 45.30
CA VAL F 141 35.13 -88.67 45.63
C VAL F 141 35.17 -89.62 44.45
N THR F 142 34.91 -89.12 43.25
CA THR F 142 34.97 -89.96 42.06
C THR F 142 36.19 -89.62 41.23
N GLN F 143 36.56 -90.53 40.32
CA GLN F 143 37.71 -90.31 39.45
C GLN F 143 37.29 -89.99 38.02
N ARG F 144 37.78 -88.86 37.51
CA ARG F 144 37.46 -88.45 36.15
C ARG F 144 38.51 -87.52 35.56
N SER F 145 38.58 -87.46 34.25
CA SER F 145 39.39 -86.49 33.53
C SER F 145 38.65 -85.17 33.58
N LEU F 146 39.24 -84.09 33.09
CA LEU F 146 38.52 -82.83 33.16
C LEU F 146 37.46 -82.78 32.07
N GLY F 147 36.40 -83.55 32.28
CA GLY F 147 35.30 -83.67 31.34
C GLY F 147 34.26 -82.61 31.62
N ASP F 148 34.53 -81.79 32.63
CA ASP F 148 33.62 -80.72 33.01
C ASP F 148 33.53 -79.73 31.86
N LEU F 149 34.59 -79.67 31.07
CA LEU F 149 34.66 -78.83 29.87
C LEU F 149 33.71 -79.33 28.79
N ILE F 150 33.32 -80.60 28.87
CA ILE F 150 32.42 -81.21 27.90
C ILE F 150 31.01 -81.22 28.45
N MET F 151 30.86 -81.59 29.73
CA MET F 151 29.57 -81.70 30.38
C MET F 151 28.87 -80.35 30.51
N SER F 152 29.66 -79.28 30.60
CA SER F 152 29.14 -77.93 30.71
C SER F 152 28.78 -77.32 29.34
N CYS F 153 29.01 -78.08 28.27
CA CYS F 153 28.76 -77.59 26.91
C CYS F 153 27.52 -78.21 26.28
N CYS F 154 27.41 -78.02 24.96
CA CYS F 154 26.27 -78.46 24.19
C CYS F 154 26.09 -79.99 24.30
N PRO F 155 24.87 -80.50 24.05
CA PRO F 155 24.53 -81.92 23.95
C PRO F 155 25.43 -82.66 22.96
N ASP F 156 26.02 -81.93 22.02
CA ASP F 156 26.90 -82.50 21.03
C ASP F 156 28.10 -83.15 21.72
N PRO F 157 28.25 -84.48 21.60
CA PRO F 157 29.21 -85.31 22.32
C PRO F 157 30.66 -85.08 21.92
N ASN F 158 30.90 -84.35 20.84
CA ASN F 158 32.27 -84.16 20.37
C ASN F 158 32.66 -82.71 20.10
N PRO F 159 32.75 -81.86 21.13
CA PRO F 159 33.20 -80.48 21.08
C PRO F 159 34.71 -80.47 20.84
N PRO F 160 35.27 -79.36 20.39
CA PRO F 160 36.69 -79.16 20.15
C PRO F 160 37.44 -78.98 21.46
N ILE F 161 37.46 -80.04 22.24
CA ILE F 161 38.05 -80.06 23.56
C ILE F 161 39.56 -79.80 23.55
N HIS F 162 40.20 -80.05 22.43
CA HIS F 162 41.64 -79.87 22.32
C HIS F 162 42.03 -78.51 21.71
N LYS F 163 41.04 -77.64 21.49
CA LYS F 163 41.30 -76.35 20.85
C LYS F 163 41.23 -75.19 21.84
N ILE F 164 40.51 -74.12 21.47
CA ILE F 164 40.44 -72.91 22.29
C ILE F 164 39.74 -73.20 23.63
N VAL F 165 38.98 -74.29 23.65
CA VAL F 165 38.32 -74.76 24.87
C VAL F 165 39.37 -75.09 25.92
N ARG F 166 40.49 -75.65 25.47
CA ARG F 166 41.60 -76.04 26.32
C ARG F 166 42.56 -74.89 26.58
N LYS F 167 42.76 -74.07 25.55
CA LYS F 167 43.74 -72.99 25.62
C LYS F 167 43.53 -72.10 26.84
N PRO F 168 44.51 -71.99 27.74
CA PRO F 168 44.50 -71.22 28.96
C PRO F 168 44.64 -69.73 28.69
N SER F 169 44.23 -68.91 29.64
CA SER F 169 44.34 -67.45 29.61
C SER F 169 43.17 -66.80 28.87
N ARG F 170 42.46 -67.59 28.07
CA ARG F 170 41.28 -67.13 27.37
C ARG F 170 40.04 -67.87 27.85
N ILE F 171 40.22 -68.64 28.91
CA ILE F 171 39.11 -69.38 29.49
C ILE F 171 38.98 -69.07 30.97
N LEU F 172 37.73 -68.94 31.42
CA LEU F 172 37.44 -68.69 32.82
C LEU F 172 36.46 -69.72 33.36
N PHE F 173 36.80 -70.31 34.48
CA PHE F 173 35.91 -71.24 35.13
C PHE F 173 35.15 -70.51 36.22
N LEU F 174 33.88 -70.86 36.40
CA LEU F 174 33.08 -70.25 37.46
C LEU F 174 32.65 -71.30 38.47
N MET F 175 33.16 -71.19 39.68
CA MET F 175 32.91 -72.17 40.73
C MET F 175 31.81 -71.67 41.66
N ASP F 176 30.62 -72.24 41.48
CA ASP F 176 29.43 -71.79 42.19
C ASP F 176 29.16 -72.61 43.45
N GLY F 177 29.51 -72.05 44.61
CA GLY F 177 29.29 -72.73 45.88
C GLY F 177 30.45 -73.63 46.30
N PHE F 178 31.66 -73.08 46.38
CA PHE F 178 32.81 -73.88 46.84
C PHE F 178 32.47 -74.65 48.12
N ASP F 179 31.81 -73.97 49.05
CA ASP F 179 31.45 -74.54 50.34
C ASP F 179 30.39 -75.64 50.22
N GLU F 180 29.74 -75.72 49.06
CA GLU F 180 28.67 -76.67 48.81
C GLU F 180 29.14 -77.95 48.11
N LEU F 181 30.45 -78.04 47.87
CA LEU F 181 31.00 -79.23 47.20
C LEU F 181 30.68 -80.49 48.00
N GLN F 182 30.27 -81.54 47.29
CA GLN F 182 29.87 -82.78 47.95
C GLN F 182 31.03 -83.75 48.10
N GLY F 183 31.24 -84.21 49.33
CA GLY F 183 32.34 -85.12 49.66
C GLY F 183 33.41 -84.40 50.44
N ALA F 184 34.33 -85.15 51.03
CA ALA F 184 35.41 -84.54 51.79
C ALA F 184 36.35 -83.79 50.85
N PHE F 185 36.85 -82.64 51.30
CA PHE F 185 37.80 -81.89 50.50
C PHE F 185 39.06 -81.58 51.30
N ASP F 186 40.20 -81.97 50.74
CA ASP F 186 41.50 -81.72 51.35
C ASP F 186 42.27 -80.67 50.59
N GLU F 187 42.55 -79.54 51.24
CA GLU F 187 43.27 -78.45 50.59
C GLU F 187 44.74 -78.80 50.44
N HIS F 188 45.17 -79.84 51.13
CA HIS F 188 46.55 -80.33 51.05
C HIS F 188 46.55 -81.71 50.39
N ILE F 189 47.10 -81.77 49.18
CA ILE F 189 47.08 -82.97 48.37
C ILE F 189 48.49 -83.41 48.00
N GLY F 190 48.62 -84.66 47.55
CA GLY F 190 49.91 -85.22 47.13
C GLY F 190 50.31 -84.78 45.72
N PRO F 191 49.70 -85.38 44.69
CA PRO F 191 49.89 -85.10 43.28
C PRO F 191 49.27 -83.74 42.95
N LEU F 192 49.83 -83.05 41.96
CA LEU F 192 49.29 -81.76 41.55
C LEU F 192 48.25 -81.91 40.44
N CYS F 193 48.03 -83.14 40.01
CA CYS F 193 47.06 -83.44 38.96
C CYS F 193 47.07 -82.44 37.81
N THR F 194 48.16 -82.44 37.07
CA THR F 194 48.29 -81.64 35.86
C THR F 194 47.86 -82.50 34.69
N ASP F 195 47.72 -81.90 33.51
CA ASP F 195 47.31 -82.64 32.32
C ASP F 195 45.84 -83.06 32.40
N TRP F 196 44.97 -82.18 31.92
CA TRP F 196 43.52 -82.33 31.97
C TRP F 196 43.02 -83.64 31.35
N GLN F 197 43.83 -84.24 30.49
CA GLN F 197 43.44 -85.48 29.80
C GLN F 197 43.49 -86.71 30.71
N LYS F 198 44.16 -86.59 31.86
CA LYS F 198 44.29 -87.72 32.77
C LYS F 198 43.21 -87.68 33.83
N ALA F 199 42.71 -88.84 34.23
CA ALA F 199 41.65 -88.90 35.24
C ALA F 199 42.20 -89.03 36.64
N GLU F 200 41.64 -88.26 37.56
CA GLU F 200 42.04 -88.30 38.96
C GLU F 200 40.82 -88.01 39.84
N ARG F 201 40.98 -88.09 41.15
CA ARG F 201 39.89 -87.83 42.08
C ARG F 201 39.38 -86.41 41.95
N GLY F 202 38.07 -86.22 42.12
CA GLY F 202 37.43 -84.92 42.02
C GLY F 202 37.99 -83.89 43.00
N ASP F 203 38.40 -84.32 44.20
CA ASP F 203 38.96 -83.42 45.20
C ASP F 203 40.30 -82.87 44.74
N ILE F 204 41.14 -83.75 44.22
CA ILE F 204 42.45 -83.37 43.70
C ILE F 204 42.32 -82.55 42.43
N LEU F 205 41.43 -82.98 41.53
CA LEU F 205 41.22 -82.30 40.26
C LEU F 205 40.74 -80.87 40.48
N LEU F 206 39.79 -80.69 41.40
CA LEU F 206 39.26 -79.36 41.70
C LEU F 206 40.34 -78.50 42.34
N SER F 207 41.10 -79.06 43.28
CA SER F 207 42.18 -78.32 43.94
C SER F 207 43.23 -77.89 42.91
N SER F 208 43.56 -78.78 41.99
CA SER F 208 44.54 -78.49 40.94
C SER F 208 44.11 -77.29 40.10
N LEU F 209 42.80 -77.19 39.82
CA LEU F 209 42.30 -76.04 39.05
C LEU F 209 42.49 -74.75 39.85
N ILE F 210 42.16 -74.79 41.14
CA ILE F 210 42.25 -73.61 41.99
C ILE F 210 43.70 -73.14 42.11
N ARG F 211 44.61 -74.11 42.26
CA ARG F 211 46.03 -73.82 42.43
C ARG F 211 46.76 -73.44 41.15
N LYS F 212 46.02 -73.42 40.03
CA LYS F 212 46.58 -73.09 38.72
C LYS F 212 47.62 -74.10 38.25
N LYS F 213 47.41 -75.38 38.58
CA LYS F 213 48.32 -76.42 38.08
C LYS F 213 47.65 -77.11 36.91
N LEU F 214 46.33 -77.18 36.97
CA LEU F 214 45.52 -77.72 35.91
C LEU F 214 45.19 -76.61 34.94
N LEU F 215 45.53 -76.82 33.67
CA LEU F 215 45.38 -75.78 32.66
C LEU F 215 45.99 -74.46 33.15
N PRO F 216 47.32 -74.40 33.31
CA PRO F 216 48.06 -73.27 33.85
C PRO F 216 47.69 -71.99 33.14
N GLU F 217 47.63 -70.89 33.86
CA GLU F 217 47.21 -69.56 33.38
C GLU F 217 45.72 -69.44 33.07
N ALA F 218 44.94 -70.50 33.31
CA ALA F 218 43.49 -70.41 33.19
C ALA F 218 42.94 -69.57 34.34
N SER F 219 41.84 -68.88 34.11
CA SER F 219 41.24 -68.05 35.15
C SER F 219 40.16 -68.83 35.91
N LEU F 220 39.92 -68.42 37.15
CA LEU F 220 38.87 -69.03 37.98
C LEU F 220 38.18 -68.01 38.88
N LEU F 221 36.86 -67.99 38.82
CA LEU F 221 36.06 -67.10 39.67
C LEU F 221 35.26 -67.92 40.66
N ILE F 222 35.47 -67.69 41.95
CA ILE F 222 34.84 -68.50 42.98
C ILE F 222 33.86 -67.70 43.83
N THR F 223 32.64 -68.21 43.94
CA THR F 223 31.66 -67.63 44.85
C THR F 223 31.46 -68.59 46.01
N THR F 224 31.57 -68.09 47.24
CA THR F 224 31.46 -69.00 48.39
C THR F 224 31.17 -68.30 49.72
N ARG F 225 30.61 -69.06 50.65
CA ARG F 225 30.41 -68.59 52.02
C ARG F 225 31.76 -68.56 52.74
N PRO F 226 32.01 -67.53 53.56
CA PRO F 226 33.26 -67.22 54.24
C PRO F 226 33.69 -68.34 55.18
N VAL F 227 32.75 -69.18 55.57
CA VAL F 227 33.03 -70.29 56.47
C VAL F 227 33.99 -71.29 55.85
N ALA F 228 34.03 -71.33 54.52
CA ALA F 228 34.91 -72.24 53.81
C ALA F 228 36.14 -71.54 53.25
N LEU F 229 36.26 -70.24 53.48
CA LEU F 229 37.38 -69.50 52.90
C LEU F 229 38.69 -69.98 53.49
N GLU F 230 38.68 -70.34 54.76
CA GLU F 230 39.88 -70.79 55.44
C GLU F 230 40.46 -72.06 54.82
N LYS F 231 39.63 -72.82 54.10
CA LYS F 231 40.06 -74.05 53.45
C LYS F 231 40.32 -73.82 51.97
N LEU F 232 40.15 -72.58 51.53
CA LEU F 232 40.34 -72.21 50.14
C LEU F 232 41.62 -71.39 49.98
N GLN F 233 41.92 -70.57 50.97
CA GLN F 233 43.05 -69.64 50.91
C GLN F 233 44.38 -70.33 50.62
N HIS F 234 44.51 -71.58 51.06
CA HIS F 234 45.75 -72.33 50.92
C HIS F 234 45.98 -72.77 49.48
N LEU F 235 44.93 -72.68 48.68
CA LEU F 235 44.99 -73.06 47.29
C LEU F 235 45.19 -71.84 46.39
N LEU F 236 45.14 -70.65 46.99
CA LEU F 236 45.17 -69.43 46.20
C LEU F 236 46.47 -68.65 46.31
N ASP F 237 46.98 -68.51 47.53
CA ASP F 237 48.20 -67.74 47.82
C ASP F 237 48.05 -66.23 47.56
N HIS F 238 47.82 -65.86 46.31
CA HIS F 238 47.68 -64.45 45.94
C HIS F 238 46.49 -64.17 45.02
N PRO F 239 45.25 -64.42 45.48
CA PRO F 239 43.98 -64.17 44.80
C PRO F 239 43.58 -62.71 44.91
N ARG F 240 42.61 -62.31 44.11
CA ARG F 240 41.96 -61.04 44.33
C ARG F 240 40.72 -61.22 45.20
N HIS F 241 40.76 -60.69 46.41
CA HIS F 241 39.63 -60.84 47.31
C HIS F 241 38.63 -59.72 47.12
N VAL F 242 37.39 -60.11 46.84
CA VAL F 242 36.32 -59.16 46.61
C VAL F 242 35.17 -59.43 47.56
N GLU F 243 34.71 -58.40 48.25
CA GLU F 243 33.60 -58.55 49.19
C GLU F 243 32.47 -57.61 48.79
N ILE F 244 31.23 -58.08 48.93
CA ILE F 244 30.05 -57.27 48.59
C ILE F 244 30.02 -55.97 49.39
N LEU F 245 30.18 -51.45 46.40
CA LEU F 245 29.36 -51.05 47.54
C LEU F 245 28.62 -52.28 48.11
N GLY F 246 27.42 -52.07 48.68
CA GLY F 246 26.63 -53.13 49.33
C GLY F 246 25.35 -53.46 48.57
N PHE F 247 24.29 -53.76 49.33
CA PHE F 247 23.03 -54.21 48.78
C PHE F 247 22.19 -53.04 48.27
N SER F 248 21.48 -53.27 47.18
CA SER F 248 20.48 -52.36 46.65
C SER F 248 19.17 -52.56 47.39
N GLU F 249 18.18 -51.71 47.13
CA GLU F 249 16.90 -51.83 47.80
C GLU F 249 16.25 -53.17 47.46
N ALA F 250 16.34 -53.54 46.19
CA ALA F 250 15.78 -54.81 45.71
C ALA F 250 16.56 -55.98 46.28
N LYS F 251 17.88 -55.82 46.42
CA LYS F 251 18.71 -56.90 46.93
C LYS F 251 18.40 -57.16 48.39
N ARG F 252 18.15 -56.10 49.16
CA ARG F 252 17.83 -56.31 50.57
C ARG F 252 16.51 -57.07 50.71
N LYS F 253 15.50 -56.72 49.90
CA LYS F 253 14.23 -57.42 49.94
C LYS F 253 14.44 -58.90 49.63
N GLU F 254 15.24 -59.18 48.61
CA GLU F 254 15.55 -60.56 48.26
C GLU F 254 16.31 -61.27 49.36
N TYR F 255 17.21 -60.54 50.03
CA TYR F 255 17.98 -61.13 51.12
C TYR F 255 17.03 -61.64 52.21
N PHE F 256 16.05 -60.81 52.60
CA PHE F 256 15.11 -61.23 53.63
C PHE F 256 14.37 -62.50 53.19
N PHE F 257 14.01 -62.55 51.92
CA PHE F 257 13.27 -63.68 51.37
C PHE F 257 14.11 -64.96 51.27
N LYS F 258 15.42 -64.82 51.10
CA LYS F 258 16.27 -66.00 51.01
C LYS F 258 16.84 -66.41 52.38
N TYR F 259 17.05 -65.44 53.26
CA TYR F 259 17.58 -65.69 54.59
C TYR F 259 16.65 -66.61 55.38
N PHE F 260 15.37 -66.27 55.38
CA PHE F 260 14.37 -67.04 56.09
C PHE F 260 13.86 -68.19 55.22
N SER F 261 14.04 -69.42 55.70
CA SER F 261 13.69 -70.60 54.92
C SER F 261 12.19 -70.78 54.73
N ASP F 262 11.40 -70.29 55.69
CA ASP F 262 9.96 -70.37 55.59
C ASP F 262 9.41 -69.07 55.02
N GLU F 263 8.83 -69.14 53.82
CA GLU F 263 8.30 -67.96 53.16
C GLU F 263 7.39 -67.17 54.08
N ALA F 264 6.60 -67.86 54.90
CA ALA F 264 5.68 -67.18 55.80
C ALA F 264 6.44 -66.30 56.78
N GLN F 265 7.59 -66.77 57.24
CA GLN F 265 8.40 -66.03 58.20
C GLN F 265 9.20 -64.97 57.48
N ALA F 266 9.58 -65.30 56.24
CA ALA F 266 10.38 -64.37 55.45
C ALA F 266 9.60 -63.11 55.17
N ARG F 267 8.33 -63.25 54.85
CA ARG F 267 7.47 -62.14 54.56
C ARG F 267 7.12 -61.35 55.83
N ALA F 268 6.90 -62.12 56.92
CA ALA F 268 6.58 -61.40 58.19
C ALA F 268 7.80 -60.69 58.62
N ALA F 269 8.97 -61.17 58.58
CA ALA F 269 10.20 -60.62 58.93
C ALA F 269 10.46 -59.31 58.18
N PHE F 270 10.20 -59.46 56.84
CA PHE F 270 10.36 -58.27 56.00
C PHE F 270 9.35 -57.20 56.35
N SER F 271 8.09 -57.57 56.54
CA SER F 271 7.05 -56.58 56.82
C SER F 271 7.34 -55.82 58.11
N LEU F 272 7.94 -56.49 59.09
CA LEU F 272 8.26 -55.86 60.36
C LEU F 272 9.28 -54.73 60.20
N ILE F 273 10.32 -54.97 59.41
CA ILE F 273 11.31 -53.94 59.10
C ILE F 273 10.83 -52.95 58.03
N GLN F 274 10.02 -53.43 57.09
CA GLN F 274 9.55 -52.66 55.93
C GLN F 274 9.00 -51.29 56.31
N GLU F 275 8.36 -51.20 57.47
CA GLU F 275 7.78 -49.93 57.93
C GLU F 275 8.84 -48.84 58.13
N ASN F 276 10.08 -49.25 58.40
CA ASN F 276 11.14 -48.30 58.72
C ASN F 276 11.93 -47.86 57.48
N GLU F 277 12.90 -46.98 57.69
CA GLU F 277 13.75 -46.46 56.62
C GLU F 277 15.21 -46.38 57.08
N VAL F 278 15.39 -46.11 58.36
CA VAL F 278 16.72 -45.85 58.91
C VAL F 278 17.53 -47.12 59.00
N LEU F 279 16.90 -48.17 59.49
CA LEU F 279 17.60 -49.44 59.63
C LEU F 279 17.99 -49.95 58.25
N PHE F 280 17.13 -49.76 57.26
CA PHE F 280 17.43 -50.19 55.91
C PHE F 280 18.67 -49.50 55.36
N THR F 281 18.77 -48.21 55.59
CA THR F 281 19.91 -47.44 55.09
C THR F 281 21.21 -48.08 55.55
N MET F 282 21.32 -48.42 56.83
CA MET F 282 22.53 -49.06 57.33
C MET F 282 22.63 -50.52 56.89
N CYS F 283 21.49 -51.14 56.55
CA CYS F 283 21.46 -52.52 56.09
C CYS F 283 22.06 -52.70 54.70
N PHE F 284 22.52 -51.61 54.08
CA PHE F 284 23.19 -51.76 52.78
C PHE F 284 24.43 -52.63 52.98
N ILE F 285 24.94 -52.63 54.21
CA ILE F 285 26.09 -53.46 54.56
C ILE F 285 25.59 -54.90 54.74
N PRO F 286 26.08 -55.86 53.95
CA PRO F 286 25.67 -57.26 53.97
C PRO F 286 25.65 -57.82 55.37
N LEU F 287 26.58 -57.38 56.21
CA LEU F 287 26.62 -57.81 57.59
C LEU F 287 25.41 -57.33 58.37
N VAL F 288 25.03 -56.07 58.16
CA VAL F 288 23.94 -55.48 58.92
C VAL F 288 22.62 -56.10 58.50
N CYS F 289 22.43 -56.29 57.21
CA CYS F 289 21.21 -56.92 56.73
C CYS F 289 21.10 -58.31 57.38
N TRP F 290 22.23 -59.02 57.46
CA TRP F 290 22.30 -60.30 58.16
C TRP F 290 21.96 -60.13 59.63
N ILE F 291 22.52 -59.11 60.28
CA ILE F 291 22.24 -58.84 61.69
C ILE F 291 20.78 -58.60 61.98
N VAL F 292 20.11 -57.78 61.17
CA VAL F 292 18.70 -57.50 61.43
C VAL F 292 17.85 -58.72 61.15
N CYS F 293 18.21 -59.49 60.12
CA CYS F 293 17.47 -60.71 59.83
C CYS F 293 17.60 -61.68 60.99
N THR F 294 18.81 -61.75 61.55
CA THR F 294 19.13 -62.61 62.68
C THR F 294 18.36 -62.19 63.93
N GLY F 295 18.29 -60.89 64.19
CA GLY F 295 17.52 -60.38 65.33
C GLY F 295 16.03 -60.71 65.17
N LEU F 296 15.50 -60.49 63.97
CA LEU F 296 14.10 -60.82 63.70
C LEU F 296 13.87 -62.33 63.83
N LYS F 297 14.83 -63.11 63.37
CA LYS F 297 14.75 -64.57 63.46
C LYS F 297 14.66 -65.05 64.90
N GLN F 298 15.40 -64.41 65.80
CA GLN F 298 15.35 -64.81 67.20
C GLN F 298 13.95 -64.62 67.76
N GLN F 299 13.31 -63.51 67.42
CA GLN F 299 11.96 -63.25 67.88
C GLN F 299 10.97 -64.22 67.22
N MET F 300 11.23 -64.52 65.95
CA MET F 300 10.39 -65.42 65.17
C MET F 300 10.42 -66.84 65.74
N GLU F 301 11.62 -67.37 65.94
CA GLU F 301 11.78 -68.74 66.45
C GLU F 301 11.32 -68.85 67.90
N SER F 302 11.46 -67.78 68.65
CA SER F 302 11.06 -67.76 70.05
C SER F 302 9.53 -67.80 70.21
N GLY F 303 8.81 -67.63 69.11
CA GLY F 303 7.36 -67.66 69.14
C GLY F 303 6.76 -66.34 69.61
N LYS F 304 7.49 -65.25 69.38
CA LYS F 304 7.00 -63.94 69.79
C LYS F 304 5.83 -63.55 68.92
N SER F 305 4.93 -62.72 69.45
CA SER F 305 3.77 -62.22 68.72
C SER F 305 4.14 -61.34 67.54
N LEU F 306 5.39 -60.89 67.53
CA LEU F 306 5.94 -59.99 66.52
C LEU F 306 5.28 -58.62 66.58
N ALA F 307 4.70 -58.29 67.73
CA ALA F 307 4.09 -56.98 67.92
C ALA F 307 5.19 -55.96 68.20
N GLN F 308 5.98 -55.67 67.18
CA GLN F 308 7.13 -54.77 67.29
C GLN F 308 7.23 -53.85 66.08
N THR F 309 7.85 -52.69 66.28
CA THR F 309 8.19 -51.80 65.19
C THR F 309 9.68 -51.54 65.23
N SER F 310 10.43 -52.23 64.37
CA SER F 310 11.89 -52.23 64.42
C SER F 310 12.50 -50.93 63.88
N LYS F 311 13.81 -50.73 64.15
CA LYS F 311 14.59 -49.57 63.72
C LYS F 311 16.07 -49.85 63.96
N THR F 312 12.23 -49.36 67.38
CA THR F 312 12.94 -49.91 68.51
C THR F 312 14.29 -50.49 68.05
N THR F 313 15.28 -49.61 67.86
CA THR F 313 16.63 -49.97 67.43
C THR F 313 17.30 -50.83 68.48
N THR F 314 17.08 -50.47 69.73
CA THR F 314 17.67 -51.21 70.83
C THR F 314 17.25 -52.66 70.77
N ALA F 315 15.95 -52.90 70.60
CA ALA F 315 15.42 -54.25 70.62
C ALA F 315 16.04 -55.10 69.53
N VAL F 316 16.26 -54.52 68.36
CA VAL F 316 16.85 -55.28 67.26
C VAL F 316 18.23 -55.80 67.65
N TYR F 317 19.03 -54.92 68.25
CA TYR F 317 20.39 -55.28 68.62
C TYR F 317 20.42 -56.23 69.81
N VAL F 318 19.50 -56.06 70.76
CA VAL F 318 19.44 -56.94 71.93
C VAL F 318 19.06 -58.37 71.52
N PHE F 319 18.04 -58.49 70.66
CA PHE F 319 17.62 -59.80 70.19
C PHE F 319 18.72 -60.45 69.36
N PHE F 320 19.40 -59.63 68.55
CA PHE F 320 20.52 -60.13 67.78
C PHE F 320 21.61 -60.70 68.67
N LEU F 321 22.02 -59.96 69.70
CA LEU F 321 23.07 -60.48 70.57
C LEU F 321 22.63 -61.76 71.24
N SER F 322 21.37 -61.86 71.59
CA SER F 322 20.87 -63.10 72.20
C SER F 322 21.20 -64.30 71.32
N SER F 323 20.84 -64.24 70.04
CA SER F 323 21.10 -65.36 69.14
C SER F 323 22.56 -65.48 68.72
N LEU F 324 23.31 -64.38 68.81
CA LEU F 324 24.73 -64.39 68.47
C LEU F 324 25.57 -65.01 69.58
N LEU F 325 25.25 -64.63 70.82
CA LEU F 325 26.04 -65.00 71.97
C LEU F 325 25.60 -66.31 72.62
N GLN F 326 24.31 -66.64 72.52
CA GLN F 326 23.79 -67.85 73.16
C GLN F 326 24.47 -69.18 72.74
N PRO F 327 24.81 -69.43 71.43
CA PRO F 327 25.48 -70.63 70.93
C PRO F 327 26.84 -70.82 71.60
N LEU F 336 32.84 -64.01 74.22
CA LEU F 336 31.51 -64.58 74.44
C LEU F 336 30.68 -63.66 75.36
N CYS F 337 29.52 -64.14 75.82
CA CYS F 337 28.57 -63.31 76.57
C CYS F 337 29.12 -62.81 77.91
N ALA F 338 30.02 -63.58 78.51
CA ALA F 338 30.60 -63.22 79.78
C ALA F 338 31.63 -62.11 79.61
N HIS F 339 31.93 -61.80 78.36
CA HIS F 339 32.94 -60.81 78.04
C HIS F 339 32.29 -59.57 77.42
N LEU F 340 30.96 -59.52 77.50
CA LEU F 340 30.20 -58.40 76.96
C LEU F 340 30.56 -57.11 77.71
N TRP F 341 30.81 -57.24 79.02
CA TRP F 341 31.18 -56.08 79.82
C TRP F 341 32.34 -55.34 79.18
N GLY F 342 33.36 -56.09 78.77
CA GLY F 342 34.56 -55.50 78.19
C GLY F 342 34.22 -54.73 76.92
N LEU F 343 33.38 -55.31 76.07
CA LEU F 343 32.98 -54.65 74.83
C LEU F 343 32.16 -53.39 75.13
N CYS F 344 31.30 -53.49 76.14
CA CYS F 344 30.48 -52.34 76.54
C CYS F 344 31.33 -51.23 77.13
N SER F 345 32.34 -51.59 77.93
CA SER F 345 33.23 -50.60 78.53
C SER F 345 34.03 -49.91 77.44
N LEU F 346 34.43 -50.67 76.42
CA LEU F 346 35.18 -50.11 75.31
C LEU F 346 34.32 -49.07 74.60
N ALA F 347 33.08 -49.43 74.33
CA ALA F 347 32.12 -48.57 73.69
C ALA F 347 31.81 -47.29 74.53
N ALA F 348 31.81 -47.52 75.88
CA ALA F 348 31.47 -46.37 76.78
C ALA F 348 32.58 -45.34 76.71
N ASP F 349 33.81 -45.81 76.63
CA ASP F 349 34.96 -44.96 76.49
C ASP F 349 34.87 -44.25 75.17
N GLY F 350 34.45 -45.02 74.17
CA GLY F 350 34.27 -44.54 72.82
C GLY F 350 33.38 -43.31 72.77
N ILE F 351 32.19 -43.40 73.34
CA ILE F 351 31.29 -42.27 73.24
C ILE F 351 31.76 -41.10 74.11
N TRP F 352 32.29 -41.38 75.30
CA TRP F 352 32.62 -40.29 76.21
C TRP F 352 33.74 -39.40 75.68
N ASN F 353 34.76 -40.01 75.10
CA ASN F 353 35.92 -39.28 74.62
C ASN F 353 35.92 -39.11 73.10
N GLN F 354 34.76 -39.34 72.47
CA GLN F 354 34.64 -39.24 71.01
C GLN F 354 35.69 -40.08 70.28
N LYS F 355 35.86 -41.31 70.73
CA LYS F 355 36.84 -42.22 70.13
C LYS F 355 36.15 -43.29 69.30
N ILE F 356 36.41 -43.27 68.01
CA ILE F 356 35.84 -44.24 67.09
C ILE F 356 36.81 -45.38 66.87
N LEU F 357 38.07 -45.01 66.70
CA LEU F 357 39.15 -45.96 66.45
C LEU F 357 39.92 -46.24 67.73
N PHE F 358 39.99 -47.50 68.12
CA PHE F 358 40.65 -47.90 69.36
C PHE F 358 42.01 -48.53 69.08
N GLU F 359 42.98 -48.23 69.94
CA GLU F 359 44.29 -48.84 69.83
C GLU F 359 44.25 -50.21 70.49
N GLU F 360 45.18 -51.09 70.12
CA GLU F 360 45.24 -52.39 70.75
C GLU F 360 45.51 -52.25 72.24
N SER F 361 46.09 -51.12 72.63
CA SER F 361 46.38 -50.82 74.03
C SER F 361 45.10 -50.49 74.79
N ASP F 362 44.06 -50.03 74.08
CA ASP F 362 42.82 -49.70 74.73
C ASP F 362 42.05 -50.98 74.98
N LEU F 363 42.15 -51.91 74.03
CA LEU F 363 41.51 -53.19 74.20
C LEU F 363 42.09 -53.92 75.40
N ARG F 364 43.41 -53.84 75.55
CA ARG F 364 44.07 -54.47 76.68
C ARG F 364 43.69 -53.79 77.99
N ASN F 365 43.66 -52.46 77.99
CA ASN F 365 43.36 -51.73 79.21
C ASN F 365 41.95 -51.99 79.71
N HIS F 366 41.00 -52.20 78.81
CA HIS F 366 39.62 -52.43 79.22
C HIS F 366 39.35 -53.87 79.60
N GLY F 367 40.37 -54.72 79.51
CA GLY F 367 40.21 -56.13 79.85
C GLY F 367 39.54 -56.91 78.73
N LEU F 368 39.67 -56.41 77.51
CA LEU F 368 39.07 -57.03 76.34
C LEU F 368 40.14 -57.33 75.32
N GLN F 369 40.89 -58.39 75.51
CA GLN F 369 42.04 -58.66 74.66
C GLN F 369 42.17 -60.11 74.26
N LYS F 370 42.87 -60.33 73.15
CA LYS F 370 43.22 -61.66 72.68
C LYS F 370 42.00 -62.54 72.49
N ALA F 371 41.81 -63.51 73.38
CA ALA F 371 40.71 -64.47 73.25
C ALA F 371 39.36 -63.78 73.23
N ASP F 372 39.22 -62.69 73.98
CA ASP F 372 37.92 -62.02 74.06
C ASP F 372 37.64 -61.23 72.80
N VAL F 373 38.69 -60.67 72.22
CA VAL F 373 38.52 -59.89 71.01
C VAL F 373 38.24 -60.84 69.86
N SER F 374 39.01 -61.92 69.78
CA SER F 374 38.84 -62.90 68.74
C SER F 374 37.43 -63.48 68.76
N ALA F 375 36.88 -63.69 69.96
CA ALA F 375 35.52 -64.20 70.06
C ALA F 375 34.54 -63.23 69.42
N PHE F 376 34.74 -61.93 69.65
CA PHE F 376 33.85 -60.92 69.08
C PHE F 376 34.16 -60.64 67.61
N LEU F 377 35.39 -60.90 67.17
CA LEU F 377 35.72 -60.75 65.76
C LEU F 377 35.11 -61.90 64.96
N ARG F 378 35.14 -63.12 65.54
CA ARG F 378 34.52 -64.26 64.88
C ARG F 378 33.01 -64.09 64.85
N MET F 379 32.45 -63.64 65.97
CA MET F 379 31.04 -63.33 66.03
C MET F 379 30.85 -61.95 65.43
N ASN F 380 31.06 -61.86 64.12
CA ASN F 380 31.19 -60.59 63.42
C ASN F 380 30.29 -59.52 64.04
N LEU F 381 30.91 -58.60 64.76
CA LEU F 381 30.26 -57.56 65.52
C LEU F 381 31.24 -56.42 65.72
N PHE F 382 32.51 -56.79 65.64
CA PHE F 382 33.63 -55.91 65.90
C PHE F 382 34.64 -56.05 64.76
N GLN F 383 35.20 -54.93 64.30
CA GLN F 383 36.10 -54.94 63.14
C GLN F 383 37.54 -54.59 63.47
N LYS F 384 38.44 -55.02 62.59
CA LYS F 384 39.86 -54.69 62.69
C LYS F 384 40.26 -53.57 61.72
N GLU F 385 39.25 -52.94 61.10
CA GLU F 385 39.49 -51.90 60.09
C GLU F 385 40.57 -52.32 59.11
N VAL F 386 40.39 -53.47 58.47
CA VAL F 386 41.39 -54.03 57.57
C VAL F 386 41.63 -53.17 56.34
N ASP F 387 40.76 -52.20 56.10
CA ASP F 387 40.88 -51.33 54.93
C ASP F 387 41.89 -50.21 55.19
N CYS F 388 43.17 -50.57 55.15
CA CYS F 388 44.29 -49.62 55.30
C CYS F 388 44.29 -48.88 56.63
N GLU F 389 44.15 -49.60 57.74
CA GLU F 389 44.17 -48.95 59.05
C GLU F 389 44.70 -49.92 60.12
N LYS F 390 45.20 -49.38 61.22
CA LYS F 390 45.77 -50.19 62.31
C LYS F 390 44.95 -50.15 63.59
N PHE F 391 43.71 -49.71 63.51
CA PHE F 391 42.84 -49.53 64.67
C PHE F 391 41.65 -50.49 64.69
N TYR F 392 41.11 -50.70 65.88
CA TYR F 392 39.92 -51.53 66.05
C TYR F 392 38.67 -50.68 66.18
N SER F 393 37.53 -51.20 65.73
CA SER F 393 36.31 -50.41 65.78
C SER F 393 35.05 -51.28 65.74
N PHE F 394 33.90 -50.62 65.94
CA PHE F 394 32.61 -51.28 65.85
C PHE F 394 32.09 -51.26 64.43
N ILE F 395 31.26 -52.23 64.05
CA ILE F 395 30.72 -52.31 62.70
C ILE F 395 29.90 -51.09 62.29
N HIS F 396 29.39 -50.36 63.26
CA HIS F 396 28.64 -49.14 62.99
C HIS F 396 28.61 -48.27 64.24
N MET F 397 28.57 -46.95 64.04
CA MET F 397 28.49 -46.03 65.17
C MET F 397 27.27 -46.27 66.05
N THR F 398 26.17 -46.73 65.43
CA THR F 398 24.95 -46.99 66.17
C THR F 398 25.14 -48.16 67.15
N PHE F 399 26.01 -49.11 66.78
CA PHE F 399 26.26 -50.23 67.65
C PHE F 399 27.15 -49.79 68.81
N GLN F 400 28.15 -48.98 68.48
CA GLN F 400 29.02 -48.47 69.56
C GLN F 400 28.17 -47.77 70.61
N GLU F 401 27.23 -46.93 70.15
CA GLU F 401 26.39 -46.21 71.08
C GLU F 401 25.52 -47.16 71.91
N PHE F 402 25.02 -48.20 71.23
CA PHE F 402 24.23 -49.24 71.89
C PHE F 402 25.00 -49.96 72.98
N PHE F 403 26.22 -50.37 72.68
CA PHE F 403 27.04 -51.07 73.66
C PHE F 403 27.40 -50.13 74.79
N ALA F 404 27.63 -48.88 74.45
CA ALA F 404 27.95 -47.88 75.43
C ALA F 404 26.77 -47.66 76.40
N ALA F 405 25.56 -47.69 75.85
CA ALA F 405 24.38 -47.57 76.69
C ALA F 405 24.25 -48.78 77.62
N MET F 406 24.50 -49.99 77.12
CA MET F 406 24.40 -51.18 77.99
C MET F 406 25.37 -51.08 79.16
N TYR F 407 26.53 -50.48 78.92
CA TYR F 407 27.54 -50.29 79.97
C TYR F 407 26.95 -49.74 81.27
N TYR F 408 26.00 -48.81 81.16
CA TYR F 408 25.40 -48.17 82.32
C TYR F 408 24.45 -49.12 83.03
N LEU F 409 23.98 -50.13 82.31
CA LEU F 409 22.97 -51.06 82.80
C LEU F 409 23.44 -52.51 82.89
N LEU F 410 24.73 -52.74 83.02
CA LEU F 410 25.24 -54.12 83.13
C LEU F 410 25.10 -54.63 84.56
N GLU F 411 24.87 -55.95 84.72
CA GLU F 411 24.80 -56.58 86.04
C GLU F 411 26.20 -56.91 86.54
N GLU F 412 26.80 -60.27 86.28
CA GLU F 412 27.28 -60.37 87.66
C GLU F 412 28.57 -59.55 87.83
N GLU F 413 29.13 -59.56 89.05
CA GLU F 413 30.36 -58.84 89.39
C GLU F 413 31.59 -59.66 89.03
N LYS F 414 32.52 -59.02 88.31
CA LYS F 414 33.77 -59.67 87.92
C LYS F 414 34.96 -58.75 88.19
N GLU F 415 36.03 -59.33 88.73
CA GLU F 415 37.24 -58.59 89.08
C GLU F 415 38.18 -58.38 87.88
N GLY F 416 37.88 -59.04 86.77
CA GLY F 416 38.74 -58.97 85.59
C GLY F 416 38.88 -57.56 85.05
N ARG F 417 37.93 -56.70 85.39
CA ARG F 417 37.95 -55.31 84.92
C ARG F 417 38.68 -54.37 85.87
N THR F 418 39.09 -54.86 87.04
CA THR F 418 39.81 -54.00 87.99
C THR F 418 41.24 -54.46 88.18
N ASN F 419 41.51 -55.74 87.88
CA ASN F 419 42.85 -56.31 88.02
C ASN F 419 43.62 -56.24 86.71
N VAL F 420 42.98 -55.67 85.70
CA VAL F 420 43.58 -55.47 84.40
C VAL F 420 44.74 -54.46 84.55
N PRO F 421 45.88 -54.67 83.87
CA PRO F 421 47.05 -53.82 83.90
C PRO F 421 46.76 -52.33 83.64
N GLY F 422 45.66 -52.04 82.97
CA GLY F 422 45.31 -50.65 82.66
C GLY F 422 44.56 -49.97 83.81
N SER F 423 44.27 -50.73 84.87
CA SER F 423 43.52 -50.24 86.02
C SER F 423 44.33 -49.20 86.79
N ARG F 424 43.69 -48.15 87.34
CA ARG F 424 42.25 -47.90 87.29
C ARG F 424 41.80 -47.39 85.93
N LEU F 425 40.62 -47.83 85.51
CA LEU F 425 40.10 -47.51 84.20
C LEU F 425 39.22 -46.25 84.21
N LYS F 426 39.18 -45.55 83.07
CA LYS F 426 38.36 -44.36 82.85
C LYS F 426 37.91 -44.31 81.40
N LEU F 427 36.43 -47.42 82.03
CA LEU F 427 35.24 -47.37 82.85
C LEU F 427 34.86 -45.91 83.19
N PRO F 428 34.37 -45.10 82.22
CA PRO F 428 34.08 -43.67 82.33
C PRO F 428 33.28 -43.27 83.58
N SER F 429 32.15 -43.93 83.82
CA SER F 429 31.34 -43.55 84.98
C SER F 429 30.23 -44.53 85.32
N ARG F 430 29.44 -44.89 84.32
CA ARG F 430 28.16 -45.60 84.49
C ARG F 430 27.17 -44.67 85.17
N ASP F 431 27.44 -43.37 85.11
CA ASP F 431 26.61 -42.35 85.72
C ASP F 431 25.61 -41.77 84.72
N VAL F 432 24.36 -42.20 84.84
CA VAL F 432 23.30 -41.82 83.93
C VAL F 432 22.99 -40.33 84.02
N THR F 433 23.00 -39.79 85.23
CA THR F 433 22.71 -38.37 85.42
C THR F 433 23.67 -37.52 84.61
N VAL F 434 24.95 -37.85 84.68
CA VAL F 434 25.96 -37.12 83.92
C VAL F 434 25.72 -37.26 82.42
N LEU F 435 25.38 -38.46 81.98
CA LEU F 435 25.09 -38.69 80.58
C LEU F 435 23.97 -37.76 80.10
N LEU F 436 22.90 -37.68 80.89
CA LEU F 436 21.75 -36.86 80.57
C LEU F 436 22.07 -35.37 80.60
N GLU F 437 22.87 -34.95 81.57
CA GLU F 437 23.27 -33.55 81.70
C GLU F 437 24.03 -33.07 80.47
N ASN F 438 24.79 -33.97 79.85
CA ASN F 438 25.59 -33.64 78.69
C ASN F 438 24.85 -33.93 77.37
N TYR F 439 23.55 -34.18 77.45
CA TYR F 439 22.74 -34.47 76.27
C TYR F 439 22.81 -33.33 75.25
N GLY F 440 22.56 -32.11 75.70
CA GLY F 440 22.57 -30.96 74.80
C GLY F 440 23.97 -30.41 74.57
N LYS F 441 24.92 -31.30 74.25
CA LYS F 441 26.31 -30.92 74.06
C LYS F 441 27.02 -31.73 72.99
N PHE F 442 27.42 -31.07 71.91
CA PHE F 442 28.14 -31.74 70.84
C PHE F 442 29.54 -32.12 71.32
N GLU F 443 30.00 -31.42 72.36
CA GLU F 443 31.33 -31.60 72.92
C GLU F 443 31.58 -33.02 73.40
N LYS F 444 30.51 -33.74 73.74
CA LYS F 444 30.63 -35.10 74.21
C LYS F 444 30.12 -36.09 73.17
N GLY F 445 29.94 -35.60 71.94
CA GLY F 445 29.45 -36.44 70.87
C GLY F 445 27.93 -36.56 70.91
N TYR F 446 27.27 -35.55 71.49
CA TYR F 446 25.81 -35.49 71.60
C TYR F 446 25.24 -36.46 72.63
N LEU F 447 25.62 -37.74 72.53
CA LEU F 447 25.16 -38.75 73.46
C LEU F 447 23.65 -38.93 73.37
N ILE F 448 23.06 -38.43 72.29
CA ILE F 448 21.62 -38.49 72.09
C ILE F 448 21.17 -39.90 71.88
N PHE F 449 21.87 -40.61 71.00
CA PHE F 449 21.50 -41.97 70.70
C PHE F 449 21.77 -42.87 71.88
N VAL F 450 22.81 -42.55 72.66
CA VAL F 450 23.14 -43.36 73.82
C VAL F 450 22.00 -43.29 74.83
N VAL F 451 21.47 -42.08 75.04
CA VAL F 451 20.32 -41.91 75.92
C VAL F 451 19.11 -42.65 75.35
N ARG F 452 18.90 -42.54 74.03
CA ARG F 452 17.80 -43.25 73.39
C ARG F 452 17.95 -44.76 73.57
N PHE F 453 19.18 -45.25 73.49
CA PHE F 453 19.43 -46.68 73.69
C PHE F 453 19.13 -47.08 75.13
N LEU F 454 19.49 -46.24 76.09
CA LEU F 454 19.17 -46.55 77.47
C LEU F 454 17.68 -46.65 77.66
N PHE F 455 16.94 -45.76 77.01
CA PHE F 455 15.50 -45.81 77.10
C PHE F 455 14.96 -47.13 76.59
N GLY F 456 15.49 -47.59 75.45
CA GLY F 456 15.08 -48.86 74.88
C GLY F 456 15.43 -50.05 75.76
N LEU F 457 16.64 -50.02 76.34
CA LEU F 457 17.15 -51.10 77.17
C LEU F 457 16.32 -51.26 78.44
N VAL F 458 15.88 -50.15 78.99
CA VAL F 458 15.13 -50.19 80.22
C VAL F 458 13.66 -50.52 79.96
N ASN F 459 13.37 -51.81 79.95
CA ASN F 459 12.02 -52.32 79.70
C ASN F 459 11.80 -53.56 80.56
N GLN F 460 10.60 -54.13 80.48
CA GLN F 460 10.29 -55.35 81.22
C GLN F 460 9.90 -56.47 80.27
N GLU F 461 9.42 -56.10 79.08
CA GLU F 461 8.92 -57.07 78.13
C GLU F 461 10.04 -57.69 77.32
N ARG F 462 10.88 -58.47 78.00
CA ARG F 462 12.04 -59.12 77.39
C ARG F 462 12.15 -60.58 77.84
N THR F 463 12.82 -61.38 77.02
CA THR F 463 12.96 -62.82 77.24
C THR F 463 14.30 -63.17 77.87
N SER F 464 14.61 -64.46 77.88
CA SER F 464 15.85 -64.97 78.46
C SER F 464 16.97 -64.94 77.45
N TYR F 465 17.69 -66.05 77.31
CA TYR F 465 18.72 -66.14 76.28
C TYR F 465 19.73 -65.00 76.35
N LEU F 466 20.26 -64.76 77.54
CA LEU F 466 21.26 -63.73 77.80
C LEU F 466 20.76 -62.29 77.73
N GLU F 467 19.45 -62.11 77.56
CA GLU F 467 18.90 -60.75 77.58
C GLU F 467 18.71 -60.32 79.03
N LYS F 468 19.02 -61.25 79.94
CA LYS F 468 18.94 -61.05 81.37
C LYS F 468 20.32 -60.82 81.98
N LYS F 469 21.32 -60.58 81.15
CA LYS F 469 22.67 -60.28 81.63
C LYS F 469 22.78 -58.80 82.01
N LEU F 470 21.71 -58.08 81.77
CA LEU F 470 21.61 -56.67 82.13
C LEU F 470 21.05 -56.59 83.54
N SER F 471 21.32 -55.48 84.20
CA SER F 471 20.92 -55.29 85.58
C SER F 471 19.41 -55.14 85.75
N CYS F 472 18.96 -55.39 86.98
CA CYS F 472 17.54 -55.26 87.31
C CYS F 472 17.27 -54.11 88.27
N LYS F 473 17.98 -54.09 89.40
CA LYS F 473 17.77 -53.02 90.37
C LYS F 473 18.22 -51.68 89.78
N ILE F 474 19.34 -51.70 89.08
CA ILE F 474 19.87 -50.52 88.41
C ILE F 474 18.92 -50.08 87.30
N SER F 475 18.34 -51.06 86.59
CA SER F 475 17.39 -50.78 85.53
C SER F 475 16.17 -50.04 86.10
N GLN F 476 15.72 -50.46 87.28
CA GLN F 476 14.60 -49.77 87.92
C GLN F 476 15.00 -48.35 88.34
N GLN F 477 16.23 -48.19 88.80
CA GLN F 477 16.71 -46.87 89.23
C GLN F 477 16.81 -45.90 88.06
N ILE F 478 17.31 -46.37 86.93
CA ILE F 478 17.38 -45.53 85.73
C ILE F 478 16.00 -45.20 85.19
N ARG F 479 15.07 -46.15 85.24
CA ARG F 479 13.74 -45.89 84.74
C ARG F 479 13.17 -44.65 85.40
N LEU F 480 13.32 -44.56 86.72
CA LEU F 480 12.83 -43.39 87.45
C LEU F 480 13.60 -42.12 87.08
N GLU F 481 14.92 -42.23 86.93
CA GLU F 481 15.72 -41.05 86.62
C GLU F 481 15.36 -40.50 85.23
N LEU F 482 15.09 -41.40 84.29
CA LEU F 482 14.72 -41.01 82.95
C LEU F 482 13.35 -40.32 82.95
N LEU F 483 12.45 -40.79 83.82
CA LEU F 483 11.13 -40.20 83.93
C LEU F 483 11.24 -38.76 84.40
N LYS F 484 12.07 -38.53 85.41
CA LYS F 484 12.28 -37.20 85.95
C LYS F 484 12.91 -36.28 84.92
N TRP F 485 13.83 -36.82 84.13
CA TRP F 485 14.48 -36.07 83.08
C TRP F 485 13.46 -35.57 82.07
N ILE F 486 12.55 -36.45 81.65
CA ILE F 486 11.49 -36.06 80.75
C ILE F 486 10.59 -35.01 81.39
N GLU F 487 10.21 -35.20 82.64
CA GLU F 487 9.35 -34.22 83.29
C GLU F 487 9.91 -32.81 83.20
N VAL F 488 11.19 -32.67 83.52
CA VAL F 488 11.81 -31.35 83.54
C VAL F 488 11.90 -30.74 82.15
N LYS F 489 12.34 -31.53 81.17
CA LYS F 489 12.50 -31.02 79.83
C LYS F 489 11.16 -30.80 79.15
N ALA F 490 10.18 -31.63 79.46
CA ALA F 490 8.85 -31.50 78.88
C ALA F 490 8.20 -30.21 79.33
N LYS F 491 8.34 -29.89 80.61
CA LYS F 491 7.80 -28.67 81.20
C LYS F 491 8.56 -27.44 80.74
N ALA F 492 9.88 -27.57 80.56
CA ALA F 492 10.70 -26.46 80.12
C ALA F 492 10.54 -26.26 78.62
N LYS F 493 9.35 -25.86 78.21
CA LYS F 493 9.02 -25.71 76.80
C LYS F 493 9.46 -24.37 76.28
N LYS F 494 10.73 -24.31 75.87
CA LYS F 494 11.35 -23.09 75.38
C LYS F 494 12.29 -23.40 74.22
N LEU F 495 12.74 -22.37 73.51
CA LEU F 495 13.71 -22.58 72.45
C LEU F 495 15.08 -22.81 73.06
N GLN F 496 15.69 -23.95 72.74
CA GLN F 496 16.95 -24.37 73.32
C GLN F 496 17.56 -25.53 72.55
N ILE F 497 18.75 -25.98 72.95
CA ILE F 497 19.38 -27.11 72.29
C ILE F 497 19.21 -28.39 73.10
N GLN F 498 18.33 -28.33 74.09
CA GLN F 498 17.93 -29.49 74.87
C GLN F 498 16.77 -30.11 74.09
N PRO F 499 16.23 -31.27 74.49
CA PRO F 499 15.21 -31.99 73.74
C PRO F 499 14.04 -31.09 73.37
N SER F 500 13.84 -30.88 72.07
CA SER F 500 12.77 -30.03 71.59
C SER F 500 11.45 -30.79 71.47
N GLN F 501 10.93 -31.26 72.60
CA GLN F 501 9.67 -32.00 72.69
C GLN F 501 9.73 -33.34 71.96
N LEU F 502 9.85 -33.28 70.63
CA LEU F 502 9.89 -34.47 69.80
C LEU F 502 11.07 -35.35 70.17
N GLU F 503 12.17 -34.74 70.59
CA GLU F 503 13.34 -35.49 71.03
C GLU F 503 13.03 -36.36 72.24
N LEU F 504 12.12 -35.89 73.09
CA LEU F 504 11.72 -36.68 74.24
C LEU F 504 10.86 -37.83 73.76
N PHE F 505 10.11 -37.58 72.68
CA PHE F 505 9.27 -38.62 72.09
C PHE F 505 10.13 -39.70 71.48
N TYR F 506 11.24 -39.32 70.82
CA TYR F 506 12.14 -40.33 70.26
C TYR F 506 12.63 -41.26 71.36
N CYS F 507 12.96 -40.69 72.51
CA CYS F 507 13.40 -41.48 73.66
C CYS F 507 12.30 -42.44 74.11
N LEU F 508 11.08 -41.94 74.24
CA LEU F 508 9.96 -42.77 74.66
C LEU F 508 9.64 -43.84 73.62
N TYR F 509 9.81 -43.51 72.35
CA TYR F 509 9.56 -44.46 71.28
C TYR F 509 10.42 -45.70 71.45
N GLU F 510 11.71 -45.52 71.72
CA GLU F 510 12.60 -46.65 71.98
C GLU F 510 12.15 -47.42 73.22
N MET F 511 11.75 -46.69 74.26
CA MET F 511 11.25 -47.35 75.45
C MET F 511 9.80 -47.74 75.24
N GLN F 512 9.59 -48.77 74.44
CA GLN F 512 8.23 -49.17 74.10
C GLN F 512 7.60 -49.92 75.26
N GLU F 513 7.20 -49.16 76.26
CA GLU F 513 6.56 -49.69 77.45
C GLU F 513 5.43 -48.75 77.85
N GLU F 514 4.19 -49.12 77.54
CA GLU F 514 3.06 -48.23 77.75
C GLU F 514 2.93 -47.78 79.19
N ASP F 515 3.26 -48.67 80.12
CA ASP F 515 3.18 -48.33 81.53
C ASP F 515 4.05 -47.12 81.87
N PHE F 516 5.16 -46.97 81.16
CA PHE F 516 6.06 -45.84 81.39
C PHE F 516 5.70 -44.66 80.50
N VAL F 517 5.46 -44.95 79.23
CA VAL F 517 5.24 -43.90 78.25
C VAL F 517 4.00 -43.10 78.57
N GLN F 518 2.92 -43.80 78.95
CA GLN F 518 1.68 -43.13 79.29
C GLN F 518 1.83 -42.28 80.54
N ARG F 519 2.85 -42.59 81.34
CA ARG F 519 3.11 -41.82 82.55
C ARG F 519 3.98 -40.61 82.22
N ALA F 520 5.03 -40.84 81.45
CA ALA F 520 5.94 -39.75 81.07
C ALA F 520 5.21 -38.72 80.24
N MET F 521 4.29 -39.18 79.41
CA MET F 521 3.54 -38.28 78.53
C MET F 521 2.57 -37.38 79.27
N ASP F 522 2.37 -37.60 80.57
CA ASP F 522 1.47 -36.76 81.33
C ASP F 522 2.14 -35.46 81.73
N TYR F 523 3.39 -35.28 81.29
CA TYR F 523 4.11 -34.05 81.55
C TYR F 523 4.10 -33.15 80.31
N PHE F 524 3.24 -33.50 79.35
CA PHE F 524 3.13 -32.72 78.11
C PHE F 524 1.72 -32.20 77.86
N PRO F 525 1.23 -31.23 78.65
CA PRO F 525 -0.09 -30.63 78.54
C PRO F 525 -0.23 -29.86 77.22
N LYS F 526 0.91 -29.44 76.68
CA LYS F 526 0.96 -28.72 75.44
C LYS F 526 2.10 -29.27 74.60
N ILE F 527 1.77 -29.79 73.43
CA ILE F 527 2.79 -30.39 72.57
C ILE F 527 2.98 -29.59 71.30
N GLU F 528 4.20 -29.20 71.02
CA GLU F 528 4.51 -28.50 69.78
C GLU F 528 5.72 -29.13 69.13
N ILE F 529 5.50 -29.80 68.01
CA ILE F 529 6.55 -30.55 67.34
C ILE F 529 6.62 -30.26 65.85
N ASN F 530 7.78 -30.52 65.27
CA ASN F 530 8.01 -30.32 63.84
C ASN F 530 8.49 -31.61 63.19
N LEU F 531 7.68 -32.13 62.28
CA LEU F 531 7.92 -33.43 61.66
C LEU F 531 8.58 -33.28 60.29
N SER F 532 9.77 -33.87 60.14
CA SER F 532 10.51 -33.76 58.89
C SER F 532 10.36 -34.99 58.02
N THR F 533 10.20 -36.15 58.65
CA THR F 533 10.13 -37.40 57.91
C THR F 533 9.16 -38.43 58.48
N ARG F 534 9.15 -39.59 57.85
CA ARG F 534 8.24 -40.68 58.21
C ARG F 534 8.46 -41.13 59.63
N MET F 535 9.72 -41.16 60.03
CA MET F 535 10.10 -41.65 61.34
C MET F 535 9.60 -40.72 62.42
N ASP F 536 9.38 -39.47 62.07
CA ASP F 536 9.00 -38.49 63.04
C ASP F 536 7.52 -38.65 63.33
N HIS F 537 6.79 -39.07 62.30
CA HIS F 537 5.37 -39.32 62.44
C HIS F 537 5.17 -40.59 63.26
N MET F 538 6.02 -41.58 63.03
CA MET F 538 5.94 -42.83 63.78
C MET F 538 6.18 -42.57 65.27
N VAL F 539 7.18 -41.74 65.56
CA VAL F 539 7.52 -41.39 66.92
C VAL F 539 6.46 -40.54 67.61
N SER F 540 5.98 -39.50 66.94
CA SER F 540 4.98 -38.64 67.56
C SER F 540 3.65 -39.37 67.68
N SER F 541 3.34 -40.23 66.71
CA SER F 541 2.11 -41.00 66.74
C SER F 541 2.06 -41.86 67.98
N PHE F 542 3.14 -42.59 68.23
CA PHE F 542 3.22 -43.45 69.39
C PHE F 542 3.05 -42.68 70.70
N CYS F 543 3.80 -41.60 70.84
CA CYS F 543 3.78 -40.84 72.08
C CYS F 543 2.47 -40.10 72.31
N ILE F 544 1.92 -39.52 71.25
CA ILE F 544 0.66 -38.79 71.38
C ILE F 544 -0.48 -39.74 71.71
N GLU F 545 -0.50 -40.92 71.08
CA GLU F 545 -1.54 -41.89 71.39
C GLU F 545 -1.47 -42.26 72.87
N ASN F 546 -0.25 -42.47 73.36
CA ASN F 546 -0.03 -42.81 74.76
C ASN F 546 0.12 -41.57 75.63
N CYS F 547 -0.92 -40.72 75.61
CA CYS F 547 -0.94 -39.49 76.37
C CYS F 547 -2.36 -39.10 76.71
N HIS F 548 -2.66 -38.96 78.00
CA HIS F 548 -4.02 -38.64 78.41
C HIS F 548 -4.13 -37.29 79.10
N ARG F 549 -3.09 -36.48 78.98
CA ARG F 549 -3.11 -35.17 79.63
C ARG F 549 -2.75 -34.02 78.70
N VAL F 550 -2.81 -34.25 77.39
CA VAL F 550 -2.49 -33.19 76.45
C VAL F 550 -3.75 -32.45 76.07
N GLU F 551 -3.75 -31.14 76.28
CA GLU F 551 -4.91 -30.33 75.96
C GLU F 551 -4.74 -29.70 74.58
N SER F 552 -3.51 -29.39 74.22
CA SER F 552 -3.25 -28.74 72.94
C SER F 552 -2.05 -29.32 72.22
N LEU F 553 -2.21 -29.50 70.91
CA LEU F 553 -1.18 -30.03 70.04
C LEU F 553 -0.98 -29.16 68.80
N SER F 554 0.27 -28.87 68.49
CA SER F 554 0.63 -28.14 67.29
C SER F 554 1.56 -28.97 66.42
N LEU F 555 1.14 -29.21 65.17
CA LEU F 555 1.95 -30.03 64.26
C LEU F 555 2.56 -29.21 63.14
N GLY F 556 3.83 -28.92 63.29
CA GLY F 556 4.57 -28.13 62.33
C GLY F 556 5.10 -29.01 61.22
N PHE F 557 4.21 -29.49 60.36
CA PHE F 557 4.67 -30.34 59.28
C PHE F 557 5.67 -29.57 58.45
N LEU F 558 6.80 -30.20 58.13
CA LEU F 558 7.84 -29.55 57.34
C LEU F 558 7.79 -30.02 55.89
N HIS F 559 8.95 -30.20 55.28
CA HIS F 559 9.02 -30.56 53.87
C HIS F 559 8.74 -32.05 53.66
N ASN F 560 7.46 -32.43 53.75
CA ASN F 560 6.99 -33.81 53.60
C ASN F 560 6.53 -34.06 52.16
N LEU F 599 2.98 -31.26 52.02
CA LEU F 599 2.59 -32.55 52.56
C LEU F 599 1.69 -33.30 51.58
N THR F 600 0.53 -32.69 51.25
CA THR F 600 -0.47 -33.15 50.28
C THR F 600 -0.51 -34.66 50.03
N SER F 601 -0.59 -35.45 51.09
CA SER F 601 -0.56 -36.90 50.95
C SER F 601 -1.09 -37.63 52.17
N SER F 602 -1.24 -38.95 52.03
CA SER F 602 -1.67 -39.84 53.11
C SER F 602 -0.53 -40.18 54.04
N PHE F 603 0.64 -39.63 53.73
CA PHE F 603 1.87 -39.83 54.48
C PHE F 603 1.64 -39.66 55.98
N CYS F 604 0.89 -38.64 56.35
CA CYS F 604 0.62 -38.29 57.74
C CYS F 604 -0.62 -38.96 58.32
N ARG F 605 -1.30 -39.77 57.51
CA ARG F 605 -2.57 -40.36 57.92
C ARG F 605 -2.45 -41.09 59.25
N GLY F 606 -1.31 -41.75 59.47
CA GLY F 606 -1.09 -42.54 60.68
C GLY F 606 -1.06 -41.67 61.92
N LEU F 607 -0.86 -40.37 61.75
CA LEU F 607 -0.83 -39.46 62.89
C LEU F 607 -2.21 -38.88 63.14
N PHE F 608 -2.89 -38.48 62.08
CA PHE F 608 -4.19 -37.87 62.24
C PHE F 608 -5.19 -38.86 62.84
N SER F 609 -5.00 -40.15 62.53
CA SER F 609 -5.87 -41.20 63.05
C SER F 609 -5.68 -41.38 64.55
N VAL F 610 -4.58 -40.83 65.09
CA VAL F 610 -4.31 -40.89 66.52
C VAL F 610 -4.93 -39.70 67.23
N LEU F 611 -4.79 -38.54 66.63
CA LEU F 611 -5.31 -37.32 67.21
C LEU F 611 -6.81 -37.46 67.43
N SER F 612 -7.48 -38.10 66.49
CA SER F 612 -8.92 -38.27 66.53
C SER F 612 -9.38 -39.27 67.57
N THR F 613 -8.44 -39.96 68.22
CA THR F 613 -8.82 -40.92 69.24
C THR F 613 -8.44 -40.42 70.64
N SER F 614 -7.88 -39.23 70.72
CA SER F 614 -7.49 -38.68 72.02
C SER F 614 -8.71 -38.23 72.78
N GLN F 615 -8.74 -38.50 74.07
CA GLN F 615 -9.88 -38.10 74.87
C GLN F 615 -9.58 -36.84 75.67
N SER F 616 -8.36 -36.32 75.55
CA SER F 616 -7.98 -35.12 76.27
C SER F 616 -7.66 -33.96 75.34
N LEU F 617 -7.31 -34.26 74.09
CA LEU F 617 -6.93 -33.21 73.17
C LEU F 617 -8.14 -32.34 72.85
N THR F 618 -7.99 -31.04 73.02
CA THR F 618 -9.07 -30.10 72.76
C THR F 618 -8.72 -29.17 71.61
N GLU F 619 -7.46 -28.72 71.58
CA GLU F 619 -7.02 -27.76 70.58
C GLU F 619 -5.98 -28.34 69.64
N LEU F 620 -6.26 -28.27 68.35
CA LEU F 620 -5.32 -28.75 67.35
C LEU F 620 -4.91 -27.63 66.40
N ASP F 621 -3.62 -27.29 66.42
CA ASP F 621 -3.10 -26.22 65.60
C ASP F 621 -2.30 -26.73 64.40
N LEU F 622 -2.88 -26.61 63.22
CA LEU F 622 -2.22 -27.07 62.01
C LEU F 622 -1.93 -25.93 61.07
N SER F 623 -1.83 -24.73 61.62
CA SER F 623 -1.58 -23.54 60.83
C SER F 623 -0.14 -23.44 60.34
N ASP F 624 0.07 -22.56 59.37
CA ASP F 624 1.41 -22.24 58.90
C ASP F 624 2.25 -23.44 58.45
N ASN F 625 1.68 -24.26 57.59
CA ASN F 625 2.40 -25.40 57.02
C ASN F 625 1.75 -25.81 55.70
N SER F 626 2.38 -26.71 54.96
CA SER F 626 1.84 -27.11 53.66
C SER F 626 0.80 -28.22 53.77
N LEU F 627 -0.25 -27.98 54.53
CA LEU F 627 -1.35 -28.93 54.66
C LEU F 627 -2.37 -28.65 53.57
N GLY F 628 -1.95 -28.82 52.33
CA GLY F 628 -2.77 -28.46 51.20
C GLY F 628 -4.01 -29.33 51.14
N ASP F 629 -4.91 -29.02 50.22
CA ASP F 629 -6.20 -29.69 50.15
C ASP F 629 -6.15 -31.22 50.30
N PRO F 630 -5.23 -31.94 49.61
CA PRO F 630 -5.10 -33.39 49.66
C PRO F 630 -4.73 -33.89 51.06
N GLY F 631 -4.19 -33.01 51.89
CA GLY F 631 -3.82 -33.37 53.25
C GLY F 631 -4.98 -33.08 54.19
N MET F 632 -5.77 -32.09 53.83
CA MET F 632 -6.92 -31.70 54.62
C MET F 632 -7.99 -32.76 54.52
N ARG F 633 -8.07 -33.41 53.36
CA ARG F 633 -9.03 -34.48 53.17
C ARG F 633 -8.77 -35.61 54.16
N VAL F 634 -7.50 -35.92 54.36
CA VAL F 634 -7.14 -37.02 55.26
C VAL F 634 -7.56 -36.66 56.67
N LEU F 635 -7.27 -35.43 57.07
CA LEU F 635 -7.66 -34.96 58.37
C LEU F 635 -9.17 -34.95 58.54
N CYS F 636 -9.88 -34.50 57.53
CA CYS F 636 -11.33 -34.42 57.62
C CYS F 636 -11.94 -35.79 57.80
N GLU F 637 -11.32 -36.83 57.25
CA GLU F 637 -11.81 -38.17 57.46
C GLU F 637 -11.65 -38.59 58.92
N THR F 638 -10.58 -38.12 59.56
CA THR F 638 -10.31 -38.47 60.95
C THR F 638 -11.08 -37.57 61.93
N LEU F 639 -11.42 -36.36 61.49
CA LEU F 639 -12.16 -35.43 62.35
C LEU F 639 -13.62 -35.84 62.49
N GLN F 640 -14.03 -36.85 61.73
CA GLN F 640 -15.39 -37.35 61.80
C GLN F 640 -15.52 -38.50 62.80
N HIS F 641 -14.40 -38.87 63.41
CA HIS F 641 -14.42 -39.95 64.38
C HIS F 641 -15.31 -39.58 65.56
N PRO F 642 -16.19 -40.49 66.02
CA PRO F 642 -17.09 -40.33 67.17
C PRO F 642 -16.37 -39.88 68.44
N GLY F 643 -15.10 -40.27 68.58
CA GLY F 643 -14.33 -39.94 69.77
C GLY F 643 -13.32 -38.82 69.55
N CYS F 644 -13.50 -38.04 68.48
CA CYS F 644 -12.54 -36.99 68.12
C CYS F 644 -12.23 -36.03 69.26
N ASN F 645 -13.27 -35.39 69.80
CA ASN F 645 -13.15 -34.47 70.93
C ASN F 645 -12.34 -33.20 70.67
N ILE F 646 -11.98 -32.94 69.43
CA ILE F 646 -11.27 -31.69 69.14
C ILE F 646 -12.27 -30.57 69.03
N ARG F 647 -12.07 -29.51 69.81
CA ARG F 647 -13.01 -28.41 69.82
C ARG F 647 -12.47 -27.20 69.06
N ARG F 648 -11.16 -27.03 69.06
CA ARG F 648 -10.57 -25.87 68.41
C ARG F 648 -9.60 -26.29 67.31
N LEU F 649 -9.95 -26.03 66.06
CA LEU F 649 -9.12 -26.45 64.94
C LEU F 649 -8.59 -25.24 64.17
N TRP F 650 -7.31 -24.94 64.37
CA TRP F 650 -6.74 -23.72 63.82
C TRP F 650 -6.10 -23.91 62.44
N LEU F 651 -6.93 -24.04 61.42
CA LEU F 651 -6.41 -24.25 60.06
C LEU F 651 -6.07 -22.95 59.37
N GLY F 652 -5.07 -22.25 59.88
CA GLY F 652 -4.71 -20.94 59.37
C GLY F 652 -4.07 -21.05 57.99
N ARG F 653 -2.87 -20.53 57.84
CA ARG F 653 -2.24 -20.56 56.54
C ARG F 653 -1.75 -21.96 56.21
N CYS F 654 -2.71 -22.81 55.86
CA CYS F 654 -2.48 -24.20 55.54
C CYS F 654 -2.37 -24.42 54.04
N GLY F 655 -2.57 -23.35 53.28
CA GLY F 655 -2.50 -23.42 51.83
C GLY F 655 -3.72 -24.12 51.26
N LEU F 656 -4.86 -23.95 51.94
CA LEU F 656 -6.08 -24.61 51.52
C LEU F 656 -6.82 -23.78 50.50
N SER F 657 -7.60 -24.46 49.66
CA SER F 657 -8.45 -23.77 48.71
C SER F 657 -9.89 -24.25 48.83
N HIS F 658 -10.69 -23.97 47.81
CA HIS F 658 -12.11 -24.30 47.85
C HIS F 658 -12.36 -25.79 47.95
N GLU F 659 -11.42 -26.59 47.47
CA GLU F 659 -11.61 -28.03 47.44
C GLU F 659 -11.73 -28.62 48.84
N CYS F 660 -11.09 -27.98 49.82
CA CYS F 660 -11.12 -28.50 51.17
C CYS F 660 -12.45 -28.22 51.84
N CYS F 661 -13.21 -27.27 51.31
CA CYS F 661 -14.43 -26.84 51.98
C CYS F 661 -15.45 -27.95 51.99
N PHE F 662 -15.47 -28.74 50.94
CA PHE F 662 -16.39 -29.86 50.88
C PHE F 662 -16.10 -30.81 52.02
N ASP F 663 -14.83 -31.15 52.19
CA ASP F 663 -14.42 -32.07 53.23
C ASP F 663 -14.65 -31.47 54.61
N ILE F 664 -14.47 -30.16 54.74
CA ILE F 664 -14.73 -29.50 56.01
C ILE F 664 -16.21 -29.54 56.35
N SER F 665 -17.06 -29.28 55.36
CA SER F 665 -18.50 -29.33 55.58
C SER F 665 -18.94 -30.68 56.09
N LEU F 666 -18.30 -31.74 55.59
CA LEU F 666 -18.62 -33.09 56.05
C LEU F 666 -18.28 -33.22 57.52
N VAL F 667 -17.20 -32.57 57.95
CA VAL F 667 -16.83 -32.59 59.36
C VAL F 667 -17.85 -31.81 60.18
N LEU F 668 -18.22 -30.64 59.71
CA LEU F 668 -19.16 -29.79 60.45
C LEU F 668 -20.52 -30.45 60.65
N SER F 669 -20.95 -31.22 59.65
CA SER F 669 -22.26 -31.89 59.70
C SER F 669 -22.25 -33.17 60.52
N SER F 670 -21.08 -33.60 61.00
CA SER F 670 -20.95 -34.86 61.72
C SER F 670 -20.34 -34.66 63.10
N ASN F 671 -19.25 -33.90 63.16
CA ASN F 671 -18.51 -33.65 64.38
C ASN F 671 -19.21 -32.58 65.22
N GLN F 672 -19.80 -33.01 66.33
CA GLN F 672 -20.57 -32.12 67.20
C GLN F 672 -19.71 -31.50 68.30
N LYS F 673 -18.42 -31.79 68.25
CA LYS F 673 -17.48 -31.31 69.25
C LYS F 673 -16.76 -30.06 68.79
N LEU F 674 -16.60 -29.91 67.48
CA LEU F 674 -15.87 -28.77 66.96
C LEU F 674 -16.62 -27.48 67.26
N VAL F 675 -15.93 -26.55 67.91
CA VAL F 675 -16.50 -25.27 68.32
C VAL F 675 -15.86 -24.10 67.58
N GLU F 676 -14.54 -24.12 67.48
CA GLU F 676 -13.82 -22.99 66.90
C GLU F 676 -13.05 -23.43 65.67
N LEU F 677 -13.32 -22.78 64.54
CA LEU F 677 -12.67 -23.12 63.29
C LEU F 677 -12.09 -21.90 62.61
N ASP F 678 -10.79 -21.91 62.36
CA ASP F 678 -10.16 -20.76 61.71
C ASP F 678 -9.62 -21.12 60.35
N LEU F 679 -10.25 -20.58 59.31
CA LEU F 679 -9.90 -20.87 57.93
C LEU F 679 -9.27 -19.66 57.26
N SER F 680 -8.74 -18.76 58.07
CA SER F 680 -8.16 -17.53 57.56
C SER F 680 -6.87 -17.74 56.81
N ASP F 681 -6.52 -16.75 56.01
CA ASP F 681 -5.27 -16.72 55.25
C ASP F 681 -5.14 -17.92 54.31
N ASN F 682 -6.23 -18.30 53.69
CA ASN F 682 -6.24 -19.38 52.71
C ASN F 682 -6.81 -18.85 51.40
N ALA F 683 -7.27 -19.74 50.53
CA ALA F 683 -7.85 -19.34 49.26
C ALA F 683 -9.28 -19.84 49.14
N LEU F 684 -9.98 -19.87 50.26
CA LEU F 684 -11.36 -20.32 50.28
C LEU F 684 -12.27 -19.26 49.70
N GLY F 685 -12.23 -19.12 48.39
CA GLY F 685 -12.95 -18.05 47.73
C GLY F 685 -14.45 -18.28 47.84
N ASP F 686 -15.22 -17.43 47.18
CA ASP F 686 -16.67 -17.46 47.30
C ASP F 686 -17.24 -18.85 47.13
N PHE F 687 -16.69 -19.62 46.21
CA PHE F 687 -17.18 -20.96 46.02
C PHE F 687 -16.92 -21.81 47.25
N GLY F 688 -15.76 -21.61 47.87
CA GLY F 688 -15.42 -22.38 49.04
C GLY F 688 -16.45 -22.13 50.13
N ILE F 689 -16.92 -20.91 50.21
CA ILE F 689 -17.91 -20.54 51.21
C ILE F 689 -19.24 -21.19 50.90
N ARG F 690 -19.62 -21.21 49.62
CA ARG F 690 -20.86 -21.87 49.25
C ARG F 690 -20.86 -23.31 49.73
N LEU F 691 -19.72 -23.98 49.58
CA LEU F 691 -19.58 -25.35 50.06
C LEU F 691 -19.50 -25.40 51.57
N LEU F 692 -18.78 -24.48 52.18
CA LEU F 692 -18.59 -24.49 53.62
C LEU F 692 -19.92 -24.32 54.35
N CYS F 693 -20.76 -23.45 53.80
CA CYS F 693 -22.03 -23.14 54.41
C CYS F 693 -22.98 -24.33 54.42
N VAL F 694 -22.63 -25.37 53.67
CA VAL F 694 -23.45 -26.57 53.68
C VAL F 694 -23.40 -27.18 55.07
N GLY F 695 -22.23 -27.14 55.68
CA GLY F 695 -22.07 -27.69 57.02
C GLY F 695 -22.55 -26.70 58.07
N LEU F 696 -22.30 -25.42 57.83
CA LEU F 696 -22.63 -24.40 58.82
C LEU F 696 -24.13 -24.30 59.03
N LYS F 697 -24.90 -24.55 57.98
CA LYS F 697 -26.36 -24.50 58.05
C LYS F 697 -26.96 -25.84 58.49
N HIS F 698 -26.09 -26.83 58.72
CA HIS F 698 -26.55 -28.17 59.01
C HIS F 698 -26.92 -28.35 60.48
N LEU F 699 -27.91 -29.18 60.74
CA LEU F 699 -28.28 -29.49 62.10
C LEU F 699 -27.13 -30.23 62.76
N LEU F 700 -27.00 -30.06 64.07
CA LEU F 700 -25.92 -30.66 64.85
C LEU F 700 -24.58 -29.99 64.60
N CYS F 701 -24.56 -28.92 63.81
CA CYS F 701 -23.34 -28.16 63.65
C CYS F 701 -23.24 -27.15 64.78
N ASN F 702 -22.32 -27.40 65.70
CA ASN F 702 -22.26 -26.61 66.92
C ASN F 702 -21.15 -25.57 66.87
N LEU F 703 -20.66 -25.28 65.68
CA LEU F 703 -19.58 -24.32 65.54
C LEU F 703 -20.00 -22.98 66.10
N LYS F 704 -19.15 -22.38 66.94
CA LYS F 704 -19.45 -21.09 67.53
C LYS F 704 -18.58 -19.98 66.97
N LYS F 705 -17.34 -20.28 66.65
CA LYS F 705 -16.42 -19.26 66.19
C LYS F 705 -15.84 -19.62 64.84
N LEU F 706 -16.02 -18.73 63.87
CA LEU F 706 -15.52 -18.97 62.54
C LEU F 706 -14.73 -17.80 61.99
N TRP F 707 -13.49 -18.07 61.60
CA TRP F 707 -12.67 -17.04 60.99
C TRP F 707 -12.49 -17.29 59.50
N LEU F 708 -12.90 -16.33 58.69
CA LEU F 708 -12.76 -16.40 57.25
C LEU F 708 -11.97 -15.20 56.76
N VAL F 709 -11.07 -14.74 57.61
CA VAL F 709 -10.27 -13.56 57.33
C VAL F 709 -9.28 -13.80 56.20
N SER F 710 -9.23 -12.86 55.27
CA SER F 710 -8.33 -12.95 54.13
C SER F 710 -8.48 -14.27 53.39
N CYS F 711 -9.68 -14.55 52.90
CA CYS F 711 -9.94 -15.78 52.16
C CYS F 711 -10.36 -15.50 50.73
N CYS F 712 -9.92 -14.37 50.20
CA CYS F 712 -10.24 -14.01 48.84
C CYS F 712 -11.74 -14.01 48.59
N LEU F 713 -12.50 -13.48 49.56
CA LEU F 713 -13.95 -13.44 49.42
C LEU F 713 -14.42 -12.14 48.83
N THR F 714 -15.56 -12.18 48.17
CA THR F 714 -16.22 -10.97 47.69
C THR F 714 -17.63 -10.92 48.23
N SER F 715 -18.37 -9.88 47.88
CA SER F 715 -19.74 -9.70 48.33
C SER F 715 -20.63 -10.85 47.90
N ALA F 716 -20.19 -11.57 46.88
CA ALA F 716 -20.96 -12.68 46.33
C ALA F 716 -21.20 -13.77 47.37
N CYS F 717 -20.26 -13.93 48.31
CA CYS F 717 -20.37 -14.99 49.31
C CYS F 717 -21.27 -14.59 50.47
N CYS F 718 -21.61 -13.30 50.55
CA CYS F 718 -22.38 -12.82 51.69
C CYS F 718 -23.78 -13.39 51.68
N GLN F 719 -24.24 -13.78 50.51
CA GLN F 719 -25.56 -14.36 50.40
C GLN F 719 -25.64 -15.66 51.19
N ASP F 720 -24.53 -16.38 51.25
CA ASP F 720 -24.52 -17.66 51.95
C ASP F 720 -24.18 -17.48 53.41
N LEU F 721 -23.28 -16.55 53.70
CA LEU F 721 -22.89 -16.30 55.08
C LEU F 721 -24.07 -15.71 55.84
N ALA F 722 -24.85 -14.88 55.16
CA ALA F 722 -26.01 -14.27 55.77
C ALA F 722 -27.02 -15.33 56.18
N SER F 723 -27.14 -16.37 55.35
CA SER F 723 -28.07 -17.45 55.63
C SER F 723 -27.62 -18.24 56.85
N VAL F 724 -26.31 -18.40 56.98
CA VAL F 724 -25.76 -19.10 58.15
C VAL F 724 -26.07 -18.31 59.41
N LEU F 725 -25.89 -17.00 59.36
CA LEU F 725 -26.16 -16.18 60.53
C LEU F 725 -27.62 -16.28 60.94
N SER F 726 -28.51 -16.30 59.95
CA SER F 726 -29.94 -16.40 60.20
C SER F 726 -30.33 -17.74 60.83
N THR F 727 -29.84 -18.83 60.26
CA THR F 727 -30.29 -20.16 60.68
C THR F 727 -29.47 -20.78 61.81
N SER F 728 -28.16 -20.51 61.87
CA SER F 728 -27.32 -21.20 62.84
C SER F 728 -27.72 -20.90 64.28
N HIS F 729 -27.80 -21.95 65.07
CA HIS F 729 -28.15 -21.84 66.48
C HIS F 729 -26.92 -21.59 67.34
N SER F 730 -25.74 -21.76 66.75
CA SER F 730 -24.52 -21.72 67.54
C SER F 730 -23.49 -20.70 67.09
N LEU F 731 -23.57 -20.22 65.86
CA LEU F 731 -22.52 -19.33 65.39
C LEU F 731 -22.67 -17.94 65.98
N THR F 732 -21.70 -17.53 66.80
CA THR F 732 -21.77 -16.25 67.46
C THR F 732 -20.61 -15.34 67.05
N ARG F 733 -19.51 -15.95 66.63
CA ARG F 733 -18.32 -15.19 66.29
C ARG F 733 -17.97 -15.31 64.81
N LEU F 734 -18.26 -14.29 64.03
CA LEU F 734 -17.97 -14.36 62.60
C LEU F 734 -16.96 -13.30 62.19
N TYR F 735 -15.77 -13.72 61.78
CA TYR F 735 -14.73 -12.78 61.37
C TYR F 735 -14.47 -12.90 59.87
N VAL F 736 -14.82 -11.87 59.12
CA VAL F 736 -14.71 -11.93 57.66
C VAL F 736 -13.96 -10.75 57.06
N GLY F 737 -13.10 -10.12 57.84
CA GLY F 737 -12.38 -8.95 57.36
C GLY F 737 -11.24 -9.32 56.42
N GLU F 738 -10.53 -8.30 55.95
CA GLU F 738 -9.44 -8.47 54.99
C GLU F 738 -9.94 -9.20 53.76
N ASN F 739 -11.08 -8.77 53.25
CA ASN F 739 -11.73 -9.36 52.09
C ASN F 739 -12.34 -8.27 51.22
N ALA F 740 -12.99 -8.66 50.14
CA ALA F 740 -13.61 -7.69 49.24
C ALA F 740 -15.10 -7.59 49.54
N LEU F 741 -15.47 -7.82 50.79
CA LEU F 741 -16.84 -7.73 51.22
C LEU F 741 -17.20 -6.27 51.46
N GLY F 742 -17.31 -5.53 50.37
CA GLY F 742 -17.50 -4.09 50.48
C GLY F 742 -18.89 -3.76 50.97
N ASP F 743 -19.27 -2.50 50.86
CA ASP F 743 -20.55 -2.04 51.38
C ASP F 743 -21.71 -2.91 50.92
N SER F 744 -21.69 -3.31 49.66
CA SER F 744 -22.74 -4.14 49.09
C SER F 744 -22.78 -5.54 49.69
N GLY F 745 -21.67 -5.97 50.28
CA GLY F 745 -21.58 -7.27 50.91
C GLY F 745 -22.13 -7.21 52.32
N VAL F 746 -21.73 -6.17 53.04
CA VAL F 746 -22.20 -5.98 54.40
C VAL F 746 -23.69 -5.80 54.45
N ALA F 747 -24.24 -5.08 53.48
CA ALA F 747 -25.67 -4.87 53.42
C ALA F 747 -26.40 -6.22 53.41
N ILE F 748 -25.83 -7.21 52.74
CA ILE F 748 -26.42 -8.53 52.68
C ILE F 748 -26.34 -9.22 54.04
N LEU F 749 -25.17 -9.16 54.66
CA LEU F 749 -25.00 -9.78 55.97
C LEU F 749 -25.90 -9.12 56.99
N CYS F 750 -26.05 -7.81 56.87
CA CYS F 750 -26.87 -7.03 57.79
C CYS F 750 -28.33 -7.36 57.66
N GLU F 751 -28.78 -7.64 56.44
CA GLU F 751 -30.18 -7.96 56.22
C GLU F 751 -30.62 -9.13 57.09
N LYS F 752 -29.72 -10.07 57.34
CA LYS F 752 -30.06 -11.19 58.19
C LYS F 752 -29.55 -10.99 59.61
N ALA F 753 -28.41 -10.30 59.77
CA ALA F 753 -27.82 -10.09 61.09
C ALA F 753 -28.68 -9.14 61.92
N LYS F 754 -29.49 -8.33 61.24
CA LYS F 754 -30.37 -7.40 61.92
C LYS F 754 -31.52 -8.11 62.60
N ASN F 755 -31.74 -9.38 62.25
CA ASN F 755 -32.81 -10.14 62.84
C ASN F 755 -32.52 -10.35 64.33
N PRO F 756 -33.44 -9.96 65.22
CA PRO F 756 -33.27 -9.97 66.67
C PRO F 756 -33.08 -11.38 67.22
N GLN F 757 -33.37 -12.40 66.40
CA GLN F 757 -33.21 -13.78 66.81
C GLN F 757 -31.86 -14.35 66.37
N CYS F 758 -31.06 -13.53 65.71
CA CYS F 758 -29.74 -13.95 65.25
C CYS F 758 -28.80 -14.07 66.44
N ASN F 759 -27.94 -15.07 66.43
CA ASN F 759 -27.06 -15.35 67.57
C ASN F 759 -25.71 -14.68 67.46
N LEU F 760 -25.52 -13.84 66.44
CA LEU F 760 -24.25 -13.17 66.23
C LEU F 760 -23.88 -12.27 67.39
N GLN F 761 -22.69 -12.47 67.94
CA GLN F 761 -22.18 -11.67 69.05
C GLN F 761 -20.99 -10.82 68.67
N LYS F 762 -20.11 -11.36 67.83
CA LYS F 762 -18.94 -10.61 67.40
C LYS F 762 -18.85 -10.59 65.88
N LEU F 763 -18.79 -9.41 65.30
CA LEU F 763 -18.72 -9.30 63.86
C LEU F 763 -17.44 -8.64 63.39
N GLY F 764 -16.54 -9.44 62.83
CA GLY F 764 -15.21 -9.00 62.47
C GLY F 764 -15.10 -8.43 61.06
N LEU F 765 -15.92 -7.44 60.75
CA LEU F 765 -15.85 -6.78 59.45
C LEU F 765 -14.73 -5.78 59.44
N VAL F 766 -13.50 -6.26 59.51
CA VAL F 766 -12.36 -5.39 59.70
C VAL F 766 -11.98 -4.74 58.39
N ASN F 767 -10.95 -5.23 57.73
CA ASN F 767 -10.56 -4.58 56.49
C ASN F 767 -11.39 -5.11 55.35
N SER F 768 -12.67 -4.76 55.36
CA SER F 768 -13.62 -5.25 54.38
C SER F 768 -13.80 -4.26 53.23
N GLY F 769 -13.12 -3.13 53.30
CA GLY F 769 -13.23 -2.13 52.24
C GLY F 769 -14.57 -1.43 52.29
N LEU F 770 -15.06 -1.17 53.49
CA LEU F 770 -16.38 -0.57 53.66
C LEU F 770 -16.30 0.94 53.61
N THR F 771 -17.39 1.54 53.18
CA THR F 771 -17.55 2.98 53.16
C THR F 771 -18.77 3.33 53.99
N SER F 772 -19.05 4.62 54.12
CA SER F 772 -20.20 5.09 54.89
C SER F 772 -21.51 4.56 54.34
N VAL F 773 -21.47 4.06 53.11
CA VAL F 773 -22.66 3.56 52.43
C VAL F 773 -23.34 2.45 53.21
N CYS F 774 -22.58 1.57 53.85
CA CYS F 774 -23.18 0.44 54.56
C CYS F 774 -23.30 0.70 56.05
N CYS F 775 -22.98 1.90 56.51
CA CYS F 775 -23.06 2.14 57.93
C CYS F 775 -24.50 2.24 58.39
N SER F 776 -25.40 2.57 57.48
CA SER F 776 -26.82 2.58 57.82
C SER F 776 -27.30 1.15 58.01
N ALA F 777 -26.65 0.20 57.33
CA ALA F 777 -26.97 -1.20 57.47
C ALA F 777 -26.42 -1.73 58.78
N LEU F 778 -25.20 -1.31 59.11
CA LEU F 778 -24.57 -1.69 60.37
C LEU F 778 -25.35 -1.07 61.52
N SER F 779 -25.84 0.15 61.31
CA SER F 779 -26.64 0.84 62.31
C SER F 779 -27.90 0.06 62.60
N SER F 780 -28.56 -0.42 61.55
CA SER F 780 -29.76 -1.20 61.70
C SER F 780 -29.49 -2.45 62.52
N VAL F 781 -28.38 -3.11 62.25
CA VAL F 781 -28.03 -4.31 63.00
C VAL F 781 -27.76 -3.98 64.47
N LEU F 782 -27.00 -2.93 64.72
CA LEU F 782 -26.68 -2.54 66.07
C LEU F 782 -27.93 -2.20 66.87
N SER F 783 -28.86 -1.52 66.22
CA SER F 783 -30.12 -1.12 66.85
C SER F 783 -31.02 -2.31 67.18
N THR F 784 -31.18 -3.22 66.23
CA THR F 784 -32.14 -4.32 66.39
C THR F 784 -31.55 -5.58 67.04
N ASN F 785 -30.33 -5.94 66.67
CA ASN F 785 -29.75 -7.18 67.18
C ASN F 785 -29.11 -6.96 68.54
N GLN F 786 -29.82 -7.38 69.59
CA GLN F 786 -29.40 -7.12 70.95
C GLN F 786 -28.32 -8.09 71.39
N ASN F 787 -27.97 -9.02 70.53
CA ASN F 787 -26.95 -10.00 70.87
C ASN F 787 -25.57 -9.58 70.38
N LEU F 788 -25.49 -8.50 69.61
CA LEU F 788 -24.21 -8.09 69.05
C LEU F 788 -23.46 -7.24 70.05
N THR F 789 -22.33 -7.75 70.53
CA THR F 789 -21.58 -7.07 71.57
C THR F 789 -20.23 -6.53 71.10
N HIS F 790 -19.71 -7.08 70.02
CA HIS F 790 -18.41 -6.61 69.52
C HIS F 790 -18.45 -6.39 68.01
N LEU F 791 -18.02 -5.21 67.58
CA LEU F 791 -17.97 -4.89 66.15
C LEU F 791 -16.64 -4.27 65.81
N TYR F 792 -15.92 -4.88 64.88
CA TYR F 792 -14.57 -4.44 64.53
C TYR F 792 -14.51 -3.89 63.12
N LEU F 793 -14.39 -2.57 62.98
CA LEU F 793 -14.44 -1.95 61.65
C LEU F 793 -13.13 -1.31 61.19
N ARG F 794 -12.02 -1.62 61.85
CA ARG F 794 -10.78 -0.96 61.47
C ARG F 794 -10.34 -1.32 60.07
N GLY F 795 -9.82 -0.34 59.35
CA GLY F 795 -9.35 -0.54 57.99
C GLY F 795 -10.40 -0.06 56.98
N ASN F 796 -11.61 0.19 57.48
CA ASN F 796 -12.70 0.64 56.65
C ASN F 796 -12.77 2.15 56.56
N THR F 797 -12.61 2.69 55.37
CA THR F 797 -12.62 4.14 55.20
C THR F 797 -14.04 4.65 55.30
N LEU F 798 -14.56 4.68 56.52
CA LEU F 798 -15.93 5.04 56.78
C LEU F 798 -16.07 6.54 56.86
N GLY F 799 -15.04 7.17 57.37
CA GLY F 799 -15.02 8.62 57.47
C GLY F 799 -16.00 9.11 58.51
N ASP F 800 -16.27 10.41 58.46
CA ASP F 800 -17.13 11.03 59.44
C ASP F 800 -18.59 10.68 59.18
N LYS F 801 -18.93 10.51 57.91
CA LYS F 801 -20.29 10.18 57.55
C LYS F 801 -20.65 8.83 58.12
N GLY F 802 -19.72 7.89 58.06
CA GLY F 802 -19.96 6.57 58.60
C GLY F 802 -20.21 6.63 60.10
N ILE F 803 -19.41 7.41 60.81
CA ILE F 803 -19.59 7.51 62.25
C ILE F 803 -20.96 8.07 62.58
N LYS F 804 -21.39 9.09 61.85
CA LYS F 804 -22.70 9.66 62.11
C LYS F 804 -23.79 8.62 61.95
N LEU F 805 -23.70 7.84 60.88
CA LEU F 805 -24.68 6.79 60.62
C LEU F 805 -24.64 5.69 61.67
N LEU F 806 -23.44 5.30 62.10
CA LEU F 806 -23.34 4.26 63.12
C LEU F 806 -23.96 4.73 64.42
N CYS F 807 -23.76 6.01 64.73
CA CYS F 807 -24.27 6.60 65.97
C CYS F 807 -25.79 6.51 66.05
N GLU F 808 -26.46 6.58 64.91
CA GLU F 808 -27.91 6.46 64.91
C GLU F 808 -28.33 5.12 65.54
N GLY F 809 -27.53 4.09 65.31
CA GLY F 809 -27.79 2.78 65.88
C GLY F 809 -27.21 2.65 67.29
N LEU F 810 -25.96 3.09 67.45
CA LEU F 810 -25.25 2.92 68.71
C LEU F 810 -25.93 3.66 69.85
N LEU F 811 -26.56 4.79 69.55
CA LEU F 811 -27.22 5.58 70.57
C LEU F 811 -28.66 5.13 70.80
N HIS F 812 -29.09 4.12 70.05
CA HIS F 812 -30.43 3.58 70.20
C HIS F 812 -30.50 2.81 71.52
N PRO F 813 -31.59 2.93 72.30
CA PRO F 813 -31.79 2.30 73.59
C PRO F 813 -31.71 0.78 73.56
N ASP F 814 -31.94 0.16 72.40
CA ASP F 814 -31.87 -1.29 72.32
C ASP F 814 -30.52 -1.80 71.84
N CYS F 815 -29.56 -0.91 71.62
CA CYS F 815 -28.25 -1.35 71.19
C CYS F 815 -27.45 -1.83 72.39
N LYS F 816 -26.86 -3.02 72.27
CA LYS F 816 -26.11 -3.61 73.37
C LYS F 816 -24.62 -3.71 73.08
N LEU F 817 -24.17 -3.04 72.02
CA LEU F 817 -22.77 -3.14 71.64
C LEU F 817 -21.87 -2.69 72.77
N GLN F 818 -20.87 -3.51 73.09
CA GLN F 818 -19.94 -3.19 74.17
C GLN F 818 -18.61 -2.72 73.61
N VAL F 819 -18.14 -3.38 72.57
CA VAL F 819 -16.84 -3.04 72.02
C VAL F 819 -16.91 -2.60 70.57
N LEU F 820 -16.45 -1.40 70.31
CA LEU F 820 -16.40 -0.89 68.95
C LEU F 820 -14.98 -0.51 68.59
N GLU F 821 -14.44 -1.10 67.53
CA GLU F 821 -13.08 -0.79 67.11
C GLU F 821 -13.06 0.08 65.86
N LEU F 822 -12.41 1.23 65.98
CA LEU F 822 -12.33 2.20 64.88
C LEU F 822 -10.92 2.76 64.74
N ASP F 823 -10.02 1.95 64.20
CA ASP F 823 -8.63 2.35 64.07
C ASP F 823 -8.42 3.10 62.76
N ASN F 824 -7.82 2.46 61.77
CA ASN F 824 -7.61 3.12 60.49
C ASN F 824 -8.90 3.19 59.70
N CYS F 825 -9.83 4.02 60.17
CA CYS F 825 -11.14 4.17 59.54
C CYS F 825 -11.27 5.47 58.77
N ASN F 826 -10.14 6.15 58.56
CA ASN F 826 -10.10 7.41 57.84
C ASN F 826 -11.00 8.47 58.45
N LEU F 827 -10.98 8.57 59.77
CA LEU F 827 -11.80 9.55 60.48
C LEU F 827 -11.04 10.84 60.64
N THR F 828 -11.76 11.95 60.78
CA THR F 828 -11.10 13.20 61.11
C THR F 828 -11.80 13.91 62.25
N SER F 829 -11.32 15.10 62.58
CA SER F 829 -11.76 15.79 63.79
C SER F 829 -13.23 16.21 63.75
N HIS F 830 -13.82 16.23 62.58
CA HIS F 830 -15.21 16.65 62.43
C HIS F 830 -16.18 15.61 63.00
N CYS F 831 -15.70 14.41 63.24
CA CYS F 831 -16.56 13.36 63.79
C CYS F 831 -16.48 13.30 65.30
N CYS F 832 -15.68 14.19 65.90
CA CYS F 832 -15.48 14.13 67.33
C CYS F 832 -16.74 14.45 68.10
N TRP F 833 -17.64 15.24 67.53
CA TRP F 833 -18.89 15.54 68.22
C TRP F 833 -19.74 14.29 68.34
N ASP F 834 -19.67 13.43 67.33
CA ASP F 834 -20.48 12.23 67.30
C ASP F 834 -19.84 11.14 68.16
N LEU F 835 -18.51 11.09 68.13
CA LEU F 835 -17.82 10.14 68.98
C LEU F 835 -18.02 10.55 70.43
N SER F 836 -17.95 11.85 70.68
CA SER F 836 -18.15 12.39 72.02
C SER F 836 -19.53 12.03 72.53
N THR F 837 -20.51 12.13 71.66
CA THR F 837 -21.87 11.75 72.03
C THR F 837 -21.89 10.29 72.48
N LEU F 838 -21.22 9.42 71.75
CA LEU F 838 -21.18 8.01 72.12
C LEU F 838 -20.53 7.82 73.49
N LEU F 839 -19.50 8.61 73.78
CA LEU F 839 -18.73 8.43 75.00
C LEU F 839 -19.61 8.59 76.24
N THR F 840 -20.59 9.50 76.19
CA THR F 840 -21.44 9.69 77.37
C THR F 840 -22.89 9.22 77.19
N SER F 841 -23.37 9.13 75.96
CA SER F 841 -24.78 8.81 75.73
C SER F 841 -25.05 7.32 75.54
N SER F 842 -24.05 6.56 75.09
CA SER F 842 -24.26 5.14 74.89
C SER F 842 -23.97 4.40 76.19
N GLN F 843 -25.01 3.83 76.78
CA GLN F 843 -24.88 3.22 78.10
C GLN F 843 -24.43 1.78 78.02
N SER F 844 -24.38 1.25 76.80
CA SER F 844 -23.99 -0.14 76.59
C SER F 844 -22.50 -0.26 76.27
N LEU F 845 -21.95 0.79 75.67
CA LEU F 845 -20.57 0.76 75.20
C LEU F 845 -19.60 0.73 76.38
N ARG F 846 -18.58 -0.12 76.29
CA ARG F 846 -17.59 -0.25 77.34
C ARG F 846 -16.20 0.06 76.83
N LYS F 847 -15.97 -0.22 75.55
CA LYS F 847 -14.67 -0.03 74.93
C LYS F 847 -14.82 0.70 73.60
N LEU F 848 -13.86 1.55 73.27
CA LEU F 848 -13.90 2.24 71.99
C LEU F 848 -12.49 2.43 71.49
N SER F 849 -12.06 1.54 70.61
CA SER F 849 -10.68 1.51 70.18
C SER F 849 -10.42 2.44 69.01
N LEU F 850 -10.42 3.73 69.29
CA LEU F 850 -10.04 4.71 68.28
C LEU F 850 -8.57 4.48 68.01
N GLY F 851 -8.13 4.63 66.77
CA GLY F 851 -6.72 4.33 66.51
C GLY F 851 -6.06 5.21 65.46
N ASN F 852 -5.40 4.55 64.52
CA ASN F 852 -4.55 5.22 63.54
C ASN F 852 -5.34 6.03 62.52
N ASN F 853 -5.87 7.14 62.97
CA ASN F 853 -6.58 8.08 62.11
C ASN F 853 -6.30 9.51 62.58
N ASP F 854 -6.41 10.47 61.66
CA ASP F 854 -6.07 11.85 62.01
C ASP F 854 -7.24 12.53 62.68
N LEU F 855 -7.52 12.13 63.91
CA LEU F 855 -8.68 12.60 64.64
C LEU F 855 -8.50 14.01 65.19
N GLY F 856 -7.27 14.42 65.43
CA GLY F 856 -7.01 15.75 65.98
C GLY F 856 -6.85 15.68 67.49
N ASP F 857 -5.90 16.44 68.01
CA ASP F 857 -5.62 16.43 69.44
C ASP F 857 -6.64 17.27 70.21
N LEU F 858 -7.14 18.31 69.57
CA LEU F 858 -8.19 19.12 70.18
C LEU F 858 -9.46 18.29 70.39
N GLY F 859 -9.75 17.42 69.42
CA GLY F 859 -10.91 16.56 69.50
C GLY F 859 -10.80 15.64 70.69
N VAL F 860 -9.63 15.06 70.87
CA VAL F 860 -9.38 14.17 71.99
C VAL F 860 -9.54 14.89 73.33
N MET F 861 -9.09 16.14 73.42
CA MET F 861 -9.26 16.87 74.67
C MET F 861 -10.75 16.99 75.03
N MET F 862 -11.60 17.14 74.02
CA MET F 862 -13.03 17.18 74.27
C MET F 862 -13.51 15.86 74.86
N PHE F 863 -12.93 14.76 74.40
CA PHE F 863 -13.32 13.45 74.91
C PHE F 863 -13.05 13.39 76.40
N CYS F 864 -11.89 13.90 76.81
CA CYS F 864 -11.56 13.90 78.22
C CYS F 864 -12.64 14.61 79.04
N GLU F 865 -13.04 15.79 78.59
CA GLU F 865 -14.01 16.59 79.33
C GLU F 865 -15.35 15.88 79.47
N VAL F 866 -15.79 15.19 78.42
CA VAL F 866 -17.08 14.52 78.47
C VAL F 866 -17.01 13.18 79.21
N LEU F 867 -15.89 12.47 79.09
CA LEU F 867 -15.77 11.19 79.78
C LEU F 867 -15.89 11.35 81.29
N LYS F 868 -15.41 12.47 81.80
CA LYS F 868 -15.49 12.75 83.22
C LYS F 868 -16.94 12.87 83.70
N GLN F 869 -17.87 13.09 82.76
CA GLN F 869 -19.28 13.24 83.10
C GLN F 869 -19.99 11.89 83.23
N GLN F 870 -19.53 11.09 84.19
CA GLN F 870 -20.10 9.79 84.50
C GLN F 870 -20.19 8.83 83.30
N SER F 871 -19.16 8.81 82.45
CA SER F 871 -19.14 7.87 81.34
C SER F 871 -18.95 6.44 81.83
N CYS F 872 -19.61 5.50 81.15
CA CYS F 872 -19.49 4.07 81.46
C CYS F 872 -18.44 3.41 80.55
N LEU F 873 -17.72 4.22 79.81
CA LEU F 873 -16.72 3.71 78.87
C LEU F 873 -15.40 3.46 79.57
N LEU F 874 -15.35 2.39 80.32
CA LEU F 874 -14.25 2.16 81.24
C LEU F 874 -13.13 1.30 80.68
N GLN F 875 -13.26 0.86 79.44
CA GLN F 875 -12.21 0.07 78.83
C GLN F 875 -11.28 0.90 77.98
N ASN F 876 -10.28 0.24 77.41
CA ASN F 876 -9.27 0.91 76.61
C ASN F 876 -9.90 1.86 75.60
N LEU F 877 -9.42 3.10 75.60
CA LEU F 877 -9.95 4.13 74.70
C LEU F 877 -9.20 4.21 73.38
N GLY F 878 -8.24 3.33 73.20
CA GLY F 878 -7.45 3.32 71.98
C GLY F 878 -6.57 4.56 71.86
N LEU F 879 -6.75 5.30 70.78
CA LEU F 879 -5.96 6.49 70.50
C LEU F 879 -4.49 6.12 70.33
N SER F 880 -4.24 4.87 69.96
CA SER F 880 -2.88 4.41 69.70
C SER F 880 -2.43 4.92 68.36
N GLU F 881 -1.12 5.02 68.17
CA GLU F 881 -0.53 5.47 66.91
C GLU F 881 -1.06 6.85 66.51
N MET F 882 -1.70 7.53 67.46
CA MET F 882 -2.23 8.86 67.26
C MET F 882 -1.41 9.83 68.09
N TYR F 883 -0.86 10.86 67.47
CA TYR F 883 0.05 11.75 68.17
C TYR F 883 -0.60 13.07 68.53
N PHE F 884 -0.24 13.58 69.71
CA PHE F 884 -0.88 14.77 70.24
C PHE F 884 0.13 15.80 70.71
N ASN F 885 -0.30 17.05 70.81
CA ASN F 885 0.55 18.08 71.40
C ASN F 885 0.62 17.92 72.91
N TYR F 886 1.37 18.79 73.57
CA TYR F 886 1.57 18.71 75.01
C TYR F 886 0.29 18.80 75.82
N GLU F 887 -0.52 19.82 75.54
CA GLU F 887 -1.71 20.07 76.34
C GLU F 887 -2.65 18.88 76.29
N THR F 888 -2.75 18.26 75.13
CA THR F 888 -3.62 17.09 74.96
C THR F 888 -3.08 15.90 75.74
N LYS F 889 -1.79 15.65 75.65
CA LYS F 889 -1.21 14.54 76.38
C LYS F 889 -1.40 14.74 77.87
N SER F 890 -1.26 15.97 78.33
CA SER F 890 -1.46 16.29 79.73
C SER F 890 -2.90 16.00 80.14
N ALA F 891 -3.85 16.40 79.29
CA ALA F 891 -5.26 16.15 79.55
C ALA F 891 -5.56 14.66 79.66
N LEU F 892 -4.94 13.86 78.78
CA LEU F 892 -5.16 12.42 78.81
C LEU F 892 -4.58 11.79 80.08
N GLU F 893 -3.40 12.22 80.47
CA GLU F 893 -2.80 11.70 81.69
C GLU F 893 -3.66 12.09 82.88
N THR F 894 -4.18 13.32 82.84
CA THR F 894 -5.04 13.81 83.90
C THR F 894 -6.31 12.97 83.99
N LEU F 895 -6.89 12.65 82.84
CA LEU F 895 -8.10 11.84 82.79
C LEU F 895 -7.92 10.52 83.52
N GLN F 896 -6.80 9.85 83.29
CA GLN F 896 -6.56 8.57 83.95
C GLN F 896 -6.49 8.72 85.47
N GLU F 897 -5.94 9.85 85.94
CA GLU F 897 -5.83 10.10 87.36
C GLU F 897 -7.16 10.53 88.00
N GLU F 898 -7.91 11.37 87.28
CA GLU F 898 -9.18 11.89 87.79
C GLU F 898 -10.31 10.88 87.65
N LYS F 899 -10.20 9.99 86.67
CA LYS F 899 -11.21 8.97 86.44
C LYS F 899 -10.60 7.58 86.54
N PRO F 900 -10.21 7.13 87.75
CA PRO F 900 -9.43 5.93 88.03
C PRO F 900 -10.16 4.66 87.63
N GLU F 901 -11.47 4.75 87.45
CA GLU F 901 -12.26 3.60 87.02
C GLU F 901 -12.01 3.28 85.55
N LEU F 902 -11.35 4.20 84.84
CA LEU F 902 -11.01 3.99 83.44
C LEU F 902 -9.77 3.11 83.34
N THR F 903 -9.90 2.01 82.62
CA THR F 903 -8.84 1.04 82.53
C THR F 903 -7.55 1.63 81.97
N VAL F 904 -7.62 2.26 80.81
CA VAL F 904 -6.42 2.82 80.20
C VAL F 904 -6.73 3.70 79.00
N VAL F 905 -5.96 4.77 78.82
CA VAL F 905 -6.02 5.55 77.59
C VAL F 905 -5.17 4.90 76.52
N PHE F 906 -3.94 4.55 76.89
CA PHE F 906 -2.99 3.86 76.02
C PHE F 906 -2.42 4.74 74.91
N GLU F 907 -1.82 5.85 75.30
CA GLU F 907 -1.15 6.75 74.37
C GLU F 907 0.10 6.05 73.82
N PRO F 908 0.51 6.36 72.57
CA PRO F 908 1.72 5.88 71.92
C PRO F 908 3.05 6.39 72.50
N SER F 909 3.00 7.48 73.28
CA SER F 909 4.20 8.11 73.88
C SER F 909 3.81 9.08 74.99
N CYS G 4 46.53 3.34 -62.25
CA CYS G 4 47.65 2.85 -61.47
C CYS G 4 47.18 2.08 -60.22
N LYS G 5 46.82 2.80 -59.14
CA LYS G 5 46.37 2.16 -57.90
C LYS G 5 44.95 1.62 -58.02
N MET G 6 44.71 0.46 -57.44
CA MET G 6 43.38 -0.13 -57.43
C MET G 6 42.57 0.38 -56.25
N LYS G 7 41.65 1.28 -56.52
CA LYS G 7 40.90 1.90 -55.45
C LYS G 7 39.67 1.08 -55.09
N LYS G 8 39.90 0.05 -54.27
CA LYS G 8 38.84 -0.83 -53.82
C LYS G 8 38.96 -1.11 -52.33
N ASP G 9 37.81 -1.34 -51.70
CA ASP G 9 37.79 -1.63 -50.28
C ASP G 9 38.07 -3.10 -50.03
N TYR G 10 39.34 -3.44 -49.91
CA TYR G 10 39.75 -4.83 -49.76
C TYR G 10 39.13 -5.50 -48.55
N ARG G 11 38.79 -4.74 -47.54
CA ARG G 11 38.21 -5.33 -46.36
C ARG G 11 36.85 -5.93 -46.68
N LYS G 12 36.19 -5.39 -47.71
CA LYS G 12 34.90 -5.90 -48.13
C LYS G 12 35.11 -7.16 -48.95
N LYS G 13 36.16 -7.15 -49.77
CA LYS G 13 36.53 -8.30 -50.58
C LYS G 13 36.93 -9.46 -49.67
N TYR G 14 37.62 -9.13 -48.59
CA TYR G 14 38.04 -10.12 -47.60
C TYR G 14 36.81 -10.70 -46.91
N ARG G 15 35.89 -9.83 -46.48
CA ARG G 15 34.67 -10.31 -45.84
C ARG G 15 33.90 -11.26 -46.74
N LYS G 16 33.82 -10.95 -48.03
CA LYS G 16 33.14 -11.84 -48.97
C LYS G 16 33.85 -13.18 -49.02
N TYR G 17 35.17 -13.16 -49.09
CA TYR G 17 35.94 -14.39 -49.10
C TYR G 17 35.67 -15.22 -47.86
N VAL G 18 35.65 -14.57 -46.70
CA VAL G 18 35.38 -15.29 -45.46
C VAL G 18 33.98 -15.88 -45.46
N ARG G 19 32.99 -15.12 -45.92
CA ARG G 19 31.63 -15.67 -45.96
C ARG G 19 31.59 -16.90 -46.86
N SER G 20 32.29 -16.84 -47.99
CA SER G 20 32.36 -17.95 -48.94
C SER G 20 33.14 -19.14 -48.39
N ARG G 21 34.28 -18.86 -47.75
CA ARG G 21 35.15 -19.91 -47.23
C ARG G 21 34.58 -20.61 -46.01
N PHE G 22 33.86 -19.90 -45.17
CA PHE G 22 33.34 -20.45 -43.92
C PHE G 22 31.81 -20.56 -43.90
N GLN G 23 31.21 -21.02 -45.00
CA GLN G 23 29.76 -21.15 -45.09
C GLN G 23 29.22 -22.26 -44.21
N CYS G 24 29.98 -23.35 -44.12
CA CYS G 24 29.54 -24.55 -43.41
C CYS G 24 30.36 -24.80 -42.15
N ILE G 25 30.03 -25.89 -41.45
CA ILE G 25 30.76 -26.28 -40.26
C ILE G 25 32.16 -26.79 -40.61
N GLU G 26 32.24 -27.61 -41.65
CA GLU G 26 33.52 -28.16 -42.08
C GLU G 26 34.01 -27.56 -43.40
N ASP G 27 33.07 -27.30 -44.31
CA ASP G 27 33.39 -26.84 -45.68
C ASP G 27 34.31 -27.85 -46.38
N ARG G 28 34.00 -29.12 -46.20
CA ARG G 28 34.75 -30.22 -46.81
C ARG G 28 33.81 -31.24 -47.42
N ASN G 29 34.36 -32.14 -48.21
CA ASN G 29 33.55 -33.15 -48.88
C ASN G 29 33.18 -34.30 -47.96
N ALA G 30 32.46 -35.27 -48.50
CA ALA G 30 31.97 -36.45 -47.76
C ALA G 30 30.94 -36.07 -46.71
N ARG G 31 30.49 -34.82 -46.72
CA ARG G 31 29.47 -34.35 -45.79
C ARG G 31 28.09 -34.61 -46.38
N LEU G 32 27.71 -35.88 -46.42
CA LEU G 32 26.44 -36.29 -47.01
C LEU G 32 26.32 -35.78 -48.44
N GLY G 33 27.36 -36.04 -49.25
CA GLY G 33 27.36 -35.59 -50.64
C GLY G 33 27.81 -34.14 -50.76
N GLU G 34 28.62 -33.69 -49.80
CA GLU G 34 29.11 -32.32 -49.78
C GLU G 34 27.97 -31.31 -49.81
N SER G 35 26.99 -31.51 -48.94
CA SER G 35 25.85 -30.62 -48.85
C SER G 35 26.20 -29.43 -47.96
N VAL G 36 25.33 -28.43 -47.94
CA VAL G 36 25.56 -27.29 -47.06
C VAL G 36 25.11 -27.67 -45.66
N SER G 37 26.02 -27.54 -44.69
CA SER G 37 25.76 -27.96 -43.31
C SER G 37 24.78 -27.03 -42.62
N LEU G 38 24.63 -25.83 -43.19
CA LEU G 38 23.73 -24.82 -42.68
C LEU G 38 24.12 -24.40 -41.27
N ASN G 39 25.06 -23.46 -41.16
CA ASN G 39 25.59 -23.05 -39.86
C ASN G 39 24.53 -22.37 -39.00
N LYS G 40 23.36 -22.12 -39.57
CA LYS G 40 22.24 -21.56 -38.82
C LYS G 40 21.77 -22.53 -37.74
N ARG G 41 22.18 -23.80 -37.86
CA ARG G 41 21.84 -24.83 -36.87
C ARG G 41 22.65 -24.66 -35.59
N TYR G 42 23.69 -23.82 -35.65
CA TYR G 42 24.56 -23.58 -34.52
C TYR G 42 23.79 -22.99 -33.35
N THR G 43 24.04 -23.52 -32.16
CA THR G 43 23.41 -23.00 -30.97
C THR G 43 24.37 -22.04 -30.29
N ARG G 44 23.90 -20.83 -30.00
CA ARG G 44 24.78 -19.83 -29.42
C ARG G 44 25.39 -20.34 -28.14
N LEU G 45 26.71 -20.22 -28.05
CA LEU G 45 27.45 -20.65 -26.89
C LEU G 45 27.51 -19.56 -25.83
N ARG G 46 27.14 -19.92 -24.61
CA ARG G 46 27.17 -18.99 -23.49
C ARG G 46 28.56 -18.97 -22.86
N LEU G 47 29.09 -17.78 -22.61
CA LEU G 47 30.43 -17.64 -22.06
C LEU G 47 30.42 -16.96 -20.69
N ILE G 48 31.41 -17.28 -19.87
CA ILE G 48 31.58 -16.71 -18.53
C ILE G 48 32.95 -16.05 -18.36
N LYS G 49 32.96 -14.83 -17.82
CA LYS G 49 34.22 -14.15 -17.54
C LYS G 49 34.82 -14.71 -16.24
N GLU G 50 36.10 -15.11 -16.27
CA GLU G 50 36.77 -15.70 -15.09
C GLU G 50 36.80 -14.71 -13.93
N SER G 75 30.05 -14.64 -13.83
CA SER G 75 29.89 -13.41 -14.59
C SER G 75 29.68 -13.72 -16.08
N PRO G 76 28.47 -14.15 -16.51
CA PRO G 76 28.08 -14.47 -17.89
C PRO G 76 28.30 -13.27 -18.83
N ILE G 77 28.79 -13.55 -20.03
CA ILE G 77 29.03 -12.51 -21.04
C ILE G 77 28.45 -12.90 -22.39
N LYS G 78 28.31 -11.89 -23.25
CA LYS G 78 27.86 -12.10 -24.62
C LYS G 78 29.05 -12.22 -25.55
N MET G 79 28.78 -12.59 -26.80
CA MET G 79 29.86 -12.63 -27.79
C MET G 79 30.35 -11.22 -28.08
N GLU G 80 29.45 -10.26 -27.98
CA GLU G 80 29.79 -8.85 -28.10
C GLU G 80 30.41 -8.36 -26.80
N LEU G 81 31.16 -7.28 -26.88
CA LEU G 81 31.81 -6.69 -25.71
C LEU G 81 32.90 -7.60 -25.16
N LEU G 82 33.36 -8.55 -25.97
CA LEU G 82 34.37 -9.52 -25.57
C LEU G 82 35.73 -8.88 -25.37
N PHE G 83 36.06 -7.87 -26.17
CA PHE G 83 37.36 -7.23 -26.09
C PHE G 83 37.26 -5.84 -25.46
N ASP G 84 36.06 -5.48 -25.05
CA ASP G 84 35.84 -4.17 -24.47
C ASP G 84 36.39 -4.13 -23.04
N PRO G 85 36.76 -2.94 -22.54
CA PRO G 85 37.11 -2.65 -21.17
C PRO G 85 35.98 -3.02 -20.23
N ASP G 86 36.33 -3.39 -19.01
CA ASP G 86 35.31 -3.73 -18.02
C ASP G 86 34.83 -2.46 -17.31
N ASP G 87 34.16 -2.63 -16.18
CA ASP G 87 33.50 -1.52 -15.48
C ASP G 87 34.43 -0.39 -15.07
N GLU G 88 35.72 -0.67 -14.93
CA GLU G 88 36.68 0.35 -14.46
C GLU G 88 37.91 0.39 -15.37
N HIS G 89 38.83 1.31 -15.10
CA HIS G 89 40.13 1.42 -15.79
C HIS G 89 40.03 1.92 -17.23
N SER G 90 39.01 1.45 -17.95
CA SER G 90 38.82 1.76 -19.37
C SER G 90 39.99 1.26 -20.19
N GLU G 91 40.52 0.11 -19.81
CA GLU G 91 41.64 -0.52 -20.51
C GLU G 91 41.14 -1.56 -21.52
N PRO G 92 41.43 -1.40 -22.81
CA PRO G 92 41.09 -2.31 -23.89
C PRO G 92 41.66 -3.69 -23.63
N VAL G 93 40.94 -4.72 -24.05
CA VAL G 93 41.42 -6.08 -23.89
C VAL G 93 41.99 -6.58 -25.20
N HIS G 94 43.31 -6.75 -25.23
CA HIS G 94 43.96 -7.15 -26.45
C HIS G 94 43.82 -8.63 -26.70
N THR G 95 43.94 -9.42 -25.65
CA THR G 95 43.86 -10.87 -25.83
C THR G 95 42.82 -11.51 -24.93
N VAL G 96 42.04 -12.37 -25.55
CA VAL G 96 41.01 -13.15 -24.87
C VAL G 96 41.25 -14.63 -25.08
N VAL G 97 41.16 -15.42 -24.01
CA VAL G 97 41.37 -16.86 -24.13
C VAL G 97 40.12 -17.65 -23.75
N PHE G 98 39.70 -18.52 -24.66
CA PHE G 98 38.51 -19.35 -24.50
C PHE G 98 38.81 -20.77 -24.03
N GLN G 99 38.22 -21.13 -22.90
CA GLN G 99 38.40 -22.46 -22.28
C GLN G 99 37.10 -23.27 -22.26
N GLY G 100 37.22 -24.58 -22.43
CA GLY G 100 36.08 -25.49 -22.32
C GLY G 100 36.52 -26.95 -22.35
N ALA G 101 35.56 -27.85 -22.13
CA ALA G 101 35.84 -29.29 -22.05
C ALA G 101 36.23 -29.86 -23.41
N ALA G 102 37.00 -30.94 -23.40
CA ALA G 102 37.30 -31.63 -24.64
C ALA G 102 35.99 -32.16 -25.22
N GLY G 103 35.81 -32.05 -26.53
CA GLY G 103 34.60 -32.56 -27.17
C GLY G 103 33.57 -31.46 -27.49
N ILE G 104 33.80 -30.25 -27.02
CA ILE G 104 32.87 -29.14 -27.26
C ILE G 104 32.79 -28.64 -28.70
N GLY G 105 33.86 -28.79 -29.48
CA GLY G 105 33.85 -28.26 -30.84
C GLY G 105 34.30 -26.80 -30.84
N LYS G 106 35.42 -26.54 -30.18
CA LYS G 106 35.98 -25.19 -30.06
C LYS G 106 36.24 -24.58 -31.43
N THR G 107 36.52 -25.43 -32.41
CA THR G 107 36.78 -24.99 -33.77
C THR G 107 35.53 -24.40 -34.40
N ILE G 108 34.36 -24.89 -33.98
CA ILE G 108 33.12 -24.36 -34.52
C ILE G 108 32.96 -22.94 -34.05
N LEU G 109 33.27 -22.68 -32.79
CA LEU G 109 33.15 -21.32 -32.27
C LEU G 109 34.08 -20.39 -33.05
N ALA G 110 35.33 -20.82 -33.25
CA ALA G 110 36.29 -19.97 -33.95
C ALA G 110 35.83 -19.64 -35.36
N ARG G 111 35.32 -20.65 -36.05
CA ARG G 111 34.88 -20.49 -37.42
C ARG G 111 33.58 -19.69 -37.51
N LYS G 112 32.65 -19.96 -36.60
CA LYS G 112 31.37 -19.28 -36.61
C LYS G 112 31.55 -17.80 -36.36
N MET G 113 32.45 -17.46 -35.43
CA MET G 113 32.68 -16.06 -35.14
C MET G 113 33.10 -15.31 -36.39
N MET G 114 33.98 -15.90 -37.17
CA MET G 114 34.39 -15.24 -38.39
C MET G 114 33.26 -15.09 -39.38
N LEU G 115 32.36 -16.07 -39.41
CA LEU G 115 31.22 -15.95 -40.32
C LEU G 115 30.27 -14.86 -39.84
N ASP G 116 30.00 -14.80 -38.54
CA ASP G 116 29.11 -13.78 -37.99
C ASP G 116 29.70 -12.41 -38.24
N TRP G 117 31.02 -12.32 -38.13
CA TRP G 117 31.71 -11.08 -38.44
C TRP G 117 31.62 -10.74 -39.93
N ALA G 118 31.90 -11.71 -40.78
CA ALA G 118 31.92 -11.47 -42.22
C ALA G 118 30.54 -11.06 -42.71
N SER G 119 29.49 -11.56 -42.04
CA SER G 119 28.11 -11.21 -42.33
C SER G 119 27.73 -9.84 -41.77
N GLY G 120 28.63 -9.24 -41.00
CA GLY G 120 28.40 -7.92 -40.42
C GLY G 120 27.55 -7.92 -39.15
N THR G 121 27.54 -9.03 -38.41
CA THR G 121 26.73 -9.07 -37.20
C THR G 121 27.58 -9.10 -35.92
N LEU G 122 28.82 -9.58 -36.04
CA LEU G 122 29.68 -9.70 -34.87
C LEU G 122 30.93 -8.83 -35.00
N TYR G 123 31.15 -7.95 -34.02
CA TYR G 123 32.30 -7.04 -34.02
C TYR G 123 32.39 -6.22 -35.30
N GLN G 124 31.24 -5.87 -35.87
CA GLN G 124 31.22 -5.17 -37.14
C GLN G 124 31.94 -3.84 -37.09
N ASP G 125 31.84 -3.15 -35.96
CA ASP G 125 32.46 -1.84 -35.81
C ASP G 125 33.77 -1.87 -35.04
N ARG G 126 34.30 -3.07 -34.79
CA ARG G 126 35.55 -3.19 -34.02
C ARG G 126 36.72 -3.68 -34.85
N PHE G 127 36.47 -4.60 -35.78
CA PHE G 127 37.57 -5.14 -36.56
C PHE G 127 37.32 -5.03 -38.05
N ASP G 128 38.37 -4.66 -38.78
CA ASP G 128 38.30 -4.59 -40.23
C ASP G 128 38.69 -5.92 -40.84
N TYR G 129 39.55 -6.66 -40.14
CA TYR G 129 39.95 -7.99 -40.59
C TYR G 129 40.01 -8.99 -39.45
N LEU G 130 39.58 -10.21 -39.76
CA LEU G 130 39.78 -11.35 -38.87
C LEU G 130 40.60 -12.39 -39.60
N PHE G 131 41.69 -12.81 -39.01
CA PHE G 131 42.56 -13.78 -39.67
C PHE G 131 42.54 -15.13 -38.98
N TYR G 132 42.18 -16.17 -39.74
CA TYR G 132 42.08 -17.51 -39.20
C TYR G 132 43.43 -18.18 -39.13
N ILE G 133 43.80 -18.65 -37.94
CA ILE G 133 45.04 -19.39 -37.78
C ILE G 133 44.72 -20.82 -37.37
N HIS G 134 44.91 -21.76 -38.27
CA HIS G 134 44.58 -23.14 -37.96
C HIS G 134 45.81 -23.83 -37.41
N CYS G 135 45.83 -24.08 -36.12
CA CYS G 135 47.03 -24.55 -35.44
C CYS G 135 47.44 -25.95 -35.87
N ARG G 136 46.54 -26.66 -36.54
CA ARG G 136 46.83 -27.99 -37.05
C ARG G 136 47.54 -27.91 -38.40
N GLU G 137 47.55 -26.72 -39.00
CA GLU G 137 48.21 -26.49 -40.28
C GLU G 137 49.51 -25.72 -40.08
N VAL G 138 49.55 -24.90 -39.03
CA VAL G 138 50.70 -24.07 -38.77
C VAL G 138 51.92 -24.89 -38.39
N SER G 139 53.02 -24.64 -39.07
CA SER G 139 54.29 -25.30 -38.80
C SER G 139 55.16 -24.47 -37.88
N LEU G 140 55.54 -25.07 -36.75
CA LEU G 140 56.34 -24.41 -35.73
C LEU G 140 57.81 -24.34 -36.15
N VAL G 141 58.22 -25.31 -36.95
CA VAL G 141 59.60 -25.40 -37.43
C VAL G 141 59.85 -24.45 -38.59
N THR G 142 58.86 -24.34 -39.49
CA THR G 142 59.02 -23.55 -40.70
C THR G 142 59.32 -22.09 -40.40
N GLN G 143 60.28 -21.53 -41.15
CA GLN G 143 60.64 -20.13 -41.03
C GLN G 143 59.92 -19.30 -42.09
N ARG G 144 59.15 -18.32 -41.65
CA ARG G 144 58.38 -17.48 -42.56
C ARG G 144 58.11 -16.11 -41.96
N SER G 145 57.83 -15.14 -42.84
CA SER G 145 57.38 -13.82 -42.43
C SER G 145 55.94 -13.96 -42.01
N LEU G 146 55.32 -12.89 -41.53
CA LEU G 146 53.92 -13.03 -41.14
C LEU G 146 53.06 -13.07 -42.39
N GLY G 147 53.15 -14.17 -43.11
CA GLY G 147 52.45 -14.39 -44.36
C GLY G 147 51.09 -14.99 -44.10
N ASP G 148 50.80 -15.21 -42.82
CA ASP G 148 49.52 -15.76 -42.40
C ASP G 148 48.43 -14.79 -42.81
N LEU G 149 48.80 -13.50 -42.85
CA LEU G 149 47.92 -12.44 -43.29
C LEU G 149 47.58 -12.58 -44.77
N ILE G 150 48.45 -13.25 -45.51
CA ILE G 150 48.29 -13.45 -46.94
C ILE G 150 47.61 -14.78 -47.21
N MET G 151 48.04 -15.82 -46.52
CA MET G 151 47.53 -17.16 -46.73
C MET G 151 46.04 -17.28 -46.37
N SER G 152 45.59 -16.46 -45.42
CA SER G 152 44.20 -16.46 -45.02
C SER G 152 43.33 -15.53 -45.87
N CYS G 153 43.94 -14.88 -46.85
CA CYS G 153 43.22 -13.97 -47.75
C CYS G 153 42.68 -14.67 -48.97
N CYS G 154 41.84 -13.94 -49.71
CA CYS G 154 41.26 -14.47 -50.93
C CYS G 154 42.39 -14.87 -51.88
N PRO G 155 42.09 -15.57 -52.98
CA PRO G 155 43.04 -16.16 -53.93
C PRO G 155 44.02 -15.16 -54.53
N ASP G 156 43.69 -13.88 -54.48
CA ASP G 156 44.56 -12.86 -55.04
C ASP G 156 45.93 -12.94 -54.36
N PRO G 157 47.00 -13.28 -55.11
CA PRO G 157 48.34 -13.55 -54.64
C PRO G 157 49.05 -12.30 -54.13
N ASN G 158 48.47 -11.12 -54.41
CA ASN G 158 49.08 -9.87 -54.00
C ASN G 158 48.09 -8.93 -53.32
N PRO G 159 47.63 -9.28 -52.10
CA PRO G 159 46.69 -8.53 -51.31
C PRO G 159 47.39 -7.27 -50.81
N PRO G 160 46.64 -6.26 -50.38
CA PRO G 160 47.11 -5.01 -49.83
C PRO G 160 47.62 -5.21 -48.43
N ILE G 161 48.72 -5.95 -48.34
CA ILE G 161 49.35 -6.31 -47.08
C ILE G 161 49.83 -5.09 -46.31
N HIS G 162 50.04 -3.99 -47.01
CA HIS G 162 50.53 -2.77 -46.39
C HIS G 162 49.43 -1.77 -46.05
N LYS G 163 48.16 -2.16 -46.20
CA LYS G 163 47.08 -1.23 -45.87
C LYS G 163 46.46 -1.56 -44.51
N ILE G 164 45.13 -1.65 -44.43
CA ILE G 164 44.50 -1.89 -43.13
C ILE G 164 44.85 -3.28 -42.63
N VAL G 165 45.27 -4.15 -43.56
CA VAL G 165 45.75 -5.47 -43.20
C VAL G 165 46.98 -5.35 -42.31
N ARG G 166 47.73 -4.25 -42.45
CA ARG G 166 48.90 -4.01 -41.63
C ARG G 166 48.59 -3.24 -40.34
N LYS G 167 47.68 -2.28 -40.43
CA LYS G 167 47.37 -1.38 -39.30
C LYS G 167 46.72 -2.12 -38.12
N PRO G 168 47.39 -2.21 -36.96
CA PRO G 168 46.93 -2.85 -35.75
C PRO G 168 45.76 -2.12 -35.14
N SER G 169 45.05 -2.80 -34.24
CA SER G 169 43.91 -2.30 -33.46
C SER G 169 42.59 -2.53 -34.18
N ARG G 170 42.66 -2.79 -35.47
CA ARG G 170 41.48 -3.14 -36.25
C ARG G 170 41.62 -4.55 -36.80
N ILE G 171 42.62 -5.26 -36.26
CA ILE G 171 42.92 -6.62 -36.67
C ILE G 171 42.79 -7.57 -35.50
N LEU G 172 42.04 -8.65 -35.70
CA LEU G 172 41.95 -9.70 -34.69
C LEU G 172 42.37 -11.04 -35.27
N PHE G 173 43.33 -11.67 -34.61
CA PHE G 173 43.81 -12.98 -35.04
C PHE G 173 43.12 -14.06 -34.24
N LEU G 174 42.77 -15.17 -34.89
CA LEU G 174 42.10 -16.27 -34.18
C LEU G 174 42.93 -17.55 -34.14
N MET G 175 43.46 -17.87 -32.96
CA MET G 175 44.31 -19.04 -32.78
C MET G 175 43.45 -20.27 -32.52
N ASP G 176 43.05 -20.93 -33.59
CA ASP G 176 42.14 -22.06 -33.45
C ASP G 176 42.89 -23.34 -33.12
N GLY G 177 42.82 -23.76 -31.85
CA GLY G 177 43.48 -24.98 -31.40
C GLY G 177 44.92 -24.77 -30.94
N PHE G 178 45.14 -23.84 -30.03
CA PHE G 178 46.51 -23.62 -29.53
C PHE G 178 47.13 -24.94 -29.07
N ASP G 179 46.35 -25.76 -28.38
CA ASP G 179 46.82 -27.05 -27.87
C ASP G 179 47.10 -28.05 -28.98
N GLU G 180 46.64 -27.75 -30.18
CA GLU G 180 46.80 -28.63 -31.32
C GLU G 180 48.03 -28.29 -32.17
N LEU G 181 48.80 -27.29 -31.74
CA LEU G 181 50.02 -26.96 -32.46
C LEU G 181 50.92 -28.19 -32.48
N GLN G 182 51.41 -28.54 -33.67
CA GLN G 182 52.22 -29.75 -33.82
C GLN G 182 53.70 -29.47 -33.66
N GLY G 183 54.33 -30.15 -32.72
CA GLY G 183 55.75 -29.98 -32.46
C GLY G 183 55.99 -29.30 -31.11
N ALA G 184 57.24 -29.28 -30.69
CA ALA G 184 57.58 -28.68 -29.40
C ALA G 184 57.32 -27.18 -29.46
N PHE G 185 56.82 -26.64 -28.35
CA PHE G 185 56.57 -25.21 -28.26
C PHE G 185 57.11 -24.67 -26.94
N ASP G 186 57.95 -23.64 -27.04
CA ASP G 186 58.58 -23.05 -25.85
C ASP G 186 57.94 -21.72 -25.47
N GLU G 187 57.51 -21.60 -24.22
CA GLU G 187 56.97 -20.34 -23.74
C GLU G 187 58.10 -19.37 -23.40
N HIS G 188 59.33 -19.89 -23.34
CA HIS G 188 60.50 -19.08 -23.04
C HIS G 188 61.33 -18.86 -24.29
N ILE G 189 61.08 -17.75 -24.97
CA ILE G 189 61.75 -17.46 -26.22
C ILE G 189 62.54 -16.17 -26.18
N GLY G 190 63.81 -16.27 -26.52
CA GLY G 190 64.73 -15.13 -26.57
C GLY G 190 64.25 -13.99 -27.48
N PRO G 191 64.20 -14.20 -28.80
CA PRO G 191 63.77 -13.26 -29.82
C PRO G 191 62.28 -12.93 -29.70
N LEU G 192 61.94 -11.68 -29.97
CA LEU G 192 60.56 -11.22 -29.91
C LEU G 192 59.90 -11.20 -31.28
N CYS G 193 60.67 -11.53 -32.32
CA CYS G 193 60.19 -11.53 -33.69
C CYS G 193 59.21 -10.40 -33.98
N THR G 194 59.71 -9.17 -33.95
CA THR G 194 58.92 -8.02 -34.32
C THR G 194 59.16 -7.73 -35.80
N ASP G 195 58.32 -6.89 -36.40
CA ASP G 195 58.42 -6.54 -37.81
C ASP G 195 57.92 -7.69 -38.69
N TRP G 196 56.65 -7.61 -39.06
CA TRP G 196 55.96 -8.66 -39.80
C TRP G 196 56.65 -9.04 -41.12
N GLN G 197 57.49 -8.16 -41.66
CA GLN G 197 58.15 -8.44 -42.94
C GLN G 197 59.41 -9.29 -42.78
N LYS G 198 59.79 -9.58 -41.54
CA LYS G 198 60.96 -10.41 -41.27
C LYS G 198 60.55 -11.85 -41.01
N ALA G 199 61.25 -12.80 -41.62
CA ALA G 199 60.91 -14.20 -41.46
C ALA G 199 61.57 -14.81 -40.23
N GLU G 200 60.79 -15.59 -39.49
CA GLU G 200 61.29 -16.28 -38.31
C GLU G 200 60.53 -17.59 -38.14
N ARG G 201 60.91 -18.39 -37.15
CA ARG G 201 60.27 -19.69 -36.93
C ARG G 201 58.82 -19.51 -36.50
N GLY G 202 57.96 -20.43 -36.92
CA GLY G 202 56.54 -20.40 -36.60
C GLY G 202 56.27 -20.35 -35.10
N ASP G 203 57.08 -21.02 -34.30
CA ASP G 203 56.83 -21.02 -32.86
C ASP G 203 57.10 -19.65 -32.26
N ILE G 204 58.18 -19.04 -32.71
CA ILE G 204 58.54 -17.70 -32.28
C ILE G 204 57.50 -16.71 -32.78
N LEU G 205 57.10 -16.89 -34.03
CA LEU G 205 56.14 -16.01 -34.67
C LEU G 205 54.81 -16.02 -33.93
N LEU G 206 54.34 -17.21 -33.55
CA LEU G 206 53.09 -17.32 -32.81
C LEU G 206 53.22 -16.67 -31.44
N SER G 207 54.36 -16.89 -30.77
CA SER G 207 54.57 -16.32 -29.45
C SER G 207 54.67 -14.80 -29.54
N SER G 208 55.24 -14.30 -30.62
CA SER G 208 55.36 -12.86 -30.81
C SER G 208 53.97 -12.22 -30.90
N LEU G 209 53.04 -12.88 -31.59
CA LEU G 209 51.68 -12.37 -31.63
C LEU G 209 51.03 -12.47 -30.25
N ILE G 210 51.27 -13.58 -29.56
CA ILE G 210 50.68 -13.83 -28.24
C ILE G 210 51.17 -12.82 -27.20
N ARG G 211 52.46 -12.52 -27.24
CA ARG G 211 53.10 -11.60 -26.32
C ARG G 211 52.87 -10.13 -26.70
N LYS G 212 52.14 -9.90 -27.79
CA LYS G 212 51.85 -8.57 -28.29
C LYS G 212 53.09 -7.79 -28.67
N LYS G 213 54.06 -8.47 -29.27
CA LYS G 213 55.27 -7.80 -29.73
C LYS G 213 55.17 -7.55 -31.22
N LEU G 214 54.49 -8.46 -31.90
CA LEU G 214 54.28 -8.34 -33.33
C LEU G 214 52.92 -7.71 -33.59
N LEU G 215 52.92 -6.62 -34.36
CA LEU G 215 51.72 -5.84 -34.59
C LEU G 215 51.07 -5.42 -33.27
N PRO G 216 51.73 -4.54 -32.51
CA PRO G 216 51.31 -4.05 -31.21
C PRO G 216 49.91 -3.47 -31.30
N GLU G 217 49.13 -3.66 -30.26
CA GLU G 217 47.74 -3.19 -30.18
C GLU G 217 46.79 -4.00 -31.06
N ALA G 218 47.30 -5.03 -31.74
CA ALA G 218 46.42 -5.92 -32.48
C ALA G 218 45.71 -6.81 -31.47
N SER G 219 44.53 -7.29 -31.82
CA SER G 219 43.80 -8.14 -30.91
C SER G 219 44.05 -9.60 -31.22
N LEU G 220 43.87 -10.44 -30.21
CA LEU G 220 44.10 -11.87 -30.35
C LEU G 220 43.05 -12.68 -29.60
N LEU G 221 42.51 -13.69 -30.26
CA LEU G 221 41.54 -14.56 -29.61
C LEU G 221 42.01 -16.01 -29.71
N ILE G 222 42.17 -16.65 -28.56
CA ILE G 222 42.70 -18.00 -28.51
C ILE G 222 41.67 -18.99 -28.03
N THR G 223 41.50 -20.08 -28.77
CA THR G 223 40.61 -21.15 -28.34
C THR G 223 41.45 -22.39 -28.07
N THR G 224 41.31 -22.94 -26.87
CA THR G 224 42.13 -24.09 -26.50
C THR G 224 41.60 -24.91 -25.35
N ARG G 225 42.01 -26.17 -25.31
CA ARG G 225 41.73 -27.03 -24.16
C ARG G 225 42.59 -26.62 -22.97
N PRO G 226 42.12 -26.83 -21.73
CA PRO G 226 42.80 -26.52 -20.48
C PRO G 226 44.22 -27.05 -20.41
N VAL G 227 44.49 -28.12 -21.15
CA VAL G 227 45.78 -28.79 -21.13
C VAL G 227 46.93 -27.91 -21.62
N ALA G 228 46.63 -26.87 -22.39
CA ALA G 228 47.68 -26.02 -22.92
C ALA G 228 47.69 -24.64 -22.28
N LEU G 229 46.94 -24.46 -21.20
CA LEU G 229 46.90 -23.15 -20.58
C LEU G 229 48.17 -22.88 -19.78
N GLU G 230 48.76 -23.93 -19.23
CA GLU G 230 49.96 -23.76 -18.42
C GLU G 230 51.12 -23.18 -19.23
N LYS G 231 51.20 -23.56 -20.50
CA LYS G 231 52.28 -23.09 -21.36
C LYS G 231 51.86 -21.86 -22.17
N LEU G 232 50.64 -21.38 -21.93
CA LEU G 232 50.12 -20.24 -22.66
C LEU G 232 50.08 -18.97 -21.81
N GLN G 233 49.68 -19.11 -20.55
CA GLN G 233 49.50 -17.95 -19.69
C GLN G 233 50.81 -17.18 -19.51
N HIS G 234 51.93 -17.89 -19.53
CA HIS G 234 53.24 -17.27 -19.39
C HIS G 234 53.52 -16.22 -20.47
N LEU G 235 52.84 -16.36 -21.61
CA LEU G 235 53.05 -15.45 -22.73
C LEU G 235 52.05 -14.30 -22.72
N LEU G 236 51.06 -14.36 -21.84
CA LEU G 236 49.97 -13.41 -21.86
C LEU G 236 50.05 -12.36 -20.75
N ASP G 237 50.49 -12.77 -19.57
CA ASP G 237 50.60 -11.92 -18.38
C ASP G 237 49.23 -11.44 -17.88
N HIS G 238 48.53 -10.64 -18.67
CA HIS G 238 47.23 -10.11 -18.25
C HIS G 238 46.14 -10.22 -19.34
N PRO G 239 45.77 -11.43 -19.75
CA PRO G 239 44.69 -11.74 -20.68
C PRO G 239 43.34 -11.67 -20.01
N ARG G 240 42.29 -11.59 -20.81
CA ARG G 240 40.95 -11.77 -20.29
C ARG G 240 40.53 -13.22 -20.49
N HIS G 241 40.46 -13.96 -19.39
CA HIS G 241 40.16 -15.38 -19.51
C HIS G 241 38.65 -15.61 -19.52
N VAL G 242 38.21 -16.41 -20.48
CA VAL G 242 36.81 -16.74 -20.66
C VAL G 242 36.60 -18.25 -20.75
N GLU G 243 35.60 -18.74 -20.04
CA GLU G 243 35.28 -20.16 -20.05
C GLU G 243 33.79 -20.35 -20.29
N ILE G 244 33.37 -21.53 -20.77
CA ILE G 244 31.96 -21.81 -21.00
C ILE G 244 31.21 -21.81 -19.65
N LEU G 245 27.38 -18.72 -19.26
CA LEU G 245 26.68 -19.86 -18.70
C LEU G 245 27.25 -21.18 -19.27
N GLY G 246 26.48 -22.27 -19.17
CA GLY G 246 26.90 -23.61 -19.58
C GLY G 246 26.43 -23.98 -20.98
N PHE G 247 26.16 -25.26 -21.17
CA PHE G 247 25.75 -25.78 -22.47
C PHE G 247 24.27 -25.53 -22.72
N SER G 248 23.92 -25.35 -23.97
CA SER G 248 22.52 -25.36 -24.39
C SER G 248 22.09 -26.80 -24.57
N GLU G 249 20.82 -27.04 -24.80
CA GLU G 249 20.36 -28.41 -24.98
C GLU G 249 21.00 -29.04 -26.20
N ALA G 250 21.11 -28.27 -27.28
CA ALA G 250 21.73 -28.74 -28.50
C ALA G 250 23.23 -28.93 -28.30
N LYS G 251 23.83 -28.06 -27.49
CA LYS G 251 25.26 -28.16 -27.24
C LYS G 251 25.59 -29.45 -26.51
N ARG G 252 24.74 -29.83 -25.55
CA ARG G 252 24.96 -31.08 -24.86
C ARG G 252 24.96 -32.23 -25.84
N LYS G 253 23.99 -32.25 -26.74
CA LYS G 253 23.90 -33.33 -27.72
C LYS G 253 25.16 -33.40 -28.56
N GLU G 254 25.62 -32.24 -29.04
CA GLU G 254 26.80 -32.20 -29.87
C GLU G 254 28.03 -32.67 -29.11
N TYR G 255 28.10 -32.31 -27.83
CA TYR G 255 29.21 -32.72 -26.99
C TYR G 255 29.30 -34.24 -26.94
N PHE G 256 28.17 -34.89 -26.68
CA PHE G 256 28.15 -36.35 -26.59
C PHE G 256 28.59 -37.00 -27.90
N PHE G 257 28.12 -36.46 -29.01
CA PHE G 257 28.44 -37.04 -30.30
C PHE G 257 29.89 -36.81 -30.71
N LYS G 258 30.50 -35.74 -30.21
CA LYS G 258 31.90 -35.49 -30.54
C LYS G 258 32.85 -36.14 -29.54
N TYR G 259 32.43 -36.22 -28.27
CA TYR G 259 33.25 -36.80 -27.22
C TYR G 259 33.58 -38.25 -27.55
N PHE G 260 32.56 -39.01 -27.94
CA PHE G 260 32.73 -40.41 -28.29
C PHE G 260 33.12 -40.55 -29.76
N SER G 261 34.34 -41.01 -29.99
CA SER G 261 34.86 -41.12 -31.35
C SER G 261 34.13 -42.17 -32.16
N ASP G 262 33.61 -43.18 -31.49
CA ASP G 262 32.80 -44.20 -32.13
C ASP G 262 31.35 -43.78 -32.10
N GLU G 263 30.78 -43.50 -33.26
CA GLU G 263 29.41 -43.00 -33.35
C GLU G 263 28.42 -44.01 -32.76
N ALA G 264 28.73 -45.31 -32.89
CA ALA G 264 27.85 -46.33 -32.34
C ALA G 264 27.78 -46.23 -30.83
N GLN G 265 28.92 -45.90 -30.21
CA GLN G 265 28.99 -45.76 -28.77
C GLN G 265 28.46 -44.41 -28.36
N ALA G 266 28.63 -43.42 -29.23
CA ALA G 266 28.12 -42.09 -28.95
C ALA G 266 26.62 -42.15 -28.80
N ARG G 267 25.98 -42.89 -29.70
CA ARG G 267 24.54 -43.05 -29.66
C ARG G 267 24.11 -43.87 -28.45
N ALA G 268 24.84 -44.95 -28.15
CA ALA G 268 24.49 -45.78 -27.02
C ALA G 268 24.66 -45.03 -25.70
N ALA G 269 25.76 -44.28 -25.60
CA ALA G 269 26.03 -43.50 -24.40
C ALA G 269 25.00 -42.40 -24.27
N PHE G 270 24.64 -41.79 -25.39
CA PHE G 270 23.64 -40.74 -25.39
C PHE G 270 22.29 -41.32 -24.98
N SER G 271 21.95 -42.49 -25.51
CA SER G 271 20.69 -43.14 -25.18
C SER G 271 20.58 -43.40 -23.67
N LEU G 272 21.68 -43.86 -23.08
CA LEU G 272 21.68 -44.16 -21.64
C LEU G 272 21.32 -42.93 -20.82
N ILE G 273 21.87 -41.77 -21.18
CA ILE G 273 21.49 -40.53 -20.51
C ILE G 273 20.16 -39.96 -21.01
N GLN G 274 19.84 -40.19 -22.29
CA GLN G 274 18.64 -39.61 -22.87
C GLN G 274 17.38 -39.97 -22.12
N GLU G 275 17.35 -41.15 -21.53
CA GLU G 275 16.19 -41.56 -20.78
C GLU G 275 16.01 -40.77 -19.48
N ASN G 276 17.07 -40.11 -19.01
CA ASN G 276 17.03 -39.49 -17.71
C ASN G 276 17.20 -37.97 -17.73
N GLU G 277 16.08 -37.27 -17.51
CA GLU G 277 16.05 -35.81 -17.56
C GLU G 277 16.88 -35.17 -16.45
N VAL G 278 16.93 -35.81 -15.29
CA VAL G 278 17.65 -35.24 -14.15
C VAL G 278 19.15 -35.12 -14.43
N LEU G 279 19.73 -36.17 -15.01
CA LEU G 279 21.15 -36.15 -15.28
C LEU G 279 21.44 -35.10 -16.34
N PHE G 280 20.57 -34.98 -17.34
CA PHE G 280 20.79 -33.97 -18.35
C PHE G 280 20.84 -32.56 -17.76
N THR G 281 19.91 -32.25 -16.86
CA THR G 281 19.88 -30.91 -16.29
C THR G 281 21.21 -30.52 -15.66
N MET G 282 21.79 -31.42 -14.88
CA MET G 282 23.10 -31.12 -14.29
C MET G 282 24.20 -31.09 -15.35
N CYS G 283 24.00 -31.80 -16.46
CA CYS G 283 24.98 -31.84 -17.54
C CYS G 283 25.05 -30.54 -18.33
N PHE G 284 24.26 -29.55 -17.93
CA PHE G 284 24.38 -28.23 -18.53
C PHE G 284 25.74 -27.64 -18.15
N ILE G 285 26.29 -28.11 -17.03
CA ILE G 285 27.62 -27.69 -16.62
C ILE G 285 28.64 -28.46 -17.47
N PRO G 286 29.50 -27.75 -18.22
CA PRO G 286 30.48 -28.31 -19.14
C PRO G 286 31.31 -29.40 -18.49
N LEU G 287 31.63 -29.21 -17.21
CA LEU G 287 32.40 -30.19 -16.47
C LEU G 287 31.59 -31.46 -16.24
N VAL G 288 30.32 -31.30 -15.88
CA VAL G 288 29.49 -32.45 -15.60
C VAL G 288 29.25 -33.26 -16.86
N CYS G 289 28.99 -32.57 -17.97
CA CYS G 289 28.77 -33.27 -19.22
C CYS G 289 30.00 -34.13 -19.53
N TRP G 290 31.20 -33.57 -19.33
CA TRP G 290 32.43 -34.32 -19.48
C TRP G 290 32.46 -35.53 -18.53
N ILE G 291 32.08 -35.30 -17.28
CA ILE G 291 32.07 -36.37 -16.28
C ILE G 291 31.15 -37.53 -16.63
N VAL G 292 29.94 -37.24 -17.07
CA VAL G 292 29.03 -38.32 -17.38
C VAL G 292 29.50 -39.03 -18.63
N CYS G 293 30.04 -38.30 -19.59
CA CYS G 293 30.57 -38.91 -20.78
C CYS G 293 31.74 -39.83 -20.43
N THR G 294 32.57 -39.37 -19.49
CA THR G 294 33.70 -40.14 -19.02
C THR G 294 33.25 -41.43 -18.32
N GLY G 295 32.24 -41.32 -17.47
CA GLY G 295 31.71 -42.48 -16.78
C GLY G 295 31.09 -43.47 -17.78
N LEU G 296 30.33 -42.94 -18.73
CA LEU G 296 29.71 -43.77 -19.75
C LEU G 296 30.77 -44.45 -20.61
N LYS G 297 31.84 -43.72 -20.91
CA LYS G 297 32.96 -44.27 -21.68
C LYS G 297 33.61 -45.44 -20.95
N GLN G 298 33.76 -45.32 -19.64
CA GLN G 298 34.36 -46.41 -18.86
C GLN G 298 33.47 -47.65 -18.93
N GLN G 299 32.15 -47.45 -18.87
CA GLN G 299 31.22 -48.56 -18.98
C GLN G 299 31.38 -49.28 -20.32
N MET G 300 31.61 -48.50 -21.38
CA MET G 300 31.80 -49.06 -22.72
C MET G 300 33.09 -49.86 -22.79
N GLU G 301 34.18 -49.28 -22.28
CA GLU G 301 35.49 -49.91 -22.34
C GLU G 301 35.53 -51.21 -21.55
N SER G 302 34.78 -51.25 -20.45
CA SER G 302 34.71 -52.43 -19.60
C SER G 302 33.97 -53.59 -20.27
N GLY G 303 33.31 -53.32 -21.40
CA GLY G 303 32.58 -54.35 -22.13
C GLY G 303 31.24 -54.67 -21.48
N LYS G 304 30.63 -53.69 -20.82
CA LYS G 304 29.36 -53.91 -20.15
C LYS G 304 28.22 -53.98 -21.16
N SER G 305 27.14 -54.65 -20.77
CA SER G 305 25.95 -54.82 -21.59
C SER G 305 25.17 -53.52 -21.76
N LEU G 306 25.49 -52.54 -20.93
CA LEU G 306 24.82 -51.25 -20.91
C LEU G 306 23.38 -51.36 -20.44
N ALA G 307 23.09 -52.40 -19.66
CA ALA G 307 21.77 -52.55 -19.06
C ALA G 307 21.68 -51.65 -17.83
N GLN G 308 21.68 -50.35 -18.10
CA GLN G 308 21.72 -49.32 -17.07
C GLN G 308 20.86 -48.13 -17.45
N THR G 309 20.24 -47.51 -16.45
CA THR G 309 19.49 -46.29 -16.67
C THR G 309 20.05 -45.18 -15.80
N SER G 310 21.04 -44.48 -16.35
CA SER G 310 21.85 -43.49 -15.63
C SER G 310 21.04 -42.28 -15.15
N LYS G 311 21.42 -41.73 -13.98
CA LYS G 311 20.82 -40.53 -13.39
C LYS G 311 21.90 -39.60 -12.88
N THR G 312 20.45 -44.08 -12.16
CA THR G 312 21.61 -44.56 -11.44
C THR G 312 22.72 -43.51 -11.49
N THR G 313 22.59 -42.45 -10.67
CA THR G 313 23.60 -41.39 -10.55
C THR G 313 24.85 -41.98 -9.98
N THR G 314 24.66 -42.91 -9.04
CA THR G 314 25.78 -43.57 -8.42
C THR G 314 26.63 -44.26 -9.47
N ALA G 315 25.99 -45.02 -10.35
CA ALA G 315 26.74 -45.79 -11.34
C ALA G 315 27.61 -44.88 -12.19
N VAL G 316 27.08 -43.72 -12.54
CA VAL G 316 27.86 -42.79 -13.35
C VAL G 316 29.08 -42.29 -12.61
N TYR G 317 28.89 -41.90 -11.35
CA TYR G 317 30.00 -41.37 -10.57
C TYR G 317 31.01 -42.46 -10.23
N VAL G 318 30.54 -43.69 -10.00
CA VAL G 318 31.46 -44.79 -9.72
C VAL G 318 32.31 -45.11 -10.94
N PHE G 319 31.69 -45.17 -12.13
CA PHE G 319 32.45 -45.41 -13.35
C PHE G 319 33.43 -44.28 -13.61
N PHE G 320 32.99 -43.06 -13.34
CA PHE G 320 33.84 -41.89 -13.51
C PHE G 320 35.07 -41.99 -12.63
N LEU G 321 34.89 -42.28 -11.35
CA LEU G 321 36.04 -42.38 -10.47
C LEU G 321 36.94 -43.53 -10.85
N SER G 322 36.35 -44.61 -11.35
CA SER G 322 37.14 -45.74 -11.78
C SER G 322 38.13 -45.31 -12.87
N SER G 323 37.64 -44.62 -13.89
CA SER G 323 38.50 -44.18 -14.98
C SER G 323 39.37 -42.98 -14.60
N LEU G 324 38.91 -42.20 -13.62
CA LEU G 324 39.67 -41.03 -13.17
C LEU G 324 40.85 -41.43 -12.31
N LEU G 325 40.63 -42.37 -11.40
CA LEU G 325 41.65 -42.74 -10.42
C LEU G 325 42.51 -43.93 -10.84
N GLN G 326 42.00 -44.80 -11.71
CA GLN G 326 42.77 -45.99 -12.11
C GLN G 326 44.13 -45.71 -12.78
N PRO G 327 44.30 -44.71 -13.69
CA PRO G 327 45.55 -44.36 -14.37
C PRO G 327 46.66 -44.02 -13.38
N LEU G 336 45.13 -39.48 -4.58
CA LEU G 336 44.94 -40.68 -5.39
C LEU G 336 43.97 -41.66 -4.70
N CYS G 337 43.93 -42.92 -5.19
CA CYS G 337 42.92 -43.90 -4.76
C CYS G 337 43.01 -44.27 -3.28
N ALA G 338 44.20 -44.10 -2.72
CA ALA G 338 44.41 -44.40 -1.31
C ALA G 338 44.10 -43.18 -0.44
N HIS G 339 43.74 -42.06 -1.09
CA HIS G 339 43.49 -40.82 -0.38
C HIS G 339 42.02 -40.42 -0.45
N LEU G 340 41.18 -41.34 -0.93
CA LEU G 340 39.75 -41.12 -1.02
C LEU G 340 39.14 -40.94 0.36
N TRP G 341 39.66 -41.66 1.33
CA TRP G 341 39.14 -41.58 2.69
C TRP G 341 39.05 -40.14 3.16
N GLY G 342 40.12 -39.39 2.94
CA GLY G 342 40.20 -38.02 3.41
C GLY G 342 39.04 -37.16 2.90
N LEU G 343 38.83 -37.20 1.58
CA LEU G 343 37.75 -36.40 0.99
C LEU G 343 36.38 -36.96 1.30
N CYS G 344 36.28 -38.27 1.48
CA CYS G 344 35.00 -38.86 1.84
C CYS G 344 34.58 -38.41 3.24
N SER G 345 35.55 -38.36 4.15
CA SER G 345 35.33 -37.85 5.49
C SER G 345 34.93 -36.38 5.42
N LEU G 346 35.60 -35.65 4.54
CA LEU G 346 35.30 -34.24 4.33
C LEU G 346 33.84 -34.10 3.89
N ALA G 347 33.42 -34.93 2.94
CA ALA G 347 32.06 -34.93 2.44
C ALA G 347 31.05 -35.28 3.53
N ALA G 348 31.39 -36.29 4.35
CA ALA G 348 30.49 -36.70 5.42
C ALA G 348 30.27 -35.55 6.39
N ASP G 349 31.32 -34.80 6.68
CA ASP G 349 31.21 -33.62 7.53
C ASP G 349 30.35 -32.58 6.83
N GLY G 350 30.55 -32.45 5.53
CA GLY G 350 29.81 -31.52 4.72
C GLY G 350 28.31 -31.72 4.84
N ILE G 351 27.86 -32.95 4.67
CA ILE G 351 26.42 -33.16 4.70
C ILE G 351 25.86 -33.01 6.12
N TRP G 352 26.59 -33.50 7.12
CA TRP G 352 26.04 -33.51 8.47
C TRP G 352 25.94 -32.12 9.09
N ASN G 353 26.86 -31.23 8.73
CA ASN G 353 26.84 -29.89 9.28
C ASN G 353 26.35 -28.85 8.27
N GLN G 354 25.71 -29.31 7.20
CA GLN G 354 25.22 -28.41 6.16
C GLN G 354 26.32 -27.47 5.66
N LYS G 355 27.49 -28.04 5.39
CA LYS G 355 28.64 -27.26 4.98
C LYS G 355 29.07 -27.57 3.55
N ILE G 356 28.90 -26.58 2.69
CA ILE G 356 29.27 -26.69 1.28
C ILE G 356 30.68 -26.18 1.08
N LEU G 357 31.00 -25.09 1.78
CA LEU G 357 32.29 -24.44 1.68
C LEU G 357 33.22 -24.85 2.83
N PHE G 358 34.34 -25.46 2.48
CA PHE G 358 35.29 -25.97 3.47
C PHE G 358 36.50 -25.06 3.61
N GLU G 359 37.00 -24.94 4.83
CA GLU G 359 38.22 -24.18 5.08
C GLU G 359 39.43 -25.06 4.84
N GLU G 360 40.58 -24.45 4.61
CA GLU G 360 41.81 -25.23 4.47
C GLU G 360 42.08 -25.99 5.76
N SER G 361 41.55 -25.47 6.87
CA SER G 361 41.65 -26.12 8.17
C SER G 361 40.90 -27.45 8.17
N ASP G 362 39.83 -27.53 7.39
CA ASP G 362 39.04 -28.76 7.34
C ASP G 362 39.77 -29.76 6.48
N LEU G 363 40.37 -29.27 5.40
CA LEU G 363 41.11 -30.15 4.52
C LEU G 363 42.25 -30.81 5.30
N ARG G 364 42.91 -30.02 6.13
CA ARG G 364 43.99 -30.54 6.95
C ARG G 364 43.47 -31.49 8.03
N ASN G 365 42.37 -31.12 8.68
CA ASN G 365 41.85 -31.94 9.76
C ASN G 365 41.41 -33.31 9.28
N HIS G 366 40.89 -33.39 8.06
CA HIS G 366 40.41 -34.67 7.54
C HIS G 366 41.52 -35.48 6.91
N GLY G 367 42.75 -34.97 6.96
CA GLY G 367 43.89 -35.69 6.42
C GLY G 367 43.96 -35.58 4.90
N LEU G 368 43.41 -34.50 4.35
CA LEU G 368 43.41 -34.28 2.91
C LEU G 368 44.05 -32.95 2.61
N GLN G 369 45.37 -32.90 2.61
CA GLN G 369 46.03 -31.61 2.48
C GLN G 369 47.22 -31.61 1.52
N LYS G 370 47.52 -30.43 0.99
CA LYS G 370 48.69 -30.21 0.16
C LYS G 370 48.72 -31.15 -1.04
N ALA G 371 49.57 -32.16 -0.99
CA ALA G 371 49.76 -33.07 -2.11
C ALA G 371 48.46 -33.78 -2.47
N ASP G 372 47.64 -34.10 -1.47
CA ASP G 372 46.42 -34.84 -1.76
C ASP G 372 45.38 -33.93 -2.38
N VAL G 373 45.33 -32.69 -1.91
CA VAL G 373 44.36 -31.74 -2.44
C VAL G 373 44.70 -31.42 -3.89
N SER G 374 45.98 -31.22 -4.16
CA SER G 374 46.42 -30.94 -5.51
C SER G 374 46.12 -32.11 -6.44
N ALA G 375 46.31 -33.33 -5.95
CA ALA G 375 46.04 -34.50 -6.77
C ALA G 375 44.58 -34.55 -7.19
N PHE G 376 43.67 -34.24 -6.27
CA PHE G 376 42.25 -34.28 -6.58
C PHE G 376 41.79 -33.05 -7.37
N LEU G 377 42.47 -31.93 -7.22
CA LEU G 377 42.17 -30.77 -8.03
C LEU G 377 42.60 -31.01 -9.48
N ARG G 378 43.75 -31.67 -9.68
CA ARG G 378 44.21 -32.02 -11.03
C ARG G 378 43.25 -33.02 -11.64
N MET G 379 42.83 -34.00 -10.84
CA MET G 379 41.82 -34.97 -11.26
C MET G 379 40.47 -34.33 -11.09
N ASN G 380 40.20 -33.30 -11.90
CA ASN G 380 39.06 -32.40 -11.69
C ASN G 380 37.90 -33.11 -10.99
N LEU G 381 37.73 -32.77 -9.72
CA LEU G 381 36.72 -33.36 -8.85
C LEU G 381 36.31 -32.31 -7.83
N PHE G 382 37.19 -31.32 -7.66
CA PHE G 382 37.02 -30.24 -6.69
C PHE G 382 37.23 -28.86 -7.29
N GLN G 383 36.61 -27.88 -6.65
CA GLN G 383 36.78 -26.47 -6.99
C GLN G 383 37.50 -25.72 -5.87
N LYS G 384 38.13 -24.61 -6.22
CA LYS G 384 38.75 -23.73 -5.24
C LYS G 384 37.92 -22.47 -5.04
N GLU G 385 36.71 -22.48 -5.60
CA GLU G 385 35.81 -21.33 -5.55
C GLU G 385 36.54 -20.04 -5.85
N VAL G 386 37.22 -20.00 -6.99
CA VAL G 386 38.04 -18.85 -7.36
C VAL G 386 37.23 -17.60 -7.59
N ASP G 387 35.91 -17.74 -7.68
CA ASP G 387 35.03 -16.61 -7.91
C ASP G 387 34.79 -15.83 -6.62
N CYS G 388 35.80 -15.06 -6.20
CA CYS G 388 35.74 -14.21 -5.02
C CYS G 388 35.44 -14.95 -3.72
N GLU G 389 36.16 -16.03 -3.45
CA GLU G 389 35.95 -16.79 -2.22
C GLU G 389 37.24 -17.45 -1.76
N LYS G 390 37.31 -17.78 -0.47
CA LYS G 390 38.51 -18.40 0.12
C LYS G 390 38.28 -19.82 0.61
N PHE G 391 37.25 -20.47 0.08
CA PHE G 391 36.86 -21.82 0.50
C PHE G 391 36.94 -22.84 -0.61
N TYR G 392 37.04 -24.11 -0.23
CA TYR G 392 37.08 -25.22 -1.18
C TYR G 392 35.73 -25.92 -1.20
N SER G 393 35.40 -26.52 -2.34
CA SER G 393 34.12 -27.20 -2.44
C SER G 393 34.12 -28.29 -3.49
N PHE G 394 33.07 -29.11 -3.49
CA PHE G 394 32.88 -30.14 -4.48
C PHE G 394 32.29 -29.51 -5.75
N ILE G 395 32.63 -30.09 -6.90
CA ILE G 395 32.14 -29.58 -8.18
C ILE G 395 30.62 -29.60 -8.33
N HIS G 396 29.95 -30.42 -7.52
CA HIS G 396 28.50 -30.48 -7.54
C HIS G 396 27.99 -31.01 -6.21
N MET G 397 26.80 -30.57 -5.80
CA MET G 397 26.21 -31.04 -4.56
C MET G 397 26.02 -32.55 -4.55
N THR G 398 25.77 -33.13 -5.73
CA THR G 398 25.58 -34.56 -5.80
C THR G 398 26.87 -35.33 -5.56
N PHE G 399 28.02 -34.69 -5.79
CA PHE G 399 29.27 -35.35 -5.50
C PHE G 399 29.53 -35.35 -4.00
N GLN G 400 29.24 -34.23 -3.36
CA GLN G 400 29.43 -34.17 -1.91
C GLN G 400 28.59 -35.26 -1.26
N GLU G 401 27.35 -35.41 -1.72
CA GLU G 401 26.44 -36.41 -1.19
C GLU G 401 26.94 -37.82 -1.53
N PHE G 402 27.43 -38.00 -2.75
CA PHE G 402 27.97 -39.26 -3.22
C PHE G 402 29.14 -39.75 -2.36
N PHE G 403 30.10 -38.86 -2.11
CA PHE G 403 31.27 -39.24 -1.34
C PHE G 403 30.91 -39.49 0.10
N ALA G 404 29.99 -38.69 0.64
CA ALA G 404 29.53 -38.89 1.99
C ALA G 404 28.95 -40.29 2.14
N ALA G 405 28.28 -40.77 1.08
CA ALA G 405 27.74 -42.12 1.11
C ALA G 405 28.88 -43.12 1.09
N MET G 406 29.92 -42.87 0.29
CA MET G 406 31.07 -43.76 0.25
C MET G 406 31.72 -43.85 1.62
N TYR G 407 31.74 -42.73 2.33
CA TYR G 407 32.33 -42.68 3.65
C TYR G 407 31.88 -43.84 4.54
N TYR G 408 30.61 -44.22 4.46
CA TYR G 408 30.05 -45.27 5.30
C TYR G 408 30.51 -46.65 4.86
N LEU G 409 30.91 -46.75 3.59
CA LEU G 409 31.23 -48.03 2.97
C LEU G 409 32.72 -48.30 2.84
N LEU G 410 33.54 -47.25 2.90
CA LEU G 410 34.98 -47.37 2.67
C LEU G 410 35.66 -48.42 3.55
N GLU G 411 36.57 -49.21 2.93
CA GLU G 411 37.38 -50.22 3.62
C GLU G 411 38.40 -49.55 4.54
N GLU G 412 41.86 -50.16 2.55
CA GLU G 412 42.31 -50.85 3.75
C GLU G 412 42.26 -49.91 4.96
N GLU G 413 42.64 -50.43 6.14
CA GLU G 413 42.70 -49.67 7.40
C GLU G 413 43.96 -48.83 7.46
N LYS G 414 43.80 -47.53 7.72
CA LYS G 414 44.92 -46.60 7.76
C LYS G 414 44.88 -45.77 9.04
N GLU G 415 46.02 -45.64 9.71
CA GLU G 415 46.13 -44.88 10.95
C GLU G 415 46.28 -43.39 10.71
N GLY G 416 46.47 -43.00 9.44
CA GLY G 416 46.69 -41.60 9.09
C GLY G 416 45.46 -40.75 9.38
N ARG G 417 44.32 -41.39 9.59
CA ARG G 417 43.08 -40.68 9.89
C ARG G 417 42.92 -40.41 11.38
N THR G 418 43.81 -41.00 12.20
CA THR G 418 43.75 -40.78 13.65
C THR G 418 44.98 -40.03 14.15
N ASN G 419 46.06 -40.08 13.36
CA ASN G 419 47.32 -39.40 13.71
C ASN G 419 47.38 -38.01 13.10
N VAL G 420 46.33 -37.65 12.40
CA VAL G 420 46.19 -36.34 11.79
C VAL G 420 46.08 -35.29 12.91
N PRO G 421 46.72 -34.12 12.78
CA PRO G 421 46.69 -33.02 13.74
C PRO G 421 45.29 -32.62 14.20
N GLY G 422 44.27 -32.88 13.38
CA GLY G 422 42.90 -32.52 13.73
C GLY G 422 42.21 -33.58 14.61
N SER G 423 42.92 -34.67 14.88
CA SER G 423 42.38 -35.79 15.65
C SER G 423 42.14 -35.38 17.11
N ARG G 424 41.08 -35.86 17.75
CA ARG G 424 40.08 -36.79 17.20
C ARG G 424 39.12 -36.08 16.27
N LEU G 425 38.76 -36.76 15.18
CA LEU G 425 37.89 -36.18 14.18
C LEU G 425 36.42 -36.42 14.45
N LYS G 426 35.58 -35.47 14.01
CA LYS G 426 34.11 -35.54 14.11
C LYS G 426 33.49 -34.80 12.92
N LEU G 427 35.19 -37.29 10.98
CA LEU G 427 34.62 -38.63 11.07
C LEU G 427 33.31 -38.62 11.90
N PRO G 428 32.19 -38.07 11.34
CA PRO G 428 30.91 -37.83 12.02
C PRO G 428 30.30 -39.08 12.68
N SER G 429 30.43 -40.25 12.08
CA SER G 429 29.82 -41.44 12.66
C SER G 429 30.16 -42.74 11.98
N ARG G 430 29.88 -42.81 10.69
CA ARG G 430 29.90 -44.05 9.90
C ARG G 430 28.77 -44.98 10.35
N ASP G 431 27.77 -44.38 11.00
CA ASP G 431 26.61 -45.11 11.47
C ASP G 431 25.43 -44.89 10.54
N VAL G 432 25.13 -45.92 9.75
CA VAL G 432 24.08 -45.80 8.75
C VAL G 432 22.71 -45.67 9.39
N THR G 433 22.54 -46.28 10.56
CA THR G 433 21.27 -46.18 11.26
C THR G 433 20.96 -44.73 11.56
N VAL G 434 21.97 -44.01 12.05
CA VAL G 434 21.81 -42.59 12.35
C VAL G 434 21.50 -41.80 11.09
N LEU G 435 22.20 -42.13 10.00
CA LEU G 435 21.95 -41.47 8.72
C LEU G 435 20.50 -41.64 8.32
N LEU G 436 20.01 -42.87 8.42
CA LEU G 436 18.64 -43.20 8.03
C LEU G 436 17.60 -42.56 8.95
N GLU G 437 17.89 -42.54 10.25
CA GLU G 437 16.99 -41.94 11.23
C GLU G 437 16.76 -40.46 10.97
N ASN G 438 17.78 -39.81 10.43
CA ASN G 438 17.70 -38.37 10.16
C ASN G 438 17.29 -38.08 8.73
N TYR G 439 16.76 -39.08 8.03
CA TYR G 439 16.32 -38.91 6.65
C TYR G 439 15.30 -37.77 6.54
N GLY G 440 14.28 -37.79 7.38
CA GLY G 440 13.24 -36.76 7.32
C GLY G 440 13.63 -35.52 8.13
N LYS G 441 14.85 -35.02 7.90
CA LYS G 441 15.35 -33.87 8.64
C LYS G 441 16.12 -32.89 7.77
N PHE G 442 15.52 -31.74 7.47
CA PHE G 442 16.20 -30.73 6.69
C PHE G 442 17.35 -30.16 7.52
N GLU G 443 17.22 -30.27 8.84
CA GLU G 443 18.21 -29.76 9.79
C GLU G 443 19.55 -30.44 9.61
N LYS G 444 19.54 -31.63 9.01
CA LYS G 444 20.76 -32.39 8.81
C LYS G 444 21.15 -32.40 7.35
N GLY G 445 20.55 -31.50 6.57
CA GLY G 445 20.87 -31.40 5.16
C GLY G 445 20.11 -32.43 4.33
N TYR G 446 18.97 -32.90 4.86
CA TYR G 446 18.10 -33.87 4.20
C TYR G 446 18.69 -35.27 4.18
N LEU G 447 19.92 -35.41 3.68
CA LEU G 447 20.60 -36.71 3.64
C LEU G 447 19.85 -37.67 2.74
N ILE G 448 18.92 -37.16 1.95
CA ILE G 448 18.10 -37.99 1.10
C ILE G 448 18.91 -38.58 -0.03
N PHE G 449 19.69 -37.72 -0.66
CA PHE G 449 20.52 -38.17 -1.76
C PHE G 449 21.62 -39.07 -1.24
N VAL G 450 22.09 -38.81 -0.03
CA VAL G 450 23.16 -39.61 0.54
C VAL G 450 22.69 -41.04 0.73
N VAL G 451 21.47 -41.20 1.23
CA VAL G 451 20.89 -42.54 1.36
C VAL G 451 20.71 -43.18 -0.01
N ARG G 452 20.18 -42.42 -0.97
CA ARG G 452 20.01 -42.93 -2.32
C ARG G 452 21.35 -43.40 -2.90
N PHE G 453 22.41 -42.65 -2.61
CA PHE G 453 23.74 -43.03 -3.08
C PHE G 453 24.22 -44.32 -2.42
N LEU G 454 23.91 -44.51 -1.13
CA LEU G 454 24.29 -45.75 -0.48
C LEU G 454 23.60 -46.91 -1.16
N PHE G 455 22.35 -46.73 -1.53
CA PHE G 455 21.65 -47.80 -2.20
C PHE G 455 22.36 -48.19 -3.49
N GLY G 456 22.78 -47.19 -4.27
CA GLY G 456 23.50 -47.45 -5.51
C GLY G 456 24.84 -48.15 -5.26
N LEU G 457 25.60 -47.61 -4.30
CA LEU G 457 26.95 -48.09 -4.00
C LEU G 457 26.93 -49.51 -3.45
N VAL G 458 25.92 -49.82 -2.64
CA VAL G 458 25.82 -51.14 -2.07
C VAL G 458 25.21 -52.11 -3.06
N ASN G 459 26.05 -52.69 -3.90
CA ASN G 459 25.61 -53.60 -4.95
C ASN G 459 26.59 -54.76 -5.02
N GLN G 460 26.32 -55.70 -5.91
CA GLN G 460 27.20 -56.83 -6.11
C GLN G 460 27.60 -56.92 -7.57
N GLU G 461 26.77 -56.35 -8.44
CA GLU G 461 27.00 -56.43 -9.88
C GLU G 461 27.96 -55.34 -10.33
N ARG G 462 29.20 -55.43 -9.86
CA ARG G 462 30.22 -54.44 -10.17
C ARG G 462 31.55 -55.10 -10.50
N THR G 463 32.43 -54.33 -11.13
CA THR G 463 33.73 -54.81 -11.58
C THR G 463 34.87 -54.32 -10.69
N SER G 464 36.09 -54.46 -11.19
CA SER G 464 37.28 -54.05 -10.45
C SER G 464 37.57 -52.57 -10.69
N TYR G 465 38.81 -52.27 -11.02
CA TYR G 465 39.17 -50.90 -11.37
C TYR G 465 38.76 -49.88 -10.31
N LEU G 466 39.10 -50.18 -9.06
CA LEU G 466 38.84 -49.31 -7.92
C LEU G 466 37.36 -49.19 -7.56
N GLU G 467 36.52 -50.07 -8.09
CA GLU G 467 35.12 -50.11 -7.67
C GLU G 467 34.99 -51.04 -6.47
N LYS G 468 36.13 -51.60 -6.07
CA LYS G 468 36.23 -52.55 -4.96
C LYS G 468 36.99 -51.96 -3.77
N LYS G 469 37.02 -50.65 -3.66
CA LYS G 469 37.67 -49.99 -2.52
C LYS G 469 36.72 -49.82 -1.36
N LEU G 470 35.49 -50.27 -1.55
CA LEU G 470 34.49 -50.26 -0.50
C LEU G 470 34.44 -51.65 0.12
N SER G 471 34.26 -51.72 1.43
CA SER G 471 34.29 -53.00 2.13
C SER G 471 33.12 -53.90 1.79
N CYS G 472 33.42 -55.17 1.55
CA CYS G 472 32.40 -56.16 1.27
C CYS G 472 31.57 -56.42 2.51
N LYS G 473 32.24 -56.59 3.64
CA LYS G 473 31.55 -56.90 4.89
C LYS G 473 30.65 -55.74 5.31
N ILE G 474 31.10 -54.51 5.06
CA ILE G 474 30.26 -53.37 5.39
C ILE G 474 29.11 -53.29 4.42
N SER G 475 29.38 -53.44 3.13
CA SER G 475 28.33 -53.37 2.14
C SER G 475 27.23 -54.39 2.43
N GLN G 476 27.62 -55.57 2.90
CA GLN G 476 26.64 -56.59 3.24
C GLN G 476 25.79 -56.19 4.43
N GLN G 477 26.42 -55.64 5.47
CA GLN G 477 25.65 -55.22 6.63
C GLN G 477 24.76 -54.02 6.31
N ILE G 478 25.28 -53.10 5.48
CA ILE G 478 24.51 -51.93 5.12
C ILE G 478 23.33 -52.36 4.28
N ARG G 479 23.53 -53.30 3.37
CA ARG G 479 22.44 -53.80 2.55
C ARG G 479 21.31 -54.28 3.44
N LEU G 480 21.66 -55.03 4.50
CA LEU G 480 20.66 -55.51 5.44
C LEU G 480 19.98 -54.38 6.19
N GLU G 481 20.74 -53.37 6.61
CA GLU G 481 20.15 -52.25 7.33
C GLU G 481 19.22 -51.45 6.45
N LEU G 482 19.59 -51.28 5.19
CA LEU G 482 18.76 -50.56 4.25
C LEU G 482 17.49 -51.33 3.97
N LEU G 483 17.60 -52.66 3.92
CA LEU G 483 16.44 -53.50 3.64
C LEU G 483 15.45 -53.42 4.79
N LYS G 484 15.96 -53.45 6.03
CA LYS G 484 15.11 -53.34 7.21
C LYS G 484 14.45 -51.97 7.27
N TRP G 485 15.19 -50.94 6.88
CA TRP G 485 14.67 -49.58 6.84
C TRP G 485 13.49 -49.49 5.90
N ILE G 486 13.62 -50.08 4.71
CA ILE G 486 12.51 -50.11 3.79
C ILE G 486 11.34 -50.88 4.35
N GLU G 487 11.59 -52.04 4.96
CA GLU G 487 10.48 -52.82 5.48
C GLU G 487 9.63 -51.98 6.43
N VAL G 488 10.27 -51.27 7.34
CA VAL G 488 9.54 -50.48 8.31
C VAL G 488 8.79 -49.33 7.69
N LYS G 489 9.45 -48.59 6.80
CA LYS G 489 8.83 -47.42 6.19
C LYS G 489 7.76 -47.80 5.17
N ALA G 490 7.99 -48.92 4.48
CA ALA G 490 7.04 -49.39 3.49
C ALA G 490 5.73 -49.82 4.14
N LYS G 491 5.85 -50.53 5.26
CA LYS G 491 4.71 -51.00 6.04
C LYS G 491 3.97 -49.85 6.70
N ALA G 492 4.72 -48.84 7.14
CA ALA G 492 4.12 -47.68 7.79
C ALA G 492 3.48 -46.78 6.76
N LYS G 493 2.40 -47.27 6.15
CA LYS G 493 1.73 -46.54 5.09
C LYS G 493 0.83 -45.46 5.68
N LYS G 494 1.43 -44.32 5.97
CA LYS G 494 0.74 -43.20 6.60
C LYS G 494 1.25 -41.89 6.04
N LEU G 495 0.54 -40.79 6.32
CA LEU G 495 1.01 -39.48 5.89
C LEU G 495 2.13 -39.01 6.81
N GLN G 496 3.28 -38.71 6.23
CA GLN G 496 4.45 -38.32 7.01
C GLN G 496 5.51 -37.66 6.12
N ILE G 497 6.58 -37.17 6.74
CA ILE G 497 7.68 -36.53 6.02
C ILE G 497 8.80 -37.52 5.71
N GLN G 498 8.62 -38.74 6.15
CA GLN G 498 9.57 -39.81 5.91
C GLN G 498 9.28 -40.28 4.47
N PRO G 499 10.03 -41.23 3.91
CA PRO G 499 9.92 -41.64 2.53
C PRO G 499 8.46 -41.95 2.16
N SER G 500 7.91 -41.16 1.25
CA SER G 500 6.52 -41.30 0.85
C SER G 500 6.34 -42.34 -0.24
N GLN G 501 6.68 -43.59 0.07
CA GLN G 501 6.54 -44.73 -0.84
C GLN G 501 7.45 -44.59 -2.07
N LEU G 502 7.19 -43.58 -2.89
CA LEU G 502 7.96 -43.34 -4.10
C LEU G 502 9.42 -43.06 -3.77
N GLU G 503 9.67 -42.39 -2.66
CA GLU G 503 11.05 -42.11 -2.28
C GLU G 503 11.80 -43.40 -1.96
N LEU G 504 11.10 -44.39 -1.43
CA LEU G 504 11.74 -45.68 -1.18
C LEU G 504 12.04 -46.31 -2.53
N PHE G 505 11.16 -46.07 -3.50
CA PHE G 505 11.37 -46.58 -4.84
C PHE G 505 12.58 -45.91 -5.48
N TYR G 506 12.74 -44.60 -5.27
CA TYR G 506 13.90 -43.89 -5.78
C TYR G 506 15.18 -44.53 -5.28
N CYS G 507 15.18 -44.88 -4.00
CA CYS G 507 16.33 -45.54 -3.40
C CYS G 507 16.60 -46.88 -4.06
N LEU G 508 15.54 -47.66 -4.25
CA LEU G 508 15.65 -48.96 -4.89
C LEU G 508 16.08 -48.81 -6.34
N TYR G 509 15.61 -47.76 -6.98
CA TYR G 509 15.97 -47.48 -8.36
C TYR G 509 17.48 -47.36 -8.52
N GLU G 510 18.13 -46.63 -7.61
CA GLU G 510 19.59 -46.51 -7.68
C GLU G 510 20.25 -47.88 -7.51
N MET G 511 19.74 -48.68 -6.60
CA MET G 511 20.28 -50.03 -6.42
C MET G 511 19.64 -50.99 -7.39
N GLN G 512 20.01 -50.93 -8.67
CA GLN G 512 19.34 -51.78 -9.65
C GLN G 512 19.85 -53.21 -9.58
N GLU G 513 19.52 -53.88 -8.47
CA GLU G 513 19.88 -55.27 -8.22
C GLU G 513 18.59 -56.04 -7.97
N GLU G 514 18.27 -56.97 -8.85
CA GLU G 514 17.00 -57.67 -8.73
C GLU G 514 16.90 -58.43 -7.42
N ASP G 515 17.99 -59.05 -7.01
CA ASP G 515 17.99 -59.85 -5.80
C ASP G 515 17.61 -59.03 -4.56
N PHE G 516 18.02 -57.75 -4.54
CA PHE G 516 17.68 -56.89 -3.43
C PHE G 516 16.32 -56.26 -3.61
N VAL G 517 16.09 -55.68 -4.79
CA VAL G 517 14.87 -54.93 -5.03
C VAL G 517 13.66 -55.81 -4.95
N GLN G 518 13.73 -57.01 -5.52
CA GLN G 518 12.60 -57.91 -5.48
C GLN G 518 12.26 -58.31 -4.04
N ARG G 519 13.26 -58.35 -3.16
CA ARG G 519 12.99 -58.63 -1.76
C ARG G 519 12.45 -57.39 -1.05
N ALA G 520 13.05 -56.25 -1.32
CA ALA G 520 12.63 -55.01 -0.68
C ALA G 520 11.21 -54.66 -1.07
N MET G 521 10.84 -54.97 -2.31
CA MET G 521 9.52 -54.65 -2.81
C MET G 521 8.43 -55.53 -2.23
N ASP G 522 8.81 -56.58 -1.50
CA ASP G 522 7.81 -57.48 -0.94
C ASP G 522 7.25 -56.89 0.35
N TYR G 523 7.70 -55.69 0.69
CA TYR G 523 7.20 -55.00 1.86
C TYR G 523 6.20 -53.94 1.46
N PHE G 524 5.77 -53.97 0.19
CA PHE G 524 4.82 -53.01 -0.34
C PHE G 524 3.56 -53.66 -0.90
N PRO G 525 2.70 -54.26 -0.07
CA PRO G 525 1.46 -54.90 -0.46
C PRO G 525 0.48 -53.90 -1.04
N LYS G 526 0.61 -52.64 -0.63
CA LYS G 526 -0.23 -51.58 -1.14
C LYS G 526 0.62 -50.38 -1.43
N ILE G 527 0.59 -49.92 -2.68
CA ILE G 527 1.41 -48.80 -3.10
C ILE G 527 0.60 -47.60 -3.47
N GLU G 528 0.77 -46.52 -2.72
CA GLU G 528 0.09 -45.27 -3.05
C GLU G 528 1.11 -44.18 -3.34
N ILE G 529 1.22 -43.81 -4.60
CA ILE G 529 2.23 -42.85 -5.03
C ILE G 529 1.68 -41.76 -5.92
N ASN G 530 2.31 -40.60 -5.88
CA ASN G 530 1.96 -39.50 -6.78
C ASN G 530 3.05 -39.37 -7.84
N LEU G 531 2.67 -39.03 -9.05
CA LEU G 531 3.65 -38.91 -10.13
C LEU G 531 3.64 -37.51 -10.74
N SER G 532 4.78 -36.82 -10.63
CA SER G 532 4.86 -35.44 -11.10
C SER G 532 5.71 -35.31 -12.36
N THR G 533 6.66 -36.21 -12.53
CA THR G 533 7.57 -36.11 -13.67
C THR G 533 7.94 -37.45 -14.30
N ARG G 534 8.76 -37.38 -15.35
CA ARG G 534 9.17 -38.55 -16.10
C ARG G 534 9.95 -39.51 -15.22
N MET G 535 10.76 -38.95 -14.35
CA MET G 535 11.60 -39.75 -13.48
C MET G 535 10.77 -40.54 -12.49
N ASP G 536 9.63 -39.99 -12.09
CA ASP G 536 8.76 -40.67 -11.16
C ASP G 536 8.20 -41.92 -11.79
N HIS G 537 7.94 -41.83 -13.10
CA HIS G 537 7.42 -42.95 -13.85
C HIS G 537 8.50 -44.01 -14.04
N MET G 538 9.73 -43.57 -14.31
CA MET G 538 10.85 -44.49 -14.48
C MET G 538 11.11 -45.28 -13.22
N VAL G 539 11.07 -44.58 -12.09
CA VAL G 539 11.29 -45.17 -10.79
C VAL G 539 10.15 -46.11 -10.40
N SER G 540 8.92 -45.66 -10.61
CA SER G 540 7.77 -46.46 -10.26
C SER G 540 7.71 -47.70 -11.12
N SER G 541 7.99 -47.54 -12.42
CA SER G 541 7.95 -48.66 -13.34
C SER G 541 8.92 -49.75 -12.92
N PHE G 542 10.16 -49.35 -12.65
CA PHE G 542 11.17 -50.30 -12.23
C PHE G 542 10.78 -51.05 -10.97
N CYS G 543 10.37 -50.33 -9.95
CA CYS G 543 10.07 -50.96 -8.67
C CYS G 543 8.83 -51.82 -8.72
N ILE G 544 7.80 -51.37 -9.42
CA ILE G 544 6.57 -52.13 -9.50
C ILE G 544 6.81 -53.41 -10.31
N GLU G 545 7.54 -53.30 -11.41
CA GLU G 545 7.83 -54.46 -12.24
C GLU G 545 8.50 -55.57 -11.42
N ASN G 546 9.37 -55.18 -10.49
CA ASN G 546 10.11 -56.13 -9.68
C ASN G 546 9.41 -56.45 -8.36
N CYS G 547 8.18 -56.00 -8.21
CA CYS G 547 7.41 -56.30 -7.01
C CYS G 547 6.50 -57.48 -7.24
N HIS G 548 6.70 -58.55 -6.47
CA HIS G 548 5.91 -59.75 -6.66
C HIS G 548 4.82 -59.88 -5.62
N ARG G 549 4.67 -58.86 -4.78
CA ARG G 549 3.68 -58.91 -3.71
C ARG G 549 2.84 -57.65 -3.59
N VAL G 550 2.65 -56.91 -4.68
CA VAL G 550 1.77 -55.75 -4.62
C VAL G 550 0.38 -56.16 -5.02
N GLU G 551 -0.58 -55.92 -4.15
CA GLU G 551 -1.95 -56.32 -4.39
C GLU G 551 -2.81 -55.14 -4.81
N SER G 552 -2.47 -53.96 -4.30
CA SER G 552 -3.24 -52.76 -4.62
C SER G 552 -2.32 -51.59 -4.94
N LEU G 553 -2.66 -50.87 -6.00
CA LEU G 553 -1.88 -49.73 -6.45
C LEU G 553 -2.76 -48.51 -6.71
N SER G 554 -2.31 -47.36 -6.24
CA SER G 554 -2.98 -46.10 -6.50
C SER G 554 -2.02 -45.10 -7.13
N LEU G 555 -2.36 -44.61 -8.32
CA LEU G 555 -1.47 -43.69 -9.03
C LEU G 555 -2.03 -42.28 -9.12
N GLY G 556 -1.47 -41.39 -8.33
CA GLY G 556 -1.90 -40.01 -8.27
C GLY G 556 -1.20 -39.17 -9.33
N PHE G 557 -1.59 -39.35 -10.58
CA PHE G 557 -0.97 -38.56 -11.63
C PHE G 557 -1.22 -37.08 -11.36
N LEU G 558 -0.18 -36.27 -11.44
CA LEU G 558 -0.32 -34.84 -11.19
C LEU G 558 -0.20 -34.03 -12.48
N HIS G 559 0.60 -32.97 -12.44
CA HIS G 559 0.69 -32.04 -13.57
C HIS G 559 1.58 -32.58 -14.69
N ASN G 560 1.10 -33.63 -15.37
CA ASN G 560 1.81 -34.30 -16.45
C ASN G 560 1.38 -33.75 -17.81
N LEU G 599 -2.73 -35.46 -17.86
CA LEU G 599 -1.82 -36.45 -18.39
C LEU G 599 -1.96 -36.56 -19.92
N THR G 600 -3.17 -36.95 -20.37
CA THR G 600 -3.58 -37.07 -21.78
C THR G 600 -2.44 -37.35 -22.76
N SER G 601 -1.65 -38.38 -22.49
CA SER G 601 -0.50 -38.69 -23.32
C SER G 601 0.05 -40.09 -23.12
N SER G 602 0.98 -40.49 -23.99
CA SER G 602 1.68 -41.76 -23.92
C SER G 602 2.82 -41.69 -22.92
N PHE G 603 2.97 -40.54 -22.29
CA PHE G 603 4.00 -40.26 -21.30
C PHE G 603 4.11 -41.38 -20.27
N CYS G 604 2.96 -41.87 -19.80
CA CYS G 604 2.90 -42.89 -18.77
C CYS G 604 2.85 -44.31 -19.32
N ARG G 605 2.91 -44.46 -20.63
CA ARG G 605 2.76 -45.77 -21.25
C ARG G 605 3.70 -46.80 -20.64
N GLY G 606 4.90 -46.38 -20.29
CA GLY G 606 5.91 -47.27 -19.74
C GLY G 606 5.51 -47.81 -18.37
N LEU G 607 4.57 -47.15 -17.71
CA LEU G 607 4.12 -47.61 -16.41
C LEU G 607 2.94 -48.55 -16.55
N PHE G 608 2.00 -48.20 -17.41
CA PHE G 608 0.81 -49.01 -17.57
C PHE G 608 1.15 -50.36 -18.20
N SER G 609 2.17 -50.39 -19.03
CA SER G 609 2.61 -51.63 -19.68
C SER G 609 3.22 -52.59 -18.66
N VAL G 610 3.55 -52.07 -17.48
CA VAL G 610 4.12 -52.87 -16.40
C VAL G 610 3.03 -53.42 -15.53
N LEU G 611 2.00 -52.61 -15.28
CA LEU G 611 0.93 -53.03 -14.41
C LEU G 611 0.24 -54.24 -15.00
N SER G 612 0.13 -54.25 -16.33
CA SER G 612 -0.54 -55.33 -17.04
C SER G 612 0.26 -56.62 -17.04
N THR G 613 1.49 -56.60 -16.55
CA THR G 613 2.28 -57.81 -16.51
C THR G 613 2.47 -58.31 -15.08
N SER G 614 1.89 -57.60 -14.11
CA SER G 614 2.02 -58.00 -12.73
C SER G 614 1.12 -59.18 -12.45
N GLN G 615 1.64 -60.14 -11.70
CA GLN G 615 0.83 -61.31 -11.38
C GLN G 615 0.24 -61.21 -10.00
N SER G 616 0.52 -60.12 -9.30
CA SER G 616 -0.01 -59.93 -7.97
C SER G 616 -0.96 -58.75 -7.89
N LEU G 617 -0.80 -57.77 -8.77
CA LEU G 617 -1.64 -56.58 -8.69
C LEU G 617 -3.06 -56.93 -9.06
N THR G 618 -3.98 -56.67 -8.15
CA THR G 618 -5.36 -57.01 -8.37
C THR G 618 -6.26 -55.78 -8.39
N GLU G 619 -5.95 -54.80 -7.54
CA GLU G 619 -6.76 -53.59 -7.48
C GLU G 619 -5.97 -52.36 -7.92
N LEU G 620 -6.49 -51.65 -8.91
CA LEU G 620 -5.84 -50.46 -9.43
C LEU G 620 -6.75 -49.25 -9.32
N ASP G 621 -6.30 -48.23 -8.60
CA ASP G 621 -7.09 -47.03 -8.38
C ASP G 621 -6.50 -45.81 -9.05
N LEU G 622 -7.18 -45.32 -10.08
CA LEU G 622 -6.69 -44.18 -10.83
C LEU G 622 -7.64 -43.00 -10.71
N SER G 623 -8.37 -42.93 -9.61
CA SER G 623 -9.37 -41.89 -9.39
C SER G 623 -8.76 -40.53 -9.11
N ASP G 624 -9.55 -39.50 -9.34
CA ASP G 624 -9.23 -38.12 -8.99
C ASP G 624 -7.90 -37.61 -9.52
N ASN G 625 -7.61 -37.91 -10.78
CA ASN G 625 -6.43 -37.37 -11.44
C ASN G 625 -6.75 -37.15 -12.90
N SER G 626 -5.88 -36.44 -13.63
CA SER G 626 -6.20 -36.09 -15.00
C SER G 626 -5.93 -37.20 -16.01
N LEU G 627 -6.58 -38.33 -15.82
CA LEU G 627 -6.47 -39.45 -16.74
C LEU G 627 -7.53 -39.30 -17.81
N GLY G 628 -7.39 -38.27 -18.62
CA GLY G 628 -8.39 -37.95 -19.62
C GLY G 628 -8.43 -39.02 -20.69
N ASP G 629 -9.38 -38.92 -21.61
CA ASP G 629 -9.60 -39.95 -22.61
C ASP G 629 -8.32 -40.43 -23.34
N PRO G 630 -7.40 -39.53 -23.76
CA PRO G 630 -6.15 -39.87 -24.42
C PRO G 630 -5.22 -40.68 -23.53
N GLY G 631 -5.44 -40.62 -22.22
CA GLY G 631 -4.63 -41.35 -21.27
C GLY G 631 -5.26 -42.71 -21.01
N MET G 632 -6.58 -42.72 -20.94
CA MET G 632 -7.32 -43.95 -20.71
C MET G 632 -7.12 -44.90 -21.86
N ARG G 633 -6.97 -44.36 -23.07
CA ARG G 633 -6.71 -45.19 -24.23
C ARG G 633 -5.46 -46.03 -24.02
N VAL G 634 -4.43 -45.42 -23.45
CA VAL G 634 -3.16 -46.11 -23.26
C VAL G 634 -3.34 -47.24 -22.27
N LEU G 635 -4.04 -46.94 -21.17
CA LEU G 635 -4.29 -47.94 -20.16
C LEU G 635 -5.11 -49.09 -20.73
N CYS G 636 -6.13 -48.77 -21.51
CA CYS G 636 -6.99 -49.80 -22.06
C CYS G 636 -6.25 -50.71 -23.02
N GLU G 637 -5.23 -50.18 -23.69
CA GLU G 637 -4.42 -51.05 -24.55
C GLU G 637 -3.66 -52.07 -23.72
N THR G 638 -3.21 -51.66 -22.52
CA THR G 638 -2.43 -52.55 -21.67
C THR G 638 -3.32 -53.47 -20.84
N LEU G 639 -4.56 -53.08 -20.57
CA LEU G 639 -5.47 -53.89 -19.78
C LEU G 639 -5.98 -55.10 -20.57
N GLN G 640 -5.63 -55.16 -21.85
CA GLN G 640 -6.03 -56.28 -22.68
C GLN G 640 -5.00 -57.39 -22.66
N HIS G 641 -3.90 -57.17 -21.95
CA HIS G 641 -2.85 -58.17 -21.86
C HIS G 641 -3.41 -59.44 -21.19
N PRO G 642 -3.14 -60.63 -21.74
CA PRO G 642 -3.54 -61.93 -21.22
C PRO G 642 -3.18 -62.14 -19.74
N GLY G 643 -2.11 -61.51 -19.29
CA GLY G 643 -1.65 -61.67 -17.91
C GLY G 643 -1.97 -60.48 -17.02
N CYS G 644 -2.94 -59.66 -17.43
CA CYS G 644 -3.26 -58.43 -16.69
C CYS G 644 -3.55 -58.67 -15.20
N ASN G 645 -4.49 -59.55 -14.91
CA ASN G 645 -4.87 -59.93 -13.54
C ASN G 645 -5.46 -58.82 -12.68
N ILE G 646 -5.78 -57.68 -13.26
CA ILE G 646 -6.44 -56.64 -12.48
C ILE G 646 -7.92 -56.96 -12.40
N ARG G 647 -8.43 -57.03 -11.19
CA ARG G 647 -9.82 -57.41 -10.97
C ARG G 647 -10.69 -56.22 -10.59
N ARG G 648 -10.09 -55.23 -9.92
CA ARG G 648 -10.85 -54.06 -9.52
C ARG G 648 -10.21 -52.79 -10.07
N LEU G 649 -10.92 -52.12 -10.97
CA LEU G 649 -10.39 -50.91 -11.59
C LEU G 649 -11.25 -49.72 -11.23
N TRP G 650 -10.67 -48.76 -10.52
CA TRP G 650 -11.41 -47.60 -10.07
C TRP G 650 -11.05 -46.36 -10.87
N LEU G 651 -12.04 -45.78 -11.55
CA LEU G 651 -11.83 -44.62 -12.38
C LEU G 651 -12.82 -43.52 -12.05
N GLY G 652 -12.67 -42.90 -10.88
CA GLY G 652 -13.63 -41.91 -10.42
C GLY G 652 -13.49 -40.61 -11.20
N ARG G 653 -13.19 -39.51 -10.52
CA ARG G 653 -13.10 -38.23 -11.21
C ARG G 653 -11.86 -38.15 -12.09
N CYS G 654 -11.87 -38.92 -13.18
CA CYS G 654 -10.74 -39.02 -14.08
C CYS G 654 -10.85 -38.06 -15.26
N GLY G 655 -11.99 -37.40 -15.38
CA GLY G 655 -12.20 -36.48 -16.49
C GLY G 655 -12.44 -37.23 -17.80
N LEU G 656 -13.04 -38.41 -17.70
CA LEU G 656 -13.29 -39.22 -18.87
C LEU G 656 -14.60 -38.82 -19.52
N SER G 657 -14.67 -39.01 -20.82
CA SER G 657 -15.90 -38.76 -21.55
C SER G 657 -16.27 -39.97 -22.39
N HIS G 658 -17.23 -39.80 -23.26
CA HIS G 658 -17.76 -40.90 -24.05
C HIS G 658 -16.68 -41.63 -24.84
N GLU G 659 -15.61 -40.93 -25.17
CA GLU G 659 -14.59 -41.51 -26.02
C GLU G 659 -13.92 -42.69 -25.36
N CYS G 660 -13.79 -42.66 -24.04
CA CYS G 660 -13.06 -43.70 -23.35
C CYS G 660 -13.85 -45.00 -23.32
N CYS G 661 -15.17 -44.91 -23.50
CA CYS G 661 -16.01 -46.09 -23.38
C CYS G 661 -15.77 -47.03 -24.53
N PHE G 662 -15.21 -46.51 -25.62
CA PHE G 662 -14.88 -47.37 -26.73
C PHE G 662 -13.77 -48.31 -26.32
N ASP G 663 -12.79 -47.77 -25.60
CA ASP G 663 -11.63 -48.54 -25.22
C ASP G 663 -11.95 -49.41 -24.01
N ILE G 664 -12.83 -48.93 -23.15
CA ILE G 664 -13.26 -49.73 -22.01
C ILE G 664 -14.02 -50.94 -22.50
N SER G 665 -14.85 -50.76 -23.51
CA SER G 665 -15.57 -51.87 -24.11
C SER G 665 -14.60 -52.92 -24.64
N LEU G 666 -13.56 -52.48 -25.32
CA LEU G 666 -12.56 -53.40 -25.84
C LEU G 666 -11.90 -54.18 -24.71
N VAL G 667 -11.67 -53.53 -23.58
CA VAL G 667 -11.10 -54.23 -22.43
C VAL G 667 -12.09 -55.26 -21.88
N LEU G 668 -13.34 -54.86 -21.72
CA LEU G 668 -14.35 -55.76 -21.17
C LEU G 668 -14.53 -57.00 -22.04
N SER G 669 -14.41 -56.82 -23.35
CA SER G 669 -14.61 -57.92 -24.29
C SER G 669 -13.45 -58.92 -24.35
N SER G 670 -12.32 -58.62 -23.71
CA SER G 670 -11.17 -59.52 -23.79
C SER G 670 -10.59 -59.85 -22.41
N ASN G 671 -10.73 -58.93 -21.47
CA ASN G 671 -10.21 -59.10 -20.12
C ASN G 671 -11.22 -59.85 -19.27
N GLN G 672 -10.91 -61.11 -18.99
CA GLN G 672 -11.84 -61.98 -18.28
C GLN G 672 -11.62 -61.97 -16.78
N LYS G 673 -10.73 -61.11 -16.31
CA LYS G 673 -10.42 -61.04 -14.89
C LYS G 673 -11.15 -59.89 -14.22
N LEU G 674 -11.32 -58.78 -14.93
CA LEU G 674 -11.93 -57.60 -14.35
C LEU G 674 -13.34 -57.91 -13.84
N VAL G 675 -13.61 -57.59 -12.57
CA VAL G 675 -14.92 -57.79 -11.97
C VAL G 675 -15.56 -56.48 -11.54
N GLU G 676 -14.75 -55.52 -11.10
CA GLU G 676 -15.32 -54.26 -10.66
C GLU G 676 -14.78 -53.10 -11.46
N LEU G 677 -15.69 -52.32 -12.02
CA LEU G 677 -15.30 -51.14 -12.78
C LEU G 677 -16.06 -49.91 -12.30
N ASP G 678 -15.35 -48.98 -11.70
CA ASP G 678 -15.99 -47.77 -11.19
C ASP G 678 -15.78 -46.60 -12.14
N LEU G 679 -16.84 -46.20 -12.84
CA LEU G 679 -16.78 -45.13 -13.82
C LEU G 679 -17.52 -43.90 -13.34
N SER G 680 -17.74 -43.80 -12.04
CA SER G 680 -18.51 -42.70 -11.50
C SER G 680 -17.79 -41.37 -11.61
N ASP G 681 -18.58 -40.30 -11.50
CA ASP G 681 -18.07 -38.94 -11.52
C ASP G 681 -17.26 -38.60 -12.77
N ASN G 682 -17.75 -39.02 -13.92
CA ASN G 682 -17.16 -38.71 -15.21
C ASN G 682 -18.21 -38.02 -16.08
N ALA G 683 -17.99 -37.98 -17.37
CA ALA G 683 -18.94 -37.37 -18.29
C ALA G 683 -19.37 -38.38 -19.33
N LEU G 684 -19.47 -39.64 -18.92
CA LEU G 684 -19.82 -40.71 -19.83
C LEU G 684 -21.29 -40.69 -20.11
N GLY G 685 -21.71 -39.74 -20.93
CA GLY G 685 -23.13 -39.53 -21.17
C GLY G 685 -23.74 -40.70 -21.90
N ASP G 686 -24.99 -40.55 -22.30
CA ASP G 686 -25.77 -41.64 -22.88
C ASP G 686 -25.04 -42.33 -23.99
N PHE G 687 -24.32 -41.59 -24.81
CA PHE G 687 -23.57 -42.22 -25.89
C PHE G 687 -22.46 -43.08 -25.33
N GLY G 688 -21.79 -42.59 -24.28
CA GLY G 688 -20.69 -43.32 -23.71
C GLY G 688 -21.19 -44.68 -23.23
N ILE G 689 -22.38 -44.69 -22.67
CA ILE G 689 -22.99 -45.92 -22.19
C ILE G 689 -23.33 -46.82 -23.36
N ARG G 690 -23.87 -46.24 -24.42
CA ARG G 690 -24.19 -47.02 -25.61
C ARG G 690 -22.97 -47.79 -26.09
N LEU G 691 -21.81 -47.15 -26.05
CA LEU G 691 -20.56 -47.81 -26.42
C LEU G 691 -20.12 -48.82 -25.35
N LEU G 692 -20.24 -48.43 -24.09
CA LEU G 692 -19.81 -49.29 -23.00
C LEU G 692 -20.57 -50.61 -23.01
N CYS G 693 -21.86 -50.53 -23.30
CA CYS G 693 -22.74 -51.69 -23.30
C CYS G 693 -22.34 -52.71 -24.35
N VAL G 694 -21.52 -52.31 -25.30
CA VAL G 694 -21.06 -53.24 -26.32
C VAL G 694 -20.18 -54.30 -25.66
N GLY G 695 -19.37 -53.87 -24.70
CA GLY G 695 -18.50 -54.79 -23.99
C GLY G 695 -19.28 -55.55 -22.92
N LEU G 696 -20.20 -54.85 -22.27
CA LEU G 696 -20.95 -55.45 -21.16
C LEU G 696 -21.82 -56.61 -21.65
N LYS G 697 -22.32 -56.51 -22.87
CA LYS G 697 -23.15 -57.55 -23.45
C LYS G 697 -22.33 -58.66 -24.09
N HIS G 698 -21.02 -58.50 -24.11
CA HIS G 698 -20.15 -59.42 -24.81
C HIS G 698 -19.85 -60.67 -23.99
N LEU G 699 -19.79 -61.82 -24.66
CA LEU G 699 -19.41 -63.04 -23.98
C LEU G 699 -18.00 -62.89 -23.47
N LEU G 700 -17.69 -63.58 -22.39
CA LEU G 700 -16.38 -63.49 -21.73
C LEU G 700 -16.23 -62.20 -20.93
N CYS G 701 -17.28 -61.38 -20.88
CA CYS G 701 -17.24 -60.22 -19.99
C CYS G 701 -17.76 -60.63 -18.64
N ASN G 702 -16.87 -60.66 -17.65
CA ASN G 702 -17.21 -61.19 -16.34
C ASN G 702 -17.40 -60.09 -15.30
N LEU G 703 -17.65 -58.87 -15.78
CA LEU G 703 -17.84 -57.75 -14.87
C LEU G 703 -18.99 -58.02 -13.92
N LYS G 704 -18.78 -57.78 -12.63
CA LYS G 704 -19.80 -58.01 -11.61
C LYS G 704 -20.33 -56.71 -11.04
N LYS G 705 -19.44 -55.75 -10.83
CA LYS G 705 -19.83 -54.48 -10.24
C LYS G 705 -19.55 -53.34 -11.21
N LEU G 706 -20.59 -52.55 -11.50
CA LEU G 706 -20.44 -51.42 -12.38
C LEU G 706 -21.00 -50.15 -11.76
N TRP G 707 -20.17 -49.14 -11.63
CA TRP G 707 -20.62 -47.89 -11.04
C TRP G 707 -20.73 -46.81 -12.11
N LEU G 708 -21.95 -46.35 -12.36
CA LEU G 708 -22.21 -45.31 -13.34
C LEU G 708 -22.80 -44.09 -12.68
N VAL G 709 -22.44 -43.90 -11.41
CA VAL G 709 -22.94 -42.81 -10.61
C VAL G 709 -22.42 -41.46 -11.09
N SER G 710 -23.30 -40.48 -11.19
CA SER G 710 -22.93 -39.14 -11.62
C SER G 710 -22.22 -39.15 -12.97
N CYS G 711 -22.81 -39.81 -13.96
CA CYS G 711 -22.20 -39.89 -15.30
C CYS G 711 -22.99 -39.13 -16.35
N CYS G 712 -23.75 -38.14 -15.92
CA CYS G 712 -24.49 -37.32 -16.86
C CYS G 712 -25.38 -38.16 -17.76
N LEU G 713 -26.09 -39.13 -17.16
CA LEU G 713 -26.95 -40.00 -17.95
C LEU G 713 -28.39 -39.56 -17.90
N THR G 714 -29.13 -39.91 -18.95
CA THR G 714 -30.58 -39.70 -18.96
C THR G 714 -31.28 -41.01 -19.25
N SER G 715 -32.60 -40.97 -19.30
CA SER G 715 -33.39 -42.17 -19.55
C SER G 715 -33.04 -42.80 -20.90
N ALA G 716 -32.47 -42.02 -21.79
CA ALA G 716 -32.13 -42.50 -23.12
C ALA G 716 -31.16 -43.67 -23.07
N CYS G 717 -30.29 -43.71 -22.05
CA CYS G 717 -29.29 -44.76 -21.96
C CYS G 717 -29.84 -46.03 -21.36
N CYS G 718 -31.03 -45.96 -20.78
CA CYS G 718 -31.58 -47.09 -20.06
C CYS G 718 -31.94 -48.20 -21.02
N GLN G 719 -32.15 -47.84 -22.28
CA GLN G 719 -32.48 -48.84 -23.28
C GLN G 719 -31.32 -49.80 -23.47
N ASP G 720 -30.10 -49.31 -23.29
CA ASP G 720 -28.93 -50.16 -23.50
C ASP G 720 -28.55 -50.87 -22.20
N LEU G 721 -28.72 -50.19 -21.07
CA LEU G 721 -28.40 -50.80 -19.79
C LEU G 721 -29.37 -51.92 -19.50
N ALA G 722 -30.62 -51.75 -19.92
CA ALA G 722 -31.63 -52.77 -19.71
C ALA G 722 -31.25 -54.04 -20.43
N SER G 723 -30.64 -53.91 -21.61
CA SER G 723 -30.23 -55.06 -22.40
C SER G 723 -29.08 -55.77 -21.71
N VAL G 724 -28.19 -54.99 -21.09
CA VAL G 724 -27.09 -55.58 -20.34
C VAL G 724 -27.60 -56.40 -19.18
N LEU G 725 -28.56 -55.86 -18.45
CA LEU G 725 -29.13 -56.59 -17.32
C LEU G 725 -29.77 -57.89 -17.77
N SER G 726 -30.46 -57.83 -18.90
CA SER G 726 -31.12 -59.01 -19.43
C SER G 726 -30.14 -60.11 -19.85
N THR G 727 -29.10 -59.74 -20.58
CA THR G 727 -28.19 -60.72 -21.16
C THR G 727 -26.98 -61.09 -20.28
N SER G 728 -26.47 -60.14 -19.49
CA SER G 728 -25.24 -60.39 -18.75
C SER G 728 -25.38 -61.53 -17.75
N HIS G 729 -24.39 -62.41 -17.76
CA HIS G 729 -24.36 -63.54 -16.84
C HIS G 729 -23.67 -63.21 -15.54
N SER G 730 -22.98 -62.06 -15.51
CA SER G 730 -22.15 -61.75 -14.36
C SER G 730 -22.48 -60.45 -13.66
N LEU G 731 -23.18 -59.53 -14.32
CA LEU G 731 -23.40 -58.23 -13.69
C LEU G 731 -24.46 -58.32 -12.61
N THR G 732 -24.06 -58.05 -11.37
CA THR G 732 -24.98 -58.15 -10.25
C THR G 732 -25.16 -56.81 -9.54
N ARG G 733 -24.16 -55.95 -9.63
CA ARG G 733 -24.18 -54.68 -8.94
C ARG G 733 -24.22 -53.50 -9.90
N LEU G 734 -25.38 -52.88 -10.05
CA LEU G 734 -25.50 -51.75 -10.97
C LEU G 734 -25.87 -50.48 -10.23
N TYR G 735 -24.93 -49.54 -10.17
CA TYR G 735 -25.20 -48.28 -9.49
C TYR G 735 -25.32 -47.13 -10.49
N VAL G 736 -26.52 -46.60 -10.64
CA VAL G 736 -26.78 -45.57 -11.64
C VAL G 736 -27.39 -44.30 -11.07
N GLY G 737 -27.21 -44.08 -9.79
CA GLY G 737 -27.80 -42.91 -9.14
C GLY G 737 -27.05 -41.64 -9.50
N GLU G 738 -27.54 -40.51 -9.01
CA GLU G 738 -26.97 -39.21 -9.33
C GLU G 738 -26.99 -38.95 -10.83
N ASN G 739 -28.07 -39.35 -11.48
CA ASN G 739 -28.26 -39.16 -12.91
C ASN G 739 -29.69 -38.73 -13.19
N ALA G 740 -30.03 -38.54 -14.46
CA ALA G 740 -31.38 -38.10 -14.81
C ALA G 740 -32.22 -39.28 -15.28
N LEU G 741 -32.00 -40.42 -14.67
CA LEU G 741 -32.77 -41.62 -14.99
C LEU G 741 -34.10 -41.55 -14.28
N GLY G 742 -34.98 -40.69 -14.76
CA GLY G 742 -36.25 -40.44 -14.09
C GLY G 742 -37.18 -41.63 -14.24
N ASP G 743 -38.46 -41.41 -14.01
CA ASP G 743 -39.40 -42.53 -14.01
C ASP G 743 -39.45 -43.25 -15.34
N SER G 744 -39.17 -42.52 -16.43
CA SER G 744 -39.16 -43.12 -17.76
C SER G 744 -37.90 -43.96 -17.97
N GLY G 745 -36.88 -43.74 -17.15
CA GLY G 745 -35.64 -44.49 -17.24
C GLY G 745 -35.75 -45.78 -16.47
N VAL G 746 -36.27 -45.68 -15.26
CA VAL G 746 -36.46 -46.84 -14.41
C VAL G 746 -37.42 -47.82 -15.02
N ALA G 747 -38.50 -47.33 -15.61
CA ALA G 747 -39.47 -48.21 -16.25
C ALA G 747 -38.78 -49.07 -17.31
N ILE G 748 -37.80 -48.50 -18.00
CA ILE G 748 -37.08 -49.25 -19.03
C ILE G 748 -36.21 -50.31 -18.40
N LEU G 749 -35.47 -49.95 -17.37
CA LEU G 749 -34.61 -50.92 -16.70
C LEU G 749 -35.44 -52.02 -16.09
N CYS G 750 -36.57 -51.65 -15.50
CA CYS G 750 -37.45 -52.60 -14.83
C CYS G 750 -38.01 -53.62 -15.80
N GLU G 751 -38.27 -53.19 -17.03
CA GLU G 751 -38.80 -54.09 -18.03
C GLU G 751 -37.92 -55.32 -18.19
N LYS G 752 -36.61 -55.17 -17.98
CA LYS G 752 -35.70 -56.30 -18.10
C LYS G 752 -35.26 -56.81 -16.74
N ALA G 753 -35.17 -55.92 -15.76
CA ALA G 753 -34.72 -56.30 -14.42
C ALA G 753 -35.75 -57.19 -13.75
N LYS G 754 -37.00 -57.09 -14.18
CA LYS G 754 -38.07 -57.93 -13.64
C LYS G 754 -37.96 -59.36 -14.11
N ASN G 755 -37.13 -59.61 -15.13
CA ASN G 755 -36.98 -60.95 -15.64
C ASN G 755 -36.34 -61.82 -14.57
N PRO G 756 -36.97 -62.94 -14.19
CA PRO G 756 -36.56 -63.82 -13.11
C PRO G 756 -35.19 -64.45 -13.35
N GLN G 757 -34.70 -64.37 -14.58
CA GLN G 757 -33.40 -64.92 -14.91
C GLN G 757 -32.30 -63.86 -14.87
N CYS G 758 -32.68 -62.63 -14.53
CA CYS G 758 -31.73 -61.53 -14.44
C CYS G 758 -30.84 -61.72 -13.22
N ASN G 759 -29.56 -61.40 -13.35
CA ASN G 759 -28.61 -61.62 -12.26
C ASN G 759 -28.42 -60.41 -11.37
N LEU G 760 -29.22 -59.38 -11.57
CA LEU G 760 -29.11 -58.17 -10.78
C LEU G 760 -29.37 -58.43 -9.31
N GLN G 761 -28.44 -58.01 -8.45
CA GLN G 761 -28.58 -58.19 -7.00
C GLN G 761 -28.69 -56.86 -6.27
N LYS G 762 -27.94 -55.86 -6.71
CA LYS G 762 -28.00 -54.56 -6.08
C LYS G 762 -28.31 -53.49 -7.10
N LEU G 763 -29.36 -52.73 -6.87
CA LEU G 763 -29.75 -51.69 -7.81
C LEU G 763 -29.69 -50.29 -7.18
N GLY G 764 -28.68 -49.53 -7.59
CA GLY G 764 -28.40 -48.23 -6.99
C GLY G 764 -29.12 -47.05 -7.64
N LEU G 765 -30.44 -47.12 -7.70
CA LEU G 765 -31.23 -46.02 -8.25
C LEU G 765 -31.42 -44.94 -7.22
N VAL G 766 -30.34 -44.27 -6.87
CA VAL G 766 -30.34 -43.37 -5.73
C VAL G 766 -30.90 -42.00 -6.14
N ASN G 767 -30.04 -41.04 -6.39
CA ASN G 767 -30.53 -39.71 -6.70
C ASN G 767 -30.90 -39.60 -8.17
N SER G 768 -31.91 -40.35 -8.58
CA SER G 768 -32.33 -40.41 -9.98
C SER G 768 -33.54 -39.53 -10.25
N GLY G 769 -34.03 -38.85 -9.22
CA GLY G 769 -35.17 -37.96 -9.40
C GLY G 769 -36.45 -38.75 -9.65
N LEU G 770 -36.58 -39.89 -8.99
CA LEU G 770 -37.73 -40.76 -9.21
C LEU G 770 -38.94 -40.28 -8.44
N THR G 771 -40.11 -40.57 -8.99
CA THR G 771 -41.37 -40.26 -8.35
C THR G 771 -42.16 -41.55 -8.19
N SER G 772 -43.33 -41.45 -7.59
CA SER G 772 -44.18 -42.62 -7.37
C SER G 772 -44.57 -43.28 -8.68
N VAL G 773 -44.40 -42.56 -9.77
CA VAL G 773 -44.76 -43.06 -11.09
C VAL G 773 -44.05 -44.36 -11.45
N CYS G 774 -42.79 -44.49 -11.05
CA CYS G 774 -42.03 -45.69 -11.40
C CYS G 774 -42.01 -46.72 -10.29
N CYS G 775 -42.70 -46.46 -9.19
CA CYS G 775 -42.66 -47.42 -8.10
C CYS G 775 -43.43 -48.67 -8.43
N SER G 776 -44.39 -48.56 -9.33
CA SER G 776 -45.11 -49.74 -9.77
C SER G 776 -44.20 -50.61 -10.61
N ALA G 777 -43.22 -49.99 -11.26
CA ALA G 777 -42.24 -50.71 -12.05
C ALA G 777 -41.24 -51.40 -11.14
N LEU G 778 -40.84 -50.70 -10.09
CA LEU G 778 -39.93 -51.26 -9.11
C LEU G 778 -40.62 -52.39 -8.36
N SER G 779 -41.91 -52.22 -8.11
CA SER G 779 -42.70 -53.25 -7.45
C SER G 779 -42.70 -54.53 -8.26
N SER G 780 -42.91 -54.39 -9.58
CA SER G 780 -42.90 -55.54 -10.46
C SER G 780 -41.57 -56.27 -10.37
N VAL G 781 -40.48 -55.52 -10.35
CA VAL G 781 -39.16 -56.13 -10.27
C VAL G 781 -38.99 -56.89 -8.96
N LEU G 782 -39.39 -56.27 -7.86
CA LEU G 782 -39.27 -56.88 -6.54
C LEU G 782 -40.07 -58.16 -6.44
N SER G 783 -41.25 -58.18 -7.04
CA SER G 783 -42.13 -59.35 -7.01
C SER G 783 -41.59 -60.53 -7.81
N THR G 784 -40.92 -60.24 -8.93
CA THR G 784 -40.51 -61.31 -9.83
C THR G 784 -39.03 -61.67 -9.76
N ASN G 785 -38.17 -60.68 -9.61
CA ASN G 785 -36.73 -60.93 -9.60
C ASN G 785 -36.27 -61.34 -8.21
N GLN G 786 -36.05 -62.63 -8.03
CA GLN G 786 -35.73 -63.19 -6.73
C GLN G 786 -34.26 -63.03 -6.40
N ASN G 787 -33.51 -62.47 -7.33
CA ASN G 787 -32.09 -62.27 -7.13
C ASN G 787 -31.78 -60.88 -6.62
N LEU G 788 -32.80 -60.02 -6.53
CA LEU G 788 -32.55 -58.65 -6.10
C LEU G 788 -32.60 -58.55 -4.59
N THR G 789 -31.47 -58.21 -3.99
CA THR G 789 -31.38 -58.20 -2.55
C THR G 789 -31.20 -56.82 -1.95
N HIS G 790 -30.71 -55.87 -2.74
CA HIS G 790 -30.51 -54.52 -2.24
C HIS G 790 -31.04 -53.47 -3.21
N LEU G 791 -31.85 -52.56 -2.71
CA LEU G 791 -32.42 -51.50 -3.53
C LEU G 791 -32.25 -50.15 -2.83
N TYR G 792 -31.57 -49.22 -3.49
CA TYR G 792 -31.26 -47.95 -2.87
C TYR G 792 -31.97 -46.79 -3.54
N LEU G 793 -33.00 -46.23 -2.88
CA LEU G 793 -33.82 -45.20 -3.51
C LEU G 793 -33.69 -43.80 -2.90
N ARG G 794 -32.69 -43.57 -2.08
CA ARG G 794 -32.59 -42.26 -1.43
C ARG G 794 -32.27 -41.15 -2.39
N GLY G 795 -32.82 -39.96 -2.13
CA GLY G 795 -32.57 -38.80 -2.97
C GLY G 795 -33.73 -38.59 -3.93
N ASN G 796 -34.60 -39.58 -4.03
CA ASN G 796 -35.78 -39.52 -4.87
C ASN G 796 -36.88 -38.79 -4.15
N THR G 797 -38.03 -38.63 -4.80
CA THR G 797 -39.18 -38.01 -4.15
C THR G 797 -40.40 -38.88 -4.37
N LEU G 798 -40.48 -39.95 -3.61
CA LEU G 798 -41.46 -40.99 -3.86
C LEU G 798 -42.74 -40.72 -3.07
N GLY G 799 -42.57 -40.18 -1.88
CA GLY G 799 -43.70 -39.85 -1.03
C GLY G 799 -44.40 -41.11 -0.54
N ASP G 800 -45.60 -40.93 -0.03
CA ASP G 800 -46.36 -42.06 0.50
C ASP G 800 -46.93 -42.90 -0.62
N LYS G 801 -47.21 -42.26 -1.76
CA LYS G 801 -47.74 -43.00 -2.90
C LYS G 801 -46.72 -44.02 -3.38
N GLY G 802 -45.46 -43.60 -3.44
CA GLY G 802 -44.41 -44.49 -3.87
C GLY G 802 -44.24 -45.66 -2.91
N ILE G 803 -44.32 -45.38 -1.61
CA ILE G 803 -44.19 -46.45 -0.62
C ILE G 803 -45.31 -47.46 -0.78
N LYS G 804 -46.53 -46.98 -0.98
CA LYS G 804 -47.65 -47.91 -1.13
C LYS G 804 -47.41 -48.83 -2.30
N LEU G 805 -46.97 -48.27 -3.42
CA LEU G 805 -46.71 -49.06 -4.61
C LEU G 805 -45.56 -50.05 -4.41
N LEU G 806 -44.50 -49.61 -3.73
CA LEU G 806 -43.39 -50.51 -3.47
C LEU G 806 -43.83 -51.65 -2.57
N CYS G 807 -44.66 -51.34 -1.59
CA CYS G 807 -45.13 -52.36 -0.65
C CYS G 807 -45.91 -53.46 -1.36
N GLU G 808 -46.59 -53.13 -2.44
CA GLU G 808 -47.30 -54.17 -3.17
C GLU G 808 -46.34 -55.25 -3.63
N GLY G 809 -45.11 -54.85 -3.96
CA GLY G 809 -44.08 -55.79 -4.40
C GLY G 809 -43.32 -56.39 -3.21
N LEU G 810 -42.98 -55.54 -2.25
CA LEU G 810 -42.18 -55.96 -1.11
C LEU G 810 -42.92 -56.99 -0.27
N LEU G 811 -44.24 -56.89 -0.24
CA LEU G 811 -45.08 -57.80 0.53
C LEU G 811 -45.36 -59.09 -0.21
N HIS G 812 -44.88 -59.18 -1.45
CA HIS G 812 -45.08 -60.36 -2.27
C HIS G 812 -44.30 -61.53 -1.68
N PRO G 813 -44.88 -62.74 -1.60
CA PRO G 813 -44.29 -63.94 -1.03
C PRO G 813 -42.98 -64.36 -1.70
N ASP G 814 -42.76 -63.94 -2.94
CA ASP G 814 -41.53 -64.32 -3.64
C ASP G 814 -40.51 -63.19 -3.66
N CYS G 815 -40.77 -62.11 -2.92
CA CYS G 815 -39.80 -61.02 -2.88
C CYS G 815 -38.66 -61.39 -1.95
N LYS G 816 -37.43 -61.22 -2.42
CA LYS G 816 -36.27 -61.59 -1.63
C LYS G 816 -35.44 -60.38 -1.20
N LEU G 817 -35.98 -59.18 -1.36
CA LEU G 817 -35.22 -57.98 -1.02
C LEU G 817 -34.82 -58.02 0.44
N GLN G 818 -33.55 -57.76 0.71
CA GLN G 818 -33.05 -57.75 2.09
C GLN G 818 -32.85 -56.34 2.59
N VAL G 819 -32.29 -55.48 1.75
CA VAL G 819 -32.03 -54.13 2.16
C VAL G 819 -32.74 -53.10 1.32
N LEU G 820 -33.57 -52.32 1.96
CA LEU G 820 -34.26 -51.23 1.27
C LEU G 820 -33.85 -49.90 1.88
N GLU G 821 -33.24 -49.04 1.08
CA GLU G 821 -32.83 -47.74 1.58
C GLU G 821 -33.77 -46.65 1.15
N LEU G 822 -34.37 -45.97 2.12
CA LEU G 822 -35.34 -44.92 1.87
C LEU G 822 -35.05 -43.71 2.74
N ASP G 823 -33.97 -43.01 2.44
CA ASP G 823 -33.58 -41.89 3.26
C ASP G 823 -34.34 -40.65 2.82
N ASN G 824 -33.68 -39.74 2.15
CA ASN G 824 -34.40 -38.57 1.67
C ASN G 824 -35.23 -38.95 0.46
N CYS G 825 -36.42 -39.51 0.72
CA CYS G 825 -37.36 -39.92 -0.32
C CYS G 825 -38.62 -39.09 -0.25
N ASN G 826 -38.54 -37.96 0.46
CA ASN G 826 -39.67 -37.07 0.64
C ASN G 826 -40.87 -37.78 1.25
N LEU G 827 -40.62 -38.59 2.28
CA LEU G 827 -41.70 -39.32 2.93
C LEU G 827 -42.33 -38.53 4.06
N THR G 828 -43.59 -38.84 4.33
CA THR G 828 -44.33 -38.23 5.42
C THR G 828 -44.89 -39.32 6.31
N SER G 829 -45.50 -38.94 7.42
CA SER G 829 -46.06 -39.89 8.37
C SER G 829 -47.20 -40.72 7.78
N HIS G 830 -47.72 -40.29 6.64
CA HIS G 830 -48.84 -40.98 6.01
C HIS G 830 -48.43 -42.33 5.42
N CYS G 831 -47.12 -42.56 5.32
CA CYS G 831 -46.64 -43.82 4.76
C CYS G 831 -46.34 -44.84 5.85
N CYS G 832 -46.48 -44.45 7.11
CA CYS G 832 -46.12 -45.31 8.21
C CYS G 832 -47.00 -46.54 8.31
N TRP G 833 -48.26 -46.43 7.92
CA TRP G 833 -49.15 -47.58 7.98
C TRP G 833 -48.64 -48.69 7.09
N ASP G 834 -48.15 -48.32 5.92
CA ASP G 834 -47.69 -49.30 4.95
C ASP G 834 -46.31 -49.81 5.30
N LEU G 835 -45.47 -48.94 5.86
CA LEU G 835 -44.17 -49.36 6.33
C LEU G 835 -44.33 -50.28 7.52
N SER G 836 -45.31 -49.99 8.37
CA SER G 836 -45.57 -50.83 9.54
C SER G 836 -45.99 -52.21 9.11
N THR G 837 -46.81 -52.28 8.06
CA THR G 837 -47.21 -53.57 7.51
C THR G 837 -45.99 -54.29 6.95
N LEU G 838 -45.15 -53.56 6.23
CA LEU G 838 -43.94 -54.11 5.64
C LEU G 838 -43.06 -54.79 6.67
N LEU G 839 -42.88 -54.15 7.81
CA LEU G 839 -41.98 -54.63 8.85
C LEU G 839 -42.36 -56.00 9.40
N THR G 840 -43.65 -56.34 9.46
CA THR G 840 -44.02 -57.63 10.01
C THR G 840 -44.52 -58.62 8.97
N SER G 841 -44.96 -58.12 7.81
CA SER G 841 -45.46 -59.00 6.78
C SER G 841 -44.36 -59.57 5.90
N SER G 842 -43.33 -58.76 5.61
CA SER G 842 -42.24 -59.23 4.77
C SER G 842 -41.36 -60.19 5.56
N GLN G 843 -40.99 -61.29 4.93
CA GLN G 843 -40.16 -62.28 5.59
C GLN G 843 -38.70 -62.16 5.18
N SER G 844 -38.47 -61.50 4.04
CA SER G 844 -37.15 -61.40 3.46
C SER G 844 -36.40 -60.15 3.89
N LEU G 845 -37.13 -59.09 4.21
CA LEU G 845 -36.50 -57.82 4.53
C LEU G 845 -35.66 -57.97 5.80
N ARG G 846 -34.46 -57.41 5.78
CA ARG G 846 -33.57 -57.45 6.92
C ARG G 846 -33.25 -56.06 7.40
N LYS G 847 -33.12 -55.12 6.47
CA LYS G 847 -32.76 -53.74 6.78
C LYS G 847 -33.74 -52.78 6.14
N LEU G 848 -34.00 -51.66 6.81
CA LEU G 848 -34.87 -50.65 6.24
C LEU G 848 -34.39 -49.28 6.65
N SER G 849 -33.62 -48.64 5.78
CA SER G 849 -32.99 -47.39 6.16
C SER G 849 -33.86 -46.19 5.93
N LEU G 850 -34.90 -46.05 6.74
CA LEU G 850 -35.70 -44.84 6.70
C LEU G 850 -34.80 -43.75 7.22
N GLY G 851 -34.80 -42.59 6.58
CA GLY G 851 -33.83 -41.57 6.99
C GLY G 851 -34.37 -40.16 7.03
N ASN G 852 -33.68 -39.28 6.33
CA ASN G 852 -33.94 -37.84 6.37
C ASN G 852 -35.24 -37.48 5.70
N ASN G 853 -36.34 -37.70 6.40
CA ASN G 853 -37.68 -37.40 5.92
C ASN G 853 -38.56 -36.98 7.10
N ASP G 854 -39.84 -36.64 6.83
CA ASP G 854 -40.71 -36.20 7.91
C ASP G 854 -41.67 -37.32 8.35
N LEU G 855 -41.10 -38.35 8.96
CA LEU G 855 -41.92 -39.52 9.29
C LEU G 855 -42.75 -39.32 10.53
N GLY G 856 -42.40 -38.34 11.37
CA GLY G 856 -43.18 -38.01 12.54
C GLY G 856 -42.87 -38.91 13.74
N ASP G 857 -43.35 -38.47 14.90
CA ASP G 857 -43.21 -39.22 16.15
C ASP G 857 -44.26 -40.31 16.23
N LEU G 858 -45.50 -39.95 15.97
CA LEU G 858 -46.60 -40.90 16.03
C LEU G 858 -46.40 -41.97 14.98
N GLY G 859 -45.81 -41.59 13.86
CA GLY G 859 -45.52 -42.52 12.79
C GLY G 859 -44.56 -43.60 13.27
N VAL G 860 -43.41 -43.19 13.79
CA VAL G 860 -42.40 -44.14 14.26
C VAL G 860 -42.90 -45.03 15.38
N MET G 861 -43.72 -44.50 16.26
CA MET G 861 -44.25 -45.32 17.34
C MET G 861 -44.96 -46.56 16.82
N MET G 862 -45.48 -46.49 15.60
CA MET G 862 -46.16 -47.62 15.00
C MET G 862 -45.16 -48.74 14.75
N PHE G 863 -43.91 -48.37 14.45
CA PHE G 863 -42.89 -49.35 14.16
C PHE G 863 -42.55 -50.09 15.43
N CYS G 864 -42.43 -49.34 16.52
CA CYS G 864 -42.10 -49.97 17.79
C CYS G 864 -43.11 -51.07 18.11
N GLU G 865 -44.38 -50.74 17.97
CA GLU G 865 -45.43 -51.69 18.32
C GLU G 865 -45.39 -52.95 17.45
N VAL G 866 -45.15 -52.79 16.15
CA VAL G 866 -45.16 -53.94 15.26
C VAL G 866 -43.84 -54.72 15.30
N LEU G 867 -42.71 -54.04 15.45
CA LEU G 867 -41.42 -54.71 15.45
C LEU G 867 -41.31 -55.72 16.57
N LYS G 868 -41.89 -55.38 17.72
CA LYS G 868 -41.89 -56.28 18.86
C LYS G 868 -42.60 -57.61 18.54
N GLN G 869 -43.48 -57.61 17.54
CA GLN G 869 -44.22 -58.81 17.18
C GLN G 869 -43.44 -59.69 16.22
N GLN G 870 -42.30 -60.18 16.68
CA GLN G 870 -41.44 -61.09 15.93
C GLN G 870 -41.07 -60.60 14.51
N SER G 871 -40.73 -59.34 14.36
CA SER G 871 -40.28 -58.85 13.06
C SER G 871 -38.91 -59.41 12.73
N CYS G 872 -38.66 -59.65 11.46
CA CYS G 872 -37.39 -60.21 11.02
C CYS G 872 -36.41 -59.12 10.62
N LEU G 873 -36.74 -57.86 10.92
CA LEU G 873 -35.84 -56.77 10.58
C LEU G 873 -34.75 -56.70 11.62
N LEU G 874 -33.78 -57.59 11.52
CA LEU G 874 -32.67 -57.65 12.47
C LEU G 874 -31.65 -56.53 12.21
N GLN G 875 -31.61 -56.03 10.99
CA GLN G 875 -30.65 -55.00 10.66
C GLN G 875 -31.22 -53.63 10.99
N ASN G 876 -30.46 -52.59 10.71
CA ASN G 876 -30.80 -51.24 11.12
C ASN G 876 -32.18 -50.78 10.65
N LEU G 877 -32.87 -50.06 11.54
CA LEU G 877 -34.18 -49.47 11.26
C LEU G 877 -34.04 -48.08 10.69
N GLY G 878 -32.84 -47.52 10.80
CA GLY G 878 -32.59 -46.17 10.32
C GLY G 878 -33.18 -45.10 11.23
N LEU G 879 -33.97 -44.21 10.65
CA LEU G 879 -34.54 -43.07 11.34
C LEU G 879 -33.47 -42.06 11.72
N SER G 880 -32.36 -42.08 10.98
CA SER G 880 -31.29 -41.12 11.20
C SER G 880 -31.65 -39.78 10.60
N GLU G 881 -30.96 -38.72 11.04
CA GLU G 881 -31.18 -37.37 10.55
C GLU G 881 -32.61 -36.87 10.80
N MET G 882 -33.37 -37.66 11.55
CA MET G 882 -34.75 -37.38 11.85
C MET G 882 -34.94 -37.28 13.35
N TYR G 883 -35.51 -36.18 13.80
CA TYR G 883 -35.62 -35.92 15.23
C TYR G 883 -37.01 -36.18 15.76
N PHE G 884 -37.07 -36.71 16.97
CA PHE G 884 -38.32 -37.04 17.61
C PHE G 884 -38.40 -36.44 19.00
N ASN G 885 -39.50 -36.67 19.68
CA ASN G 885 -39.66 -36.23 21.06
C ASN G 885 -39.06 -37.25 22.02
N TYR G 886 -39.12 -36.95 23.30
CA TYR G 886 -38.59 -37.84 24.32
C TYR G 886 -39.25 -39.21 24.31
N GLU G 887 -40.58 -39.22 24.28
CA GLU G 887 -41.31 -40.47 24.38
C GLU G 887 -40.97 -41.44 23.25
N THR G 888 -40.81 -40.91 22.05
CA THR G 888 -40.45 -41.74 20.90
C THR G 888 -39.05 -42.30 21.07
N LYS G 889 -38.11 -41.45 21.49
CA LYS G 889 -36.75 -41.90 21.71
C LYS G 889 -36.71 -42.97 22.79
N SER G 890 -37.48 -42.76 23.85
CA SER G 890 -37.53 -43.71 24.94
C SER G 890 -38.07 -45.04 24.47
N ALA G 891 -39.13 -45.00 23.66
CA ALA G 891 -39.71 -46.22 23.13
C ALA G 891 -38.72 -46.96 22.25
N LEU G 892 -37.97 -46.23 21.43
CA LEU G 892 -36.99 -46.86 20.56
C LEU G 892 -35.85 -47.47 21.37
N GLU G 893 -35.40 -46.77 22.41
CA GLU G 893 -34.36 -47.33 23.25
C GLU G 893 -34.85 -48.57 23.96
N THR G 894 -36.09 -48.52 24.42
CA THR G 894 -36.69 -49.66 25.09
C THR G 894 -36.76 -50.83 24.13
N LEU G 895 -37.17 -50.55 22.89
CA LEU G 895 -37.26 -51.55 21.85
C LEU G 895 -35.92 -52.25 21.64
N GLN G 896 -34.85 -51.46 21.57
CA GLN G 896 -33.52 -52.02 21.37
C GLN G 896 -33.11 -52.92 22.55
N GLU G 897 -33.52 -52.55 23.75
CA GLU G 897 -33.22 -53.36 24.94
C GLU G 897 -34.04 -54.64 24.98
N GLU G 898 -35.31 -54.54 24.64
CA GLU G 898 -36.23 -55.68 24.68
C GLU G 898 -36.04 -56.61 23.50
N LYS G 899 -35.63 -56.06 22.37
CA LYS G 899 -35.43 -56.81 21.15
C LYS G 899 -33.99 -56.65 20.65
N PRO G 900 -33.01 -57.25 21.33
CA PRO G 900 -31.57 -57.04 21.17
C PRO G 900 -31.06 -57.45 19.80
N GLU G 901 -31.84 -58.28 19.09
CA GLU G 901 -31.45 -58.69 17.76
C GLU G 901 -31.67 -57.58 16.76
N LEU G 902 -32.40 -56.53 17.17
CA LEU G 902 -32.64 -55.39 16.31
C LEU G 902 -31.41 -54.54 16.34
N THR G 903 -30.46 -54.89 15.49
CA THR G 903 -29.11 -54.34 15.52
C THR G 903 -29.06 -52.97 16.15
N VAL G 904 -29.47 -51.96 15.40
CA VAL G 904 -29.50 -50.60 15.89
C VAL G 904 -30.63 -49.84 15.22
N VAL G 905 -31.32 -48.98 15.95
CA VAL G 905 -32.22 -48.08 15.27
C VAL G 905 -31.41 -46.95 14.65
N PHE G 906 -30.67 -46.24 15.50
CA PHE G 906 -29.73 -45.19 15.13
C PHE G 906 -30.38 -43.82 14.93
N GLU G 907 -30.84 -43.25 16.05
CA GLU G 907 -31.38 -41.89 16.07
C GLU G 907 -30.21 -40.92 15.98
N PRO G 908 -30.41 -39.70 15.47
CA PRO G 908 -29.40 -38.64 15.35
C PRO G 908 -28.86 -38.08 16.67
N SER G 909 -29.63 -38.23 17.76
CA SER G 909 -29.29 -37.70 19.09
C SER G 909 -30.38 -38.07 20.10
N LYS H 7 74.57 29.01 24.85
CA LYS H 7 75.06 29.28 23.50
C LYS H 7 74.22 28.50 22.48
N LYS H 8 74.44 28.79 21.19
CA LYS H 8 73.74 28.15 20.08
C LYS H 8 74.70 27.42 19.16
N ASP H 9 74.18 26.42 18.45
CA ASP H 9 74.96 25.67 17.48
C ASP H 9 75.20 26.51 16.24
N TYR H 10 76.23 26.16 15.48
CA TYR H 10 76.60 26.86 14.26
C TYR H 10 76.18 26.09 13.01
N ARG H 11 76.03 24.77 13.15
CA ARG H 11 75.71 23.95 11.99
C ARG H 11 74.47 24.49 11.26
N LYS H 12 73.47 24.91 12.04
CA LYS H 12 72.24 25.46 11.49
C LYS H 12 72.46 26.82 10.83
N LYS H 13 73.35 27.61 11.41
CA LYS H 13 73.63 28.95 10.92
C LYS H 13 74.35 28.88 9.58
N TYR H 14 75.30 27.95 9.48
CA TYR H 14 76.02 27.73 8.24
C TYR H 14 75.07 27.27 7.14
N ARG H 15 74.20 26.30 7.45
CA ARG H 15 73.24 25.81 6.47
C ARG H 15 72.34 26.93 5.97
N LYS H 16 71.88 27.81 6.88
CA LYS H 16 71.03 28.93 6.49
C LYS H 16 71.77 29.84 5.51
N TYR H 17 73.02 30.17 5.83
CA TYR H 17 73.88 30.97 4.98
C TYR H 17 74.01 30.34 3.61
N VAL H 18 74.30 29.05 3.59
CA VAL H 18 74.45 28.32 2.35
C VAL H 18 73.16 28.32 1.53
N ARG H 19 72.02 28.09 2.18
CA ARG H 19 70.76 28.07 1.44
C ARG H 19 70.55 29.39 0.72
N SER H 20 70.82 30.49 1.42
CA SER H 20 70.65 31.82 0.84
C SER H 20 71.59 32.09 -0.32
N ARG H 21 72.87 31.76 -0.16
CA ARG H 21 73.88 32.08 -1.17
C ARG H 21 73.89 31.12 -2.35
N PHE H 22 73.54 29.85 -2.12
CA PHE H 22 73.59 28.86 -3.19
C PHE H 22 72.21 28.60 -3.78
N GLN H 23 71.26 29.46 -3.44
CA GLN H 23 69.90 29.37 -3.96
C GLN H 23 69.87 29.59 -5.47
N CYS H 24 70.76 30.45 -5.95
CA CYS H 24 70.83 30.77 -7.37
C CYS H 24 71.99 30.07 -8.06
N ILE H 25 71.87 29.85 -9.36
CA ILE H 25 72.89 29.14 -10.11
C ILE H 25 74.23 29.86 -10.13
N GLU H 26 74.20 31.17 -10.38
CA GLU H 26 75.43 31.94 -10.46
C GLU H 26 75.69 32.82 -9.25
N ASP H 27 74.64 33.27 -8.57
CA ASP H 27 74.78 34.21 -7.46
C ASP H 27 75.50 35.48 -7.94
N ARG H 28 75.10 35.98 -9.10
CA ARG H 28 75.69 37.17 -9.70
C ARG H 28 74.63 38.09 -10.25
N ASN H 29 75.04 39.33 -10.55
CA ASN H 29 74.13 40.32 -11.11
C ASN H 29 74.06 40.21 -12.64
N ALA H 30 73.32 41.12 -13.25
CA ALA H 30 73.10 41.18 -14.70
C ALA H 30 72.33 39.96 -15.22
N ARG H 31 71.71 39.22 -14.32
CA ARG H 31 70.91 38.06 -14.71
C ARG H 31 69.50 38.46 -15.12
N LEU H 32 69.39 39.09 -16.29
CA LEU H 32 68.10 39.52 -16.82
C LEU H 32 67.32 40.38 -15.82
N GLY H 33 67.94 41.48 -15.38
CA GLY H 33 67.31 42.34 -14.38
C GLY H 33 67.54 41.83 -12.97
N GLU H 34 68.61 41.05 -12.80
CA GLU H 34 68.97 40.46 -11.51
C GLU H 34 67.83 39.63 -10.92
N SER H 35 67.26 38.78 -11.75
CA SER H 35 66.18 37.90 -11.34
C SER H 35 66.72 36.64 -10.69
N VAL H 36 65.84 35.87 -10.06
CA VAL H 36 66.23 34.60 -9.45
C VAL H 36 66.39 33.56 -10.55
N SER H 37 67.52 32.84 -10.55
CA SER H 37 67.81 31.87 -11.59
C SER H 37 66.88 30.67 -11.55
N LEU H 38 66.34 30.38 -10.37
CA LEU H 38 65.36 29.31 -10.18
C LEU H 38 65.95 27.93 -10.46
N ASN H 39 66.53 27.31 -9.43
CA ASN H 39 67.17 25.99 -9.58
C ASN H 39 66.17 24.87 -9.87
N LYS H 40 64.88 25.19 -9.82
CA LYS H 40 63.86 24.21 -10.14
C LYS H 40 63.94 23.78 -11.60
N ARG H 41 64.64 24.59 -12.42
CA ARG H 41 64.83 24.27 -13.84
C ARG H 41 65.94 23.24 -14.04
N TYR H 42 66.71 22.98 -12.98
CA TYR H 42 67.85 22.07 -13.05
C TYR H 42 67.40 20.64 -13.29
N THR H 43 68.06 19.97 -14.23
CA THR H 43 67.77 18.58 -14.48
C THR H 43 68.83 17.73 -13.82
N ARG H 44 68.42 16.72 -13.06
CA ARG H 44 69.36 15.91 -12.32
C ARG H 44 70.38 15.24 -13.24
N LEU H 45 71.65 15.39 -12.90
CA LEU H 45 72.72 14.80 -13.66
C LEU H 45 72.83 13.32 -13.30
N ARG H 46 72.91 12.47 -14.31
CA ARG H 46 72.99 11.04 -14.09
C ARG H 46 74.43 10.57 -14.12
N LEU H 47 74.78 9.63 -13.24
CA LEU H 47 76.14 9.13 -13.12
C LEU H 47 76.25 7.63 -13.31
N ILE H 48 77.39 7.19 -13.83
CA ILE H 48 77.75 5.78 -13.92
C ILE H 48 79.05 5.52 -13.15
N LYS H 49 79.04 4.55 -12.24
CA LYS H 49 80.25 4.25 -11.48
C LYS H 49 81.31 3.63 -12.40
N GLU H 50 82.55 4.15 -12.34
CA GLU H 50 83.68 3.65 -13.14
C GLU H 50 84.20 2.34 -12.56
N SER H 75 76.32 0.79 -14.22
CA SER H 75 76.19 1.10 -12.80
C SER H 75 75.57 2.51 -12.60
N PRO H 76 74.26 2.69 -12.89
CA PRO H 76 73.54 3.97 -12.89
C PRO H 76 73.23 4.46 -11.48
N ILE H 77 74.27 4.84 -10.77
CA ILE H 77 74.20 5.30 -9.38
C ILE H 77 73.50 6.66 -9.26
N LYS H 78 73.08 6.97 -8.03
CA LYS H 78 72.44 8.23 -7.70
C LYS H 78 73.39 9.13 -6.91
N MET H 79 72.94 10.35 -6.62
CA MET H 79 73.75 11.30 -5.85
C MET H 79 73.91 10.85 -4.41
N GLU H 80 72.94 10.08 -3.92
CA GLU H 80 73.01 9.50 -2.59
C GLU H 80 73.83 8.23 -2.62
N LEU H 81 74.38 7.85 -1.47
CA LEU H 81 75.20 6.64 -1.35
C LEU H 81 76.50 6.80 -2.12
N LEU H 82 76.85 8.05 -2.41
CA LEU H 82 78.03 8.40 -3.18
C LEU H 82 79.32 8.17 -2.41
N PHE H 83 79.27 8.34 -1.09
CA PHE H 83 80.45 8.17 -0.25
C PHE H 83 80.35 6.90 0.59
N ASP H 84 79.24 6.20 0.47
CA ASP H 84 79.00 5.00 1.25
C ASP H 84 79.86 3.83 0.76
N PRO H 85 80.14 2.85 1.63
CA PRO H 85 80.66 1.54 1.32
C PRO H 85 79.70 0.82 0.39
N ASP H 86 80.23 -0.06 -0.46
CA ASP H 86 79.37 -0.79 -1.39
C ASP H 86 79.05 -2.20 -0.88
N ASP H 87 78.94 -3.14 -1.80
CA ASP H 87 78.48 -4.49 -1.50
C ASP H 87 79.37 -5.27 -0.52
N GLU H 88 80.66 -4.92 -0.45
CA GLU H 88 81.57 -5.68 0.42
C GLU H 88 82.64 -4.77 1.04
N HIS H 89 83.46 -5.35 1.91
CA HIS H 89 84.58 -4.67 2.58
C HIS H 89 84.14 -3.65 3.64
N SER H 90 82.97 -3.04 3.43
CA SER H 90 82.43 -2.03 4.33
C SER H 90 83.42 -0.88 4.53
N GLU H 91 84.07 -0.48 3.44
CA GLU H 91 85.04 0.61 3.46
C GLU H 91 84.44 1.89 2.88
N PRO H 92 84.33 2.97 3.67
CA PRO H 92 83.85 4.29 3.30
C PRO H 92 84.73 4.91 2.22
N VAL H 93 84.12 5.75 1.40
CA VAL H 93 84.84 6.46 0.34
C VAL H 93 85.12 7.89 0.75
N HIS H 94 86.39 8.25 0.82
CA HIS H 94 86.75 9.60 1.22
C HIS H 94 86.65 10.58 0.06
N THR H 95 87.09 10.15 -1.12
CA THR H 95 87.12 11.06 -2.26
C THR H 95 86.38 10.50 -3.46
N VAL H 96 85.57 11.38 -4.06
CA VAL H 96 84.81 11.06 -5.27
C VAL H 96 85.14 12.05 -6.39
N VAL H 97 85.48 11.53 -7.57
CA VAL H 97 85.85 12.40 -8.70
C VAL H 97 84.85 12.28 -9.86
N PHE H 98 84.37 13.43 -10.34
CA PHE H 98 83.41 13.52 -11.43
C PHE H 98 84.04 13.82 -12.78
N GLN H 99 83.88 12.89 -13.71
CA GLN H 99 84.41 13.00 -15.06
C GLN H 99 83.31 13.21 -16.10
N GLY H 100 83.66 13.81 -17.23
CA GLY H 100 82.73 14.02 -18.33
C GLY H 100 83.26 15.04 -19.34
N ALA H 101 82.52 15.22 -20.43
CA ALA H 101 82.90 16.13 -21.50
C ALA H 101 82.87 17.58 -21.02
N ALA H 102 83.68 18.43 -21.65
CA ALA H 102 83.66 19.85 -21.36
C ALA H 102 82.38 20.47 -21.92
N GLY H 103 81.87 21.51 -21.24
CA GLY H 103 80.67 22.20 -21.69
C GLY H 103 79.39 21.67 -21.04
N ILE H 104 79.53 20.94 -19.93
CA ILE H 104 78.37 20.36 -19.25
C ILE H 104 77.78 21.28 -18.19
N GLY H 105 78.65 21.92 -17.41
CA GLY H 105 78.19 22.75 -16.30
C GLY H 105 78.31 22.01 -14.98
N LYS H 106 79.44 21.33 -14.78
CA LYS H 106 79.70 20.62 -13.53
C LYS H 106 79.81 21.59 -12.35
N THR H 107 80.05 22.86 -12.67
CA THR H 107 80.08 23.92 -11.67
C THR H 107 78.68 24.14 -11.10
N ILE H 108 77.66 23.90 -11.92
CA ILE H 108 76.29 24.07 -11.46
C ILE H 108 75.99 22.95 -10.49
N LEU H 109 76.43 21.74 -10.84
CA LEU H 109 76.24 20.58 -9.99
C LEU H 109 76.84 20.82 -8.61
N ALA H 110 78.09 21.29 -8.57
CA ALA H 110 78.76 21.48 -7.29
C ALA H 110 77.97 22.45 -6.40
N ARG H 111 77.44 23.51 -7.00
CA ARG H 111 76.66 24.49 -6.25
C ARG H 111 75.29 23.92 -5.85
N LYS H 112 74.69 23.13 -6.75
CA LYS H 112 73.40 22.51 -6.48
C LYS H 112 73.50 21.49 -5.36
N MET H 113 74.58 20.69 -5.35
CA MET H 113 74.74 19.68 -4.32
C MET H 113 74.79 20.33 -2.95
N MET H 114 75.52 21.43 -2.86
CA MET H 114 75.58 22.16 -1.61
C MET H 114 74.22 22.70 -1.19
N LEU H 115 73.45 23.19 -2.14
CA LEU H 115 72.12 23.69 -1.82
C LEU H 115 71.21 22.56 -1.33
N ASP H 116 71.23 21.42 -2.02
CA ASP H 116 70.38 20.30 -1.65
C ASP H 116 70.73 19.79 -0.26
N TRP H 117 72.02 19.84 0.08
CA TRP H 117 72.45 19.49 1.42
C TRP H 117 71.94 20.50 2.46
N ALA H 118 72.13 21.79 2.17
CA ALA H 118 71.73 22.85 3.11
C ALA H 118 70.21 22.81 3.34
N SER H 119 69.47 22.39 2.32
CA SER H 119 68.02 22.24 2.38
C SER H 119 67.60 20.96 3.10
N GLY H 120 68.57 20.12 3.43
CA GLY H 120 68.33 18.87 4.16
C GLY H 120 67.84 17.71 3.30
N THR H 121 68.14 17.72 2.01
CA THR H 121 67.68 16.63 1.16
C THR H 121 68.83 15.72 0.71
N LEU H 122 70.05 16.25 0.70
CA LEU H 122 71.20 15.47 0.23
C LEU H 122 72.29 15.33 1.30
N TYR H 123 72.61 14.08 1.66
CA TYR H 123 73.63 13.78 2.67
C TYR H 123 73.31 14.38 4.03
N GLN H 124 72.04 14.49 4.38
CA GLN H 124 71.64 15.14 5.63
C GLN H 124 72.18 14.43 6.87
N ASP H 125 72.29 13.12 6.82
CA ASP H 125 72.76 12.35 7.96
C ASP H 125 74.22 11.94 7.83
N ARG H 126 74.93 12.50 6.84
CA ARG H 126 76.32 12.12 6.62
C ARG H 126 77.30 13.25 6.89
N PHE H 127 76.93 14.49 6.57
CA PHE H 127 77.89 15.58 6.79
C PHE H 127 77.27 16.71 7.62
N ASP H 128 78.06 17.23 8.56
CA ASP H 128 77.65 18.37 9.36
C ASP H 128 77.94 19.67 8.63
N TYR H 129 79.01 19.66 7.83
CA TYR H 129 79.34 20.82 7.00
C TYR H 129 79.81 20.42 5.62
N LEU H 130 79.46 21.24 4.64
CA LEU H 130 80.07 21.15 3.31
C LEU H 130 80.82 22.43 3.05
N PHE H 131 82.00 22.33 2.47
CA PHE H 131 82.77 23.54 2.20
C PHE H 131 83.07 23.67 0.71
N TYR H 132 82.59 24.76 0.12
CA TYR H 132 82.73 24.96 -1.31
C TYR H 132 84.05 25.66 -1.67
N ILE H 133 84.80 25.02 -2.55
CA ILE H 133 86.08 25.55 -3.03
C ILE H 133 85.95 25.96 -4.48
N HIS H 134 86.04 27.26 -4.74
CA HIS H 134 85.90 27.74 -6.10
C HIS H 134 87.29 27.88 -6.71
N CYS H 135 87.67 26.92 -7.55
CA CYS H 135 89.06 26.83 -8.00
C CYS H 135 89.49 28.04 -8.83
N ARG H 136 88.52 28.79 -9.36
CA ARG H 136 88.81 29.97 -10.14
C ARG H 136 89.28 31.11 -9.24
N GLU H 137 88.99 30.99 -7.95
CA GLU H 137 89.37 32.00 -6.97
C GLU H 137 90.60 31.55 -6.19
N VAL H 138 90.81 30.24 -6.12
CA VAL H 138 91.93 29.69 -5.38
C VAL H 138 93.26 29.98 -6.06
N SER H 139 94.17 30.57 -5.30
CA SER H 139 95.51 30.87 -5.75
C SER H 139 96.48 29.88 -5.14
N LEU H 140 97.22 29.20 -6.00
CA LEU H 140 98.12 28.14 -5.56
C LEU H 140 99.50 28.66 -5.17
N VAL H 141 99.74 29.94 -5.41
CA VAL H 141 101.08 30.49 -5.21
C VAL H 141 101.19 31.38 -3.98
N THR H 142 100.15 31.44 -3.16
CA THR H 142 100.19 32.23 -1.95
C THR H 142 100.28 31.33 -0.73
N GLN H 143 100.68 31.91 0.41
CA GLN H 143 100.79 31.15 1.66
C GLN H 143 99.67 31.49 2.63
N ARG H 144 98.95 30.46 3.07
CA ARG H 144 97.86 30.67 4.01
C ARG H 144 97.56 29.41 4.82
N SER H 145 96.94 29.59 5.97
CA SER H 145 96.42 28.49 6.77
C SER H 145 95.13 28.05 6.11
N LEU H 146 94.52 26.98 6.59
CA LEU H 146 93.28 26.55 5.95
C LEU H 146 92.13 27.45 6.38
N GLY H 147 92.14 28.67 5.86
CA GLY H 147 91.15 29.69 6.18
C GLY H 147 89.97 29.56 5.24
N ASP H 148 90.04 28.60 4.34
CA ASP H 148 88.98 28.35 3.37
C ASP H 148 87.72 27.93 4.12
N LEU H 149 87.92 27.34 5.30
CA LEU H 149 86.85 26.93 6.19
C LEU H 149 86.12 28.15 6.77
N ILE H 150 86.79 29.29 6.78
CA ILE H 150 86.23 30.53 7.32
C ILE H 150 85.67 31.37 6.18
N MET H 151 86.44 31.50 5.10
CA MET H 151 86.07 32.32 3.95
C MET H 151 84.81 31.80 3.26
N SER H 152 84.61 30.49 3.30
CA SER H 152 83.46 29.84 2.70
C SER H 152 82.21 29.93 3.58
N CYS H 153 82.33 30.52 4.76
CA CYS H 153 81.24 30.59 5.71
C CYS H 153 80.63 31.99 5.83
N CYS H 154 79.86 32.19 6.90
CA CYS H 154 79.13 33.43 7.13
C CYS H 154 80.10 34.61 7.24
N PRO H 155 79.63 35.85 7.00
CA PRO H 155 80.33 37.11 7.20
C PRO H 155 80.89 37.23 8.61
N ASP H 156 80.30 36.51 9.56
CA ASP H 156 80.73 36.52 10.94
C ASP H 156 82.18 36.05 11.03
N PRO H 157 83.11 36.92 11.47
CA PRO H 157 84.54 36.73 11.46
C PRO H 157 85.05 35.67 12.44
N ASN H 158 84.18 35.20 13.34
CA ASN H 158 84.63 34.24 14.35
C ASN H 158 83.74 33.00 14.47
N PRO H 159 83.71 32.13 13.45
CA PRO H 159 83.02 30.85 13.44
C PRO H 159 83.78 29.88 14.33
N PRO H 160 83.14 28.79 14.77
CA PRO H 160 83.70 27.74 15.60
C PRO H 160 84.62 26.85 14.79
N ILE H 161 85.72 27.44 14.34
CA ILE H 161 86.70 26.79 13.47
C ILE H 161 87.36 25.58 14.13
N HIS H 162 87.36 25.56 15.46
CA HIS H 162 88.02 24.48 16.19
C HIS H 162 87.04 23.38 16.64
N LYS H 163 85.79 23.47 16.20
CA LYS H 163 84.78 22.49 16.62
C LYS H 163 84.42 21.51 15.51
N ILE H 164 83.11 21.32 15.26
CA ILE H 164 82.64 20.34 14.29
C ILE H 164 83.07 20.72 12.87
N VAL H 165 83.40 22.00 12.70
CA VAL H 165 83.93 22.53 11.44
C VAL H 165 85.26 21.85 11.11
N ARG H 166 86.05 21.60 12.15
CA ARG H 166 87.35 20.97 12.05
C ARG H 166 87.25 19.45 12.03
N LYS H 167 86.32 18.92 12.82
CA LYS H 167 86.16 17.49 13.00
C LYS H 167 86.00 16.77 11.65
N PRO H 168 86.92 15.85 11.30
CA PRO H 168 86.96 15.09 10.08
C PRO H 168 85.91 13.98 10.08
N SER H 169 85.59 13.49 8.89
CA SER H 169 84.66 12.37 8.66
C SER H 169 83.20 12.83 8.62
N ARG H 170 82.96 14.03 9.13
CA ARG H 170 81.63 14.64 9.09
C ARG H 170 81.65 15.90 8.25
N ILE H 171 82.76 16.13 7.57
CA ILE H 171 82.89 17.28 6.69
C ILE H 171 83.30 16.84 5.30
N LEU H 172 82.71 17.49 4.30
CA LEU H 172 83.03 17.24 2.91
C LEU H 172 83.35 18.52 2.16
N PHE H 173 84.46 18.51 1.46
CA PHE H 173 84.85 19.65 0.66
C PHE H 173 84.42 19.44 -0.79
N LEU H 174 83.96 20.49 -1.45
CA LEU H 174 83.59 20.40 -2.85
C LEU H 174 84.56 21.22 -3.70
N MET H 175 85.39 20.54 -4.47
CA MET H 175 86.40 21.19 -5.28
C MET H 175 85.91 21.38 -6.70
N ASP H 176 85.50 22.61 -7.00
CA ASP H 176 84.86 22.93 -8.26
C ASP H 176 85.84 23.47 -9.31
N GLY H 177 86.24 22.60 -10.25
CA GLY H 177 87.17 23.00 -11.30
C GLY H 177 88.63 22.79 -10.94
N PHE H 178 89.00 21.58 -10.55
CA PHE H 178 90.41 21.30 -10.24
C PHE H 178 91.33 21.81 -11.36
N ASP H 179 90.93 21.59 -12.60
CA ASP H 179 91.73 22.00 -13.76
C ASP H 179 91.78 23.51 -13.95
N GLU H 180 90.91 24.23 -13.23
CA GLU H 180 90.81 25.68 -13.33
C GLU H 180 91.59 26.41 -12.23
N LEU H 181 92.30 25.67 -11.39
CA LEU H 181 93.09 26.28 -10.32
C LEU H 181 94.11 27.24 -10.90
N GLN H 182 94.29 28.38 -10.24
CA GLN H 182 95.21 29.40 -10.78
C GLN H 182 96.61 29.28 -10.19
N GLY H 183 97.60 29.21 -11.08
CA GLY H 183 98.99 29.05 -10.68
C GLY H 183 99.48 27.64 -11.00
N ALA H 184 100.78 27.44 -10.93
CA ALA H 184 101.33 26.12 -11.20
C ALA H 184 100.93 25.15 -10.11
N PHE H 185 100.67 23.91 -10.47
CA PHE H 185 100.32 22.88 -9.50
C PHE H 185 101.21 21.66 -9.65
N ASP H 186 101.88 21.28 -8.57
CA ASP H 186 102.75 20.12 -8.54
C ASP H 186 102.13 18.99 -7.73
N GLU H 187 101.82 17.87 -8.39
CA GLU H 187 101.20 16.73 -7.72
C GLU H 187 102.23 16.03 -6.82
N HIS H 188 103.50 16.35 -7.01
CA HIS H 188 104.57 15.80 -6.20
C HIS H 188 105.19 16.90 -5.36
N ILE H 189 104.99 16.83 -4.05
CA ILE H 189 105.40 17.86 -3.12
C ILE H 189 106.33 17.30 -2.05
N GLY H 190 107.04 18.20 -1.35
CA GLY H 190 107.96 17.81 -0.28
C GLY H 190 107.24 17.51 1.03
N PRO H 191 106.80 18.56 1.76
CA PRO H 191 106.07 18.49 3.00
C PRO H 191 104.65 18.01 2.73
N LEU H 192 104.05 17.34 3.71
CA LEU H 192 102.67 16.86 3.55
C LEU H 192 101.65 17.88 4.05
N CYS H 193 102.16 19.00 4.57
CA CYS H 193 101.30 20.08 5.08
C CYS H 193 100.11 19.59 5.86
N THR H 194 100.38 19.01 7.02
CA THR H 194 99.36 18.58 7.95
C THR H 194 99.14 19.71 8.93
N ASP H 195 98.09 19.61 9.76
CA ASP H 195 97.78 20.65 10.74
C ASP H 195 97.27 21.93 10.07
N TRP H 196 95.96 21.98 9.88
CA TRP H 196 95.26 23.06 9.18
C TRP H 196 95.58 24.45 9.75
N GLN H 197 96.01 24.50 11.00
CA GLN H 197 96.30 25.77 11.66
C GLN H 197 97.58 26.43 11.16
N LYS H 198 98.43 25.68 10.46
CA LYS H 198 99.69 26.21 9.97
C LYS H 198 99.54 26.70 8.52
N ALA H 199 100.22 27.78 8.18
CA ALA H 199 100.13 28.34 6.84
C ALA H 199 101.19 27.77 5.92
N GLU H 200 100.78 27.44 4.71
CA GLU H 200 101.69 26.91 3.70
C GLU H 200 101.22 27.35 2.31
N ARG H 201 101.98 27.03 1.27
CA ARG H 201 101.61 27.41 -0.09
C ARG H 201 100.30 26.75 -0.50
N GLY H 202 99.50 27.48 -1.30
CA GLY H 202 98.20 26.99 -1.77
C GLY H 202 98.30 25.68 -2.55
N ASP H 203 99.38 25.49 -3.31
CA ASP H 203 99.56 24.27 -4.09
C ASP H 203 99.73 23.07 -3.18
N ILE H 204 100.57 23.22 -2.17
CA ILE H 204 100.83 22.19 -1.19
C ILE H 204 99.61 21.95 -0.31
N LEU H 205 98.97 23.02 0.14
CA LEU H 205 97.80 22.94 0.99
C LEU H 205 96.66 22.19 0.30
N LEU H 206 96.42 22.52 -0.97
CA LEU H 206 95.38 21.86 -1.74
C LEU H 206 95.71 20.39 -1.97
N SER H 207 96.96 20.10 -2.32
CA SER H 207 97.39 18.72 -2.52
C SER H 207 97.22 17.91 -1.24
N SER H 208 97.57 18.51 -0.10
CA SER H 208 97.45 17.84 1.19
C SER H 208 96.00 17.46 1.47
N LEU H 209 95.05 18.31 1.08
CA LEU H 209 93.64 17.98 1.28
C LEU H 209 93.27 16.77 0.43
N ILE H 210 93.70 16.77 -0.82
CA ILE H 210 93.36 15.69 -1.74
C ILE H 210 93.95 14.35 -1.27
N ARG H 211 95.18 14.40 -0.77
CA ARG H 211 95.90 13.22 -0.33
C ARG H 211 95.45 12.72 1.05
N LYS H 212 94.48 13.40 1.67
CA LYS H 212 93.98 13.05 2.99
C LYS H 212 95.04 13.19 4.08
N LYS H 213 95.94 14.17 3.94
CA LYS H 213 96.93 14.42 4.99
C LYS H 213 96.48 15.59 5.81
N LEU H 214 95.81 16.52 5.14
CA LEU H 214 95.21 17.67 5.80
C LEU H 214 93.83 17.29 6.25
N LEU H 215 93.56 17.46 7.55
CA LEU H 215 92.28 17.02 8.12
C LEU H 215 91.99 15.57 7.73
N PRO H 216 92.71 14.58 8.28
CA PRO H 216 92.66 13.19 7.88
C PRO H 216 91.24 12.68 8.07
N GLU H 217 90.83 11.75 7.23
CA GLU H 217 89.48 11.19 7.20
C GLU H 217 88.40 12.17 6.73
N ALA H 218 88.82 13.38 6.35
CA ALA H 218 87.87 14.33 5.75
C ALA H 218 87.50 13.85 4.35
N SER H 219 86.30 14.21 3.90
CA SER H 219 85.87 13.81 2.57
C SER H 219 86.09 14.93 1.56
N LEU H 220 86.24 14.55 0.29
CA LEU H 220 86.44 15.52 -0.80
C LEU H 220 85.77 15.09 -2.10
N LEU H 221 85.01 15.98 -2.70
CA LEU H 221 84.40 15.73 -4.00
C LEU H 221 85.10 16.61 -5.04
N ILE H 222 85.56 16.02 -6.13
CA ILE H 222 86.27 16.81 -7.14
C ILE H 222 85.57 16.76 -8.50
N THR H 223 85.26 17.93 -9.05
CA THR H 223 84.71 18.00 -10.40
C THR H 223 85.79 18.58 -11.30
N THR H 224 86.08 17.90 -12.42
CA THR H 224 87.15 18.38 -13.28
C THR H 224 87.11 17.84 -14.70
N ARG H 225 87.72 18.58 -15.62
CA ARG H 225 87.93 18.12 -16.98
C ARG H 225 89.00 17.03 -16.98
N PRO H 226 88.81 15.96 -17.77
CA PRO H 226 89.60 14.75 -17.81
C PRO H 226 91.05 15.02 -18.17
N VAL H 227 91.30 16.16 -18.79
CA VAL H 227 92.64 16.55 -19.19
C VAL H 227 93.55 16.73 -17.99
N ALA H 228 92.97 17.02 -16.83
CA ALA H 228 93.74 17.24 -15.61
C ALA H 228 93.73 16.02 -14.70
N LEU H 229 93.02 14.96 -15.10
CA LEU H 229 92.90 13.80 -14.24
C LEU H 229 94.26 13.14 -14.04
N GLU H 230 95.09 13.17 -15.07
CA GLU H 230 96.41 12.55 -15.00
C GLU H 230 97.29 13.20 -13.95
N LYS H 231 96.99 14.44 -13.56
CA LYS H 231 97.76 15.15 -12.56
C LYS H 231 97.07 15.11 -11.20
N LEU H 232 95.94 14.42 -11.15
CA LEU H 232 95.15 14.30 -9.94
C LEU H 232 95.26 12.90 -9.36
N GLN H 233 95.34 11.90 -10.23
CA GLN H 233 95.35 10.49 -9.84
C GLN H 233 96.44 10.15 -8.83
N HIS H 234 97.54 10.88 -8.89
CA HIS H 234 98.71 10.61 -8.04
C HIS H 234 98.47 11.07 -6.62
N LEU H 235 97.42 11.86 -6.43
CA LEU H 235 97.07 12.37 -5.12
C LEU H 235 95.96 11.55 -4.50
N LEU H 236 95.43 10.59 -5.26
CA LEU H 236 94.25 9.86 -4.80
C LEU H 236 94.54 8.41 -4.44
N ASP H 237 95.29 7.72 -5.29
CA ASP H 237 95.63 6.30 -5.14
C ASP H 237 94.42 5.37 -5.29
N HIS H 238 93.43 5.51 -4.40
CA HIS H 238 92.24 4.67 -4.44
C HIS H 238 90.94 5.47 -4.27
N PRO H 239 90.62 6.37 -5.20
CA PRO H 239 89.42 7.20 -5.25
C PRO H 239 88.24 6.44 -5.78
N ARG H 240 87.05 6.97 -5.57
CA ARG H 240 85.89 6.50 -6.31
C ARG H 240 85.68 7.41 -7.51
N HIS H 241 85.61 6.82 -8.69
CA HIS H 241 85.41 7.61 -9.88
C HIS H 241 84.03 7.39 -10.46
N VAL H 242 83.38 8.49 -10.83
CA VAL H 242 82.08 8.44 -11.46
C VAL H 242 82.13 9.24 -12.75
N GLU H 243 81.51 8.71 -13.80
CA GLU H 243 81.45 9.40 -15.08
C GLU H 243 79.99 9.62 -15.44
N ILE H 244 79.69 10.80 -16.00
CA ILE H 244 78.30 11.15 -16.37
C ILE H 244 77.73 10.15 -17.37
N LEU H 245 73.59 7.06 -15.60
CA LEU H 245 73.40 7.10 -17.04
C LEU H 245 74.07 8.37 -17.62
N GLY H 246 73.56 8.89 -18.76
CA GLY H 246 74.12 10.06 -19.44
C GLY H 246 73.25 11.30 -19.31
N PHE H 247 73.19 12.09 -20.38
CA PHE H 247 72.48 13.36 -20.40
C PHE H 247 70.98 13.17 -20.57
N SER H 248 70.22 14.02 -19.88
CA SER H 248 68.79 14.12 -20.05
C SER H 248 68.50 15.01 -21.26
N GLU H 249 67.22 15.11 -21.65
CA GLU H 249 66.87 15.94 -22.79
C GLU H 249 67.24 17.39 -22.53
N ALA H 250 66.97 17.85 -21.31
CA ALA H 250 67.27 19.21 -20.91
C ALA H 250 68.78 19.42 -20.79
N LYS H 251 69.49 18.39 -20.34
CA LYS H 251 70.93 18.49 -20.19
C LYS H 251 71.61 18.58 -21.55
N ARG H 252 71.10 17.85 -22.55
CA ARG H 252 71.69 17.95 -23.86
C ARG H 252 71.51 19.36 -24.40
N LYS H 253 70.33 19.94 -24.22
CA LYS H 253 70.10 21.30 -24.68
C LYS H 253 71.12 22.26 -24.07
N GLU H 254 71.33 22.12 -22.76
CA GLU H 254 72.27 22.98 -22.06
C GLU H 254 73.69 22.76 -22.56
N TYR H 255 74.04 21.52 -22.87
CA TYR H 255 75.38 21.22 -23.37
C TYR H 255 75.63 21.97 -24.66
N PHE H 256 74.67 21.92 -25.59
CA PHE H 256 74.84 22.61 -26.87
C PHE H 256 75.01 24.11 -26.66
N PHE H 257 74.24 24.66 -25.73
CA PHE H 257 74.28 26.09 -25.48
C PHE H 257 75.57 26.53 -24.78
N LYS H 258 76.15 25.65 -23.97
CA LYS H 258 77.39 25.98 -23.27
C LYS H 258 78.63 25.64 -24.09
N TYR H 259 78.54 24.60 -24.93
CA TYR H 259 79.66 24.15 -25.75
C TYR H 259 80.13 25.27 -26.67
N PHE H 260 79.18 25.90 -27.35
CA PHE H 260 79.48 26.99 -28.26
C PHE H 260 79.57 28.32 -27.52
N SER H 261 80.74 28.95 -27.58
CA SER H 261 80.98 30.19 -26.82
C SER H 261 80.16 31.37 -27.34
N ASP H 262 79.83 31.36 -28.62
CA ASP H 262 79.00 32.40 -29.19
C ASP H 262 77.55 31.97 -29.22
N GLU H 263 76.71 32.65 -28.44
CA GLU H 263 75.30 32.30 -28.35
C GLU H 263 74.67 32.17 -29.73
N ALA H 264 75.08 33.03 -30.67
CA ALA H 264 74.53 32.98 -32.01
C ALA H 264 74.83 31.65 -32.69
N GLN H 265 76.03 31.12 -32.43
CA GLN H 265 76.44 29.87 -33.04
C GLN H 265 75.86 28.72 -32.26
N ALA H 266 75.67 28.91 -30.97
CA ALA H 266 75.11 27.90 -30.12
C ALA H 266 73.68 27.58 -30.53
N ARG H 267 72.93 28.64 -30.82
CA ARG H 267 71.55 28.47 -31.24
C ARG H 267 71.47 27.92 -32.65
N ALA H 268 72.32 28.40 -33.54
CA ALA H 268 72.32 27.92 -34.90
C ALA H 268 72.68 26.43 -34.95
N ALA H 269 73.72 26.07 -34.20
CA ALA H 269 74.17 24.67 -34.17
C ALA H 269 73.09 23.79 -33.58
N PHE H 270 72.41 24.27 -32.55
CA PHE H 270 71.36 23.49 -31.93
C PHE H 270 70.18 23.30 -32.87
N SER H 271 69.77 24.36 -33.55
CA SER H 271 68.65 24.29 -34.47
C SER H 271 68.90 23.28 -35.59
N LEU H 272 70.14 23.17 -36.03
CA LEU H 272 70.49 22.23 -37.09
C LEU H 272 70.25 20.79 -36.65
N ILE H 273 70.64 20.47 -35.40
CA ILE H 273 70.40 19.12 -34.87
C ILE H 273 68.97 18.93 -34.37
N GLN H 274 68.33 19.99 -33.87
CA GLN H 274 66.99 19.94 -33.28
C GLN H 274 65.97 19.27 -34.21
N GLU H 275 66.19 19.37 -35.52
CA GLU H 275 65.27 18.78 -36.48
C GLU H 275 65.21 17.25 -36.34
N ASN H 276 66.31 16.64 -35.89
CA ASN H 276 66.38 15.17 -35.82
C ASN H 276 65.95 14.62 -34.47
N GLU H 277 65.99 13.29 -34.34
CA GLU H 277 65.61 12.58 -33.12
C GLU H 277 66.60 11.45 -32.84
N VAL H 278 67.13 10.86 -33.90
CA VAL H 278 67.97 9.68 -33.80
C VAL H 278 69.33 10.02 -33.23
N LEU H 279 69.91 11.11 -33.72
CA LEU H 279 71.21 11.53 -33.26
C LEU H 279 71.14 11.90 -31.79
N PHE H 280 70.04 12.53 -31.39
CA PHE H 280 69.88 12.91 -29.99
C PHE H 280 69.85 11.69 -29.08
N THR H 281 69.17 10.64 -29.51
CA THR H 281 69.08 9.44 -28.69
C THR H 281 70.47 8.93 -28.34
N MET H 282 71.36 8.84 -29.33
CA MET H 282 72.72 8.39 -29.06
C MET H 282 73.55 9.46 -28.34
N CYS H 283 73.15 10.73 -28.45
CA CYS H 283 73.86 11.81 -27.79
C CYS H 283 73.66 11.82 -26.28
N PHE H 284 72.92 10.84 -25.74
CA PHE H 284 72.80 10.76 -24.29
C PHE H 284 74.18 10.52 -23.71
N ILE H 285 75.07 9.95 -24.52
CA ILE H 285 76.44 9.72 -24.13
C ILE H 285 77.20 11.04 -24.25
N PRO H 286 77.77 11.57 -23.15
CA PRO H 286 78.47 12.84 -23.10
C PRO H 286 79.49 12.96 -24.22
N LEU H 287 80.12 11.84 -24.58
CA LEU H 287 81.08 11.85 -25.67
C LEU H 287 80.42 12.14 -27.00
N VAL H 288 79.26 11.55 -27.24
CA VAL H 288 78.59 11.70 -28.52
C VAL H 288 78.04 13.09 -28.66
N CYS H 289 77.47 13.62 -27.58
CA CYS H 289 76.97 14.99 -27.62
C CYS H 289 78.13 15.92 -27.96
N TRP H 290 79.30 15.66 -27.36
CA TRP H 290 80.52 16.40 -27.67
C TRP H 290 80.90 16.22 -29.14
N ILE H 291 80.84 14.97 -29.64
CA ILE H 291 81.17 14.69 -31.03
C ILE H 291 80.29 15.45 -32.02
N VAL H 292 78.97 15.46 -31.78
CA VAL H 292 78.09 16.15 -32.72
C VAL H 292 78.28 17.66 -32.62
N CYS H 293 78.52 18.17 -31.42
CA CYS H 293 78.78 19.59 -31.25
C CYS H 293 80.05 19.97 -32.00
N THR H 294 81.05 19.10 -31.90
CA THR H 294 82.33 19.28 -32.57
C THR H 294 82.18 19.25 -34.09
N GLY H 295 81.38 18.32 -34.61
CA GLY H 295 81.11 18.26 -36.04
C GLY H 295 80.41 19.53 -36.53
N LEU H 296 79.41 19.98 -35.77
CA LEU H 296 78.69 21.21 -36.10
C LEU H 296 79.63 22.41 -36.04
N LYS H 297 80.51 22.42 -35.05
CA LYS H 297 81.48 23.49 -34.88
C LYS H 297 82.43 23.59 -36.05
N GLN H 298 82.84 22.45 -36.61
CA GLN H 298 83.73 22.48 -37.76
C GLN H 298 83.08 23.18 -38.95
N GLN H 299 81.80 22.87 -39.18
CA GLN H 299 81.07 23.52 -40.26
C GLN H 299 80.83 24.99 -39.96
N MET H 300 80.60 25.30 -38.69
CA MET H 300 80.36 26.66 -38.24
C MET H 300 81.61 27.54 -38.45
N GLU H 301 82.74 27.07 -37.93
CA GLU H 301 84.00 27.83 -38.03
C GLU H 301 84.50 27.93 -39.46
N SER H 302 84.20 26.91 -40.27
CA SER H 302 84.60 26.89 -41.66
C SER H 302 83.84 27.91 -42.49
N GLY H 303 82.79 28.51 -41.92
CA GLY H 303 81.99 29.49 -42.64
C GLY H 303 80.99 28.86 -43.58
N LYS H 304 80.56 27.64 -43.28
CA LYS H 304 79.59 26.95 -44.12
C LYS H 304 78.24 27.63 -43.99
N SER H 305 77.43 27.54 -45.03
CA SER H 305 76.08 28.12 -45.05
C SER H 305 75.15 27.47 -44.05
N LEU H 306 75.55 26.30 -43.55
CA LEU H 306 74.78 25.51 -42.60
C LEU H 306 73.51 24.97 -43.22
N ALA H 307 73.47 24.89 -44.55
CA ALA H 307 72.31 24.33 -45.24
C ALA H 307 72.37 22.82 -45.17
N GLN H 308 72.17 22.29 -43.98
CA GLN H 308 72.26 20.85 -43.71
C GLN H 308 71.16 20.37 -42.78
N THR H 309 70.82 19.10 -42.89
CA THR H 309 69.93 18.45 -41.94
C THR H 309 70.66 17.24 -41.37
N SER H 310 71.14 17.37 -40.13
CA SER H 310 72.00 16.37 -39.50
C SER H 310 71.24 15.14 -39.01
N LYS H 311 71.99 14.06 -38.69
CA LYS H 311 71.48 12.79 -38.18
C LYS H 311 72.63 11.96 -37.64
N THR H 312 71.68 13.56 -42.46
CA THR H 312 72.99 13.24 -43.00
C THR H 312 73.94 12.83 -41.87
N THR H 313 73.82 11.57 -41.42
CA THR H 313 74.65 11.00 -40.36
C THR H 313 76.10 10.95 -40.78
N THR H 314 76.31 10.62 -42.05
CA THR H 314 77.66 10.55 -42.58
C THR H 314 78.37 11.87 -42.42
N ALA H 315 77.69 12.94 -42.81
CA ALA H 315 78.29 14.27 -42.79
C ALA H 315 78.74 14.65 -41.39
N VAL H 316 77.92 14.32 -40.40
CA VAL H 316 78.26 14.68 -39.02
C VAL H 316 79.58 14.04 -38.62
N TYR H 317 79.73 12.76 -38.95
CA TYR H 317 80.91 12.02 -38.58
C TYR H 317 82.14 12.44 -39.40
N VAL H 318 81.94 12.75 -40.68
CA VAL H 318 83.04 13.19 -41.53
C VAL H 318 83.58 14.54 -41.06
N PHE H 319 82.69 15.49 -40.79
CA PHE H 319 83.11 16.80 -40.31
C PHE H 319 83.77 16.69 -38.95
N PHE H 320 83.26 15.80 -38.11
CA PHE H 320 83.86 15.56 -36.82
C PHE H 320 85.30 15.07 -36.96
N LEU H 321 85.52 14.06 -37.80
CA LEU H 321 86.87 13.54 -37.96
C LEU H 321 87.80 14.62 -38.48
N SER H 322 87.30 15.48 -39.36
CA SER H 322 88.13 16.56 -39.86
C SER H 322 88.73 17.37 -38.71
N SER H 323 87.87 17.81 -37.78
CA SER H 323 88.36 18.62 -36.66
C SER H 323 89.08 17.80 -35.60
N LEU H 324 88.81 16.50 -35.54
CA LEU H 324 89.48 15.61 -34.59
C LEU H 324 90.89 15.28 -35.04
N LEU H 325 91.03 14.98 -36.32
CA LEU H 325 92.28 14.47 -36.88
C LEU H 325 93.21 15.57 -37.38
N GLN H 326 92.64 16.69 -37.84
CA GLN H 326 93.46 17.78 -38.39
C GLN H 326 94.53 18.36 -37.45
N PRO H 327 94.28 18.58 -36.12
CA PRO H 327 95.23 19.09 -35.13
C PRO H 327 96.46 18.19 -35.02
N LEU H 336 96.50 8.68 -35.90
CA LEU H 336 96.23 9.95 -36.59
C LEU H 336 95.57 9.67 -37.95
N CYS H 337 95.44 10.71 -38.79
CA CYS H 337 94.70 10.61 -40.05
C CYS H 337 95.33 9.65 -41.05
N ALA H 338 96.65 9.48 -40.97
CA ALA H 338 97.36 8.59 -41.89
C ALA H 338 97.14 7.14 -41.48
N HIS H 339 96.50 6.95 -40.33
CA HIS H 339 96.26 5.63 -39.79
C HIS H 339 94.77 5.31 -39.79
N LEU H 340 93.99 6.18 -40.45
CA LEU H 340 92.55 6.01 -40.53
C LEU H 340 92.21 4.69 -41.22
N TRP H 341 93.01 4.33 -42.22
CA TRP H 341 92.78 3.08 -42.94
C TRP H 341 92.79 1.89 -41.98
N GLY H 342 93.55 1.98 -40.90
CA GLY H 342 93.65 0.89 -39.94
C GLY H 342 92.32 0.74 -39.21
N LEU H 343 91.79 1.86 -38.76
CA LEU H 343 90.53 1.88 -38.04
C LEU H 343 89.38 1.47 -38.97
N CYS H 344 89.47 1.92 -40.23
CA CYS H 344 88.46 1.58 -41.23
C CYS H 344 88.49 0.10 -41.58
N SER H 345 89.70 -0.46 -41.70
CA SER H 345 89.86 -1.88 -42.00
C SER H 345 89.33 -2.71 -40.84
N LEU H 346 89.55 -2.24 -39.62
CA LEU H 346 89.08 -2.92 -38.44
C LEU H 346 87.56 -2.96 -38.47
N ALA H 347 86.94 -1.82 -38.77
CA ALA H 347 85.50 -1.72 -38.85
C ALA H 347 84.92 -2.59 -39.96
N ALA H 348 85.60 -2.63 -41.09
CA ALA H 348 85.14 -3.43 -42.23
C ALA H 348 85.07 -4.90 -41.85
N ASP H 349 86.08 -5.35 -41.09
CA ASP H 349 86.09 -6.70 -40.57
C ASP H 349 84.93 -6.86 -39.62
N GLY H 350 84.73 -5.84 -38.79
CA GLY H 350 83.66 -5.81 -37.82
C GLY H 350 82.30 -6.07 -38.46
N ILE H 351 81.97 -5.33 -39.50
CA ILE H 351 80.64 -5.50 -40.06
C ILE H 351 80.51 -6.82 -40.81
N TRP H 352 81.55 -7.23 -41.53
CA TRP H 352 81.43 -8.41 -42.38
C TRP H 352 81.22 -9.68 -41.57
N ASN H 353 81.96 -9.81 -40.48
CA ASN H 353 81.90 -11.02 -39.67
C ASN H 353 81.09 -10.83 -38.39
N GLN H 354 80.28 -9.76 -38.34
CA GLN H 354 79.46 -9.46 -37.17
C GLN H 354 80.30 -9.42 -35.89
N LYS H 355 81.43 -8.74 -35.94
CA LYS H 355 82.31 -8.63 -34.79
C LYS H 355 82.25 -7.23 -34.17
N ILE H 356 81.82 -7.18 -32.93
CA ILE H 356 81.71 -5.92 -32.21
C ILE H 356 82.93 -5.72 -31.33
N LEU H 357 83.32 -6.79 -30.67
CA LEU H 357 84.46 -6.79 -29.77
C LEU H 357 85.68 -7.37 -30.45
N PHE H 358 86.77 -6.59 -30.49
CA PHE H 358 87.98 -6.99 -31.16
C PHE H 358 89.07 -7.39 -30.16
N GLU H 359 89.83 -8.41 -30.50
CA GLU H 359 90.96 -8.81 -29.67
C GLU H 359 92.18 -7.99 -30.02
N GLU H 360 93.15 -7.93 -29.12
CA GLU H 360 94.38 -7.22 -29.42
C GLU H 360 95.07 -7.83 -30.63
N SER H 361 94.88 -9.15 -30.83
CA SER H 361 95.44 -9.84 -31.97
C SER H 361 94.81 -9.36 -33.28
N ASP H 362 93.57 -8.85 -33.22
CA ASP H 362 92.91 -8.37 -34.42
C ASP H 362 93.45 -6.99 -34.74
N LEU H 363 93.66 -6.19 -33.70
CA LEU H 363 94.21 -4.86 -33.88
C LEU H 363 95.60 -4.97 -34.49
N ARG H 364 96.38 -5.93 -34.01
CA ARG H 364 97.72 -6.15 -34.54
C ARG H 364 97.68 -6.65 -35.97
N ASN H 365 96.78 -7.59 -36.25
CA ASN H 365 96.72 -8.16 -37.59
C ASN H 365 96.33 -7.13 -38.63
N HIS H 366 95.48 -6.17 -38.26
CA HIS H 366 95.05 -5.16 -39.21
C HIS H 366 96.04 -4.02 -39.38
N GLY H 367 97.15 -4.07 -38.64
CA GLY H 367 98.15 -3.02 -38.72
C GLY H 367 97.73 -1.79 -37.94
N LEU H 368 96.89 -1.99 -36.92
CA LEU H 368 96.40 -0.91 -36.09
C LEU H 368 96.74 -1.20 -34.64
N GLN H 369 97.99 -0.97 -34.26
CA GLN H 369 98.44 -1.38 -32.94
C GLN H 369 99.32 -0.34 -32.26
N LYS H 370 99.37 -0.42 -30.93
CA LYS H 370 100.26 0.40 -30.13
C LYS H 370 100.05 1.88 -30.38
N ALA H 371 100.99 2.53 -31.07
CA ALA H 371 100.94 3.96 -31.30
C ALA H 371 99.68 4.37 -32.04
N ASP H 372 99.21 3.53 -32.96
CA ASP H 372 98.06 3.91 -33.76
C ASP H 372 96.78 3.78 -32.95
N VAL H 373 96.74 2.79 -32.07
CA VAL H 373 95.56 2.60 -31.24
C VAL H 373 95.51 3.70 -30.19
N SER H 374 96.65 3.96 -29.56
CA SER H 374 96.73 5.00 -28.55
C SER H 374 96.31 6.34 -29.13
N ALA H 375 96.70 6.63 -30.36
CA ALA H 375 96.29 7.88 -30.99
C ALA H 375 94.77 7.98 -31.08
N PHE H 376 94.11 6.87 -31.45
CA PHE H 376 92.66 6.87 -31.56
C PHE H 376 91.97 6.77 -30.20
N LEU H 377 92.66 6.20 -29.21
CA LEU H 377 92.10 6.16 -27.87
C LEU H 377 92.15 7.55 -27.23
N ARG H 378 93.26 8.28 -27.47
CA ARG H 378 93.37 9.64 -26.97
C ARG H 378 92.38 10.55 -27.67
N MET H 379 92.26 10.38 -28.99
CA MET H 379 91.26 11.10 -29.76
C MET H 379 89.96 10.36 -29.59
N ASN H 380 89.41 10.42 -28.37
CA ASN H 380 88.30 9.57 -27.97
C ASN H 380 87.35 9.31 -29.14
N LEU H 381 87.41 8.08 -29.65
CA LEU H 381 86.68 7.63 -30.82
C LEU H 381 86.57 6.13 -30.74
N PHE H 382 87.52 5.54 -30.02
CA PHE H 382 87.67 4.11 -29.90
C PHE H 382 87.83 3.77 -28.41
N GLN H 383 87.17 2.69 -27.96
CA GLN H 383 87.14 2.33 -26.54
C GLN H 383 87.89 1.04 -26.21
N LYS H 384 88.29 0.93 -24.94
CA LYS H 384 88.95 -0.27 -24.42
C LYS H 384 87.97 -1.14 -23.63
N GLU H 385 86.67 -0.81 -23.69
CA GLU H 385 85.64 -1.52 -22.93
C GLU H 385 86.08 -1.76 -21.49
N VAL H 386 86.43 -0.68 -20.78
CA VAL H 386 86.96 -0.79 -19.44
C VAL H 386 85.96 -1.34 -18.43
N ASP H 387 84.69 -1.38 -18.81
CA ASP H 387 83.64 -1.86 -17.92
C ASP H 387 83.58 -3.39 -17.91
N CYS H 388 84.54 -4.00 -17.22
CA CYS H 388 84.61 -5.45 -17.05
C CYS H 388 84.74 -6.25 -18.34
N GLU H 389 85.67 -5.87 -19.21
CA GLU H 389 85.86 -6.60 -20.46
C GLU H 389 87.31 -6.50 -20.92
N LYS H 390 87.73 -7.45 -21.77
CA LYS H 390 89.12 -7.49 -22.27
C LYS H 390 89.21 -7.26 -23.78
N PHE H 391 88.22 -6.60 -24.35
CA PHE H 391 88.14 -6.36 -25.79
C PHE H 391 88.10 -4.89 -26.16
N TYR H 392 88.46 -4.59 -27.39
CA TYR H 392 88.42 -3.23 -27.89
C TYR H 392 87.21 -3.03 -28.81
N SER H 393 86.68 -1.82 -28.84
CA SER H 393 85.47 -1.57 -29.63
C SER H 393 85.30 -0.11 -30.01
N PHE H 394 84.30 0.15 -30.85
CA PHE H 394 83.94 1.50 -31.26
C PHE H 394 82.98 2.11 -30.25
N ILE H 395 82.99 3.44 -30.15
CA ILE H 395 82.11 4.14 -29.21
C ILE H 395 80.62 3.90 -29.48
N HIS H 396 80.29 3.53 -30.71
CA HIS H 396 78.91 3.22 -31.07
C HIS H 396 78.87 2.37 -32.33
N MET H 397 77.88 1.50 -32.43
CA MET H 397 77.73 0.65 -33.61
C MET H 397 77.59 1.47 -34.89
N THR H 398 76.98 2.66 -34.78
CA THR H 398 76.81 3.51 -35.96
C THR H 398 78.15 4.00 -36.48
N PHE H 399 79.11 4.20 -35.57
CA PHE H 399 80.42 4.66 -35.99
C PHE H 399 81.15 3.51 -36.65
N GLN H 400 81.04 2.32 -36.08
CA GLN H 400 81.70 1.18 -36.68
C GLN H 400 81.27 1.03 -38.12
N GLU H 401 79.97 1.12 -38.38
CA GLU H 401 79.46 0.98 -39.73
C GLU H 401 79.96 2.12 -40.63
N PHE H 402 80.05 3.32 -40.05
CA PHE H 402 80.58 4.47 -40.77
C PHE H 402 82.02 4.25 -41.22
N PHE H 403 82.88 3.77 -40.32
CA PHE H 403 84.27 3.53 -40.65
C PHE H 403 84.39 2.41 -41.66
N ALA H 404 83.53 1.41 -41.51
CA ALA H 404 83.51 0.29 -42.43
C ALA H 404 83.10 0.76 -43.82
N ALA H 405 82.24 1.76 -43.90
CA ALA H 405 81.85 2.29 -45.20
C ALA H 405 83.00 3.06 -45.83
N MET H 406 83.74 3.83 -45.02
CA MET H 406 84.89 4.57 -45.56
C MET H 406 85.93 3.62 -46.11
N TYR H 407 86.04 2.43 -45.51
CA TYR H 407 86.96 1.40 -45.97
C TYR H 407 86.88 1.16 -47.48
N TYR H 408 85.67 1.19 -48.03
CA TYR H 408 85.45 0.93 -49.45
C TYR H 408 85.91 2.11 -50.29
N LEU H 409 85.98 3.28 -49.67
CA LEU H 409 86.25 4.53 -50.37
C LEU H 409 87.56 5.20 -49.95
N LEU H 410 88.50 4.45 -49.40
CA LEU H 410 89.78 5.04 -48.98
C LEU H 410 90.68 5.28 -50.18
N GLU H 411 91.48 6.36 -50.13
CA GLU H 411 92.47 6.66 -51.18
C GLU H 411 93.75 5.88 -50.93
N GLU H 412 96.44 7.75 -49.68
CA GLU H 412 97.25 7.14 -50.72
C GLU H 412 97.51 5.65 -50.42
N GLU H 413 98.25 4.98 -51.31
CA GLU H 413 98.62 3.58 -51.16
C GLU H 413 99.74 3.41 -50.13
N LYS H 414 99.55 2.50 -49.18
CA LYS H 414 100.54 2.24 -48.14
C LYS H 414 100.78 0.75 -47.98
N GLU H 415 102.04 0.36 -47.85
CA GLU H 415 102.44 -1.04 -47.71
C GLU H 415 102.22 -1.55 -46.28
N GLY H 416 101.94 -0.65 -45.36
CA GLY H 416 101.77 -1.01 -43.95
C GLY H 416 100.67 -2.05 -43.75
N ARG H 417 99.69 -2.06 -44.64
CA ARG H 417 98.57 -2.99 -44.52
C ARG H 417 98.85 -4.35 -45.16
N THR H 418 99.98 -4.49 -45.87
CA THR H 418 100.28 -5.77 -46.51
C THR H 418 101.51 -6.43 -45.89
N ASN H 419 102.36 -5.63 -45.25
CA ASN H 419 103.58 -6.14 -44.62
C ASN H 419 103.37 -6.46 -43.15
N VAL H 420 102.15 -6.25 -42.69
CA VAL H 420 101.76 -6.55 -41.32
C VAL H 420 101.83 -8.07 -41.12
N PRO H 421 102.30 -8.56 -39.97
CA PRO H 421 102.41 -9.98 -39.61
C PRO H 421 101.11 -10.76 -39.84
N GLY H 422 99.97 -10.08 -39.81
CA GLY H 422 98.69 -10.76 -40.00
C GLY H 422 98.33 -10.95 -41.47
N SER H 423 99.18 -10.45 -42.36
CA SER H 423 98.95 -10.51 -43.81
C SER H 423 99.04 -11.96 -44.31
N ARG H 424 98.20 -12.35 -45.28
CA ARG H 424 97.20 -11.52 -45.96
C ARG H 424 95.98 -11.29 -45.08
N LEU H 425 95.43 -10.09 -45.18
CA LEU H 425 94.31 -9.69 -44.35
C LEU H 425 92.97 -10.01 -45.00
N LYS H 426 91.96 -10.28 -44.15
CA LYS H 426 90.59 -10.57 -44.58
C LYS H 426 89.60 -10.08 -43.51
N LEU H 427 91.23 -6.85 -44.27
CA LEU H 427 90.86 -6.24 -45.53
C LEU H 427 89.84 -7.14 -46.28
N PRO H 428 88.58 -7.26 -45.77
CA PRO H 428 87.52 -8.17 -46.26
C PRO H 428 87.29 -8.16 -47.77
N SER H 429 87.28 -6.99 -48.40
CA SER H 429 87.00 -6.96 -49.84
C SER H 429 87.20 -5.59 -50.49
N ARG H 430 86.46 -4.61 -49.98
CA ARG H 430 86.31 -3.28 -50.59
C ARG H 430 85.45 -3.42 -51.85
N ASP H 431 84.70 -4.52 -51.90
CA ASP H 431 83.81 -4.81 -53.02
C ASP H 431 82.39 -4.37 -52.74
N VAL H 432 82.00 -3.26 -53.36
CA VAL H 432 80.71 -2.64 -53.13
C VAL H 432 79.57 -3.51 -53.62
N THR H 433 79.77 -4.16 -54.77
CA THR H 433 78.73 -5.02 -55.34
C THR H 433 78.34 -6.09 -54.34
N VAL H 434 79.34 -6.73 -53.74
CA VAL H 434 79.08 -7.75 -52.75
C VAL H 434 78.34 -7.19 -51.54
N LEU H 435 78.74 -6.01 -51.09
CA LEU H 435 78.07 -5.36 -49.97
C LEU H 435 76.58 -5.17 -50.28
N LEU H 436 76.29 -4.67 -51.47
CA LEU H 436 74.92 -4.41 -51.89
C LEU H 436 74.11 -5.69 -52.05
N GLU H 437 74.74 -6.74 -52.59
CA GLU H 437 74.07 -8.02 -52.79
C GLU H 437 73.61 -8.61 -51.45
N ASN H 438 74.37 -8.36 -50.40
CA ASN H 438 74.07 -8.90 -49.08
C ASN H 438 73.23 -7.92 -48.24
N TYR H 439 72.69 -6.88 -48.86
CA TYR H 439 71.87 -5.90 -48.17
C TYR H 439 70.66 -6.56 -47.48
N GLY H 440 69.91 -7.35 -48.23
CA GLY H 440 68.72 -8.00 -47.69
C GLY H 440 69.06 -9.29 -46.95
N LYS H 441 70.04 -9.22 -46.06
CA LYS H 441 70.49 -10.41 -45.34
C LYS H 441 70.94 -10.10 -43.91
N PHE H 442 70.23 -10.64 -42.93
CA PHE H 442 70.59 -10.44 -41.53
C PHE H 442 71.87 -11.21 -41.22
N GLU H 443 72.15 -12.21 -42.05
CA GLU H 443 73.28 -13.10 -41.87
C GLU H 443 74.61 -12.35 -41.89
N LYS H 444 74.63 -11.18 -42.53
CA LYS H 444 75.86 -10.38 -42.60
C LYS H 444 75.73 -9.14 -41.73
N GLY H 445 74.73 -9.12 -40.87
CA GLY H 445 74.50 -7.99 -39.99
C GLY H 445 73.73 -6.87 -40.69
N TYR H 446 72.95 -7.25 -41.71
CA TYR H 446 72.12 -6.32 -42.49
C TYR H 446 72.93 -5.43 -43.42
N LEU H 447 73.95 -4.78 -42.90
CA LEU H 447 74.81 -3.93 -43.72
C LEU H 447 74.03 -2.76 -44.31
N ILE H 448 72.86 -2.49 -43.74
CA ILE H 448 71.97 -1.46 -44.26
C ILE H 448 72.57 -0.10 -44.03
N PHE H 449 73.05 0.14 -42.83
CA PHE H 449 73.62 1.43 -42.50
C PHE H 449 74.94 1.62 -43.21
N VAL H 450 75.67 0.54 -43.46
CA VAL H 450 76.93 0.64 -44.16
C VAL H 450 76.69 1.15 -45.57
N VAL H 451 75.67 0.60 -46.23
CA VAL H 451 75.30 1.08 -47.55
C VAL H 451 74.83 2.52 -47.49
N ARG H 452 74.02 2.86 -46.49
CA ARG H 452 73.57 4.24 -46.31
C ARG H 452 74.75 5.18 -46.09
N PHE H 453 75.75 4.73 -45.34
CA PHE H 453 76.94 5.53 -45.11
C PHE H 453 77.72 5.74 -46.40
N LEU H 454 77.82 4.69 -47.23
CA LEU H 454 78.49 4.86 -48.50
C LEU H 454 77.78 5.89 -49.35
N PHE H 455 76.46 5.86 -49.33
CA PHE H 455 75.70 6.85 -50.07
C PHE H 455 76.07 8.27 -49.62
N GLY H 456 76.16 8.47 -48.32
CA GLY H 456 76.54 9.77 -47.77
C GLY H 456 77.96 10.17 -48.15
N LEU H 457 78.88 9.21 -48.06
CA LEU H 457 80.31 9.43 -48.35
C LEU H 457 80.57 9.74 -49.82
N VAL H 458 79.80 9.13 -50.70
CA VAL H 458 79.98 9.35 -52.11
C VAL H 458 79.30 10.66 -52.52
N ASN H 459 80.06 11.74 -52.39
CA ASN H 459 79.51 13.08 -52.54
C ASN H 459 80.50 14.01 -53.23
N GLN H 460 80.09 15.26 -53.43
CA GLN H 460 80.95 16.27 -54.06
C GLN H 460 81.10 17.52 -53.20
N GLU H 461 80.02 17.91 -52.51
CA GLU H 461 80.00 19.18 -51.79
C GLU H 461 80.64 19.08 -50.40
N ARG H 462 81.96 18.90 -50.38
CA ARG H 462 82.74 18.79 -49.15
C ARG H 462 84.00 19.64 -49.21
N THR H 463 84.55 19.94 -48.03
CA THR H 463 85.72 20.79 -47.89
C THR H 463 87.02 19.99 -47.76
N SER H 464 88.09 20.67 -47.38
CA SER H 464 89.40 20.06 -47.22
C SER H 464 89.56 19.47 -45.82
N TYR H 465 90.65 19.80 -45.16
CA TYR H 465 90.85 19.38 -43.78
C TYR H 465 90.68 17.86 -43.59
N LEU H 466 91.38 17.10 -44.42
CA LEU H 466 91.38 15.63 -44.38
C LEU H 466 90.08 14.98 -44.85
N GLU H 467 89.13 15.77 -45.33
CA GLU H 467 87.91 15.17 -45.88
C GLU H 467 88.18 14.69 -47.30
N LYS H 468 89.40 14.97 -47.76
CA LYS H 468 89.88 14.59 -49.07
C LYS H 468 90.80 13.37 -49.02
N LYS H 469 90.83 12.69 -47.87
CA LYS H 469 91.64 11.47 -47.73
C LYS H 469 90.90 10.25 -48.29
N LEU H 470 89.68 10.50 -48.72
CA LEU H 470 88.87 9.49 -49.38
C LEU H 470 89.14 9.55 -50.87
N SER H 471 88.87 8.45 -51.55
CA SER H 471 89.17 8.32 -52.97
C SER H 471 88.26 9.18 -53.84
N CYS H 472 88.70 9.37 -55.08
CA CYS H 472 87.95 10.15 -56.05
C CYS H 472 87.50 9.31 -57.25
N LYS H 473 88.43 8.58 -57.85
CA LYS H 473 88.08 7.75 -59.00
C LYS H 473 87.14 6.64 -58.57
N ILE H 474 87.45 6.01 -57.45
CA ILE H 474 86.62 4.95 -56.89
C ILE H 474 85.26 5.51 -56.47
N SER H 475 85.27 6.72 -55.92
CA SER H 475 84.05 7.40 -55.50
C SER H 475 83.12 7.61 -56.69
N GLN H 476 83.69 7.92 -57.85
CA GLN H 476 82.89 8.06 -59.06
C GLN H 476 82.32 6.71 -59.51
N GLN H 477 83.15 5.67 -59.39
CA GLN H 477 82.72 4.33 -59.80
C GLN H 477 81.59 3.81 -58.94
N ILE H 478 81.69 4.02 -57.63
CA ILE H 478 80.64 3.60 -56.72
C ILE H 478 79.36 4.40 -56.94
N ARG H 479 79.48 5.69 -57.22
CA ARG H 479 78.29 6.49 -57.45
C ARG H 479 77.45 5.86 -58.57
N LEU H 480 78.12 5.42 -59.63
CA LEU H 480 77.41 4.77 -60.73
C LEU H 480 76.81 3.43 -60.32
N GLU H 481 77.55 2.66 -59.52
CA GLU H 481 77.04 1.37 -59.08
C GLU H 481 75.83 1.50 -58.16
N LEU H 482 75.86 2.53 -57.32
CA LEU H 482 74.76 2.78 -56.40
C LEU H 482 73.52 3.21 -57.17
N LEU H 483 73.73 3.97 -58.25
CA LEU H 483 72.62 4.42 -59.07
C LEU H 483 71.93 3.23 -59.72
N LYS H 484 72.72 2.30 -60.26
CA LYS H 484 72.18 1.10 -60.88
C LYS H 484 71.44 0.23 -59.88
N TRP H 485 71.98 0.16 -58.66
CA TRP H 485 71.36 -0.61 -57.59
C TRP H 485 69.96 -0.07 -57.30
N ILE H 486 69.85 1.26 -57.19
CA ILE H 486 68.54 1.87 -56.99
C ILE H 486 67.62 1.60 -58.16
N GLU H 487 68.11 1.72 -59.38
CA GLU H 487 67.26 1.48 -60.53
C GLU H 487 66.59 0.10 -60.47
N VAL H 488 67.38 -0.91 -60.18
CA VAL H 488 66.87 -2.27 -60.15
C VAL H 488 65.87 -2.50 -59.03
N LYS H 489 66.19 -2.02 -57.84
CA LYS H 489 65.33 -2.22 -56.68
C LYS H 489 64.08 -1.34 -56.77
N ALA H 490 64.22 -0.15 -57.35
CA ALA H 490 63.10 0.76 -57.50
C ALA H 490 62.05 0.17 -58.43
N LYS H 491 62.53 -0.41 -59.54
CA LYS H 491 61.66 -1.04 -60.53
C LYS H 491 61.06 -2.34 -60.02
N ALA H 492 61.82 -3.09 -59.22
CA ALA H 492 61.33 -4.34 -58.67
C ALA H 492 60.41 -4.08 -57.49
N LYS H 493 59.27 -3.48 -57.79
CA LYS H 493 58.32 -3.08 -56.76
C LYS H 493 57.41 -4.24 -56.36
N LYS H 494 57.90 -5.03 -55.41
CA LYS H 494 57.21 -6.22 -54.94
C LYS H 494 57.42 -6.41 -53.44
N LEU H 495 56.65 -7.31 -52.82
CA LEU H 495 56.88 -7.62 -51.42
C LEU H 495 58.13 -8.47 -51.27
N GLN H 496 59.09 -7.98 -50.49
CA GLN H 496 60.37 -8.65 -50.32
C GLN H 496 61.15 -8.05 -49.16
N ILE H 497 62.31 -8.62 -48.84
CA ILE H 497 63.15 -8.09 -47.76
C ILE H 497 64.28 -7.23 -48.31
N GLN H 498 64.16 -6.88 -49.58
CA GLN H 498 65.07 -5.96 -50.24
C GLN H 498 64.48 -4.57 -50.02
N PRO H 499 65.16 -3.47 -50.34
CA PRO H 499 64.72 -2.12 -50.05
C PRO H 499 63.29 -1.88 -50.50
N SER H 500 62.38 -1.70 -49.55
CA SER H 500 60.98 -1.48 -49.87
C SER H 500 60.68 -0.01 -50.15
N GLN H 501 61.21 0.48 -51.28
CA GLN H 501 61.02 1.85 -51.75
C GLN H 501 61.61 2.89 -50.81
N LEU H 502 61.03 3.01 -49.62
CA LEU H 502 61.47 3.99 -48.63
C LEU H 502 62.91 3.75 -48.23
N GLU H 503 63.32 2.49 -48.20
CA GLU H 503 64.70 2.15 -47.87
C GLU H 503 65.67 2.73 -48.88
N LEU H 504 65.24 2.86 -50.13
CA LEU H 504 66.08 3.46 -51.15
C LEU H 504 66.12 4.96 -50.91
N PHE H 505 65.04 5.50 -50.37
CA PHE H 505 64.97 6.91 -50.06
C PHE H 505 65.91 7.24 -48.91
N TYR H 506 66.01 6.36 -47.92
CA TYR H 506 66.93 6.58 -46.82
C TYR H 506 68.35 6.72 -47.35
N CYS H 507 68.70 5.85 -48.30
CA CYS H 507 70.01 5.89 -48.93
C CYS H 507 70.23 7.22 -49.65
N LEU H 508 69.25 7.65 -50.42
CA LEU H 508 69.35 8.92 -51.14
C LEU H 508 69.40 10.11 -50.19
N TYR H 509 68.70 10.00 -49.08
CA TYR H 509 68.68 11.06 -48.08
C TYR H 509 70.09 11.35 -47.58
N GLU H 510 70.85 10.30 -47.26
CA GLU H 510 72.24 10.47 -46.85
C GLU H 510 73.08 11.08 -47.96
N MET H 511 72.86 10.62 -49.19
CA MET H 511 73.56 11.19 -50.33
C MET H 511 72.86 12.47 -50.76
N GLN H 512 73.00 13.53 -49.97
CA GLN H 512 72.28 14.76 -50.24
C GLN H 512 72.94 15.53 -51.37
N GLU H 513 72.85 14.97 -52.56
CA GLU H 513 73.40 15.53 -53.79
C GLU H 513 72.31 15.57 -54.84
N GLU H 514 71.70 16.72 -55.03
CA GLU H 514 70.52 16.82 -55.90
C GLU H 514 70.79 16.30 -57.29
N ASP H 515 72.00 16.52 -57.80
CA ASP H 515 72.34 16.06 -59.14
C ASP H 515 72.21 14.54 -59.26
N PHE H 516 72.44 13.82 -58.16
CA PHE H 516 72.32 12.38 -58.14
C PHE H 516 70.91 11.96 -57.79
N VAL H 517 70.37 12.58 -56.75
CA VAL H 517 69.07 12.16 -56.21
C VAL H 517 67.98 12.38 -57.22
N GLN H 518 68.00 13.51 -57.91
CA GLN H 518 66.99 13.81 -58.92
C GLN H 518 67.10 12.85 -60.09
N ARG H 519 68.26 12.23 -60.25
CA ARG H 519 68.46 11.26 -61.32
C ARG H 519 67.99 9.88 -60.87
N ALA H 520 68.39 9.48 -59.67
CA ALA H 520 68.01 8.19 -59.14
C ALA H 520 66.51 8.09 -58.96
N MET H 521 65.89 9.21 -58.58
CA MET H 521 64.45 9.25 -58.36
C MET H 521 63.63 9.10 -59.63
N ASP H 522 64.28 9.13 -60.79
CA ASP H 522 63.54 8.99 -62.03
C ASP H 522 63.23 7.52 -62.32
N TYR H 523 63.64 6.65 -61.40
CA TYR H 523 63.34 5.23 -61.52
C TYR H 523 62.15 4.87 -60.63
N PHE H 524 61.44 5.87 -60.14
CA PHE H 524 60.30 5.64 -59.27
C PHE H 524 59.00 6.27 -59.81
N PRO H 525 58.44 5.76 -60.91
CA PRO H 525 57.23 6.24 -61.54
C PRO H 525 56.02 6.02 -60.63
N LYS H 526 56.14 5.06 -59.74
CA LYS H 526 55.10 4.73 -58.79
C LYS H 526 55.72 4.54 -57.43
N ILE H 527 55.34 5.37 -56.47
CA ILE H 527 55.91 5.31 -55.14
C ILE H 527 54.89 4.87 -54.12
N GLU H 528 55.20 3.83 -53.37
CA GLU H 528 54.33 3.38 -52.32
C GLU H 528 55.13 3.14 -51.05
N ILE H 529 54.93 3.99 -50.06
CA ILE H 529 55.73 3.94 -48.85
C ILE H 529 54.88 4.00 -47.59
N ASN H 530 55.44 3.52 -46.49
CA ASN H 530 54.78 3.54 -45.19
C ASN H 530 55.63 4.26 -44.16
N LEU H 531 55.10 5.36 -43.64
CA LEU H 531 55.83 6.24 -42.75
C LEU H 531 55.50 5.97 -41.28
N SER H 532 56.51 5.57 -40.51
CA SER H 532 56.31 5.21 -39.11
C SER H 532 56.63 6.35 -38.15
N THR H 533 57.46 7.29 -38.60
CA THR H 533 57.89 8.37 -37.72
C THR H 533 58.33 9.63 -38.46
N ARG H 534 58.88 10.57 -37.69
CA ARG H 534 59.27 11.86 -38.22
C ARG H 534 60.40 11.72 -39.21
N MET H 535 61.30 10.79 -38.94
CA MET H 535 62.47 10.59 -39.79
C MET H 535 62.06 10.08 -41.14
N ASP H 536 60.94 9.37 -41.18
CA ASP H 536 60.49 8.77 -42.41
C ASP H 536 59.89 9.83 -43.30
N HIS H 537 59.27 10.83 -42.68
CA HIS H 537 58.71 11.95 -43.42
C HIS H 537 59.83 12.82 -43.97
N MET H 538 60.88 13.00 -43.18
CA MET H 538 62.02 13.78 -43.61
C MET H 538 62.66 13.15 -44.84
N VAL H 539 62.81 11.84 -44.80
CA VAL H 539 63.41 11.09 -45.89
C VAL H 539 62.55 11.06 -47.14
N SER H 540 61.26 10.78 -46.99
CA SER H 540 60.40 10.71 -48.16
C SER H 540 60.17 12.10 -48.73
N SER H 541 60.12 13.11 -47.87
CA SER H 541 59.93 14.48 -48.32
C SER H 541 61.06 14.89 -49.25
N PHE H 542 62.28 14.63 -48.81
CA PHE H 542 63.46 14.98 -49.61
C PHE H 542 63.46 14.27 -50.96
N CYS H 543 63.22 12.97 -50.95
CA CYS H 543 63.29 12.20 -52.18
C CYS H 543 62.14 12.51 -53.13
N ILE H 544 60.95 12.67 -52.60
CA ILE H 544 59.79 12.96 -53.43
C ILE H 544 59.93 14.34 -54.06
N GLU H 545 60.41 15.31 -53.29
CA GLU H 545 60.62 16.65 -53.85
C GLU H 545 61.59 16.57 -55.02
N ASN H 546 62.67 15.80 -54.84
CA ASN H 546 63.67 15.64 -55.87
C ASN H 546 63.33 14.48 -56.79
N CYS H 547 62.16 14.56 -57.41
CA CYS H 547 61.67 13.54 -58.34
C CYS H 547 60.74 14.16 -59.37
N HIS H 548 61.07 14.00 -60.64
CA HIS H 548 60.28 14.61 -61.70
C HIS H 548 59.63 13.58 -62.61
N ARG H 549 59.63 12.32 -62.19
CA ARG H 549 59.05 11.27 -63.02
C ARG H 549 58.05 10.39 -62.28
N VAL H 550 57.55 10.85 -61.13
CA VAL H 550 56.57 10.08 -60.39
C VAL H 550 55.17 10.46 -60.80
N GLU H 551 54.40 9.48 -61.22
CA GLU H 551 53.03 9.72 -61.65
C GLU H 551 52.05 9.45 -60.53
N SER H 552 52.37 8.46 -59.69
CA SER H 552 51.49 8.09 -58.60
C SER H 552 52.22 7.84 -57.30
N LEU H 553 51.65 8.36 -56.22
CA LEU H 553 52.20 8.21 -54.88
C LEU H 553 51.16 7.71 -53.90
N SER H 554 51.54 6.73 -53.09
CA SER H 554 50.69 6.22 -52.02
C SER H 554 51.38 6.35 -50.67
N LEU H 555 50.72 7.04 -49.73
CA LEU H 555 51.32 7.27 -48.42
C LEU H 555 50.60 6.51 -47.31
N GLY H 556 51.21 5.43 -46.88
CA GLY H 556 50.66 4.59 -45.84
C GLY H 556 51.04 5.11 -44.46
N PHE H 557 50.42 6.19 -44.03
CA PHE H 557 50.75 6.73 -42.72
C PHE H 557 50.44 5.68 -41.66
N LEU H 558 51.36 5.46 -40.73
CA LEU H 558 51.17 4.48 -39.67
C LEU H 558 50.84 5.16 -38.35
N HIS H 559 51.53 4.75 -37.28
CA HIS H 559 51.22 5.26 -35.94
C HIS H 559 51.85 6.62 -35.68
N ASN H 560 51.32 7.66 -36.34
CA ASN H 560 51.81 9.03 -36.24
C ASN H 560 50.98 9.84 -35.25
N LEU H 599 47.04 9.91 -37.25
CA LEU H 599 47.93 11.00 -37.63
C LEU H 599 47.45 12.32 -37.03
N THR H 600 46.21 12.73 -37.40
CA THR H 600 45.50 13.92 -36.90
C THR H 600 46.38 15.06 -36.40
N SER H 601 47.35 15.47 -37.21
CA SER H 601 48.29 16.51 -36.79
C SER H 601 49.02 17.16 -37.95
N SER H 602 49.76 18.22 -37.63
CA SER H 602 50.60 18.96 -38.59
C SER H 602 51.94 18.26 -38.79
N PHE H 603 52.10 17.14 -38.11
CA PHE H 603 53.30 16.32 -38.14
C PHE H 603 53.78 16.07 -39.57
N CYS H 604 52.84 15.77 -40.45
CA CYS H 604 53.12 15.43 -41.84
C CYS H 604 53.08 16.63 -42.79
N ARG H 605 52.85 17.82 -42.24
CA ARG H 605 52.70 19.01 -43.07
C ARG H 605 53.86 19.19 -44.02
N GLY H 606 55.06 18.87 -43.56
CA GLY H 606 56.28 19.04 -44.35
C GLY H 606 56.31 18.12 -45.57
N LEU H 607 55.47 17.09 -45.56
CA LEU H 607 55.42 16.17 -46.69
C LEU H 607 54.35 16.63 -47.67
N PHE H 608 53.20 17.00 -47.17
CA PHE H 608 52.11 17.41 -48.04
C PHE H 608 52.48 18.67 -48.83
N SER H 609 53.30 19.53 -48.22
CA SER H 609 53.76 20.75 -48.86
C SER H 609 54.70 20.45 -50.03
N VAL H 610 55.21 19.22 -50.08
CA VAL H 610 56.08 18.78 -51.17
C VAL H 610 55.26 18.20 -52.30
N LEU H 611 54.28 17.40 -51.94
CA LEU H 611 53.43 16.77 -52.94
C LEU H 611 52.77 17.83 -53.80
N SER H 612 52.37 18.93 -53.17
CA SER H 612 51.67 20.02 -53.85
C SER H 612 52.58 20.82 -54.76
N THR H 613 53.87 20.55 -54.75
CA THR H 613 54.77 21.28 -55.62
C THR H 613 55.31 20.40 -56.74
N SER H 614 54.88 19.14 -56.78
CA SER H 614 55.34 18.23 -57.82
C SER H 614 54.68 18.58 -59.14
N GLN H 615 55.47 18.54 -60.20
CA GLN H 615 54.90 18.85 -61.51
C GLN H 615 54.61 17.60 -62.32
N SER H 616 54.89 16.43 -61.72
CA SER H 616 54.64 15.17 -62.41
C SER H 616 53.61 14.32 -61.70
N LEU H 617 53.43 14.54 -60.40
CA LEU H 617 52.50 13.71 -59.64
C LEU H 617 51.08 13.97 -60.10
N THR H 618 50.38 12.90 -60.44
CA THR H 618 49.01 13.01 -60.91
C THR H 618 48.05 12.33 -59.93
N GLU H 619 48.44 11.17 -59.43
CA GLU H 619 47.59 10.39 -58.54
C GLU H 619 48.13 10.31 -57.14
N LEU H 620 47.33 10.70 -56.16
CA LEU H 620 47.71 10.62 -54.76
C LEU H 620 46.76 9.73 -53.97
N ASP H 621 47.27 8.63 -53.45
CA ASP H 621 46.46 7.67 -52.71
C ASP H 621 46.71 7.75 -51.21
N LEU H 622 45.74 8.28 -50.49
CA LEU H 622 45.88 8.43 -49.05
C LEU H 622 44.85 7.60 -48.32
N SER H 623 44.35 6.56 -48.98
CA SER H 623 43.32 5.71 -48.41
C SER H 623 43.87 4.77 -47.34
N ASP H 624 42.95 4.19 -46.59
CA ASP H 624 43.29 3.15 -45.62
C ASP H 624 44.38 3.54 -44.62
N ASN H 625 44.20 4.69 -43.98
CA ASN H 625 45.11 5.13 -42.93
C ASN H 625 44.40 6.12 -42.02
N SER H 626 45.02 6.49 -40.91
CA SER H 626 44.36 7.40 -39.97
C SER H 626 44.54 8.88 -40.33
N LEU H 627 44.12 9.25 -41.53
CA LEU H 627 44.18 10.65 -41.97
C LEU H 627 42.90 11.34 -41.56
N GLY H 628 42.69 11.43 -40.26
CA GLY H 628 41.45 11.95 -39.73
C GLY H 628 41.29 13.41 -40.09
N ASP H 629 40.14 13.98 -39.76
CA ASP H 629 39.81 15.34 -40.17
C ASP H 629 40.94 16.36 -39.96
N PRO H 630 41.64 16.39 -38.79
CA PRO H 630 42.71 17.31 -38.48
C PRO H 630 43.91 17.15 -39.42
N GLY H 631 44.02 15.99 -40.06
CA GLY H 631 45.11 15.74 -40.99
C GLY H 631 44.68 16.13 -42.40
N MET H 632 43.39 16.01 -42.65
CA MET H 632 42.84 16.36 -43.95
C MET H 632 42.90 17.85 -44.16
N ARG H 633 42.75 18.60 -43.07
CA ARG H 633 42.83 20.04 -43.14
C ARG H 633 44.19 20.48 -43.65
N VAL H 634 45.23 19.81 -43.17
CA VAL H 634 46.59 20.16 -43.56
C VAL H 634 46.77 19.91 -45.04
N LEU H 635 46.28 18.77 -45.49
CA LEU H 635 46.37 18.42 -46.89
C LEU H 635 45.57 19.39 -47.74
N CYS H 636 44.38 19.75 -47.29
CA CYS H 636 43.54 20.66 -48.06
C CYS H 636 44.19 22.01 -48.23
N GLU H 637 44.98 22.44 -47.26
CA GLU H 637 45.70 23.69 -47.40
C GLU H 637 46.76 23.59 -48.50
N THR H 638 47.37 22.41 -48.64
CA THR H 638 48.40 22.20 -49.65
C THR H 638 47.81 21.88 -51.02
N LEU H 639 46.61 21.33 -51.05
CA LEU H 639 45.96 21.00 -52.32
C LEU H 639 45.45 22.24 -53.04
N GLN H 640 45.55 23.39 -52.38
CA GLN H 640 45.12 24.65 -52.98
C GLN H 640 46.29 25.35 -53.67
N HIS H 641 47.47 24.74 -53.60
CA HIS H 641 48.64 25.34 -54.22
C HIS H 641 48.43 25.43 -55.75
N PRO H 642 48.73 26.58 -56.37
CA PRO H 642 48.66 26.84 -57.80
C PRO H 642 49.37 25.78 -58.65
N GLY H 643 50.42 25.18 -58.11
CA GLY H 643 51.21 24.19 -58.83
C GLY H 643 50.94 22.76 -58.40
N CYS H 644 49.82 22.53 -57.71
CA CYS H 644 49.48 21.22 -57.16
C CYS H 644 49.55 20.09 -58.19
N ASN H 645 48.77 20.23 -59.26
CA ASN H 645 48.75 19.27 -60.37
C ASN H 645 48.25 17.86 -60.02
N ILE H 646 47.70 17.68 -58.84
CA ILE H 646 47.13 16.37 -58.51
C ILE H 646 45.75 16.27 -59.11
N ARG H 647 45.52 15.23 -59.89
CA ARG H 647 44.24 15.07 -60.56
C ARG H 647 43.38 14.00 -59.89
N ARG H 648 44.02 13.00 -59.31
CA ARG H 648 43.26 11.91 -58.70
C ARG H 648 43.60 11.77 -57.22
N LEU H 649 42.62 12.07 -56.36
CA LEU H 649 42.87 12.03 -54.92
C LEU H 649 42.01 10.96 -54.25
N TRP H 650 42.62 9.85 -53.88
CA TRP H 650 41.86 8.70 -53.38
C TRP H 650 41.72 8.69 -51.86
N LEU H 651 40.87 9.55 -51.34
CA LEU H 651 40.69 9.64 -49.88
C LEU H 651 39.70 8.62 -49.38
N GLY H 652 40.05 7.35 -49.48
CA GLY H 652 39.13 6.28 -49.12
C GLY H 652 38.94 6.19 -47.62
N ARG H 653 39.19 5.02 -47.05
CA ARG H 653 38.97 4.87 -45.62
C ARG H 653 40.03 5.64 -44.84
N CYS H 654 39.87 6.95 -44.80
CA CYS H 654 40.79 7.87 -44.13
C CYS H 654 40.27 8.25 -42.76
N GLY H 655 39.09 7.76 -42.40
CA GLY H 655 38.49 8.07 -41.11
C GLY H 655 37.98 9.50 -41.06
N LEU H 656 37.53 10.01 -42.21
CA LEU H 656 37.07 11.37 -42.31
C LEU H 656 35.60 11.49 -41.96
N SER H 657 35.23 12.65 -41.45
CA SER H 657 33.83 12.94 -41.16
C SER H 657 33.41 14.23 -41.82
N HIS H 658 32.29 14.78 -41.37
CA HIS H 658 31.73 15.98 -41.99
C HIS H 658 32.66 17.18 -41.89
N GLU H 659 33.52 17.20 -40.88
CA GLU H 659 34.37 18.36 -40.68
C GLU H 659 35.34 18.56 -41.83
N CYS H 660 35.71 17.48 -42.50
CA CYS H 660 36.67 17.59 -43.58
C CYS H 660 36.03 18.14 -44.84
N CYS H 661 34.71 18.08 -44.92
CA CYS H 661 34.03 18.46 -46.14
C CYS H 661 34.19 19.92 -46.42
N PHE H 662 34.22 20.73 -45.36
CA PHE H 662 34.42 22.15 -45.53
C PHE H 662 35.76 22.40 -46.19
N ASP H 663 36.80 21.76 -45.68
CA ASP H 663 38.13 21.94 -46.20
C ASP H 663 38.24 21.38 -47.62
N ILE H 664 37.53 20.31 -47.90
CA ILE H 664 37.54 19.75 -49.24
C ILE H 664 36.87 20.70 -50.21
N SER H 665 35.75 21.29 -49.81
CA SER H 665 35.05 22.25 -50.67
C SER H 665 35.95 23.40 -51.04
N LEU H 666 36.79 23.84 -50.10
CA LEU H 666 37.72 24.92 -50.37
C LEU H 666 38.71 24.49 -51.46
N VAL H 667 39.08 23.21 -51.45
CA VAL H 667 39.97 22.69 -52.49
C VAL H 667 39.26 22.67 -53.83
N LEU H 668 38.02 22.18 -53.83
CA LEU H 668 37.26 22.06 -55.08
C LEU H 668 37.02 23.41 -55.75
N SER H 669 36.82 24.44 -54.94
CA SER H 669 36.55 25.78 -55.46
C SER H 669 37.80 26.53 -55.90
N SER H 670 38.98 25.95 -55.67
CA SER H 670 40.24 26.61 -55.99
C SER H 670 41.10 25.79 -56.93
N ASN H 671 41.24 24.51 -56.63
CA ASN H 671 42.06 23.58 -57.39
C ASN H 671 41.34 23.12 -58.65
N GLN H 672 41.81 23.61 -59.79
CA GLN H 672 41.17 23.32 -61.08
C GLN H 672 41.77 22.09 -61.75
N LYS H 673 42.68 21.42 -61.05
CA LYS H 673 43.35 20.26 -61.59
C LYS H 673 42.72 18.97 -61.08
N LEU H 674 42.10 19.02 -59.91
CA LEU H 674 41.50 17.82 -59.35
C LEU H 674 40.35 17.34 -60.22
N VAL H 675 40.42 16.08 -60.64
CA VAL H 675 39.42 15.48 -61.50
C VAL H 675 38.66 14.36 -60.82
N GLU H 676 39.37 13.52 -60.09
CA GLU H 676 38.77 12.35 -59.48
C GLU H 676 38.92 12.40 -57.97
N LEU H 677 37.80 12.36 -57.25
CA LEU H 677 37.81 12.41 -55.79
C LEU H 677 37.01 11.28 -55.20
N ASP H 678 37.64 10.47 -54.37
CA ASP H 678 36.96 9.35 -53.75
C ASP H 678 36.87 9.49 -52.25
N LEU H 679 35.67 9.71 -51.76
CA LEU H 679 35.41 9.96 -50.34
C LEU H 679 34.67 8.80 -49.71
N SER H 680 34.73 7.63 -50.35
CA SER H 680 34.01 6.45 -49.89
C SER H 680 34.56 5.85 -48.62
N ASP H 681 33.72 5.08 -47.96
CA ASP H 681 34.06 4.35 -46.74
C ASP H 681 34.52 5.29 -45.63
N ASN H 682 33.83 6.42 -45.50
CA ASN H 682 34.08 7.42 -44.47
C ASN H 682 32.79 7.68 -43.70
N ALA H 683 32.71 8.81 -42.99
CA ALA H 683 31.51 9.17 -42.25
C ALA H 683 30.98 10.52 -42.70
N LEU H 684 31.10 10.80 -43.99
CA LEU H 684 30.63 12.06 -44.55
C LEU H 684 29.13 12.05 -44.68
N GLY H 685 28.45 12.17 -43.56
CA GLY H 685 26.99 12.05 -43.55
C GLY H 685 26.35 13.20 -44.30
N ASP H 686 25.03 13.24 -44.27
CA ASP H 686 24.27 14.21 -45.05
C ASP H 686 24.80 15.62 -44.90
N PHE H 687 25.20 15.99 -43.70
CA PHE H 687 25.73 17.32 -43.50
C PHE H 687 27.02 17.50 -44.26
N GLY H 688 27.84 16.47 -44.30
CA GLY H 688 29.12 16.55 -44.99
C GLY H 688 28.87 16.85 -46.46
N ILE H 689 27.82 16.26 -46.99
CA ILE H 689 27.45 16.47 -48.39
C ILE H 689 26.98 17.90 -48.60
N ARG H 690 26.18 18.42 -47.69
CA ARG H 690 25.72 19.80 -47.82
C ARG H 690 26.92 20.73 -47.95
N LEU H 691 27.95 20.46 -47.14
CA LEU H 691 29.18 21.24 -47.22
C LEU H 691 29.97 20.94 -48.47
N LEU H 692 30.05 19.66 -48.83
CA LEU H 692 30.84 19.26 -49.99
C LEU H 692 30.30 19.89 -51.26
N CYS H 693 28.97 19.95 -51.36
CA CYS H 693 28.31 20.46 -52.54
C CYS H 693 28.58 21.94 -52.76
N VAL H 694 29.13 22.60 -51.74
CA VAL H 694 29.47 24.00 -51.89
C VAL H 694 30.55 24.13 -52.94
N GLY H 695 31.49 23.19 -52.94
CA GLY H 695 32.58 23.20 -53.90
C GLY H 695 32.13 22.61 -55.23
N LEU H 696 31.29 21.58 -55.16
CA LEU H 696 30.88 20.87 -56.37
C LEU H 696 30.06 21.78 -57.28
N LYS H 697 29.28 22.68 -56.68
CA LYS H 697 28.45 23.60 -57.44
C LYS H 697 29.22 24.87 -57.83
N HIS H 698 30.47 24.96 -57.41
CA HIS H 698 31.26 26.16 -57.61
C HIS H 698 31.84 26.23 -59.02
N LEU H 699 31.95 27.45 -59.54
CA LEU H 699 32.59 27.64 -60.82
C LEU H 699 34.05 27.27 -60.71
N LEU H 700 34.61 26.80 -61.80
CA LEU H 700 36.01 26.35 -61.86
C LEU H 700 36.22 25.02 -61.14
N CYS H 701 35.13 24.39 -60.67
CA CYS H 701 35.26 23.07 -60.12
C CYS H 701 35.16 22.06 -61.25
N ASN H 702 36.28 21.43 -61.56
CA ASN H 702 36.36 20.57 -62.74
C ASN H 702 36.28 19.10 -62.38
N LEU H 703 35.82 18.81 -61.18
CA LEU H 703 35.73 17.43 -60.74
C LEU H 703 34.84 16.64 -61.69
N LYS H 704 35.31 15.48 -62.13
CA LYS H 704 34.54 14.64 -63.04
C LYS H 704 34.03 13.38 -62.37
N LYS H 705 34.81 12.82 -61.46
CA LYS H 705 34.43 11.56 -60.84
C LYS H 705 34.37 11.70 -59.34
N LEU H 706 33.22 11.37 -58.76
CA LEU H 706 33.04 11.49 -57.33
C LEU H 706 32.46 10.23 -56.72
N TRP H 707 33.17 9.66 -55.76
CA TRP H 707 32.67 8.48 -55.06
C TRP H 707 32.24 8.84 -53.64
N LEU H 708 30.99 8.59 -53.33
CA LEU H 708 30.44 8.83 -52.02
C LEU H 708 29.86 7.55 -51.46
N VAL H 709 30.46 6.44 -51.86
CA VAL H 709 30.00 5.12 -51.48
C VAL H 709 30.20 4.85 -49.99
N SER H 710 29.16 4.37 -49.35
CA SER H 710 29.20 4.08 -47.92
C SER H 710 29.67 5.26 -47.10
N CYS H 711 28.92 6.36 -47.18
CA CYS H 711 29.27 7.57 -46.43
C CYS H 711 28.17 7.93 -45.44
N CYS H 712 27.41 6.93 -45.01
CA CYS H 712 26.35 7.15 -44.05
C CYS H 712 25.37 8.20 -44.54
N LEU H 713 25.02 8.14 -45.82
CA LEU H 713 24.10 9.12 -46.40
C LEU H 713 22.68 8.62 -46.37
N THR H 714 21.74 9.55 -46.32
CA THR H 714 20.33 9.21 -46.46
C THR H 714 19.75 10.03 -47.60
N SER H 715 18.45 9.84 -47.85
CA SER H 715 17.77 10.54 -48.93
C SER H 715 17.82 12.05 -48.73
N ALA H 716 18.08 12.48 -47.50
CA ALA H 716 18.14 13.90 -47.17
C ALA H 716 19.22 14.62 -47.97
N CYS H 717 20.30 13.91 -48.31
CA CYS H 717 21.41 14.54 -49.01
C CYS H 717 21.16 14.62 -50.51
N CYS H 718 20.14 13.93 -50.99
CA CYS H 718 19.91 13.87 -52.43
C CYS H 718 19.48 15.22 -52.96
N GLN H 719 18.93 16.04 -52.08
CA GLN H 719 18.51 17.36 -52.50
C GLN H 719 19.71 18.19 -52.94
N ASP H 720 20.87 17.94 -52.34
CA ASP H 720 22.05 18.71 -52.67
C ASP H 720 22.81 18.06 -53.81
N LEU H 721 22.84 16.72 -53.83
CA LEU H 721 23.54 16.02 -54.88
C LEU H 721 22.82 16.24 -56.20
N ALA H 722 21.50 16.31 -56.15
CA ALA H 722 20.70 16.53 -57.34
C ALA H 722 21.02 17.89 -57.96
N SER H 723 21.28 18.88 -57.09
CA SER H 723 21.61 20.22 -57.55
C SER H 723 22.96 20.22 -58.23
N VAL H 724 23.89 19.44 -57.70
CA VAL H 724 25.20 19.33 -58.31
C VAL H 724 25.09 18.73 -59.70
N LEU H 725 24.29 17.67 -59.83
CA LEU H 725 24.12 17.03 -61.13
C LEU H 725 23.53 18.01 -62.14
N SER H 726 22.59 18.83 -61.69
CA SER H 726 21.96 19.80 -62.57
C SER H 726 22.92 20.89 -63.04
N THR H 727 23.68 21.46 -62.10
CA THR H 727 24.51 22.62 -62.41
C THR H 727 25.93 22.30 -62.86
N SER H 728 26.51 21.21 -62.37
CA SER H 728 27.92 20.94 -62.67
C SER H 728 28.15 20.70 -64.15
N HIS H 729 29.18 21.35 -64.67
CA HIS H 729 29.57 21.23 -66.06
C HIS H 729 30.51 20.06 -66.29
N SER H 730 31.03 19.50 -65.19
CA SER H 730 32.07 18.49 -65.31
C SER H 730 31.76 17.16 -64.64
N LEU H 731 30.81 17.13 -63.71
CA LEU H 731 30.61 15.87 -62.99
C LEU H 731 29.86 14.87 -63.85
N THR H 732 30.52 13.77 -64.18
CA THR H 732 29.93 12.76 -65.04
C THR H 732 29.80 11.42 -64.33
N ARG H 733 30.64 11.19 -63.33
CA ARG H 733 30.66 9.92 -62.63
C ARG H 733 30.26 10.06 -61.17
N LEU H 734 29.02 9.69 -60.83
CA LEU H 734 28.57 9.82 -59.45
C LEU H 734 28.24 8.47 -58.83
N TYR H 735 29.02 8.05 -57.85
CA TYR H 735 28.80 6.77 -57.19
C TYR H 735 28.33 6.98 -55.76
N VAL H 736 27.08 6.63 -55.48
CA VAL H 736 26.50 6.89 -54.16
C VAL H 736 25.86 5.66 -53.52
N GLY H 737 26.30 4.48 -53.91
CA GLY H 737 25.70 3.26 -53.40
C GLY H 737 26.16 2.95 -51.99
N GLU H 738 25.67 1.83 -51.44
CA GLU H 738 25.97 1.42 -50.09
C GLU H 738 25.60 2.51 -49.11
N ASN H 739 24.41 3.06 -49.30
CA ASN H 739 23.89 4.16 -48.48
C ASN H 739 22.41 3.96 -48.24
N ALA H 740 21.79 4.91 -47.53
CA ALA H 740 20.35 4.81 -47.24
C ALA H 740 19.57 5.67 -48.22
N LEU H 741 20.10 5.84 -49.42
CA LEU H 741 19.44 6.62 -50.46
C LEU H 741 18.38 5.78 -51.12
N GLY H 742 17.31 5.53 -50.38
CA GLY H 742 16.28 4.62 -50.84
C GLY H 742 15.49 5.23 -51.98
N ASP H 743 14.37 4.59 -52.32
CA ASP H 743 13.56 5.02 -53.45
C ASP H 743 13.27 6.52 -53.42
N SER H 744 12.96 7.04 -52.25
CA SER H 744 12.65 8.45 -52.08
C SER H 744 13.85 9.35 -52.33
N GLY H 745 15.04 8.80 -52.24
CA GLY H 745 16.27 9.55 -52.49
C GLY H 745 16.58 9.58 -53.97
N VAL H 746 16.44 8.44 -54.61
CA VAL H 746 16.68 8.34 -56.04
C VAL H 746 15.72 9.20 -56.81
N ALA H 747 14.47 9.25 -56.38
CA ALA H 747 13.48 10.07 -57.05
C ALA H 747 13.97 11.52 -57.11
N ILE H 748 14.65 11.98 -56.07
CA ILE H 748 15.17 13.34 -56.02
C ILE H 748 16.31 13.50 -57.01
N LEU H 749 17.23 12.54 -57.02
CA LEU H 749 18.37 12.61 -57.93
C LEU H 749 17.88 12.55 -59.37
N CYS H 750 16.86 11.73 -59.61
CA CYS H 750 16.29 11.55 -60.94
C CYS H 750 15.62 12.80 -61.44
N GLU H 751 14.97 13.53 -60.55
CA GLU H 751 14.28 14.75 -60.93
C GLU H 751 15.22 15.70 -61.66
N LYS H 752 16.48 15.72 -61.26
CA LYS H 752 17.44 16.58 -61.94
C LYS H 752 18.26 15.81 -62.97
N ALA H 753 18.53 14.53 -62.71
CA ALA H 753 19.34 13.72 -63.61
C ALA H 753 18.60 13.44 -64.91
N LYS H 754 17.27 13.55 -64.87
CA LYS H 754 16.44 13.33 -66.05
C LYS H 754 16.58 14.49 -67.03
N ASN H 755 17.15 15.60 -66.58
CA ASN H 755 17.32 16.75 -67.45
C ASN H 755 18.33 16.41 -68.54
N PRO H 756 17.96 16.56 -69.82
CA PRO H 756 18.73 16.17 -70.98
C PRO H 756 20.05 16.93 -71.09
N GLN H 757 20.19 18.01 -70.31
CA GLN H 757 21.40 18.81 -70.32
C GLN H 757 22.36 18.40 -69.20
N CYS H 758 21.95 17.42 -68.41
CA CYS H 758 22.78 16.92 -67.32
C CYS H 758 23.95 16.13 -67.89
N ASN H 759 25.13 16.28 -67.27
CA ASN H 759 26.34 15.65 -67.79
C ASN H 759 26.61 14.28 -67.19
N LEU H 760 25.67 13.77 -66.41
CA LEU H 760 25.86 12.49 -65.75
C LEU H 760 26.01 11.36 -66.76
N GLN H 761 27.08 10.59 -66.62
CA GLN H 761 27.35 9.46 -67.52
C GLN H 761 27.29 8.13 -66.80
N LYS H 762 27.77 8.09 -65.56
CA LYS H 762 27.74 6.85 -64.79
C LYS H 762 27.07 7.08 -63.46
N LEU H 763 26.03 6.32 -63.15
CA LEU H 763 25.32 6.48 -61.90
C LEU H 763 25.40 5.23 -61.04
N GLY H 764 26.19 5.32 -59.97
CA GLY H 764 26.49 4.16 -59.12
C GLY H 764 25.51 3.98 -57.97
N LEU H 765 24.23 3.88 -58.29
CA LEU H 765 23.23 3.63 -57.26
C LEU H 765 23.19 2.15 -56.94
N VAL H 766 24.25 1.67 -56.32
CA VAL H 766 24.41 0.24 -56.12
C VAL H 766 23.58 -0.22 -54.95
N ASN H 767 24.18 -0.43 -53.80
CA ASN H 767 23.40 -0.90 -52.67
C ASN H 767 22.75 0.27 -51.99
N SER H 768 21.77 0.86 -52.66
CA SER H 768 21.10 2.05 -52.16
C SER H 768 19.79 1.70 -51.45
N GLY H 769 19.46 0.42 -51.42
CA GLY H 769 18.23 -0.01 -50.76
C GLY H 769 17.01 0.39 -51.57
N LEU H 770 17.12 0.29 -52.89
CA LEU H 770 16.04 0.71 -53.76
C LEU H 770 15.04 -0.41 -53.99
N THR H 771 13.81 -0.02 -54.25
CA THR H 771 12.75 -0.93 -54.60
C THR H 771 12.20 -0.53 -55.95
N SER H 772 11.22 -1.28 -56.44
CA SER H 772 10.62 -0.99 -57.74
C SER H 772 9.95 0.38 -57.76
N VAL H 773 9.73 0.96 -56.58
CA VAL H 773 9.08 2.24 -56.45
C VAL H 773 9.79 3.34 -57.22
N CYS H 774 11.12 3.31 -57.24
CA CYS H 774 11.86 4.38 -57.91
C CYS H 774 12.32 3.99 -59.30
N CYS H 775 11.91 2.82 -59.79
CA CYS H 775 12.37 2.42 -61.10
C CYS H 775 11.69 3.23 -62.18
N SER H 776 10.53 3.79 -61.89
CA SER H 776 9.87 4.66 -62.85
C SER H 776 10.65 5.97 -62.95
N ALA H 777 11.34 6.34 -61.87
CA ALA H 777 12.17 7.53 -61.87
C ALA H 777 13.46 7.26 -62.63
N LEU H 778 14.02 6.08 -62.43
CA LEU H 778 15.22 5.68 -63.15
C LEU H 778 14.91 5.53 -64.62
N SER H 779 13.71 5.03 -64.91
CA SER H 779 13.25 4.88 -66.28
C SER H 779 13.18 6.22 -66.98
N SER H 780 12.63 7.21 -66.28
CA SER H 780 12.54 8.56 -66.82
C SER H 780 13.93 9.10 -67.16
N VAL H 781 14.88 8.87 -66.26
CA VAL H 781 16.24 9.34 -66.50
C VAL H 781 16.85 8.64 -67.70
N LEU H 782 16.69 7.33 -67.78
CA LEU H 782 17.25 6.56 -68.88
C LEU H 782 16.68 7.00 -70.22
N SER H 783 15.39 7.27 -70.23
CA SER H 783 14.69 7.71 -71.43
C SER H 783 15.13 9.10 -71.90
N THR H 784 15.19 10.05 -70.98
CA THR H 784 15.47 11.44 -71.33
C THR H 784 16.95 11.82 -71.38
N ASN H 785 17.73 11.33 -70.42
CA ASN H 785 19.13 11.71 -70.33
C ASN H 785 19.97 10.86 -71.25
N GLN H 786 20.34 11.42 -72.40
CA GLN H 786 21.04 10.69 -73.43
C GLN H 786 22.53 10.56 -73.11
N ASN H 787 22.95 11.16 -72.02
CA ASN H 787 24.35 11.11 -71.64
C ASN H 787 24.63 9.99 -70.66
N LEU H 788 23.59 9.31 -70.17
CA LEU H 788 23.79 8.28 -69.17
C LEU H 788 24.11 6.96 -69.85
N THR H 789 25.32 6.46 -69.63
CA THR H 789 25.79 5.28 -70.32
C THR H 789 25.98 4.07 -69.40
N HIS H 790 26.14 4.32 -68.11
CA HIS H 790 26.34 3.22 -67.17
C HIS H 790 25.47 3.39 -65.93
N LEU H 791 24.71 2.35 -65.59
CA LEU H 791 23.86 2.37 -64.41
C LEU H 791 24.05 1.10 -63.60
N TYR H 792 24.45 1.24 -62.34
CA TYR H 792 24.76 0.09 -61.51
C TYR H 792 23.76 -0.06 -60.38
N LEU H 793 22.88 -1.06 -60.46
CA LEU H 793 21.81 -1.20 -59.47
C LEU H 793 21.92 -2.44 -58.58
N ARG H 794 23.06 -3.11 -58.57
CA ARG H 794 23.15 -4.33 -57.80
C ARG H 794 23.00 -4.10 -56.31
N GLY H 795 22.31 -5.01 -55.64
CA GLY H 795 22.07 -4.90 -54.21
C GLY H 795 20.69 -4.33 -53.93
N ASN H 796 20.05 -3.79 -54.97
CA ASN H 796 18.73 -3.22 -54.85
C ASN H 796 17.64 -4.24 -55.11
N THR H 797 16.81 -4.50 -54.12
CA THR H 797 15.76 -5.48 -54.27
C THR H 797 14.64 -4.91 -55.12
N LEU H 798 14.89 -4.82 -56.42
CA LEU H 798 13.98 -4.19 -57.36
C LEU H 798 12.92 -5.19 -57.79
N GLY H 799 13.33 -6.44 -57.87
CA GLY H 799 12.42 -7.50 -58.23
C GLY H 799 12.01 -7.41 -59.70
N ASP H 800 10.96 -8.14 -60.03
CA ASP H 800 10.51 -8.20 -61.41
C ASP H 800 9.79 -6.93 -61.79
N LYS H 801 9.11 -6.32 -60.82
CA LYS H 801 8.38 -5.10 -61.08
C LYS H 801 9.35 -3.99 -61.47
N GLY H 802 10.49 -3.95 -60.80
CA GLY H 802 11.50 -2.95 -61.11
C GLY H 802 12.01 -3.13 -62.53
N ILE H 803 12.27 -4.37 -62.93
CA ILE H 803 12.78 -4.61 -64.28
C ILE H 803 11.77 -4.14 -65.31
N LYS H 804 10.49 -4.43 -65.09
CA LYS H 804 9.47 -4.01 -66.04
C LYS H 804 9.48 -2.50 -66.19
N LEU H 805 9.56 -1.79 -65.08
CA LEU H 805 9.57 -0.33 -65.11
C LEU H 805 10.83 0.21 -65.77
N LEU H 806 11.98 -0.40 -65.50
CA LEU H 806 13.21 0.08 -66.12
C LEU H 806 13.15 -0.12 -67.63
N CYS H 807 12.54 -1.22 -68.05
CA CYS H 807 12.44 -1.53 -69.48
C CYS H 807 11.67 -0.47 -70.24
N GLU H 808 10.69 0.15 -69.58
CA GLU H 808 9.95 1.20 -70.25
C GLU H 808 10.90 2.32 -70.71
N GLY H 809 11.95 2.56 -69.94
CA GLY H 809 12.94 3.56 -70.30
C GLY H 809 14.02 2.98 -71.20
N LEU H 810 14.52 1.80 -70.84
CA LEU H 810 15.62 1.18 -71.57
C LEU H 810 15.27 0.89 -73.02
N LEU H 811 14.01 0.57 -73.27
CA LEU H 811 13.56 0.24 -74.62
C LEU H 811 13.15 1.49 -75.40
N HIS H 812 13.23 2.65 -74.76
CA HIS H 812 12.90 3.91 -75.40
C HIS H 812 14.00 4.23 -76.43
N PRO H 813 13.64 4.73 -77.62
CA PRO H 813 14.56 5.05 -78.70
C PRO H 813 15.62 6.09 -78.33
N ASP H 814 15.36 6.91 -77.31
CA ASP H 814 16.34 7.92 -76.92
C ASP H 814 17.24 7.46 -75.78
N CYS H 815 17.09 6.22 -75.33
CA CYS H 815 17.95 5.75 -74.25
C CYS H 815 19.29 5.31 -74.81
N LYS H 816 20.36 5.79 -74.20
CA LYS H 816 21.71 5.49 -74.68
C LYS H 816 22.48 4.61 -73.71
N LEU H 817 21.80 4.04 -72.72
CA LEU H 817 22.49 3.25 -71.72
C LEU H 817 23.24 2.10 -72.36
N GLN H 818 24.52 1.95 -72.01
CA GLN H 818 25.34 0.88 -72.56
C GLN H 818 25.54 -0.24 -71.57
N VAL H 819 25.76 0.12 -70.31
CA VAL H 819 26.01 -0.88 -69.29
C VAL H 819 25.00 -0.85 -68.17
N LEU H 820 24.33 -1.98 -67.97
CA LEU H 820 23.38 -2.10 -66.88
C LEU H 820 23.78 -3.25 -65.97
N GLU H 821 23.99 -2.97 -64.69
CA GLU H 821 24.36 -4.03 -63.76
C GLU H 821 23.21 -4.42 -62.85
N LEU H 822 22.86 -5.71 -62.88
CA LEU H 822 21.74 -6.22 -62.09
C LEU H 822 22.10 -7.54 -61.42
N ASP H 823 22.92 -7.46 -60.38
CA ASP H 823 23.38 -8.66 -59.69
C ASP H 823 22.40 -9.07 -58.61
N ASN H 824 22.70 -8.81 -57.36
CA ASN H 824 21.78 -9.17 -56.29
C ASN H 824 20.61 -8.19 -56.23
N CYS H 825 19.74 -8.27 -57.23
CA CYS H 825 18.60 -7.37 -57.35
C CYS H 825 17.29 -8.06 -57.01
N ASN H 826 17.38 -9.27 -56.45
CA ASN H 826 16.21 -10.05 -56.05
C ASN H 826 15.27 -10.32 -57.21
N LEU H 827 15.84 -10.67 -58.36
CA LEU H 827 15.04 -10.96 -59.55
C LEU H 827 14.67 -12.43 -59.60
N THR H 828 13.59 -12.75 -60.29
CA THR H 828 13.27 -14.16 -60.52
C THR H 828 12.88 -14.41 -61.97
N SER H 829 12.48 -15.64 -62.25
CA SER H 829 12.25 -16.07 -63.63
C SER H 829 11.16 -15.31 -64.36
N HIS H 830 10.27 -14.66 -63.63
CA HIS H 830 9.15 -13.96 -64.24
C HIS H 830 9.58 -12.69 -64.96
N CYS H 831 10.81 -12.25 -64.71
CA CYS H 831 11.31 -11.04 -65.37
C CYS H 831 12.08 -11.39 -66.62
N CYS H 832 12.21 -12.67 -66.92
CA CYS H 832 13.03 -13.08 -68.04
C CYS H 832 12.48 -12.62 -69.37
N TRP H 833 11.16 -12.45 -69.45
CA TRP H 833 10.56 -11.97 -70.68
C TRP H 833 10.96 -10.53 -70.94
N ASP H 834 11.12 -9.77 -69.86
CA ASP H 834 11.45 -8.36 -69.99
C ASP H 834 12.95 -8.20 -70.20
N LEU H 835 13.74 -9.05 -69.54
CA LEU H 835 15.17 -9.01 -69.76
C LEU H 835 15.45 -9.46 -71.19
N SER H 836 14.72 -10.49 -71.63
CA SER H 836 14.88 -11.00 -72.98
C SER H 836 14.57 -9.92 -74.00
N THR H 837 13.54 -9.15 -73.73
CA THR H 837 13.19 -8.05 -74.61
C THR H 837 14.37 -7.08 -74.72
N LEU H 838 15.00 -6.76 -73.59
CA LEU H 838 16.15 -5.87 -73.62
C LEU H 838 17.28 -6.43 -74.46
N LEU H 839 17.47 -7.74 -74.38
CA LEU H 839 18.61 -8.38 -75.04
C LEU H 839 18.58 -8.15 -76.55
N THR H 840 17.38 -8.12 -77.15
CA THR H 840 17.31 -7.92 -78.59
C THR H 840 16.72 -6.58 -79.03
N SER H 841 15.92 -5.94 -78.18
CA SER H 841 15.23 -4.73 -78.57
C SER H 841 15.98 -3.45 -78.22
N SER H 842 16.86 -3.49 -77.22
CA SER H 842 17.60 -2.30 -76.86
C SER H 842 18.86 -2.21 -77.69
N GLN H 843 18.92 -1.22 -78.58
CA GLN H 843 20.02 -1.14 -79.53
C GLN H 843 21.21 -0.40 -78.96
N SER H 844 21.04 0.18 -77.78
CA SER H 844 22.10 0.95 -77.15
C SER H 844 22.88 0.10 -76.16
N LEU H 845 22.22 -0.91 -75.59
CA LEU H 845 22.81 -1.71 -74.54
C LEU H 845 23.94 -2.58 -75.09
N ARG H 846 25.05 -2.65 -74.38
CA ARG H 846 26.19 -3.44 -74.79
C ARG H 846 26.53 -4.50 -73.76
N LYS H 847 26.28 -4.19 -72.49
CA LYS H 847 26.60 -5.07 -71.39
C LYS H 847 25.40 -5.21 -70.46
N LEU H 848 25.22 -6.40 -69.90
CA LEU H 848 24.15 -6.61 -68.95
C LEU H 848 24.58 -7.60 -67.89
N SER H 849 25.01 -7.08 -66.76
CA SER H 849 25.63 -7.90 -65.75
C SER H 849 24.61 -8.52 -64.80
N LEU H 850 23.87 -9.49 -65.29
CA LEU H 850 22.95 -10.24 -64.45
C LEU H 850 23.82 -11.01 -63.46
N GLY H 851 23.39 -11.17 -62.23
CA GLY H 851 24.27 -11.85 -61.28
C GLY H 851 23.56 -12.70 -60.24
N ASN H 852 23.95 -12.49 -59.00
CA ASN H 852 23.53 -13.33 -57.89
C ASN H 852 22.07 -13.18 -57.52
N ASN H 853 21.21 -13.70 -58.39
CA ASN H 853 19.78 -13.72 -58.16
C ASN H 853 19.20 -15.02 -58.71
N ASP H 854 18.08 -15.47 -58.14
CA ASP H 854 17.52 -16.75 -58.56
C ASP H 854 16.68 -16.60 -59.81
N LEU H 855 17.36 -16.31 -60.91
CA LEU H 855 16.70 -16.02 -62.16
C LEU H 855 16.05 -17.24 -62.79
N GLY H 856 16.68 -18.40 -62.64
CA GLY H 856 16.17 -19.62 -63.25
C GLY H 856 16.98 -20.00 -64.48
N ASP H 857 17.33 -21.26 -64.59
CA ASP H 857 18.16 -21.72 -65.70
C ASP H 857 17.37 -21.79 -67.01
N LEU H 858 16.09 -22.08 -66.90
CA LEU H 858 15.23 -22.09 -68.08
C LEU H 858 15.16 -20.69 -68.70
N GLY H 859 15.12 -19.67 -67.84
CA GLY H 859 15.07 -18.29 -68.30
C GLY H 859 16.32 -17.95 -69.09
N VAL H 860 17.46 -18.39 -68.58
CA VAL H 860 18.73 -18.17 -69.25
C VAL H 860 18.78 -18.84 -70.62
N MET H 861 18.22 -20.04 -70.74
CA MET H 861 18.21 -20.71 -72.05
C MET H 861 17.45 -19.86 -73.06
N MET H 862 16.39 -19.18 -72.62
CA MET H 862 15.65 -18.30 -73.50
C MET H 862 16.54 -17.16 -73.97
N PHE H 863 17.39 -16.67 -73.08
CA PHE H 863 18.29 -15.57 -73.43
C PHE H 863 19.19 -16.00 -74.57
N CYS H 864 19.70 -17.23 -74.48
CA CYS H 864 20.56 -17.74 -75.53
C CYS H 864 19.87 -17.69 -76.88
N GLU H 865 18.63 -18.17 -76.93
CA GLU H 865 17.88 -18.24 -78.17
C GLU H 865 17.65 -16.86 -78.79
N VAL H 866 17.37 -15.87 -77.95
CA VAL H 866 17.10 -14.53 -78.46
C VAL H 866 18.37 -13.76 -78.80
N LEU H 867 19.45 -13.98 -78.05
CA LEU H 867 20.70 -13.28 -78.33
C LEU H 867 21.22 -13.62 -79.71
N LYS H 868 20.99 -14.85 -80.14
CA LYS H 868 21.41 -15.28 -81.46
C LYS H 868 20.73 -14.48 -82.57
N GLN H 869 19.61 -13.82 -82.25
CA GLN H 869 18.85 -13.05 -83.23
C GLN H 869 19.41 -11.64 -83.40
N GLN H 870 20.66 -11.57 -83.86
CA GLN H 870 21.36 -10.31 -84.13
C GLN H 870 21.39 -9.34 -82.94
N SER H 871 21.60 -9.84 -81.74
CA SER H 871 21.72 -8.97 -80.57
C SER H 871 23.02 -8.17 -80.62
N CYS H 872 22.96 -6.93 -80.15
CA CYS H 872 24.13 -6.05 -80.07
C CYS H 872 24.77 -6.12 -78.69
N LEU H 873 24.25 -6.98 -77.82
CA LEU H 873 24.74 -7.10 -76.47
C LEU H 873 25.97 -7.98 -76.46
N LEU H 874 27.11 -7.39 -76.82
CA LEU H 874 28.32 -8.17 -77.06
C LEU H 874 29.28 -8.20 -75.88
N GLN H 875 28.91 -7.56 -74.78
CA GLN H 875 29.78 -7.57 -73.62
C GLN H 875 29.36 -8.62 -72.62
N ASN H 876 30.09 -8.70 -71.52
CA ASN H 876 29.85 -9.71 -70.50
C ASN H 876 28.38 -9.76 -70.12
N LEU H 877 27.82 -10.97 -70.13
CA LEU H 877 26.40 -11.18 -69.82
C LEU H 877 26.17 -11.46 -68.34
N GLY H 878 27.23 -11.45 -67.56
CA GLY H 878 27.12 -11.72 -66.14
C GLY H 878 26.73 -13.16 -65.87
N LEU H 879 25.62 -13.36 -65.18
CA LEU H 879 25.14 -14.69 -64.81
C LEU H 879 26.15 -15.38 -63.90
N SER H 880 26.96 -14.59 -63.21
CA SER H 880 27.93 -15.12 -62.27
C SER H 880 27.22 -15.53 -61.00
N GLU H 881 27.82 -16.45 -60.25
CA GLU H 881 27.27 -16.93 -58.99
C GLU H 881 25.84 -17.46 -59.17
N MET H 882 25.47 -17.70 -60.42
CA MET H 882 24.18 -18.23 -60.78
C MET H 882 24.38 -19.65 -61.31
N TYR H 883 23.76 -20.63 -60.69
CA TYR H 883 24.01 -22.02 -61.05
C TYR H 883 22.91 -22.58 -61.93
N PHE H 884 23.31 -23.44 -62.86
CA PHE H 884 22.38 -23.95 -63.85
C PHE H 884 22.48 -25.45 -64.00
N ASN H 885 21.44 -26.07 -64.54
CA ASN H 885 21.51 -27.49 -64.85
C ASN H 885 22.37 -27.72 -66.10
N TYR H 886 22.50 -29.00 -66.48
CA TYR H 886 23.36 -29.34 -67.61
C TYR H 886 22.93 -28.72 -68.93
N GLU H 887 21.66 -28.84 -69.27
CA GLU H 887 21.18 -28.38 -70.57
C GLU H 887 21.41 -26.89 -70.72
N THR H 888 21.23 -26.14 -69.65
CA THR H 888 21.44 -24.70 -69.67
C THR H 888 22.90 -24.36 -69.86
N LYS H 889 23.78 -25.04 -69.12
CA LYS H 889 25.21 -24.77 -69.26
C LYS H 889 25.66 -25.08 -70.68
N SER H 890 25.12 -26.16 -71.26
CA SER H 890 25.44 -26.52 -72.63
C SER H 890 25.00 -25.42 -73.59
N ALA H 891 23.79 -24.89 -73.37
CA ALA H 891 23.27 -23.83 -74.20
C ALA H 891 24.15 -22.59 -74.13
N LEU H 892 24.64 -22.26 -72.94
CA LEU H 892 25.51 -21.10 -72.78
C LEU H 892 26.85 -21.29 -73.48
N GLU H 893 27.42 -22.49 -73.36
CA GLU H 893 28.68 -22.76 -74.04
C GLU H 893 28.47 -22.68 -75.55
N THR H 894 27.33 -23.19 -76.00
CA THR H 894 26.99 -23.18 -77.41
C THR H 894 26.88 -21.74 -77.90
N LEU H 895 26.22 -20.89 -77.12
CA LEU H 895 26.04 -19.50 -77.46
C LEU H 895 27.37 -18.82 -77.76
N GLN H 896 28.37 -19.06 -76.92
CA GLN H 896 29.67 -18.44 -77.13
C GLN H 896 30.31 -18.91 -78.44
N GLU H 897 30.08 -20.17 -78.81
CA GLU H 897 30.65 -20.71 -80.04
C GLU H 897 29.88 -20.25 -81.28
N GLU H 898 28.55 -20.19 -81.17
CA GLU H 898 27.71 -19.80 -82.31
C GLU H 898 27.68 -18.30 -82.52
N LYS H 899 27.88 -17.55 -81.44
CA LYS H 899 27.89 -16.09 -81.50
C LYS H 899 29.23 -15.53 -81.02
N PRO H 900 30.32 -15.72 -81.79
CA PRO H 900 31.70 -15.46 -81.42
C PRO H 900 31.96 -13.98 -81.16
N GLU H 901 31.06 -13.12 -81.64
CA GLU H 901 31.18 -11.70 -81.40
C GLU H 901 30.86 -11.34 -79.96
N LEU H 902 30.30 -12.30 -79.22
CA LEU H 902 29.99 -12.11 -77.82
C LEU H 902 31.23 -12.28 -76.97
N THR H 903 31.55 -11.28 -76.18
CA THR H 903 32.78 -11.29 -75.41
C THR H 903 32.86 -12.46 -74.45
N VAL H 904 31.85 -12.63 -73.59
CA VAL H 904 31.89 -13.71 -72.62
C VAL H 904 30.55 -13.89 -71.90
N VAL H 905 30.21 -15.14 -71.59
CA VAL H 905 29.07 -15.40 -70.72
C VAL H 905 29.48 -15.24 -69.26
N PHE H 906 30.60 -15.86 -68.90
CA PHE H 906 31.21 -15.81 -67.57
C PHE H 906 30.42 -16.60 -66.52
N GLU H 907 30.20 -17.88 -66.82
CA GLU H 907 29.56 -18.82 -65.91
C GLU H 907 30.47 -19.05 -64.69
N PRO H 908 29.89 -19.34 -63.51
CA PRO H 908 30.60 -19.68 -62.28
C PRO H 908 31.32 -21.05 -62.29
N SER H 909 30.94 -21.95 -63.21
CA SER H 909 31.51 -23.30 -63.30
C SER H 909 31.14 -23.96 -64.63
#